data_5OCW
#
_entry.id   5OCW
#
_cell.length_a   426.050
_cell.length_b   432.110
_cell.length_c   434.030
_cell.angle_alpha   90.00
_cell.angle_beta   90.00
_cell.angle_gamma   90.00
#
_symmetry.space_group_name_H-M   'F 2 2 2'
#
loop_
_entity.id
_entity.type
_entity.pdbx_description
1 polymer 'Tryptophan synthase alpha chain'
2 polymer 'Tryptophan synthase beta chain'
3 non-polymer '2-[({3-HYDROXY-2-METHYL-5-[(PHOSPHONOOXY)METHYL]PYRIDIN-4-YL}METHYL)AMINO]ACRYLIC ACID'
#
loop_
_entity_poly.entity_id
_entity_poly.type
_entity_poly.pdbx_seq_one_letter_code
_entity_poly.pdbx_strand_id
1 'polypeptide(L)'
;MGSSHHHHHHSSGLVPRGSHMVAVEQSEASRLGPVFDSCRANNRAALIGYLPTGYPDVPASVAAMTALVESGCDIIEVGV
PYSDPGMDGPTIARATEAALRGGVRVRDTLAAVEAISIAGGRAVVMTYWNPVLRYGVDAFARDLAAAGGLGLITPDLIPD
EAQQWLAASEEHRLDRIFLVAPSSTPERLAATVEASRGFVYAASTMGVTGARDAVSQAAPELVGRVKAVSDIPVGVGLGV
RSRAQAAQIAQYADGVIVGSALVTALTEGLPRLRALTGELAAGVRLGMSA
;
A,C,E,G,I,K,M,O,Q,S,U,W
2 'polypeptide(L)'
;MGSSHHHHHHSSGLVPRGSHMMTDLSTPDLPRMSAAIAEPTSHDPDSGGHFGGPSGWGGRYVPEALMAVIEEVTAAYQKE
RVSQDFLDDLDRLQANYAGRPSPLYEATRLSQHAGSARIFLKREDLNHTGSHKINNVLGQALLARRMGKTRVIAETGAGQ
HGVATATACALLGLDCVIYMGGIDTARQALNVARMRLLGAEVVAVQTGSKTLKDAINEAFRDWVANADNTYYCFGTAAGP
HPFPTMVRDFQRIIGMEARVQIQGQAGRLPDAVVACVGGGSNAIGIFHAFLDDPGVRLVGFEAAGDGVETGRHAATFTAG
SPGAFHGSFSYLLQDEDGQTIESHSISAGLDYPGVGPEHAWLKEAGRVDYRPITDSEAMDAFGLLCRMEGIIPAIESAHA
VAGALKLGVELGRGAVIVVNLSGRGDKDVETAAKWFGLLGND
;
B,D,F,H,J,L,N,P,R,T,V,X
#
loop_
_chem_comp.id
_chem_comp.type
_chem_comp.name
_chem_comp.formula
P1T non-polymer '2-[({3-HYDROXY-2-METHYL-5-[(PHOSPHONOOXY)METHYL]PYRIDIN-4-YL}METHYL)AMINO]ACRYLIC ACID' 'C11 H15 N2 O7 P'
#
# COMPACT_ATOMS: atom_id res chain seq x y z
N GLU A 28 56.36 38.83 4.80
CA GLU A 28 57.08 39.86 4.12
C GLU A 28 56.60 40.02 2.68
N ALA A 29 57.47 40.54 1.84
CA ALA A 29 57.11 40.83 0.47
C ALA A 29 57.41 39.66 -0.47
N SER A 30 56.73 39.66 -1.63
CA SER A 30 56.94 38.63 -2.66
C SER A 30 58.30 38.83 -3.32
N ARG A 31 58.85 37.74 -3.85
CA ARG A 31 60.14 37.75 -4.55
C ARG A 31 60.14 38.67 -5.78
N LEU A 32 59.04 38.66 -6.53
CA LEU A 32 58.87 39.48 -7.73
C LEU A 32 58.35 40.91 -7.48
N GLY A 33 58.00 41.19 -6.22
CA GLY A 33 57.55 42.54 -5.81
C GLY A 33 58.42 43.71 -6.26
N PRO A 34 59.74 43.67 -5.97
CA PRO A 34 60.67 44.72 -6.41
C PRO A 34 60.71 44.98 -7.93
N VAL A 35 60.51 43.95 -8.73
CA VAL A 35 60.51 44.12 -10.20
C VAL A 35 59.32 44.96 -10.65
N PHE A 36 58.14 44.61 -10.14
CA PHE A 36 56.90 45.34 -10.48
C PHE A 36 56.87 46.75 -9.92
N ASP A 37 57.39 46.93 -8.71
CA ASP A 37 57.55 48.27 -8.11
C ASP A 37 58.48 49.15 -8.96
N SER A 38 59.59 48.56 -9.38
CA SER A 38 60.57 49.23 -10.26
C SER A 38 59.99 49.61 -11.63
N CYS A 39 59.22 48.69 -12.21
CA CYS A 39 58.50 48.96 -13.48
C CYS A 39 57.47 50.07 -13.31
N ARG A 40 56.65 49.93 -12.27
CA ARG A 40 55.59 50.93 -11.96
C ARG A 40 56.15 52.33 -11.65
N ALA A 41 57.38 52.40 -11.15
CA ALA A 41 58.09 53.68 -10.93
C ALA A 41 58.60 54.31 -12.24
N ASN A 42 58.93 53.46 -13.22
CA ASN A 42 59.32 53.91 -14.57
C ASN A 42 58.16 53.92 -15.59
N ASN A 43 56.93 53.94 -15.09
CA ASN A 43 55.71 54.09 -15.90
C ASN A 43 55.61 53.08 -17.05
N ARG A 44 55.86 51.82 -16.72
CA ARG A 44 55.83 50.73 -17.70
C ARG A 44 55.36 49.43 -17.08
N ALA A 45 55.07 48.47 -17.94
CA ALA A 45 54.78 47.10 -17.53
C ALA A 45 56.04 46.28 -17.60
N ALA A 46 56.06 45.18 -16.84
CA ALA A 46 57.13 44.21 -16.94
C ALA A 46 56.93 43.36 -18.19
N LEU A 47 58.01 43.12 -18.93
CA LEU A 47 58.00 42.18 -20.05
C LEU A 47 58.35 40.80 -19.50
N ILE A 48 57.42 39.85 -19.65
CA ILE A 48 57.56 38.49 -19.15
C ILE A 48 57.70 37.55 -20.34
N GLY A 49 58.88 36.96 -20.52
CA GLY A 49 59.20 36.15 -21.70
C GLY A 49 59.28 34.66 -21.42
N TYR A 50 58.54 33.86 -22.19
CA TYR A 50 58.54 32.40 -22.08
C TYR A 50 59.39 31.74 -23.16
N LEU A 51 60.27 30.84 -22.75
CA LEU A 51 60.89 29.87 -23.65
C LEU A 51 60.91 28.48 -23.00
N PRO A 52 60.75 27.42 -23.81
CA PRO A 52 60.84 26.07 -23.27
C PRO A 52 62.27 25.57 -23.28
N THR A 53 62.68 24.99 -22.17
CA THR A 53 64.01 24.36 -22.05
C THR A 53 64.16 23.28 -23.12
N GLY A 54 65.34 23.19 -23.72
CA GLY A 54 65.66 22.14 -24.70
C GLY A 54 65.25 22.33 -26.15
N TYR A 55 64.62 23.47 -26.47
CA TYR A 55 64.29 23.79 -27.86
C TYR A 55 65.21 24.91 -28.39
N PRO A 56 65.88 24.70 -29.53
CA PRO A 56 65.90 23.47 -30.35
C PRO A 56 66.78 22.32 -29.79
N ASP A 57 67.75 22.68 -28.95
CA ASP A 57 68.45 21.71 -28.07
C ASP A 57 68.74 22.43 -26.74
N VAL A 58 69.36 21.73 -25.79
CA VAL A 58 69.57 22.30 -24.44
C VAL A 58 70.54 23.52 -24.45
N PRO A 59 71.73 23.39 -25.06
CA PRO A 59 72.61 24.57 -25.13
C PRO A 59 72.04 25.78 -25.88
N ALA A 60 71.36 25.55 -27.00
CA ALA A 60 70.77 26.66 -27.78
C ALA A 60 69.66 27.39 -27.00
N SER A 61 68.87 26.63 -26.25
CA SER A 61 67.79 27.20 -25.42
C SER A 61 68.31 28.07 -24.28
N VAL A 62 69.41 27.66 -23.69
CA VAL A 62 70.09 28.43 -22.63
C VAL A 62 70.67 29.73 -23.21
N ALA A 63 71.29 29.64 -24.39
CA ALA A 63 71.77 30.82 -25.12
C ALA A 63 70.63 31.76 -25.48
N ALA A 64 69.49 31.19 -25.86
CA ALA A 64 68.29 31.98 -26.17
C ALA A 64 67.73 32.72 -24.94
N MET A 65 67.66 32.02 -23.81
CA MET A 65 67.18 32.61 -22.55
C MET A 65 68.11 33.71 -22.02
N THR A 66 69.42 33.51 -22.19
CA THR A 66 70.40 34.54 -21.88
C THR A 66 70.18 35.77 -22.77
N ALA A 67 69.91 35.54 -24.04
CA ALA A 67 69.62 36.64 -24.98
C ALA A 67 68.42 37.48 -24.56
N LEU A 68 67.39 36.83 -24.00
CA LEU A 68 66.21 37.51 -23.46
C LEU A 68 66.56 38.47 -22.32
N VAL A 69 67.43 38.02 -21.42
CA VAL A 69 67.91 38.85 -20.32
C VAL A 69 68.64 40.08 -20.88
N GLU A 70 69.54 39.84 -21.83
CA GLU A 70 70.33 40.90 -22.48
C GLU A 70 69.48 41.87 -23.29
N SER A 71 68.38 41.38 -23.87
CA SER A 71 67.48 42.18 -24.72
C SER A 71 66.33 42.90 -23.98
N GLY A 72 66.28 42.75 -22.65
CA GLY A 72 65.38 43.54 -21.79
C GLY A 72 64.12 42.85 -21.30
N CYS A 73 64.19 41.54 -21.09
CA CYS A 73 63.12 40.82 -20.39
C CYS A 73 63.30 41.01 -18.89
N ASP A 74 62.25 41.46 -18.23
CA ASP A 74 62.28 41.70 -16.80
C ASP A 74 62.19 40.37 -16.03
N ILE A 75 61.33 39.48 -16.53
CA ILE A 75 61.15 38.13 -15.96
C ILE A 75 61.14 37.09 -17.08
N ILE A 76 61.80 35.95 -16.85
CA ILE A 76 61.80 34.82 -17.79
C ILE A 76 60.96 33.66 -17.22
N GLU A 77 60.01 33.17 -18.00
CA GLU A 77 59.31 31.92 -17.70
C GLU A 77 60.07 30.79 -18.38
N VAL A 78 60.71 29.96 -17.57
CA VAL A 78 61.39 28.78 -18.07
C VAL A 78 60.39 27.64 -18.12
N GLY A 79 60.00 27.25 -19.34
CA GLY A 79 59.04 26.15 -19.55
C GLY A 79 59.67 24.78 -19.37
N VAL A 80 58.96 23.90 -18.66
CA VAL A 80 59.35 22.49 -18.51
C VAL A 80 58.55 21.68 -19.53
N PRO A 81 59.21 21.15 -20.58
CA PRO A 81 58.47 20.35 -21.56
C PRO A 81 57.77 19.15 -20.95
N TYR A 82 56.49 19.00 -21.26
CA TYR A 82 55.65 17.92 -20.75
C TYR A 82 55.07 17.13 -21.91
N SER A 83 54.95 15.82 -21.72
CA SER A 83 54.48 14.90 -22.76
C SER A 83 53.05 15.16 -23.24
N ASP A 84 52.20 15.65 -22.35
CA ASP A 84 50.77 15.87 -22.65
C ASP A 84 50.30 17.27 -22.20
N PRO A 85 50.80 18.33 -22.88
CA PRO A 85 50.58 19.70 -22.43
C PRO A 85 49.26 20.25 -22.95
N GLY A 86 48.20 20.09 -22.15
CA GLY A 86 46.84 20.42 -22.59
C GLY A 86 46.57 21.88 -22.87
N MET A 87 47.27 22.76 -22.16
CA MET A 87 47.06 24.21 -22.26
C MET A 87 48.00 24.93 -23.25
N ASP A 88 48.99 24.23 -23.77
CA ASP A 88 49.95 24.83 -24.72
C ASP A 88 49.36 24.87 -26.13
N GLY A 89 49.56 25.99 -26.83
CA GLY A 89 49.14 26.12 -28.23
C GLY A 89 50.04 25.34 -29.17
N PRO A 90 49.71 25.30 -30.47
CA PRO A 90 50.49 24.52 -31.45
C PRO A 90 51.97 24.87 -31.53
N THR A 91 52.31 26.16 -31.57
CA THR A 91 53.71 26.60 -31.66
C THR A 91 54.51 26.08 -30.48
N ILE A 92 53.97 26.25 -29.27
CA ILE A 92 54.66 25.77 -28.05
C ILE A 92 54.65 24.24 -27.95
N ALA A 93 53.56 23.62 -28.37
CA ALA A 93 53.44 22.16 -28.33
C ALA A 93 54.44 21.45 -29.23
N ARG A 94 54.60 21.92 -30.46
CA ARG A 94 55.59 21.33 -31.40
C ARG A 94 57.02 21.50 -30.88
N ALA A 95 57.28 22.65 -30.26
CA ALA A 95 58.61 22.95 -29.69
C ALA A 95 58.93 22.07 -28.48
N THR A 96 57.95 21.86 -27.61
CA THR A 96 58.14 20.97 -26.44
C THR A 96 58.29 19.51 -26.87
N GLU A 97 57.54 19.10 -27.88
CA GLU A 97 57.74 17.76 -28.50
C GLU A 97 59.18 17.59 -29.01
N ALA A 98 59.68 18.59 -29.70
CA ALA A 98 61.03 18.56 -30.26
C ALA A 98 62.08 18.48 -29.16
N ALA A 99 61.87 19.23 -28.08
CA ALA A 99 62.75 19.20 -26.90
C ALA A 99 62.80 17.81 -26.28
N LEU A 100 61.65 17.18 -26.16
CA LEU A 100 61.55 15.84 -25.58
C LEU A 100 62.20 14.77 -26.46
N ARG A 101 62.06 14.90 -27.78
CA ARG A 101 62.81 14.05 -28.74
C ARG A 101 64.32 14.22 -28.58
N GLY A 102 64.74 15.45 -28.34
CA GLY A 102 66.16 15.76 -28.02
C GLY A 102 66.69 15.21 -26.71
N GLY A 103 65.81 14.74 -25.84
CA GLY A 103 66.21 14.12 -24.56
C GLY A 103 66.25 15.05 -23.36
N VAL A 104 65.51 16.15 -23.43
CA VAL A 104 65.48 17.16 -22.35
C VAL A 104 64.97 16.56 -21.03
N ARG A 105 65.58 17.01 -19.94
CA ARG A 105 65.28 16.52 -18.59
C ARG A 105 64.80 17.67 -17.72
N VAL A 106 64.16 17.34 -16.61
CA VAL A 106 63.68 18.36 -15.65
C VAL A 106 64.84 19.12 -15.03
N ARG A 107 65.93 18.44 -14.73
CA ARG A 107 67.10 19.16 -14.17
C ARG A 107 67.77 20.12 -15.16
N ASP A 108 67.56 19.93 -16.46
CA ASP A 108 67.99 20.93 -17.47
C ASP A 108 67.29 22.28 -17.26
N THR A 109 66.03 22.25 -16.82
CA THR A 109 65.30 23.48 -16.44
C THR A 109 65.94 24.18 -15.24
N LEU A 110 66.39 23.42 -14.25
CA LEU A 110 67.11 23.98 -13.11
C LEU A 110 68.45 24.59 -13.53
N ALA A 111 69.15 23.93 -14.45
CA ALA A 111 70.39 24.49 -15.04
C ALA A 111 70.11 25.79 -15.81
N ALA A 112 69.00 25.83 -16.55
CA ALA A 112 68.60 27.04 -17.27
C ALA A 112 68.35 28.21 -16.32
N VAL A 113 67.69 27.93 -15.20
CA VAL A 113 67.43 28.95 -14.16
C VAL A 113 68.74 29.48 -13.56
N GLU A 114 69.69 28.59 -13.33
CA GLU A 114 71.02 28.97 -12.85
C GLU A 114 71.71 29.94 -13.81
N ALA A 115 71.76 29.54 -15.08
CA ALA A 115 72.35 30.37 -16.15
C ALA A 115 71.69 31.74 -16.26
N ILE A 116 70.36 31.77 -16.17
CA ILE A 116 69.59 33.03 -16.14
C ILE A 116 69.98 33.90 -14.93
N SER A 117 70.07 33.28 -13.76
CA SER A 117 70.45 34.00 -12.52
C SER A 117 71.86 34.56 -12.58
N ILE A 118 72.80 33.77 -13.11
CA ILE A 118 74.20 34.19 -13.31
C ILE A 118 74.32 35.39 -14.28
N ALA A 119 73.48 35.39 -15.32
CA ALA A 119 73.45 36.49 -16.31
C ALA A 119 72.78 37.79 -15.84
N GLY A 120 72.30 37.82 -14.59
CA GLY A 120 71.64 39.01 -14.02
C GLY A 120 70.12 39.03 -14.21
N GLY A 121 69.58 37.91 -14.69
CA GLY A 121 68.15 37.81 -14.95
C GLY A 121 67.36 37.27 -13.78
N ARG A 122 66.05 37.22 -13.98
CA ARG A 122 65.09 36.75 -12.98
C ARG A 122 64.19 35.69 -13.59
N ALA A 123 64.26 34.48 -13.04
CA ALA A 123 63.56 33.34 -13.60
C ALA A 123 62.44 32.81 -12.70
N VAL A 124 61.31 32.49 -13.31
CA VAL A 124 60.29 31.62 -12.73
C VAL A 124 60.15 30.41 -13.65
N VAL A 125 59.66 29.31 -13.10
CA VAL A 125 59.44 28.09 -13.87
C VAL A 125 57.94 27.92 -14.13
N MET A 126 57.60 27.58 -15.37
CA MET A 126 56.24 27.18 -15.74
C MET A 126 56.24 25.70 -16.04
N THR A 127 55.42 24.96 -15.29
CA THR A 127 55.37 23.51 -15.42
C THR A 127 53.97 22.98 -15.12
N TYR A 128 53.65 21.88 -15.80
CA TYR A 128 52.52 21.05 -15.43
C TYR A 128 52.90 20.33 -14.14
N TRP A 129 51.92 19.85 -13.39
CA TRP A 129 52.17 19.46 -12.00
C TRP A 129 52.90 18.12 -11.83
N ASN A 130 52.65 17.15 -12.71
CA ASN A 130 53.19 15.80 -12.49
C ASN A 130 54.73 15.72 -12.45
N PRO A 131 55.43 16.45 -13.34
CA PRO A 131 56.89 16.49 -13.18
C PRO A 131 57.35 16.96 -11.80
N VAL A 132 56.60 17.88 -11.20
CA VAL A 132 56.89 18.36 -9.84
C VAL A 132 56.62 17.26 -8.79
N LEU A 133 55.47 16.58 -8.89
CA LEU A 133 55.16 15.43 -8.02
C LEU A 133 56.23 14.33 -8.07
N ARG A 134 56.67 14.01 -9.29
CA ARG A 134 57.64 12.94 -9.52
C ARG A 134 59.01 13.28 -8.92
N TYR A 135 59.43 14.53 -9.11
CA TYR A 135 60.65 15.06 -8.50
C TYR A 135 60.53 15.10 -6.98
N GLY A 136 59.34 15.41 -6.48
CA GLY A 136 59.10 15.69 -5.07
C GLY A 136 58.85 17.18 -4.92
N VAL A 137 57.71 17.55 -4.35
CA VAL A 137 57.29 18.96 -4.32
C VAL A 137 58.24 19.80 -3.46
N ASP A 138 58.52 19.32 -2.26
CA ASP A 138 59.47 20.00 -1.36
C ASP A 138 60.87 20.09 -1.96
N ALA A 139 61.34 18.97 -2.52
CA ALA A 139 62.67 18.91 -3.13
C ALA A 139 62.81 19.82 -4.34
N PHE A 140 61.79 19.87 -5.18
CA PHE A 140 61.81 20.75 -6.36
C PHE A 140 61.81 22.23 -5.96
N ALA A 141 61.02 22.57 -4.94
CA ALA A 141 60.99 23.93 -4.41
C ALA A 141 62.36 24.32 -3.83
N ARG A 142 62.96 23.41 -3.07
CA ARG A 142 64.30 23.59 -2.50
C ARG A 142 65.34 23.86 -3.59
N ASP A 143 65.37 23.00 -4.60
CA ASP A 143 66.37 23.08 -5.67
C ASP A 143 66.13 24.28 -6.61
N LEU A 144 64.87 24.62 -6.85
CA LEU A 144 64.53 25.81 -7.64
C LEU A 144 65.01 27.08 -6.96
N ALA A 145 64.75 27.17 -5.65
CA ALA A 145 65.21 28.29 -4.83
C ALA A 145 66.75 28.37 -4.79
N ALA A 146 67.40 27.21 -4.71
CA ALA A 146 68.87 27.14 -4.69
C ALA A 146 69.50 27.66 -5.98
N ALA A 147 68.86 27.34 -7.12
CA ALA A 147 69.27 27.86 -8.44
C ALA A 147 69.01 29.37 -8.66
N GLY A 148 68.35 30.02 -7.71
CA GLY A 148 67.99 31.44 -7.83
C GLY A 148 66.60 31.68 -8.42
N GLY A 149 65.83 30.60 -8.57
CA GLY A 149 64.47 30.70 -9.08
C GLY A 149 63.59 31.45 -8.10
N LEU A 150 62.66 32.23 -8.64
CA LEU A 150 61.84 33.14 -7.85
C LEU A 150 60.40 32.68 -7.62
N GLY A 151 59.96 31.69 -8.38
CA GLY A 151 58.60 31.22 -8.27
C GLY A 151 58.22 30.21 -9.33
N LEU A 152 56.94 29.85 -9.30
CA LEU A 152 56.41 28.74 -10.06
C LEU A 152 55.04 29.09 -10.63
N ILE A 153 54.87 28.90 -11.93
CA ILE A 153 53.59 29.11 -12.62
C ILE A 153 52.99 27.74 -12.87
N THR A 154 51.75 27.54 -12.42
CA THR A 154 51.13 26.20 -12.38
C THR A 154 49.79 26.12 -13.13
N PRO A 155 49.82 25.91 -14.45
CA PRO A 155 48.60 25.97 -15.26
C PRO A 155 47.57 24.87 -15.00
N ASP A 156 47.99 23.70 -14.54
CA ASP A 156 47.06 22.61 -14.16
C ASP A 156 46.97 22.33 -12.66
N LEU A 157 47.49 23.23 -11.83
CA LEU A 157 47.30 23.14 -10.38
C LEU A 157 46.47 24.32 -9.90
N ILE A 158 45.29 24.01 -9.37
CA ILE A 158 44.40 25.01 -8.78
C ILE A 158 44.66 25.04 -7.29
N PRO A 159 44.30 26.13 -6.59
CA PRO A 159 44.57 26.20 -5.15
C PRO A 159 43.93 25.08 -4.34
N ASP A 160 42.75 24.61 -4.78
CA ASP A 160 42.05 23.45 -4.18
C ASP A 160 42.95 22.22 -3.93
N GLU A 161 43.93 21.98 -4.81
CA GLU A 161 44.86 20.83 -4.71
C GLU A 161 46.30 21.23 -4.30
N ALA A 162 46.48 22.47 -3.89
CA ALA A 162 47.82 23.06 -3.72
C ALA A 162 48.38 23.08 -2.28
N GLN A 163 47.90 22.18 -1.43
CA GLN A 163 48.31 22.18 0.00
C GLN A 163 49.83 21.99 0.20
N GLN A 164 50.39 20.98 -0.46
CA GLN A 164 51.85 20.70 -0.41
C GLN A 164 52.66 21.84 -0.99
N TRP A 165 52.17 22.39 -2.11
CA TRP A 165 52.84 23.49 -2.80
C TRP A 165 52.82 24.76 -1.97
N LEU A 166 51.69 25.07 -1.35
CA LEU A 166 51.62 26.23 -0.44
C LEU A 166 52.65 26.14 0.69
N ALA A 167 52.79 24.95 1.26
CA ALA A 167 53.75 24.72 2.36
C ALA A 167 55.20 24.86 1.86
N ALA A 168 55.49 24.27 0.71
CA ALA A 168 56.84 24.35 0.09
C ALA A 168 57.17 25.78 -0.37
N SER A 169 56.16 26.46 -0.88
CA SER A 169 56.28 27.85 -1.31
C SER A 169 56.65 28.80 -0.17
N GLU A 170 55.98 28.64 0.97
CA GLU A 170 56.30 29.45 2.17
C GLU A 170 57.67 29.12 2.74
N GLU A 171 57.99 27.84 2.81
CA GLU A 171 59.26 27.35 3.36
C GLU A 171 60.49 27.81 2.55
N HIS A 172 60.40 27.74 1.22
CA HIS A 172 61.53 28.07 0.33
C HIS A 172 61.44 29.45 -0.33
N ARG A 173 60.50 30.27 0.13
CA ARG A 173 60.38 31.68 -0.29
C ARG A 173 60.25 31.79 -1.81
N LEU A 174 59.29 31.09 -2.36
CA LEU A 174 59.00 31.12 -3.79
C LEU A 174 57.61 31.69 -4.02
N ASP A 175 57.50 32.51 -5.07
CA ASP A 175 56.20 33.04 -5.48
C ASP A 175 55.36 31.94 -6.13
N ARG A 176 54.05 32.08 -6.03
CA ARG A 176 53.11 31.09 -6.55
C ARG A 176 52.10 31.79 -7.44
N ILE A 177 52.25 31.56 -8.73
CA ILE A 177 51.48 32.25 -9.74
C ILE A 177 50.43 31.28 -10.27
N PHE A 178 49.21 31.45 -9.79
CA PHE A 178 48.05 30.70 -10.29
C PHE A 178 47.41 31.47 -11.45
N LEU A 179 46.65 30.77 -12.26
CA LEU A 179 45.93 31.38 -13.40
C LEU A 179 44.50 31.71 -13.03
N VAL A 180 43.98 32.78 -13.62
CA VAL A 180 42.54 33.07 -13.66
C VAL A 180 42.11 33.17 -15.13
N ALA A 181 40.82 32.95 -15.35
CA ALA A 181 40.24 32.95 -16.70
C ALA A 181 39.00 33.84 -16.75
N PRO A 182 38.57 34.25 -17.95
CA PRO A 182 37.34 35.03 -18.08
C PRO A 182 36.11 34.32 -17.50
N SER A 183 36.08 33.00 -17.61
CA SER A 183 34.97 32.18 -17.07
C SER A 183 34.97 32.04 -15.55
N SER A 184 36.08 32.38 -14.89
CA SER A 184 36.20 32.24 -13.42
C SER A 184 35.04 32.91 -12.68
N THR A 185 34.44 32.18 -11.76
CA THR A 185 33.34 32.71 -10.94
C THR A 185 33.92 33.72 -9.95
N PRO A 186 33.09 34.64 -9.41
CA PRO A 186 33.56 35.57 -8.38
C PRO A 186 34.26 34.89 -7.19
N GLU A 187 33.71 33.77 -6.72
CA GLU A 187 34.27 33.07 -5.57
C GLU A 187 35.66 32.55 -5.87
N ARG A 188 35.77 31.83 -7.00
CA ARG A 188 37.02 31.19 -7.41
C ARG A 188 38.10 32.19 -7.78
N LEU A 189 37.70 33.29 -8.41
CA LEU A 189 38.64 34.37 -8.70
C LEU A 189 39.23 34.95 -7.42
N ALA A 190 38.37 35.24 -6.44
CA ALA A 190 38.83 35.76 -5.15
C ALA A 190 39.77 34.78 -4.44
N ALA A 191 39.37 33.50 -4.41
CA ALA A 191 40.21 32.44 -3.81
C ALA A 191 41.56 32.23 -4.52
N THR A 192 41.57 32.40 -5.83
CA THR A 192 42.81 32.21 -6.63
C THR A 192 43.78 33.37 -6.44
N VAL A 193 43.24 34.58 -6.37
CA VAL A 193 44.04 35.78 -6.13
C VAL A 193 44.64 35.76 -4.72
N GLU A 194 43.80 35.44 -3.74
CA GLU A 194 44.22 35.26 -2.33
C GLU A 194 45.37 34.24 -2.18
N ALA A 195 45.28 33.14 -2.94
CA ALA A 195 46.31 32.09 -2.90
C ALA A 195 47.62 32.43 -3.63
N SER A 196 47.55 33.41 -4.54
CA SER A 196 48.72 33.80 -5.35
C SER A 196 49.66 34.75 -4.63
N ARG A 197 50.94 34.61 -4.90
CA ARG A 197 51.99 35.55 -4.48
C ARG A 197 52.84 35.89 -5.71
N GLY A 198 53.27 37.14 -5.82
CA GLY A 198 54.08 37.60 -6.96
C GLY A 198 53.24 38.26 -8.03
N PHE A 199 52.58 37.44 -8.84
CA PHE A 199 51.54 37.93 -9.75
C PHE A 199 50.47 36.89 -10.06
N VAL A 200 49.33 37.34 -10.57
CA VAL A 200 48.28 36.46 -11.07
C VAL A 200 48.33 36.49 -12.60
N TYR A 201 48.32 35.30 -13.20
CA TYR A 201 48.40 35.12 -14.64
C TYR A 201 46.97 35.15 -15.15
N ALA A 202 46.55 36.09 -15.86
CA ALA A 202 45.26 36.10 -16.46
C ALA A 202 45.46 35.83 -17.94
N ALA A 203 44.70 34.91 -18.45
CA ALA A 203 44.88 34.54 -19.82
C ALA A 203 43.56 34.51 -20.49
N SER A 204 43.59 34.63 -21.80
CA SER A 204 42.34 34.65 -22.52
C SER A 204 41.76 33.46 -23.11
N THR A 205 42.02 32.32 -22.44
CA THR A 205 41.19 31.09 -22.44
C THR A 205 41.86 29.91 -23.16
N MET A 206 41.69 29.83 -24.48
CA MET A 206 42.14 28.65 -25.23
C MET A 206 43.66 28.48 -25.21
N GLY A 207 44.10 27.24 -25.40
CA GLY A 207 45.52 26.90 -25.30
C GLY A 207 46.42 27.57 -26.34
N VAL A 208 47.70 27.79 -25.97
CA VAL A 208 48.72 28.38 -26.87
C VAL A 208 48.79 29.87 -26.80
N THR A 209 49.93 30.42 -27.18
CA THR A 209 50.11 31.86 -27.07
C THR A 209 49.14 32.53 -28.04
N GLY A 210 48.61 33.65 -27.58
CA GLY A 210 47.40 34.25 -28.15
C GLY A 210 47.27 34.58 -29.63
N ALA A 211 48.29 35.15 -30.28
CA ALA A 211 48.18 35.53 -31.68
C ALA A 211 47.03 36.51 -32.00
N ARG A 212 47.38 37.79 -32.23
CA ARG A 212 46.41 38.85 -32.57
C ARG A 212 45.37 39.11 -31.48
N SER A 216 39.00 42.07 -28.52
CA SER A 216 38.13 41.61 -27.64
C SER A 216 38.43 42.22 -26.29
N GLN A 217 37.37 42.51 -25.55
CA GLN A 217 37.46 43.22 -24.26
C GLN A 217 37.55 42.29 -23.04
N ALA A 218 37.77 41.00 -23.27
CA ALA A 218 37.84 40.01 -22.17
C ALA A 218 39.00 40.26 -21.21
N ALA A 219 40.18 40.55 -21.78
CA ALA A 219 41.40 40.74 -20.99
C ALA A 219 41.37 41.95 -20.03
N PRO A 220 41.01 43.17 -20.53
CA PRO A 220 40.88 44.28 -19.56
C PRO A 220 39.78 44.06 -18.50
N GLU A 221 38.67 43.45 -18.91
CA GLU A 221 37.59 43.10 -17.98
C GLU A 221 38.06 42.16 -16.87
N LEU A 222 38.84 41.16 -17.25
CA LEU A 222 39.38 40.17 -16.29
C LEU A 222 40.39 40.80 -15.34
N VAL A 223 41.28 41.62 -15.87
CA VAL A 223 42.22 42.38 -15.04
C VAL A 223 41.44 43.28 -14.07
N GLY A 224 40.43 43.95 -14.61
CA GLY A 224 39.54 44.82 -13.82
C GLY A 224 38.90 44.13 -12.62
N ARG A 225 38.49 42.88 -12.82
CA ARG A 225 37.91 42.07 -11.74
C ARG A 225 38.93 41.68 -10.67
N VAL A 226 40.18 41.46 -11.08
CA VAL A 226 41.27 41.14 -10.13
C VAL A 226 41.62 42.36 -9.29
N LYS A 227 41.68 43.52 -9.94
CA LYS A 227 41.98 44.79 -9.25
C LYS A 227 40.91 45.19 -8.21
N ALA A 228 39.68 44.76 -8.42
CA ALA A 228 38.57 45.08 -7.50
C ALA A 228 38.67 44.36 -6.13
N VAL A 229 39.44 43.26 -6.06
CA VAL A 229 39.61 42.50 -4.80
C VAL A 229 41.03 42.47 -4.21
N SER A 230 42.01 42.98 -4.94
CA SER A 230 43.42 42.87 -4.52
C SER A 230 44.36 43.78 -5.32
N ASP A 231 45.47 44.16 -4.68
CA ASP A 231 46.52 44.99 -5.31
C ASP A 231 47.69 44.20 -5.89
N ILE A 232 47.56 42.87 -5.95
CA ILE A 232 48.59 42.02 -6.55
C ILE A 232 48.76 42.35 -8.05
N PRO A 233 50.01 42.37 -8.54
CA PRO A 233 50.21 42.56 -9.98
C PRO A 233 49.55 41.48 -10.84
N VAL A 234 49.10 41.89 -12.02
CA VAL A 234 48.43 41.02 -12.98
C VAL A 234 49.20 41.01 -14.30
N GLY A 235 49.66 39.82 -14.69
CA GLY A 235 50.29 39.61 -15.99
C GLY A 235 49.23 39.11 -16.95
N VAL A 236 49.32 39.53 -18.20
CA VAL A 236 48.32 39.20 -19.22
C VAL A 236 48.95 38.51 -20.42
N GLY A 237 48.38 37.38 -20.77
CA GLY A 237 48.78 36.61 -21.95
C GLY A 237 47.63 36.57 -22.96
N LEU A 238 47.96 36.94 -24.20
CA LEU A 238 46.95 37.22 -25.22
C LEU A 238 47.41 36.86 -26.64
N GLY A 239 48.40 35.97 -26.74
CA GLY A 239 49.12 35.72 -28.00
C GLY A 239 49.73 36.96 -28.63
N VAL A 240 50.55 37.64 -27.85
CA VAL A 240 51.17 38.87 -28.27
C VAL A 240 52.28 38.57 -29.27
N ARG A 241 52.31 39.30 -30.39
CA ARG A 241 53.36 39.14 -31.43
C ARG A 241 54.06 40.41 -31.91
N SER A 242 53.64 41.57 -31.39
CA SER A 242 54.09 42.85 -31.92
C SER A 242 54.12 43.92 -30.85
N ARG A 243 54.90 44.96 -31.14
CA ARG A 243 55.06 46.11 -30.24
C ARG A 243 53.73 46.73 -29.87
N ALA A 244 52.88 46.95 -30.88
CA ALA A 244 51.57 47.57 -30.71
C ALA A 244 50.67 46.80 -29.71
N GLN A 245 50.65 45.48 -29.83
CA GLN A 245 49.84 44.66 -28.92
C GLN A 245 50.33 44.73 -27.47
N ALA A 246 51.64 44.68 -27.30
CA ALA A 246 52.26 44.81 -25.97
C ALA A 246 51.94 46.15 -25.31
N ALA A 247 51.84 47.20 -26.13
CA ALA A 247 51.55 48.55 -25.64
C ALA A 247 50.09 48.68 -25.20
N GLN A 248 49.18 48.10 -25.98
CA GLN A 248 47.76 48.03 -25.61
C GLN A 248 47.57 47.43 -24.23
N ILE A 249 48.21 46.28 -24.02
CA ILE A 249 48.11 45.53 -22.76
C ILE A 249 48.73 46.29 -21.58
N ALA A 250 49.83 47.01 -21.84
CA ALA A 250 50.52 47.78 -20.79
C ALA A 250 49.71 48.96 -20.22
N GLN A 251 48.65 49.38 -20.93
CA GLN A 251 47.74 50.43 -20.42
C GLN A 251 47.04 50.01 -19.12
N TYR A 252 46.63 48.74 -19.05
CA TYR A 252 45.85 48.20 -17.91
C TYR A 252 46.55 47.13 -17.06
N ALA A 253 47.52 46.43 -17.65
CA ALA A 253 48.21 45.31 -16.98
C ALA A 253 49.58 45.71 -16.42
N ASP A 254 49.98 45.04 -15.34
CA ASP A 254 51.27 45.27 -14.70
C ASP A 254 52.41 44.52 -15.40
N GLY A 255 52.05 43.43 -16.08
CA GLY A 255 52.99 42.66 -16.88
C GLY A 255 52.39 42.19 -18.19
N VAL A 256 53.24 42.10 -19.22
CA VAL A 256 52.86 41.58 -20.53
C VAL A 256 53.60 40.27 -20.72
N ILE A 257 52.84 39.18 -20.91
CA ILE A 257 53.40 37.83 -21.06
C ILE A 257 53.43 37.46 -22.54
N VAL A 258 54.60 37.04 -23.00
CA VAL A 258 54.82 36.64 -24.40
C VAL A 258 55.55 35.32 -24.45
N GLY A 259 55.05 34.43 -25.30
CA GLY A 259 55.54 33.04 -25.38
C GLY A 259 55.60 32.52 -26.80
N SER A 260 54.43 32.26 -27.38
CA SER A 260 54.34 31.74 -28.76
C SER A 260 55.24 32.49 -29.75
N ALA A 261 55.17 33.82 -29.72
CA ALA A 261 55.94 34.66 -30.65
C ALA A 261 57.46 34.58 -30.44
N LEU A 262 57.89 34.36 -29.20
CA LEU A 262 59.33 34.18 -28.90
C LEU A 262 59.86 32.86 -29.46
N VAL A 263 59.05 31.82 -29.35
CA VAL A 263 59.40 30.51 -29.91
C VAL A 263 59.49 30.57 -31.43
N THR A 264 58.47 31.15 -32.07
CA THR A 264 58.47 31.40 -33.52
C THR A 264 59.72 32.19 -33.97
N ALA A 265 60.08 33.20 -33.19
CA ALA A 265 61.26 34.03 -33.47
C ALA A 265 62.57 33.21 -33.39
N LEU A 266 62.69 32.41 -32.34
CA LEU A 266 63.88 31.57 -32.12
C LEU A 266 64.07 30.49 -33.19
N THR A 267 62.97 29.95 -33.69
CA THR A 267 62.97 28.98 -34.80
C THR A 267 63.63 29.55 -36.05
N GLU A 268 63.33 30.80 -36.37
CA GLU A 268 64.00 31.52 -37.47
C GLU A 268 65.49 31.75 -37.14
N GLY A 269 65.76 32.25 -35.94
CA GLY A 269 67.13 32.47 -35.49
C GLY A 269 67.26 33.33 -34.24
N LEU A 270 68.41 33.19 -33.60
CA LEU A 270 68.71 33.95 -32.40
C LEU A 270 68.72 35.48 -32.63
N PRO A 271 69.23 35.96 -33.79
CA PRO A 271 69.11 37.40 -34.08
C PRO A 271 67.65 37.91 -34.17
N ARG A 272 66.78 37.11 -34.77
CA ARG A 272 65.36 37.46 -34.88
C ARG A 272 64.70 37.58 -33.50
N LEU A 273 65.09 36.70 -32.57
CA LEU A 273 64.61 36.78 -31.18
C LEU A 273 65.01 38.07 -30.48
N ARG A 274 66.26 38.49 -30.68
N ARG A 274 66.26 38.49 -30.67
CA ARG A 274 66.79 39.71 -30.08
CA ARG A 274 66.78 39.72 -30.08
C ARG A 274 66.04 40.95 -30.56
C ARG A 274 66.02 40.94 -30.56
N ALA A 275 65.76 40.98 -31.86
CA ALA A 275 65.00 42.06 -32.47
C ALA A 275 63.58 42.15 -31.97
N LEU A 276 62.89 41.02 -31.97
CA LEU A 276 61.52 40.97 -31.46
C LEU A 276 61.43 41.38 -29.99
N THR A 277 62.31 40.81 -29.17
CA THR A 277 62.32 41.14 -27.73
C THR A 277 62.54 42.64 -27.50
N GLY A 278 63.43 43.23 -28.30
CA GLY A 278 63.68 44.68 -28.26
C GLY A 278 62.47 45.53 -28.62
N GLU A 279 61.68 45.08 -29.59
CA GLU A 279 60.43 45.74 -29.98
C GLU A 279 59.36 45.63 -28.90
N LEU A 280 59.29 44.48 -28.25
CA LEU A 280 58.33 44.28 -27.16
C LEU A 280 58.73 45.07 -25.90
N ALA A 281 60.04 45.15 -25.65
CA ALA A 281 60.58 46.00 -24.56
C ALA A 281 60.23 47.48 -24.74
N ALA A 282 60.22 47.94 -25.99
CA ALA A 282 59.77 49.32 -26.32
C ALA A 282 58.25 49.48 -26.14
N GLY A 283 57.50 48.43 -26.47
CA GLY A 283 56.05 48.42 -26.32
C GLY A 283 55.56 48.61 -24.90
N VAL A 284 56.15 47.88 -23.95
CA VAL A 284 55.74 47.96 -22.53
C VAL A 284 55.97 49.34 -21.89
N ARG A 285 56.90 50.11 -22.45
CA ARG A 285 57.19 51.47 -21.99
C ARG A 285 56.24 52.45 -22.65
N LEU A 286 55.70 53.30 -21.91
CA LEU A 286 54.83 54.29 -22.48
C LEU A 286 54.97 55.66 -22.16
N GLY A 287 56.05 56.11 -21.47
CA GLY A 287 56.43 57.54 -21.24
C GLY A 287 57.68 57.74 -20.38
N THR B 41 26.76 6.31 -0.57
CA THR B 41 27.67 7.10 -0.12
C THR B 41 28.88 6.70 0.73
N SER B 42 28.88 5.51 1.32
CA SER B 42 30.06 5.02 2.07
C SER B 42 31.38 5.06 1.28
N HIS B 43 31.31 4.74 0.00
CA HIS B 43 32.52 4.64 -0.83
C HIS B 43 32.84 5.91 -1.63
N ASP B 44 32.02 6.95 -1.45
CA ASP B 44 32.18 8.22 -2.18
C ASP B 44 33.37 9.05 -1.68
N PRO B 45 33.91 9.94 -2.55
CA PRO B 45 34.98 10.83 -2.13
C PRO B 45 34.42 12.05 -1.42
N ASP B 46 35.31 12.90 -0.91
CA ASP B 46 34.90 14.17 -0.30
C ASP B 46 34.44 15.18 -1.39
N SER B 47 34.01 16.36 -0.96
CA SER B 47 33.51 17.40 -1.89
C SER B 47 34.56 17.91 -2.90
N GLY B 48 35.84 17.74 -2.58
CA GLY B 48 36.95 18.03 -3.51
C GLY B 48 37.28 16.91 -4.49
N GLY B 49 36.65 15.76 -4.32
CA GLY B 49 36.86 14.61 -5.21
C GLY B 49 37.93 13.63 -4.80
N HIS B 50 38.35 13.68 -3.54
CA HIS B 50 39.43 12.84 -3.04
C HIS B 50 38.96 11.55 -2.39
N PHE B 51 39.58 10.43 -2.77
CA PHE B 51 39.37 9.14 -2.10
C PHE B 51 40.50 8.88 -1.11
N GLY B 52 40.15 8.47 0.10
CA GLY B 52 41.11 7.97 1.08
C GLY B 52 41.82 9.02 1.89
N GLY B 53 41.20 10.18 1.96
CA GLY B 53 41.76 11.20 2.74
C GLY B 53 42.09 12.33 1.90
N PRO B 54 42.40 13.33 2.62
CA PRO B 54 42.40 14.67 2.11
C PRO B 54 43.40 14.82 1.02
N SER B 55 44.30 13.86 0.94
CA SER B 55 45.28 13.89 -0.19
C SER B 55 45.53 12.81 -1.00
N GLY B 56 44.45 12.20 -1.03
CA GLY B 56 44.55 11.22 -1.70
C GLY B 56 44.25 11.30 -3.13
N TRP B 57 43.67 10.20 -3.51
CA TRP B 57 43.47 9.87 -4.88
C TRP B 57 42.33 10.68 -5.42
N GLY B 58 42.44 11.05 -6.69
CA GLY B 58 41.40 11.79 -7.38
C GLY B 58 41.68 13.28 -7.42
N GLY B 59 40.70 14.06 -6.97
CA GLY B 59 40.81 15.51 -6.96
C GLY B 59 40.61 16.13 -8.33
N ARG B 60 41.17 17.32 -8.51
CA ARG B 60 41.01 18.13 -9.72
C ARG B 60 42.32 18.82 -10.09
N TYR B 61 43.06 18.19 -10.98
CA TYR B 61 44.31 18.72 -11.50
C TYR B 61 44.02 19.25 -12.88
N VAL B 62 43.38 20.41 -12.87
CA VAL B 62 42.88 21.09 -14.07
C VAL B 62 43.25 22.56 -13.99
N PRO B 63 43.21 23.25 -15.13
CA PRO B 63 43.42 24.70 -15.10
C PRO B 63 42.22 25.46 -14.58
N GLU B 64 42.47 26.64 -14.04
CA GLU B 64 41.42 27.52 -13.52
C GLU B 64 40.37 27.85 -14.60
N ALA B 65 40.81 27.93 -15.85
CA ALA B 65 39.89 28.15 -17.00
C ALA B 65 38.75 27.11 -17.14
N LEU B 66 38.97 25.90 -16.64
CA LEU B 66 37.94 24.85 -16.64
C LEU B 66 37.06 24.80 -15.39
N MET B 67 37.43 25.51 -14.34
CA MET B 67 36.78 25.30 -13.04
C MET B 67 35.33 25.73 -12.98
N ALA B 68 34.97 26.80 -13.69
CA ALA B 68 33.58 27.26 -13.75
C ALA B 68 32.65 26.18 -14.29
N VAL B 69 33.02 25.58 -15.42
CA VAL B 69 32.22 24.51 -16.02
C VAL B 69 32.31 23.19 -15.26
N ILE B 70 33.47 22.88 -14.69
CA ILE B 70 33.57 21.72 -13.79
C ILE B 70 32.64 21.87 -12.58
N GLU B 71 32.64 23.03 -11.95
CA GLU B 71 31.73 23.31 -10.83
C GLU B 71 30.26 23.31 -11.26
N GLU B 72 29.99 23.79 -12.48
CA GLU B 72 28.63 23.76 -13.05
C GLU B 72 28.12 22.32 -13.22
N VAL B 73 28.96 21.46 -13.78
CA VAL B 73 28.63 20.03 -13.98
C VAL B 73 28.45 19.32 -12.64
N THR B 74 29.33 19.63 -11.69
CA THR B 74 29.26 19.01 -10.37
C THR B 74 27.95 19.35 -9.67
N ALA B 75 27.58 20.62 -9.68
CA ALA B 75 26.33 21.10 -9.06
C ALA B 75 25.10 20.48 -9.72
N ALA B 76 25.13 20.41 -11.05
CA ALA B 76 24.04 19.82 -11.83
C ALA B 76 23.86 18.35 -11.52
N TYR B 77 24.97 17.65 -11.41
CA TYR B 77 24.94 16.22 -11.07
C TYR B 77 24.42 15.98 -9.64
N GLN B 78 24.91 16.74 -8.68
CA GLN B 78 24.44 16.63 -7.28
C GLN B 78 22.93 16.85 -7.16
N LYS B 79 22.41 17.79 -7.94
CA LYS B 79 20.98 18.06 -7.99
C LYS B 79 20.19 16.92 -8.64
N GLU B 80 20.65 16.46 -9.80
CA GLU B 80 19.90 15.46 -10.59
C GLU B 80 19.99 14.00 -10.09
N ARG B 81 21.10 13.62 -9.48
CA ARG B 81 21.25 12.26 -8.94
C ARG B 81 20.22 11.90 -7.84
N VAL B 82 19.64 12.91 -7.20
CA VAL B 82 18.57 12.72 -6.18
C VAL B 82 17.18 13.19 -6.63
N SER B 83 17.03 13.47 -7.92
CA SER B 83 15.74 13.81 -8.51
C SER B 83 15.11 12.56 -9.08
N GLN B 84 13.93 12.19 -8.59
CA GLN B 84 13.24 10.99 -9.14
C GLN B 84 12.88 11.10 -10.59
N ASP B 85 12.50 12.31 -11.02
CA ASP B 85 12.16 12.54 -12.44
C ASP B 85 13.35 12.25 -13.36
N PHE B 86 14.56 12.64 -12.94
CA PHE B 86 15.79 12.30 -13.68
C PHE B 86 16.07 10.79 -13.71
N LEU B 87 16.02 10.16 -12.55
CA LEU B 87 16.26 8.73 -12.45
C LEU B 87 15.19 7.95 -13.23
N ASP B 88 13.95 8.42 -13.20
CA ASP B 88 12.86 7.85 -14.02
C ASP B 88 13.17 7.94 -15.52
N ASP B 89 13.61 9.12 -15.96
CA ASP B 89 14.01 9.32 -17.36
C ASP B 89 15.14 8.38 -17.77
N LEU B 90 16.15 8.26 -16.93
CA LEU B 90 17.28 7.36 -17.19
C LEU B 90 16.83 5.90 -17.24
N ASP B 91 16.03 5.49 -16.27
CA ASP B 91 15.47 4.12 -16.19
C ASP B 91 14.65 3.74 -17.42
N ARG B 92 13.81 4.66 -17.86
CA ARG B 92 12.93 4.45 -19.00
C ARG B 92 13.71 4.20 -20.28
N LEU B 93 14.74 5.01 -20.49
CA LEU B 93 15.67 4.79 -21.60
C LEU B 93 16.47 3.49 -21.45
N GLN B 94 16.93 3.18 -20.24
CA GLN B 94 17.67 1.94 -20.00
C GLN B 94 16.86 0.72 -20.41
N ALA B 95 15.58 0.72 -20.04
CA ALA B 95 14.69 -0.42 -20.30
C ALA B 95 14.26 -0.50 -21.77
N ASN B 96 13.64 0.56 -22.26
CA ASN B 96 12.98 0.53 -23.56
C ASN B 96 13.87 0.84 -24.76
N TYR B 97 14.93 1.61 -24.54
CA TYR B 97 15.83 2.02 -25.62
C TYR B 97 17.07 1.13 -25.65
N ALA B 98 17.72 1.01 -24.51
CA ALA B 98 18.97 0.25 -24.39
C ALA B 98 18.79 -1.23 -24.15
N GLY B 99 17.61 -1.66 -23.74
CA GLY B 99 17.30 -3.09 -23.52
C GLY B 99 17.80 -3.74 -22.23
N ARG B 100 17.96 -2.95 -21.17
CA ARG B 100 18.29 -3.51 -19.86
C ARG B 100 17.09 -4.24 -19.24
N PRO B 101 17.34 -5.23 -18.37
CA PRO B 101 18.66 -5.70 -17.94
C PRO B 101 19.36 -6.58 -18.97
N SER B 102 20.69 -6.59 -18.89
CA SER B 102 21.48 -7.52 -19.67
C SER B 102 21.49 -8.84 -18.93
N PRO B 103 21.53 -9.96 -19.65
CA PRO B 103 21.48 -11.24 -18.96
C PRO B 103 22.83 -11.70 -18.39
N LEU B 104 22.77 -12.73 -17.55
CA LEU B 104 23.94 -13.40 -17.01
C LEU B 104 23.91 -14.82 -17.56
N TYR B 105 24.95 -15.19 -18.30
CA TYR B 105 25.01 -16.48 -19.01
C TYR B 105 26.12 -17.36 -18.48
N GLU B 106 25.79 -18.57 -18.06
CA GLU B 106 26.81 -19.51 -17.60
C GLU B 106 27.45 -20.16 -18.83
N ALA B 107 28.71 -19.83 -19.06
CA ALA B 107 29.48 -20.36 -20.19
C ALA B 107 30.10 -21.72 -19.84
N THR B 108 29.26 -22.75 -19.87
CA THR B 108 29.64 -24.07 -19.37
C THR B 108 30.76 -24.73 -20.19
N ARG B 109 30.83 -24.39 -21.48
CA ARG B 109 31.84 -24.93 -22.39
C ARG B 109 33.23 -24.29 -22.23
N LEU B 110 33.32 -23.25 -21.41
CA LEU B 110 34.64 -22.73 -20.98
C LEU B 110 35.22 -23.45 -19.77
N SER B 111 34.37 -24.15 -19.03
CA SER B 111 34.73 -24.66 -17.70
C SER B 111 36.04 -25.44 -17.67
N GLN B 112 36.21 -26.35 -18.63
CA GLN B 112 37.40 -27.22 -18.71
C GLN B 112 38.71 -26.45 -18.97
N HIS B 113 38.60 -25.25 -19.54
CA HIS B 113 39.76 -24.34 -19.70
C HIS B 113 39.98 -23.41 -18.51
N ALA B 114 39.09 -23.50 -17.52
CA ALA B 114 39.15 -22.67 -16.33
C ALA B 114 39.22 -23.50 -15.04
N GLY B 115 39.95 -24.61 -15.08
CA GLY B 115 40.10 -25.50 -13.92
C GLY B 115 38.80 -26.10 -13.39
N SER B 116 37.82 -26.26 -14.28
CA SER B 116 36.46 -26.73 -13.93
C SER B 116 35.68 -25.73 -13.07
N ALA B 117 36.12 -24.48 -13.04
CA ALA B 117 35.36 -23.41 -12.42
C ALA B 117 34.20 -23.05 -13.32
N ARG B 118 33.27 -22.29 -12.77
CA ARG B 118 32.05 -21.91 -13.47
C ARG B 118 32.11 -20.44 -13.84
N ILE B 119 32.27 -20.17 -15.13
CA ILE B 119 32.37 -18.81 -15.64
C ILE B 119 30.98 -18.31 -16.03
N PHE B 120 30.55 -17.24 -15.37
CA PHE B 120 29.29 -16.56 -15.70
C PHE B 120 29.60 -15.23 -16.40
N LEU B 121 29.07 -15.05 -17.60
CA LEU B 121 29.32 -13.84 -18.38
C LEU B 121 28.18 -12.85 -18.21
N LYS B 122 28.51 -11.65 -17.73
CA LYS B 122 27.55 -10.56 -17.61
C LYS B 122 27.52 -9.86 -18.97
N ARG B 123 26.39 -9.97 -19.66
CA ARG B 123 26.36 -9.74 -21.12
C ARG B 123 26.13 -8.27 -21.53
N GLU B 124 27.05 -7.39 -21.20
CA GLU B 124 26.95 -6.00 -21.63
C GLU B 124 27.11 -5.90 -23.15
N ASP B 125 27.68 -6.93 -23.78
CA ASP B 125 27.76 -7.03 -25.25
C ASP B 125 26.41 -6.92 -25.96
N LEU B 126 25.33 -7.24 -25.26
CA LEU B 126 23.98 -7.17 -25.83
C LEU B 126 23.29 -5.81 -25.71
N ASN B 127 23.93 -4.82 -25.07
CA ASN B 127 23.36 -3.48 -24.97
C ASN B 127 23.31 -2.83 -26.34
N HIS B 128 22.40 -1.86 -26.48
CA HIS B 128 22.38 -0.95 -27.64
C HIS B 128 23.75 -0.28 -27.80
N THR B 129 24.24 -0.31 -29.03
CA THR B 129 25.60 0.14 -29.43
C THR B 129 26.70 -0.89 -29.22
N GLY B 130 26.42 -1.92 -28.41
CA GLY B 130 27.31 -3.07 -28.26
C GLY B 130 28.31 -3.04 -27.10
N SER B 131 28.09 -2.15 -26.13
CA SER B 131 28.95 -2.09 -24.96
C SER B 131 28.31 -1.43 -23.77
N HIS B 132 28.98 -1.55 -22.64
CA HIS B 132 28.60 -0.84 -21.42
C HIS B 132 28.62 0.67 -21.53
N LYS B 133 29.32 1.23 -22.52
CA LYS B 133 29.47 2.70 -22.64
C LYS B 133 28.14 3.45 -22.63
N ILE B 134 27.11 2.83 -23.23
CA ILE B 134 25.79 3.47 -23.34
C ILE B 134 25.14 3.83 -21.98
N ASN B 135 25.46 3.05 -20.95
CA ASN B 135 24.94 3.31 -19.59
C ASN B 135 25.30 4.71 -19.10
N ASN B 136 26.60 5.01 -19.16
CA ASN B 136 27.17 6.29 -18.76
C ASN B 136 26.72 7.42 -19.68
N VAL B 137 26.71 7.15 -20.98
CA VAL B 137 26.32 8.16 -21.96
C VAL B 137 24.87 8.64 -21.80
N LEU B 138 23.93 7.72 -21.59
CA LEU B 138 22.53 8.10 -21.39
C LEU B 138 22.38 9.03 -20.19
N GLY B 139 23.06 8.71 -19.11
CA GLY B 139 23.07 9.56 -17.91
C GLY B 139 23.62 10.94 -18.18
N GLN B 140 24.81 11.00 -18.76
CA GLN B 140 25.49 12.28 -19.01
C GLN B 140 24.80 13.13 -20.07
N ALA B 141 24.21 12.48 -21.07
CA ALA B 141 23.50 13.19 -22.13
C ALA B 141 22.21 13.79 -21.59
N LEU B 142 21.49 13.02 -20.78
CA LEU B 142 20.32 13.56 -20.08
C LEU B 142 20.71 14.77 -19.22
N LEU B 143 21.84 14.66 -18.55
CA LEU B 143 22.36 15.76 -17.74
C LEU B 143 22.71 16.97 -18.59
N ALA B 144 23.30 16.75 -19.77
CA ALA B 144 23.63 17.87 -20.66
C ALA B 144 22.39 18.66 -21.07
N ARG B 145 21.33 17.96 -21.43
CA ARG B 145 20.04 18.61 -21.70
C ARG B 145 19.46 19.37 -20.51
N ARG B 146 19.54 18.76 -19.32
CA ARG B 146 19.06 19.44 -18.10
C ARG B 146 19.81 20.75 -17.85
N MET B 147 21.10 20.76 -18.15
CA MET B 147 21.95 21.96 -18.01
C MET B 147 21.78 23.02 -19.11
N GLY B 148 21.06 22.70 -20.18
CA GLY B 148 20.86 23.63 -21.29
C GLY B 148 22.02 23.72 -22.28
N LYS B 149 22.91 22.74 -22.25
CA LYS B 149 24.02 22.69 -23.20
C LYS B 149 23.51 22.22 -24.56
N THR B 150 24.08 22.78 -25.63
CA THR B 150 23.66 22.46 -27.01
C THR B 150 24.68 21.68 -27.82
N ARG B 151 25.86 21.49 -27.25
CA ARG B 151 26.97 20.85 -27.93
C ARG B 151 27.59 19.85 -26.97
N VAL B 152 27.84 18.65 -27.47
CA VAL B 152 28.51 17.62 -26.69
C VAL B 152 29.78 17.17 -27.39
N ILE B 153 30.86 17.06 -26.62
CA ILE B 153 32.12 16.53 -27.14
C ILE B 153 32.55 15.29 -26.37
N ALA B 154 33.26 14.40 -27.06
CA ALA B 154 33.77 13.18 -26.44
C ALA B 154 35.04 12.68 -27.10
N GLU B 155 35.85 12.01 -26.28
CA GLU B 155 37.01 11.23 -26.74
C GLU B 155 36.60 9.79 -26.99
N THR B 156 37.31 9.08 -27.85
CA THR B 156 37.12 7.64 -27.98
C THR B 156 38.37 6.96 -28.49
N GLY B 157 38.60 5.74 -28.01
CA GLY B 157 39.71 4.89 -28.46
C GLY B 157 39.19 3.75 -29.31
N ALA B 158 38.43 2.86 -28.67
CA ALA B 158 37.78 1.75 -29.37
C ALA B 158 36.63 2.20 -30.28
N GLY B 159 36.09 3.40 -30.04
CA GLY B 159 34.99 3.93 -30.84
C GLY B 159 33.61 3.57 -30.30
N GLN B 160 33.59 2.84 -29.19
CA GLN B 160 32.35 2.42 -28.57
C GLN B 160 31.72 3.56 -27.77
N HIS B 161 32.56 4.35 -27.11
CA HIS B 161 32.09 5.54 -26.39
C HIS B 161 31.67 6.62 -27.37
N GLY B 162 32.44 6.74 -28.44
CA GLY B 162 32.14 7.70 -29.51
C GLY B 162 30.81 7.40 -30.16
N VAL B 163 30.59 6.13 -30.46
CA VAL B 163 29.32 5.67 -31.04
C VAL B 163 28.17 5.86 -30.06
N ALA B 164 28.39 5.51 -28.79
CA ALA B 164 27.36 5.70 -27.77
C ALA B 164 26.97 7.18 -27.62
N THR B 165 27.96 8.06 -27.56
CA THR B 165 27.73 9.50 -27.44
C THR B 165 26.97 10.05 -28.64
N ALA B 166 27.39 9.66 -29.83
CA ALA B 166 26.71 10.05 -31.08
C ALA B 166 25.25 9.61 -31.10
N THR B 167 25.06 8.37 -30.68
CA THR B 167 23.73 7.77 -30.52
C THR B 167 22.83 8.62 -29.62
N ALA B 168 23.30 8.92 -28.41
CA ALA B 168 22.51 9.72 -27.46
C ALA B 168 22.22 11.12 -27.96
N CYS B 169 23.19 11.71 -28.65
CA CYS B 169 23.05 13.06 -29.19
C CYS B 169 22.05 13.12 -30.34
N ALA B 170 22.02 12.07 -31.14
CA ALA B 170 21.02 11.97 -32.21
C ALA B 170 19.65 11.88 -31.55
N LEU B 171 19.55 10.99 -30.58
CA LEU B 171 18.32 10.79 -29.81
C LEU B 171 17.79 12.06 -29.16
N LEU B 172 18.69 12.87 -28.63
CA LEU B 172 18.30 14.07 -27.88
C LEU B 172 18.48 15.39 -28.64
N GLY B 173 18.89 15.32 -29.90
CA GLY B 173 18.99 16.51 -30.76
C GLY B 173 20.11 17.45 -30.38
N LEU B 174 21.24 16.89 -29.95
CA LEU B 174 22.43 17.65 -29.57
C LEU B 174 23.50 17.58 -30.68
N ASP B 175 24.22 18.69 -30.90
CA ASP B 175 25.39 18.67 -31.78
C ASP B 175 26.51 17.90 -31.11
N CYS B 176 27.22 17.11 -31.92
CA CYS B 176 28.16 16.12 -31.43
C CYS B 176 29.48 16.14 -32.17
N VAL B 177 30.56 16.23 -31.41
CA VAL B 177 31.92 16.20 -31.98
C VAL B 177 32.74 15.14 -31.20
N ILE B 178 33.27 14.17 -31.92
CA ILE B 178 34.07 13.09 -31.32
C ILE B 178 35.53 13.19 -31.73
N TYR B 179 36.41 13.15 -30.74
CA TYR B 179 37.87 13.17 -30.95
C TYR B 179 38.40 11.73 -30.82
N MET B 180 39.17 11.31 -31.82
CA MET B 180 39.65 9.94 -31.91
C MET B 180 41.06 9.93 -32.47
N GLY B 181 41.96 9.22 -31.81
CA GLY B 181 43.34 9.11 -32.29
C GLY B 181 43.45 8.49 -33.67
N GLY B 182 44.34 9.03 -34.50
CA GLY B 182 44.50 8.59 -35.90
C GLY B 182 44.79 7.11 -36.10
N ILE B 183 45.53 6.51 -35.19
CA ILE B 183 45.82 5.07 -35.23
C ILE B 183 44.53 4.29 -34.94
N ASP B 184 43.73 4.80 -34.01
CA ASP B 184 42.44 4.20 -33.65
C ASP B 184 41.40 4.31 -34.79
N THR B 185 41.35 5.43 -35.50
CA THR B 185 40.42 5.57 -36.64
C THR B 185 40.67 4.49 -37.70
N ALA B 186 41.93 4.11 -37.87
CA ALA B 186 42.33 3.09 -38.85
C ALA B 186 41.99 1.68 -38.39
N ARG B 187 42.25 1.35 -37.12
CA ARG B 187 41.98 -0.01 -36.60
C ARG B 187 40.55 -0.24 -36.03
N GLN B 188 39.77 0.83 -35.85
CA GLN B 188 38.35 0.72 -35.45
C GLN B 188 37.43 1.45 -36.41
N ALA B 189 37.73 1.31 -37.70
CA ALA B 189 37.06 2.06 -38.80
C ALA B 189 35.55 1.87 -38.91
N LEU B 190 35.07 0.70 -38.49
CA LEU B 190 33.62 0.43 -38.46
C LEU B 190 32.90 1.42 -37.54
N ASN B 191 33.51 1.71 -36.40
CA ASN B 191 32.94 2.69 -35.50
C ASN B 191 33.05 4.15 -35.98
N VAL B 192 34.07 4.48 -36.76
CA VAL B 192 34.15 5.82 -37.36
C VAL B 192 32.95 6.03 -38.27
N ALA B 193 32.69 5.08 -39.14
CA ALA B 193 31.58 5.17 -40.10
C ALA B 193 30.21 5.25 -39.40
N ARG B 194 30.04 4.48 -38.34
CA ARG B 194 28.80 4.53 -37.53
C ARG B 194 28.56 5.92 -36.95
N MET B 195 29.58 6.47 -36.30
CA MET B 195 29.54 7.82 -35.74
C MET B 195 29.10 8.84 -36.78
N ARG B 196 29.65 8.71 -37.99
CA ARG B 196 29.34 9.63 -39.08
C ARG B 196 27.91 9.50 -39.56
N LEU B 197 27.42 8.27 -39.66
CA LEU B 197 26.01 8.01 -40.02
C LEU B 197 25.05 8.55 -38.97
N LEU B 198 25.44 8.47 -37.71
CA LEU B 198 24.68 9.02 -36.59
C LEU B 198 24.68 10.55 -36.53
N GLY B 199 25.47 11.20 -37.39
CA GLY B 199 25.45 12.67 -37.51
C GLY B 199 26.54 13.41 -36.74
N ALA B 200 27.47 12.65 -36.18
CA ALA B 200 28.60 13.23 -35.45
C ALA B 200 29.74 13.64 -36.38
N GLU B 201 30.38 14.73 -36.02
CA GLU B 201 31.64 15.06 -36.59
C GLU B 201 32.75 14.27 -35.88
N VAL B 202 33.60 13.60 -36.67
CA VAL B 202 34.74 12.85 -36.13
C VAL B 202 36.05 13.55 -36.50
N VAL B 203 36.84 13.88 -35.48
CA VAL B 203 38.14 14.55 -35.66
C VAL B 203 39.26 13.60 -35.30
N ALA B 204 40.10 13.30 -36.29
CA ALA B 204 41.22 12.39 -36.12
C ALA B 204 42.36 13.16 -35.48
N VAL B 205 42.85 12.68 -34.34
CA VAL B 205 43.93 13.38 -33.60
C VAL B 205 45.29 12.81 -33.99
N GLN B 206 46.18 13.68 -34.49
CA GLN B 206 47.52 13.25 -34.96
C GLN B 206 48.67 13.50 -33.97
N THR B 207 48.35 14.10 -32.82
CA THR B 207 49.38 14.44 -31.83
C THR B 207 49.78 13.20 -31.01
N GLY B 208 51.00 13.23 -30.47
CA GLY B 208 51.49 12.20 -29.54
C GLY B 208 51.47 10.78 -30.10
N SER B 209 50.88 9.86 -29.35
CA SER B 209 50.73 8.45 -29.78
C SER B 209 49.55 8.17 -30.72
N LYS B 210 48.72 9.17 -31.01
CA LYS B 210 47.54 9.06 -31.90
C LYS B 210 46.56 7.98 -31.43
N THR B 211 46.43 7.86 -30.12
CA THR B 211 45.56 6.88 -29.47
C THR B 211 44.74 7.61 -28.39
N LEU B 212 44.13 6.86 -27.48
CA LEU B 212 43.13 7.40 -26.55
C LEU B 212 43.62 8.60 -25.71
N LYS B 213 44.83 8.52 -25.16
CA LYS B 213 45.32 9.60 -24.29
C LYS B 213 45.40 10.93 -25.05
N ASP B 214 45.64 10.83 -26.34
CA ASP B 214 45.85 12.01 -27.19
C ASP B 214 44.51 12.58 -27.65
N ALA B 215 43.55 11.68 -27.90
CA ALA B 215 42.15 12.07 -28.10
C ALA B 215 41.61 12.85 -26.90
N ILE B 216 41.92 12.37 -25.69
CA ILE B 216 41.51 13.02 -24.45
C ILE B 216 42.09 14.44 -24.36
N ASN B 217 43.37 14.58 -24.66
CA ASN B 217 44.03 15.88 -24.67
C ASN B 217 43.32 16.86 -25.61
N GLU B 218 42.95 16.40 -26.81
CA GLU B 218 42.28 17.29 -27.76
C GLU B 218 40.89 17.69 -27.31
N ALA B 219 40.14 16.73 -26.79
CA ALA B 219 38.81 17.01 -26.27
C ALA B 219 38.87 18.04 -25.13
N PHE B 220 39.87 17.89 -24.27
CA PHE B 220 40.11 18.83 -23.19
C PHE B 220 40.34 20.25 -23.74
N ARG B 221 41.17 20.35 -24.78
CA ARG B 221 41.45 21.63 -25.45
C ARG B 221 40.19 22.29 -26.03
N ASP B 222 39.33 21.48 -26.62
CA ASP B 222 38.04 21.94 -27.12
C ASP B 222 37.20 22.50 -25.98
N TRP B 223 37.11 21.75 -24.89
CA TRP B 223 36.26 22.14 -23.75
C TRP B 223 36.70 23.48 -23.14
N VAL B 224 38.02 23.61 -22.97
CA VAL B 224 38.62 24.85 -22.46
C VAL B 224 38.13 26.04 -23.28
N ALA B 225 38.16 25.90 -24.60
CA ALA B 225 37.77 26.99 -25.52
C ALA B 225 36.26 27.20 -25.61
N ASN B 226 35.47 26.14 -25.42
CA ASN B 226 34.01 26.18 -25.66
C ASN B 226 33.13 25.86 -24.45
N ALA B 227 33.65 26.09 -23.26
CA ALA B 227 32.94 25.76 -21.99
C ALA B 227 31.50 26.31 -21.85
N ASP B 228 31.25 27.49 -22.39
CA ASP B 228 29.93 28.13 -22.28
C ASP B 228 28.78 27.25 -22.75
N ASN B 229 28.94 26.67 -23.94
CA ASN B 229 27.85 25.93 -24.59
C ASN B 229 28.07 24.43 -24.66
N THR B 230 29.27 23.98 -24.31
CA THR B 230 29.69 22.59 -24.57
C THR B 230 29.75 21.75 -23.28
N TYR B 231 29.12 20.58 -23.35
CA TYR B 231 29.22 19.53 -22.34
C TYR B 231 30.26 18.50 -22.79
N TYR B 232 31.16 18.13 -21.89
CA TYR B 232 32.18 17.10 -22.18
C TYR B 232 31.72 15.79 -21.58
N CYS B 233 31.28 14.90 -22.47
CA CYS B 233 30.81 13.56 -22.09
C CYS B 233 31.98 12.60 -21.98
N PHE B 234 32.57 12.53 -20.80
CA PHE B 234 33.78 11.74 -20.59
C PHE B 234 33.42 10.28 -20.38
N GLY B 235 34.14 9.41 -21.08
CA GLY B 235 33.73 8.01 -21.26
C GLY B 235 34.30 6.97 -20.35
N THR B 236 35.15 7.36 -19.41
CA THR B 236 35.67 6.39 -18.44
C THR B 236 35.69 6.95 -17.02
N ALA B 237 35.98 6.09 -16.05
CA ALA B 237 35.94 6.43 -14.63
C ALA B 237 37.24 7.07 -14.14
N ALA B 238 37.66 8.09 -14.86
CA ALA B 238 38.87 8.85 -14.55
C ALA B 238 38.53 10.33 -14.70
N GLY B 239 39.54 11.16 -14.80
CA GLY B 239 39.30 12.60 -14.94
C GLY B 239 39.17 13.31 -13.62
N PRO B 240 38.97 14.63 -13.66
CA PRO B 240 38.76 15.39 -12.44
C PRO B 240 37.36 15.12 -11.93
N HIS B 241 37.20 15.25 -10.62
CA HIS B 241 35.88 15.28 -9.99
C HIS B 241 35.03 16.28 -10.77
N PRO B 242 33.80 15.93 -11.16
CA PRO B 242 33.00 14.80 -10.67
C PRO B 242 33.01 13.52 -11.51
N PHE B 243 33.85 13.42 -12.53
CA PHE B 243 33.72 12.34 -13.52
C PHE B 243 33.92 10.90 -13.01
N PRO B 244 34.96 10.65 -12.18
CA PRO B 244 35.11 9.29 -11.67
C PRO B 244 33.87 8.81 -10.92
N THR B 245 33.28 9.67 -10.10
CA THR B 245 32.11 9.32 -9.30
C THR B 245 30.84 9.21 -10.15
N MET B 246 30.65 10.19 -11.02
CA MET B 246 29.47 10.21 -11.92
C MET B 246 29.47 9.02 -12.88
N VAL B 247 30.61 8.76 -13.52
CA VAL B 247 30.68 7.65 -14.46
C VAL B 247 30.40 6.35 -13.73
N ARG B 248 31.03 6.19 -12.57
CA ARG B 248 30.80 5.00 -11.74
C ARG B 248 29.32 4.87 -11.32
N ASP B 249 28.71 5.96 -10.88
CA ASP B 249 27.28 5.94 -10.54
C ASP B 249 26.39 5.47 -11.70
N PHE B 250 26.68 5.90 -12.92
CA PHE B 250 25.89 5.44 -14.05
C PHE B 250 26.21 4.00 -14.50
N GLN B 251 27.38 3.48 -14.13
CA GLN B 251 27.74 2.08 -14.44
C GLN B 251 27.41 1.07 -13.33
N ARG B 252 27.09 1.58 -12.13
CA ARG B 252 26.69 0.75 -10.95
C ARG B 252 25.63 -0.30 -11.25
N ILE B 253 24.70 0.06 -12.13
CA ILE B 253 23.62 -0.82 -12.61
C ILE B 253 24.14 -2.22 -13.04
N ILE B 254 25.34 -2.29 -13.61
CA ILE B 254 25.88 -3.58 -14.06
C ILE B 254 26.02 -4.52 -12.85
N GLY B 255 26.71 -4.04 -11.83
CA GLY B 255 26.91 -4.82 -10.61
C GLY B 255 25.65 -5.12 -9.82
N MET B 256 24.73 -4.15 -9.75
N MET B 256 24.72 -4.17 -9.74
CA MET B 256 23.46 -4.30 -9.06
CA MET B 256 23.48 -4.38 -8.98
C MET B 256 22.63 -5.43 -9.65
C MET B 256 22.58 -5.44 -9.64
N GLU B 257 22.57 -5.47 -10.97
CA GLU B 257 21.89 -6.54 -11.69
C GLU B 257 22.62 -7.88 -11.51
N ALA B 258 23.94 -7.86 -11.68
CA ALA B 258 24.75 -9.07 -11.57
C ALA B 258 24.64 -9.73 -10.20
N ARG B 259 24.62 -8.92 -9.15
CA ARG B 259 24.55 -9.45 -7.78
C ARG B 259 23.25 -10.20 -7.52
N VAL B 260 22.15 -9.67 -8.05
CA VAL B 260 20.84 -10.33 -7.98
C VAL B 260 20.82 -11.60 -8.84
N GLN B 261 21.29 -11.47 -10.07
CA GLN B 261 21.27 -12.57 -11.04
C GLN B 261 22.10 -13.79 -10.60
N ILE B 262 23.32 -13.55 -10.11
CA ILE B 262 24.19 -14.66 -9.71
C ILE B 262 23.63 -15.42 -8.51
N GLN B 263 23.04 -14.69 -7.55
CA GLN B 263 22.38 -15.34 -6.41
C GLN B 263 21.21 -16.22 -6.86
N GLY B 264 20.44 -15.73 -7.82
CA GLY B 264 19.37 -16.49 -8.45
C GLY B 264 19.83 -17.73 -9.19
N GLN B 265 20.85 -17.61 -10.03
CA GLN B 265 21.31 -18.73 -10.89
C GLN B 265 22.24 -19.72 -10.21
N ALA B 266 23.15 -19.22 -9.37
CA ALA B 266 24.11 -20.09 -8.67
C ALA B 266 23.73 -20.39 -7.23
N GLY B 267 22.76 -19.66 -6.67
CA GLY B 267 22.31 -19.90 -5.28
C GLY B 267 23.14 -19.22 -4.20
N ARG B 268 24.11 -18.42 -4.60
CA ARG B 268 25.03 -17.77 -3.66
C ARG B 268 25.83 -16.68 -4.34
N LEU B 269 26.49 -15.87 -3.53
CA LEU B 269 27.41 -14.85 -4.05
C LEU B 269 28.61 -15.53 -4.71
N PRO B 270 29.23 -14.88 -5.69
CA PRO B 270 30.35 -15.53 -6.37
C PRO B 270 31.63 -15.60 -5.53
N ASP B 271 32.55 -16.45 -5.95
CA ASP B 271 33.89 -16.51 -5.36
C ASP B 271 34.73 -15.34 -5.88
N ALA B 272 34.46 -14.95 -7.11
CA ALA B 272 35.10 -13.77 -7.70
C ALA B 272 34.25 -13.07 -8.75
N VAL B 273 34.54 -11.78 -8.92
CA VAL B 273 33.98 -10.96 -9.98
C VAL B 273 35.18 -10.31 -10.67
N VAL B 274 35.25 -10.41 -11.99
CA VAL B 274 36.40 -9.88 -12.75
C VAL B 274 36.00 -9.05 -13.97
N ALA B 275 36.89 -8.13 -14.36
CA ALA B 275 36.66 -7.25 -15.49
C ALA B 275 37.98 -6.75 -16.04
N CYS B 276 37.96 -6.28 -17.28
CA CYS B 276 39.12 -5.59 -17.83
C CYS B 276 39.14 -4.15 -17.35
N VAL B 277 40.31 -3.54 -17.41
CA VAL B 277 40.54 -2.17 -16.92
C VAL B 277 41.31 -1.32 -17.93
N GLY B 278 40.57 -0.40 -18.56
CA GLY B 278 41.11 0.67 -19.39
C GLY B 278 41.31 1.83 -18.45
N GLY B 279 40.43 2.82 -18.52
CA GLY B 279 40.36 3.85 -17.48
C GLY B 279 39.62 3.38 -16.23
N GLY B 280 38.74 2.40 -16.39
CA GLY B 280 38.11 1.67 -15.27
C GLY B 280 36.59 1.65 -15.09
N SER B 281 35.84 2.11 -16.08
CA SER B 281 34.37 2.26 -15.92
C SER B 281 33.58 0.92 -15.84
N ASN B 282 33.84 -0.01 -16.74
CA ASN B 282 33.11 -1.29 -16.73
C ASN B 282 33.47 -2.09 -15.46
N ALA B 283 34.72 -2.01 -15.06
CA ALA B 283 35.18 -2.72 -13.85
C ALA B 283 34.54 -2.17 -12.59
N ILE B 284 34.64 -0.87 -12.40
CA ILE B 284 34.05 -0.23 -11.22
C ILE B 284 32.53 -0.39 -11.25
N GLY B 285 31.94 -0.42 -12.44
CA GLY B 285 30.50 -0.63 -12.58
C GLY B 285 30.00 -1.94 -12.00
N ILE B 286 30.70 -3.03 -12.35
CA ILE B 286 30.33 -4.36 -11.88
C ILE B 286 30.83 -4.65 -10.47
N PHE B 287 31.99 -4.11 -10.09
CA PHE B 287 32.57 -4.31 -8.74
C PHE B 287 31.78 -3.68 -7.60
N HIS B 288 31.14 -2.55 -7.87
CA HIS B 288 30.72 -1.65 -6.79
C HIS B 288 29.73 -2.30 -5.84
N ALA B 289 28.79 -3.03 -6.41
CA ALA B 289 27.78 -3.73 -5.61
C ALA B 289 28.33 -4.87 -4.72
N PHE B 290 29.53 -5.37 -5.02
CA PHE B 290 30.15 -6.44 -4.23
C PHE B 290 31.22 -5.95 -3.24
N LEU B 291 31.46 -4.64 -3.16
CA LEU B 291 32.54 -4.12 -2.32
C LEU B 291 32.43 -4.52 -0.84
N ASP B 292 31.20 -4.54 -0.32
CA ASP B 292 30.95 -4.91 1.10
C ASP B 292 30.62 -6.40 1.33
N ASP B 293 30.84 -7.23 0.30
CA ASP B 293 30.76 -8.69 0.43
C ASP B 293 32.19 -9.22 0.62
N PRO B 294 32.61 -9.45 1.88
CA PRO B 294 34.03 -9.73 2.14
C PRO B 294 34.59 -11.03 1.53
N GLY B 295 33.70 -11.98 1.25
CA GLY B 295 34.11 -13.24 0.60
C GLY B 295 34.26 -13.17 -0.91
N VAL B 296 33.84 -12.07 -1.54
CA VAL B 296 33.90 -11.93 -3.00
C VAL B 296 35.20 -11.24 -3.41
N ARG B 297 36.06 -12.01 -4.08
N ARG B 297 36.08 -12.01 -4.06
CA ARG B 297 37.30 -11.51 -4.64
CA ARG B 297 37.31 -11.44 -4.60
C ARG B 297 37.01 -10.64 -5.85
C ARG B 297 37.03 -10.65 -5.86
N LEU B 298 37.80 -9.58 -6.03
CA LEU B 298 37.62 -8.68 -7.16
C LEU B 298 38.95 -8.57 -7.88
N VAL B 299 38.94 -8.87 -9.17
CA VAL B 299 40.15 -8.83 -9.96
C VAL B 299 39.97 -8.05 -11.25
N GLY B 300 40.78 -7.01 -11.40
CA GLY B 300 40.83 -6.21 -12.62
C GLY B 300 41.98 -6.68 -13.49
N PHE B 301 41.74 -6.77 -14.79
CA PHE B 301 42.77 -7.22 -15.72
C PHE B 301 43.15 -6.10 -16.69
N GLU B 302 44.43 -5.76 -16.68
CA GLU B 302 44.96 -4.65 -17.49
C GLU B 302 45.75 -5.19 -18.70
N ALA B 303 45.81 -4.40 -19.76
CA ALA B 303 46.47 -4.80 -21.02
C ALA B 303 47.99 -4.76 -20.87
N ALA B 304 48.61 -5.92 -21.07
CA ALA B 304 50.08 -6.05 -20.99
C ALA B 304 50.77 -6.08 -22.37
N GLY B 305 50.00 -6.00 -23.44
CA GLY B 305 50.56 -5.83 -24.79
C GLY B 305 51.49 -6.95 -25.23
N ASP B 306 52.71 -6.59 -25.63
CA ASP B 306 53.76 -7.57 -25.96
C ASP B 306 54.38 -8.22 -24.72
N GLY B 307 54.10 -7.65 -23.55
CA GLY B 307 54.63 -8.13 -22.27
C GLY B 307 55.11 -6.95 -21.44
N VAL B 308 55.05 -7.09 -20.12
CA VAL B 308 55.40 -5.98 -19.21
C VAL B 308 56.90 -5.66 -19.21
N GLU B 309 57.71 -6.69 -19.45
CA GLU B 309 59.16 -6.57 -19.65
C GLU B 309 59.62 -5.83 -20.94
N THR B 310 58.72 -5.70 -21.93
CA THR B 310 59.09 -5.15 -23.26
C THR B 310 59.00 -3.61 -23.42
N GLY B 311 58.33 -2.95 -22.49
CA GLY B 311 58.01 -1.53 -22.67
C GLY B 311 56.95 -1.24 -23.75
N ARG B 312 56.21 -2.27 -24.16
CA ARG B 312 55.07 -2.10 -25.08
C ARG B 312 53.83 -2.71 -24.42
N HIS B 313 53.24 -1.93 -23.53
CA HIS B 313 52.12 -2.38 -22.70
C HIS B 313 51.32 -1.20 -22.18
N ALA B 314 50.20 -1.52 -21.52
CA ALA B 314 49.38 -0.53 -20.81
C ALA B 314 49.09 -0.96 -19.37
N ALA B 315 50.02 -1.71 -18.79
CA ALA B 315 49.89 -2.29 -17.45
C ALA B 315 50.20 -1.29 -16.33
N THR B 316 49.25 -0.40 -16.13
CA THR B 316 49.41 0.76 -15.26
C THR B 316 49.72 0.39 -13.80
N PHE B 317 48.95 -0.52 -13.23
CA PHE B 317 49.20 -0.95 -11.84
C PHE B 317 50.45 -1.83 -11.67
N THR B 318 50.73 -2.67 -12.66
CA THR B 318 51.91 -3.55 -12.64
C THR B 318 53.23 -2.76 -12.74
N ALA B 319 53.27 -1.80 -13.67
CA ALA B 319 54.51 -1.09 -14.04
C ALA B 319 54.52 0.42 -13.75
N GLY B 320 53.36 0.99 -13.41
CA GLY B 320 53.26 2.44 -13.22
C GLY B 320 53.48 2.87 -11.78
N SER B 321 53.22 4.14 -11.53
CA SER B 321 53.40 4.72 -10.20
C SER B 321 52.47 5.94 -10.02
N PRO B 322 52.29 6.41 -8.76
CA PRO B 322 51.36 7.53 -8.55
C PRO B 322 51.79 8.83 -9.20
N GLY B 323 50.81 9.57 -9.71
CA GLY B 323 51.05 10.88 -10.31
C GLY B 323 49.76 11.57 -10.75
N ALA B 324 49.89 12.83 -11.14
CA ALA B 324 48.77 13.64 -11.62
C ALA B 324 48.69 13.60 -13.14
N PHE B 325 47.57 13.13 -13.66
CA PHE B 325 47.37 12.96 -15.10
C PHE B 325 45.89 12.99 -15.45
N HIS B 326 45.58 13.68 -16.54
CA HIS B 326 44.22 13.86 -17.03
C HIS B 326 43.21 14.20 -15.92
N GLY B 327 43.58 15.15 -15.07
CA GLY B 327 42.67 15.67 -14.06
C GLY B 327 42.67 15.03 -12.68
N SER B 328 43.38 13.91 -12.52
CA SER B 328 43.34 13.16 -11.25
C SER B 328 44.73 12.72 -10.78
N PHE B 329 44.83 12.52 -9.47
CA PHE B 329 45.97 11.85 -8.86
C PHE B 329 45.64 10.37 -8.80
N SER B 330 46.38 9.58 -9.54
CA SER B 330 46.13 8.14 -9.66
C SER B 330 47.43 7.46 -10.11
N TYR B 331 47.36 6.24 -10.59
CA TYR B 331 48.54 5.60 -11.17
C TYR B 331 48.65 5.94 -12.65
N LEU B 332 49.88 6.13 -13.12
CA LEU B 332 50.13 6.15 -14.56
C LEU B 332 51.50 5.62 -14.91
N LEU B 333 51.64 5.22 -16.16
CA LEU B 333 52.94 4.86 -16.73
C LEU B 333 53.72 6.13 -16.96
N GLN B 334 54.84 6.27 -16.29
CA GLN B 334 55.66 7.49 -16.39
C GLN B 334 57.15 7.20 -16.18
N ASP B 335 57.99 8.04 -16.78
CA ASP B 335 59.45 7.89 -16.67
C ASP B 335 60.00 8.61 -15.43
N GLU B 336 61.33 8.62 -15.28
CA GLU B 336 61.98 9.20 -14.10
C GLU B 336 61.65 10.69 -13.87
N ASP B 337 61.36 11.41 -14.96
CA ASP B 337 61.04 12.86 -14.89
C ASP B 337 59.55 13.17 -14.75
N GLY B 338 58.71 12.14 -14.86
CA GLY B 338 57.26 12.32 -14.79
C GLY B 338 56.57 12.54 -16.12
N GLN B 339 57.27 12.25 -17.21
CA GLN B 339 56.69 12.32 -18.55
C GLN B 339 55.86 11.07 -18.75
N THR B 340 54.68 11.22 -19.36
CA THR B 340 53.83 10.07 -19.66
C THR B 340 54.52 9.17 -20.66
N ILE B 341 54.54 7.87 -20.36
CA ILE B 341 55.05 6.88 -21.29
C ILE B 341 53.88 6.43 -22.15
N GLU B 342 54.09 6.43 -23.46
CA GLU B 342 53.05 6.01 -24.39
C GLU B 342 52.74 4.52 -24.21
N SER B 343 51.46 4.22 -24.10
CA SER B 343 50.99 2.85 -23.95
C SER B 343 50.87 2.14 -25.31
N HIS B 344 50.89 0.82 -25.27
CA HIS B 344 50.56 -0.01 -26.45
C HIS B 344 49.75 -1.24 -26.05
N SER B 345 48.75 -1.54 -26.89
CA SER B 345 47.97 -2.78 -26.78
C SER B 345 47.30 -3.07 -28.12
N ILE B 346 47.03 -4.34 -28.39
CA ILE B 346 46.21 -4.71 -29.55
C ILE B 346 44.79 -4.19 -29.40
N SER B 347 44.37 -4.02 -28.15
CA SER B 347 43.06 -3.47 -27.82
C SER B 347 43.10 -1.96 -27.73
N ALA B 348 42.34 -1.28 -28.58
CA ALA B 348 42.28 0.19 -28.59
C ALA B 348 41.66 0.76 -27.30
N GLY B 349 40.71 0.04 -26.74
CA GLY B 349 40.04 0.43 -25.52
C GLY B 349 40.84 0.33 -24.23
N LEU B 350 41.84 -0.55 -24.21
CA LEU B 350 42.73 -0.66 -23.04
C LEU B 350 44.08 0.04 -23.24
N ASP B 351 44.27 0.67 -24.40
CA ASP B 351 45.55 1.30 -24.75
C ASP B 351 45.61 2.70 -24.15
N TYR B 352 45.83 2.75 -22.85
CA TYR B 352 45.77 4.00 -22.08
C TYR B 352 46.73 3.86 -20.90
N PRO B 353 47.67 4.80 -20.74
CA PRO B 353 48.69 4.63 -19.69
C PRO B 353 48.25 5.01 -18.28
N GLY B 354 47.03 5.52 -18.13
CA GLY B 354 46.48 5.87 -16.82
C GLY B 354 45.41 4.91 -16.32
N VAL B 355 44.83 5.25 -15.18
CA VAL B 355 43.70 4.51 -14.61
C VAL B 355 42.98 5.43 -13.63
N GLY B 356 41.69 5.18 -13.44
CA GLY B 356 40.85 6.00 -12.56
C GLY B 356 41.26 5.93 -11.10
N PRO B 357 41.04 7.02 -10.34
CA PRO B 357 41.48 7.11 -8.95
C PRO B 357 40.76 6.19 -7.96
N GLU B 358 39.52 5.82 -8.24
CA GLU B 358 38.81 4.90 -7.34
C GLU B 358 39.52 3.55 -7.34
N HIS B 359 39.98 3.13 -8.51
CA HIS B 359 40.78 1.90 -8.64
C HIS B 359 42.11 2.00 -7.91
N ALA B 360 42.77 3.15 -7.99
CA ALA B 360 43.99 3.37 -7.22
C ALA B 360 43.73 3.20 -5.72
N TRP B 361 42.62 3.76 -5.25
CA TRP B 361 42.23 3.68 -3.84
C TRP B 361 41.91 2.24 -3.44
N LEU B 362 41.14 1.55 -4.27
CA LEU B 362 40.78 0.16 -3.99
C LEU B 362 42.01 -0.77 -4.02
N LYS B 363 42.95 -0.48 -4.91
CA LYS B 363 44.24 -1.19 -4.95
C LYS B 363 45.05 -1.00 -3.67
N GLU B 364 45.16 0.26 -3.25
CA GLU B 364 45.88 0.60 -2.03
C GLU B 364 45.25 -0.05 -0.79
N ALA B 365 43.92 -0.10 -0.77
CA ALA B 365 43.16 -0.67 0.36
C ALA B 365 43.24 -2.19 0.47
N GLY B 366 43.67 -2.85 -0.60
CA GLY B 366 43.73 -4.31 -0.66
C GLY B 366 42.40 -4.97 -1.02
N ARG B 367 41.46 -4.21 -1.56
CA ARG B 367 40.12 -4.73 -1.89
C ARG B 367 40.05 -5.34 -3.29
N VAL B 368 40.79 -4.77 -4.22
CA VAL B 368 40.87 -5.30 -5.58
C VAL B 368 42.32 -5.64 -5.90
N ASP B 369 42.52 -6.76 -6.58
CA ASP B 369 43.82 -7.10 -7.18
C ASP B 369 43.77 -6.79 -8.68
N TYR B 370 44.87 -6.23 -9.20
CA TYR B 370 44.97 -5.86 -10.61
C TYR B 370 46.13 -6.63 -11.21
N ARG B 371 45.93 -7.22 -12.38
N ARG B 371 45.90 -7.21 -12.38
CA ARG B 371 46.90 -8.16 -12.94
CA ARG B 371 46.81 -8.21 -12.97
C ARG B 371 47.02 -8.04 -14.44
C ARG B 371 47.01 -7.99 -14.47
N PRO B 372 48.23 -8.27 -14.99
CA PRO B 372 48.45 -8.15 -16.43
C PRO B 372 47.94 -9.32 -17.26
N ILE B 373 47.46 -8.99 -18.46
CA ILE B 373 47.10 -9.97 -19.48
C ILE B 373 47.62 -9.48 -20.83
N THR B 374 48.37 -10.33 -21.52
CA THR B 374 49.03 -9.97 -22.79
C THR B 374 48.10 -10.06 -24.00
N ASP B 375 48.52 -9.43 -25.09
CA ASP B 375 47.83 -9.54 -26.37
C ASP B 375 47.50 -10.99 -26.73
N SER B 376 48.49 -11.86 -26.61
CA SER B 376 48.36 -13.28 -26.99
C SER B 376 47.34 -14.01 -26.13
N GLU B 377 47.48 -13.85 -24.82
CA GLU B 377 46.52 -14.41 -23.86
C GLU B 377 45.09 -13.98 -24.19
N ALA B 378 44.92 -12.69 -24.48
CA ALA B 378 43.61 -12.13 -24.83
C ALA B 378 43.05 -12.70 -26.13
N MET B 379 43.90 -12.81 -27.15
CA MET B 379 43.44 -13.36 -28.42
C MET B 379 43.12 -14.86 -28.33
N ASP B 380 43.90 -15.61 -27.54
CA ASP B 380 43.56 -17.02 -27.28
C ASP B 380 42.15 -17.14 -26.70
N ALA B 381 41.84 -16.26 -25.75
CA ALA B 381 40.53 -16.23 -25.10
C ALA B 381 39.43 -15.75 -26.06
N PHE B 382 39.75 -14.74 -26.86
CA PHE B 382 38.83 -14.25 -27.90
C PHE B 382 38.38 -15.43 -28.74
N GLY B 383 39.36 -16.15 -29.27
CA GLY B 383 39.11 -17.31 -30.11
C GLY B 383 38.34 -18.42 -29.42
N LEU B 384 38.68 -18.66 -28.17
CA LEU B 384 38.04 -19.72 -27.41
C LEU B 384 36.56 -19.44 -27.22
N LEU B 385 36.25 -18.19 -26.91
CA LEU B 385 34.87 -17.79 -26.67
C LEU B 385 34.03 -17.90 -27.94
N CYS B 386 34.59 -17.48 -29.06
CA CYS B 386 33.92 -17.66 -30.37
C CYS B 386 33.57 -19.13 -30.63
N ARG B 387 34.57 -19.97 -30.43
CA ARG B 387 34.51 -21.38 -30.78
C ARG B 387 33.60 -22.20 -29.86
N MET B 388 33.64 -21.89 -28.57
CA MET B 388 32.96 -22.70 -27.55
C MET B 388 31.55 -22.21 -27.26
N GLU B 389 31.36 -20.91 -27.12
CA GLU B 389 30.05 -20.34 -26.74
C GLU B 389 29.33 -19.56 -27.82
N GLY B 390 29.94 -19.41 -28.98
CA GLY B 390 29.36 -18.61 -30.07
C GLY B 390 29.19 -17.12 -29.78
N ILE B 391 30.06 -16.58 -28.95
CA ILE B 391 30.03 -15.16 -28.62
C ILE B 391 31.32 -14.53 -29.09
N ILE B 392 31.21 -13.49 -29.92
CA ILE B 392 32.37 -12.74 -30.40
C ILE B 392 32.56 -11.52 -29.50
N PRO B 393 33.54 -11.57 -28.59
CA PRO B 393 33.67 -10.49 -27.65
C PRO B 393 34.47 -9.37 -28.23
N ALA B 394 34.38 -8.22 -27.61
CA ALA B 394 35.39 -7.17 -27.80
C ALA B 394 36.75 -7.69 -27.34
N ILE B 395 37.81 -7.24 -28.02
CA ILE B 395 39.17 -7.60 -27.64
C ILE B 395 39.49 -7.08 -26.24
N GLU B 396 38.87 -5.96 -25.87
CA GLU B 396 38.95 -5.45 -24.50
C GLU B 396 38.46 -6.53 -23.52
N SER B 397 37.24 -7.00 -23.75
CA SER B 397 36.57 -7.99 -22.90
C SER B 397 37.29 -9.33 -22.87
N ALA B 398 37.91 -9.70 -23.98
CA ALA B 398 38.68 -10.93 -24.07
C ALA B 398 39.81 -10.98 -23.05
N HIS B 399 40.34 -9.82 -22.66
CA HIS B 399 41.32 -9.76 -21.56
C HIS B 399 40.72 -10.26 -20.25
N ALA B 400 39.49 -9.86 -19.97
CA ALA B 400 38.78 -10.30 -18.76
C ALA B 400 38.51 -11.81 -18.79
N VAL B 401 38.12 -12.29 -19.98
CA VAL B 401 37.85 -13.70 -20.17
C VAL B 401 39.14 -14.49 -19.95
N ALA B 402 40.22 -14.01 -20.52
CA ALA B 402 41.54 -14.65 -20.37
C ALA B 402 41.96 -14.72 -18.91
N GLY B 403 41.76 -13.62 -18.20
CA GLY B 403 42.04 -13.55 -16.76
C GLY B 403 41.19 -14.51 -15.94
N ALA B 404 39.92 -14.59 -16.29
CA ALA B 404 38.99 -15.51 -15.63
C ALA B 404 39.42 -16.96 -15.77
N LEU B 405 39.92 -17.33 -16.93
CA LEU B 405 40.41 -18.69 -17.17
C LEU B 405 41.58 -19.04 -16.24
N LYS B 406 42.52 -18.11 -16.08
CA LYS B 406 43.64 -18.30 -15.15
C LYS B 406 43.18 -18.35 -13.69
N LEU B 407 42.28 -17.44 -13.35
CA LEU B 407 41.70 -17.41 -12.01
C LEU B 407 40.94 -18.70 -11.70
N GLY B 408 40.24 -19.20 -12.69
CA GLY B 408 39.57 -20.50 -12.58
C GLY B 408 40.52 -21.62 -12.20
N VAL B 409 41.67 -21.66 -12.84
CA VAL B 409 42.70 -22.68 -12.53
C VAL B 409 43.20 -22.52 -11.09
N GLU B 410 43.36 -21.28 -10.65
CA GLU B 410 43.79 -20.97 -9.29
C GLU B 410 42.77 -21.41 -8.23
N LEU B 411 41.51 -21.06 -8.45
CA LEU B 411 40.42 -21.34 -7.48
C LEU B 411 39.84 -22.74 -7.54
N GLY B 412 39.81 -23.31 -8.74
CA GLY B 412 39.48 -24.74 -8.92
C GLY B 412 38.02 -25.07 -9.12
N ARG B 413 37.73 -26.36 -9.00
CA ARG B 413 36.44 -26.96 -9.38
C ARG B 413 35.25 -26.36 -8.63
N GLY B 414 34.26 -25.91 -9.39
CA GLY B 414 33.01 -25.38 -8.83
C GLY B 414 33.03 -23.92 -8.35
N ALA B 415 34.18 -23.26 -8.45
CA ALA B 415 34.27 -21.86 -8.07
C ALA B 415 33.45 -21.05 -9.05
N VAL B 416 32.75 -20.06 -8.52
CA VAL B 416 31.83 -19.24 -9.29
C VAL B 416 32.50 -17.91 -9.57
N ILE B 417 32.75 -17.65 -10.85
CA ILE B 417 33.43 -16.44 -11.31
C ILE B 417 32.50 -15.68 -12.25
N VAL B 418 32.14 -14.46 -11.88
CA VAL B 418 31.36 -13.58 -12.74
C VAL B 418 32.34 -12.70 -13.52
N VAL B 419 32.18 -12.69 -14.83
CA VAL B 419 33.03 -11.94 -15.75
C VAL B 419 32.19 -10.89 -16.44
N ASN B 420 32.64 -9.64 -16.43
CA ASN B 420 31.98 -8.57 -17.18
C ASN B 420 32.37 -8.65 -18.64
N LEU B 421 31.43 -9.07 -19.48
CA LEU B 421 31.67 -9.12 -20.91
C LEU B 421 31.25 -7.79 -21.45
N SER B 422 32.22 -6.86 -21.44
CA SER B 422 31.95 -5.42 -21.58
C SER B 422 31.40 -5.00 -22.94
N GLY B 423 31.78 -5.72 -23.99
CA GLY B 423 31.30 -5.42 -25.32
C GLY B 423 31.46 -6.53 -26.33
N ARG B 424 30.83 -6.34 -27.48
CA ARG B 424 30.93 -7.27 -28.59
C ARG B 424 32.05 -6.90 -29.56
N GLY B 425 32.42 -7.87 -30.39
CA GLY B 425 33.62 -7.78 -31.21
C GLY B 425 33.49 -7.40 -32.67
N ASP B 426 32.34 -6.89 -33.08
CA ASP B 426 32.13 -6.50 -34.48
C ASP B 426 33.19 -5.56 -35.03
N LYS B 427 33.57 -4.59 -34.22
CA LYS B 427 34.65 -3.64 -34.57
C LYS B 427 36.03 -4.30 -34.72
N ASP B 428 36.21 -5.42 -34.03
CA ASP B 428 37.48 -6.15 -34.00
C ASP B 428 37.54 -7.35 -34.97
N VAL B 429 36.47 -7.60 -35.72
CA VAL B 429 36.40 -8.79 -36.59
C VAL B 429 37.54 -8.85 -37.61
N GLU B 430 37.85 -7.72 -38.21
CA GLU B 430 38.93 -7.64 -39.19
C GLU B 430 40.29 -7.98 -38.57
N THR B 431 40.60 -7.32 -37.45
CA THR B 431 41.80 -7.63 -36.65
C THR B 431 41.90 -9.12 -36.24
N ALA B 432 40.79 -9.67 -35.75
CA ALA B 432 40.75 -11.06 -35.30
C ALA B 432 40.86 -12.05 -36.45
N ALA B 433 40.14 -11.81 -37.54
CA ALA B 433 40.23 -12.65 -38.73
C ALA B 433 41.67 -12.72 -39.24
N LYS B 434 42.33 -11.58 -39.23
CA LYS B 434 43.75 -11.47 -39.61
C LYS B 434 44.65 -12.24 -38.63
N TRP B 435 44.44 -12.03 -37.33
CA TRP B 435 45.15 -12.79 -36.29
C TRP B 435 45.07 -14.31 -36.49
N PHE B 436 43.88 -14.82 -36.81
CA PHE B 436 43.65 -16.28 -36.93
C PHE B 436 43.80 -16.85 -38.35
N GLY B 437 44.25 -16.01 -39.28
CA GLY B 437 44.53 -16.45 -40.65
C GLY B 437 43.29 -16.81 -41.45
N LEU B 438 42.25 -15.99 -41.28
CA LEU B 438 40.95 -16.21 -41.92
C LEU B 438 40.63 -15.07 -42.88
N LEU B 439 41.68 -14.65 -43.60
CA LEU B 439 41.78 -13.35 -44.35
C LEU B 439 42.39 -12.18 -43.55
N GLU C 28 -5.96 -49.81 -69.88
CA GLU C 28 -5.46 -51.15 -69.92
C GLU C 28 -4.01 -51.30 -69.59
N ALA C 29 -3.14 -50.71 -70.40
CA ALA C 29 -1.70 -50.78 -70.17
C ALA C 29 -1.03 -49.46 -70.46
N SER C 30 0.20 -49.32 -69.94
CA SER C 30 0.97 -48.07 -70.08
C SER C 30 1.43 -47.85 -71.54
N ARG C 31 1.68 -46.60 -71.87
CA ARG C 31 2.17 -46.20 -73.21
C ARG C 31 3.56 -46.75 -73.52
N LEU C 32 4.45 -46.76 -72.53
CA LEU C 32 5.83 -47.27 -72.71
C LEU C 32 5.97 -48.79 -72.53
N GLY C 33 4.90 -49.45 -72.07
CA GLY C 33 4.89 -50.91 -71.86
C GLY C 33 5.38 -51.79 -73.01
N PRO C 34 4.90 -51.54 -74.25
CA PRO C 34 5.37 -52.27 -75.43
C PRO C 34 6.86 -52.10 -75.75
N VAL C 35 7.44 -50.96 -75.40
CA VAL C 35 8.89 -50.72 -75.60
C VAL C 35 9.70 -51.63 -74.68
N PHE C 36 9.33 -51.65 -73.40
CA PHE C 36 10.01 -52.49 -72.41
C PHE C 36 9.79 -53.98 -72.65
N ASP C 37 8.60 -54.36 -73.11
CA ASP C 37 8.33 -55.75 -73.49
C ASP C 37 9.17 -56.18 -74.70
N SER C 38 9.27 -55.29 -75.69
CA SER C 38 10.11 -55.52 -76.87
C SER C 38 11.60 -55.66 -76.53
N CYS C 39 12.05 -54.86 -75.57
CA CYS C 39 13.42 -54.99 -75.05
C CYS C 39 13.60 -56.30 -74.29
N ARG C 40 12.67 -56.57 -73.38
CA ARG C 40 12.67 -57.80 -72.56
C ARG C 40 12.56 -59.09 -73.39
N ALA C 41 11.97 -58.98 -74.58
CA ALA C 41 11.91 -60.10 -75.54
C ALA C 41 13.23 -60.29 -76.31
N ASN C 42 13.94 -59.18 -76.56
CA ASN C 42 15.29 -59.21 -77.18
C ASN C 42 16.44 -59.27 -76.16
N ASN C 43 16.11 -59.68 -74.94
CA ASN C 43 17.09 -59.85 -73.85
C ASN C 43 18.05 -58.67 -73.67
N ARG C 44 17.46 -57.51 -73.43
CA ARG C 44 18.22 -56.27 -73.24
C ARG C 44 17.44 -55.23 -72.47
N ALA C 45 18.15 -54.19 -72.06
CA ALA C 45 17.55 -53.02 -71.44
C ALA C 45 17.28 -51.95 -72.49
N ALA C 46 16.34 -51.07 -72.19
CA ALA C 46 16.05 -49.91 -73.03
C ALA C 46 17.06 -48.80 -72.77
N LEU C 47 17.55 -48.18 -73.83
CA LEU C 47 18.42 -47.00 -73.70
C LEU C 47 17.56 -45.75 -73.71
N ILE C 48 17.62 -45.00 -72.61
CA ILE C 48 16.79 -43.81 -72.41
C ILE C 48 17.70 -42.58 -72.45
N GLY C 49 17.53 -41.74 -73.47
CA GLY C 49 18.42 -40.61 -73.74
C GLY C 49 17.81 -39.25 -73.42
N TYR C 50 18.51 -38.48 -72.57
CA TYR C 50 18.09 -37.11 -72.24
C TYR C 50 18.88 -36.05 -73.00
N LEU C 51 18.16 -35.13 -73.63
CA LEU C 51 18.73 -33.87 -74.11
C LEU C 51 17.81 -32.71 -73.74
N PRO C 52 18.39 -31.53 -73.43
CA PRO C 52 17.56 -30.36 -73.16
C PRO C 52 17.25 -29.57 -74.45
N THR C 53 15.99 -29.19 -74.59
CA THR C 53 15.52 -28.37 -75.71
C THR C 53 16.24 -27.05 -75.72
N GLY C 54 16.62 -26.61 -76.92
CA GLY C 54 17.27 -25.31 -77.13
C GLY C 54 18.78 -25.20 -76.89
N TYR C 55 19.44 -26.32 -76.60
CA TYR C 55 20.91 -26.35 -76.51
C TYR C 55 21.49 -27.12 -77.69
N PRO C 56 22.45 -26.53 -78.43
CA PRO C 56 22.96 -25.16 -78.27
C PRO C 56 22.02 -24.05 -78.78
N ASP C 57 21.12 -24.41 -79.69
CA ASP C 57 19.96 -23.59 -80.06
C ASP C 57 18.81 -24.54 -80.39
N VAL C 58 17.64 -24.00 -80.72
CA VAL C 58 16.44 -24.85 -80.91
C VAL C 58 16.55 -25.81 -82.12
N PRO C 59 16.92 -25.29 -83.33
CA PRO C 59 17.11 -26.20 -84.48
C PRO C 59 18.17 -27.29 -84.28
N ALA C 60 19.30 -26.94 -83.67
CA ALA C 60 20.38 -27.91 -83.43
C ALA C 60 19.97 -29.01 -82.45
N SER C 61 19.25 -28.61 -81.41
CA SER C 61 18.75 -29.54 -80.38
C SER C 61 17.76 -30.57 -80.95
N VAL C 62 16.91 -30.12 -81.87
CA VAL C 62 15.96 -31.00 -82.54
C VAL C 62 16.70 -31.97 -83.48
N ALA C 63 17.68 -31.46 -84.19
CA ALA C 63 18.56 -32.30 -85.04
C ALA C 63 19.32 -33.33 -84.22
N ALA C 64 19.73 -32.94 -83.01
CA ALA C 64 20.40 -33.86 -82.08
C ALA C 64 19.45 -34.95 -81.58
N MET C 65 18.23 -34.56 -81.22
CA MET C 65 17.22 -35.52 -80.75
C MET C 65 16.82 -36.52 -81.84
N THR C 66 16.76 -36.06 -83.08
CA THR C 66 16.53 -36.93 -84.23
C THR C 66 17.69 -37.91 -84.39
N ALA C 67 18.90 -37.41 -84.24
CA ALA C 67 20.11 -38.24 -84.29
C ALA C 67 20.09 -39.39 -83.27
N LEU C 68 19.56 -39.10 -82.07
CA LEU C 68 19.40 -40.13 -81.02
C LEU C 68 18.46 -41.26 -81.46
N VAL C 69 17.37 -40.90 -82.10
CA VAL C 69 16.43 -41.89 -82.64
C VAL C 69 17.15 -42.79 -83.65
N GLU C 70 17.89 -42.17 -84.56
CA GLU C 70 18.64 -42.87 -85.60
C GLU C 70 19.78 -43.73 -85.02
N SER C 71 20.41 -43.24 -83.96
CA SER C 71 21.53 -43.93 -83.32
C SER C 71 21.13 -45.03 -82.31
N GLY C 72 19.83 -45.21 -82.10
CA GLY C 72 19.29 -46.36 -81.36
C GLY C 72 18.84 -46.14 -79.93
N CYS C 73 18.31 -44.96 -79.65
CA CYS C 73 17.68 -44.67 -78.36
C CYS C 73 16.23 -45.13 -78.40
N ASP C 74 15.84 -45.97 -77.44
CA ASP C 74 14.50 -46.52 -77.39
C ASP C 74 13.49 -45.47 -76.92
N ILE C 75 13.88 -44.69 -75.91
CA ILE C 75 13.06 -43.60 -75.38
C ILE C 75 13.92 -42.32 -75.30
N ILE C 76 13.32 -41.18 -75.63
CA ILE C 76 13.99 -39.86 -75.52
C ILE C 76 13.33 -39.03 -74.41
N GLU C 77 14.14 -38.59 -73.45
CA GLU C 77 13.69 -37.60 -72.44
C GLU C 77 13.95 -36.21 -72.98
N VAL C 78 12.89 -35.49 -73.33
CA VAL C 78 12.99 -34.11 -73.77
C VAL C 78 12.92 -33.19 -72.53
N GLY C 79 14.07 -32.59 -72.21
CA GLY C 79 14.19 -31.68 -71.07
C GLY C 79 13.60 -30.31 -71.37
N VAL C 80 12.84 -29.79 -70.41
CA VAL C 80 12.34 -28.42 -70.45
C VAL C 80 13.25 -27.56 -69.59
N PRO C 81 14.04 -26.65 -70.22
CA PRO C 81 14.91 -25.82 -69.40
C PRO C 81 14.17 -24.96 -68.38
N TYR C 82 14.65 -25.00 -67.15
CA TYR C 82 14.06 -24.27 -66.02
C TYR C 82 15.11 -23.35 -65.39
N SER C 83 14.67 -22.18 -64.96
CA SER C 83 15.57 -21.15 -64.42
C SER C 83 16.28 -21.53 -63.11
N ASP C 84 15.66 -22.39 -62.31
CA ASP C 84 16.22 -22.80 -61.01
C ASP C 84 16.20 -24.33 -60.81
N PRO C 85 16.97 -25.07 -61.61
CA PRO C 85 16.88 -26.51 -61.70
C PRO C 85 17.65 -27.21 -60.58
N GLY C 86 16.95 -27.43 -59.47
CA GLY C 86 17.57 -27.91 -58.23
C GLY C 86 18.25 -29.25 -58.30
N MET C 87 17.70 -30.15 -59.10
CA MET C 87 18.20 -31.52 -59.21
C MET C 87 19.18 -31.74 -60.36
N ASP C 88 19.31 -30.78 -61.27
CA ASP C 88 20.21 -30.94 -62.43
C ASP C 88 21.67 -30.74 -62.02
N GLY C 89 22.55 -31.64 -62.48
CA GLY C 89 24.00 -31.49 -62.27
C GLY C 89 24.60 -30.35 -63.12
N PRO C 90 25.91 -30.07 -62.96
CA PRO C 90 26.56 -28.93 -63.61
C PRO C 90 26.50 -28.93 -65.15
N THR C 91 26.74 -30.08 -65.78
CA THR C 91 26.70 -30.19 -67.24
C THR C 91 25.31 -29.82 -67.79
N ILE C 92 24.27 -30.39 -67.20
CA ILE C 92 22.88 -30.11 -67.63
C ILE C 92 22.48 -28.70 -67.25
N ALA C 93 22.88 -28.25 -66.05
CA ALA C 93 22.53 -26.90 -65.57
C ALA C 93 23.07 -25.82 -66.48
N ARG C 94 24.33 -25.93 -66.87
CA ARG C 94 24.93 -24.94 -67.77
C ARG C 94 24.33 -24.94 -69.17
N ALA C 95 23.96 -26.13 -69.63
CA ALA C 95 23.31 -26.26 -70.94
C ALA C 95 21.90 -25.64 -70.94
N THR C 96 21.14 -25.88 -69.87
CA THR C 96 19.79 -25.29 -69.75
C THR C 96 19.86 -23.77 -69.54
N GLU C 97 20.85 -23.31 -68.79
CA GLU C 97 21.15 -21.86 -68.69
C GLU C 97 21.38 -21.24 -70.07
N ALA C 98 22.20 -21.91 -70.88
CA ALA C 98 22.53 -21.45 -72.24
C ALA C 98 21.32 -21.45 -73.16
N ALA C 99 20.49 -22.47 -73.06
CA ALA C 99 19.22 -22.54 -73.81
C ALA C 99 18.30 -21.38 -73.47
N LEU C 100 18.21 -21.04 -72.18
CA LEU C 100 17.38 -19.93 -71.72
C LEU C 100 17.90 -18.57 -72.21
N ARG C 101 19.20 -18.35 -72.10
CA ARG C 101 19.84 -17.16 -72.74
C ARG C 101 19.49 -17.04 -74.22
N GLY C 102 19.47 -18.17 -74.91
CA GLY C 102 19.08 -18.22 -76.32
C GLY C 102 17.61 -17.99 -76.62
N GLY C 103 16.78 -17.90 -75.58
CA GLY C 103 15.35 -17.58 -75.73
C GLY C 103 14.39 -18.77 -75.84
N VAL C 104 14.83 -19.95 -75.38
CA VAL C 104 14.02 -21.17 -75.47
C VAL C 104 12.69 -21.00 -74.73
N ARG C 105 11.66 -21.59 -75.30
CA ARG C 105 10.31 -21.49 -74.78
C ARG C 105 9.76 -22.90 -74.56
N VAL C 106 8.76 -23.00 -73.69
CA VAL C 106 8.11 -24.29 -73.40
C VAL C 106 7.51 -24.94 -74.66
N ARG C 107 6.97 -24.13 -75.56
CA ARG C 107 6.45 -24.64 -76.83
C ARG C 107 7.46 -25.32 -77.72
N ASP C 108 8.71 -24.86 -77.64
CA ASP C 108 9.82 -25.49 -78.38
C ASP C 108 9.96 -26.97 -77.98
N THR C 109 9.70 -27.29 -76.72
CA THR C 109 9.71 -28.68 -76.24
C THR C 109 8.63 -29.53 -76.93
N LEU C 110 7.42 -28.98 -77.07
CA LEU C 110 6.34 -29.68 -77.75
C LEU C 110 6.64 -29.86 -79.24
N ALA C 111 7.29 -28.87 -79.85
CA ALA C 111 7.79 -29.00 -81.23
C ALA C 111 8.85 -30.12 -81.34
N ALA C 112 9.71 -30.21 -80.33
CA ALA C 112 10.73 -31.27 -80.28
C ALA C 112 10.11 -32.67 -80.20
N VAL C 113 9.07 -32.79 -79.37
CA VAL C 113 8.34 -34.06 -79.22
C VAL C 113 7.71 -34.49 -80.55
N GLU C 114 7.14 -33.53 -81.26
CA GLU C 114 6.54 -33.77 -82.57
C GLU C 114 7.55 -34.27 -83.60
N ALA C 115 8.69 -33.59 -83.67
CA ALA C 115 9.78 -33.98 -84.58
C ALA C 115 10.32 -35.38 -84.27
N ILE C 116 10.48 -35.68 -82.99
CA ILE C 116 10.87 -37.03 -82.56
C ILE C 116 9.84 -38.08 -83.01
N SER C 117 8.57 -37.79 -82.77
CA SER C 117 7.48 -38.74 -83.09
C SER C 117 7.34 -39.01 -84.58
N ILE C 118 7.53 -37.98 -85.39
CA ILE C 118 7.52 -38.10 -86.87
C ILE C 118 8.71 -38.93 -87.38
N ALA C 119 9.86 -38.75 -86.74
CA ALA C 119 11.06 -39.54 -87.05
C ALA C 119 11.01 -41.02 -86.62
N GLY C 120 9.96 -41.42 -85.90
CA GLY C 120 9.79 -42.81 -85.45
C GLY C 120 10.27 -43.09 -84.04
N GLY C 121 10.57 -42.03 -83.30
CA GLY C 121 11.05 -42.17 -81.92
C GLY C 121 9.92 -42.07 -80.93
N ARG C 122 10.25 -42.37 -79.68
CA ARG C 122 9.29 -42.34 -78.59
C ARG C 122 9.78 -41.36 -77.54
N ALA C 123 8.96 -40.34 -77.28
CA ALA C 123 9.39 -39.23 -76.43
C ALA C 123 8.58 -39.10 -75.12
N VAL C 124 9.30 -38.87 -74.03
CA VAL C 124 8.69 -38.34 -72.80
C VAL C 124 9.32 -36.98 -72.51
N VAL C 125 8.61 -36.16 -71.73
CA VAL C 125 9.10 -34.85 -71.33
C VAL C 125 9.54 -34.89 -69.87
N MET C 126 10.73 -34.35 -69.59
CA MET C 126 11.19 -34.16 -68.21
C MET C 126 11.16 -32.68 -67.90
N THR C 127 10.43 -32.32 -66.86
CA THR C 127 10.26 -30.92 -66.49
C THR C 127 10.04 -30.75 -65.01
N TYR C 128 10.53 -29.63 -64.49
CA TYR C 128 10.15 -29.17 -63.17
C TYR C 128 8.69 -28.74 -63.25
N TRP C 129 8.03 -28.65 -62.10
CA TRP C 129 6.58 -28.55 -62.10
C TRP C 129 6.03 -27.15 -62.45
N ASN C 130 6.71 -26.08 -62.06
CA ASN C 130 6.12 -24.75 -62.26
C ASN C 130 5.79 -24.42 -63.72
N PRO C 131 6.69 -24.74 -64.67
CA PRO C 131 6.33 -24.55 -66.09
C PRO C 131 5.03 -25.23 -66.50
N VAL C 132 4.74 -26.38 -65.91
CA VAL C 132 3.49 -27.10 -66.18
C VAL C 132 2.29 -26.34 -65.57
N LEU C 133 2.40 -25.93 -64.30
CA LEU C 133 1.35 -25.10 -63.65
C LEU C 133 0.99 -23.85 -64.44
N ARG C 134 2.03 -23.18 -64.91
CA ARG C 134 1.87 -21.91 -65.63
C ARG C 134 1.13 -22.09 -66.97
N TYR C 135 1.53 -23.13 -67.69
CA TYR C 135 0.90 -23.54 -68.94
C TYR C 135 -0.54 -23.94 -68.70
N GLY C 136 -0.77 -24.63 -67.58
CA GLY C 136 -2.05 -25.31 -67.29
C GLY C 136 -1.84 -26.82 -67.36
N VAL C 137 -2.09 -27.52 -66.27
CA VAL C 137 -1.75 -28.95 -66.17
C VAL C 137 -2.51 -29.76 -67.20
N ASP C 138 -3.82 -29.56 -67.27
CA ASP C 138 -4.67 -30.24 -68.26
C ASP C 138 -4.26 -29.86 -69.69
N ALA C 139 -4.05 -28.58 -69.94
CA ALA C 139 -3.69 -28.10 -71.27
C ALA C 139 -2.34 -28.65 -71.75
N PHE C 140 -1.39 -28.71 -70.82
CA PHE C 140 -0.07 -29.26 -71.14
C PHE C 140 -0.17 -30.75 -71.47
N ALA C 141 -0.96 -31.48 -70.69
CA ALA C 141 -1.19 -32.90 -70.94
C ALA C 141 -1.80 -33.11 -72.30
N ARG C 142 -2.86 -32.34 -72.58
CA ARG C 142 -3.57 -32.36 -73.87
C ARG C 142 -2.61 -32.13 -75.04
N ASP C 143 -1.83 -31.06 -74.96
CA ASP C 143 -0.91 -30.69 -76.04
C ASP C 143 0.30 -31.62 -76.17
N LEU C 144 0.77 -32.15 -75.04
CA LEU C 144 1.84 -33.14 -75.05
C LEU C 144 1.38 -34.40 -75.78
N ALA C 145 0.19 -34.86 -75.42
CA ALA C 145 -0.44 -36.02 -76.07
C ALA C 145 -0.67 -35.80 -77.56
N ALA C 146 -1.09 -34.59 -77.94
CA ALA C 146 -1.33 -34.27 -79.36
C ALA C 146 -0.05 -34.25 -80.20
N ALA C 147 1.05 -33.83 -79.58
CA ALA C 147 2.38 -33.91 -80.21
C ALA C 147 2.94 -35.35 -80.35
N GLY C 148 2.26 -36.33 -79.77
CA GLY C 148 2.73 -37.73 -79.76
C GLY C 148 3.55 -38.10 -78.53
N GLY C 149 3.59 -37.21 -77.54
CA GLY C 149 4.30 -37.48 -76.28
C GLY C 149 3.67 -38.61 -75.50
N LEU C 150 4.49 -39.41 -74.84
CA LEU C 150 4.05 -40.63 -74.15
C LEU C 150 3.96 -40.51 -72.64
N GLY C 151 4.53 -39.46 -72.09
CA GLY C 151 4.54 -39.31 -70.64
C GLY C 151 5.39 -38.16 -70.11
N LEU C 152 5.48 -38.11 -68.79
CA LEU C 152 6.06 -36.99 -68.08
C LEU C 152 6.91 -37.48 -66.92
N ILE C 153 8.14 -36.99 -66.84
CA ILE C 153 9.04 -37.26 -65.72
C ILE C 153 9.03 -36.01 -64.85
N THR C 154 8.79 -36.18 -63.56
CA THR C 154 8.52 -35.06 -62.65
C THR C 154 9.44 -35.07 -61.41
N PRO C 155 10.65 -34.51 -61.54
CA PRO C 155 11.62 -34.59 -60.44
C PRO C 155 11.25 -33.84 -59.16
N ASP C 156 10.48 -32.76 -59.26
CA ASP C 156 10.03 -32.01 -58.05
C ASP C 156 8.53 -32.15 -57.74
N LEU C 157 7.89 -33.15 -58.34
CA LEU C 157 6.48 -33.47 -58.03
C LEU C 157 6.39 -34.87 -57.44
N ILE C 158 6.09 -34.92 -56.15
CA ILE C 158 5.83 -36.18 -55.44
C ILE C 158 4.33 -36.50 -55.60
N PRO C 159 3.94 -37.78 -55.47
CA PRO C 159 2.53 -38.13 -55.59
C PRO C 159 1.62 -37.32 -54.66
N ASP C 160 2.12 -37.00 -53.47
CA ASP C 160 1.39 -36.19 -52.46
C ASP C 160 0.75 -34.91 -53.02
N GLU C 161 1.37 -34.32 -54.03
CA GLU C 161 0.89 -33.09 -54.66
C GLU C 161 0.34 -33.29 -56.07
N ALA C 162 0.20 -34.54 -56.49
CA ALA C 162 -0.02 -34.86 -57.92
C ALA C 162 -1.47 -35.11 -58.32
N GLN C 163 -2.42 -34.56 -57.58
CA GLN C 163 -3.87 -34.84 -57.82
C GLN C 163 -4.31 -34.40 -59.21
N GLN C 164 -3.97 -33.16 -59.57
CA GLN C 164 -4.30 -32.62 -60.90
C GLN C 164 -3.60 -33.41 -62.01
N TRP C 165 -2.35 -33.77 -61.76
CA TRP C 165 -1.56 -34.53 -62.73
C TRP C 165 -2.10 -35.94 -62.92
N LEU C 166 -2.45 -36.61 -61.83
CA LEU C 166 -3.07 -37.94 -61.91
C LEU C 166 -4.30 -37.92 -62.82
N ALA C 167 -5.18 -36.93 -62.62
CA ALA C 167 -6.41 -36.79 -63.42
C ALA C 167 -6.10 -36.50 -64.89
N ALA C 168 -5.17 -35.58 -65.12
CA ALA C 168 -4.74 -35.23 -66.49
C ALA C 168 -4.07 -36.40 -67.20
N SER C 169 -3.26 -37.14 -66.44
CA SER C 169 -2.56 -38.33 -66.93
C SER C 169 -3.54 -39.42 -67.38
N GLU C 170 -4.55 -39.69 -66.57
CA GLU C 170 -5.57 -40.70 -66.90
C GLU C 170 -6.36 -40.30 -68.13
N GLU C 171 -6.75 -39.04 -68.18
CA GLU C 171 -7.59 -38.54 -69.28
C GLU C 171 -6.88 -38.50 -70.64
N HIS C 172 -5.62 -38.04 -70.66
CA HIS C 172 -4.87 -37.90 -71.92
C HIS C 172 -3.91 -39.06 -72.22
N ARG C 173 -4.04 -40.13 -71.44
CA ARG C 173 -3.31 -41.39 -71.64
C ARG C 173 -1.81 -41.18 -71.69
N LEU C 174 -1.27 -40.58 -70.64
CA LEU C 174 0.16 -40.32 -70.51
C LEU C 174 0.74 -41.08 -69.33
N ASP C 175 1.93 -41.64 -69.52
CA ASP C 175 2.65 -42.27 -68.42
C ASP C 175 3.13 -41.22 -67.45
N ARG C 176 3.24 -41.62 -66.19
CA ARG C 176 3.67 -40.71 -65.12
C ARG C 176 4.84 -41.38 -64.41
N ILE C 177 6.03 -40.85 -64.68
CA ILE C 177 7.27 -41.40 -64.17
C ILE C 177 7.68 -40.55 -62.99
N PHE C 178 7.50 -41.09 -61.79
CA PHE C 178 8.00 -40.46 -60.57
C PHE C 178 9.37 -41.02 -60.23
N LEU C 179 10.09 -40.30 -59.38
CA LEU C 179 11.42 -40.72 -58.94
C LEU C 179 11.37 -41.37 -57.57
N VAL C 180 12.18 -42.40 -57.38
CA VAL C 180 12.51 -42.93 -56.04
C VAL C 180 14.00 -42.76 -55.77
N ALA C 181 14.37 -42.81 -54.50
CA ALA C 181 15.74 -42.55 -54.08
C ALA C 181 16.22 -43.60 -53.09
N PRO C 182 17.54 -43.73 -52.91
CA PRO C 182 18.05 -44.64 -51.87
C PRO C 182 17.49 -44.32 -50.49
N SER C 183 17.33 -43.04 -50.18
CA SER C 183 16.80 -42.60 -48.88
C SER C 183 15.31 -42.88 -48.68
N SER C 184 14.58 -43.17 -49.76
CA SER C 184 13.13 -43.41 -49.69
C SER C 184 12.74 -44.44 -48.63
N THR C 185 11.80 -44.07 -47.76
CA THR C 185 11.28 -45.00 -46.74
C THR C 185 10.50 -46.11 -47.45
N PRO C 186 10.30 -47.26 -46.77
CA PRO C 186 9.49 -48.33 -47.37
C PRO C 186 8.09 -47.89 -47.78
N GLU C 187 7.45 -47.11 -46.93
CA GLU C 187 6.08 -46.66 -47.16
C GLU C 187 5.98 -45.75 -48.38
N ARG C 188 6.89 -44.78 -48.46
CA ARG C 188 6.93 -43.81 -49.58
C ARG C 188 7.36 -44.45 -50.88
N LEU C 189 8.27 -45.40 -50.81
CA LEU C 189 8.66 -46.17 -51.99
C LEU C 189 7.45 -46.91 -52.57
N ALA C 190 6.70 -47.59 -51.71
CA ALA C 190 5.48 -48.30 -52.14
C ALA C 190 4.47 -47.34 -52.78
N ALA C 191 4.21 -46.23 -52.10
CA ALA C 191 3.28 -45.19 -52.59
C ALA C 191 3.70 -44.58 -53.95
N THR C 192 5.00 -44.38 -54.12
CA THR C 192 5.54 -43.78 -55.36
C THR C 192 5.45 -44.75 -56.53
N VAL C 193 5.76 -46.02 -56.27
CA VAL C 193 5.70 -47.07 -57.29
C VAL C 193 4.24 -47.30 -57.74
N GLU C 194 3.34 -47.40 -56.77
CA GLU C 194 1.88 -47.50 -57.01
C GLU C 194 1.33 -46.35 -57.88
N ALA C 195 1.83 -45.13 -57.65
CA ALA C 195 1.39 -43.93 -58.39
C ALA C 195 1.97 -43.81 -59.80
N SER C 196 3.05 -44.55 -60.07
CA SER C 196 3.74 -44.49 -61.36
C SER C 196 3.10 -45.39 -62.41
N ARG C 197 3.08 -44.92 -63.66
CA ARG C 197 2.76 -45.74 -64.84
C ARG C 197 3.91 -45.59 -65.85
N GLY C 198 4.24 -46.67 -66.55
CA GLY C 198 5.31 -46.66 -67.55
C GLY C 198 6.60 -47.20 -66.97
N PHE C 199 7.34 -46.35 -66.27
CA PHE C 199 8.48 -46.79 -65.46
C PHE C 199 8.72 -45.91 -64.24
N VAL C 200 9.55 -46.40 -63.33
CA VAL C 200 10.01 -45.64 -62.17
C VAL C 200 11.47 -45.23 -62.40
N TYR C 201 11.76 -43.95 -62.22
CA TYR C 201 13.11 -43.42 -62.37
C TYR C 201 13.80 -43.60 -61.03
N ALA C 202 14.68 -44.58 -60.95
CA ALA C 202 15.51 -44.78 -59.76
C ALA C 202 16.79 -43.96 -59.88
N ALA C 203 16.79 -42.83 -59.19
CA ALA C 203 17.89 -41.86 -59.27
C ALA C 203 18.88 -42.04 -58.13
N SER C 204 20.17 -41.94 -58.46
CA SER C 204 21.24 -41.76 -57.47
C SER C 204 22.40 -41.01 -58.08
N SER C 216 27.72 -47.10 -55.01
CA SER C 216 28.44 -48.21 -54.80
C SER C 216 27.52 -49.42 -55.08
N GLN C 217 26.79 -49.93 -54.08
CA GLN C 217 25.76 -50.94 -54.30
C GLN C 217 24.33 -50.36 -54.13
N ALA C 218 24.21 -49.03 -54.20
CA ALA C 218 22.95 -48.34 -53.92
C ALA C 218 21.92 -48.55 -55.02
N ALA C 219 22.36 -48.43 -56.27
CA ALA C 219 21.48 -48.60 -57.43
C ALA C 219 20.82 -49.97 -57.54
N PRO C 220 21.59 -51.07 -57.51
CA PRO C 220 20.94 -52.39 -57.54
C PRO C 220 20.03 -52.68 -56.31
N GLU C 221 20.42 -52.17 -55.17
CA GLU C 221 19.64 -52.31 -53.93
C GLU C 221 18.29 -51.59 -54.04
N LEU C 222 18.31 -50.38 -54.61
CA LEU C 222 17.09 -49.60 -54.83
C LEU C 222 16.19 -50.23 -55.87
N VAL C 223 16.78 -50.70 -56.96
CA VAL C 223 16.02 -51.47 -57.98
C VAL C 223 15.40 -52.74 -57.36
N GLY C 224 16.18 -53.43 -56.54
CA GLY C 224 15.71 -54.60 -55.80
C GLY C 224 14.47 -54.36 -54.94
N ARG C 225 14.47 -53.23 -54.24
CA ARG C 225 13.32 -52.84 -53.38
C ARG C 225 12.05 -52.49 -54.17
N VAL C 226 12.21 -51.96 -55.38
CA VAL C 226 11.07 -51.72 -56.27
C VAL C 226 10.51 -53.03 -56.83
N LYS C 227 11.39 -53.94 -57.22
CA LYS C 227 10.99 -55.27 -57.71
C LYS C 227 10.22 -56.11 -56.67
N ALA C 228 10.50 -55.89 -55.39
CA ALA C 228 9.86 -56.62 -54.29
C ALA C 228 8.37 -56.27 -54.10
N VAL C 229 7.94 -55.11 -54.59
CA VAL C 229 6.53 -54.68 -54.45
C VAL C 229 5.78 -54.46 -55.78
N SER C 230 6.46 -54.60 -56.91
CA SER C 230 5.84 -54.29 -58.21
C SER C 230 6.62 -54.81 -59.40
N ASP C 231 5.91 -55.08 -60.49
CA ASP C 231 6.49 -55.56 -61.76
C ASP C 231 6.69 -54.44 -62.80
N ILE C 232 6.50 -53.19 -62.38
CA ILE C 232 6.73 -52.03 -63.24
C ILE C 232 8.21 -51.91 -63.61
N PRO C 233 8.51 -51.57 -64.88
CA PRO C 233 9.92 -51.33 -65.26
C PRO C 233 10.61 -50.25 -64.45
N VAL C 234 11.91 -50.43 -64.24
CA VAL C 234 12.73 -49.49 -63.48
C VAL C 234 13.87 -48.99 -64.36
N GLY C 235 13.95 -47.67 -64.51
CA GLY C 235 15.08 -47.03 -65.19
C GLY C 235 16.08 -46.55 -64.15
N VAL C 236 17.37 -46.63 -64.49
CA VAL C 236 18.44 -46.25 -63.56
C VAL C 236 19.32 -45.17 -64.19
N GLY C 237 19.46 -44.06 -63.46
CA GLY C 237 20.34 -42.94 -63.82
C GLY C 237 21.48 -42.79 -62.81
N LEU C 238 22.71 -42.93 -63.29
CA LEU C 238 23.91 -43.12 -62.45
C LEU C 238 25.14 -42.35 -62.96
N GLY C 239 24.90 -41.29 -63.73
CA GLY C 239 26.00 -40.58 -64.42
C GLY C 239 26.77 -41.50 -65.36
N VAL C 240 26.04 -42.20 -66.22
CA VAL C 240 26.63 -43.16 -67.14
C VAL C 240 27.40 -42.44 -68.25
N ARG C 241 28.65 -42.83 -68.46
CA ARG C 241 29.50 -42.23 -69.50
C ARG C 241 29.90 -43.18 -70.61
N SER C 242 29.84 -44.47 -70.36
CA SER C 242 30.54 -45.46 -71.20
C SER C 242 29.71 -46.72 -71.43
N ARG C 243 30.19 -47.49 -72.41
CA ARG C 243 29.58 -48.76 -72.78
C ARG C 243 29.55 -49.74 -71.60
N ALA C 244 30.69 -49.89 -70.93
CA ALA C 244 30.81 -50.80 -69.77
C ALA C 244 29.83 -50.46 -68.66
N GLN C 245 29.68 -49.17 -68.36
CA GLN C 245 28.75 -48.73 -67.31
C GLN C 245 27.29 -49.03 -67.63
N ALA C 246 26.91 -48.81 -68.88
CA ALA C 246 25.56 -49.15 -69.36
C ALA C 246 25.27 -50.64 -69.29
N ALA C 247 26.29 -51.45 -69.54
CA ALA C 247 26.18 -52.91 -69.49
C ALA C 247 25.95 -53.41 -68.07
N GLN C 248 26.70 -52.87 -67.12
CA GLN C 248 26.52 -53.19 -65.69
C GLN C 248 25.11 -52.93 -65.22
N ILE C 249 24.57 -51.80 -65.61
CA ILE C 249 23.22 -51.38 -65.21
C ILE C 249 22.17 -52.28 -65.86
N ALA C 250 22.41 -52.67 -67.10
CA ALA C 250 21.46 -53.53 -67.86
C ALA C 250 21.25 -54.93 -67.27
N GLN C 251 22.18 -55.37 -66.43
CA GLN C 251 22.07 -56.67 -65.72
C GLN C 251 20.91 -56.74 -64.75
N TYR C 252 20.55 -55.61 -64.15
CA TYR C 252 19.46 -55.53 -63.15
C TYR C 252 18.30 -54.57 -63.50
N ALA C 253 18.59 -53.51 -64.25
CA ALA C 253 17.58 -52.51 -64.60
C ALA C 253 16.93 -52.79 -65.95
N ASP C 254 15.67 -52.42 -66.08
CA ASP C 254 14.94 -52.55 -67.35
C ASP C 254 15.32 -51.43 -68.32
N GLY C 255 15.76 -50.30 -67.77
CA GLY C 255 16.21 -49.16 -68.57
C GLY C 255 17.47 -48.49 -68.03
N VAL C 256 18.30 -48.03 -68.95
CA VAL C 256 19.51 -47.27 -68.63
C VAL C 256 19.25 -45.85 -69.09
N ILE C 257 19.32 -44.91 -68.15
CA ILE C 257 19.10 -43.47 -68.41
C ILE C 257 20.43 -42.75 -68.52
N VAL C 258 20.62 -42.04 -69.63
CA VAL C 258 21.84 -41.27 -69.89
C VAL C 258 21.46 -39.84 -70.27
N GLY C 259 22.19 -38.88 -69.72
CA GLY C 259 21.90 -37.44 -69.93
C GLY C 259 23.14 -36.58 -69.96
N SER C 260 23.77 -36.41 -68.81
CA SER C 260 25.03 -35.65 -68.70
C SER C 260 26.02 -35.98 -69.84
N ALA C 261 26.27 -37.26 -70.06
CA ALA C 261 27.23 -37.69 -71.08
C ALA C 261 26.79 -37.34 -72.50
N LEU C 262 25.48 -37.38 -72.76
CA LEU C 262 24.95 -37.00 -74.07
C LEU C 262 25.12 -35.51 -74.34
N VAL C 263 24.90 -34.69 -73.32
CA VAL C 263 25.10 -33.24 -73.43
C VAL C 263 26.59 -32.94 -73.71
N THR C 264 27.47 -33.49 -72.88
CA THR C 264 28.92 -33.37 -73.09
C THR C 264 29.31 -33.75 -74.52
N ALA C 265 28.72 -34.81 -75.05
CA ALA C 265 29.02 -35.29 -76.42
C ALA C 265 28.58 -34.28 -77.48
N LEU C 266 27.37 -33.78 -77.33
CA LEU C 266 26.80 -32.76 -78.24
C LEU C 266 27.60 -31.46 -78.27
N THR C 267 28.12 -31.05 -77.11
CA THR C 267 28.97 -29.86 -77.01
C THR C 267 30.22 -29.96 -77.90
N GLU C 268 30.84 -31.12 -77.93
CA GLU C 268 31.99 -31.35 -78.84
C GLU C 268 31.53 -31.40 -80.29
N GLY C 269 30.44 -32.12 -80.56
CA GLY C 269 29.86 -32.16 -81.90
C GLY C 269 28.76 -33.19 -82.06
N LEU C 270 27.95 -32.98 -83.09
CA LEU C 270 26.87 -33.91 -83.45
C LEU C 270 27.38 -35.31 -83.84
N PRO C 271 28.53 -35.41 -84.55
CA PRO C 271 29.09 -36.75 -84.82
C PRO C 271 29.53 -37.49 -83.55
N ARG C 272 30.10 -36.75 -82.61
CA ARG C 272 30.50 -37.32 -81.33
C ARG C 272 29.30 -37.88 -80.54
N LEU C 273 28.14 -37.26 -80.68
CA LEU C 273 26.91 -37.76 -80.05
C LEU C 273 26.46 -39.08 -80.67
N ARG C 274 26.48 -39.16 -82.00
CA ARG C 274 26.11 -40.40 -82.68
C ARG C 274 26.99 -41.55 -82.21
N ALA C 275 28.31 -41.34 -82.22
CA ALA C 275 29.29 -42.36 -81.84
C ALA C 275 29.05 -42.87 -80.42
N LEU C 276 28.85 -41.94 -79.49
CA LEU C 276 28.58 -42.30 -78.08
C LEU C 276 27.27 -43.04 -77.92
N THR C 277 26.22 -42.55 -78.57
CA THR C 277 24.91 -43.20 -78.48
C THR C 277 24.95 -44.63 -79.02
N GLY C 278 25.68 -44.84 -80.10
CA GLY C 278 25.91 -46.18 -80.67
C GLY C 278 26.68 -47.13 -79.75
N GLU C 279 27.64 -46.58 -79.02
CA GLU C 279 28.38 -47.33 -77.98
C GLU C 279 27.47 -47.74 -76.82
N LEU C 280 26.62 -46.82 -76.39
CA LEU C 280 25.66 -47.11 -75.32
C LEU C 280 24.58 -48.10 -75.76
N ALA C 281 24.19 -48.02 -77.03
CA ALA C 281 23.23 -48.97 -77.61
C ALA C 281 23.76 -50.41 -77.56
N ALA C 282 25.05 -50.56 -77.81
CA ALA C 282 25.72 -51.87 -77.70
C ALA C 282 25.82 -52.34 -76.24
N GLY C 283 26.05 -51.39 -75.34
CA GLY C 283 26.12 -51.65 -73.91
C GLY C 283 24.90 -52.32 -73.31
N VAL C 284 23.72 -51.80 -73.63
CA VAL C 284 22.46 -52.35 -73.09
C VAL C 284 22.08 -53.75 -73.60
N ARG C 285 22.66 -54.18 -74.72
CA ARG C 285 22.40 -55.54 -75.31
C ARG C 285 23.16 -56.71 -74.74
N LEU C 286 23.99 -56.52 -73.84
CA LEU C 286 24.65 -57.68 -73.26
C LEU C 286 23.93 -58.47 -72.30
N THR D 41 -3.44 -25.74 -33.93
CA THR D 41 -4.27 -24.70 -33.90
C THR D 41 -5.04 -24.26 -35.14
N SER D 42 -5.84 -23.23 -34.90
CA SER D 42 -6.69 -22.64 -35.90
C SER D 42 -5.92 -22.26 -37.19
N HIS D 43 -4.67 -21.81 -37.03
CA HIS D 43 -3.87 -21.29 -38.14
C HIS D 43 -2.89 -22.28 -38.76
N ASP D 44 -2.74 -23.46 -38.16
CA ASP D 44 -1.81 -24.47 -38.68
C ASP D 44 -2.29 -25.12 -39.98
N PRO D 45 -1.36 -25.67 -40.79
CA PRO D 45 -1.75 -26.37 -41.99
C PRO D 45 -2.12 -27.82 -41.68
N ASP D 46 -2.61 -28.54 -42.69
CA ASP D 46 -2.86 -29.97 -42.55
C ASP D 46 -1.54 -30.75 -42.48
N SER D 47 -1.61 -32.07 -42.31
CA SER D 47 -0.41 -32.92 -42.17
C SER D 47 0.52 -32.92 -43.39
N GLY D 48 -0.03 -32.60 -44.57
CA GLY D 48 0.74 -32.39 -45.80
C GLY D 48 1.40 -31.03 -45.96
N GLY D 49 1.06 -30.10 -45.08
CA GLY D 49 1.64 -28.75 -45.08
C GLY D 49 0.84 -27.72 -45.84
N HIS D 50 -0.43 -28.00 -46.09
CA HIS D 50 -1.27 -27.10 -46.86
C HIS D 50 -2.06 -26.13 -45.99
N PHE D 51 -1.98 -24.84 -46.33
CA PHE D 51 -2.82 -23.80 -45.72
C PHE D 51 -4.04 -23.52 -46.60
N GLY D 52 -5.21 -23.40 -45.97
CA GLY D 52 -6.42 -22.90 -46.64
C GLY D 52 -7.15 -23.94 -47.45
N GLY D 53 -6.84 -25.21 -47.15
CA GLY D 53 -7.50 -26.32 -47.74
C GLY D 53 -6.98 -26.60 -49.07
N PRO D 54 -7.91 -26.53 -49.95
CA PRO D 54 -7.70 -27.10 -51.15
C PRO D 54 -7.00 -26.19 -52.18
N SER D 55 -6.84 -25.01 -51.88
CA SER D 55 -5.96 -24.19 -52.72
C SER D 55 -4.61 -24.54 -52.71
N GLY D 56 -4.30 -24.94 -51.52
CA GLY D 56 -3.21 -25.52 -51.43
C GLY D 56 -1.94 -24.78 -51.26
N TRP D 57 -1.95 -23.68 -50.51
CA TRP D 57 -0.70 -22.98 -50.27
C TRP D 57 0.19 -23.85 -49.40
N GLY D 58 1.47 -23.89 -49.75
CA GLY D 58 2.48 -24.63 -48.99
C GLY D 58 2.75 -25.97 -49.61
N GLY D 59 2.67 -27.01 -48.80
CA GLY D 59 2.93 -28.36 -49.26
C GLY D 59 4.41 -28.62 -49.41
N ARG D 60 4.71 -29.62 -50.23
CA ARG D 60 6.07 -30.11 -50.43
C ARG D 60 6.33 -30.37 -51.91
N TYR D 61 7.01 -29.43 -52.55
CA TYR D 61 7.42 -29.58 -53.95
C TYR D 61 8.91 -29.83 -53.98
N VAL D 62 9.23 -31.09 -53.72
CA VAL D 62 10.60 -31.55 -53.52
C VAL D 62 10.75 -32.88 -54.21
N PRO D 63 11.99 -33.30 -54.47
CA PRO D 63 12.20 -34.64 -55.03
C PRO D 63 12.08 -35.74 -53.98
N GLU D 64 11.68 -36.92 -54.43
CA GLU D 64 11.54 -38.08 -53.55
C GLU D 64 12.84 -38.33 -52.76
N ALA D 65 13.98 -38.03 -53.37
CA ALA D 65 15.30 -38.13 -52.70
C ALA D 65 15.41 -37.38 -51.38
N LEU D 66 14.63 -36.31 -51.23
CA LEU D 66 14.59 -35.53 -49.98
C LEU D 66 13.54 -35.95 -48.97
N MET D 67 12.60 -36.81 -49.36
CA MET D 67 11.41 -37.04 -48.53
C MET D 67 11.69 -37.78 -47.23
N ALA D 68 12.66 -38.70 -47.25
CA ALA D 68 13.06 -39.41 -46.03
C ALA D 68 13.52 -38.44 -44.93
N VAL D 69 14.38 -37.49 -45.29
CA VAL D 69 14.88 -36.50 -44.30
C VAL D 69 13.86 -35.42 -43.97
N ILE D 70 13.07 -35.01 -44.94
CA ILE D 70 11.94 -34.13 -44.66
C ILE D 70 10.94 -34.76 -43.67
N GLU D 71 10.61 -36.03 -43.87
CA GLU D 71 9.72 -36.76 -42.94
C GLU D 71 10.38 -36.96 -41.57
N GLU D 72 11.69 -37.18 -41.57
CA GLU D 72 12.48 -37.30 -40.33
C GLU D 72 12.44 -36.01 -39.49
N VAL D 73 12.66 -34.88 -40.14
CA VAL D 73 12.64 -33.56 -39.49
C VAL D 73 11.23 -33.23 -38.98
N THR D 74 10.23 -33.52 -39.80
CA THR D 74 8.83 -33.26 -39.43
C THR D 74 8.46 -34.02 -38.16
N ALA D 75 8.77 -35.31 -38.14
CA ALA D 75 8.49 -36.18 -36.98
C ALA D 75 9.24 -35.72 -35.73
N ALA D 76 10.50 -35.32 -35.90
CA ALA D 76 11.33 -34.86 -34.77
C ALA D 76 10.81 -33.56 -34.18
N TYR D 77 10.37 -32.67 -35.05
CA TYR D 77 9.75 -31.42 -34.62
C TYR D 77 8.47 -31.66 -33.82
N GLN D 78 7.59 -32.51 -34.35
CA GLN D 78 6.32 -32.83 -33.68
C GLN D 78 6.54 -33.43 -32.30
N LYS D 79 7.54 -34.29 -32.18
CA LYS D 79 7.94 -34.86 -30.89
C LYS D 79 8.49 -33.79 -29.93
N GLU D 80 9.45 -33.00 -30.42
CA GLU D 80 10.19 -32.06 -29.55
C GLU D 80 9.42 -30.80 -29.15
N ARG D 81 8.52 -30.32 -30.01
CA ARG D 81 7.70 -29.15 -29.68
C ARG D 81 6.82 -29.30 -28.41
N VAL D 82 6.53 -30.55 -28.02
CA VAL D 82 5.74 -30.83 -26.79
C VAL D 82 6.57 -31.47 -25.65
N SER D 83 7.89 -31.51 -25.82
CA SER D 83 8.80 -32.02 -24.82
C SER D 83 9.25 -30.87 -23.92
N GLN D 84 8.96 -30.97 -22.63
CA GLN D 84 9.33 -29.92 -21.68
C GLN D 84 10.86 -29.69 -21.61
N ASP D 85 11.63 -30.76 -21.72
CA ASP D 85 13.09 -30.64 -21.74
C ASP D 85 13.58 -29.76 -22.89
N PHE D 86 13.01 -29.94 -24.07
CA PHE D 86 13.37 -29.16 -25.26
C PHE D 86 12.97 -27.70 -25.07
N LEU D 87 11.74 -27.47 -24.62
CA LEU D 87 11.25 -26.11 -24.41
C LEU D 87 12.01 -25.38 -23.31
N ASP D 88 12.36 -26.10 -22.26
CA ASP D 88 13.24 -25.57 -21.20
C ASP D 88 14.61 -25.18 -21.73
N ASP D 89 15.20 -26.02 -22.56
CA ASP D 89 16.50 -25.72 -23.18
C ASP D 89 16.42 -24.49 -24.07
N LEU D 90 15.39 -24.42 -24.90
CA LEU D 90 15.19 -23.28 -25.80
C LEU D 90 14.98 -21.99 -25.02
N ASP D 91 14.16 -22.07 -23.99
CA ASP D 91 13.88 -20.93 -23.12
C ASP D 91 15.13 -20.39 -22.40
N ARG D 92 15.90 -21.30 -21.84
CA ARG D 92 17.14 -20.97 -21.10
C ARG D 92 18.12 -20.22 -22.00
N LEU D 93 18.28 -20.71 -23.23
CA LEU D 93 19.12 -20.04 -24.23
C LEU D 93 18.53 -18.68 -24.67
N GLN D 94 17.23 -18.61 -24.90
CA GLN D 94 16.61 -17.33 -25.27
C GLN D 94 16.86 -16.25 -24.23
N ALA D 95 16.75 -16.61 -22.95
CA ALA D 95 16.92 -15.66 -21.86
C ALA D 95 18.38 -15.31 -21.65
N ASN D 96 19.19 -16.30 -21.30
CA ASN D 96 20.56 -16.06 -20.85
C ASN D 96 21.61 -15.84 -21.96
N TYR D 97 21.35 -16.38 -23.15
CA TYR D 97 22.31 -16.33 -24.25
C TYR D 97 21.93 -15.27 -25.26
N ALA D 98 20.69 -15.28 -25.70
CA ALA D 98 20.19 -14.38 -26.74
C ALA D 98 19.68 -13.04 -26.23
N GLY D 99 19.39 -12.97 -24.93
CA GLY D 99 18.96 -11.72 -24.30
C GLY D 99 17.50 -11.35 -24.39
N ARG D 100 16.62 -12.34 -24.54
CA ARG D 100 15.17 -12.07 -24.58
C ARG D 100 14.62 -11.75 -23.19
N PRO D 101 13.52 -10.99 -23.09
CA PRO D 101 12.81 -10.37 -24.20
C PRO D 101 13.52 -9.14 -24.79
N SER D 102 13.23 -8.86 -26.05
CA SER D 102 13.66 -7.62 -26.67
C SER D 102 12.68 -6.57 -26.21
N PRO D 103 13.14 -5.32 -26.06
CA PRO D 103 12.23 -4.28 -25.62
C PRO D 103 11.36 -3.73 -26.75
N LEU D 104 10.32 -3.01 -26.33
CA LEU D 104 9.43 -2.26 -27.20
C LEU D 104 9.66 -0.80 -26.88
N TYR D 105 10.07 -0.02 -27.88
CA TYR D 105 10.48 1.39 -27.69
C TYR D 105 9.62 2.37 -28.48
N GLU D 106 9.01 3.33 -27.79
CA GLU D 106 8.21 4.35 -28.47
C GLU D 106 9.15 5.42 -29.05
N ALA D 107 9.25 5.43 -30.37
CA ALA D 107 10.11 6.38 -31.10
C ALA D 107 9.40 7.74 -31.29
N THR D 108 9.38 8.52 -30.23
CA THR D 108 8.58 9.76 -30.21
C THR D 108 9.08 10.83 -31.20
N ARG D 109 10.38 10.82 -31.49
CA ARG D 109 10.96 11.78 -32.44
C ARG D 109 10.64 11.43 -33.91
N LEU D 110 10.15 10.22 -34.16
CA LEU D 110 9.61 9.88 -35.48
C LEU D 110 8.18 10.38 -35.71
N SER D 111 7.48 10.68 -34.63
CA SER D 111 6.03 10.93 -34.70
C SER D 111 5.65 12.00 -35.71
N GLN D 112 6.38 13.12 -35.70
CA GLN D 112 6.09 14.26 -36.61
C GLN D 112 6.32 13.92 -38.10
N HIS D 113 7.11 12.87 -38.36
CA HIS D 113 7.32 12.37 -39.73
C HIS D 113 6.33 11.26 -40.12
N ALA D 114 5.41 10.95 -39.22
CA ALA D 114 4.45 9.87 -39.40
C ALA D 114 3.02 10.31 -39.08
N GLY D 115 2.67 11.53 -39.50
CA GLY D 115 1.34 12.11 -39.25
C GLY D 115 0.94 12.24 -37.79
N SER D 116 1.92 12.40 -36.92
CA SER D 116 1.73 12.45 -35.45
C SER D 116 1.22 11.13 -34.84
N ALA D 117 1.34 10.04 -35.59
CA ALA D 117 1.05 8.71 -35.06
C ALA D 117 2.16 8.30 -34.10
N ARG D 118 1.94 7.23 -33.37
CA ARG D 118 2.90 6.75 -32.37
C ARG D 118 3.54 5.47 -32.87
N ILE D 119 4.81 5.58 -33.24
CA ILE D 119 5.59 4.44 -33.74
C ILE D 119 6.30 3.73 -32.58
N PHE D 120 5.96 2.46 -32.36
CA PHE D 120 6.64 1.63 -31.37
C PHE D 120 7.54 0.63 -32.09
N LEU D 121 8.82 0.64 -31.74
CA LEU D 121 9.80 -0.24 -32.36
C LEU D 121 10.02 -1.48 -31.51
N LYS D 122 9.74 -2.64 -32.07
CA LYS D 122 10.03 -3.92 -31.41
C LYS D 122 11.48 -4.25 -31.72
N ARG D 123 12.33 -4.22 -30.70
CA ARG D 123 13.78 -4.12 -30.90
C ARG D 123 14.50 -5.46 -31.06
N GLU D 124 14.21 -6.16 -32.15
CA GLU D 124 14.92 -7.40 -32.46
C GLU D 124 16.40 -7.14 -32.81
N ASP D 125 16.71 -5.91 -33.20
CA ASP D 125 18.11 -5.45 -33.38
C ASP D 125 19.04 -5.66 -32.19
N LEU D 126 18.48 -5.72 -30.99
CA LEU D 126 19.26 -5.92 -29.77
C LEU D 126 19.54 -7.38 -29.40
N ASN D 127 18.98 -8.33 -30.16
CA ASN D 127 19.26 -9.77 -29.90
C ASN D 127 20.72 -10.09 -30.18
N HIS D 128 21.22 -11.13 -29.52
CA HIS D 128 22.53 -11.70 -29.86
C HIS D 128 22.60 -11.98 -31.35
N THR D 129 23.70 -11.54 -31.98
CA THR D 129 23.95 -11.59 -33.44
C THR D 129 23.30 -10.45 -34.23
N GLY D 130 22.37 -9.73 -33.62
CA GLY D 130 21.84 -8.50 -34.19
C GLY D 130 20.61 -8.61 -35.06
N SER D 131 19.89 -9.72 -34.93
CA SER D 131 18.62 -9.86 -35.64
C SER D 131 17.70 -10.90 -35.03
N HIS D 132 16.48 -10.95 -35.55
CA HIS D 132 15.52 -12.00 -35.25
C HIS D 132 15.96 -13.41 -35.65
N LYS D 133 16.89 -13.55 -36.57
CA LYS D 133 17.28 -14.87 -37.08
C LYS D 133 17.66 -15.85 -35.99
N ILE D 134 18.27 -15.35 -34.93
CA ILE D 134 18.73 -16.20 -33.82
C ILE D 134 17.60 -17.01 -33.17
N ASN D 135 16.37 -16.48 -33.17
CA ASN D 135 15.21 -17.16 -32.55
C ASN D 135 14.97 -18.53 -33.17
N ASN D 136 14.83 -18.52 -34.50
CA ASN D 136 14.65 -19.71 -35.31
C ASN D 136 15.86 -20.65 -35.26
N VAL D 137 17.05 -20.08 -35.29
CA VAL D 137 18.28 -20.87 -35.28
C VAL D 137 18.46 -21.67 -34.00
N LEU D 138 18.21 -21.08 -32.84
CA LEU D 138 18.37 -21.82 -31.57
C LEU D 138 17.42 -23.03 -31.51
N GLY D 139 16.20 -22.83 -31.97
CA GLY D 139 15.22 -23.90 -32.08
C GLY D 139 15.70 -25.01 -32.99
N GLN D 140 16.03 -24.68 -34.23
CA GLN D 140 16.43 -25.68 -35.22
C GLN D 140 17.77 -26.36 -34.90
N ALA D 141 18.69 -25.62 -34.30
CA ALA D 141 20.00 -26.18 -33.93
C ALA D 141 19.88 -27.15 -32.78
N LEU D 142 19.06 -26.80 -31.78
CA LEU D 142 18.73 -27.76 -30.71
C LEU D 142 18.09 -29.02 -31.27
N LEU D 143 17.21 -28.83 -32.24
CA LEU D 143 16.54 -29.95 -32.91
C LEU D 143 17.51 -30.83 -33.68
N ALA D 144 18.49 -30.22 -34.34
CA ALA D 144 19.50 -30.96 -35.09
C ALA D 144 20.26 -31.93 -34.17
N ARG D 145 20.64 -31.42 -33.02
CA ARG D 145 21.33 -32.20 -32.00
C ARG D 145 20.46 -33.32 -31.45
N ARG D 146 19.19 -33.04 -31.20
CA ARG D 146 18.23 -34.07 -30.75
C ARG D 146 18.10 -35.22 -31.75
N MET D 147 18.14 -34.89 -33.05
CA MET D 147 18.05 -35.86 -34.13
C MET D 147 19.35 -36.67 -34.37
N GLY D 148 20.44 -36.26 -33.73
CA GLY D 148 21.74 -36.92 -33.91
C GLY D 148 22.47 -36.56 -35.19
N LYS D 149 22.06 -35.46 -35.82
CA LYS D 149 22.76 -34.93 -37.00
C LYS D 149 24.08 -34.28 -36.58
N THR D 150 25.11 -34.44 -37.42
CA THR D 150 26.48 -34.00 -37.09
C THR D 150 26.99 -32.84 -37.91
N ARG D 151 26.13 -32.34 -38.78
CA ARG D 151 26.52 -31.31 -39.74
C ARG D 151 25.30 -30.45 -40.01
N VAL D 152 25.50 -29.15 -40.01
CA VAL D 152 24.42 -28.20 -40.28
C VAL D 152 24.78 -27.34 -41.49
N ILE D 153 23.84 -27.18 -42.40
CA ILE D 153 24.01 -26.28 -43.54
C ILE D 153 22.95 -25.22 -43.53
N ALA D 154 23.30 -24.07 -44.10
CA ALA D 154 22.39 -22.94 -44.22
C ALA D 154 22.72 -22.04 -45.40
N GLU D 155 21.68 -21.41 -45.91
CA GLU D 155 21.77 -20.33 -46.88
C GLU D 155 21.78 -18.99 -46.15
N THR D 156 22.39 -17.98 -46.73
CA THR D 156 22.24 -16.62 -46.22
C THR D 156 22.37 -15.58 -47.33
N GLY D 157 21.61 -14.49 -47.17
CA GLY D 157 21.65 -13.33 -48.10
C GLY D 157 22.29 -12.13 -47.43
N ALA D 158 21.63 -11.61 -46.40
CA ALA D 158 22.22 -10.54 -45.60
C ALA D 158 23.39 -10.99 -44.72
N GLY D 159 23.51 -12.30 -44.50
CA GLY D 159 24.56 -12.85 -43.64
C GLY D 159 24.19 -12.98 -42.17
N GLN D 160 22.98 -12.56 -41.82
CA GLN D 160 22.50 -12.58 -40.43
C GLN D 160 22.07 -13.99 -40.03
N HIS D 161 21.41 -14.69 -40.94
CA HIS D 161 21.06 -16.09 -40.70
C HIS D 161 22.31 -16.95 -40.67
N GLY D 162 23.24 -16.65 -41.58
CA GLY D 162 24.54 -17.34 -41.61
C GLY D 162 25.29 -17.19 -40.30
N VAL D 163 25.35 -15.97 -39.80
CA VAL D 163 26.03 -15.66 -38.54
C VAL D 163 25.32 -16.33 -37.35
N ALA D 164 24.00 -16.27 -37.33
CA ALA D 164 23.23 -16.93 -36.28
C ALA D 164 23.46 -18.44 -36.28
N THR D 165 23.38 -19.05 -37.46
CA THR D 165 23.62 -20.48 -37.60
C THR D 165 25.02 -20.89 -37.12
N ALA D 166 26.01 -20.15 -37.57
CA ALA D 166 27.41 -20.36 -37.13
C ALA D 166 27.54 -20.24 -35.61
N THR D 167 26.94 -19.19 -35.06
CA THR D 167 26.84 -18.97 -33.63
C THR D 167 26.30 -20.22 -32.88
N ALA D 168 25.13 -20.68 -33.27
CA ALA D 168 24.53 -21.86 -32.61
C ALA D 168 25.39 -23.11 -32.76
N CYS D 169 25.99 -23.28 -33.94
CA CYS D 169 26.86 -24.43 -34.17
C CYS D 169 28.15 -24.39 -33.37
N ALA D 170 28.68 -23.21 -33.14
CA ALA D 170 29.83 -23.04 -32.23
C ALA D 170 29.42 -23.47 -30.82
N LEU D 171 28.30 -22.93 -30.39
CA LEU D 171 27.72 -23.21 -29.08
C LEU D 171 27.45 -24.69 -28.81
N LEU D 172 26.99 -25.39 -29.82
CA LEU D 172 26.61 -26.81 -29.69
C LEU D 172 27.61 -27.81 -30.26
N GLY D 173 28.69 -27.30 -30.86
CA GLY D 173 29.75 -28.17 -31.38
C GLY D 173 29.36 -28.94 -32.62
N LEU D 174 28.63 -28.31 -33.53
CA LEU D 174 28.22 -28.91 -34.81
C LEU D 174 29.07 -28.37 -35.95
N ASP D 175 29.46 -29.21 -36.91
CA ASP D 175 30.08 -28.70 -38.15
C ASP D 175 29.07 -27.83 -38.89
N CYS D 176 29.56 -26.75 -39.49
CA CYS D 176 28.71 -25.74 -40.11
C CYS D 176 29.22 -25.30 -41.48
N VAL D 177 28.33 -25.28 -42.45
CA VAL D 177 28.64 -24.81 -43.80
C VAL D 177 27.55 -23.85 -44.23
N ILE D 178 27.94 -22.62 -44.57
CA ILE D 178 26.99 -21.59 -45.00
C ILE D 178 27.16 -21.32 -46.48
N TYR D 179 26.08 -21.35 -47.22
CA TYR D 179 26.06 -20.99 -48.65
C TYR D 179 25.60 -19.55 -48.79
N MET D 180 26.36 -18.75 -49.53
CA MET D 180 26.12 -17.31 -49.69
C MET D 180 26.42 -16.88 -51.11
N GLY D 181 25.48 -16.19 -51.73
CA GLY D 181 25.65 -15.71 -53.09
C GLY D 181 26.85 -14.76 -53.18
N GLY D 182 27.58 -14.84 -54.28
CA GLY D 182 28.80 -14.04 -54.49
C GLY D 182 28.64 -12.52 -54.43
N ILE D 183 27.52 -12.02 -54.89
CA ILE D 183 27.19 -10.58 -54.82
C ILE D 183 26.95 -10.21 -53.36
N ASP D 184 26.31 -11.10 -52.61
CA ASP D 184 26.06 -10.90 -51.18
C ASP D 184 27.36 -10.96 -50.35
N THR D 185 28.29 -11.83 -50.69
CA THR D 185 29.57 -11.90 -49.95
C THR D 185 30.32 -10.57 -50.00
N ALA D 186 30.20 -9.90 -51.14
CA ALA D 186 30.84 -8.60 -51.36
C ALA D 186 30.17 -7.45 -50.60
N ARG D 187 28.84 -7.37 -50.67
CA ARG D 187 28.08 -6.27 -50.01
C ARG D 187 27.69 -6.52 -48.53
N GLN D 188 27.93 -7.72 -48.03
CA GLN D 188 27.74 -8.01 -46.60
C GLN D 188 28.98 -8.66 -45.98
N ALA D 189 30.15 -8.16 -46.39
CA ALA D 189 31.46 -8.75 -46.07
C ALA D 189 31.77 -8.86 -44.57
N LEU D 190 31.24 -7.94 -43.77
CA LEU D 190 31.40 -8.00 -42.31
C LEU D 190 30.86 -9.33 -41.78
N ASN D 191 29.71 -9.73 -42.28
CA ASN D 191 29.11 -11.00 -41.85
C ASN D 191 29.87 -12.24 -42.34
N VAL D 192 30.50 -12.17 -43.50
CA VAL D 192 31.35 -13.29 -43.96
C VAL D 192 32.48 -13.52 -42.96
N ALA D 193 33.14 -12.46 -42.54
CA ALA D 193 34.26 -12.55 -41.61
C ALA D 193 33.84 -13.03 -40.20
N ARG D 194 32.68 -12.58 -39.75
CA ARG D 194 32.10 -13.09 -38.50
C ARG D 194 31.85 -14.59 -38.57
N MET D 195 31.22 -15.04 -39.63
CA MET D 195 30.97 -16.48 -39.82
C MET D 195 32.26 -17.29 -39.75
N ARG D 196 33.30 -16.80 -40.39
CA ARG D 196 34.61 -17.48 -40.44
C ARG D 196 35.26 -17.52 -39.06
N LEU D 197 35.17 -16.41 -38.32
CA LEU D 197 35.66 -16.35 -36.94
C LEU D 197 34.91 -17.33 -36.01
N LEU D 198 33.62 -17.48 -36.27
CA LEU D 198 32.78 -18.42 -35.52
C LEU D 198 33.01 -19.90 -35.87
N GLY D 199 33.89 -20.17 -36.83
CA GLY D 199 34.25 -21.55 -37.17
C GLY D 199 33.42 -22.17 -38.29
N ALA D 200 32.59 -21.37 -38.93
CA ALA D 200 31.79 -21.84 -40.05
C ALA D 200 32.60 -21.78 -41.34
N GLU D 201 32.39 -22.76 -42.20
CA GLU D 201 32.87 -22.68 -43.57
C GLU D 201 31.89 -21.90 -44.38
N VAL D 202 32.39 -21.03 -45.23
CA VAL D 202 31.54 -20.24 -46.12
C VAL D 202 31.84 -20.55 -47.58
N VAL D 203 30.80 -20.90 -48.32
CA VAL D 203 30.90 -21.21 -49.74
C VAL D 203 30.19 -20.13 -50.54
N ALA D 204 30.96 -19.43 -51.37
CA ALA D 204 30.41 -18.37 -52.23
C ALA D 204 29.76 -19.01 -53.44
N VAL D 205 28.48 -18.71 -53.66
CA VAL D 205 27.71 -19.28 -54.78
C VAL D 205 27.72 -18.33 -55.99
N GLN D 206 28.21 -18.82 -57.12
CA GLN D 206 28.39 -17.98 -58.32
C GLN D 206 27.35 -18.20 -59.41
N THR D 207 26.40 -19.08 -59.17
CA THR D 207 25.37 -19.40 -60.16
C THR D 207 24.20 -18.40 -60.12
N GLY D 208 23.45 -18.37 -61.23
CA GLY D 208 22.25 -17.53 -61.35
C GLY D 208 22.50 -16.06 -61.02
N SER D 209 21.67 -15.50 -60.15
CA SER D 209 21.79 -14.11 -59.71
C SER D 209 22.81 -13.88 -58.59
N LYS D 210 23.46 -14.94 -58.11
CA LYS D 210 24.48 -14.84 -57.06
C LYS D 210 23.97 -14.14 -55.80
N THR D 211 22.71 -14.40 -55.48
CA THR D 211 22.05 -13.83 -54.31
C THR D 211 21.26 -14.96 -53.60
N LEU D 212 20.37 -14.59 -52.71
CA LEU D 212 19.74 -15.54 -51.79
C LEU D 212 19.10 -16.75 -52.46
N LYS D 213 18.40 -16.55 -53.57
CA LYS D 213 17.71 -17.70 -54.20
C LYS D 213 18.71 -18.75 -54.69
N ASP D 214 19.87 -18.28 -55.09
CA ASP D 214 20.90 -19.13 -55.65
C ASP D 214 21.64 -19.87 -54.55
N ALA D 215 21.86 -19.18 -53.43
CA ALA D 215 22.40 -19.81 -52.23
C ALA D 215 21.47 -20.94 -51.76
N ILE D 216 20.17 -20.70 -51.82
CA ILE D 216 19.18 -21.71 -51.42
C ILE D 216 19.28 -22.93 -52.32
N ASN D 217 19.39 -22.69 -53.62
CA ASN D 217 19.55 -23.79 -54.56
C ASN D 217 20.77 -24.66 -54.24
N GLU D 218 21.89 -24.03 -53.91
CA GLU D 218 23.12 -24.80 -53.60
C GLU D 218 23.01 -25.59 -52.31
N ALA D 219 22.45 -24.97 -51.29
CA ALA D 219 22.25 -25.65 -50.01
C ALA D 219 21.30 -26.85 -50.17
N PHE D 220 20.28 -26.68 -51.00
CA PHE D 220 19.37 -27.77 -51.33
C PHE D 220 20.13 -28.96 -51.93
N ARG D 221 21.00 -28.69 -52.89
N ARG D 221 21.01 -28.68 -52.88
CA ARG D 221 21.78 -29.75 -53.53
CA ARG D 221 21.79 -29.72 -53.55
C ARG D 221 22.70 -30.46 -52.54
C ARG D 221 22.73 -30.44 -52.58
N ASP D 222 23.27 -29.69 -51.63
CA ASP D 222 24.10 -30.27 -50.56
C ASP D 222 23.23 -31.25 -49.75
N TRP D 223 22.04 -30.81 -49.35
CA TRP D 223 21.16 -31.62 -48.49
C TRP D 223 20.76 -32.91 -49.17
N VAL D 224 20.41 -32.81 -50.44
CA VAL D 224 20.07 -33.98 -51.24
C VAL D 224 21.19 -35.03 -51.16
N ALA D 225 22.43 -34.58 -51.30
CA ALA D 225 23.58 -35.51 -51.27
C ALA D 225 23.95 -36.02 -49.87
N ASN D 226 23.73 -35.20 -48.84
CA ASN D 226 24.23 -35.49 -47.49
C ASN D 226 23.15 -35.60 -46.42
N ALA D 227 21.96 -35.97 -46.84
CA ALA D 227 20.76 -36.07 -45.98
C ALA D 227 20.93 -36.92 -44.72
N ASP D 228 21.66 -38.03 -44.84
CA ASP D 228 21.82 -38.94 -43.70
C ASP D 228 22.47 -38.35 -42.47
N ASN D 229 23.43 -37.46 -42.67
CA ASN D 229 24.17 -36.82 -41.55
C ASN D 229 23.89 -35.32 -41.36
N THR D 230 23.24 -34.70 -42.35
CA THR D 230 23.14 -33.23 -42.41
C THR D 230 21.72 -32.71 -42.13
N TYR D 231 21.66 -31.70 -41.26
CA TYR D 231 20.45 -30.94 -40.99
C TYR D 231 20.49 -29.65 -41.79
N TYR D 232 19.41 -29.32 -42.49
CA TYR D 232 19.30 -28.03 -43.21
C TYR D 232 18.56 -27.02 -42.34
N CYS D 233 19.32 -26.04 -41.83
CA CYS D 233 18.80 -24.97 -40.99
C CYS D 233 18.29 -23.84 -41.88
N PHE D 234 17.05 -23.94 -42.31
CA PHE D 234 16.48 -22.98 -43.24
C PHE D 234 16.03 -21.74 -42.48
N GLY D 235 16.41 -20.57 -42.99
CA GLY D 235 16.31 -19.32 -42.25
C GLY D 235 15.09 -18.43 -42.43
N THR D 236 14.17 -18.83 -43.28
CA THR D 236 12.94 -18.03 -43.47
C THR D 236 11.69 -18.90 -43.54
N ALA D 237 10.54 -18.26 -43.53
CA ALA D 237 9.25 -18.95 -43.39
C ALA D 237 8.71 -19.37 -44.76
N ALA D 238 9.55 -20.05 -45.51
CA ALA D 238 9.18 -20.62 -46.81
C ALA D 238 9.68 -22.06 -46.82
N GLY D 239 9.76 -22.66 -48.00
CA GLY D 239 10.23 -24.05 -48.12
C GLY D 239 9.11 -25.07 -48.01
N PRO D 240 9.45 -26.35 -48.13
CA PRO D 240 8.46 -27.39 -47.96
C PRO D 240 8.13 -27.56 -46.49
N HIS D 241 6.94 -28.05 -46.21
CA HIS D 241 6.58 -28.50 -44.86
C HIS D 241 7.70 -29.43 -44.38
N PRO D 242 8.22 -29.24 -43.16
CA PRO D 242 7.65 -28.46 -42.08
C PRO D 242 8.20 -27.03 -41.88
N PHE D 243 9.03 -26.53 -42.78
CA PHE D 243 9.78 -25.28 -42.52
C PHE D 243 8.94 -24.02 -42.30
N PRO D 244 7.92 -23.77 -43.12
CA PRO D 244 7.11 -22.57 -42.87
C PRO D 244 6.48 -22.56 -41.48
N THR D 245 5.92 -23.69 -41.06
CA THR D 245 5.30 -23.78 -39.75
C THR D 245 6.31 -23.75 -38.61
N MET D 246 7.38 -24.51 -38.75
CA MET D 246 8.44 -24.57 -37.73
C MET D 246 9.16 -23.22 -37.54
N VAL D 247 9.52 -22.56 -38.64
CA VAL D 247 10.21 -21.26 -38.55
C VAL D 247 9.29 -20.24 -37.87
N ARG D 248 8.03 -20.22 -38.28
CA ARG D 248 7.03 -19.35 -37.65
C ARG D 248 6.84 -19.65 -36.15
N ASP D 249 6.74 -20.92 -35.78
CA ASP D 249 6.64 -21.30 -34.37
C ASP D 249 7.82 -20.80 -33.54
N PHE D 250 9.02 -20.87 -34.08
CA PHE D 250 10.17 -20.34 -33.34
C PHE D 250 10.22 -18.79 -33.32
N GLN D 251 9.63 -18.13 -34.31
CA GLN D 251 9.57 -16.65 -34.35
C GLN D 251 8.35 -16.00 -33.66
N ARG D 252 7.33 -16.81 -33.38
CA ARG D 252 6.11 -16.40 -32.66
C ARG D 252 6.35 -15.60 -31.38
N ILE D 253 7.43 -15.95 -30.69
CA ILE D 253 7.88 -15.25 -29.48
C ILE D 253 7.90 -13.71 -29.65
N ILE D 254 8.22 -13.23 -30.85
CA ILE D 254 8.30 -11.78 -31.11
C ILE D 254 6.93 -11.14 -30.87
N GLY D 255 5.93 -11.67 -31.55
CA GLY D 255 4.57 -11.17 -31.45
C GLY D 255 3.95 -11.34 -30.07
N MET D 256 4.24 -12.45 -29.42
CA MET D 256 3.72 -12.71 -28.08
C MET D 256 4.26 -11.71 -27.09
N GLU D 257 5.54 -11.40 -27.17
CA GLU D 257 6.12 -10.34 -26.36
C GLU D 257 5.52 -8.98 -26.72
N ALA D 258 5.44 -8.69 -28.01
CA ALA D 258 4.95 -7.40 -28.47
C ALA D 258 3.52 -7.13 -28.03
N ARG D 259 2.68 -8.15 -28.10
CA ARG D 259 1.28 -8.00 -27.74
C ARG D 259 1.09 -7.66 -26.26
N VAL D 260 1.88 -8.27 -25.39
CA VAL D 260 1.89 -7.96 -23.96
C VAL D 260 2.47 -6.56 -23.70
N GLN D 261 3.61 -6.28 -24.34
CA GLN D 261 4.33 -5.01 -24.16
C GLN D 261 3.52 -3.79 -24.56
N ILE D 262 2.87 -3.85 -25.71
CA ILE D 262 2.08 -2.72 -26.21
C ILE D 262 0.87 -2.43 -25.33
N GLN D 263 0.22 -3.47 -24.83
CA GLN D 263 -0.90 -3.30 -23.89
C GLN D 263 -0.41 -2.67 -22.60
N GLY D 264 0.75 -3.08 -22.14
CA GLY D 264 1.37 -2.48 -20.96
C GLY D 264 1.74 -1.01 -21.13
N GLN D 265 2.38 -0.67 -22.24
CA GLN D 265 2.88 0.70 -22.46
C GLN D 265 1.83 1.67 -22.99
N ALA D 266 1.00 1.21 -23.92
CA ALA D 266 -0.01 2.07 -24.54
C ALA D 266 -1.41 1.91 -23.98
N GLY D 267 -1.63 0.87 -23.19
CA GLY D 267 -2.94 0.62 -22.57
C GLY D 267 -3.98 -0.05 -23.46
N ARG D 268 -3.57 -0.50 -24.64
CA ARG D 268 -4.47 -1.13 -25.60
C ARG D 268 -3.70 -1.80 -26.72
N LEU D 269 -4.42 -2.60 -27.50
CA LEU D 269 -3.84 -3.23 -28.69
C LEU D 269 -3.57 -2.16 -29.73
N PRO D 270 -2.59 -2.40 -30.62
CA PRO D 270 -2.27 -1.39 -31.62
C PRO D 270 -3.33 -1.24 -32.70
N ASP D 271 -3.23 -0.14 -33.43
CA ASP D 271 -4.06 0.08 -34.62
C ASP D 271 -3.49 -0.69 -35.79
N ALA D 272 -2.17 -0.82 -35.80
CA ALA D 272 -1.48 -1.64 -36.80
C ALA D 272 -0.22 -2.27 -36.26
N VAL D 273 0.14 -3.40 -36.86
CA VAL D 273 1.46 -4.03 -36.69
C VAL D 273 2.09 -4.24 -38.07
N VAL D 274 3.33 -3.78 -38.25
CA VAL D 274 3.99 -3.85 -39.55
C VAL D 274 5.39 -4.42 -39.49
N ALA D 275 5.82 -4.98 -40.62
CA ALA D 275 7.15 -5.57 -40.76
C ALA D 275 7.57 -5.64 -42.22
N CYS D 276 8.87 -5.78 -42.46
CA CYS D 276 9.36 -6.06 -43.80
C CYS D 276 9.20 -7.54 -44.12
N VAL D 277 9.15 -7.85 -45.40
CA VAL D 277 8.92 -9.22 -45.87
C VAL D 277 9.90 -9.63 -46.94
N GLY D 278 10.83 -10.50 -46.54
CA GLY D 278 11.74 -11.19 -47.46
C GLY D 278 11.06 -12.47 -47.87
N GLY D 279 11.46 -13.57 -47.24
CA GLY D 279 10.72 -14.84 -47.30
C GLY D 279 9.54 -14.87 -46.32
N GLY D 280 9.67 -14.13 -45.21
CA GLY D 280 8.53 -13.85 -44.31
C GLY D 280 8.61 -14.18 -42.83
N SER D 281 9.80 -14.52 -42.32
CA SER D 281 9.93 -15.02 -40.93
C SER D 281 9.70 -13.95 -39.84
N ASN D 282 10.32 -12.79 -39.97
CA ASN D 282 10.15 -11.72 -38.95
C ASN D 282 8.71 -11.18 -38.96
N ALA D 283 8.12 -11.08 -40.15
CA ALA D 283 6.75 -10.61 -40.30
C ALA D 283 5.75 -11.56 -39.69
N ILE D 284 5.85 -12.83 -40.08
CA ILE D 284 4.95 -13.84 -39.53
C ILE D 284 5.17 -13.98 -38.01
N GLY D 285 6.40 -13.81 -37.56
CA GLY D 285 6.72 -13.89 -36.14
C GLY D 285 6.00 -12.86 -35.29
N ILE D 286 6.04 -11.61 -35.73
CA ILE D 286 5.36 -10.53 -35.03
C ILE D 286 3.84 -10.53 -35.28
N PHE D 287 3.40 -10.93 -36.48
CA PHE D 287 1.95 -10.93 -36.81
C PHE D 287 1.13 -11.97 -36.06
N HIS D 288 1.73 -13.11 -35.77
CA HIS D 288 0.94 -14.31 -35.45
C HIS D 288 0.03 -14.13 -34.25
N ALA D 289 0.56 -13.48 -33.22
CA ALA D 289 -0.18 -13.25 -31.97
C ALA D 289 -1.35 -12.26 -32.10
N PHE D 290 -1.36 -11.49 -33.19
CA PHE D 290 -2.42 -10.53 -33.47
C PHE D 290 -3.47 -11.03 -34.48
N LEU D 291 -3.29 -12.22 -35.03
CA LEU D 291 -4.19 -12.69 -36.09
C LEU D 291 -5.67 -12.67 -35.69
N ASP D 292 -5.96 -13.05 -34.46
CA ASP D 292 -7.34 -13.12 -33.98
C ASP D 292 -7.84 -11.85 -33.28
N ASP D 293 -7.09 -10.75 -33.35
CA ASP D 293 -7.56 -9.43 -32.88
C ASP D 293 -8.06 -8.64 -34.09
N PRO D 294 -9.38 -8.55 -34.31
CA PRO D 294 -9.91 -8.07 -35.60
C PRO D 294 -9.67 -6.60 -35.93
N GLY D 295 -9.47 -5.78 -34.90
CA GLY D 295 -9.14 -4.36 -35.10
C GLY D 295 -7.68 -4.01 -35.37
N VAL D 296 -6.80 -5.00 -35.32
CA VAL D 296 -5.38 -4.79 -35.55
C VAL D 296 -5.05 -5.02 -37.04
N ARG D 297 -4.76 -3.93 -37.76
CA ARG D 297 -4.30 -3.99 -39.16
C ARG D 297 -2.90 -4.60 -39.21
N LEU D 298 -2.68 -5.45 -40.20
CA LEU D 298 -1.39 -6.08 -40.39
C LEU D 298 -0.88 -5.74 -41.78
N VAL D 299 0.31 -5.15 -41.85
CA VAL D 299 0.87 -4.72 -43.12
C VAL D 299 2.30 -5.20 -43.25
N GLY D 300 2.55 -5.95 -44.32
CA GLY D 300 3.88 -6.38 -44.70
C GLY D 300 4.40 -5.50 -45.80
N PHE D 301 5.66 -5.10 -45.70
CA PHE D 301 6.28 -4.25 -46.70
C PHE D 301 7.39 -5.01 -47.43
N GLU D 302 7.24 -5.11 -48.75
CA GLU D 302 8.20 -5.85 -49.59
C GLU D 302 9.09 -4.87 -50.37
N ALA D 303 10.26 -5.36 -50.77
CA ALA D 303 11.26 -4.52 -51.44
C ALA D 303 10.91 -4.25 -52.91
N ALA D 304 10.83 -2.98 -53.26
CA ALA D 304 10.50 -2.56 -54.64
C ALA D 304 11.71 -2.09 -55.44
N GLY D 305 12.90 -2.14 -54.85
CA GLY D 305 14.14 -1.80 -55.56
C GLY D 305 14.13 -0.43 -56.24
N ASP D 306 14.39 -0.40 -57.55
CA ASP D 306 14.33 0.84 -58.34
C ASP D 306 12.90 1.30 -58.64
N GLY D 307 11.92 0.46 -58.33
CA GLY D 307 10.50 0.75 -58.55
C GLY D 307 9.86 -0.44 -59.23
N VAL D 308 8.57 -0.67 -58.96
CA VAL D 308 7.88 -1.90 -59.46
C VAL D 308 7.73 -1.89 -60.99
N GLU D 309 7.63 -0.71 -61.57
CA GLU D 309 7.58 -0.53 -63.03
C GLU D 309 8.91 -0.85 -63.78
N THR D 310 10.03 -0.95 -63.06
CA THR D 310 11.38 -1.06 -63.68
C THR D 310 11.90 -2.46 -63.99
N GLY D 311 11.25 -3.49 -63.44
CA GLY D 311 11.77 -4.86 -63.52
C GLY D 311 13.04 -5.10 -62.71
N ARG D 312 13.25 -4.25 -61.71
CA ARG D 312 14.38 -4.37 -60.79
C ARG D 312 13.83 -4.18 -59.37
N HIS D 313 13.19 -5.22 -58.88
CA HIS D 313 12.50 -5.23 -57.60
C HIS D 313 12.41 -6.63 -57.04
N ALA D 314 11.89 -6.72 -55.82
CA ALA D 314 11.57 -8.00 -55.20
C ALA D 314 10.12 -8.00 -54.64
N ALA D 315 9.27 -7.25 -55.33
CA ALA D 315 7.86 -7.04 -54.94
C ALA D 315 6.94 -8.19 -55.33
N THR D 316 7.06 -9.27 -54.59
CA THR D 316 6.43 -10.53 -54.94
C THR D 316 4.91 -10.48 -54.99
N PHE D 317 4.30 -9.93 -53.95
CA PHE D 317 2.83 -9.81 -53.93
C PHE D 317 2.31 -8.75 -54.91
N THR D 318 3.04 -7.67 -55.08
CA THR D 318 2.61 -6.60 -55.98
C THR D 318 2.65 -7.02 -57.46
N ALA D 319 3.71 -7.73 -57.84
CA ALA D 319 3.97 -8.05 -59.26
C ALA D 319 4.02 -9.54 -59.60
N GLY D 320 4.06 -10.40 -58.59
CA GLY D 320 4.18 -11.85 -58.81
C GLY D 320 2.84 -12.55 -58.96
N SER D 321 2.89 -13.86 -59.01
CA SER D 321 1.70 -14.70 -59.14
C SER D 321 1.94 -16.10 -58.54
N PRO D 322 0.86 -16.88 -58.31
CA PRO D 322 1.00 -18.20 -57.72
C PRO D 322 1.89 -19.16 -58.52
N GLY D 323 2.68 -19.94 -57.80
CA GLY D 323 3.53 -20.96 -58.41
C GLY D 323 4.30 -21.78 -57.39
N ALA D 324 4.89 -22.86 -57.87
CA ALA D 324 5.70 -23.76 -57.05
C ALA D 324 7.16 -23.40 -57.18
N PHE D 325 7.77 -23.05 -56.05
CA PHE D 325 9.17 -22.62 -56.02
C PHE D 325 9.75 -22.87 -54.63
N HIS D 326 10.98 -23.38 -54.61
CA HIS D 326 11.70 -23.68 -53.38
C HIS D 326 10.87 -24.47 -52.38
N GLY D 327 10.19 -25.49 -52.87
CA GLY D 327 9.47 -26.43 -52.00
C GLY D 327 8.03 -26.14 -51.66
N SER D 328 7.52 -24.95 -52.03
CA SER D 328 6.15 -24.56 -51.66
C SER D 328 5.36 -24.00 -52.84
N PHE D 329 4.03 -24.08 -52.72
CA PHE D 329 3.11 -23.35 -53.59
C PHE D 329 2.77 -22.04 -52.89
N SER D 330 3.26 -20.95 -53.47
CA SER D 330 3.11 -19.62 -52.89
C SER D 330 3.18 -18.61 -54.04
N TYR D 331 3.41 -17.33 -53.73
CA TYR D 331 3.62 -16.34 -54.79
C TYR D 331 5.11 -16.30 -55.15
N LEU D 332 5.38 -16.07 -56.44
CA LEU D 332 6.73 -15.70 -56.88
C LEU D 332 6.72 -14.86 -58.14
N LEU D 333 7.80 -14.12 -58.32
CA LEU D 333 8.06 -13.37 -59.53
C LEU D 333 8.46 -14.34 -60.61
N GLN D 334 7.66 -14.43 -61.66
CA GLN D 334 7.87 -15.39 -62.74
C GLN D 334 7.36 -14.85 -64.08
N ASP D 335 7.95 -15.32 -65.15
CA ASP D 335 7.57 -14.90 -66.50
C ASP D 335 6.43 -15.76 -67.03
N GLU D 336 6.04 -15.53 -68.28
CA GLU D 336 4.87 -16.20 -68.90
C GLU D 336 4.96 -17.75 -68.95
N ASP D 337 6.18 -18.29 -68.99
CA ASP D 337 6.41 -19.75 -68.99
C ASP D 337 6.63 -20.35 -67.60
N GLY D 338 6.74 -19.50 -66.59
CA GLY D 338 6.99 -19.96 -65.22
C GLY D 338 8.45 -20.04 -64.83
N GLN D 339 9.30 -19.35 -65.58
CA GLN D 339 10.72 -19.22 -65.20
C GLN D 339 10.82 -18.16 -64.11
N THR D 340 11.55 -18.45 -63.05
CA THR D 340 11.78 -17.49 -61.96
C THR D 340 12.45 -16.25 -62.52
N ILE D 341 11.92 -15.10 -62.15
CA ILE D 341 12.53 -13.82 -62.50
C ILE D 341 13.45 -13.43 -61.36
N GLU D 342 14.65 -12.99 -61.72
CA GLU D 342 15.64 -12.56 -60.74
C GLU D 342 15.21 -11.27 -60.07
N SER D 343 15.29 -11.26 -58.75
CA SER D 343 14.95 -10.10 -57.96
C SER D 343 16.14 -9.16 -57.85
N HIS D 344 15.84 -7.92 -57.49
CA HIS D 344 16.86 -6.91 -57.18
C HIS D 344 16.38 -5.98 -56.06
N SER D 345 17.28 -5.72 -55.13
CA SER D 345 17.07 -4.76 -54.05
C SER D 345 18.41 -4.29 -53.51
N ILE D 346 18.45 -3.09 -52.97
CA ILE D 346 19.63 -2.63 -52.24
C ILE D 346 19.83 -3.47 -50.98
N SER D 347 18.73 -4.02 -50.46
CA SER D 347 18.74 -4.89 -49.29
C SER D 347 18.96 -6.35 -49.68
N ALA D 348 20.04 -6.94 -49.19
CA ALA D 348 20.36 -8.34 -49.50
C ALA D 348 19.33 -9.30 -48.90
N GLY D 349 18.81 -8.93 -47.74
CA GLY D 349 17.81 -9.73 -47.04
C GLY D 349 16.43 -9.83 -47.67
N LEU D 350 16.01 -8.79 -48.37
CA LEU D 350 14.73 -8.77 -49.08
C LEU D 350 14.83 -9.11 -50.57
N ASP D 351 16.05 -9.36 -51.04
CA ASP D 351 16.33 -9.62 -52.46
C ASP D 351 16.03 -11.08 -52.77
N TYR D 352 14.75 -11.41 -52.81
CA TYR D 352 14.28 -12.79 -52.99
C TYR D 352 12.96 -12.75 -53.73
N PRO D 353 12.84 -13.46 -54.87
CA PRO D 353 11.64 -13.33 -55.67
C PRO D 353 10.45 -14.14 -55.16
N GLY D 354 10.66 -14.95 -54.13
CA GLY D 354 9.57 -15.72 -53.52
C GLY D 354 9.02 -15.11 -52.24
N VAL D 355 8.05 -15.82 -51.66
CA VAL D 355 7.54 -15.49 -50.33
C VAL D 355 6.91 -16.75 -49.75
N GLY D 356 6.90 -16.83 -48.41
CA GLY D 356 6.36 -17.98 -47.69
C GLY D 356 4.87 -18.19 -47.87
N PRO D 357 4.42 -19.45 -47.85
CA PRO D 357 3.04 -19.80 -48.14
C PRO D 357 2.00 -19.32 -47.13
N GLU D 358 2.37 -19.19 -45.86
CA GLU D 358 1.43 -18.68 -44.86
C GLU D 358 1.02 -17.25 -45.19
N HIS D 359 1.96 -16.47 -45.71
CA HIS D 359 1.68 -15.11 -46.19
C HIS D 359 0.77 -15.09 -47.40
N ALA D 360 0.99 -16.01 -48.33
CA ALA D 360 0.07 -16.14 -49.47
C ALA D 360 -1.37 -16.40 -49.01
N TRP D 361 -1.50 -17.25 -48.00
CA TRP D 361 -2.81 -17.58 -47.42
C TRP D 361 -3.43 -16.36 -46.73
N LEU D 362 -2.62 -15.63 -45.97
CA LEU D 362 -3.12 -14.46 -45.25
C LEU D 362 -3.51 -13.33 -46.20
N LYS D 363 -2.78 -13.21 -47.31
CA LYS D 363 -3.12 -12.27 -48.38
C LYS D 363 -4.45 -12.65 -49.02
N GLU D 364 -4.59 -13.92 -49.35
CA GLU D 364 -5.83 -14.42 -49.97
C GLU D 364 -7.03 -14.16 -49.05
N ALA D 365 -6.86 -14.44 -47.77
CA ALA D 365 -7.93 -14.26 -46.78
C ALA D 365 -8.30 -12.79 -46.51
N GLY D 366 -7.43 -11.86 -46.87
CA GLY D 366 -7.64 -10.42 -46.61
C GLY D 366 -7.24 -9.99 -45.21
N ARG D 367 -6.47 -10.82 -44.52
CA ARG D 367 -6.06 -10.54 -43.13
C ARG D 367 -4.84 -9.61 -43.09
N VAL D 368 -3.92 -9.83 -44.01
CA VAL D 368 -2.73 -8.99 -44.15
C VAL D 368 -2.74 -8.31 -45.51
N ASP D 369 -2.33 -7.03 -45.53
CA ASP D 369 -2.08 -6.27 -46.76
C ASP D 369 -0.58 -6.16 -46.98
N TYR D 370 -0.14 -6.32 -48.22
CA TYR D 370 1.29 -6.29 -48.56
C TYR D 370 1.56 -5.16 -49.55
N ARG D 371 2.54 -4.31 -49.24
CA ARG D 371 2.76 -3.06 -49.98
C ARG D 371 4.23 -2.88 -50.33
N PRO D 372 4.51 -2.26 -51.50
CA PRO D 372 5.89 -2.05 -51.92
C PRO D 372 6.55 -0.83 -51.30
N ILE D 373 7.84 -0.97 -51.02
CA ILE D 373 8.70 0.13 -50.56
C ILE D 373 10.00 0.11 -51.38
N THR D 374 10.34 1.26 -51.96
CA THR D 374 11.52 1.37 -52.84
C THR D 374 12.82 1.54 -52.08
N ASP D 375 13.93 1.29 -52.75
CA ASP D 375 15.26 1.56 -52.23
C ASP D 375 15.36 2.96 -51.61
N SER D 376 14.89 3.96 -52.35
CA SER D 376 14.99 5.36 -51.92
C SER D 376 14.20 5.63 -50.66
N GLU D 377 12.96 5.16 -50.64
CA GLU D 377 12.09 5.27 -49.46
C GLU D 377 12.75 4.63 -48.24
N ALA D 378 13.31 3.45 -48.45
CA ALA D 378 13.95 2.72 -47.36
C ALA D 378 15.17 3.46 -46.82
N MET D 379 16.00 3.97 -47.71
CA MET D 379 17.18 4.70 -47.28
C MET D 379 16.82 6.03 -46.60
N ASP D 380 15.81 6.75 -47.09
CA ASP D 380 15.34 7.96 -46.39
C ASP D 380 15.01 7.65 -44.93
N ALA D 381 14.27 6.57 -44.73
CA ALA D 381 13.89 6.10 -43.40
C ALA D 381 15.10 5.64 -42.57
N PHE D 382 16.03 4.96 -43.23
CA PHE D 382 17.30 4.59 -42.59
C PHE D 382 17.94 5.81 -41.94
N GLY D 383 18.13 6.82 -42.76
CA GLY D 383 18.76 8.06 -42.33
C GLY D 383 17.97 8.73 -41.22
N LEU D 384 16.65 8.69 -41.34
CA LEU D 384 15.79 9.38 -40.39
C LEU D 384 15.87 8.74 -39.02
N LEU D 385 15.91 7.40 -39.01
CA LEU D 385 15.98 6.66 -37.75
C LEU D 385 17.32 6.91 -37.06
N CYS D 386 18.38 6.98 -37.84
CA CYS D 386 19.70 7.34 -37.32
C CYS D 386 19.69 8.69 -36.60
N ARG D 387 19.13 9.69 -37.27
CA ARG D 387 19.17 11.08 -36.80
C ARG D 387 18.21 11.41 -35.66
N MET D 388 17.06 10.74 -35.66
CA MET D 388 15.96 11.05 -34.72
C MET D 388 16.04 10.21 -33.45
N GLU D 389 16.30 8.91 -33.60
CA GLU D 389 16.30 7.98 -32.46
C GLU D 389 17.65 7.38 -32.10
N GLY D 390 18.69 7.70 -32.86
CA GLY D 390 20.01 7.13 -32.61
C GLY D 390 20.09 5.62 -32.80
N ILE D 391 19.26 5.09 -33.70
CA ILE D 391 19.25 3.65 -33.98
C ILE D 391 19.61 3.43 -35.44
N ILE D 392 20.63 2.63 -35.67
CA ILE D 392 21.08 2.31 -37.03
C ILE D 392 20.43 0.99 -37.40
N PRO D 393 19.41 1.04 -38.26
CA PRO D 393 18.71 -0.18 -38.56
C PRO D 393 19.37 -0.98 -39.65
N ALA D 394 18.99 -2.24 -39.78
CA ALA D 394 19.25 -2.98 -41.00
C ALA D 394 18.47 -2.34 -42.14
N ILE D 395 19.03 -2.37 -43.34
CA ILE D 395 18.36 -1.83 -44.52
C ILE D 395 17.05 -2.60 -44.76
N GLU D 396 17.03 -3.87 -44.37
CA GLU D 396 15.81 -4.67 -44.41
C GLU D 396 14.75 -3.96 -43.57
N SER D 397 15.07 -3.77 -42.31
CA SER D 397 14.16 -3.16 -41.33
C SER D 397 13.75 -1.74 -41.71
N ALA D 398 14.64 -1.01 -42.35
CA ALA D 398 14.35 0.34 -42.82
C ALA D 398 13.14 0.41 -43.75
N HIS D 399 12.90 -0.66 -44.51
CA HIS D 399 11.70 -0.75 -45.36
C HIS D 399 10.43 -0.70 -44.52
N ALA D 400 10.44 -1.41 -43.39
CA ALA D 400 9.30 -1.43 -42.48
C ALA D 400 9.08 -0.07 -41.83
N VAL D 401 10.17 0.59 -41.46
CA VAL D 401 10.07 1.92 -40.87
C VAL D 401 9.50 2.90 -41.91
N ALA D 402 9.96 2.80 -43.14
CA ALA D 402 9.49 3.67 -44.21
C ALA D 402 7.98 3.50 -44.43
N GLY D 403 7.55 2.25 -44.46
CA GLY D 403 6.13 1.91 -44.58
C GLY D 403 5.30 2.42 -43.43
N ALA D 404 5.84 2.28 -42.23
CA ALA D 404 5.20 2.78 -41.01
C ALA D 404 4.97 4.30 -41.04
N LEU D 405 5.94 5.03 -41.56
CA LEU D 405 5.81 6.47 -41.71
C LEU D 405 4.63 6.83 -42.61
N LYS D 406 4.49 6.12 -43.72
CA LYS D 406 3.36 6.34 -44.65
C LYS D 406 2.03 5.93 -44.04
N LEU D 407 2.04 4.81 -43.32
CA LEU D 407 0.84 4.33 -42.64
C LEU D 407 0.40 5.29 -41.54
N GLY D 408 1.38 5.90 -40.86
CA GLY D 408 1.10 6.93 -39.86
C GLY D 408 0.34 8.12 -40.43
N VAL D 409 0.72 8.54 -41.63
CA VAL D 409 0.04 9.64 -42.33
C VAL D 409 -1.40 9.26 -42.70
N GLU D 410 -1.61 8.01 -43.07
CA GLU D 410 -2.97 7.50 -43.36
C GLU D 410 -3.86 7.44 -42.12
N LEU D 411 -3.33 6.84 -41.04
CA LEU D 411 -4.11 6.59 -39.82
C LEU D 411 -4.27 7.83 -38.94
N GLY D 412 -3.26 8.68 -38.94
CA GLY D 412 -3.35 9.99 -38.28
C GLY D 412 -2.93 10.04 -36.81
N ARG D 413 -3.23 11.18 -36.21
CA ARG D 413 -2.73 11.52 -34.90
C ARG D 413 -3.16 10.52 -33.84
N GLY D 414 -2.21 10.09 -33.02
CA GLY D 414 -2.48 9.16 -31.91
C GLY D 414 -2.63 7.69 -32.26
N ALA D 415 -2.57 7.34 -33.55
CA ALA D 415 -2.65 5.95 -33.96
C ALA D 415 -1.40 5.22 -33.49
N VAL D 416 -1.58 4.01 -33.01
CA VAL D 416 -0.50 3.23 -32.42
C VAL D 416 -0.06 2.19 -33.42
N ILE D 417 1.18 2.29 -33.87
CA ILE D 417 1.76 1.40 -34.89
C ILE D 417 2.99 0.68 -34.31
N VAL D 418 2.92 -0.63 -34.22
CA VAL D 418 4.08 -1.44 -33.82
C VAL D 418 4.84 -1.85 -35.08
N VAL D 419 6.13 -1.54 -35.10
CA VAL D 419 7.02 -1.88 -36.21
C VAL D 419 8.03 -2.89 -35.71
N ASN D 420 8.17 -4.01 -36.41
CA ASN D 420 9.25 -4.96 -36.11
C ASN D 420 10.58 -4.46 -36.64
N LEU D 421 11.46 -4.07 -35.73
CA LEU D 421 12.78 -3.62 -36.11
C LEU D 421 13.66 -4.85 -36.10
N SER D 422 13.71 -5.50 -37.26
CA SER D 422 14.20 -6.87 -37.39
C SER D 422 15.69 -7.05 -37.14
N GLY D 423 16.48 -6.05 -37.52
CA GLY D 423 17.93 -6.09 -37.30
C GLY D 423 18.63 -4.74 -37.23
N ARG D 424 19.88 -4.79 -36.80
CA ARG D 424 20.74 -3.61 -36.76
C ARG D 424 21.58 -3.49 -38.02
N GLY D 425 22.17 -2.31 -38.21
CA GLY D 425 22.81 -1.91 -39.47
C GLY D 425 24.31 -2.00 -39.62
N ASP D 426 25.00 -2.54 -38.62
CA ASP D 426 26.46 -2.79 -38.70
C ASP D 426 26.93 -3.23 -40.09
N LYS D 427 26.25 -4.25 -40.61
CA LYS D 427 26.57 -4.85 -41.91
C LYS D 427 26.37 -3.91 -43.10
N ASP D 428 25.50 -2.92 -42.91
CA ASP D 428 25.10 -1.97 -43.96
C ASP D 428 25.75 -0.58 -43.87
N VAL D 429 26.60 -0.38 -42.87
CA VAL D 429 27.19 0.95 -42.61
C VAL D 429 27.93 1.50 -43.82
N GLU D 430 28.71 0.65 -44.49
CA GLU D 430 29.44 1.05 -45.70
C GLU D 430 28.50 1.49 -46.82
N THR D 431 27.50 0.66 -47.10
CA THR D 431 26.49 0.96 -48.12
C THR D 431 25.80 2.31 -47.84
N ALA D 432 25.37 2.48 -46.60
CA ALA D 432 24.65 3.68 -46.19
C ALA D 432 25.53 4.93 -46.17
N ALA D 433 26.77 4.79 -45.68
CA ALA D 433 27.73 5.91 -45.73
C ALA D 433 28.02 6.36 -47.16
N LYS D 434 28.11 5.39 -48.06
CA LYS D 434 28.25 5.65 -49.48
C LYS D 434 27.01 6.34 -50.05
N TRP D 435 25.84 5.81 -49.73
CA TRP D 435 24.55 6.44 -50.12
C TRP D 435 24.45 7.93 -49.74
N PHE D 436 24.80 8.23 -48.49
CA PHE D 436 24.71 9.60 -47.93
C PHE D 436 25.96 10.48 -48.12
N GLY D 437 26.96 9.97 -48.84
CA GLY D 437 28.16 10.75 -49.18
C GLY D 437 29.06 11.04 -47.99
N LEU D 438 29.21 10.04 -47.12
CA LEU D 438 29.96 10.20 -45.86
C LEU D 438 31.29 9.46 -45.88
N LEU D 439 32.14 9.86 -46.83
CA LEU D 439 33.56 9.42 -46.92
C LEU D 439 34.48 10.46 -47.52
N GLU E 28 -142.66 31.06 -56.07
CA GLU E 28 -143.30 29.88 -56.55
C GLU E 28 -143.16 28.73 -55.55
N ALA E 29 -143.24 27.51 -56.05
CA ALA E 29 -143.21 26.33 -55.21
C ALA E 29 -141.80 25.79 -55.03
N SER E 30 -141.61 25.01 -53.95
CA SER E 30 -140.31 24.37 -53.67
C SER E 30 -140.05 23.24 -54.66
N ARG E 31 -138.77 22.94 -54.87
CA ARG E 31 -138.34 21.88 -55.79
C ARG E 31 -138.87 20.49 -55.37
N LEU E 32 -138.87 20.23 -54.07
CA LEU E 32 -139.36 18.95 -53.49
C LEU E 32 -140.86 18.89 -53.23
N GLY E 33 -141.56 20.02 -53.42
CA GLY E 33 -143.02 20.11 -53.26
C GLY E 33 -143.83 19.02 -53.97
N PRO E 34 -143.62 18.84 -55.30
CA PRO E 34 -144.30 17.78 -56.05
C PRO E 34 -144.13 16.34 -55.51
N VAL E 35 -142.97 16.04 -54.94
CA VAL E 35 -142.72 14.70 -54.38
C VAL E 35 -143.62 14.45 -53.17
N PHE E 36 -143.67 15.41 -52.26
CA PHE E 36 -144.49 15.32 -51.04
C PHE E 36 -145.99 15.35 -51.34
N ASP E 37 -146.39 16.18 -52.31
CA ASP E 37 -147.79 16.21 -52.77
C ASP E 37 -148.20 14.86 -53.36
N SER E 38 -147.32 14.28 -54.18
CA SER E 38 -147.52 12.95 -54.78
C SER E 38 -147.61 11.84 -53.73
N CYS E 39 -146.74 11.89 -52.73
CA CYS E 39 -146.78 10.95 -51.60
C CYS E 39 -148.06 11.09 -50.78
N ARG E 40 -148.38 12.33 -50.45
CA ARG E 40 -149.60 12.66 -49.67
C ARG E 40 -150.91 12.26 -50.40
N ALA E 41 -150.87 12.25 -51.73
CA ALA E 41 -152.00 11.78 -52.56
C ALA E 41 -152.15 10.24 -52.56
N ASN E 42 -151.03 9.54 -52.42
CA ASN E 42 -151.00 8.07 -52.29
C ASN E 42 -150.95 7.58 -50.83
N ASN E 43 -151.33 8.45 -49.89
CA ASN E 43 -151.49 8.12 -48.46
C ASN E 43 -150.24 7.47 -47.84
N ARG E 44 -149.09 8.08 -48.12
CA ARG E 44 -147.81 7.60 -47.62
C ARG E 44 -146.84 8.73 -47.35
N ALA E 45 -145.75 8.38 -46.67
CA ALA E 45 -144.64 9.30 -46.46
C ALA E 45 -143.60 9.07 -47.55
N ALA E 46 -142.77 10.09 -47.77
CA ALA E 46 -141.62 9.94 -48.66
C ALA E 46 -140.52 9.18 -47.91
N LEU E 47 -139.89 8.23 -48.58
CA LEU E 47 -138.68 7.58 -48.07
C LEU E 47 -137.46 8.38 -48.50
N ILE E 48 -136.71 8.88 -47.51
CA ILE E 48 -135.54 9.71 -47.75
C ILE E 48 -134.30 8.93 -47.32
N GLY E 49 -133.46 8.57 -48.30
CA GLY E 49 -132.32 7.67 -48.06
C GLY E 49 -130.97 8.38 -48.14
N TYR E 50 -130.17 8.21 -47.09
CA TYR E 50 -128.81 8.80 -47.04
C TYR E 50 -127.73 7.76 -47.35
N LEU E 51 -126.82 8.11 -48.26
CA LEU E 51 -125.53 7.42 -48.39
C LEU E 51 -124.41 8.43 -48.57
N PRO E 52 -123.22 8.13 -48.02
CA PRO E 52 -122.08 9.02 -48.22
C PRO E 52 -121.32 8.68 -49.49
N THR E 53 -121.00 9.70 -50.27
CA THR E 53 -120.19 9.54 -51.47
C THR E 53 -118.85 8.90 -51.11
N GLY E 54 -118.37 7.99 -51.95
CA GLY E 54 -117.05 7.37 -51.79
C GLY E 54 -116.92 6.18 -50.86
N TYR E 55 -118.02 5.74 -50.24
CA TYR E 55 -118.01 4.52 -49.41
C TYR E 55 -118.74 3.37 -50.14
N PRO E 56 -118.10 2.20 -50.29
CA PRO E 56 -116.71 1.89 -49.89
C PRO E 56 -115.62 2.44 -50.84
N ASP E 57 -115.99 2.73 -52.09
CA ASP E 57 -115.20 3.56 -53.00
C ASP E 57 -116.17 4.40 -53.84
N VAL E 58 -115.65 5.24 -54.73
CA VAL E 58 -116.53 6.17 -55.49
C VAL E 58 -117.48 5.43 -56.46
N PRO E 59 -116.96 4.51 -57.31
CA PRO E 59 -117.88 3.76 -58.18
C PRO E 59 -118.93 2.89 -57.45
N ALA E 60 -118.54 2.23 -56.37
CA ALA E 60 -119.48 1.39 -55.61
C ALA E 60 -120.60 2.22 -54.95
N SER E 61 -120.24 3.40 -54.45
CA SER E 61 -121.21 4.32 -53.82
C SER E 61 -122.24 4.86 -54.82
N VAL E 62 -121.80 5.14 -56.04
CA VAL E 62 -122.70 5.56 -57.13
C VAL E 62 -123.65 4.43 -57.53
N ALA E 63 -123.11 3.21 -57.63
CA ALA E 63 -123.94 2.00 -57.86
C ALA E 63 -124.95 1.78 -56.74
N ALA E 64 -124.53 2.05 -55.51
CA ALA E 64 -125.41 1.94 -54.34
C ALA E 64 -126.55 2.97 -54.37
N MET E 65 -126.22 4.21 -54.71
CA MET E 65 -127.21 5.29 -54.79
C MET E 65 -128.21 5.08 -55.94
N THR E 66 -127.73 4.54 -57.05
CA THR E 66 -128.61 4.12 -58.16
C THR E 66 -129.56 3.02 -57.71
N ALA E 67 -129.05 2.06 -56.94
CA ALA E 67 -129.87 0.98 -56.38
C ALA E 67 -131.02 1.50 -55.50
N LEU E 68 -130.75 2.56 -54.73
CA LEU E 68 -131.78 3.22 -53.89
C LEU E 68 -132.92 3.79 -54.75
N VAL E 69 -132.56 4.42 -55.86
CA VAL E 69 -133.57 4.95 -56.80
C VAL E 69 -134.44 3.80 -57.33
N GLU E 70 -133.78 2.73 -57.77
CA GLU E 70 -134.43 1.54 -58.32
C GLU E 70 -135.31 0.80 -57.28
N SER E 71 -134.88 0.84 -56.03
CA SER E 71 -135.58 0.15 -54.91
C SER E 71 -136.69 0.97 -54.22
N GLY E 72 -136.92 2.20 -54.67
CA GLY E 72 -138.08 3.01 -54.24
C GLY E 72 -137.80 4.12 -53.23
N CYS E 73 -136.61 4.70 -53.28
CA CYS E 73 -136.33 5.92 -52.52
C CYS E 73 -136.89 7.10 -53.30
N ASP E 74 -137.70 7.91 -52.63
CA ASP E 74 -138.31 9.09 -53.24
C ASP E 74 -137.28 10.22 -53.35
N ILE E 75 -136.47 10.38 -52.31
CA ILE E 75 -135.40 11.38 -52.25
C ILE E 75 -134.10 10.73 -51.75
N ILE E 76 -132.96 11.09 -52.35
CA ILE E 76 -131.64 10.63 -51.90
C ILE E 76 -130.87 11.80 -51.27
N GLU E 77 -130.38 11.61 -50.05
CA GLU E 77 -129.41 12.53 -49.44
C GLU E 77 -128.01 12.05 -49.78
N VAL E 78 -127.32 12.81 -50.63
CA VAL E 78 -125.94 12.51 -50.98
C VAL E 78 -125.05 13.20 -49.94
N GLY E 79 -124.43 12.39 -49.10
CA GLY E 79 -123.53 12.89 -48.05
C GLY E 79 -122.16 13.28 -48.60
N VAL E 80 -121.66 14.43 -48.16
CA VAL E 80 -120.30 14.88 -48.47
C VAL E 80 -119.41 14.54 -47.27
N PRO E 81 -118.49 13.57 -47.43
CA PRO E 81 -117.61 13.23 -46.31
C PRO E 81 -116.77 14.41 -45.84
N TYR E 82 -116.81 14.63 -44.53
CA TYR E 82 -116.09 15.72 -43.87
C TYR E 82 -115.14 15.15 -42.81
N SER E 83 -113.97 15.80 -42.68
CA SER E 83 -112.91 15.35 -41.77
C SER E 83 -113.29 15.35 -40.29
N ASP E 84 -114.19 16.26 -39.90
CA ASP E 84 -114.58 16.43 -38.49
C ASP E 84 -116.11 16.54 -38.34
N PRO E 85 -116.82 15.43 -38.62
CA PRO E 85 -118.28 15.44 -38.69
C PRO E 85 -118.92 15.26 -37.31
N GLY E 86 -119.19 16.37 -36.65
CA GLY E 86 -119.63 16.36 -35.26
C GLY E 86 -120.99 15.74 -34.99
N MET E 87 -121.88 15.82 -35.98
CA MET E 87 -123.26 15.34 -35.86
C MET E 87 -123.49 13.91 -36.39
N ASP E 88 -122.49 13.33 -37.05
CA ASP E 88 -122.63 11.96 -37.59
C ASP E 88 -122.39 10.91 -36.49
N GLY E 89 -123.23 9.88 -36.46
CA GLY E 89 -123.06 8.74 -35.54
C GLY E 89 -121.90 7.85 -35.96
N PRO E 90 -121.55 6.84 -35.14
CA PRO E 90 -120.39 5.97 -35.41
C PRO E 90 -120.40 5.26 -36.76
N THR E 91 -121.54 4.69 -37.15
CA THR E 91 -121.65 3.98 -38.43
C THR E 91 -121.34 4.89 -39.61
N ILE E 92 -121.92 6.10 -39.60
CA ILE E 92 -121.68 7.09 -40.66
C ILE E 92 -120.26 7.68 -40.58
N ALA E 93 -119.78 7.90 -39.37
CA ALA E 93 -118.43 8.46 -39.16
C ALA E 93 -117.32 7.54 -39.67
N ARG E 94 -117.40 6.25 -39.36
CA ARG E 94 -116.40 5.27 -39.87
C ARG E 94 -116.42 5.16 -41.39
N ALA E 95 -117.62 5.24 -41.97
CA ALA E 95 -117.80 5.18 -43.42
C ALA E 95 -117.25 6.42 -44.14
N THR E 96 -117.48 7.60 -43.57
CA THR E 96 -116.93 8.84 -44.12
C THR E 96 -115.39 8.90 -43.99
N GLU E 97 -114.86 8.42 -42.86
CA GLU E 97 -113.40 8.24 -42.71
C GLU E 97 -112.82 7.34 -43.80
N ALA E 98 -113.49 6.23 -44.08
CA ALA E 98 -113.05 5.27 -45.11
C ALA E 98 -113.09 5.90 -46.50
N ALA E 99 -114.13 6.66 -46.78
CA ALA E 99 -114.25 7.40 -48.05
C ALA E 99 -113.10 8.38 -48.25
N LEU E 100 -112.75 9.11 -47.19
CA LEU E 100 -111.65 10.09 -47.22
C LEU E 100 -110.27 9.44 -47.39
N ARG E 101 -110.06 8.29 -46.74
CA ARG E 101 -108.87 7.47 -47.00
C ARG E 101 -108.79 7.02 -48.46
N GLY E 102 -109.94 6.68 -49.04
CA GLY E 102 -110.03 6.36 -50.48
C GLY E 102 -109.78 7.50 -51.45
N GLY E 103 -109.73 8.73 -50.96
CA GLY E 103 -109.42 9.91 -51.77
C GLY E 103 -110.62 10.66 -52.35
N VAL E 104 -111.78 10.50 -51.72
CA VAL E 104 -113.03 11.12 -52.18
C VAL E 104 -112.92 12.65 -52.20
N ARG E 105 -113.54 13.24 -53.22
CA ARG E 105 -113.50 14.69 -53.42
C ARG E 105 -114.92 15.25 -53.42
N VAL E 106 -115.04 16.56 -53.23
CA VAL E 106 -116.34 17.24 -53.26
C VAL E 106 -117.02 17.11 -54.63
N ARG E 107 -116.25 17.22 -55.70
CA ARG E 107 -116.85 17.07 -57.04
C ARG E 107 -117.34 15.65 -57.34
N ASP E 108 -116.86 14.64 -56.60
CA ASP E 108 -117.44 13.28 -56.68
C ASP E 108 -118.91 13.27 -56.22
N THR E 109 -119.24 14.10 -55.24
CA THR E 109 -120.65 14.30 -54.80
C THR E 109 -121.52 14.89 -55.92
N LEU E 110 -120.98 15.85 -56.66
CA LEU E 110 -121.69 16.43 -57.82
C LEU E 110 -121.89 15.39 -58.93
N ALA E 111 -120.88 14.55 -59.16
CA ALA E 111 -121.00 13.41 -60.09
C ALA E 111 -122.07 12.41 -59.63
N ALA E 112 -122.11 12.14 -58.33
CA ALA E 112 -123.14 11.25 -57.76
C ALA E 112 -124.56 11.79 -57.99
N VAL E 113 -124.72 13.10 -57.81
CA VAL E 113 -126.01 13.77 -58.04
C VAL E 113 -126.43 13.65 -59.52
N GLU E 114 -125.47 13.83 -60.42
CA GLU E 114 -125.71 13.65 -61.86
C GLU E 114 -126.23 12.26 -62.18
N ALA E 115 -125.49 11.25 -61.71
CA ALA E 115 -125.86 9.83 -61.88
C ALA E 115 -127.25 9.51 -61.33
N ILE E 116 -127.56 10.05 -60.15
CA ILE E 116 -128.90 9.94 -59.56
C ILE E 116 -129.98 10.57 -60.45
N SER E 117 -129.70 11.77 -60.95
CA SER E 117 -130.64 12.49 -61.83
C SER E 117 -130.89 11.75 -63.16
N ILE E 118 -129.82 11.22 -63.74
CA ILE E 118 -129.89 10.42 -64.98
C ILE E 118 -130.73 9.15 -64.79
N ALA E 119 -130.61 8.54 -63.62
CA ALA E 119 -131.37 7.32 -63.27
C ALA E 119 -132.85 7.54 -62.94
N GLY E 120 -133.32 8.78 -62.97
CA GLY E 120 -134.72 9.12 -62.69
C GLY E 120 -134.98 9.48 -61.24
N GLY E 121 -133.91 9.62 -60.46
CA GLY E 121 -134.01 9.92 -59.04
C GLY E 121 -133.98 11.40 -58.74
N ARG E 122 -134.12 11.70 -57.46
CA ARG E 122 -134.14 13.06 -56.94
C ARG E 122 -133.15 13.20 -55.81
N ALA E 123 -132.14 14.05 -55.99
CA ALA E 123 -131.06 14.17 -55.04
C ALA E 123 -131.02 15.53 -54.33
N VAL E 124 -130.77 15.48 -53.03
CA VAL E 124 -130.30 16.64 -52.27
C VAL E 124 -128.93 16.28 -51.70
N VAL E 125 -128.14 17.29 -51.38
CA VAL E 125 -126.82 17.09 -50.78
C VAL E 125 -126.87 17.45 -49.29
N MET E 126 -126.29 16.58 -48.46
CA MET E 126 -126.08 16.88 -47.04
C MET E 126 -124.60 17.12 -46.82
N THR E 127 -124.27 18.29 -46.31
CA THR E 127 -122.88 18.66 -46.11
C THR E 127 -122.71 19.60 -44.92
N TYR E 128 -121.57 19.47 -44.27
CA TYR E 128 -121.09 20.46 -43.31
C TYR E 128 -120.69 21.69 -44.12
N TRP E 129 -120.65 22.85 -43.48
CA TRP E 129 -120.60 24.11 -44.22
C TRP E 129 -119.24 24.45 -44.86
N ASN E 130 -118.15 24.08 -44.21
CA ASN E 130 -116.83 24.50 -44.70
C ASN E 130 -116.45 24.03 -46.11
N PRO E 131 -116.76 22.78 -46.47
CA PRO E 131 -116.57 22.39 -47.87
C PRO E 131 -117.32 23.28 -48.85
N VAL E 132 -118.50 23.78 -48.47
CA VAL E 132 -119.27 24.72 -49.30
C VAL E 132 -118.56 26.10 -49.40
N LEU E 133 -118.11 26.63 -48.26
CA LEU E 133 -117.33 27.89 -48.24
C LEU E 133 -116.07 27.82 -49.11
N ARG E 134 -115.35 26.71 -49.01
CA ARG E 134 -114.09 26.50 -49.74
C ARG E 134 -114.31 26.44 -51.25
N TYR E 135 -115.36 25.72 -51.65
CA TYR E 135 -115.79 25.64 -53.05
C TYR E 135 -116.28 27.01 -53.54
N GLY E 136 -116.94 27.76 -52.66
CA GLY E 136 -117.62 29.00 -53.02
C GLY E 136 -119.12 28.73 -52.97
N VAL E 137 -119.84 29.50 -52.17
CA VAL E 137 -121.27 29.22 -51.90
C VAL E 137 -122.10 29.36 -53.17
N ASP E 138 -121.93 30.48 -53.87
CA ASP E 138 -122.64 30.72 -55.14
C ASP E 138 -122.28 29.67 -56.18
N ALA E 139 -120.99 29.38 -56.32
CA ALA E 139 -120.49 28.40 -57.30
C ALA E 139 -120.99 26.98 -57.01
N PHE E 140 -121.01 26.59 -55.74
CA PHE E 140 -121.51 25.26 -55.37
C PHE E 140 -123.02 25.14 -55.65
N ALA E 141 -123.77 26.19 -55.34
CA ALA E 141 -125.21 26.23 -55.62
C ALA E 141 -125.48 26.12 -57.12
N ARG E 142 -124.70 26.87 -57.91
CA ARG E 142 -124.77 26.84 -59.37
C ARG E 142 -124.54 25.43 -59.91
N ASP E 143 -123.44 24.82 -59.48
CA ASP E 143 -123.02 23.51 -59.98
C ASP E 143 -123.93 22.37 -59.49
N LEU E 144 -124.43 22.50 -58.26
CA LEU E 144 -125.40 21.53 -57.72
C LEU E 144 -126.70 21.56 -58.51
N ALA E 145 -127.19 22.76 -58.80
CA ALA E 145 -128.38 22.96 -59.65
C ALA E 145 -128.18 22.44 -61.07
N ALA E 146 -126.97 22.65 -61.61
CA ALA E 146 -126.63 22.17 -62.97
C ALA E 146 -126.65 20.64 -63.06
N ALA E 147 -126.15 19.98 -62.02
CA ALA E 147 -126.21 18.50 -61.92
C ALA E 147 -127.63 17.91 -61.72
N GLY E 148 -128.64 18.76 -61.53
CA GLY E 148 -130.00 18.31 -61.24
C GLY E 148 -130.32 18.21 -59.76
N GLY E 149 -129.42 18.70 -58.92
CA GLY E 149 -129.63 18.70 -57.47
C GLY E 149 -130.78 19.61 -57.10
N LEU E 150 -131.55 19.20 -56.09
CA LEU E 150 -132.79 19.88 -55.71
C LEU E 150 -132.68 20.74 -54.45
N GLY E 151 -131.62 20.55 -53.68
CA GLY E 151 -131.47 21.27 -52.44
C GLY E 151 -130.31 20.83 -51.61
N LEU E 152 -130.23 21.41 -50.42
CA LEU E 152 -129.07 21.30 -49.54
C LEU E 152 -129.52 21.16 -48.09
N ILE E 153 -129.01 20.13 -47.41
CA ILE E 153 -129.25 19.91 -45.98
C ILE E 153 -128.02 20.35 -45.24
N THR E 154 -128.19 21.24 -44.26
CA THR E 154 -127.06 21.94 -43.61
C THR E 154 -127.04 21.77 -42.08
N PRO E 155 -126.49 20.65 -41.58
CA PRO E 155 -126.55 20.37 -40.14
C PRO E 155 -125.79 21.31 -39.22
N ASP E 156 -124.71 21.95 -39.71
CA ASP E 156 -123.96 22.96 -38.92
C ASP E 156 -124.12 24.42 -39.42
N LEU E 157 -125.11 24.66 -40.27
CA LEU E 157 -125.47 26.03 -40.66
C LEU E 157 -126.87 26.35 -40.17
N ILE E 158 -126.94 27.32 -39.27
CA ILE E 158 -128.22 27.83 -38.76
C ILE E 158 -128.60 29.05 -39.59
N PRO E 159 -129.90 29.43 -39.62
CA PRO E 159 -130.32 30.58 -40.44
C PRO E 159 -129.60 31.89 -40.09
N ASP E 160 -129.26 32.05 -38.80
CA ASP E 160 -128.45 33.20 -38.31
C ASP E 160 -127.19 33.53 -39.15
N GLU E 161 -126.54 32.48 -39.68
CA GLU E 161 -125.31 32.62 -40.49
C GLU E 161 -125.51 32.35 -41.99
N ALA E 162 -126.77 32.23 -42.41
CA ALA E 162 -127.11 31.71 -43.76
C ALA E 162 -127.41 32.77 -44.83
N GLN E 163 -126.89 33.99 -44.68
CA GLN E 163 -127.20 35.11 -45.60
C GLN E 163 -126.79 34.80 -47.05
N GLN E 164 -125.55 34.35 -47.23
CA GLN E 164 -125.02 33.98 -48.55
C GLN E 164 -125.79 32.81 -49.16
N TRP E 165 -126.08 31.83 -48.31
CA TRP E 165 -126.79 30.63 -48.74
C TRP E 165 -128.23 30.95 -49.14
N LEU E 166 -128.90 31.79 -48.38
CA LEU E 166 -130.25 32.23 -48.75
C LEU E 166 -130.29 32.90 -50.13
N ALA E 167 -129.30 33.75 -50.40
CA ALA E 167 -129.19 34.43 -51.71
C ALA E 167 -128.91 33.46 -52.85
N ALA E 168 -127.99 32.54 -52.63
CA ALA E 168 -127.64 31.49 -53.61
C ALA E 168 -128.78 30.51 -53.84
N SER E 169 -129.49 30.18 -52.77
CA SER E 169 -130.66 29.30 -52.81
C SER E 169 -131.78 29.87 -53.66
N GLU E 170 -132.09 31.15 -53.49
CA GLU E 170 -133.12 31.84 -54.30
C GLU E 170 -132.70 31.96 -55.76
N GLU E 171 -131.44 32.33 -55.98
CA GLU E 171 -130.89 32.53 -57.33
C GLU E 171 -130.86 31.24 -58.16
N HIS E 172 -130.45 30.14 -57.55
CA HIS E 172 -130.29 28.85 -58.27
C HIS E 172 -131.44 27.84 -58.03
N ARG E 173 -132.52 28.30 -57.42
CA ARG E 173 -133.75 27.51 -57.25
C ARG E 173 -133.48 26.18 -56.53
N LEU E 174 -132.84 26.27 -55.38
CA LEU E 174 -132.53 25.11 -54.55
C LEU E 174 -133.26 25.20 -53.23
N ASP E 175 -133.79 24.07 -52.78
CA ASP E 175 -134.42 23.98 -51.47
C ASP E 175 -133.36 24.07 -50.36
N ARG E 176 -133.78 24.57 -49.21
CA ARG E 176 -132.89 24.76 -48.07
C ARG E 176 -133.49 24.11 -46.83
N ILE E 177 -132.90 22.99 -46.47
CA ILE E 177 -133.41 22.15 -45.41
C ILE E 177 -132.54 22.39 -44.17
N PHE E 178 -133.07 23.17 -43.24
CA PHE E 178 -132.46 23.37 -41.94
C PHE E 178 -132.99 22.33 -40.96
N LEU E 179 -132.26 22.11 -39.87
CA LEU E 179 -132.65 21.17 -38.82
C LEU E 179 -133.32 21.88 -37.66
N VAL E 180 -134.28 21.20 -37.05
CA VAL E 180 -134.82 21.56 -35.74
C VAL E 180 -134.60 20.41 -34.76
N ALA E 181 -134.57 20.73 -33.49
CA ALA E 181 -134.31 19.76 -32.41
C ALA E 181 -135.38 19.85 -31.33
N PRO E 182 -135.53 18.80 -30.50
CA PRO E 182 -136.47 18.87 -29.36
C PRO E 182 -136.20 20.04 -28.41
N SER E 183 -134.92 20.39 -28.26
CA SER E 183 -134.50 21.52 -27.40
C SER E 183 -134.79 22.90 -27.99
N SER E 184 -135.09 22.98 -29.29
CA SER E 184 -135.34 24.27 -29.97
C SER E 184 -136.40 25.10 -29.25
N THR E 185 -136.06 26.37 -28.99
CA THR E 185 -137.02 27.30 -28.34
C THR E 185 -138.13 27.63 -29.33
N PRO E 186 -139.29 28.10 -28.84
CA PRO E 186 -140.36 28.53 -29.76
C PRO E 186 -139.92 29.57 -30.81
N GLU E 187 -139.09 30.52 -30.41
CA GLU E 187 -138.62 31.58 -31.34
C GLU E 187 -137.77 31.01 -32.46
N ARG E 188 -136.78 30.20 -32.06
CA ARG E 188 -135.83 29.61 -33.00
C ARG E 188 -136.47 28.57 -33.92
N LEU E 189 -137.41 27.80 -33.38
CA LEU E 189 -138.17 26.86 -34.20
C LEU E 189 -138.96 27.59 -35.29
N ALA E 190 -139.66 28.66 -34.92
CA ALA E 190 -140.42 29.46 -35.88
C ALA E 190 -139.50 30.08 -36.94
N ALA E 191 -138.39 30.66 -36.51
CA ALA E 191 -137.40 31.24 -37.42
C ALA E 191 -136.74 30.22 -38.37
N THR E 192 -136.52 28.99 -37.87
CA THR E 192 -135.90 27.93 -38.68
C THR E 192 -136.85 27.36 -39.73
N VAL E 193 -138.11 27.22 -39.35
CA VAL E 193 -139.16 26.77 -40.27
C VAL E 193 -139.42 27.80 -41.38
N GLU E 194 -139.54 29.07 -40.97
CA GLU E 194 -139.68 30.21 -41.89
C GLU E 194 -138.53 30.28 -42.93
N ALA E 195 -137.31 30.00 -42.47
CA ALA E 195 -136.12 30.03 -43.35
C ALA E 195 -136.00 28.80 -44.27
N SER E 196 -136.67 27.71 -43.93
CA SER E 196 -136.60 26.47 -44.72
C SER E 196 -137.52 26.46 -45.93
N ARG E 197 -137.05 25.82 -47.00
CA ARG E 197 -137.87 25.50 -48.18
C ARG E 197 -137.68 24.03 -48.50
N GLY E 198 -138.75 23.37 -48.94
CA GLY E 198 -138.72 21.94 -49.28
C GLY E 198 -139.21 21.07 -48.14
N PHE E 199 -138.34 20.85 -47.15
CA PHE E 199 -138.76 20.25 -45.87
C PHE E 199 -137.89 20.70 -44.70
N VAL E 200 -138.40 20.50 -43.49
CA VAL E 200 -137.63 20.72 -42.25
C VAL E 200 -137.22 19.36 -41.72
N TYR E 201 -135.94 19.23 -41.39
CA TYR E 201 -135.37 17.99 -40.87
C TYR E 201 -135.55 18.00 -39.35
N ALA E 202 -136.49 17.21 -38.86
CA ALA E 202 -136.69 17.04 -37.42
C ALA E 202 -135.80 15.92 -36.89
N ALA E 203 -134.64 16.28 -36.37
CA ALA E 203 -133.65 15.32 -35.88
C ALA E 203 -133.79 15.08 -34.37
N SER E 204 -133.57 13.84 -33.95
CA SER E 204 -133.61 13.51 -32.52
C SER E 204 -132.47 12.62 -32.06
N SER E 216 -139.92 6.83 -27.31
CA SER E 216 -139.89 8.05 -26.81
C SER E 216 -140.80 8.91 -27.68
N GLN E 217 -141.48 9.85 -27.02
CA GLN E 217 -142.47 10.72 -27.67
C GLN E 217 -141.91 12.07 -28.15
N ALA E 218 -140.58 12.21 -28.18
CA ALA E 218 -139.94 13.46 -28.59
C ALA E 218 -140.21 13.82 -30.05
N ALA E 219 -140.11 12.83 -30.93
CA ALA E 219 -140.28 13.02 -32.37
C ALA E 219 -141.68 13.47 -32.80
N PRO E 220 -142.76 12.77 -32.37
CA PRO E 220 -144.10 13.29 -32.71
C PRO E 220 -144.41 14.69 -32.10
N GLU E 221 -143.93 14.93 -30.89
CA GLU E 221 -144.05 16.24 -30.23
C GLU E 221 -143.37 17.35 -31.01
N LEU E 222 -142.17 17.07 -31.52
CA LEU E 222 -141.41 18.04 -32.32
C LEU E 222 -142.07 18.32 -33.67
N VAL E 223 -142.52 17.28 -34.34
CA VAL E 223 -143.29 17.43 -35.58
C VAL E 223 -144.56 18.23 -35.32
N GLY E 224 -145.25 17.90 -34.23
CA GLY E 224 -146.45 18.63 -33.78
C GLY E 224 -146.25 20.13 -33.60
N ARG E 225 -145.09 20.52 -33.06
CA ARG E 225 -144.72 21.93 -32.90
C ARG E 225 -144.44 22.65 -34.23
N VAL E 226 -143.88 21.93 -35.20
CA VAL E 226 -143.64 22.48 -36.55
C VAL E 226 -144.96 22.70 -37.30
N LYS E 227 -145.87 21.73 -37.17
CA LYS E 227 -147.20 21.81 -37.82
C LYS E 227 -148.05 22.97 -37.27
N ALA E 228 -147.84 23.35 -36.02
CA ALA E 228 -148.60 24.45 -35.40
C ALA E 228 -148.28 25.84 -35.98
N VAL E 229 -147.12 25.99 -36.62
CA VAL E 229 -146.71 27.29 -37.22
C VAL E 229 -146.58 27.32 -38.74
N SER E 230 -146.67 26.16 -39.40
CA SER E 230 -146.40 26.07 -40.84
C SER E 230 -146.86 24.75 -41.46
N ASP E 231 -147.17 24.80 -42.75
CA ASP E 231 -147.59 23.61 -43.53
C ASP E 231 -146.45 22.94 -44.31
N ILE E 232 -145.21 23.37 -44.07
CA ILE E 232 -144.04 22.75 -44.72
C ILE E 232 -143.91 21.28 -44.32
N PRO E 233 -143.57 20.40 -45.27
CA PRO E 233 -143.31 19.01 -44.90
C PRO E 233 -142.17 18.84 -43.89
N VAL E 234 -142.32 17.82 -43.04
CA VAL E 234 -141.37 17.51 -41.98
C VAL E 234 -140.85 16.08 -42.16
N GLY E 235 -139.55 15.96 -42.36
CA GLY E 235 -138.86 14.67 -42.40
C GLY E 235 -138.33 14.36 -41.02
N VAL E 236 -138.37 13.09 -40.64
CA VAL E 236 -137.99 12.66 -39.30
C VAL E 236 -136.88 11.61 -39.36
N GLY E 237 -135.81 11.87 -38.61
CA GLY E 237 -134.68 10.94 -38.46
C GLY E 237 -134.60 10.46 -37.03
N LEU E 238 -134.55 9.15 -36.86
CA LEU E 238 -134.73 8.50 -35.55
C LEU E 238 -133.90 7.22 -35.39
N GLY E 239 -132.82 7.09 -36.16
CA GLY E 239 -132.08 5.82 -36.28
C GLY E 239 -132.97 4.64 -36.70
N VAL E 240 -133.68 4.83 -37.81
CA VAL E 240 -134.62 3.83 -38.34
C VAL E 240 -133.86 2.65 -38.95
N ARG E 241 -134.25 1.43 -38.58
CA ARG E 241 -133.60 0.20 -39.11
C ARG E 241 -134.53 -0.89 -39.64
N SER E 242 -135.83 -0.67 -39.55
CA SER E 242 -136.81 -1.71 -39.86
C SER E 242 -138.11 -1.13 -40.40
N ARG E 243 -138.87 -1.99 -41.06
CA ARG E 243 -140.16 -1.64 -41.65
C ARG E 243 -141.10 -1.05 -40.61
N ALA E 244 -141.19 -1.72 -39.47
CA ALA E 244 -142.08 -1.30 -38.36
C ALA E 244 -141.80 0.13 -37.89
N GLN E 245 -140.53 0.48 -37.72
CA GLN E 245 -140.16 1.84 -37.28
C GLN E 245 -140.52 2.91 -38.30
N ALA E 246 -140.28 2.62 -39.57
CA ALA E 246 -140.65 3.53 -40.68
C ALA E 246 -142.15 3.77 -40.74
N ALA E 247 -142.93 2.75 -40.41
CA ALA E 247 -144.40 2.83 -40.42
C ALA E 247 -144.94 3.67 -39.27
N GLN E 248 -144.33 3.51 -38.09
CA GLN E 248 -144.64 4.36 -36.92
C GLN E 248 -144.48 5.83 -37.24
N ILE E 249 -143.34 6.17 -37.83
CA ILE E 249 -142.99 7.56 -38.17
C ILE E 249 -143.92 8.13 -39.26
N ALA E 250 -144.31 7.29 -40.22
CA ALA E 250 -145.19 7.70 -41.32
C ALA E 250 -146.62 8.10 -40.90
N GLN E 251 -147.04 7.71 -39.69
CA GLN E 251 -148.33 8.14 -39.12
C GLN E 251 -148.43 9.66 -38.95
N TYR E 252 -147.34 10.27 -38.51
CA TYR E 252 -147.29 11.73 -38.21
C TYR E 252 -146.38 12.57 -39.12
N ALA E 253 -145.37 11.95 -39.72
CA ALA E 253 -144.37 12.66 -40.52
C ALA E 253 -144.63 12.54 -42.03
N ASP E 254 -144.22 13.57 -42.76
CA ASP E 254 -144.36 13.61 -44.22
C ASP E 254 -143.25 12.83 -44.92
N GLY E 255 -142.11 12.72 -44.25
CA GLY E 255 -140.97 11.94 -44.75
C GLY E 255 -140.27 11.16 -43.66
N VAL E 256 -139.76 9.99 -44.02
CA VAL E 256 -138.98 9.15 -43.12
C VAL E 256 -137.55 9.16 -43.63
N ILE E 257 -136.63 9.60 -42.78
CA ILE E 257 -135.21 9.72 -43.13
C ILE E 257 -134.45 8.52 -42.55
N VAL E 258 -133.69 7.84 -43.41
CA VAL E 258 -132.90 6.67 -43.03
C VAL E 258 -131.48 6.81 -43.57
N GLY E 259 -130.51 6.55 -42.71
CA GLY E 259 -129.09 6.74 -43.03
C GLY E 259 -128.21 5.64 -42.50
N SER E 260 -128.04 5.63 -41.18
CA SER E 260 -127.18 4.63 -40.52
C SER E 260 -127.43 3.20 -41.02
N ALA E 261 -128.71 2.82 -41.07
CA ALA E 261 -129.09 1.45 -41.47
C ALA E 261 -128.78 1.13 -42.93
N LEU E 262 -128.83 2.14 -43.80
CA LEU E 262 -128.47 1.95 -45.22
C LEU E 262 -126.97 1.70 -45.39
N VAL E 263 -126.16 2.42 -44.60
CA VAL E 263 -124.72 2.24 -44.61
C VAL E 263 -124.33 0.85 -44.10
N THR E 264 -124.90 0.47 -42.96
CA THR E 264 -124.74 -0.90 -42.42
C THR E 264 -125.12 -1.98 -43.44
N ALA E 265 -126.22 -1.77 -44.16
CA ALA E 265 -126.69 -2.69 -45.20
C ALA E 265 -125.71 -2.82 -46.37
N LEU E 266 -125.22 -1.68 -46.84
CA LEU E 266 -124.24 -1.62 -47.94
C LEU E 266 -122.91 -2.29 -47.61
N THR E 267 -122.47 -2.14 -46.36
CA THR E 267 -121.24 -2.79 -45.85
C THR E 267 -121.31 -4.31 -46.01
N GLU E 268 -122.47 -4.90 -45.70
CA GLU E 268 -122.71 -6.34 -45.94
C GLU E 268 -122.74 -6.65 -47.44
N GLY E 269 -123.48 -5.85 -48.19
CA GLY E 269 -123.54 -5.99 -49.64
C GLY E 269 -124.66 -5.22 -50.30
N LEU E 270 -124.50 -5.02 -51.61
CA LEU E 270 -125.49 -4.33 -52.43
C LEU E 270 -126.87 -5.04 -52.46
N PRO E 271 -126.90 -6.39 -52.50
CA PRO E 271 -128.20 -7.08 -52.38
C PRO E 271 -128.94 -6.83 -51.05
N ARG E 272 -128.19 -6.77 -49.95
CA ARG E 272 -128.76 -6.48 -48.64
C ARG E 272 -129.37 -5.08 -48.57
N LEU E 273 -128.73 -4.12 -49.24
CA LEU E 273 -129.27 -2.75 -49.35
C LEU E 273 -130.61 -2.70 -50.10
N ARG E 274 -130.70 -3.45 -51.19
N ARG E 274 -130.71 -3.45 -51.20
CA ARG E 274 -131.93 -3.52 -52.01
CA ARG E 274 -131.95 -3.52 -52.00
C ARG E 274 -133.11 -4.11 -51.22
C ARG E 274 -133.11 -4.10 -51.20
N ALA E 275 -132.81 -5.15 -50.44
CA ALA E 275 -133.81 -5.80 -49.60
C ALA E 275 -134.31 -4.85 -48.49
N LEU E 276 -133.38 -4.24 -47.77
CA LEU E 276 -133.74 -3.30 -46.71
C LEU E 276 -134.54 -2.11 -47.24
N THR E 277 -134.07 -1.49 -48.32
CA THR E 277 -134.77 -0.34 -48.93
C THR E 277 -136.20 -0.72 -49.34
N GLY E 278 -136.37 -1.92 -49.88
CA GLY E 278 -137.70 -2.46 -50.23
C GLY E 278 -138.63 -2.62 -49.04
N GLU E 279 -138.09 -3.06 -47.91
CA GLU E 279 -138.86 -3.18 -46.66
C GLU E 279 -139.26 -1.80 -46.09
N LEU E 280 -138.36 -0.83 -46.19
CA LEU E 280 -138.65 0.53 -45.73
C LEU E 280 -139.67 1.23 -46.63
N ALA E 281 -139.57 0.97 -47.94
CA ALA E 281 -140.55 1.46 -48.93
C ALA E 281 -141.95 0.93 -48.64
N ALA E 282 -142.05 -0.31 -48.17
CA ALA E 282 -143.34 -0.88 -47.74
C ALA E 282 -143.84 -0.25 -46.43
N GLY E 283 -142.90 0.08 -45.55
CA GLY E 283 -143.22 0.71 -44.26
C GLY E 283 -143.87 2.07 -44.38
N VAL E 284 -143.34 2.93 -45.25
CA VAL E 284 -143.89 4.29 -45.44
C VAL E 284 -145.32 4.32 -46.00
N ARG E 285 -145.72 3.25 -46.69
CA ARG E 285 -147.07 3.11 -47.23
C ARG E 285 -147.98 2.54 -46.19
N LEU E 286 -149.10 3.10 -46.04
CA LEU E 286 -150.03 2.59 -45.09
C LEU E 286 -151.38 2.36 -45.45
N GLY E 287 -151.78 2.45 -46.76
CA GLY E 287 -153.12 2.05 -47.29
C GLY E 287 -153.29 2.28 -48.80
N THR F 41 -115.42 47.53 -25.05
CA THR F 41 -116.13 47.32 -26.10
C THR F 41 -115.74 47.78 -27.51
N SER F 42 -114.79 48.69 -27.65
CA SER F 42 -114.29 49.08 -28.99
C SER F 42 -113.85 47.92 -29.89
N HIS F 43 -113.22 46.92 -29.30
CA HIS F 43 -112.67 45.77 -30.06
C HIS F 43 -113.59 44.54 -30.12
N ASP F 44 -114.77 44.66 -29.52
CA ASP F 44 -115.74 43.55 -29.46
C ASP F 44 -116.41 43.29 -30.82
N PRO F 45 -116.91 42.06 -31.04
CA PRO F 45 -117.68 41.76 -32.25
C PRO F 45 -119.14 42.19 -32.11
N ASP F 46 -119.90 42.05 -33.19
CA ASP F 46 -121.34 42.32 -33.17
C ASP F 46 -122.08 41.22 -32.39
N SER F 47 -123.40 41.36 -32.27
CA SER F 47 -124.24 40.40 -31.52
C SER F 47 -124.26 38.96 -32.11
N GLY F 48 -123.93 38.84 -33.39
CA GLY F 48 -123.74 37.54 -34.05
C GLY F 48 -122.35 36.92 -33.87
N GLY F 49 -121.43 37.66 -33.27
CA GLY F 49 -120.07 37.18 -33.01
C GLY F 49 -119.04 37.48 -34.08
N HIS F 50 -119.34 38.41 -34.98
CA HIS F 50 -118.46 38.71 -36.10
C HIS F 50 -117.50 39.87 -35.82
N PHE F 51 -116.23 39.68 -36.15
CA PHE F 51 -115.21 40.74 -36.13
C PHE F 51 -115.00 41.30 -37.54
N GLY F 52 -115.02 42.62 -37.67
CA GLY F 52 -114.62 43.29 -38.91
C GLY F 52 -115.70 43.42 -39.96
N GLY F 53 -116.94 43.32 -39.52
CA GLY F 53 -118.01 43.47 -40.41
C GLY F 53 -118.82 42.26 -40.44
N PRO F 54 -119.87 42.45 -41.11
CA PRO F 54 -120.90 41.51 -41.11
C PRO F 54 -120.53 40.09 -41.60
N SER F 55 -119.50 40.01 -42.29
CA SER F 55 -119.04 38.73 -42.68
C SER F 55 -117.76 38.39 -42.53
N GLY F 56 -117.40 38.93 -41.47
CA GLY F 56 -116.29 38.58 -41.19
C GLY F 56 -116.05 37.41 -40.33
N TRP F 57 -115.02 37.64 -39.57
CA TRP F 57 -114.38 36.61 -38.82
C TRP F 57 -115.23 36.28 -37.62
N GLY F 58 -115.23 35.02 -37.25
CA GLY F 58 -115.94 34.54 -36.07
C GLY F 58 -117.28 33.93 -36.41
N GLY F 59 -118.34 34.43 -35.77
CA GLY F 59 -119.68 33.94 -35.99
C GLY F 59 -119.94 32.61 -35.29
N ARG F 60 -120.90 31.87 -35.83
CA ARG F 60 -121.38 30.61 -35.25
C ARG F 60 -121.66 29.59 -36.34
N TYR F 61 -120.69 28.75 -36.62
CA TYR F 61 -120.82 27.67 -37.60
C TYR F 61 -121.02 26.40 -36.83
N VAL F 62 -122.25 26.26 -36.34
CA VAL F 62 -122.66 25.19 -35.45
C VAL F 62 -124.01 24.65 -35.92
N PRO F 63 -124.36 23.43 -35.48
CA PRO F 63 -125.70 22.91 -35.79
C PRO F 63 -126.79 23.55 -34.95
N GLU F 64 -128.00 23.57 -35.50
CA GLU F 64 -129.17 24.12 -34.83
C GLU F 64 -129.40 23.46 -33.46
N ALA F 65 -129.06 22.17 -33.35
CA ALA F 65 -129.14 21.42 -32.08
C ALA F 65 -128.34 22.04 -30.90
N LEU F 66 -127.28 22.78 -31.22
CA LEU F 66 -126.50 23.49 -30.19
C LEU F 66 -126.93 24.92 -29.89
N MET F 67 -127.83 25.49 -30.71
CA MET F 67 -128.10 26.93 -30.62
C MET F 67 -128.81 27.37 -29.35
N ALA F 68 -129.70 26.53 -28.82
CA ALA F 68 -130.40 26.83 -27.56
C ALA F 68 -129.41 27.04 -26.42
N VAL F 69 -128.48 26.10 -26.26
CA VAL F 69 -127.47 26.20 -25.19
C VAL F 69 -126.41 27.27 -25.49
N ILE F 70 -126.04 27.44 -26.76
CA ILE F 70 -125.16 28.56 -27.11
C ILE F 70 -125.80 29.90 -26.75
N GLU F 71 -127.07 30.08 -27.10
CA GLU F 71 -127.81 31.31 -26.74
C GLU F 71 -127.98 31.45 -25.23
N GLU F 72 -128.16 30.34 -24.53
CA GLU F 72 -128.26 30.33 -23.06
C GLU F 72 -126.94 30.83 -22.41
N VAL F 73 -125.81 30.31 -22.89
CA VAL F 73 -124.48 30.71 -22.39
C VAL F 73 -124.19 32.17 -22.72
N THR F 74 -124.57 32.59 -23.92
CA THR F 74 -124.36 33.98 -24.35
C THR F 74 -125.11 34.97 -23.47
N ALA F 75 -126.38 34.68 -23.23
CA ALA F 75 -127.24 35.50 -22.36
C ALA F 75 -126.71 35.56 -20.92
N ALA F 76 -126.31 34.42 -20.40
CA ALA F 76 -125.75 34.32 -19.04
C ALA F 76 -124.48 35.13 -18.91
N TYR F 77 -123.62 35.04 -19.91
CA TYR F 77 -122.37 35.80 -19.90
C TYR F 77 -122.63 37.31 -19.99
N GLN F 78 -123.51 37.74 -20.88
CA GLN F 78 -123.86 39.17 -21.00
C GLN F 78 -124.40 39.75 -19.70
N LYS F 79 -125.19 38.96 -18.99
CA LYS F 79 -125.70 39.33 -17.67
C LYS F 79 -124.59 39.41 -16.60
N GLU F 80 -123.76 38.37 -16.53
CA GLU F 80 -122.76 38.28 -15.45
C GLU F 80 -121.52 39.15 -15.63
N ARG F 81 -121.11 39.41 -16.86
CA ARG F 81 -119.92 40.26 -17.10
C ARG F 81 -120.07 41.71 -16.56
N VAL F 82 -121.31 42.17 -16.36
CA VAL F 82 -121.60 43.51 -15.78
C VAL F 82 -122.17 43.47 -14.36
N SER F 83 -122.14 42.30 -13.75
CA SER F 83 -122.57 42.12 -12.35
C SER F 83 -121.36 42.23 -11.45
N GLN F 84 -121.38 43.20 -10.53
CA GLN F 84 -120.25 43.37 -9.59
C GLN F 84 -120.03 42.21 -8.68
N ASP F 85 -121.12 41.59 -8.25
CA ASP F 85 -121.04 40.39 -7.42
C ASP F 85 -120.29 39.22 -8.10
N PHE F 86 -120.52 39.03 -9.40
CA PHE F 86 -119.77 38.06 -10.21
C PHE F 86 -118.28 38.41 -10.34
N LEU F 87 -118.00 39.65 -10.70
CA LEU F 87 -116.63 40.12 -10.84
C LEU F 87 -115.90 40.07 -9.49
N ASP F 88 -116.61 40.38 -8.41
CA ASP F 88 -116.04 40.25 -7.05
C ASP F 88 -115.67 38.79 -6.75
N ASP F 89 -116.58 37.87 -7.07
CA ASP F 89 -116.33 36.43 -6.88
C ASP F 89 -115.10 35.97 -7.67
N LEU F 90 -115.03 36.37 -8.92
CA LEU F 90 -113.88 36.03 -9.78
C LEU F 90 -112.59 36.61 -9.24
N ASP F 91 -112.62 37.88 -8.85
CA ASP F 91 -111.46 38.59 -8.27
C ASP F 91 -110.93 37.94 -7.00
N ARG F 92 -111.86 37.54 -6.13
CA ARG F 92 -111.53 36.94 -4.85
C ARG F 92 -110.80 35.60 -5.03
N LEU F 93 -111.31 34.78 -5.95
CA LEU F 93 -110.62 33.56 -6.35
C LEU F 93 -109.27 33.82 -7.03
N GLN F 94 -109.21 34.81 -7.92
CA GLN F 94 -107.94 35.15 -8.59
C GLN F 94 -106.84 35.47 -7.59
N ALA F 95 -107.19 36.25 -6.58
CA ALA F 95 -106.23 36.72 -5.57
C ALA F 95 -105.83 35.62 -4.59
N ASN F 96 -106.82 35.06 -3.91
CA ASN F 96 -106.59 34.17 -2.77
C ASN F 96 -106.39 32.70 -3.12
N TYR F 97 -106.98 32.26 -4.23
CA TYR F 97 -106.91 30.86 -4.66
C TYR F 97 -105.83 30.66 -5.71
N ALA F 98 -105.87 31.49 -6.76
CA ALA F 98 -104.93 31.39 -7.89
C ALA F 98 -103.63 32.14 -7.69
N GLY F 99 -103.57 33.05 -6.73
CA GLY F 99 -102.34 33.82 -6.45
C GLY F 99 -101.97 34.97 -7.38
N ARG F 100 -102.96 35.60 -8.00
CA ARG F 100 -102.72 36.81 -8.80
C ARG F 100 -102.44 38.02 -7.90
N PRO F 101 -101.67 39.02 -8.39
CA PRO F 101 -101.08 39.08 -9.73
C PRO F 101 -99.84 38.22 -9.90
N SER F 102 -99.59 37.79 -11.13
CA SER F 102 -98.35 37.11 -11.49
C SER F 102 -97.30 38.18 -11.68
N PRO F 103 -96.04 37.90 -11.33
CA PRO F 103 -95.03 38.93 -11.46
C PRO F 103 -94.49 39.08 -12.89
N LEU F 104 -93.76 40.18 -13.10
CA LEU F 104 -93.02 40.45 -14.33
C LEU F 104 -91.53 40.44 -13.99
N TYR F 105 -90.78 39.54 -14.61
CA TYR F 105 -89.37 39.29 -14.27
C TYR F 105 -88.48 39.64 -15.44
N GLU F 106 -87.51 40.51 -15.20
CA GLU F 106 -86.54 40.85 -16.25
C GLU F 106 -85.46 39.76 -16.28
N ALA F 107 -85.46 39.01 -17.37
CA ALA F 107 -84.52 37.90 -17.59
C ALA F 107 -83.22 38.42 -18.19
N THR F 108 -82.41 39.04 -17.33
CA THR F 108 -81.21 39.75 -17.78
C THR F 108 -80.14 38.84 -18.41
N ARG F 109 -80.10 37.58 -17.98
CA ARG F 109 -79.17 36.59 -18.51
C ARG F 109 -79.53 36.04 -19.89
N LEU F 110 -80.74 36.36 -20.37
CA LEU F 110 -81.08 36.11 -21.79
C LEU F 110 -80.61 37.19 -22.75
N SER F 111 -80.30 38.37 -22.22
CA SER F 111 -80.09 39.56 -23.04
C SER F 111 -79.09 39.36 -24.19
N GLN F 112 -77.96 38.75 -23.88
CA GLN F 112 -76.90 38.54 -24.87
C GLN F 112 -77.30 37.60 -26.02
N HIS F 113 -78.29 36.75 -25.79
CA HIS F 113 -78.88 35.91 -26.85
C HIS F 113 -80.04 36.57 -27.59
N ALA F 114 -80.38 37.78 -27.18
CA ALA F 114 -81.48 38.55 -27.77
C ALA F 114 -81.03 39.92 -28.30
N GLY F 115 -79.83 39.97 -28.85
CA GLY F 115 -79.26 41.22 -29.39
C GLY F 115 -79.08 42.35 -28.38
N SER F 116 -78.88 41.98 -27.11
CA SER F 116 -78.81 42.90 -25.97
C SER F 116 -80.11 43.64 -25.68
N ALA F 117 -81.21 43.09 -26.19
CA ALA F 117 -82.54 43.55 -25.83
C ALA F 117 -82.89 43.06 -24.42
N ARG F 118 -83.93 43.63 -23.86
CA ARG F 118 -84.33 43.35 -22.49
C ARG F 118 -85.61 42.53 -22.51
N ILE F 119 -85.48 41.25 -22.18
CA ILE F 119 -86.63 40.33 -22.17
C ILE F 119 -87.27 40.33 -20.79
N PHE F 120 -88.54 40.72 -20.73
CA PHE F 120 -89.34 40.67 -19.51
C PHE F 120 -90.33 39.53 -19.60
N LEU F 121 -90.30 38.62 -18.65
CA LEU F 121 -91.19 37.45 -18.65
C LEU F 121 -92.40 37.73 -17.78
N LYS F 122 -93.59 37.63 -18.36
CA LYS F 122 -94.84 37.71 -17.60
C LYS F 122 -95.15 36.31 -17.09
N ARG F 123 -95.08 36.13 -15.77
CA ARG F 123 -94.92 34.80 -15.18
C ARG F 123 -96.24 34.08 -14.90
N GLU F 124 -96.97 33.73 -15.95
CA GLU F 124 -98.20 32.93 -15.80
C GLU F 124 -97.87 31.49 -15.35
N ASP F 125 -96.62 31.06 -15.55
CA ASP F 125 -96.11 29.79 -15.01
C ASP F 125 -96.29 29.62 -13.49
N LEU F 126 -96.39 30.74 -12.76
CA LEU F 126 -96.56 30.72 -11.31
C LEU F 126 -98.02 30.66 -10.82
N ASN F 127 -98.98 30.64 -11.74
CA ASN F 127 -100.40 30.47 -11.36
C ASN F 127 -100.66 29.08 -10.80
N HIS F 128 -101.72 28.99 -9.99
CA HIS F 128 -102.28 27.71 -9.59
C HIS F 128 -102.59 26.87 -10.84
N THR F 129 -102.14 25.62 -10.80
CA THR F 129 -102.20 24.64 -11.90
C THR F 129 -101.06 24.75 -12.92
N GLY F 130 -100.36 25.87 -12.90
CA GLY F 130 -99.15 26.05 -13.69
C GLY F 130 -99.31 26.68 -15.07
N SER F 131 -100.43 27.33 -15.31
CA SER F 131 -100.63 28.04 -16.58
C SER F 131 -101.69 29.12 -16.50
N HIS F 132 -101.74 29.91 -17.56
CA HIS F 132 -102.81 30.88 -17.77
C HIS F 132 -104.21 30.26 -17.85
N LYS F 133 -104.32 28.97 -18.15
CA LYS F 133 -105.64 28.37 -18.36
C LYS F 133 -106.61 28.62 -17.21
N ILE F 134 -106.08 28.66 -15.99
CA ILE F 134 -106.93 28.83 -14.79
C ILE F 134 -107.76 30.13 -14.77
N ASN F 135 -107.24 31.17 -15.41
CA ASN F 135 -107.93 32.47 -15.50
C ASN F 135 -109.32 32.33 -16.13
N ASN F 136 -109.32 31.71 -17.32
CA ASN F 136 -110.52 31.44 -18.10
C ASN F 136 -111.43 30.44 -17.40
N VAL F 137 -110.84 29.40 -16.83
CA VAL F 137 -111.61 28.34 -16.16
C VAL F 137 -112.39 28.85 -14.95
N LEU F 138 -111.75 29.66 -14.12
CA LEU F 138 -112.44 30.22 -12.95
C LEU F 138 -113.68 31.03 -13.36
N GLY F 139 -113.52 31.85 -14.39
CA GLY F 139 -114.64 32.62 -14.94
C GLY F 139 -115.77 31.74 -15.44
N GLN F 140 -115.43 30.79 -16.30
CA GLN F 140 -116.43 29.91 -16.92
C GLN F 140 -117.10 28.92 -15.93
N ALA F 141 -116.34 28.48 -14.94
CA ALA F 141 -116.87 27.58 -13.91
C ALA F 141 -117.83 28.34 -13.00
N LEU F 142 -117.46 29.55 -12.61
CA LEU F 142 -118.37 30.42 -11.86
C LEU F 142 -119.67 30.64 -12.64
N LEU F 143 -119.52 30.86 -13.95
CA LEU F 143 -120.67 31.03 -14.83
C LEU F 143 -121.54 29.78 -14.92
N ALA F 144 -120.91 28.60 -14.96
CA ALA F 144 -121.65 27.34 -14.99
C ALA F 144 -122.55 27.16 -13.75
N ARG F 145 -122.00 27.46 -12.57
CA ARG F 145 -122.79 27.48 -11.34
C ARG F 145 -123.92 28.49 -11.37
N ARG F 146 -123.65 29.70 -11.86
CA ARG F 146 -124.71 30.73 -11.97
C ARG F 146 -125.87 30.26 -12.85
N MET F 147 -125.54 29.52 -13.91
CA MET F 147 -126.54 28.96 -14.83
C MET F 147 -127.29 27.71 -14.32
N GLY F 148 -126.84 27.14 -13.21
CA GLY F 148 -127.47 25.94 -12.66
C GLY F 148 -127.08 24.63 -13.33
N LYS F 149 -125.98 24.64 -14.07
CA LYS F 149 -125.46 23.44 -14.70
C LYS F 149 -124.75 22.58 -13.67
N THR F 150 -124.91 21.26 -13.78
CA THR F 150 -124.33 20.29 -12.83
C THR F 150 -123.16 19.47 -13.37
N ARG F 151 -122.91 19.59 -14.66
CA ARG F 151 -121.90 18.80 -15.34
C ARG F 151 -121.08 19.73 -16.24
N VAL F 152 -119.77 19.62 -16.17
CA VAL F 152 -118.86 20.40 -16.99
C VAL F 152 -118.03 19.45 -17.85
N ILE F 153 -117.91 19.77 -19.13
CA ILE F 153 -117.02 19.04 -20.03
C ILE F 153 -115.95 19.96 -20.60
N ALA F 154 -114.79 19.38 -20.92
CA ALA F 154 -113.71 20.13 -21.56
C ALA F 154 -112.82 19.25 -22.42
N GLU F 155 -112.24 19.89 -23.43
CA GLU F 155 -111.15 19.32 -24.24
C GLU F 155 -109.80 19.72 -23.64
N THR F 156 -108.77 18.94 -23.89
CA THR F 156 -107.41 19.35 -23.56
C THR F 156 -106.37 18.67 -24.44
N GLY F 157 -105.32 19.40 -24.75
CA GLY F 157 -104.18 18.88 -25.52
C GLY F 157 -102.98 18.69 -24.62
N ALA F 158 -102.45 19.80 -24.11
CA ALA F 158 -101.36 19.77 -23.15
C ALA F 158 -101.77 19.23 -21.78
N GLY F 159 -103.06 19.26 -21.48
CA GLY F 159 -103.57 18.79 -20.19
C GLY F 159 -103.65 19.87 -19.13
N GLN F 160 -103.25 21.08 -19.49
CA GLN F 160 -103.25 22.22 -18.56
C GLN F 160 -104.67 22.78 -18.40
N HIS F 161 -105.42 22.82 -19.49
CA HIS F 161 -106.82 23.24 -19.45
C HIS F 161 -107.67 22.18 -18.74
N GLY F 162 -107.37 20.92 -19.04
CA GLY F 162 -108.04 19.78 -18.41
C GLY F 162 -107.86 19.76 -16.91
N VAL F 163 -106.62 19.98 -16.48
CA VAL F 163 -106.28 20.10 -15.06
C VAL F 163 -106.94 21.32 -14.41
N ALA F 164 -106.91 22.45 -15.10
CA ALA F 164 -107.55 23.67 -14.59
C ALA F 164 -109.05 23.47 -14.41
N THR F 165 -109.70 22.89 -15.41
CA THR F 165 -111.15 22.60 -15.36
C THR F 165 -111.49 21.66 -14.20
N ALA F 166 -110.74 20.57 -14.09
CA ALA F 166 -110.91 19.59 -13.01
C ALA F 166 -110.77 20.25 -11.64
N THR F 167 -109.75 21.09 -11.53
CA THR F 167 -109.49 21.89 -10.34
C THR F 167 -110.72 22.72 -9.95
N ALA F 168 -111.23 23.51 -10.88
CA ALA F 168 -112.39 24.39 -10.61
C ALA F 168 -113.64 23.60 -10.26
N CYS F 169 -113.82 22.46 -10.91
CA CYS F 169 -114.98 21.60 -10.66
C CYS F 169 -114.94 20.92 -9.30
N ALA F 170 -113.73 20.56 -8.86
CA ALA F 170 -113.53 20.04 -7.51
C ALA F 170 -113.89 21.13 -6.51
N LEU F 171 -113.32 22.32 -6.74
CA LEU F 171 -113.57 23.50 -5.91
C LEU F 171 -115.04 23.87 -5.80
N LEU F 172 -115.79 23.73 -6.89
CA LEU F 172 -117.21 24.14 -6.93
C LEU F 172 -118.22 22.99 -6.87
N GLY F 173 -117.74 21.77 -6.75
CA GLY F 173 -118.61 20.60 -6.60
C GLY F 173 -119.40 20.24 -7.85
N LEU F 174 -118.74 20.37 -9.00
CA LEU F 174 -119.33 20.02 -10.30
C LEU F 174 -118.75 18.71 -10.84
N ASP F 175 -119.59 17.89 -11.47
CA ASP F 175 -119.11 16.70 -12.18
C ASP F 175 -118.33 17.13 -13.40
N CYS F 176 -117.26 16.42 -13.67
CA CYS F 176 -116.27 16.85 -14.66
C CYS F 176 -115.85 15.69 -15.57
N VAL F 177 -115.92 15.94 -16.87
CA VAL F 177 -115.47 14.97 -17.89
C VAL F 177 -114.52 15.70 -18.85
N ILE F 178 -113.29 15.19 -18.98
CA ILE F 178 -112.28 15.78 -19.87
C ILE F 178 -111.99 14.85 -21.06
N TYR F 179 -112.04 15.42 -22.26
CA TYR F 179 -111.70 14.70 -23.49
C TYR F 179 -110.29 15.07 -23.90
N MET F 180 -109.47 14.06 -24.18
CA MET F 180 -108.05 14.25 -24.46
C MET F 180 -107.63 13.25 -25.53
N GLY F 181 -106.96 13.75 -26.56
CA GLY F 181 -106.43 12.87 -27.62
C GLY F 181 -105.48 11.79 -27.09
N GLY F 182 -105.59 10.59 -27.63
CA GLY F 182 -104.77 9.44 -27.20
C GLY F 182 -103.26 9.64 -27.25
N ILE F 183 -102.79 10.36 -28.26
CA ILE F 183 -101.37 10.69 -28.39
C ILE F 183 -100.95 11.66 -27.28
N ASP F 184 -101.83 12.60 -26.96
CA ASP F 184 -101.62 13.57 -25.88
C ASP F 184 -101.64 12.92 -24.48
N THR F 185 -102.52 11.94 -24.25
CA THR F 185 -102.52 11.23 -22.94
C THR F 185 -101.16 10.58 -22.67
N ALA F 186 -100.52 10.08 -23.72
CA ALA F 186 -99.22 9.40 -23.61
C ALA F 186 -98.07 10.39 -23.36
N ARG F 187 -98.05 11.51 -24.09
CA ARG F 187 -96.96 12.49 -23.95
C ARG F 187 -97.18 13.57 -22.87
N GLN F 188 -98.39 13.66 -22.31
CA GLN F 188 -98.68 14.56 -21.16
C GLN F 188 -99.31 13.80 -20.00
N ALA F 189 -98.76 12.61 -19.73
CA ALA F 189 -99.30 11.66 -18.74
C ALA F 189 -99.38 12.18 -17.29
N LEU F 190 -98.47 13.09 -16.93
CA LEU F 190 -98.52 13.72 -15.60
C LEU F 190 -99.84 14.42 -15.39
N ASN F 191 -100.29 15.14 -16.42
CA ASN F 191 -101.58 15.84 -16.35
C ASN F 191 -102.80 14.93 -16.35
N VAL F 192 -102.71 13.76 -17.01
CA VAL F 192 -103.80 12.78 -16.96
C VAL F 192 -104.01 12.33 -15.52
N ALA F 193 -102.92 11.98 -14.84
CA ALA F 193 -102.95 11.51 -13.44
C ALA F 193 -103.48 12.58 -12.46
N ARG F 194 -103.08 13.83 -12.69
CA ARG F 194 -103.58 14.98 -11.90
C ARG F 194 -105.09 15.15 -12.02
N MET F 195 -105.58 15.15 -13.26
CA MET F 195 -107.02 15.22 -13.53
C MET F 195 -107.81 14.12 -12.80
N ARG F 196 -107.27 12.92 -12.82
CA ARG F 196 -107.90 11.78 -12.18
C ARG F 196 -107.94 11.94 -10.66
N LEU F 197 -106.82 12.40 -10.07
CA LEU F 197 -106.76 12.68 -8.61
C LEU F 197 -107.73 13.77 -8.19
N LEU F 198 -107.90 14.75 -9.06
CA LEU F 198 -108.87 15.82 -8.86
C LEU F 198 -110.34 15.39 -9.00
N GLY F 199 -110.58 14.16 -9.42
CA GLY F 199 -111.94 13.59 -9.48
C GLY F 199 -112.62 13.64 -10.84
N ALA F 200 -111.86 14.03 -11.86
CA ALA F 200 -112.37 14.10 -13.23
C ALA F 200 -112.28 12.75 -13.93
N GLU F 201 -113.28 12.47 -14.73
CA GLU F 201 -113.22 11.40 -15.68
C GLU F 201 -112.44 11.87 -16.92
N VAL F 202 -111.44 11.09 -17.33
CA VAL F 202 -110.65 11.39 -18.51
C VAL F 202 -110.95 10.38 -19.62
N VAL F 203 -111.38 10.89 -20.76
CA VAL F 203 -111.71 10.06 -21.93
C VAL F 203 -110.67 10.28 -23.03
N ALA F 204 -109.98 9.21 -23.38
CA ALA F 204 -108.95 9.22 -24.41
C ALA F 204 -109.63 9.13 -25.77
N VAL F 205 -109.38 10.10 -26.64
CA VAL F 205 -110.01 10.14 -27.97
C VAL F 205 -109.11 9.48 -29.01
N GLN F 206 -109.62 8.45 -29.68
CA GLN F 206 -108.83 7.69 -30.68
C GLN F 206 -109.12 8.05 -32.15
N THR F 207 -110.04 8.99 -32.37
CA THR F 207 -110.41 9.41 -33.73
C THR F 207 -109.38 10.39 -34.33
N GLY F 208 -109.30 10.40 -35.66
CA GLY F 208 -108.48 11.36 -36.41
C GLY F 208 -107.01 11.33 -36.03
N SER F 209 -106.46 12.51 -35.73
CA SER F 209 -105.03 12.63 -35.32
C SER F 209 -104.75 12.30 -33.84
N LYS F 210 -105.79 12.04 -33.05
CA LYS F 210 -105.68 11.72 -31.62
C LYS F 210 -104.97 12.84 -30.82
N THR F 211 -105.23 14.08 -31.22
CA THR F 211 -104.64 15.26 -30.60
C THR F 211 -105.77 16.26 -30.33
N LEU F 212 -105.42 17.53 -30.12
CA LEU F 212 -106.39 18.53 -29.62
C LEU F 212 -107.65 18.73 -30.48
N LYS F 213 -107.48 18.79 -31.81
CA LYS F 213 -108.64 19.03 -32.68
C LYS F 213 -109.68 17.91 -32.54
N ASP F 214 -109.20 16.71 -32.25
CA ASP F 214 -110.04 15.50 -32.17
C ASP F 214 -110.72 15.40 -30.82
N ALA F 215 -110.00 15.82 -29.78
CA ALA F 215 -110.58 16.02 -28.45
C ALA F 215 -111.73 17.03 -28.49
N ILE F 216 -111.54 18.12 -29.24
CA ILE F 216 -112.57 19.15 -29.41
C ILE F 216 -113.82 18.57 -30.08
N ASN F 217 -113.62 17.80 -31.14
CA ASN F 217 -114.72 17.12 -31.84
C ASN F 217 -115.53 16.24 -30.90
N GLU F 218 -114.86 15.48 -30.04
CA GLU F 218 -115.59 14.59 -29.10
C GLU F 218 -116.35 15.35 -28.03
N ALA F 219 -115.72 16.37 -27.48
CA ALA F 219 -116.38 17.24 -26.49
C ALA F 219 -117.65 17.88 -27.09
N PHE F 220 -117.53 18.34 -28.33
CA PHE F 220 -118.67 18.90 -29.08
C PHE F 220 -119.82 17.88 -29.17
N ARG F 221 -119.49 16.63 -29.52
CA ARG F 221 -120.48 15.53 -29.62
C ARG F 221 -121.19 15.27 -28.29
N ASP F 222 -120.42 15.33 -27.21
CA ASP F 222 -120.96 15.20 -25.86
C ASP F 222 -121.95 16.31 -25.59
N TRP F 223 -121.55 17.55 -25.89
CA TRP F 223 -122.40 18.73 -25.61
C TRP F 223 -123.71 18.69 -26.36
N VAL F 224 -123.64 18.32 -27.63
CA VAL F 224 -124.84 18.15 -28.48
C VAL F 224 -125.85 17.21 -27.80
N ALA F 225 -125.35 16.08 -27.29
CA ALA F 225 -126.21 15.08 -26.64
C ALA F 225 -126.69 15.49 -25.23
N ASN F 226 -125.89 16.27 -24.50
CA ASN F 226 -126.14 16.57 -23.07
C ASN F 226 -126.31 18.05 -22.74
N ALA F 227 -126.75 18.84 -23.70
CA ALA F 227 -126.91 20.31 -23.54
C ALA F 227 -127.75 20.78 -22.32
N ASP F 228 -128.77 20.01 -21.97
CA ASP F 228 -129.68 20.39 -20.87
C ASP F 228 -128.95 20.67 -19.57
N ASN F 229 -128.06 19.76 -19.19
CA ASN F 229 -127.39 19.80 -17.87
C ASN F 229 -125.91 20.15 -17.93
N THR F 230 -125.34 20.16 -19.13
CA THR F 230 -123.89 20.23 -19.30
C THR F 230 -123.43 21.61 -19.79
N TYR F 231 -122.42 22.14 -19.10
CA TYR F 231 -121.69 23.33 -19.54
C TYR F 231 -120.40 22.88 -20.24
N TYR F 232 -120.10 23.47 -21.40
CA TYR F 232 -118.85 23.19 -22.11
C TYR F 232 -117.85 24.29 -21.82
N CYS F 233 -116.87 23.96 -21.00
CA CYS F 233 -115.81 24.87 -20.62
C CYS F 233 -114.70 24.84 -21.68
N PHE F 234 -114.83 25.71 -22.68
CA PHE F 234 -113.89 25.72 -23.81
C PHE F 234 -112.63 26.52 -23.44
N GLY F 235 -111.48 25.92 -23.75
CA GLY F 235 -110.21 26.35 -23.20
C GLY F 235 -109.34 27.27 -24.02
N THR F 236 -109.80 27.66 -25.20
CA THR F 236 -109.04 28.63 -25.99
C THR F 236 -109.95 29.70 -26.63
N ALA F 237 -109.32 30.71 -27.21
CA ALA F 237 -110.03 31.87 -27.76
C ALA F 237 -110.50 31.62 -29.19
N ALA F 238 -111.20 30.51 -29.36
CA ALA F 238 -111.76 30.12 -30.65
C ALA F 238 -113.19 29.62 -30.39
N GLY F 239 -113.76 28.90 -31.33
CA GLY F 239 -115.12 28.40 -31.17
C GLY F 239 -116.16 29.40 -31.64
N PRO F 240 -117.44 29.00 -31.57
CA PRO F 240 -118.50 29.90 -31.91
C PRO F 240 -118.66 30.95 -30.83
N HIS F 241 -119.18 32.11 -31.20
CA HIS F 241 -119.62 33.12 -30.25
C HIS F 241 -120.54 32.44 -29.23
N PRO F 242 -120.34 32.63 -27.93
CA PRO F 242 -119.55 33.71 -27.31
C PRO F 242 -118.11 33.39 -26.88
N PHE F 243 -117.59 32.22 -27.24
CA PHE F 243 -116.33 31.74 -26.65
C PHE F 243 -115.09 32.58 -26.91
N PRO F 244 -114.87 33.02 -28.17
CA PRO F 244 -113.69 33.85 -28.42
C PRO F 244 -113.65 35.11 -27.56
N THR F 245 -114.81 35.76 -27.42
CA THR F 245 -114.92 36.99 -26.63
C THR F 245 -114.84 36.73 -25.13
N MET F 246 -115.58 35.73 -24.66
CA MET F 246 -115.59 35.35 -23.25
C MET F 246 -114.21 34.89 -22.76
N VAL F 247 -113.57 34.01 -23.51
CA VAL F 247 -112.25 33.51 -23.12
C VAL F 247 -111.26 34.67 -23.07
N ARG F 248 -111.29 35.51 -24.09
CA ARG F 248 -110.45 36.70 -24.12
C ARG F 248 -110.73 37.64 -22.92
N ASP F 249 -111.99 37.89 -22.63
CA ASP F 249 -112.34 38.72 -21.46
C ASP F 249 -111.78 38.17 -20.14
N PHE F 250 -111.80 36.87 -19.97
CA PHE F 250 -111.22 36.30 -18.75
C PHE F 250 -109.68 36.28 -18.76
N GLN F 251 -109.06 36.33 -19.94
CA GLN F 251 -107.59 36.37 -20.03
C GLN F 251 -106.99 37.78 -20.08
N ARG F 252 -107.85 38.78 -20.31
CA ARG F 252 -107.46 40.22 -20.36
C ARG F 252 -106.59 40.67 -19.19
N ILE F 253 -106.88 40.11 -18.02
CA ILE F 253 -106.13 40.37 -16.78
C ILE F 253 -104.60 40.26 -16.95
N ILE F 254 -104.14 39.36 -17.81
CA ILE F 254 -102.70 39.19 -18.04
C ILE F 254 -102.10 40.50 -18.58
N GLY F 255 -102.68 41.01 -19.65
CA GLY F 255 -102.23 42.24 -20.28
C GLY F 255 -102.41 43.48 -19.44
N MET F 256 -103.52 43.54 -18.71
N MET F 256 -103.51 43.58 -18.70
CA MET F 256 -103.81 44.66 -17.81
CA MET F 256 -103.74 44.76 -17.85
C MET F 256 -102.73 44.81 -16.73
C MET F 256 -102.72 44.84 -16.71
N GLU F 257 -102.37 43.69 -16.13
CA GLU F 257 -101.31 43.65 -15.13
C GLU F 257 -99.95 43.98 -15.77
N ALA F 258 -99.68 43.35 -16.90
CA ALA F 258 -98.39 43.54 -17.58
C ALA F 258 -98.15 44.98 -17.99
N ARG F 259 -99.19 45.65 -18.47
CA ARG F 259 -99.07 47.04 -18.91
C ARG F 259 -98.66 47.97 -17.76
N VAL F 260 -99.26 47.74 -16.59
CA VAL F 260 -98.91 48.49 -15.37
C VAL F 260 -97.49 48.14 -14.93
N GLN F 261 -97.19 46.85 -14.87
CA GLN F 261 -95.91 46.36 -14.37
C GLN F 261 -94.72 46.85 -15.19
N ILE F 262 -94.84 46.78 -16.52
CA ILE F 262 -93.71 47.17 -17.41
C ILE F 262 -93.42 48.67 -17.33
N GLN F 263 -94.46 49.47 -17.22
CA GLN F 263 -94.29 50.92 -17.03
C GLN F 263 -93.58 51.23 -15.72
N GLY F 264 -93.94 50.51 -14.66
CA GLY F 264 -93.26 50.59 -13.37
C GLY F 264 -91.79 50.18 -13.41
N GLN F 265 -91.49 49.02 -14.00
CA GLN F 265 -90.12 48.45 -13.99
C GLN F 265 -89.20 49.02 -15.04
N ALA F 266 -89.71 49.27 -16.24
CA ALA F 266 -88.88 49.83 -17.32
C ALA F 266 -89.04 51.34 -17.51
N GLY F 267 -90.06 51.94 -16.93
CA GLY F 267 -90.32 53.39 -17.06
C GLY F 267 -91.09 53.83 -18.30
N ARG F 268 -91.54 52.88 -19.10
CA ARG F 268 -92.22 53.17 -20.37
C ARG F 268 -92.92 51.93 -20.90
N LEU F 269 -93.76 52.12 -21.90
CA LEU F 269 -94.40 51.00 -22.60
C LEU F 269 -93.35 50.22 -23.38
N PRO F 270 -93.61 48.93 -23.63
CA PRO F 270 -92.59 48.15 -24.30
C PRO F 270 -92.50 48.44 -25.79
N ASP F 271 -91.41 48.01 -26.40
CA ASP F 271 -91.24 48.07 -27.86
C ASP F 271 -92.02 46.93 -28.50
N ALA F 272 -92.12 45.82 -27.79
CA ALA F 272 -92.94 44.71 -28.23
C ALA F 272 -93.49 43.86 -27.09
N VAL F 273 -94.61 43.21 -27.38
CA VAL F 273 -95.22 42.21 -26.50
C VAL F 273 -95.44 40.97 -27.36
N VAL F 274 -94.98 39.81 -26.89
CA VAL F 274 -95.05 38.57 -27.68
C VAL F 274 -95.58 37.38 -26.89
N ALA F 275 -96.16 36.44 -27.61
CA ALA F 275 -96.74 35.23 -27.01
C ALA F 275 -96.82 34.12 -28.03
N CYS F 276 -96.94 32.89 -27.55
CA CYS F 276 -97.21 31.76 -28.46
C CYS F 276 -98.70 31.70 -28.77
N VAL F 277 -99.01 31.04 -29.87
CA VAL F 277 -100.39 30.96 -30.38
C VAL F 277 -100.78 29.53 -30.73
N GLY F 278 -101.62 28.96 -29.88
CA GLY F 278 -102.32 27.69 -30.13
C GLY F 278 -103.62 28.08 -30.78
N GLY F 279 -104.71 28.01 -30.02
CA GLY F 279 -105.97 28.62 -30.45
C GLY F 279 -106.01 30.12 -30.24
N GLY F 280 -105.21 30.61 -29.29
CA GLY F 280 -104.95 32.05 -29.12
C GLY F 280 -105.28 32.76 -27.81
N SER F 281 -105.61 32.01 -26.76
CA SER F 281 -106.06 32.63 -25.49
C SER F 281 -104.97 33.41 -24.71
N ASN F 282 -103.80 32.82 -24.51
CA ASN F 282 -102.74 33.52 -23.75
C ASN F 282 -102.24 34.75 -24.51
N ALA F 283 -102.18 34.64 -25.83
CA ALA F 283 -101.74 35.76 -26.69
C ALA F 283 -102.72 36.93 -26.65
N ILE F 284 -103.99 36.62 -26.93
CA ILE F 284 -105.02 37.66 -26.90
C ILE F 284 -105.15 38.24 -25.49
N GLY F 285 -104.92 37.42 -24.47
CA GLY F 285 -104.96 37.88 -23.09
C GLY F 285 -103.97 38.97 -22.76
N ILE F 286 -102.72 38.77 -23.18
CA ILE F 286 -101.66 39.74 -22.93
C ILE F 286 -101.66 40.89 -23.93
N PHE F 287 -102.06 40.63 -25.18
CA PHE F 287 -102.10 41.67 -26.24
C PHE F 287 -103.16 42.76 -26.03
N HIS F 288 -104.28 42.40 -25.43
CA HIS F 288 -105.51 43.21 -25.53
C HIS F 288 -105.34 44.60 -24.96
N ALA F 289 -104.68 44.68 -23.82
CA ALA F 289 -104.42 45.97 -23.16
C ALA F 289 -103.47 46.91 -23.92
N PHE F 290 -102.69 46.37 -24.86
CA PHE F 290 -101.76 47.18 -25.67
C PHE F 290 -102.27 47.52 -27.08
N LEU F 291 -103.48 47.07 -27.44
CA LEU F 291 -103.98 47.26 -28.81
C LEU F 291 -104.02 48.74 -29.27
N ASP F 292 -104.38 49.63 -28.36
CA ASP F 292 -104.47 51.08 -28.67
C ASP F 292 -103.18 51.84 -28.35
N ASP F 293 -102.10 51.14 -28.08
CA ASP F 293 -100.77 51.75 -27.94
C ASP F 293 -100.04 51.57 -29.28
N PRO F 294 -100.06 52.58 -30.15
CA PRO F 294 -99.58 52.39 -31.53
C PRO F 294 -98.08 52.09 -31.67
N GLY F 295 -97.27 52.47 -30.69
CA GLY F 295 -95.84 52.16 -30.70
C GLY F 295 -95.45 50.77 -30.23
N VAL F 296 -96.42 50.02 -29.69
CA VAL F 296 -96.16 48.68 -29.17
C VAL F 296 -96.44 47.62 -30.24
N ARG F 297 -95.37 46.97 -30.70
N ARG F 297 -95.38 46.98 -30.72
CA ARG F 297 -95.47 45.88 -31.65
CA ARG F 297 -95.53 45.88 -31.68
C ARG F 297 -96.01 44.64 -30.95
C ARG F 297 -96.01 44.63 -30.97
N LEU F 298 -96.82 43.87 -31.67
CA LEU F 298 -97.42 42.66 -31.14
C LEU F 298 -97.07 41.52 -32.08
N VAL F 299 -96.44 40.48 -31.53
CA VAL F 299 -96.03 39.33 -32.32
C VAL F 299 -96.48 38.01 -31.68
N GLY F 300 -97.26 37.26 -32.44
CA GLY F 300 -97.69 35.92 -32.06
C GLY F 300 -96.78 34.91 -32.73
N PHE F 301 -96.40 33.88 -31.97
CA PHE F 301 -95.53 32.82 -32.50
C PHE F 301 -96.25 31.48 -32.55
N GLU F 302 -96.33 30.91 -33.75
CA GLU F 302 -97.04 29.66 -33.99
C GLU F 302 -96.06 28.49 -34.18
N ALA F 303 -96.52 27.29 -33.87
CA ALA F 303 -95.69 26.07 -33.94
C ALA F 303 -95.46 25.63 -35.38
N ALA F 304 -94.19 25.62 -35.78
CA ALA F 304 -93.81 25.20 -37.15
C ALA F 304 -93.28 23.75 -37.22
N GLY F 305 -93.22 23.07 -36.09
CA GLY F 305 -92.91 21.62 -36.08
C GLY F 305 -91.55 21.28 -36.67
N ASP F 306 -91.55 20.37 -37.65
CA ASP F 306 -90.32 20.00 -38.39
C ASP F 306 -89.91 21.08 -39.41
N GLY F 307 -90.81 22.02 -39.66
CA GLY F 307 -90.60 23.11 -40.62
C GLY F 307 -91.83 23.30 -41.48
N VAL F 308 -92.07 24.52 -41.96
CA VAL F 308 -93.29 24.84 -42.73
C VAL F 308 -93.30 24.19 -44.12
N GLU F 309 -92.11 24.02 -44.68
CA GLU F 309 -91.89 23.28 -45.94
C GLU F 309 -92.15 21.76 -45.88
N THR F 310 -92.18 21.17 -44.69
CA THR F 310 -92.28 19.70 -44.53
C THR F 310 -93.69 19.11 -44.51
N GLY F 311 -94.71 19.95 -44.32
CA GLY F 311 -96.06 19.45 -44.05
C GLY F 311 -96.26 18.79 -42.68
N ARG F 312 -95.33 19.03 -41.75
CA ARG F 312 -95.47 18.57 -40.36
C ARG F 312 -95.30 19.78 -39.44
N HIS F 313 -96.39 20.54 -39.32
CA HIS F 313 -96.39 21.81 -38.60
C HIS F 313 -97.80 22.18 -38.18
N ALA F 314 -97.90 23.26 -37.41
CA ALA F 314 -99.18 23.85 -37.02
C ALA F 314 -99.23 25.36 -37.30
N ALA F 315 -98.49 25.78 -38.32
CA ALA F 315 -98.32 27.18 -38.70
C ALA F 315 -99.50 27.72 -39.50
N THR F 316 -100.58 27.95 -38.79
CA THR F 316 -101.88 28.29 -39.37
C THR F 316 -101.85 29.57 -40.21
N PHE F 317 -101.29 30.64 -39.66
CA PHE F 317 -101.21 31.91 -40.41
C PHE F 317 -100.18 31.89 -41.55
N THR F 318 -99.05 31.19 -41.34
CA THR F 318 -98.00 31.06 -42.37
C THR F 318 -98.46 30.24 -43.57
N ALA F 319 -99.12 29.11 -43.31
CA ALA F 319 -99.46 28.12 -44.36
C ALA F 319 -100.95 27.87 -44.59
N GLY F 320 -101.81 28.40 -43.71
CA GLY F 320 -103.25 28.15 -43.81
C GLY F 320 -103.99 29.19 -44.63
N SER F 321 -105.31 29.10 -44.60
CA SER F 321 -106.18 30.01 -45.35
C SER F 321 -107.56 30.11 -44.67
N PRO F 322 -108.36 31.14 -45.04
CA PRO F 322 -109.65 31.31 -44.36
C PRO F 322 -110.62 30.16 -44.59
N GLY F 323 -111.38 29.83 -43.55
CA GLY F 323 -112.41 28.81 -43.62
C GLY F 323 -113.20 28.68 -42.32
N ALA F 324 -114.26 27.88 -42.38
CA ALA F 324 -115.12 27.60 -41.23
C ALA F 324 -114.69 26.30 -40.54
N PHE F 325 -114.34 26.41 -39.27
CA PHE F 325 -113.85 25.27 -38.50
C PHE F 325 -114.07 25.49 -37.02
N HIS F 326 -114.50 24.42 -36.35
CA HIS F 326 -114.80 24.42 -34.92
C HIS F 326 -115.59 25.65 -34.49
N GLY F 327 -116.65 25.95 -35.23
CA GLY F 327 -117.60 26.99 -34.84
C GLY F 327 -117.36 28.40 -35.36
N SER F 328 -116.21 28.65 -35.98
CA SER F 328 -115.83 30.01 -36.40
C SER F 328 -115.29 30.06 -37.82
N PHE F 329 -115.42 31.24 -38.43
CA PHE F 329 -114.71 31.58 -39.66
C PHE F 329 -113.40 32.24 -39.27
N SER F 330 -112.31 31.56 -39.58
CA SER F 330 -110.96 32.00 -39.18
C SER F 330 -109.97 31.35 -40.13
N TYR F 331 -108.68 31.36 -39.78
CA TYR F 331 -107.69 30.63 -40.57
C TYR F 331 -107.61 29.18 -40.11
N LEU F 332 -107.42 28.28 -41.06
CA LEU F 332 -107.00 26.91 -40.72
C LEU F 332 -106.14 26.29 -41.78
N LEU F 333 -105.41 25.26 -41.37
CA LEU F 333 -104.66 24.43 -42.30
C LEU F 333 -105.66 23.53 -43.02
N GLN F 334 -105.74 23.67 -44.33
CA GLN F 334 -106.71 22.90 -45.12
C GLN F 334 -106.20 22.64 -46.54
N ASP F 335 -106.67 21.55 -47.14
CA ASP F 335 -106.26 21.17 -48.51
C ASP F 335 -107.15 21.85 -49.56
N GLU F 336 -106.94 21.50 -50.83
CA GLU F 336 -107.69 22.11 -51.96
C GLU F 336 -109.23 21.94 -51.87
N ASP F 337 -109.68 20.86 -51.21
CA ASP F 337 -111.13 20.57 -51.05
C ASP F 337 -111.74 21.13 -49.77
N GLY F 338 -110.91 21.65 -48.88
CA GLY F 338 -111.38 22.19 -47.60
C GLY F 338 -111.39 21.19 -46.45
N GLN F 339 -110.68 20.07 -46.63
CA GLN F 339 -110.50 19.09 -45.56
C GLN F 339 -109.42 19.60 -44.62
N THR F 340 -109.64 19.45 -43.32
CA THR F 340 -108.63 19.86 -42.33
C THR F 340 -107.38 19.01 -42.50
N ILE F 341 -106.24 19.68 -42.53
CA ILE F 341 -104.94 19.01 -42.55
C ILE F 341 -104.54 18.82 -41.10
N GLU F 342 -104.13 17.61 -40.77
CA GLU F 342 -103.70 17.30 -39.41
C GLU F 342 -102.40 18.03 -39.09
N SER F 343 -102.40 18.69 -37.94
CA SER F 343 -101.24 19.43 -37.47
C SER F 343 -100.23 18.51 -36.78
N HIS F 344 -98.99 18.96 -36.69
CA HIS F 344 -97.96 18.31 -35.86
C HIS F 344 -97.05 19.32 -35.18
N SER F 345 -96.76 19.06 -33.92
CA SER F 345 -95.77 19.83 -33.15
C SER F 345 -95.28 18.99 -31.98
N ILE F 346 -94.05 19.25 -31.54
CA ILE F 346 -93.55 18.66 -30.30
C ILE F 346 -94.37 19.14 -29.08
N SER F 347 -94.94 20.34 -29.22
CA SER F 347 -95.81 20.92 -28.19
C SER F 347 -97.25 20.50 -28.38
N ALA F 348 -97.81 19.81 -27.40
CA ALA F 348 -99.21 19.35 -27.46
C ALA F 348 -100.21 20.51 -27.45
N GLY F 349 -99.85 21.58 -26.76
CA GLY F 349 -100.68 22.77 -26.67
C GLY F 349 -100.78 23.65 -27.91
N LEU F 350 -99.75 23.59 -28.76
CA LEU F 350 -99.77 24.32 -30.04
C LEU F 350 -100.13 23.45 -31.24
N ASP F 351 -100.36 22.16 -31.00
CA ASP F 351 -100.62 21.19 -32.07
C ASP F 351 -102.10 21.24 -32.47
N TYR F 352 -102.44 22.28 -33.21
CA TYR F 352 -103.83 22.59 -33.55
C TYR F 352 -103.82 23.31 -34.89
N PRO F 353 -104.58 22.81 -35.89
CA PRO F 353 -104.50 23.42 -37.22
C PRO F 353 -105.30 24.72 -37.42
N GLY F 354 -106.06 25.11 -36.41
CA GLY F 354 -106.85 26.35 -36.45
C GLY F 354 -106.28 27.47 -35.61
N VAL F 355 -107.03 28.56 -35.57
CA VAL F 355 -106.71 29.70 -34.70
C VAL F 355 -107.99 30.51 -34.50
N GLY F 356 -108.05 31.22 -33.38
CA GLY F 356 -109.21 32.06 -33.05
C GLY F 356 -109.45 33.22 -33.99
N PRO F 357 -110.72 33.61 -34.19
CA PRO F 357 -111.09 34.64 -35.16
C PRO F 357 -110.62 36.05 -34.83
N GLU F 358 -110.44 36.38 -33.55
CA GLU F 358 -109.95 37.71 -33.19
C GLU F 358 -108.52 37.89 -33.73
N HIS F 359 -107.74 36.83 -33.65
CA HIS F 359 -106.39 36.82 -34.23
C HIS F 359 -106.43 36.98 -35.75
N ALA F 360 -107.35 36.29 -36.42
CA ALA F 360 -107.53 36.45 -37.86
C ALA F 360 -107.82 37.91 -38.20
N TRP F 361 -108.69 38.53 -37.42
CA TRP F 361 -109.06 39.94 -37.63
C TRP F 361 -107.86 40.87 -37.38
N LEU F 362 -107.13 40.62 -36.30
CA LEU F 362 -105.96 41.45 -35.97
C LEU F 362 -104.84 41.27 -37.00
N LYS F 363 -104.70 40.06 -37.53
CA LYS F 363 -103.76 39.79 -38.64
C LYS F 363 -104.14 40.56 -39.90
N GLU F 364 -105.41 40.50 -40.28
CA GLU F 364 -105.92 41.20 -41.45
C GLU F 364 -105.76 42.72 -41.32
N ALA F 365 -105.98 43.24 -40.12
CA ALA F 365 -105.88 44.69 -39.82
C ALA F 365 -104.46 45.23 -39.84
N GLY F 366 -103.46 44.35 -39.73
CA GLY F 366 -102.05 44.75 -39.66
C GLY F 366 -101.58 45.10 -38.26
N ARG F 367 -102.36 44.74 -37.24
CA ARG F 367 -102.04 45.12 -35.85
C ARG F 367 -101.10 44.12 -35.16
N VAL F 368 -101.26 42.84 -35.50
CA VAL F 368 -100.38 41.78 -34.99
C VAL F 368 -99.70 41.06 -36.14
N ASP F 369 -98.41 40.78 -35.99
CA ASP F 369 -97.67 39.90 -36.90
C ASP F 369 -97.58 38.50 -36.28
N TYR F 370 -97.76 37.48 -37.11
CA TYR F 370 -97.72 36.07 -36.68
C TYR F 370 -96.60 35.39 -37.44
N ARG F 371 -95.78 34.62 -36.74
N ARG F 371 -95.78 34.62 -36.72
CA ARG F 371 -94.54 34.09 -37.33
CA ARG F 371 -94.50 34.11 -37.24
C ARG F 371 -94.24 32.69 -36.83
C ARG F 371 -94.29 32.66 -36.83
N PRO F 372 -93.66 31.85 -37.71
CA PRO F 372 -93.33 30.46 -37.35
C PRO F 372 -92.10 30.28 -36.45
N ILE F 373 -92.19 29.31 -35.55
CA ILE F 373 -91.07 28.85 -34.72
C ILE F 373 -91.08 27.31 -34.68
N THR F 374 -89.95 26.71 -35.04
CA THR F 374 -89.84 25.25 -35.16
C THR F 374 -89.62 24.57 -33.82
N ASP F 375 -89.82 23.26 -33.83
CA ASP F 375 -89.51 22.41 -32.66
C ASP F 375 -88.11 22.68 -32.11
N SER F 376 -87.13 22.72 -33.00
CA SER F 376 -85.71 22.87 -32.61
C SER F 376 -85.45 24.23 -31.98
N GLU F 377 -85.93 25.29 -32.64
CA GLU F 377 -85.84 26.65 -32.10
C GLU F 377 -86.43 26.73 -30.69
N ALA F 378 -87.61 26.13 -30.52
CA ALA F 378 -88.31 26.13 -29.24
C ALA F 378 -87.53 25.37 -28.17
N MET F 379 -87.01 24.21 -28.52
CA MET F 379 -86.23 23.43 -27.54
C MET F 379 -84.90 24.11 -27.18
N ASP F 380 -84.24 24.75 -28.15
CA ASP F 380 -83.05 25.54 -27.84
C ASP F 380 -83.38 26.60 -26.78
N ALA F 381 -84.52 27.26 -26.95
CA ALA F 381 -84.96 28.29 -26.00
C ALA F 381 -85.36 27.70 -24.65
N PHE F 382 -86.05 26.56 -24.69
CA PHE F 382 -86.43 25.82 -23.47
C PHE F 382 -85.17 25.63 -22.63
N GLY F 383 -84.17 25.04 -23.26
CA GLY F 383 -82.89 24.75 -22.61
C GLY F 383 -82.19 25.99 -22.10
N LEU F 384 -82.23 27.05 -22.89
CA LEU F 384 -81.55 28.29 -22.53
C LEU F 384 -82.16 28.89 -21.28
N LEU F 385 -83.47 28.86 -21.21
CA LEU F 385 -84.19 29.45 -20.08
C LEU F 385 -83.91 28.69 -18.80
N CYS F 386 -83.90 27.36 -18.89
CA CYS F 386 -83.52 26.51 -17.75
C CYS F 386 -82.14 26.89 -17.23
N ARG F 387 -81.19 26.97 -18.16
CA ARG F 387 -79.78 27.14 -17.85
C ARG F 387 -79.40 28.53 -17.33
N MET F 388 -80.04 29.54 -17.90
CA MET F 388 -79.70 30.92 -17.62
C MET F 388 -80.51 31.54 -16.47
N GLU F 389 -81.82 31.31 -16.46
CA GLU F 389 -82.70 31.94 -15.46
C GLU F 389 -83.30 31.00 -14.42
N GLY F 390 -83.01 29.71 -14.53
CA GLY F 390 -83.58 28.71 -13.64
C GLY F 390 -85.09 28.58 -13.71
N ILE F 391 -85.66 28.79 -14.89
CA ILE F 391 -87.10 28.63 -15.10
C ILE F 391 -87.33 27.55 -16.14
N ILE F 392 -88.11 26.54 -15.78
CA ILE F 392 -88.46 25.47 -16.70
C ILE F 392 -89.81 25.82 -17.31
N PRO F 393 -89.80 26.28 -18.58
CA PRO F 393 -91.05 26.69 -19.17
C PRO F 393 -91.79 25.53 -19.76
N ALA F 394 -93.08 25.74 -20.01
CA ALA F 394 -93.80 24.88 -20.93
C ALA F 394 -93.16 24.96 -22.32
N ILE F 395 -93.20 23.84 -23.03
CA ILE F 395 -92.70 23.80 -24.41
C ILE F 395 -93.50 24.76 -25.30
N GLU F 396 -94.78 24.94 -24.96
CA GLU F 396 -95.60 25.95 -25.63
C GLU F 396 -94.93 27.31 -25.50
N SER F 397 -94.68 27.71 -24.26
CA SER F 397 -94.10 29.01 -23.91
C SER F 397 -92.70 29.20 -24.47
N ALA F 398 -91.95 28.11 -24.56
CA ALA F 398 -90.61 28.17 -25.13
C ALA F 398 -90.60 28.67 -26.57
N HIS F 399 -91.69 28.46 -27.30
CA HIS F 399 -91.85 29.05 -28.64
C HIS F 399 -91.85 30.58 -28.58
N ALA F 400 -92.54 31.13 -27.60
CA ALA F 400 -92.58 32.58 -27.42
C ALA F 400 -91.21 33.10 -27.04
N VAL F 401 -90.52 32.37 -26.17
CA VAL F 401 -89.19 32.77 -25.74
C VAL F 401 -88.24 32.75 -26.93
N ALA F 402 -88.35 31.71 -27.74
CA ALA F 402 -87.53 31.58 -28.95
C ALA F 402 -87.76 32.73 -29.91
N GLY F 403 -89.02 33.07 -30.11
CA GLY F 403 -89.40 34.20 -30.94
C GLY F 403 -88.87 35.53 -30.43
N ALA F 404 -88.95 35.71 -29.11
CA ALA F 404 -88.45 36.93 -28.46
C ALA F 404 -86.95 37.11 -28.67
N LEU F 405 -86.20 36.01 -28.65
CA LEU F 405 -84.76 36.07 -28.89
C LEU F 405 -84.45 36.59 -30.31
N LYS F 406 -85.20 36.09 -31.29
CA LYS F 406 -85.04 36.56 -32.69
C LYS F 406 -85.47 38.02 -32.85
N LEU F 407 -86.59 38.36 -32.23
CA LEU F 407 -87.09 39.73 -32.25
C LEU F 407 -86.09 40.68 -31.59
N GLY F 408 -85.49 40.23 -30.49
CA GLY F 408 -84.43 40.98 -29.82
C GLY F 408 -83.27 41.33 -30.75
N VAL F 409 -82.84 40.37 -31.56
CA VAL F 409 -81.78 40.60 -32.54
C VAL F 409 -82.20 41.64 -33.59
N GLU F 410 -83.46 41.57 -34.01
CA GLU F 410 -84.02 42.50 -34.98
C GLU F 410 -84.09 43.94 -34.44
N LEU F 411 -84.60 44.09 -33.22
CA LEU F 411 -84.82 45.41 -32.60
C LEU F 411 -83.58 46.01 -31.94
N GLY F 412 -82.73 45.16 -31.39
CA GLY F 412 -81.41 45.59 -30.91
C GLY F 412 -81.34 46.06 -29.47
N ARG F 413 -80.21 46.67 -29.15
CA ARG F 413 -79.80 46.99 -27.77
C ARG F 413 -80.79 47.88 -27.03
N GLY F 414 -81.22 47.42 -25.85
CA GLY F 414 -82.11 48.19 -24.99
C GLY F 414 -83.59 48.15 -25.30
N ALA F 415 -83.96 47.44 -26.37
CA ALA F 415 -85.38 47.28 -26.72
C ALA F 415 -86.06 46.45 -25.63
N VAL F 416 -87.26 46.86 -25.28
CA VAL F 416 -88.01 46.25 -24.19
C VAL F 416 -89.06 45.33 -24.80
N ILE F 417 -88.92 44.04 -24.52
CA ILE F 417 -89.80 43.01 -25.05
C ILE F 417 -90.45 42.28 -23.87
N VAL F 418 -91.77 42.34 -23.80
CA VAL F 418 -92.53 41.57 -22.82
C VAL F 418 -92.96 40.26 -23.47
N VAL F 419 -92.65 39.16 -22.78
CA VAL F 419 -92.96 37.80 -23.24
C VAL F 419 -93.92 37.15 -22.26
N ASN F 420 -95.03 36.62 -22.79
CA ASN F 420 -95.96 35.85 -21.97
C ASN F 420 -95.43 34.46 -21.74
N LEU F 421 -95.00 34.20 -20.52
CA LEU F 421 -94.52 32.87 -20.16
C LEU F 421 -95.72 32.09 -19.65
N SER F 422 -96.40 31.47 -20.61
CA SER F 422 -97.77 30.99 -20.44
C SER F 422 -97.92 29.88 -19.41
N GLY F 423 -96.89 29.05 -19.30
CA GLY F 423 -96.92 27.95 -18.33
C GLY F 423 -95.57 27.37 -17.97
N ARG F 424 -95.58 26.53 -16.95
CA ARG F 424 -94.37 25.82 -16.52
C ARG F 424 -94.27 24.45 -17.17
N GLY F 425 -93.06 23.89 -17.12
CA GLY F 425 -92.68 22.71 -17.89
C GLY F 425 -92.67 21.35 -17.21
N ASP F 426 -93.27 21.25 -16.04
CA ASP F 426 -93.31 19.99 -15.31
C ASP F 426 -93.84 18.82 -16.14
N LYS F 427 -94.91 19.08 -16.88
CA LYS F 427 -95.50 18.09 -17.81
C LYS F 427 -94.58 17.66 -18.96
N ASP F 428 -93.66 18.55 -19.30
CA ASP F 428 -92.71 18.37 -20.41
C ASP F 428 -91.31 17.90 -20.00
N VAL F 429 -91.09 17.69 -18.70
CA VAL F 429 -89.75 17.34 -18.19
C VAL F 429 -89.20 16.07 -18.82
N GLU F 430 -90.05 15.05 -18.95
CA GLU F 430 -89.66 13.77 -19.54
C GLU F 430 -89.23 13.94 -21.01
N THR F 431 -90.09 14.60 -21.78
CA THR F 431 -89.78 14.97 -23.18
C THR F 431 -88.48 15.76 -23.32
N ALA F 432 -88.30 16.75 -22.46
CA ALA F 432 -87.12 17.62 -22.49
C ALA F 432 -85.84 16.91 -22.05
N ALA F 433 -85.93 16.13 -20.98
CA ALA F 433 -84.79 15.31 -20.52
C ALA F 433 -84.30 14.37 -21.63
N LYS F 434 -85.26 13.78 -22.34
CA LYS F 434 -84.99 12.91 -23.48
C LYS F 434 -84.34 13.68 -24.65
N TRP F 435 -84.93 14.81 -24.99
CA TRP F 435 -84.34 15.73 -25.98
C TRP F 435 -82.87 16.09 -25.72
N PHE F 436 -82.52 16.38 -24.46
CA PHE F 436 -81.17 16.82 -24.09
C PHE F 436 -80.25 15.71 -23.60
N GLY F 437 -80.69 14.46 -23.72
CA GLY F 437 -79.85 13.30 -23.39
C GLY F 437 -79.56 13.16 -21.90
N LEU F 438 -80.57 13.41 -21.09
CA LEU F 438 -80.46 13.40 -19.62
C LEU F 438 -81.35 12.29 -19.04
N LEU F 439 -81.36 11.14 -19.73
CA LEU F 439 -82.36 10.03 -19.62
C LEU F 439 -83.58 10.16 -20.54
N GLU G 28 -50.56 14.74 36.65
CA GLU G 28 -49.19 14.89 36.29
C GLU G 28 -48.87 14.74 34.85
N ALA G 29 -49.07 13.55 34.31
CA ALA G 29 -48.79 13.30 32.90
C ALA G 29 -49.88 12.45 32.27
N SER G 30 -49.91 12.45 30.93
CA SER G 30 -50.93 11.72 30.16
C SER G 30 -50.72 10.20 30.25
N ARG G 31 -51.80 9.47 30.03
CA ARG G 31 -51.79 7.99 30.05
C ARG G 31 -50.94 7.38 28.94
N LEU G 32 -50.99 7.98 27.75
CA LEU G 32 -50.22 7.50 26.60
C LEU G 32 -48.78 8.06 26.51
N GLY G 33 -48.45 9.01 27.38
CA GLY G 33 -47.09 9.61 27.45
C GLY G 33 -45.89 8.66 27.50
N PRO G 34 -45.93 7.64 28.39
CA PRO G 34 -44.88 6.62 28.44
C PRO G 34 -44.70 5.78 27.17
N VAL G 35 -45.78 5.57 26.41
CA VAL G 35 -45.70 4.84 25.12
C VAL G 35 -44.91 5.65 24.09
N PHE G 36 -45.24 6.93 23.97
CA PHE G 36 -44.54 7.83 23.04
C PHE G 36 -43.09 8.10 23.46
N ASP G 37 -42.84 8.19 24.76
CA ASP G 37 -41.46 8.33 25.28
C ASP G 37 -40.62 7.09 25.00
N SER G 38 -41.23 5.91 25.20
CA SER G 38 -40.57 4.63 24.88
C SER G 38 -40.26 4.49 23.38
N CYS G 39 -41.17 4.96 22.53
CA CYS G 39 -40.94 5.01 21.08
C CYS G 39 -39.83 6.02 20.73
N ARG G 40 -39.95 7.22 21.29
CA ARG G 40 -38.96 8.31 21.09
C ARG G 40 -37.56 7.94 21.61
N ALA G 41 -37.48 7.05 22.59
CA ALA G 41 -36.20 6.50 23.11
C ALA G 41 -35.61 5.43 22.19
N ASN G 42 -36.47 4.66 21.52
CA ASN G 42 -36.06 3.66 20.51
C ASN G 42 -36.03 4.21 19.08
N ASN G 43 -35.99 5.54 18.95
CA ASN G 43 -35.89 6.24 17.65
C ASN G 43 -36.90 5.74 16.60
N ARG G 44 -38.17 5.81 16.97
CA ARG G 44 -39.25 5.38 16.09
C ARG G 44 -40.57 6.05 16.44
N ALA G 45 -41.53 5.89 15.54
CA ALA G 45 -42.91 6.33 15.76
C ALA G 45 -43.74 5.16 16.30
N ALA G 46 -44.81 5.51 17.01
CA ALA G 46 -45.77 4.51 17.48
C ALA G 46 -46.70 4.09 16.35
N LEU G 47 -46.97 2.80 16.25
CA LEU G 47 -47.97 2.28 15.30
C LEU G 47 -49.33 2.22 15.99
N ILE G 48 -50.29 2.98 15.47
CA ILE G 48 -51.63 3.10 16.06
C ILE G 48 -52.62 2.42 15.13
N GLY G 49 -53.22 1.33 15.60
CA GLY G 49 -54.07 0.46 14.77
C GLY G 49 -55.55 0.57 15.10
N TYR G 50 -56.37 0.88 14.09
CA TYR G 50 -57.83 0.94 14.23
C TYR G 50 -58.52 -0.32 13.70
N LEU G 51 -59.39 -0.90 14.53
CA LEU G 51 -60.39 -1.87 14.07
C LEU G 51 -61.74 -1.55 14.68
N PRO G 52 -62.83 -1.80 13.94
CA PRO G 52 -64.16 -1.61 14.50
C PRO G 52 -64.67 -2.88 15.20
N THR G 53 -65.23 -2.70 16.38
CA THR G 53 -65.84 -3.77 17.18
C THR G 53 -66.98 -4.41 16.41
N GLY G 54 -67.05 -5.74 16.46
CA GLY G 54 -68.13 -6.50 15.82
C GLY G 54 -68.00 -6.83 14.34
N TYR G 55 -66.88 -6.47 13.70
CA TYR G 55 -66.61 -6.88 12.32
C TYR G 55 -65.50 -7.92 12.28
N PRO G 56 -65.72 -9.08 11.62
CA PRO G 56 -66.97 -9.48 10.96
C PRO G 56 -68.09 -9.94 11.93
N ASP G 57 -67.69 -10.35 13.13
CA ASP G 57 -68.61 -10.53 14.27
C ASP G 57 -67.84 -10.16 15.55
N VAL G 58 -68.48 -10.23 16.72
CA VAL G 58 -67.83 -9.75 17.96
C VAL G 58 -66.62 -10.62 18.40
N PRO G 59 -66.75 -11.96 18.46
CA PRO G 59 -65.59 -12.80 18.79
C PRO G 59 -64.40 -12.68 17.82
N ALA G 60 -64.68 -12.62 16.52
CA ALA G 60 -63.61 -12.49 15.50
C ALA G 60 -62.87 -11.16 15.60
N SER G 61 -63.62 -10.08 15.87
CA SER G 61 -63.05 -8.72 16.03
C SER G 61 -62.13 -8.61 17.23
N VAL G 62 -62.50 -9.27 18.32
CA VAL G 62 -61.67 -9.31 19.53
C VAL G 62 -60.39 -10.14 19.28
N ALA G 63 -60.54 -11.25 18.58
CA ALA G 63 -59.38 -12.08 18.16
C ALA G 63 -58.45 -11.32 17.22
N ALA G 64 -59.02 -10.48 16.36
CA ALA G 64 -58.24 -9.60 15.47
C ALA G 64 -57.48 -8.51 16.26
N MET G 65 -58.16 -7.90 17.22
CA MET G 65 -57.54 -6.86 18.07
C MET G 65 -56.41 -7.42 18.95
N THR G 66 -56.58 -8.65 19.41
CA THR G 66 -55.50 -9.36 20.12
C THR G 66 -54.31 -9.63 19.19
N ALA G 67 -54.62 -10.05 17.97
CA ALA G 67 -53.59 -10.27 16.93
C ALA G 67 -52.74 -9.02 16.67
N LEU G 68 -53.37 -7.85 16.70
CA LEU G 68 -52.67 -6.55 16.54
C LEU G 68 -51.66 -6.31 17.66
N VAL G 69 -52.05 -6.62 18.89
CA VAL G 69 -51.14 -6.51 20.05
C VAL G 69 -49.92 -7.41 19.83
N GLU G 70 -50.17 -8.66 19.43
CA GLU G 70 -49.11 -9.66 19.17
C GLU G 70 -48.22 -9.27 18.00
N SER G 71 -48.82 -8.66 16.97
CA SER G 71 -48.11 -8.25 15.74
C SER G 71 -47.36 -6.92 15.83
N GLY G 72 -47.49 -6.24 16.96
CA GLY G 72 -46.64 -5.07 17.29
C GLY G 72 -47.27 -3.69 17.17
N CYS G 73 -48.57 -3.59 17.46
CA CYS G 73 -49.27 -2.29 17.53
C CYS G 73 -49.07 -1.72 18.93
N ASP G 74 -48.56 -0.50 18.98
CA ASP G 74 -48.28 0.15 20.26
C ASP G 74 -49.57 0.62 20.94
N ILE G 75 -50.49 1.18 20.13
CA ILE G 75 -51.81 1.63 20.60
C ILE G 75 -52.89 1.05 19.67
N ILE G 76 -54.01 0.63 20.25
CA ILE G 76 -55.18 0.15 19.49
C ILE G 76 -56.35 1.14 19.61
N GLU G 77 -56.86 1.61 18.47
CA GLU G 77 -58.11 2.38 18.42
C GLU G 77 -59.27 1.42 18.25
N VAL G 78 -60.06 1.25 19.31
CA VAL G 78 -61.27 0.43 19.25
C VAL G 78 -62.43 1.29 18.77
N GLY G 79 -62.86 1.03 17.55
CA GLY G 79 -63.98 1.76 16.93
C GLY G 79 -65.34 1.30 17.46
N VAL G 80 -66.19 2.28 17.78
CA VAL G 80 -67.59 2.03 18.16
C VAL G 80 -68.44 2.25 16.91
N PRO G 81 -69.03 1.17 16.35
CA PRO G 81 -69.87 1.37 15.17
C PRO G 81 -71.04 2.31 15.41
N TYR G 82 -71.20 3.27 14.50
CA TYR G 82 -72.26 4.28 14.56
C TYR G 82 -73.11 4.22 13.27
N SER G 83 -74.41 4.43 13.43
CA SER G 83 -75.35 4.32 12.31
C SER G 83 -75.15 5.36 11.21
N ASP G 84 -74.64 6.54 11.56
CA ASP G 84 -74.44 7.64 10.58
C ASP G 84 -73.03 8.26 10.68
N PRO G 85 -71.99 7.47 10.31
CA PRO G 85 -70.61 7.85 10.56
C PRO G 85 -70.07 8.80 9.49
N GLY G 86 -70.23 10.08 9.75
CA GLY G 86 -69.97 11.12 8.75
C GLY G 86 -68.55 11.20 8.24
N MET G 87 -67.60 10.93 9.13
CA MET G 87 -66.16 11.04 8.81
C MET G 87 -65.48 9.74 8.36
N ASP G 88 -66.17 8.60 8.49
CA ASP G 88 -65.60 7.30 8.10
C ASP G 88 -65.62 7.11 6.58
N GLY G 89 -64.51 6.66 6.01
CA GLY G 89 -64.45 6.33 4.58
C GLY G 89 -65.23 5.04 4.26
N PRO G 90 -65.29 4.66 2.98
CA PRO G 90 -66.12 3.53 2.52
C PRO G 90 -65.79 2.17 3.13
N THR G 91 -64.50 1.85 3.24
CA THR G 91 -64.04 0.58 3.85
C THR G 91 -64.51 0.44 5.30
N ILE G 92 -64.30 1.49 6.09
CA ILE G 92 -64.72 1.49 7.50
C ILE G 92 -66.24 1.59 7.61
N ALA G 93 -66.86 2.40 6.76
CA ALA G 93 -68.32 2.58 6.78
C ALA G 93 -69.08 1.27 6.53
N ARG G 94 -68.64 0.51 5.53
CA ARG G 94 -69.26 -0.80 5.22
C ARG G 94 -69.05 -1.84 6.29
N ALA G 95 -67.87 -1.80 6.91
CA ALA G 95 -67.56 -2.70 8.03
C ALA G 95 -68.41 -2.40 9.27
N THR G 96 -68.56 -1.12 9.60
CA THR G 96 -69.39 -0.73 10.75
C THR G 96 -70.87 -1.01 10.48
N GLU G 97 -71.32 -0.79 9.25
CA GLU G 97 -72.68 -1.19 8.81
C GLU G 97 -72.90 -2.69 9.05
N ALA G 98 -71.93 -3.50 8.64
CA ALA G 98 -72.00 -4.96 8.80
C ALA G 98 -72.01 -5.38 10.28
N ALA G 99 -71.20 -4.71 11.10
CA ALA G 99 -71.18 -4.94 12.54
C ALA G 99 -72.53 -4.66 13.19
N LEU G 100 -73.16 -3.57 12.76
CA LEU G 100 -74.50 -3.20 13.26
C LEU G 100 -75.60 -4.18 12.84
N ARG G 101 -75.59 -4.60 11.57
CA ARG G 101 -76.47 -5.71 11.11
C ARG G 101 -76.30 -6.96 11.99
N GLY G 102 -75.06 -7.26 12.37
CA GLY G 102 -74.75 -8.38 13.26
C GLY G 102 -75.17 -8.21 14.72
N GLY G 103 -75.64 -7.03 15.09
CA GLY G 103 -76.17 -6.78 16.44
C GLY G 103 -75.17 -6.24 17.45
N VAL G 104 -74.08 -5.64 16.98
CA VAL G 104 -73.04 -5.10 17.86
C VAL G 104 -73.62 -4.03 18.79
N ARG G 105 -73.11 -4.03 20.02
CA ARG G 105 -73.56 -3.13 21.06
C ARG G 105 -72.37 -2.34 21.60
N VAL G 106 -72.65 -1.20 22.21
CA VAL G 106 -71.61 -0.36 22.81
C VAL G 106 -70.81 -1.09 23.89
N ARG G 107 -71.46 -1.95 24.66
CA ARG G 107 -70.76 -2.78 25.65
C ARG G 107 -69.73 -3.74 25.11
N ASP G 108 -69.97 -4.21 23.89
CA ASP G 108 -69.00 -5.07 23.19
C ASP G 108 -67.66 -4.35 23.04
N THR G 109 -67.70 -3.03 22.84
CA THR G 109 -66.47 -2.20 22.77
C THR G 109 -65.70 -2.23 24.10
N LEU G 110 -66.41 -2.10 25.21
CA LEU G 110 -65.78 -2.16 26.53
C LEU G 110 -65.22 -3.54 26.83
N ALA G 111 -65.90 -4.59 26.37
CA ALA G 111 -65.35 -5.96 26.43
C ALA G 111 -64.07 -6.11 25.58
N ALA G 112 -64.06 -5.46 24.41
CA ALA G 112 -62.87 -5.46 23.54
C ALA G 112 -61.67 -4.77 24.19
N VAL G 113 -61.92 -3.65 24.86
CA VAL G 113 -60.88 -2.91 25.57
C VAL G 113 -60.27 -3.76 26.69
N GLU G 114 -61.13 -4.49 27.40
CA GLU G 114 -60.70 -5.39 28.47
C GLU G 114 -59.81 -6.53 27.97
N ALA G 115 -60.23 -7.18 26.89
CA ALA G 115 -59.45 -8.25 26.25
C ALA G 115 -58.09 -7.77 25.73
N ILE G 116 -58.07 -6.57 25.15
CA ILE G 116 -56.82 -5.93 24.73
C ILE G 116 -55.90 -5.69 25.95
N SER G 117 -56.45 -5.13 27.03
CA SER G 117 -55.66 -4.79 28.23
C SER G 117 -55.09 -6.00 28.94
N ILE G 118 -55.85 -7.09 28.98
CA ILE G 118 -55.39 -8.38 29.54
C ILE G 118 -54.27 -8.99 28.71
N ALA G 119 -54.37 -8.86 27.38
CA ALA G 119 -53.34 -9.33 26.45
C ALA G 119 -52.02 -8.52 26.46
N GLY G 120 -52.01 -7.40 27.19
CA GLY G 120 -50.81 -6.54 27.31
C GLY G 120 -50.76 -5.36 26.36
N GLY G 121 -51.88 -5.08 25.71
CA GLY G 121 -52.00 -3.98 24.76
C GLY G 121 -52.52 -2.71 25.43
N ARG G 122 -52.49 -1.62 24.68
CA ARG G 122 -52.93 -0.32 25.16
C ARG G 122 -54.02 0.19 24.24
N ALA G 123 -55.21 0.40 24.80
CA ALA G 123 -56.40 0.71 24.01
C ALA G 123 -56.97 2.11 24.27
N VAL G 124 -57.32 2.80 23.18
CA VAL G 124 -58.22 3.96 23.24
C VAL G 124 -59.47 3.62 22.42
N VAL G 125 -60.55 4.32 22.73
CA VAL G 125 -61.81 4.16 22.01
C VAL G 125 -62.03 5.34 21.07
N MET G 126 -62.41 5.04 19.82
CA MET G 126 -62.82 6.06 18.87
C MET G 126 -64.32 5.92 18.64
N THR G 127 -65.04 7.00 18.90
CA THR G 127 -66.49 6.99 18.82
C THR G 127 -67.03 8.36 18.44
N TYR G 128 -68.14 8.33 17.71
CA TYR G 128 -68.96 9.53 17.52
C TYR G 128 -69.61 9.83 18.87
N TRP G 129 -70.08 11.06 19.05
CA TRP G 129 -70.44 11.52 20.39
C TRP G 129 -71.79 11.03 20.92
N ASN G 130 -72.78 10.81 20.05
CA ASN G 130 -74.12 10.45 20.56
C ASN G 130 -74.16 9.15 21.36
N PRO G 131 -73.47 8.08 20.92
CA PRO G 131 -73.39 6.89 21.75
C PRO G 131 -72.89 7.15 23.18
N VAL G 132 -71.96 8.10 23.33
CA VAL G 132 -71.44 8.48 24.64
C VAL G 132 -72.50 9.22 25.47
N LEU G 133 -73.18 10.20 24.87
CA LEU G 133 -74.30 10.92 25.52
C LEU G 133 -75.39 9.97 26.03
N ARG G 134 -75.74 9.01 25.18
CA ARG G 134 -76.81 8.05 25.49
C ARG G 134 -76.46 7.15 26.67
N TYR G 135 -75.23 6.66 26.66
CA TYR G 135 -74.65 5.86 27.76
C TYR G 135 -74.57 6.69 29.05
N GLY G 136 -74.23 7.96 28.90
CA GLY G 136 -73.88 8.85 30.02
C GLY G 136 -72.38 9.13 29.94
N VAL G 137 -72.02 10.40 29.85
CA VAL G 137 -70.62 10.79 29.62
C VAL G 137 -69.71 10.34 30.79
N ASP G 138 -70.14 10.67 32.01
CA ASP G 138 -69.42 10.24 33.22
C ASP G 138 -69.35 8.71 33.34
N ALA G 139 -70.49 8.06 33.13
CA ALA G 139 -70.58 6.59 33.25
C ALA G 139 -69.72 5.88 32.22
N PHE G 140 -69.69 6.40 31.00
CA PHE G 140 -68.85 5.83 29.95
C PHE G 140 -67.37 5.99 30.28
N ALA G 141 -67.01 7.15 30.79
CA ALA G 141 -65.62 7.42 31.21
C ALA G 141 -65.21 6.46 32.32
N ARG G 142 -66.07 6.35 33.32
CA ARG G 142 -65.90 5.42 34.46
C ARG G 142 -65.66 3.98 33.99
N ASP G 143 -66.56 3.49 33.15
CA ASP G 143 -66.50 2.11 32.68
C ASP G 143 -65.37 1.85 31.67
N LEU G 144 -65.04 2.86 30.87
CA LEU G 144 -63.89 2.78 29.95
C LEU G 144 -62.60 2.64 30.76
N ALA G 145 -62.46 3.49 31.78
CA ALA G 145 -61.32 3.43 32.70
C ALA G 145 -61.23 2.10 33.46
N ALA G 146 -62.36 1.56 33.88
CA ALA G 146 -62.38 0.26 34.61
C ALA G 146 -61.97 -0.92 33.72
N ALA G 147 -62.32 -0.86 32.44
CA ALA G 147 -61.86 -1.85 31.44
C ALA G 147 -60.36 -1.76 31.10
N GLY G 148 -59.69 -0.72 31.59
CA GLY G 148 -58.26 -0.47 31.28
C GLY G 148 -58.05 0.46 30.10
N GLY G 149 -59.11 1.08 29.62
CA GLY G 149 -59.02 2.04 28.52
C GLY G 149 -58.21 3.26 28.92
N LEU G 150 -57.47 3.80 27.97
CA LEU G 150 -56.54 4.92 28.22
C LEU G 150 -57.01 6.28 27.72
N GLY G 151 -58.04 6.30 26.89
CA GLY G 151 -58.53 7.55 26.34
C GLY G 151 -59.58 7.42 25.26
N LEU G 152 -59.94 8.57 24.70
CA LEU G 152 -61.07 8.70 23.80
C LEU G 152 -60.71 9.58 22.61
N ILE G 153 -60.98 9.10 21.41
CA ILE G 153 -60.83 9.88 20.18
C ILE G 153 -62.23 10.30 19.76
N THR G 154 -62.41 11.60 19.52
CA THR G 154 -63.75 12.19 19.34
C THR G 154 -63.87 13.01 18.03
N PRO G 155 -64.17 12.32 16.91
CA PRO G 155 -64.16 13.00 15.61
C PRO G 155 -65.24 14.05 15.40
N ASP G 156 -66.39 13.93 16.05
CA ASP G 156 -67.45 14.95 15.97
C ASP G 156 -67.65 15.77 17.25
N LEU G 157 -66.67 15.74 18.16
CA LEU G 157 -66.69 16.59 19.36
C LEU G 157 -65.51 17.54 19.32
N ILE G 158 -65.81 18.82 19.13
CA ILE G 158 -64.83 19.89 19.23
C ILE G 158 -64.75 20.35 20.69
N PRO G 159 -63.63 20.96 21.12
CA PRO G 159 -63.52 21.43 22.51
C PRO G 159 -64.64 22.36 22.95
N ASP G 160 -65.15 23.17 22.01
CA ASP G 160 -66.30 24.10 22.24
C ASP G 160 -67.52 23.44 22.94
N GLU G 161 -67.74 22.15 22.66
CA GLU G 161 -68.86 21.38 23.23
C GLU G 161 -68.43 20.34 24.28
N ALA G 162 -67.16 20.37 24.68
CA ALA G 162 -66.55 19.26 25.44
C ALA G 162 -66.48 19.48 26.96
N GLN G 163 -67.35 20.31 27.52
CA GLN G 163 -67.29 20.66 28.97
C GLN G 163 -67.48 19.43 29.87
N GLN G 164 -68.53 18.65 29.60
CA GLN G 164 -68.78 17.39 30.33
C GLN G 164 -67.65 16.38 30.17
N TRP G 165 -67.14 16.28 28.95
CA TRP G 165 -66.04 15.36 28.64
C TRP G 165 -64.73 15.78 29.32
N LEU G 166 -64.42 17.08 29.30
CA LEU G 166 -63.23 17.58 30.03
C LEU G 166 -63.27 17.19 31.50
N ALA G 167 -64.42 17.38 32.14
CA ALA G 167 -64.60 17.02 33.56
C ALA G 167 -64.48 15.51 33.81
N ALA G 168 -65.13 14.73 32.97
CA ALA G 168 -65.07 13.25 33.03
C ALA G 168 -63.66 12.71 32.77
N SER G 169 -62.99 13.33 31.80
CA SER G 169 -61.61 13.00 31.44
C SER G 169 -60.62 13.23 32.59
N GLU G 170 -60.74 14.38 33.26
CA GLU G 170 -59.89 14.72 34.41
C GLU G 170 -60.14 13.77 35.58
N GLU G 171 -61.40 13.48 35.85
CA GLU G 171 -61.77 12.64 36.99
C GLU G 171 -61.37 11.16 36.84
N HIS G 172 -61.57 10.60 35.65
CA HIS G 172 -61.29 9.17 35.40
C HIS G 172 -59.94 8.92 34.71
N ARG G 173 -59.12 9.97 34.64
CA ARG G 173 -57.73 9.88 34.14
C ARG G 173 -57.65 9.27 32.75
N LEU G 174 -58.38 9.87 31.82
CA LEU G 174 -58.40 9.43 30.42
C LEU G 174 -57.84 10.52 29.52
N ASP G 175 -57.04 10.10 28.54
CA ASP G 175 -56.56 11.01 27.52
C ASP G 175 -57.71 11.43 26.62
N ARG G 176 -57.60 12.64 26.08
CA ARG G 176 -58.63 13.19 25.20
C ARG G 176 -57.96 13.64 23.92
N ILE G 177 -58.18 12.85 22.89
CA ILE G 177 -57.56 13.04 21.59
C ILE G 177 -58.57 13.71 20.69
N PHE G 178 -58.37 15.00 20.46
CA PHE G 178 -59.17 15.77 19.49
C PHE G 178 -58.47 15.75 18.14
N LEU G 179 -59.23 16.07 17.09
CA LEU G 179 -58.68 16.14 15.73
C LEU G 179 -58.40 17.58 15.32
N VAL G 180 -57.29 17.76 14.59
CA VAL G 180 -57.04 19.00 13.83
C VAL G 180 -57.00 18.68 12.34
N ALA G 181 -57.19 19.71 11.53
CA ALA G 181 -57.29 19.56 10.07
C ALA G 181 -56.41 20.59 9.36
N PRO G 182 -56.10 20.36 8.06
CA PRO G 182 -55.37 21.38 7.28
C PRO G 182 -56.08 22.73 7.26
N SER G 183 -57.41 22.70 7.20
CA SER G 183 -58.22 23.92 7.18
C SER G 183 -58.26 24.69 8.51
N SER G 184 -57.87 24.04 9.61
CA SER G 184 -57.92 24.65 10.95
C SER G 184 -57.26 26.02 10.98
N THR G 185 -57.98 27.02 11.50
CA THR G 185 -57.42 28.37 11.67
C THR G 185 -56.35 28.32 12.76
N PRO G 186 -55.43 29.31 12.79
CA PRO G 186 -54.42 29.34 13.85
C PRO G 186 -54.99 29.34 15.27
N GLU G 187 -56.06 30.09 15.47
CA GLU G 187 -56.68 30.21 16.78
C GLU G 187 -57.30 28.89 17.25
N ARG G 188 -58.04 28.24 16.37
CA ARG G 188 -58.69 26.95 16.65
C ARG G 188 -57.71 25.80 16.79
N LEU G 189 -56.64 25.83 16.02
CA LEU G 189 -55.55 24.85 16.17
C LEU G 189 -54.92 24.94 17.56
N ALA G 190 -54.61 26.16 17.99
CA ALA G 190 -54.06 26.40 19.34
C ALA G 190 -55.01 25.90 20.44
N ALA G 191 -56.28 26.28 20.33
CA ALA G 191 -57.32 25.85 21.28
C ALA G 191 -57.52 24.32 21.34
N THR G 192 -57.43 23.66 20.19
CA THR G 192 -57.63 22.20 20.10
C THR G 192 -56.44 21.44 20.70
N VAL G 193 -55.24 21.94 20.42
CA VAL G 193 -54.00 21.34 20.95
C VAL G 193 -53.95 21.49 22.48
N GLU G 194 -54.23 22.69 22.97
CA GLU G 194 -54.34 23.00 24.41
C GLU G 194 -55.34 22.08 25.15
N ALA G 195 -56.46 21.78 24.50
CA ALA G 195 -57.52 20.92 25.07
C ALA G 195 -57.20 19.42 25.04
N SER G 196 -56.23 19.03 24.22
CA SER G 196 -55.87 17.62 24.05
C SER G 196 -54.87 17.14 25.11
N ARG G 197 -55.04 15.89 25.55
CA ARG G 197 -54.05 15.17 26.37
C ARG G 197 -53.75 13.85 25.66
N GLY G 198 -52.50 13.41 25.71
CA GLY G 198 -52.08 12.15 25.09
C GLY G 198 -51.45 12.38 23.72
N PHE G 199 -52.31 12.52 22.71
CA PHE G 199 -51.87 12.98 21.39
C PHE G 199 -52.97 13.75 20.65
N VAL G 200 -52.57 14.43 19.58
CA VAL G 200 -53.48 15.11 18.67
C VAL G 200 -53.55 14.32 17.37
N TYR G 201 -54.77 14.01 16.92
CA TYR G 201 -54.99 13.26 15.69
C TYR G 201 -55.01 14.27 14.56
N ALA G 202 -53.93 14.33 13.80
CA ALA G 202 -53.84 15.18 12.60
C ALA G 202 -54.37 14.40 11.40
N ALA G 203 -55.61 14.70 11.04
CA ALA G 203 -56.33 13.99 9.97
C ALA G 203 -56.24 14.73 8.64
N SER G 204 -56.04 13.97 7.57
CA SER G 204 -56.24 14.46 6.20
C SER G 204 -56.61 13.31 5.28
N SER G 216 -50.52 15.99 -0.26
CA SER G 216 -49.40 16.24 -0.92
C SER G 216 -48.34 16.64 0.15
N GLN G 217 -48.23 17.92 0.50
CA GLN G 217 -47.39 18.37 1.61
C GLN G 217 -48.24 18.85 2.82
N ALA G 218 -49.50 18.45 2.86
CA ALA G 218 -50.47 18.93 3.86
C ALA G 218 -50.21 18.34 5.25
N ALA G 219 -49.96 17.03 5.30
CA ALA G 219 -49.68 16.33 6.55
C ALA G 219 -48.45 16.85 7.32
N PRO G 220 -47.26 16.92 6.68
CA PRO G 220 -46.11 17.49 7.40
C PRO G 220 -46.27 18.98 7.80
N GLU G 221 -46.98 19.73 6.97
CA GLU G 221 -47.26 21.13 7.24
C GLU G 221 -48.18 21.30 8.46
N LEU G 222 -49.18 20.45 8.56
CA LEU G 222 -50.11 20.44 9.71
C LEU G 222 -49.41 19.99 10.99
N VAL G 223 -48.61 18.93 10.90
CA VAL G 223 -47.79 18.49 12.04
C VAL G 223 -46.84 19.62 12.49
N GLY G 224 -46.22 20.29 11.51
CA GLY G 224 -45.35 21.44 11.77
C GLY G 224 -45.99 22.56 12.57
N ARG G 225 -47.25 22.87 12.22
CA ARG G 225 -48.02 23.91 12.92
C ARG G 225 -48.39 23.53 14.37
N VAL G 226 -48.59 22.25 14.63
CA VAL G 226 -48.83 21.75 16.00
C VAL G 226 -47.54 21.82 16.85
N LYS G 227 -46.42 21.43 16.24
CA LYS G 227 -45.10 21.49 16.92
C LYS G 227 -44.67 22.92 17.29
N ALA G 228 -45.14 23.90 16.53
CA ALA G 228 -44.82 25.33 16.79
C ALA G 228 -45.46 25.91 18.05
N VAL G 229 -46.54 25.28 18.53
CA VAL G 229 -47.24 25.76 19.76
C VAL G 229 -47.28 24.75 20.93
N SER G 230 -46.76 23.54 20.75
CA SER G 230 -46.87 22.49 21.77
C SER G 230 -45.94 21.30 21.53
N ASP G 231 -45.56 20.64 22.62
CA ASP G 231 -44.71 19.44 22.59
C ASP G 231 -45.50 18.13 22.69
N ILE G 232 -46.83 18.23 22.62
CA ILE G 232 -47.70 17.05 22.63
C ILE G 232 -47.45 16.18 21.38
N PRO G 233 -47.42 14.84 21.54
CA PRO G 233 -47.32 13.96 20.37
C PRO G 233 -48.43 14.15 19.33
N VAL G 234 -48.06 13.95 18.07
CA VAL G 234 -48.99 14.10 16.94
C VAL G 234 -49.06 12.78 16.17
N GLY G 235 -50.27 12.25 16.05
CA GLY G 235 -50.52 11.08 15.21
C GLY G 235 -51.03 11.53 13.85
N VAL G 236 -50.66 10.81 12.80
CA VAL G 236 -51.04 11.19 11.44
C VAL G 236 -51.76 10.03 10.76
N GLY G 237 -52.97 10.32 10.27
CA GLY G 237 -53.79 9.37 9.50
C GLY G 237 -53.95 9.87 8.07
N LEU G 238 -53.49 9.06 7.11
CA LEU G 238 -53.30 9.47 5.71
C LEU G 238 -53.70 8.38 4.69
N GLY G 239 -54.59 7.47 5.10
CA GLY G 239 -54.90 6.29 4.29
C GLY G 239 -53.68 5.42 4.01
N VAL G 240 -52.94 5.10 5.06
CA VAL G 240 -51.70 4.33 4.94
C VAL G 240 -52.00 2.88 4.59
N ARG G 241 -51.34 2.38 3.54
CA ARG G 241 -51.51 0.99 3.09
C ARG G 241 -50.28 0.11 3.19
N SER G 242 -49.10 0.72 3.27
CA SER G 242 -47.84 0.01 3.03
C SER G 242 -46.73 0.44 3.98
N ARG G 243 -45.68 -0.38 3.97
CA ARG G 243 -44.49 -0.15 4.76
C ARG G 243 -43.83 1.20 4.44
N ALA G 244 -43.65 1.46 3.16
CA ALA G 244 -43.03 2.72 2.70
C ALA G 244 -43.78 3.96 3.17
N GLN G 245 -45.11 3.92 3.08
CA GLN G 245 -45.95 5.05 3.51
C GLN G 245 -45.85 5.34 5.01
N ALA G 246 -45.82 4.28 5.81
CA ALA G 246 -45.64 4.38 7.26
C ALA G 246 -44.29 4.96 7.63
N ALA G 247 -43.27 4.63 6.84
CA ALA G 247 -41.91 5.13 7.05
C ALA G 247 -41.80 6.63 6.78
N GLN G 248 -42.40 7.08 5.69
CA GLN G 248 -42.45 8.51 5.33
C GLN G 248 -43.06 9.35 6.44
N ILE G 249 -44.16 8.85 6.98
CA ILE G 249 -44.89 9.54 8.05
C ILE G 249 -44.07 9.56 9.36
N ALA G 250 -43.35 8.47 9.62
CA ALA G 250 -42.55 8.36 10.86
C ALA G 250 -41.38 9.35 10.95
N GLN G 251 -40.99 9.92 9.81
CA GLN G 251 -39.94 10.96 9.74
C GLN G 251 -40.30 12.26 10.47
N TYR G 252 -41.58 12.59 10.49
CA TYR G 252 -42.07 13.83 11.12
C TYR G 252 -43.13 13.64 12.24
N ALA G 253 -43.92 12.57 12.16
CA ALA G 253 -44.98 12.30 13.13
C ALA G 253 -44.51 11.39 14.26
N ASP G 254 -45.06 11.60 15.45
CA ASP G 254 -44.77 10.74 16.62
C ASP G 254 -45.55 9.43 16.53
N GLY G 255 -46.68 9.45 15.83
CA GLY G 255 -47.50 8.26 15.61
C GLY G 255 -48.02 8.14 14.18
N VAL G 256 -48.11 6.89 13.71
CA VAL G 256 -48.70 6.56 12.42
C VAL G 256 -50.00 5.83 12.68
N ILE G 257 -51.11 6.39 12.20
CA ILE G 257 -52.45 5.83 12.40
C ILE G 257 -52.88 5.07 11.14
N VAL G 258 -53.25 3.81 11.32
CA VAL G 258 -53.72 2.96 10.22
C VAL G 258 -55.05 2.32 10.59
N GLY G 259 -55.96 2.31 9.63
CA GLY G 259 -57.34 1.82 9.86
C GLY G 259 -57.94 1.13 8.66
N SER G 260 -58.25 1.91 7.63
CA SER G 260 -58.79 1.37 6.37
C SER G 260 -58.05 0.11 5.91
N ALA G 261 -56.72 0.18 5.88
CA ALA G 261 -55.89 -0.93 5.40
C ALA G 261 -55.98 -2.16 6.30
N LEU G 262 -56.11 -1.95 7.60
CA LEU G 262 -56.26 -3.06 8.56
C LEU G 262 -57.60 -3.78 8.36
N VAL G 263 -58.66 -3.02 8.11
CA VAL G 263 -59.99 -3.59 7.86
C VAL G 263 -59.97 -4.41 6.57
N THR G 264 -59.44 -3.82 5.50
CA THR G 264 -59.24 -4.52 4.22
C THR G 264 -58.48 -5.84 4.40
N ALA G 265 -57.45 -5.81 5.25
CA ALA G 265 -56.63 -7.00 5.53
C ALA G 265 -57.42 -8.10 6.26
N LEU G 266 -58.16 -7.69 7.29
CA LEU G 266 -59.01 -8.61 8.07
C LEU G 266 -60.12 -9.27 7.23
N THR G 267 -60.68 -8.53 6.28
CA THR G 267 -61.70 -9.06 5.35
C THR G 267 -61.19 -10.25 4.53
N GLU G 268 -59.94 -10.16 4.06
CA GLU G 268 -59.30 -11.29 3.36
C GLU G 268 -59.01 -12.44 4.33
N GLY G 269 -58.45 -12.11 5.48
CA GLY G 269 -58.21 -13.11 6.53
C GLY G 269 -57.39 -12.60 7.70
N LEU G 270 -57.48 -13.30 8.81
CA LEU G 270 -56.71 -13.00 10.02
C LEU G 270 -55.18 -13.13 9.81
N PRO G 271 -54.72 -14.12 9.02
CA PRO G 271 -53.28 -14.17 8.71
C PRO G 271 -52.78 -12.98 7.90
N ARG G 272 -53.59 -12.53 6.95
CA ARG G 272 -53.28 -11.35 6.14
C ARG G 272 -53.15 -10.08 7.02
N LEU G 273 -53.91 -10.00 8.11
CA LEU G 273 -53.80 -8.88 9.06
C LEU G 273 -52.48 -8.92 9.82
N ARG G 274 -52.09 -10.10 10.29
CA ARG G 274 -50.81 -10.26 10.99
C ARG G 274 -49.65 -9.81 10.12
N ALA G 275 -49.62 -10.30 8.87
CA ALA G 275 -48.57 -10.00 7.90
C ALA G 275 -48.46 -8.49 7.62
N LEU G 276 -49.59 -7.84 7.37
CA LEU G 276 -49.63 -6.38 7.13
C LEU G 276 -49.18 -5.59 8.36
N THR G 277 -49.69 -5.95 9.53
CA THR G 277 -49.34 -5.26 10.77
C THR G 277 -47.84 -5.35 11.05
N GLY G 278 -47.26 -6.51 10.79
CA GLY G 278 -45.81 -6.72 10.89
C GLY G 278 -44.99 -5.88 9.93
N GLU G 279 -45.50 -5.71 8.71
CA GLU G 279 -44.89 -4.81 7.71
C GLU G 279 -44.92 -3.35 8.16
N LEU G 280 -46.05 -2.93 8.71
CA LEU G 280 -46.19 -1.56 9.22
C LEU G 280 -45.36 -1.31 10.47
N ALA G 281 -45.21 -2.34 11.29
CA ALA G 281 -44.32 -2.28 12.47
C ALA G 281 -42.87 -2.00 12.09
N ALA G 282 -42.42 -2.63 11.00
CA ALA G 282 -41.08 -2.38 10.43
C ALA G 282 -40.95 -0.98 9.84
N GLY G 283 -42.03 -0.52 9.22
CA GLY G 283 -42.08 0.83 8.65
C GLY G 283 -41.80 1.96 9.62
N VAL G 284 -42.44 1.92 10.79
CA VAL G 284 -42.28 3.00 11.78
C VAL G 284 -40.89 3.07 12.44
N ARG G 285 -40.12 1.98 12.37
CA ARG G 285 -38.73 1.91 12.94
C ARG G 285 -37.59 2.50 12.11
N LEU G 286 -37.84 2.97 10.99
CA LEU G 286 -36.76 3.60 10.25
C LEU G 286 -36.33 4.85 10.57
N THR H 41 -82.00 39.10 18.78
CA THR H 41 -83.15 39.10 19.45
C THR H 41 -83.41 38.11 20.53
N SER H 42 -84.60 38.29 21.10
CA SER H 42 -85.06 37.52 22.23
C SER H 42 -84.96 36.00 22.00
N HIS H 43 -85.19 35.57 20.74
CA HIS H 43 -85.25 34.15 20.39
C HIS H 43 -83.96 33.56 19.78
N ASP H 44 -82.96 34.41 19.54
CA ASP H 44 -81.69 33.95 18.96
C ASP H 44 -80.83 33.16 19.95
N PRO H 45 -79.94 32.27 19.44
CA PRO H 45 -79.04 31.54 20.32
C PRO H 45 -77.82 32.38 20.68
N ASP H 46 -76.99 31.86 21.57
CA ASP H 46 -75.70 32.50 21.88
C ASP H 46 -74.73 32.35 20.69
N SER H 47 -73.54 32.93 20.82
CA SER H 47 -72.53 32.90 19.73
C SER H 47 -72.04 31.50 19.35
N GLY H 48 -72.16 30.55 20.27
CA GLY H 48 -71.89 29.12 20.00
C GLY H 48 -73.02 28.36 19.32
N GLY H 49 -74.20 28.97 19.24
CA GLY H 49 -75.37 28.36 18.58
C GLY H 49 -76.33 27.63 19.51
N HIS H 50 -76.24 27.93 20.80
CA HIS H 50 -77.07 27.25 21.79
C HIS H 50 -78.35 28.00 22.10
N PHE H 51 -79.47 27.28 22.07
CA PHE H 51 -80.77 27.79 22.51
C PHE H 51 -81.05 27.33 23.93
N GLY H 52 -81.55 28.25 24.75
CA GLY H 52 -82.08 27.92 26.08
C GLY H 52 -81.02 27.76 27.15
N GLY H 53 -79.84 28.32 26.86
CA GLY H 53 -78.76 28.34 27.79
C GLY H 53 -78.06 27.06 27.82
N PRO H 54 -78.07 26.57 29.00
CA PRO H 54 -77.23 25.40 29.33
C PRO H 54 -77.66 24.01 29.00
N SER H 55 -78.85 23.97 28.61
CA SER H 55 -79.29 22.83 28.07
C SER H 55 -78.65 22.41 26.87
N GLY H 56 -78.52 23.48 26.16
CA GLY H 56 -77.79 23.36 25.18
C GLY H 56 -78.27 22.86 23.86
N TRP H 57 -79.51 23.20 23.50
CA TRP H 57 -80.00 22.77 22.19
C TRP H 57 -79.21 23.50 21.12
N GLY H 58 -78.85 22.76 20.07
CA GLY H 58 -78.14 23.34 18.94
C GLY H 58 -76.66 23.10 19.04
N GLY H 59 -75.89 24.18 18.90
CA GLY H 59 -74.44 24.10 18.96
C GLY H 59 -73.86 23.54 17.68
N ARG H 60 -72.65 22.99 17.78
CA ARG H 60 -71.88 22.52 16.64
C ARG H 60 -71.22 21.19 16.98
N TYR H 61 -71.82 20.10 16.52
CA TYR H 61 -71.26 18.76 16.68
C TYR H 61 -70.72 18.30 15.33
N VAL H 62 -69.53 18.81 15.05
CA VAL H 62 -68.86 18.67 13.77
C VAL H 62 -67.40 18.41 14.01
N PRO H 63 -66.69 17.86 13.01
CA PRO H 63 -65.25 17.70 13.14
C PRO H 63 -64.50 19.02 12.96
N GLU H 64 -63.34 19.13 13.60
CA GLU H 64 -62.48 20.31 13.49
C GLU H 64 -62.17 20.67 12.02
N ALA H 65 -62.08 19.64 11.17
CA ALA H 65 -61.91 19.81 9.71
C ALA H 65 -62.95 20.72 9.03
N LEU H 66 -64.15 20.79 9.61
CA LEU H 66 -65.21 21.68 9.11
C LEU H 66 -65.27 23.06 9.75
N MET H 67 -64.53 23.29 10.81
CA MET H 67 -64.74 24.51 11.62
C MET H 67 -64.29 25.80 10.93
N ALA H 68 -63.24 25.72 10.12
CA ALA H 68 -62.79 26.89 9.36
C ALA H 68 -63.90 27.42 8.44
N VAL H 69 -64.55 26.53 7.69
CA VAL H 69 -65.63 26.93 6.76
C VAL H 69 -66.93 27.27 7.49
N ILE H 70 -67.25 26.53 8.55
CA ILE H 70 -68.39 26.89 9.40
C ILE H 70 -68.22 28.31 10.00
N GLU H 71 -67.03 28.62 10.50
CA GLU H 71 -66.74 29.97 11.03
C GLU H 71 -66.77 31.03 9.93
N GLU H 72 -66.31 30.66 8.74
CA GLU H 72 -66.34 31.53 7.55
C GLU H 72 -67.79 31.91 7.16
N VAL H 73 -68.66 30.90 7.10
CA VAL H 73 -70.08 31.09 6.76
C VAL H 73 -70.78 31.91 7.83
N THR H 74 -70.49 31.62 9.09
CA THR H 74 -71.10 32.34 10.22
C THR H 74 -70.76 33.83 10.15
N ALA H 75 -69.47 34.13 9.97
CA ALA H 75 -69.00 35.51 9.84
C ALA H 75 -69.61 36.24 8.65
N ALA H 76 -69.70 35.55 7.51
CA ALA H 76 -70.26 36.12 6.28
C ALA H 76 -71.74 36.44 6.43
N TYR H 77 -72.47 35.53 7.07
CA TYR H 77 -73.88 35.75 7.37
C TYR H 77 -74.11 36.97 8.28
N GLN H 78 -73.33 37.05 9.36
CA GLN H 78 -73.44 38.18 10.31
C GLN H 78 -73.16 39.53 9.64
N LYS H 79 -72.18 39.54 8.75
CA LYS H 79 -71.89 40.72 7.94
C LYS H 79 -73.03 41.07 6.97
N GLU H 80 -73.48 40.08 6.20
CA GLU H 80 -74.44 40.33 5.12
C GLU H 80 -75.90 40.57 5.58
N ARG H 81 -76.31 39.93 6.67
CA ARG H 81 -77.68 40.16 7.19
C ARG H 81 -78.01 41.63 7.53
N VAL H 82 -76.99 42.47 7.76
CA VAL H 82 -77.18 43.91 8.05
C VAL H 82 -76.70 44.84 6.91
N SER H 83 -76.37 44.24 5.77
CA SER H 83 -75.95 44.98 4.59
C SER H 83 -77.16 45.28 3.73
N GLN H 84 -77.45 46.55 3.51
CA GLN H 84 -78.62 46.97 2.74
C GLN H 84 -78.59 46.46 1.28
N ASP H 85 -77.39 46.42 0.70
CA ASP H 85 -77.20 45.87 -0.65
C ASP H 85 -77.67 44.42 -0.76
N PHE H 86 -77.30 43.61 0.23
CA PHE H 86 -77.67 42.20 0.29
C PHE H 86 -79.18 42.03 0.46
N LEU H 87 -79.75 42.78 1.40
CA LEU H 87 -81.19 42.71 1.67
C LEU H 87 -82.02 43.23 0.48
N ASP H 88 -81.51 44.27 -0.19
CA ASP H 88 -82.12 44.76 -1.44
C ASP H 88 -82.10 43.68 -2.54
N ASP H 89 -80.96 43.02 -2.71
CA ASP H 89 -80.84 41.95 -3.69
C ASP H 89 -81.81 40.80 -3.40
N LEU H 90 -81.86 40.39 -2.13
CA LEU H 90 -82.75 39.31 -1.71
C LEU H 90 -84.21 39.68 -1.93
N ASP H 91 -84.56 40.91 -1.56
CA ASP H 91 -85.90 41.44 -1.72
C ASP H 91 -86.36 41.50 -3.18
N ARG H 92 -85.47 42.01 -4.02
CA ARG H 92 -85.72 42.14 -5.46
C ARG H 92 -86.03 40.78 -6.09
N LEU H 93 -85.24 39.78 -5.72
CA LEU H 93 -85.47 38.41 -6.19
C LEU H 93 -86.75 37.80 -5.62
N GLN H 94 -87.02 38.00 -4.33
CA GLN H 94 -88.25 37.49 -3.73
C GLN H 94 -89.49 37.99 -4.45
N ALA H 95 -89.49 39.28 -4.79
CA ALA H 95 -90.63 39.91 -5.45
C ALA H 95 -90.74 39.49 -6.92
N ASN H 96 -89.73 39.84 -7.70
CA ASN H 96 -89.80 39.71 -9.15
C ASN H 96 -89.55 38.30 -9.69
N TYR H 97 -88.78 37.51 -8.96
CA TYR H 97 -88.35 36.18 -9.44
C TYR H 97 -89.21 35.08 -8.83
N ALA H 98 -89.30 35.10 -7.50
CA ALA H 98 -90.01 34.06 -6.74
C ALA H 98 -91.50 34.28 -6.58
N GLY H 99 -91.95 35.50 -6.82
CA GLY H 99 -93.38 35.84 -6.75
C GLY H 99 -94.00 36.14 -5.38
N ARG H 100 -93.20 36.60 -4.43
CA ARG H 100 -93.72 36.98 -3.11
C ARG H 100 -94.46 38.32 -3.17
N PRO H 101 -95.42 38.55 -2.27
CA PRO H 101 -95.87 37.61 -1.26
C PRO H 101 -96.72 36.48 -1.80
N SER H 102 -96.74 35.37 -1.07
CA SER H 102 -97.69 34.31 -1.34
C SER H 102 -99.00 34.70 -0.68
N PRO H 103 -100.13 34.30 -1.28
CA PRO H 103 -101.39 34.70 -0.70
C PRO H 103 -101.81 33.83 0.47
N LEU H 104 -102.79 34.34 1.21
CA LEU H 104 -103.46 33.61 2.30
C LEU H 104 -104.88 33.37 1.82
N TYR H 105 -105.30 32.11 1.77
CA TYR H 105 -106.59 31.73 1.19
C TYR H 105 -107.50 31.01 2.19
N GLU H 106 -108.70 31.54 2.41
CA GLU H 106 -109.64 30.89 3.32
C GLU H 106 -110.33 29.74 2.57
N ALA H 107 -109.99 28.51 2.98
CA ALA H 107 -110.55 27.29 2.38
C ALA H 107 -111.91 26.95 3.00
N THR H 108 -112.94 27.65 2.54
CA THR H 108 -114.26 27.57 3.16
C THR H 108 -114.96 26.21 2.97
N ARG H 109 -114.63 25.51 1.90
CA ARG H 109 -115.18 24.16 1.63
C ARG H 109 -114.56 23.07 2.51
N LEU H 110 -113.43 23.36 3.16
CA LEU H 110 -112.88 22.47 4.20
C LEU H 110 -113.57 22.61 5.54
N SER H 111 -114.26 23.72 5.76
CA SER H 111 -114.76 24.07 7.09
C SER H 111 -115.61 22.98 7.75
N GLN H 112 -116.52 22.40 6.97
CA GLN H 112 -117.42 21.35 7.49
C GLN H 112 -116.68 20.06 7.87
N HIS H 113 -115.47 19.87 7.32
CA HIS H 113 -114.61 18.72 7.70
C HIS H 113 -113.66 19.05 8.85
N ALA H 114 -113.77 20.25 9.39
CA ALA H 114 -112.88 20.74 10.45
C ALA H 114 -113.66 21.38 11.60
N GLY H 115 -114.77 20.76 11.97
CA GLY H 115 -115.64 21.24 13.05
C GLY H 115 -116.20 22.64 12.85
N SER H 116 -116.40 23.04 11.60
CA SER H 116 -116.85 24.40 11.22
C SER H 116 -115.85 25.52 11.58
N ALA H 117 -114.61 25.14 11.85
CA ALA H 117 -113.51 26.11 12.02
C ALA H 117 -113.15 26.70 10.66
N ARG H 118 -112.36 27.76 10.69
CA ARG H 118 -111.98 28.48 9.48
C ARG H 118 -110.52 28.20 9.20
N ILE H 119 -110.28 27.41 8.16
CA ILE H 119 -108.91 27.05 7.73
C ILE H 119 -108.38 28.05 6.70
N PHE H 120 -107.31 28.75 7.04
CA PHE H 120 -106.64 29.66 6.11
C PHE H 120 -105.34 29.01 5.65
N LEU H 121 -105.19 28.88 4.33
CA LEU H 121 -104.01 28.26 3.74
C LEU H 121 -102.99 29.32 3.30
N LYS H 122 -101.81 29.29 3.89
CA LYS H 122 -100.71 30.18 3.47
C LYS H 122 -100.04 29.51 2.30
N ARG H 123 -100.16 30.12 1.12
CA ARG H 123 -99.94 29.41 -0.14
C ARG H 123 -98.48 29.42 -0.64
N GLU H 124 -97.60 28.79 0.11
CA GLU H 124 -96.20 28.65 -0.31
C GLU H 124 -96.09 27.76 -1.57
N ASP H 125 -97.10 26.94 -1.82
CA ASP H 125 -97.21 26.15 -3.07
C ASP H 125 -97.16 26.97 -4.37
N LEU H 126 -97.49 28.24 -4.30
CA LEU H 126 -97.44 29.13 -5.48
C LEU H 126 -96.10 29.80 -5.74
N ASN H 127 -95.11 29.62 -4.86
CA ASN H 127 -93.77 30.17 -5.08
C ASN H 127 -93.13 29.53 -6.31
N HIS H 128 -92.20 30.25 -6.92
CA HIS H 128 -91.31 29.68 -7.94
C HIS H 128 -90.63 28.41 -7.42
N THR H 129 -90.70 27.36 -8.23
CA THR H 129 -90.24 25.99 -7.90
C THR H 129 -91.24 25.15 -7.12
N GLY H 130 -92.25 25.79 -6.54
CA GLY H 130 -93.37 25.08 -5.95
C GLY H 130 -93.28 24.75 -4.47
N SER H 131 -92.42 25.45 -3.73
CA SER H 131 -92.36 25.29 -2.29
C SER H 131 -91.68 26.44 -1.60
N HIS H 132 -91.75 26.41 -0.28
CA HIS H 132 -91.02 27.34 0.58
C HIS H 132 -89.50 27.28 0.48
N LYS H 133 -88.96 26.17 -0.03
CA LYS H 133 -87.50 26.00 -0.09
C LYS H 133 -86.76 27.15 -0.78
N ILE H 134 -87.39 27.73 -1.79
CA ILE H 134 -86.78 28.82 -2.55
C ILE H 134 -86.40 30.02 -1.67
N ASN H 135 -87.14 30.27 -0.59
CA ASN H 135 -86.87 31.42 0.30
C ASN H 135 -85.45 31.37 0.88
N ASN H 136 -85.16 30.24 1.50
CA ASN H 136 -83.86 29.93 2.09
C ASN H 136 -82.75 29.86 1.05
N VAL H 137 -83.05 29.25 -0.09
CA VAL H 137 -82.06 29.07 -1.16
C VAL H 137 -81.55 30.41 -1.75
N LEU H 138 -82.46 31.35 -2.00
CA LEU H 138 -82.06 32.66 -2.57
C LEU H 138 -81.14 33.40 -1.62
N GLY H 139 -81.45 33.34 -0.33
CA GLY H 139 -80.59 33.90 0.70
C GLY H 139 -79.20 33.26 0.74
N GLN H 140 -79.15 31.94 0.86
CA GLN H 140 -77.88 31.22 0.95
C GLN H 140 -77.07 31.26 -0.35
N ALA H 141 -77.75 31.26 -1.49
CA ALA H 141 -77.06 31.31 -2.79
C ALA H 141 -76.43 32.69 -3.02
N LEU H 142 -77.15 33.74 -2.68
CA LEU H 142 -76.59 35.09 -2.69
C LEU H 142 -75.38 35.19 -1.78
N LEU H 143 -75.48 34.57 -0.61
CA LEU H 143 -74.39 34.54 0.36
C LEU H 143 -73.16 33.77 -0.18
N ALA H 144 -73.39 32.68 -0.88
CA ALA H 144 -72.29 31.90 -1.47
C ALA H 144 -71.48 32.74 -2.44
N ARG H 145 -72.17 33.49 -3.27
CA ARG H 145 -71.55 34.41 -4.21
C ARG H 145 -70.80 35.56 -3.53
N ARG H 146 -71.37 36.12 -2.47
CA ARG H 146 -70.69 37.16 -1.67
C ARG H 146 -69.37 36.67 -1.05
N MET H 147 -69.35 35.40 -0.64
CA MET H 147 -68.15 34.75 -0.06
C MET H 147 -67.08 34.35 -1.09
N GLY H 148 -67.42 34.41 -2.37
CA GLY H 148 -66.50 34.01 -3.44
C GLY H 148 -66.40 32.52 -3.68
N LYS H 149 -67.34 31.75 -3.14
CA LYS H 149 -67.40 30.30 -3.39
C LYS H 149 -67.86 30.04 -4.82
N THR H 150 -67.30 29.01 -5.43
CA THR H 150 -67.55 28.72 -6.84
C THR H 150 -68.36 27.45 -7.12
N ARG H 151 -68.79 26.81 -6.05
CA ARG H 151 -69.45 25.52 -6.14
C ARG H 151 -70.44 25.42 -5.00
N VAL H 152 -71.65 24.94 -5.29
CA VAL H 152 -72.66 24.77 -4.27
C VAL H 152 -73.06 23.32 -4.23
N ILE H 153 -73.20 22.79 -3.02
CA ILE H 153 -73.76 21.45 -2.83
C ILE H 153 -74.99 21.49 -1.94
N ALA H 154 -75.86 20.51 -2.16
CA ALA H 154 -77.06 20.37 -1.36
C ALA H 154 -77.55 18.94 -1.30
N GLU H 155 -78.24 18.63 -0.21
CA GLU H 155 -79.00 17.41 -0.03
C GLU H 155 -80.45 17.64 -0.43
N THR H 156 -81.15 16.61 -0.86
CA THR H 156 -82.59 16.71 -1.03
C THR H 156 -83.29 15.37 -0.81
N GLY H 157 -84.51 15.44 -0.27
CA GLY H 157 -85.36 14.26 -0.06
C GLY H 157 -86.55 14.26 -1.01
N ALA H 158 -87.41 15.24 -0.85
CA ALA H 158 -88.52 15.44 -1.78
C ALA H 158 -88.09 15.97 -3.15
N GLY H 159 -86.88 16.51 -3.24
CA GLY H 159 -86.37 17.09 -4.49
C GLY H 159 -86.69 18.56 -4.69
N GLN H 160 -87.42 19.15 -3.74
CA GLN H 160 -87.83 20.55 -3.81
C GLN H 160 -86.67 21.47 -3.45
N HIS H 161 -85.91 21.10 -2.42
CA HIS H 161 -84.71 21.86 -2.07
C HIS H 161 -83.64 21.72 -3.16
N GLY H 162 -83.52 20.53 -3.71
CA GLY H 162 -82.62 20.27 -4.82
C GLY H 162 -82.95 21.14 -6.02
N VAL H 163 -84.23 21.19 -6.37
CA VAL H 163 -84.71 21.99 -7.52
C VAL H 163 -84.48 23.48 -7.26
N ALA H 164 -84.81 23.93 -6.06
CA ALA H 164 -84.60 25.32 -5.68
C ALA H 164 -83.11 25.71 -5.75
N THR H 165 -82.26 24.87 -5.18
CA THR H 165 -80.81 25.11 -5.21
C THR H 165 -80.28 25.18 -6.65
N ALA H 166 -80.69 24.23 -7.48
CA ALA H 166 -80.34 24.20 -8.92
C ALA H 166 -80.80 25.47 -9.66
N THR H 167 -82.05 25.85 -9.38
CA THR H 167 -82.63 27.10 -9.85
C THR H 167 -81.73 28.32 -9.52
N ALA H 168 -81.42 28.51 -8.25
CA ALA H 168 -80.58 29.66 -7.84
C ALA H 168 -79.19 29.62 -8.45
N CYS H 169 -78.62 28.42 -8.55
CA CYS H 169 -77.28 28.27 -9.16
C CYS H 169 -77.27 28.53 -10.67
N ALA H 170 -78.35 28.19 -11.35
CA ALA H 170 -78.54 28.56 -12.76
C ALA H 170 -78.56 30.09 -12.89
N LEU H 171 -79.41 30.70 -12.07
CA LEU H 171 -79.59 32.14 -12.01
C LEU H 171 -78.30 32.92 -11.73
N LEU H 172 -77.47 32.38 -10.85
CA LEU H 172 -76.23 33.06 -10.42
C LEU H 172 -74.95 32.52 -11.05
N GLY H 173 -75.05 31.46 -11.84
CA GLY H 173 -73.90 30.91 -12.56
C GLY H 173 -72.92 30.20 -11.64
N LEU H 174 -73.45 29.41 -10.69
CA LEU H 174 -72.62 28.59 -9.78
C LEU H 174 -72.69 27.13 -10.19
N ASP H 175 -71.58 26.39 -10.11
CA ASP H 175 -71.64 24.92 -10.25
C ASP H 175 -72.45 24.31 -9.11
N CYS H 176 -73.24 23.29 -9.44
CA CYS H 176 -74.22 22.74 -8.51
C CYS H 176 -74.19 21.22 -8.52
N VAL H 177 -74.14 20.64 -7.32
CA VAL H 177 -74.19 19.18 -7.13
C VAL H 177 -75.21 18.86 -6.04
N ILE H 178 -76.20 18.07 -6.39
CA ILE H 178 -77.27 17.70 -5.45
C ILE H 178 -77.13 16.23 -5.09
N TYR H 179 -77.12 15.94 -3.79
CA TYR H 179 -77.12 14.57 -3.25
C TYR H 179 -78.53 14.17 -2.89
N MET H 180 -78.95 13.01 -3.39
CA MET H 180 -80.33 12.53 -3.22
C MET H 180 -80.32 11.03 -2.99
N GLY H 181 -81.00 10.58 -1.94
CA GLY H 181 -81.10 9.16 -1.64
C GLY H 181 -81.75 8.38 -2.78
N GLY H 182 -81.24 7.17 -3.04
CA GLY H 182 -81.71 6.33 -4.17
C GLY H 182 -83.19 5.98 -4.18
N ILE H 183 -83.77 5.80 -3.00
CA ILE H 183 -85.21 5.55 -2.85
C ILE H 183 -85.98 6.82 -3.22
N ASP H 184 -85.44 7.98 -2.84
CA ASP H 184 -86.03 9.27 -3.18
C ASP H 184 -85.95 9.59 -4.68
N THR H 185 -84.84 9.22 -5.33
CA THR H 185 -84.72 9.47 -6.78
C THR H 185 -85.82 8.77 -7.55
N ALA H 186 -86.20 7.58 -7.09
CA ALA H 186 -87.25 6.78 -7.72
C ALA H 186 -88.67 7.32 -7.48
N ARG H 187 -88.99 7.69 -6.24
CA ARG H 187 -90.35 8.20 -5.90
C ARG H 187 -90.56 9.72 -6.08
N GLN H 188 -89.49 10.46 -6.37
CA GLN H 188 -89.60 11.89 -6.71
C GLN H 188 -88.89 12.21 -8.04
N ALA H 189 -89.07 11.32 -9.01
CA ALA H 189 -88.32 11.35 -10.29
C ALA H 189 -88.53 12.61 -11.13
N LEU H 190 -89.72 13.21 -11.02
CA LEU H 190 -89.98 14.48 -11.71
C LEU H 190 -88.94 15.53 -11.31
N ASN H 191 -88.66 15.62 -10.02
CA ASN H 191 -87.69 16.58 -9.51
C ASN H 191 -86.23 16.27 -9.90
N VAL H 192 -85.89 14.99 -10.07
CA VAL H 192 -84.56 14.64 -10.59
C VAL H 192 -84.36 15.23 -11.98
N ALA H 193 -85.36 15.05 -12.84
CA ALA H 193 -85.28 15.52 -14.23
C ALA H 193 -85.27 17.05 -14.33
N ARG H 194 -86.03 17.71 -13.46
CA ARG H 194 -85.97 19.18 -13.35
C ARG H 194 -84.57 19.67 -12.97
N MET H 195 -84.00 19.06 -11.94
CA MET H 195 -82.64 19.41 -11.51
C MET H 195 -81.62 19.28 -12.66
N ARG H 196 -81.73 18.20 -13.42
CA ARG H 196 -80.82 17.93 -14.53
C ARG H 196 -81.01 18.98 -15.65
N LEU H 197 -82.27 19.33 -15.94
CA LEU H 197 -82.58 20.37 -16.93
C LEU H 197 -82.04 21.74 -16.51
N LEU H 198 -82.08 21.99 -15.21
CA LEU H 198 -81.53 23.22 -14.63
C LEU H 198 -80.00 23.30 -14.58
N GLY H 199 -79.32 22.24 -15.01
CA GLY H 199 -77.84 22.23 -15.09
C GLY H 199 -77.14 21.70 -13.85
N ALA H 200 -77.90 21.17 -12.90
CA ALA H 200 -77.33 20.59 -11.70
C ALA H 200 -76.93 19.15 -11.95
N GLU H 201 -75.82 18.75 -11.35
CA GLU H 201 -75.45 17.33 -11.27
C GLU H 201 -76.17 16.69 -10.13
N VAL H 202 -76.71 15.50 -10.36
CA VAL H 202 -77.40 14.76 -9.30
C VAL H 202 -76.69 13.46 -9.01
N VAL H 203 -76.36 13.25 -7.73
CA VAL H 203 -75.68 12.04 -7.26
C VAL H 203 -76.63 11.23 -6.40
N ALA H 204 -76.96 10.03 -6.86
CA ALA H 204 -77.86 9.13 -6.13
C ALA H 204 -77.08 8.46 -5.02
N VAL H 205 -77.56 8.61 -3.78
CA VAL H 205 -76.88 8.05 -2.59
C VAL H 205 -77.48 6.69 -2.24
N GLN H 206 -76.63 5.66 -2.23
CA GLN H 206 -77.09 4.27 -2.00
C GLN H 206 -76.80 3.70 -0.61
N THR H 207 -76.22 4.52 0.26
CA THR H 207 -75.87 4.09 1.62
C THR H 207 -77.03 4.23 2.60
N GLY H 208 -76.95 3.49 3.69
CA GLY H 208 -77.95 3.51 4.77
C GLY H 208 -79.38 3.26 4.28
N SER H 209 -80.29 4.15 4.68
CA SER H 209 -81.70 4.08 4.27
C SER H 209 -82.00 4.65 2.88
N LYS H 210 -81.00 5.20 2.20
CA LYS H 210 -81.14 5.77 0.84
C LYS H 210 -82.21 6.86 0.77
N THR H 211 -82.29 7.64 1.83
CA THR H 211 -83.25 8.72 1.96
C THR H 211 -82.50 9.95 2.50
N LEU H 212 -83.25 10.94 2.98
CA LEU H 212 -82.71 12.27 3.28
C LEU H 212 -81.51 12.26 4.23
N LYS H 213 -81.56 11.46 5.29
CA LYS H 213 -80.45 11.46 6.27
C LYS H 213 -79.14 11.01 5.63
N ASP H 214 -79.27 10.12 4.66
CA ASP H 214 -78.12 9.52 4.00
C ASP H 214 -77.56 10.48 2.94
N ALA H 215 -78.45 11.19 2.26
CA ALA H 215 -78.04 12.28 1.37
C ALA H 215 -77.28 13.36 2.14
N ILE H 216 -77.74 13.67 3.35
CA ILE H 216 -77.07 14.67 4.21
C ILE H 216 -75.66 14.21 4.58
N ASN H 217 -75.53 12.95 4.95
CA ASN H 217 -74.22 12.37 5.25
C ASN H 217 -73.23 12.51 4.09
N GLU H 218 -73.69 12.23 2.87
CA GLU H 218 -72.81 12.32 1.68
C GLU H 218 -72.39 13.75 1.35
N ALA H 219 -73.34 14.67 1.44
CA ALA H 219 -73.07 16.08 1.19
C ALA H 219 -72.09 16.63 2.22
N PHE H 220 -72.25 16.18 3.46
CA PHE H 220 -71.30 16.53 4.53
C PHE H 220 -69.88 16.11 4.17
N ARG H 221 -69.72 14.87 3.70
N ARG H 221 -69.73 14.87 3.70
CA ARG H 221 -68.40 14.36 3.33
CA ARG H 221 -68.43 14.32 3.34
C ARG H 221 -67.78 15.15 2.18
C ARG H 221 -67.79 15.09 2.17
N ASP H 222 -68.63 15.51 1.22
CA ASP H 222 -68.20 16.37 0.10
C ASP H 222 -67.64 17.69 0.67
N TRP H 223 -68.39 18.31 1.57
CA TRP H 223 -68.02 19.62 2.13
C TRP H 223 -66.70 19.55 2.88
N VAL H 224 -66.55 18.50 3.68
CA VAL H 224 -65.29 18.24 4.40
C VAL H 224 -64.11 18.25 3.43
N ALA H 225 -64.24 17.58 2.31
CA ALA H 225 -63.16 17.49 1.31
C ALA H 225 -62.95 18.77 0.48
N ASN H 226 -64.02 19.51 0.23
CA ASN H 226 -63.99 20.64 -0.73
C ASN H 226 -64.36 22.00 -0.13
N ALA H 227 -64.14 22.13 1.17
CA ALA H 227 -64.50 23.33 1.95
C ALA H 227 -63.97 24.64 1.38
N ASP H 228 -62.75 24.63 0.85
CA ASP H 228 -62.12 25.88 0.37
C ASP H 228 -62.88 26.60 -0.75
N ASN H 229 -63.49 25.82 -1.64
CA ASN H 229 -64.24 26.36 -2.80
C ASN H 229 -65.76 26.18 -2.74
N THR H 230 -66.23 25.32 -1.84
CA THR H 230 -67.62 24.85 -1.85
C THR H 230 -68.46 25.43 -0.69
N TYR H 231 -69.65 25.91 -1.06
CA TYR H 231 -70.68 26.32 -0.12
C TYR H 231 -71.69 25.18 0.03
N TYR H 232 -72.04 24.83 1.27
CA TYR H 232 -73.10 23.84 1.53
C TYR H 232 -74.42 24.57 1.79
N CYS H 233 -75.31 24.48 0.81
CA CYS H 233 -76.65 25.08 0.89
C CYS H 233 -77.62 24.12 1.59
N PHE H 234 -77.64 24.19 2.91
CA PHE H 234 -78.43 23.26 3.70
C PHE H 234 -79.89 23.71 3.72
N GLY H 235 -80.79 22.76 3.46
CA GLY H 235 -82.20 23.06 3.16
C GLY H 235 -83.23 23.02 4.26
N THR H 236 -82.81 22.71 5.49
CA THR H 236 -83.75 22.72 6.61
C THR H 236 -83.15 23.37 7.86
N ALA H 237 -83.99 23.56 8.87
CA ALA H 237 -83.61 24.33 10.07
C ALA H 237 -82.97 23.45 11.13
N ALA H 238 -81.98 22.68 10.69
CA ALA H 238 -81.19 21.82 11.56
C ALA H 238 -79.70 22.09 11.24
N GLY H 239 -78.83 21.19 11.66
CA GLY H 239 -77.41 21.34 11.40
C GLY H 239 -76.69 22.13 12.48
N PRO H 240 -75.36 22.27 12.34
CA PRO H 240 -74.62 23.07 13.27
C PRO H 240 -74.90 24.55 13.03
N HIS H 241 -74.73 25.35 14.07
CA HIS H 241 -74.69 26.81 13.93
C HIS H 241 -73.71 27.13 12.78
N PRO H 242 -74.11 27.99 11.82
CA PRO H 242 -75.23 28.91 11.87
C PRO H 242 -76.53 28.49 11.16
N PHE H 243 -76.61 27.25 10.69
CA PHE H 243 -77.71 26.85 9.79
C PHE H 243 -79.14 26.96 10.38
N PRO H 244 -79.36 26.47 11.62
CA PRO H 244 -80.71 26.60 12.16
C PRO H 244 -81.19 28.05 12.22
N THR H 245 -80.34 28.95 12.65
CA THR H 245 -80.70 30.37 12.75
C THR H 245 -80.83 31.03 11.38
N MET H 246 -79.86 30.78 10.50
CA MET H 246 -79.85 31.33 9.16
C MET H 246 -81.03 30.85 8.32
N VAL H 247 -81.31 29.55 8.33
CA VAL H 247 -82.44 29.01 7.55
C VAL H 247 -83.76 29.61 8.04
N ARG H 248 -83.91 29.68 9.35
CA ARG H 248 -85.09 30.32 9.97
C ARG H 248 -85.22 31.80 9.59
N ASP H 249 -84.13 32.54 9.66
CA ASP H 249 -84.15 33.97 9.26
C ASP H 249 -84.60 34.17 7.81
N PHE H 250 -84.19 33.30 6.91
CA PHE H 250 -84.64 33.40 5.52
C PHE H 250 -86.10 32.93 5.34
N GLN H 251 -86.58 32.04 6.21
CA GLN H 251 -87.98 31.57 6.14
C GLN H 251 -89.00 32.42 6.92
N ARG H 252 -88.50 33.25 7.83
CA ARG H 252 -89.32 34.18 8.65
C ARG H 252 -90.36 34.99 7.88
N ILE H 253 -89.99 35.34 6.66
CA ILE H 253 -90.87 36.05 5.72
C ILE H 253 -92.27 35.42 5.63
N ILE H 254 -92.37 34.10 5.75
CA ILE H 254 -93.67 33.41 5.65
C ILE H 254 -94.60 33.88 6.76
N GLY H 255 -94.12 33.79 7.99
CA GLY H 255 -94.88 34.18 9.16
C GLY H 255 -95.18 35.66 9.24
N MET H 256 -94.22 36.50 8.83
CA MET H 256 -94.43 37.95 8.82
C MET H 256 -95.52 38.37 7.86
N GLU H 257 -95.55 37.75 6.69
CA GLU H 257 -96.65 37.96 5.74
C GLU H 257 -97.96 37.42 6.31
N ALA H 258 -97.92 36.20 6.83
CA ALA H 258 -99.13 35.56 7.34
C ALA H 258 -99.78 36.37 8.47
N ARG H 259 -98.95 36.90 9.35
CA ARG H 259 -99.45 37.65 10.51
C ARG H 259 -100.20 38.91 10.08
N VAL H 260 -99.67 39.59 9.08
CA VAL H 260 -100.32 40.77 8.51
C VAL H 260 -101.59 40.37 7.75
N GLN H 261 -101.49 39.35 6.92
CA GLN H 261 -102.60 38.89 6.07
C GLN H 261 -103.81 38.41 6.86
N ILE H 262 -103.59 37.63 7.90
CA ILE H 262 -104.70 37.11 8.73
C ILE H 262 -105.44 38.23 9.49
N GLN H 263 -104.68 39.20 9.99
CA GLN H 263 -105.29 40.37 10.65
C GLN H 263 -106.14 41.17 9.67
N GLY H 264 -105.63 41.33 8.45
CA GLY H 264 -106.38 41.97 7.37
C GLY H 264 -107.65 41.24 6.97
N GLN H 265 -107.58 39.93 6.77
CA GLN H 265 -108.72 39.15 6.28
C GLN H 265 -109.71 38.72 7.35
N ALA H 266 -109.20 38.34 8.50
CA ALA H 266 -110.06 37.85 9.60
C ALA H 266 -110.31 38.88 10.69
N GLY H 267 -109.57 39.99 10.69
CA GLY H 267 -109.74 41.04 11.68
C GLY H 267 -109.08 40.81 13.03
N ARG H 268 -108.29 39.75 13.14
CA ARG H 268 -107.62 39.39 14.41
C ARG H 268 -106.56 38.34 14.19
N LEU H 269 -105.75 38.13 15.21
CA LEU H 269 -104.75 37.07 15.18
C LEU H 269 -105.43 35.71 15.23
N PRO H 270 -104.80 34.67 14.68
CA PRO H 270 -105.45 33.37 14.67
C PRO H 270 -105.52 32.71 16.04
N ASP H 271 -106.37 31.70 16.13
CA ASP H 271 -106.45 30.87 17.32
C ASP H 271 -105.30 29.87 17.30
N ALA H 272 -104.93 29.42 16.10
CA ALA H 272 -103.77 28.55 15.92
C ALA H 272 -103.07 28.77 14.60
N VAL H 273 -101.77 28.49 14.61
CA VAL H 273 -100.95 28.39 13.39
C VAL H 273 -100.27 27.02 13.34
N VAL H 274 -100.42 26.30 12.24
CA VAL H 274 -99.92 24.94 12.12
C VAL H 274 -99.11 24.69 10.85
N ALA H 275 -98.23 23.70 10.92
CA ALA H 275 -97.36 23.31 9.82
C ALA H 275 -96.85 21.89 9.99
N CYS H 276 -96.41 21.27 8.89
CA CYS H 276 -95.73 20.00 8.98
C CYS H 276 -94.28 20.24 9.38
N VAL H 277 -93.66 19.20 9.94
CA VAL H 277 -92.28 19.29 10.46
C VAL H 277 -91.44 18.10 9.98
N GLY H 278 -90.53 18.41 9.05
CA GLY H 278 -89.47 17.50 8.61
C GLY H 278 -88.29 17.78 9.52
N GLY H 279 -87.32 18.52 9.00
CA GLY H 279 -86.24 19.11 9.82
C GLY H 279 -86.68 20.38 10.54
N GLY H 280 -87.65 21.09 9.94
CA GLY H 280 -88.36 22.19 10.62
C GLY H 280 -88.40 23.58 10.01
N SER H 281 -87.96 23.74 8.77
CA SER H 281 -87.82 25.10 8.17
C SER H 281 -89.14 25.82 7.88
N ASN H 282 -90.10 25.14 7.23
CA ASN H 282 -91.40 25.78 6.91
C ASN H 282 -92.19 26.10 8.18
N ALA H 283 -92.11 25.20 9.16
CA ALA H 283 -92.79 25.38 10.46
C ALA H 283 -92.21 26.55 11.23
N ILE H 284 -90.90 26.57 11.40
CA ILE H 284 -90.25 27.67 12.10
C ILE H 284 -90.43 28.98 11.34
N GLY H 285 -90.48 28.90 10.01
CA GLY H 285 -90.72 30.10 9.20
C GLY H 285 -92.06 30.78 9.48
N ILE H 286 -93.12 30.00 9.47
CA ILE H 286 -94.45 30.53 9.74
C ILE H 286 -94.68 30.84 11.23
N PHE H 287 -94.08 30.05 12.13
CA PHE H 287 -94.29 30.22 13.60
C PHE H 287 -93.64 31.48 14.15
N HIS H 288 -92.51 31.89 13.59
CA HIS H 288 -91.61 32.79 14.30
C HIS H 288 -92.23 34.14 14.66
N ALA H 289 -93.03 34.67 13.74
CA ALA H 289 -93.71 35.95 13.93
C ALA H 289 -94.84 35.93 14.96
N PHE H 290 -95.31 34.72 15.31
CA PHE H 290 -96.34 34.55 16.32
C PHE H 290 -95.82 34.16 17.70
N LEU H 291 -94.51 33.98 17.86
CA LEU H 291 -93.97 33.47 19.14
C LEU H 291 -94.37 34.32 20.35
N ASP H 292 -94.38 35.64 20.18
CA ASP H 292 -94.72 36.57 21.28
C ASP H 292 -96.20 36.99 21.36
N ASP H 293 -97.07 36.31 20.62
CA ASP H 293 -98.54 36.46 20.74
C ASP H 293 -99.09 35.31 21.59
N PRO H 294 -99.31 35.54 22.89
CA PRO H 294 -99.56 34.42 23.82
C PRO H 294 -100.83 33.59 23.56
N GLY H 295 -101.83 34.18 22.92
CA GLY H 295 -103.09 33.48 22.58
C GLY H 295 -103.07 32.65 21.30
N VAL H 296 -101.97 32.71 20.55
CA VAL H 296 -101.85 31.95 19.31
C VAL H 296 -101.19 30.59 19.59
N ARG H 297 -101.99 29.52 19.51
CA ARG H 297 -101.49 28.15 19.63
C ARG H 297 -100.62 27.84 18.42
N LEU H 298 -99.54 27.10 18.64
CA LEU H 298 -98.63 26.69 17.58
C LEU H 298 -98.51 25.18 17.61
N VAL H 299 -98.82 24.53 16.50
CA VAL H 299 -98.80 23.08 16.43
C VAL H 299 -98.01 22.62 15.21
N GLY H 300 -96.99 21.82 15.45
CA GLY H 300 -96.23 21.16 14.40
C GLY H 300 -96.71 19.72 14.26
N PHE H 301 -96.87 19.27 13.02
CA PHE H 301 -97.31 17.91 12.75
C PHE H 301 -96.21 17.11 12.08
N GLU H 302 -95.80 16.02 12.72
CA GLU H 302 -94.70 15.16 12.23
C GLU H 302 -95.26 13.88 11.62
N ALA H 303 -94.47 13.27 10.73
CA ALA H 303 -94.91 12.08 9.99
C ALA H 303 -94.87 10.82 10.86
N ALA H 304 -96.01 10.14 10.95
CA ALA H 304 -96.12 8.90 11.74
C ALA H 304 -96.13 7.62 10.89
N GLY H 305 -96.00 7.77 9.57
CA GLY H 305 -95.90 6.61 8.66
C GLY H 305 -97.04 5.60 8.81
N ASP H 306 -96.68 4.34 9.07
CA ASP H 306 -97.67 3.27 9.29
C ASP H 306 -98.30 3.37 10.68
N GLY H 307 -97.77 4.23 11.54
CA GLY H 307 -98.26 4.43 12.91
C GLY H 307 -97.08 4.41 13.87
N VAL H 308 -97.18 5.14 14.98
CA VAL H 308 -96.04 5.29 15.92
C VAL H 308 -95.69 3.98 16.65
N GLU H 309 -96.69 3.13 16.85
CA GLU H 309 -96.49 1.78 17.42
C GLU H 309 -95.76 0.76 16.50
N THR H 310 -95.63 1.07 15.21
CA THR H 310 -95.11 0.09 14.22
C THR H 310 -93.59 0.07 14.00
N GLY H 311 -92.88 1.09 14.48
CA GLY H 311 -91.46 1.25 14.14
C GLY H 311 -91.19 1.62 12.68
N ARG H 312 -92.21 2.18 12.03
CA ARG H 312 -92.10 2.66 10.64
C ARG H 312 -92.76 4.04 10.60
N HIS H 313 -92.00 5.02 11.10
CA HIS H 313 -92.45 6.40 11.26
C HIS H 313 -91.27 7.36 11.25
N ALA H 314 -91.59 8.64 11.28
CA ALA H 314 -90.60 9.71 11.44
C ALA H 314 -91.04 10.68 12.56
N ALA H 315 -91.73 10.13 13.54
CA ALA H 315 -92.32 10.88 14.66
C ALA H 315 -91.29 11.18 15.76
N THR H 316 -90.43 12.15 15.48
CA THR H 316 -89.24 12.43 16.30
C THR H 316 -89.56 12.91 17.71
N PHE H 317 -90.47 13.86 17.85
CA PHE H 317 -90.89 14.32 19.17
C PHE H 317 -91.75 13.32 19.95
N THR H 318 -92.61 12.58 19.24
CA THR H 318 -93.47 11.59 19.88
C THR H 318 -92.71 10.38 20.43
N ALA H 319 -91.73 9.90 19.67
CA ALA H 319 -91.02 8.64 19.98
C ALA H 319 -89.50 8.77 20.19
N GLY H 320 -88.92 9.91 19.85
CA GLY H 320 -87.47 10.13 19.96
C GLY H 320 -87.04 10.67 21.31
N SER H 321 -85.76 11.01 21.39
CA SER H 321 -85.18 11.54 22.62
C SER H 321 -83.96 12.44 22.29
N PRO H 322 -83.48 13.24 23.26
CA PRO H 322 -82.34 14.12 23.03
C PRO H 322 -81.06 13.40 22.61
N GLY H 323 -80.34 14.02 21.67
CA GLY H 323 -79.05 13.50 21.22
C GLY H 323 -78.37 14.42 20.22
N ALA H 324 -77.12 14.11 19.93
CA ALA H 324 -76.30 14.84 18.94
C ALA H 324 -76.33 14.12 17.58
N PHE H 325 -76.83 14.80 16.57
CA PHE H 325 -76.98 14.21 15.24
C PHE H 325 -76.98 15.32 14.20
N HIS H 326 -76.28 15.07 13.10
CA HIS H 326 -76.16 16.03 12.01
C HIS H 326 -75.83 17.45 12.48
N GLY H 327 -74.86 17.55 13.38
CA GLY H 327 -74.32 18.85 13.78
C GLY H 327 -74.96 19.55 14.96
N SER H 328 -76.09 19.04 15.46
CA SER H 328 -76.83 19.71 16.55
C SER H 328 -77.21 18.76 17.69
N PHE H 329 -77.42 19.34 18.86
CA PHE H 329 -78.06 18.65 19.98
C PHE H 329 -79.54 18.98 19.90
N SER H 330 -80.35 17.97 19.58
CA SER H 330 -81.79 18.13 19.38
C SER H 330 -82.45 16.79 19.68
N TYR H 331 -83.69 16.60 19.23
CA TYR H 331 -84.33 15.28 19.33
C TYR H 331 -83.98 14.44 18.10
N LEU H 332 -83.82 13.14 18.33
CA LEU H 332 -83.82 12.17 17.23
C LEU H 332 -84.32 10.80 17.63
N LEU H 333 -84.76 10.05 16.62
CA LEU H 333 -85.10 8.65 16.79
C LEU H 333 -83.81 7.85 16.91
N GLN H 334 -83.63 7.21 18.05
CA GLN H 334 -82.41 6.46 18.35
C GLN H 334 -82.71 5.29 19.28
N ASP H 335 -81.86 4.26 19.19
CA ASP H 335 -82.01 3.06 20.01
C ASP H 335 -81.27 3.25 21.35
N GLU H 336 -81.25 2.19 22.17
CA GLU H 336 -80.69 2.24 23.53
C GLU H 336 -79.20 2.63 23.59
N ASP H 337 -78.44 2.35 22.54
CA ASP H 337 -77.01 2.72 22.46
C ASP H 337 -76.75 4.07 21.80
N GLY H 338 -77.79 4.67 21.23
CA GLY H 338 -77.65 5.94 20.53
C GLY H 338 -77.38 5.83 19.03
N GLN H 339 -77.67 4.66 18.45
CA GLN H 339 -77.62 4.49 17.01
C GLN H 339 -78.88 5.12 16.42
N THR H 340 -78.72 5.92 15.37
CA THR H 340 -79.87 6.50 14.67
C THR H 340 -80.79 5.40 14.15
N ILE H 341 -82.08 5.55 14.40
CA ILE H 341 -83.08 4.64 13.84
C ILE H 341 -83.56 5.22 12.52
N GLU H 342 -83.64 4.37 11.51
CA GLU H 342 -84.09 4.78 10.18
C GLU H 342 -85.58 5.14 10.23
N SER H 343 -85.89 6.29 9.66
CA SER H 343 -87.27 6.75 9.56
C SER H 343 -87.96 6.16 8.34
N HIS H 344 -89.29 6.19 8.38
CA HIS H 344 -90.12 5.81 7.23
C HIS H 344 -91.36 6.69 7.16
N SER H 345 -91.67 7.14 5.95
CA SER H 345 -92.90 7.87 5.65
C SER H 345 -93.21 7.76 4.17
N ILE H 346 -94.49 7.87 3.82
CA ILE H 346 -94.87 7.98 2.41
C ILE H 346 -94.35 9.30 1.82
N SER H 347 -94.16 10.30 2.69
CA SER H 347 -93.63 11.60 2.32
C SER H 347 -92.11 11.62 2.40
N ALA H 348 -91.46 11.86 1.26
CA ALA H 348 -89.99 11.92 1.21
C ALA H 348 -89.43 13.08 2.01
N GLY H 349 -90.17 14.18 2.02
CA GLY H 349 -89.77 15.38 2.75
C GLY H 349 -89.78 15.31 4.28
N LEU H 350 -90.69 14.51 4.82
CA LEU H 350 -90.78 14.32 6.27
C LEU H 350 -90.07 13.06 6.78
N ASP H 351 -89.48 12.30 5.86
CA ASP H 351 -88.83 11.02 6.16
C ASP H 351 -87.41 11.28 6.67
N TYR H 352 -87.35 11.77 7.90
CA TYR H 352 -86.09 12.20 8.51
C TYR H 352 -86.22 11.95 10.00
N PRO H 353 -85.27 11.19 10.60
CA PRO H 353 -85.41 10.86 12.03
C PRO H 353 -85.00 11.97 13.01
N GLY H 354 -84.45 13.06 12.49
CA GLY H 354 -84.08 14.21 13.32
C GLY H 354 -85.08 15.35 13.29
N VAL H 355 -84.76 16.40 14.03
CA VAL H 355 -85.49 17.66 13.97
C VAL H 355 -84.57 18.79 14.44
N GLY H 356 -84.83 19.99 13.96
CA GLY H 356 -84.03 21.17 14.27
C GLY H 356 -84.06 21.57 15.73
N PRO H 357 -82.95 22.14 16.24
CA PRO H 357 -82.81 22.45 17.67
C PRO H 357 -83.71 23.56 18.21
N GLU H 358 -84.10 24.52 17.37
CA GLU H 358 -85.02 25.58 17.82
C GLU H 358 -86.38 24.99 18.19
N HIS H 359 -86.81 23.98 17.44
CA HIS H 359 -88.03 23.22 17.76
C HIS H 359 -87.92 22.45 19.06
N ALA H 360 -86.78 21.82 19.29
CA ALA H 360 -86.54 21.15 20.58
C ALA H 360 -86.69 22.13 21.73
N TRP H 361 -86.14 23.33 21.55
CA TRP H 361 -86.22 24.39 22.56
C TRP H 361 -87.67 24.85 22.78
N LEU H 362 -88.41 25.03 21.68
CA LEU H 362 -89.81 25.48 21.77
C LEU H 362 -90.72 24.41 22.38
N LYS H 363 -90.42 23.14 22.11
CA LYS H 363 -91.10 22.02 22.75
C LYS H 363 -90.84 22.00 24.25
N GLU H 364 -89.57 22.15 24.62
CA GLU H 364 -89.18 22.18 26.05
C GLU H 364 -89.87 23.32 26.80
N ALA H 365 -89.92 24.49 26.18
CA ALA H 365 -90.54 25.69 26.77
C ALA H 365 -92.08 25.62 26.88
N GLY H 366 -92.70 24.71 26.14
CA GLY H 366 -94.16 24.59 26.10
C GLY H 366 -94.86 25.57 25.17
N ARG H 367 -94.09 26.18 24.26
CA ARG H 367 -94.61 27.18 23.33
C ARG H 367 -95.25 26.52 22.10
N VAL H 368 -94.64 25.44 21.63
CA VAL H 368 -95.19 24.67 20.52
C VAL H 368 -95.51 23.26 20.99
N ASP H 369 -96.63 22.71 20.50
CA ASP H 369 -97.00 21.29 20.67
C ASP H 369 -96.73 20.56 19.35
N TYR H 370 -96.19 19.35 19.44
CA TYR H 370 -95.87 18.56 18.24
C TYR H 370 -96.64 17.24 18.27
N ARG H 371 -97.33 16.93 17.18
CA ARG H 371 -98.28 15.82 17.15
C ARG H 371 -98.07 14.94 15.91
N PRO H 372 -98.32 13.64 16.03
CA PRO H 372 -98.14 12.73 14.91
C PRO H 372 -99.33 12.70 13.93
N ILE H 373 -99.02 12.54 12.66
CA ILE H 373 -100.02 12.31 11.61
C ILE H 373 -99.55 11.16 10.73
N THR H 374 -100.42 10.17 10.52
CA THR H 374 -100.07 8.96 9.77
C THR H 374 -100.17 9.17 8.27
N ASP H 375 -99.55 8.25 7.53
CA ASP H 375 -99.70 8.18 6.07
C ASP H 375 -101.16 8.26 5.62
N SER H 376 -102.01 7.47 6.25
CA SER H 376 -103.44 7.39 5.88
C SER H 376 -104.18 8.70 6.10
N GLU H 377 -103.98 9.29 7.28
CA GLU H 377 -104.54 10.60 7.61
C GLU H 377 -104.11 11.66 6.59
N ALA H 378 -102.82 11.67 6.27
CA ALA H 378 -102.26 12.63 5.32
C ALA H 378 -102.87 12.47 3.95
N MET H 379 -102.97 11.24 3.47
CA MET H 379 -103.55 10.98 2.15
C MET H 379 -105.04 11.30 2.10
N ASP H 380 -105.79 11.00 3.15
CA ASP H 380 -107.22 11.42 3.22
C ASP H 380 -107.35 12.94 3.00
N ALA H 381 -106.51 13.69 3.70
CA ALA H 381 -106.47 15.15 3.59
C ALA H 381 -106.02 15.63 2.22
N PHE H 382 -105.03 14.94 1.65
CA PHE H 382 -104.58 15.18 0.27
C PHE H 382 -105.76 15.17 -0.68
N GLY H 383 -106.50 14.06 -0.64
CA GLY H 383 -107.66 13.86 -1.49
C GLY H 383 -108.73 14.89 -1.25
N LEU H 384 -108.92 15.25 0.02
CA LEU H 384 -109.98 16.19 0.41
C LEU H 384 -109.69 17.59 -0.12
N LEU H 385 -108.43 17.99 -0.04
CA LEU H 385 -108.01 19.31 -0.52
C LEU H 385 -108.16 19.40 -2.03
N CYS H 386 -107.83 18.32 -2.72
CA CYS H 386 -108.05 18.20 -4.18
C CYS H 386 -109.51 18.43 -4.56
N ARG H 387 -110.40 17.73 -3.87
CA ARG H 387 -111.84 17.72 -4.20
C ARG H 387 -112.63 18.94 -3.76
N MET H 388 -112.21 19.55 -2.66
CA MET H 388 -112.93 20.66 -2.06
C MET H 388 -112.43 22.03 -2.53
N GLU H 389 -111.11 22.20 -2.59
CA GLU H 389 -110.53 23.49 -2.93
C GLU H 389 -109.80 23.53 -4.26
N GLY H 390 -109.71 22.41 -4.96
CA GLY H 390 -108.96 22.35 -6.22
C GLY H 390 -107.47 22.60 -6.08
N ILE H 391 -106.91 22.26 -4.93
CA ILE H 391 -105.49 22.45 -4.68
C ILE H 391 -104.85 21.09 -4.46
N ILE H 392 -103.84 20.77 -5.25
CA ILE H 392 -103.10 19.51 -5.11
C ILE H 392 -101.87 19.80 -4.26
N PRO H 393 -101.88 19.37 -3.00
CA PRO H 393 -100.80 19.74 -2.13
C PRO H 393 -99.62 18.79 -2.27
N ALA H 394 -98.49 19.19 -1.75
CA ALA H 394 -97.43 18.24 -1.46
C ALA H 394 -97.91 17.30 -0.36
N ILE H 395 -97.47 16.04 -0.43
CA ILE H 395 -97.82 15.04 0.60
C ILE H 395 -97.27 15.49 1.96
N GLU H 396 -96.17 16.24 1.95
CA GLU H 396 -95.64 16.86 3.15
C GLU H 396 -96.70 17.78 3.77
N SER H 397 -97.15 18.73 2.97
CA SER H 397 -98.15 19.72 3.38
C SER H 397 -99.48 19.09 3.79
N ALA H 398 -99.84 17.99 3.13
CA ALA H 398 -101.08 17.24 3.45
C ALA H 398 -101.14 16.79 4.91
N HIS H 399 -99.98 16.55 5.53
CA HIS H 399 -99.90 16.22 6.96
C HIS H 399 -100.38 17.39 7.83
N ALA H 400 -100.01 18.59 7.43
CA ALA H 400 -100.44 19.81 8.13
C ALA H 400 -101.94 20.04 7.98
N VAL H 401 -102.44 19.82 6.77
CA VAL H 401 -103.88 19.96 6.51
C VAL H 401 -104.66 18.94 7.35
N ALA H 402 -104.18 17.70 7.39
CA ALA H 402 -104.83 16.63 8.17
C ALA H 402 -104.89 16.99 9.66
N GLY H 403 -103.77 17.50 10.17
CA GLY H 403 -103.69 17.97 11.55
C GLY H 403 -104.62 19.14 11.84
N ALA H 404 -104.70 20.06 10.89
CA ALA H 404 -105.60 21.21 10.98
C ALA H 404 -107.08 20.81 11.08
N LEU H 405 -107.46 19.79 10.31
CA LEU H 405 -108.82 19.25 10.36
C LEU H 405 -109.18 18.73 11.74
N LYS H 406 -108.25 18.03 12.36
CA LYS H 406 -108.44 17.50 13.73
C LYS H 406 -108.46 18.63 14.77
N LEU H 407 -107.58 19.60 14.58
CA LEU H 407 -107.52 20.77 15.47
C LEU H 407 -108.79 21.61 15.38
N GLY H 408 -109.34 21.70 14.17
CA GLY H 408 -110.63 22.36 13.96
C GLY H 408 -111.75 21.75 14.76
N VAL H 409 -111.79 20.43 14.82
CA VAL H 409 -112.79 19.70 15.61
C VAL H 409 -112.62 19.95 17.12
N GLU H 410 -111.37 20.09 17.57
CA GLU H 410 -111.08 20.45 18.97
C GLU H 410 -111.50 21.86 19.33
N LEU H 411 -111.10 22.82 18.49
CA LEU H 411 -111.33 24.26 18.76
C LEU H 411 -112.75 24.73 18.46
N GLY H 412 -113.37 24.12 17.46
CA GLY H 412 -114.79 24.34 17.17
C GLY H 412 -115.11 25.48 16.24
N ARG H 413 -116.40 25.77 16.17
CA ARG H 413 -116.96 26.68 15.19
C ARG H 413 -116.35 28.08 15.27
N GLY H 414 -115.97 28.61 14.13
CA GLY H 414 -115.44 29.98 14.05
C GLY H 414 -113.98 30.16 14.45
N ALA H 415 -113.32 29.10 14.91
CA ALA H 415 -111.89 29.17 15.26
C ALA H 415 -111.09 29.39 13.99
N VAL H 416 -110.08 30.25 14.08
CA VAL H 416 -109.28 30.64 12.94
C VAL H 416 -107.95 29.91 13.01
N ILE H 417 -107.71 29.07 12.02
CA ILE H 417 -106.50 28.24 11.95
C ILE H 417 -105.73 28.55 10.66
N VAL H 418 -104.52 29.07 10.80
CA VAL H 418 -103.63 29.29 9.65
C VAL H 418 -102.74 28.07 9.46
N VAL H 419 -102.79 27.49 8.26
CA VAL H 419 -102.04 26.30 7.88
C VAL H 419 -101.01 26.70 6.83
N ASN H 420 -99.75 26.39 7.09
CA ASN H 420 -98.69 26.58 6.07
C ASN H 420 -98.81 25.49 5.01
N LEU H 421 -99.23 25.87 3.81
CA LEU H 421 -99.31 24.94 2.71
C LEU H 421 -97.97 25.00 1.99
N SER H 422 -97.05 24.17 2.45
CA SER H 422 -95.62 24.32 2.18
C SER H 422 -95.22 24.09 0.72
N GLY H 423 -95.92 23.19 0.05
CA GLY H 423 -95.64 22.91 -1.36
C GLY H 423 -96.81 22.32 -2.13
N ARG H 424 -96.64 22.29 -3.45
CA ARG H 424 -97.61 21.69 -4.38
C ARG H 424 -97.23 20.25 -4.69
N GLY H 425 -98.19 19.53 -5.26
CA GLY H 425 -98.14 18.08 -5.40
C GLY H 425 -97.73 17.46 -6.73
N ASP H 426 -97.30 18.28 -7.70
CA ASP H 426 -96.77 17.79 -8.99
C ASP H 426 -95.91 16.53 -8.87
N LYS H 427 -94.96 16.59 -7.95
CA LYS H 427 -93.99 15.51 -7.69
C LYS H 427 -94.63 14.23 -7.13
N ASP H 428 -95.78 14.38 -6.50
CA ASP H 428 -96.49 13.30 -5.81
C ASP H 428 -97.72 12.77 -6.56
N VAL H 429 -98.01 13.29 -7.74
CA VAL H 429 -99.21 12.92 -8.50
C VAL H 429 -99.29 11.43 -8.80
N GLU H 430 -98.16 10.82 -9.18
CA GLU H 430 -98.10 9.37 -9.43
C GLU H 430 -98.42 8.55 -8.18
N THR H 431 -97.75 8.88 -7.08
CA THR H 431 -97.99 8.22 -5.78
C THR H 431 -99.45 8.30 -5.35
N ALA H 432 -100.01 9.49 -5.45
CA ALA H 432 -101.39 9.76 -5.05
C ALA H 432 -102.40 9.07 -5.98
N ALA H 433 -102.16 9.14 -7.29
CA ALA H 433 -103.04 8.45 -8.28
C ALA H 433 -103.05 6.95 -8.05
N LYS H 434 -101.88 6.40 -7.70
CA LYS H 434 -101.76 4.99 -7.31
C LYS H 434 -102.51 4.70 -6.01
N TRP H 435 -102.32 5.54 -5.00
CA TRP H 435 -103.05 5.44 -3.72
C TRP H 435 -104.57 5.38 -3.89
N PHE H 436 -105.12 6.27 -4.72
CA PHE H 436 -106.58 6.37 -4.95
C PHE H 436 -107.13 5.50 -6.11
N GLY H 437 -106.26 4.69 -6.72
CA GLY H 437 -106.69 3.76 -7.78
C GLY H 437 -107.09 4.43 -9.08
N LEU H 438 -106.33 5.45 -9.46
CA LEU H 438 -106.64 6.28 -10.63
C LEU H 438 -105.67 6.04 -11.78
N LEU H 439 -105.66 4.80 -12.25
CA LEU H 439 -104.96 4.39 -13.51
C LEU H 439 -105.67 3.29 -14.27
N GLU I 28 -19.28 16.98 62.81
CA GLU I 28 -18.79 17.22 64.13
C GLU I 28 -17.34 16.76 64.28
N ALA I 29 -16.96 16.47 65.51
CA ALA I 29 -15.59 16.14 65.80
C ALA I 29 -15.35 14.63 65.72
N SER I 30 -14.07 14.25 65.55
CA SER I 30 -13.67 12.84 65.52
C SER I 30 -13.78 12.22 66.91
N ARG I 31 -13.96 10.90 66.95
CA ARG I 31 -14.07 10.15 68.21
C ARG I 31 -12.81 10.25 69.08
N LEU I 32 -11.64 10.23 68.42
CA LEU I 32 -10.33 10.33 69.10
C LEU I 32 -9.84 11.77 69.35
N GLY I 33 -10.57 12.75 68.83
CA GLY I 33 -10.27 14.18 69.02
C GLY I 33 -10.00 14.60 70.47
N PRO I 34 -10.93 14.30 71.40
CA PRO I 34 -10.74 14.62 72.83
C PRO I 34 -9.47 14.04 73.47
N VAL I 35 -9.03 12.87 73.04
CA VAL I 35 -7.80 12.25 73.58
C VAL I 35 -6.56 13.07 73.21
N PHE I 36 -6.46 13.43 71.93
CA PHE I 36 -5.33 14.24 71.43
C PHE I 36 -5.33 15.67 71.96
N ASP I 37 -6.52 16.26 72.08
CA ASP I 37 -6.67 17.59 72.71
C ASP I 37 -6.21 17.56 74.16
N SER I 38 -6.62 16.53 74.89
CA SER I 38 -6.21 16.31 76.29
C SER I 38 -4.71 16.10 76.45
N CYS I 39 -4.12 15.32 75.55
CA CYS I 39 -2.66 15.11 75.52
C CYS I 39 -1.92 16.41 75.21
N ARG I 40 -2.38 17.10 74.17
CA ARG I 40 -1.78 18.38 73.73
C ARG I 40 -1.88 19.48 74.81
N ALA I 41 -2.89 19.40 75.67
CA ALA I 41 -3.04 20.31 76.83
C ALA I 41 -2.06 19.99 77.97
N ASN I 42 -1.71 18.72 78.11
CA ASN I 42 -0.70 18.26 79.09
C ASN I 42 0.72 18.12 78.50
N ASN I 43 0.96 18.77 77.35
CA ASN I 43 2.28 18.87 76.71
C ASN I 43 2.95 17.51 76.47
N ARG I 44 2.17 16.58 75.92
CA ARG I 44 2.64 15.24 75.64
C ARG I 44 1.98 14.66 74.40
N ALA I 45 2.53 13.54 73.95
CA ALA I 45 1.94 12.75 72.87
C ALA I 45 1.08 11.65 73.48
N ALA I 46 0.13 11.16 72.70
CA ALA I 46 -0.64 9.99 73.08
C ALA I 46 0.21 8.74 72.87
N LEU I 47 0.18 7.83 73.84
CA LEU I 47 0.80 6.50 73.68
C LEU I 47 -0.24 5.55 73.07
N ILE I 48 0.08 5.02 71.90
CA ILE I 48 -0.82 4.15 71.16
C ILE I 48 -0.21 2.74 71.14
N GLY I 49 -0.86 1.81 71.83
CA GLY I 49 -0.33 0.45 72.04
C GLY I 49 -1.04 -0.63 71.25
N TYR I 50 -0.28 -1.42 70.49
CA TYR I 50 -0.82 -2.52 69.71
C TYR I 50 -0.59 -3.87 70.39
N LEU I 51 -1.66 -4.67 70.50
CA LEU I 51 -1.55 -6.11 70.76
C LEU I 51 -2.50 -6.90 69.88
N PRO I 52 -2.08 -8.10 69.44
CA PRO I 52 -2.98 -8.93 68.64
C PRO I 52 -3.86 -9.79 69.52
N THR I 53 -5.15 -9.82 69.19
CA THR I 53 -6.11 -10.68 69.88
C THR I 53 -5.66 -12.14 69.77
N GLY I 54 -5.82 -12.89 70.86
CA GLY I 54 -5.52 -14.33 70.88
C GLY I 54 -4.08 -14.78 71.11
N TYR I 55 -3.16 -13.84 71.31
CA TYR I 55 -1.77 -14.19 71.66
C TYR I 55 -1.48 -13.86 73.13
N PRO I 56 -0.97 -14.82 73.92
CA PRO I 56 -0.71 -16.23 73.54
C PRO I 56 -1.95 -17.13 73.49
N ASP I 57 -3.02 -16.74 74.18
CA ASP I 57 -4.37 -17.28 73.96
C ASP I 57 -5.38 -16.13 74.14
N VAL I 58 -6.67 -16.39 73.98
CA VAL I 58 -7.69 -15.32 74.02
C VAL I 58 -7.81 -14.67 75.41
N PRO I 59 -7.97 -15.45 76.48
CA PRO I 59 -8.01 -14.83 77.82
C PRO I 59 -6.75 -14.06 78.22
N ALA I 60 -5.58 -14.60 77.91
CA ALA I 60 -4.31 -13.92 78.27
C ALA I 60 -4.14 -12.58 77.52
N SER I 61 -4.56 -12.55 76.26
CA SER I 61 -4.49 -11.34 75.43
C SER I 61 -5.41 -10.22 75.92
N VAL I 62 -6.59 -10.60 76.40
CA VAL I 62 -7.54 -9.66 77.01
C VAL I 62 -6.97 -9.09 78.32
N ALA I 63 -6.39 -9.96 79.14
CA ALA I 63 -5.69 -9.55 80.37
C ALA I 63 -4.51 -8.61 80.07
N ALA I 64 -3.81 -8.90 78.98
CA ALA I 64 -2.70 -8.04 78.53
C ALA I 64 -3.17 -6.65 78.08
N MET I 65 -4.26 -6.62 77.31
CA MET I 65 -4.84 -5.35 76.84
C MET I 65 -5.42 -4.51 77.97
N THR I 66 -6.01 -5.17 78.96
CA THR I 66 -6.44 -4.49 80.18
C THR I 66 -5.25 -3.89 80.93
N ALA I 67 -4.16 -4.64 81.00
CA ALA I 67 -2.92 -4.14 81.63
C ALA I 67 -2.38 -2.87 80.97
N LEU I 68 -2.50 -2.78 79.64
CA LEU I 68 -2.11 -1.58 78.88
C LEU I 68 -2.92 -0.34 79.29
N VAL I 69 -4.22 -0.53 79.47
CA VAL I 69 -5.10 0.55 79.94
C VAL I 69 -4.65 1.02 81.33
N GLU I 70 -4.43 0.06 82.22
CA GLU I 70 -3.99 0.31 83.60
C GLU I 70 -2.59 0.96 83.68
N SER I 71 -1.72 0.61 82.74
CA SER I 71 -0.33 1.11 82.71
C SER I 71 -0.12 2.43 81.94
N GLY I 72 -1.20 3.00 81.40
CA GLY I 72 -1.18 4.36 80.82
C GLY I 72 -1.14 4.46 79.30
N CYS I 73 -1.75 3.49 78.61
CA CYS I 73 -1.98 3.61 77.17
C CYS I 73 -3.21 4.47 76.94
N ASP I 74 -3.06 5.50 76.13
CA ASP I 74 -4.16 6.41 75.82
C ASP I 74 -5.13 5.77 74.82
N ILE I 75 -4.57 5.08 73.83
CA ILE I 75 -5.34 4.34 72.81
C ILE I 75 -4.75 2.94 72.64
N ILE I 76 -5.62 1.94 72.49
CA ILE I 76 -5.21 0.55 72.20
C ILE I 76 -5.58 0.18 70.76
N GLU I 77 -4.61 -0.30 69.99
CA GLU I 77 -4.88 -0.94 68.69
C GLU I 77 -5.07 -2.43 68.92
N VAL I 78 -6.30 -2.88 68.74
CA VAL I 78 -6.61 -4.30 68.84
C VAL I 78 -6.40 -4.91 67.45
N GLY I 79 -5.35 -5.71 67.34
CA GLY I 79 -5.02 -6.39 66.08
C GLY I 79 -5.89 -7.60 65.80
N VAL I 80 -6.36 -7.72 64.57
CA VAL I 80 -7.11 -8.89 64.10
C VAL I 80 -6.12 -9.80 63.36
N PRO I 81 -5.78 -10.97 63.95
CA PRO I 81 -4.87 -11.88 63.26
C PRO I 81 -5.37 -12.30 61.87
N TYR I 82 -4.51 -12.17 60.88
CA TYR I 82 -4.81 -12.50 59.50
C TYR I 82 -3.81 -13.55 58.99
N SER I 83 -4.31 -14.47 58.16
CA SER I 83 -3.51 -15.58 57.63
C SER I 83 -2.31 -15.16 56.76
N ASP I 84 -2.44 -14.03 56.08
CA ASP I 84 -1.38 -13.56 55.15
C ASP I 84 -1.08 -12.08 55.36
N PRO I 85 -0.48 -11.73 56.52
CA PRO I 85 -0.30 -10.34 56.91
C PRO I 85 0.97 -9.74 56.30
N GLY I 86 0.83 -9.12 55.14
CA GLY I 86 1.96 -8.65 54.37
C GLY I 86 2.77 -7.54 55.00
N MET I 87 2.11 -6.69 55.77
CA MET I 87 2.73 -5.52 56.39
C MET I 87 3.26 -5.73 57.82
N ASP I 88 2.95 -6.88 58.42
CA ASP I 88 3.42 -7.18 59.79
C ASP I 88 4.86 -7.67 59.80
N GLY I 89 5.67 -7.18 60.73
CA GLY I 89 7.05 -7.66 60.91
C GLY I 89 7.09 -9.04 61.53
N PRO I 90 8.29 -9.63 61.67
CA PRO I 90 8.43 -11.01 62.17
C PRO I 90 7.84 -11.25 63.56
N THR I 91 8.10 -10.35 64.51
CA THR I 91 7.57 -10.51 65.88
C THR I 91 6.05 -10.56 65.89
N ILE I 92 5.41 -9.65 65.16
CA ILE I 92 3.93 -9.62 65.08
C ILE I 92 3.39 -10.80 64.26
N ALA I 93 4.09 -11.16 63.19
CA ALA I 93 3.69 -12.27 62.31
C ALA I 93 3.68 -13.62 63.03
N ARG I 94 4.73 -13.93 63.79
CA ARG I 94 4.80 -15.19 64.57
C ARG I 94 3.70 -15.24 65.62
N ALA I 95 3.41 -14.09 66.23
CA ALA I 95 2.37 -13.98 67.25
C ALA I 95 0.96 -14.17 66.69
N THR I 96 0.70 -13.58 65.53
CA THR I 96 -0.60 -13.76 64.85
C THR I 96 -0.78 -15.20 64.34
N GLU I 97 0.29 -15.81 63.85
CA GLU I 97 0.28 -17.25 63.52
C GLU I 97 -0.11 -18.10 64.72
N ALA I 98 0.49 -17.81 65.87
CA ALA I 98 0.23 -18.55 67.10
C ALA I 98 -1.21 -18.38 67.56
N ALA I 99 -1.72 -17.16 67.44
CA ALA I 99 -3.13 -16.87 67.76
C ALA I 99 -4.08 -17.69 66.88
N LEU I 100 -3.78 -17.77 65.59
CA LEU I 100 -4.60 -18.52 64.63
C LEU I 100 -4.55 -20.04 64.86
N ARG I 101 -3.39 -20.56 65.24
CA ARG I 101 -3.26 -21.95 65.71
C ARG I 101 -4.12 -22.21 66.96
N GLY I 102 -4.16 -21.23 67.85
CA GLY I 102 -5.05 -21.29 69.03
C GLY I 102 -6.55 -21.23 68.76
N GLY I 103 -6.94 -20.88 67.54
CA GLY I 103 -8.35 -20.86 67.12
C GLY I 103 -9.05 -19.52 67.25
N VAL I 104 -8.27 -18.43 67.26
CA VAL I 104 -8.81 -17.07 67.43
C VAL I 104 -9.79 -16.72 66.29
N ARG I 105 -10.84 -15.99 66.67
CA ARG I 105 -11.92 -15.61 65.75
C ARG I 105 -12.02 -14.09 65.69
N VAL I 106 -12.69 -13.58 64.66
CA VAL I 106 -12.89 -12.13 64.50
C VAL I 106 -13.75 -11.57 65.63
N ARG I 107 -14.76 -12.31 66.06
CA ARG I 107 -15.59 -11.83 67.18
C ARG I 107 -14.86 -11.79 68.53
N ASP I 108 -13.76 -12.52 68.67
CA ASP I 108 -12.88 -12.38 69.84
C ASP I 108 -12.27 -10.96 69.91
N THR I 109 -11.97 -10.37 68.76
CA THR I 109 -11.54 -8.95 68.69
C THR I 109 -12.62 -7.98 69.19
N LEU I 110 -13.88 -8.24 68.83
CA LEU I 110 -14.99 -7.43 69.34
C LEU I 110 -15.15 -7.59 70.86
N ALA I 111 -14.97 -8.81 71.36
CA ALA I 111 -14.97 -9.05 72.82
C ALA I 111 -13.82 -8.32 73.51
N ALA I 112 -12.65 -8.31 72.88
CA ALA I 112 -11.49 -7.58 73.42
C ALA I 112 -11.77 -6.07 73.52
N VAL I 113 -12.41 -5.52 72.50
CA VAL I 113 -12.80 -4.09 72.48
C VAL I 113 -13.79 -3.79 73.62
N GLU I 114 -14.74 -4.68 73.84
CA GLU I 114 -15.70 -4.55 74.96
C GLU I 114 -14.98 -4.49 76.30
N ALA I 115 -14.11 -5.47 76.54
CA ALA I 115 -13.30 -5.54 77.77
C ALA I 115 -12.46 -4.29 77.99
N ILE I 116 -11.84 -3.80 76.91
CA ILE I 116 -11.09 -2.52 76.95
C ILE I 116 -11.99 -1.34 77.32
N SER I 117 -13.16 -1.27 76.71
CA SER I 117 -14.12 -0.18 76.99
C SER I 117 -14.65 -0.21 78.43
N ILE I 118 -14.94 -1.41 78.93
CA ILE I 118 -15.37 -1.62 80.33
C ILE I 118 -14.29 -1.19 81.34
N ALA I 119 -13.03 -1.44 81.00
CA ALA I 119 -11.89 -1.07 81.86
C ALA I 119 -11.52 0.43 81.85
N GLY I 120 -12.26 1.24 81.09
CA GLY I 120 -12.02 2.69 80.99
C GLY I 120 -11.08 3.08 79.87
N GLY I 121 -10.75 2.13 79.00
CA GLY I 121 -9.83 2.36 77.89
C GLY I 121 -10.53 2.78 76.62
N ARG I 122 -9.72 3.05 75.61
CA ARG I 122 -10.16 3.49 74.30
C ARG I 122 -9.53 2.63 73.22
N ALA I 123 -10.38 1.91 72.49
CA ALA I 123 -9.90 0.93 71.50
C ALA I 123 -10.21 1.34 70.06
N VAL I 124 -9.23 1.12 69.19
CA VAL I 124 -9.46 1.04 67.75
C VAL I 124 -9.02 -0.34 67.30
N VAL I 125 -9.54 -0.79 66.17
CA VAL I 125 -9.18 -2.09 65.60
C VAL I 125 -8.26 -1.89 64.40
N MET I 126 -7.19 -2.68 64.34
CA MET I 126 -6.31 -2.75 63.16
C MET I 126 -6.52 -4.09 62.49
N THR I 127 -6.91 -4.04 61.22
CA THR I 127 -7.23 -5.24 60.48
C THR I 127 -6.92 -5.08 59.00
N TYR I 128 -6.55 -6.20 58.39
CA TYR I 128 -6.50 -6.32 56.94
C TYR I 128 -7.97 -6.36 56.47
N TRP I 129 -8.20 -6.04 55.20
CA TRP I 129 -9.56 -5.74 54.76
C TRP I 129 -10.48 -6.94 54.58
N ASN I 130 -9.93 -8.09 54.17
CA ASN I 130 -10.79 -9.24 53.85
C ASN I 130 -11.66 -9.77 55.01
N PRO I 131 -11.08 -9.87 56.22
CA PRO I 131 -11.95 -10.20 57.35
C PRO I 131 -13.14 -9.27 57.53
N VAL I 132 -12.96 -7.98 57.22
CA VAL I 132 -14.05 -7.00 57.26
C VAL I 132 -15.09 -7.26 56.15
N LEU I 133 -14.62 -7.51 54.92
CA LEU I 133 -15.51 -7.88 53.80
C LEU I 133 -16.35 -9.13 54.10
N ARG I 134 -15.70 -10.14 54.67
CA ARG I 134 -16.34 -11.42 54.97
C ARG I 134 -17.43 -11.28 56.03
N TYR I 135 -17.11 -10.52 57.08
CA TYR I 135 -18.07 -10.17 58.14
C TYR I 135 -19.22 -9.31 57.58
N GLY I 136 -18.90 -8.44 56.63
CA GLY I 136 -19.83 -7.42 56.14
C GLY I 136 -19.38 -6.08 56.67
N VAL I 137 -19.12 -5.13 55.77
CA VAL I 137 -18.51 -3.85 56.16
C VAL I 137 -19.42 -3.05 57.08
N ASP I 138 -20.68 -2.91 56.68
CA ASP I 138 -21.68 -2.20 57.50
C ASP I 138 -21.89 -2.90 58.85
N ALA I 139 -22.03 -4.22 58.82
CA ALA I 139 -22.25 -5.01 60.04
C ALA I 139 -21.07 -4.94 61.01
N PHE I 140 -19.85 -5.01 60.48
CA PHE I 140 -18.65 -4.90 61.32
C PHE I 140 -18.54 -3.51 61.97
N ALA I 141 -18.83 -2.47 61.19
CA ALA I 141 -18.83 -1.09 61.70
C ALA I 141 -19.87 -0.91 62.80
N ARG I 142 -21.06 -1.46 62.57
CA ARG I 142 -22.16 -1.45 63.56
C ARG I 142 -21.74 -2.12 64.88
N ASP I 143 -21.20 -3.33 64.77
CA ASP I 143 -20.84 -4.13 65.94
C ASP I 143 -19.60 -3.58 66.67
N LEU I 144 -18.65 -3.02 65.91
CA LEU I 144 -17.48 -2.37 66.50
C LEU I 144 -17.90 -1.16 67.32
N ALA I 145 -18.77 -0.34 66.75
CA ALA I 145 -19.34 0.83 67.45
C ALA I 145 -20.13 0.42 68.70
N ALA I 146 -20.88 -0.67 68.59
CA ALA I 146 -21.69 -1.19 69.72
C ALA I 146 -20.81 -1.63 70.90
N ALA I 147 -19.68 -2.25 70.59
CA ALA I 147 -18.67 -2.64 71.60
C ALA I 147 -17.90 -1.47 72.24
N GLY I 148 -18.12 -0.25 71.75
CA GLY I 148 -17.41 0.94 72.24
C GLY I 148 -16.15 1.26 71.45
N GLY I 149 -15.96 0.58 70.32
CA GLY I 149 -14.82 0.84 69.44
C GLY I 149 -14.92 2.23 68.82
N LEU I 150 -13.76 2.86 68.65
CA LEU I 150 -13.70 4.25 68.22
C LEU I 150 -13.28 4.46 66.77
N GLY I 151 -12.76 3.42 66.15
CA GLY I 151 -12.28 3.53 64.79
C GLY I 151 -11.55 2.31 64.29
N LEU I 152 -11.02 2.45 63.08
CA LEU I 152 -10.47 1.34 62.32
C LEU I 152 -9.20 1.77 61.59
N ILE I 153 -8.12 1.00 61.78
CA ILE I 153 -6.85 1.22 61.08
C ILE I 153 -6.75 0.19 59.97
N THR I 154 -6.54 0.65 58.74
CA THR I 154 -6.67 -0.20 57.55
C THR I 154 -5.41 -0.21 56.67
N PRO I 155 -4.42 -1.06 57.01
CA PRO I 155 -3.13 -1.04 56.31
C PRO I 155 -3.14 -1.46 54.84
N ASP I 156 -4.09 -2.30 54.43
CA ASP I 156 -4.23 -2.69 53.01
C ASP I 156 -5.48 -2.11 52.31
N LEU I 157 -6.13 -1.13 52.93
CA LEU I 157 -7.23 -0.40 52.28
C LEU I 157 -6.80 1.05 52.07
N ILE I 158 -6.71 1.44 50.81
CA ILE I 158 -6.43 2.82 50.43
C ILE I 158 -7.77 3.53 50.17
N PRO I 159 -7.80 4.87 50.25
CA PRO I 159 -9.08 5.58 50.04
C PRO I 159 -9.75 5.29 48.69
N ASP I 160 -8.94 5.05 47.66
CA ASP I 160 -9.40 4.65 46.31
C ASP I 160 -10.44 3.51 46.32
N GLU I 161 -10.30 2.57 47.24
CA GLU I 161 -11.22 1.40 47.36
C GLU I 161 -12.16 1.47 48.58
N ALA I 162 -12.22 2.62 49.25
CA ALA I 162 -12.86 2.74 50.57
C ALA I 162 -14.30 3.30 50.56
N GLN I 163 -15.01 3.18 49.45
CA GLN I 163 -16.37 3.78 49.31
C GLN I 163 -17.35 3.25 50.37
N GLN I 164 -17.41 1.92 50.49
CA GLN I 164 -18.29 1.26 51.49
C GLN I 164 -17.89 1.62 52.92
N TRP I 165 -16.59 1.65 53.15
CA TRP I 165 -16.04 1.95 54.48
C TRP I 165 -16.32 3.40 54.87
N LEU I 166 -16.13 4.32 53.92
CA LEU I 166 -16.48 5.73 54.19
C LEU I 166 -17.94 5.91 54.59
N ALA I 167 -18.84 5.20 53.91
CA ALA I 167 -20.28 5.26 54.21
C ALA I 167 -20.60 4.68 55.60
N ALA I 168 -20.00 3.52 55.89
CA ALA I 168 -20.17 2.84 57.19
C ALA I 168 -19.54 3.65 58.35
N SER I 169 -18.40 4.26 58.06
CA SER I 169 -17.68 5.11 59.01
C SER I 169 -18.50 6.33 59.44
N GLU I 170 -19.13 7.00 58.46
CA GLU I 170 -20.00 8.16 58.75
C GLU I 170 -21.26 7.75 59.50
N GLU I 171 -21.87 6.65 59.06
CA GLU I 171 -23.11 6.14 59.64
C GLU I 171 -22.96 5.70 61.11
N HIS I 172 -21.87 5.00 61.41
CA HIS I 172 -21.64 4.45 62.77
C HIS I 172 -20.64 5.25 63.63
N ARG I 173 -20.29 6.44 63.17
CA ARG I 173 -19.45 7.38 63.93
C ARG I 173 -18.13 6.76 64.37
N LEU I 174 -17.41 6.21 63.39
CA LEU I 174 -16.10 5.59 63.63
C LEU I 174 -15.02 6.37 62.90
N ASP I 175 -13.90 6.55 63.56
CA ASP I 175 -12.73 7.17 62.93
C ASP I 175 -12.11 6.23 61.90
N ARG I 176 -11.47 6.81 60.90
CA ARG I 176 -10.87 6.06 59.81
C ARG I 176 -9.42 6.48 59.63
N ILE I 177 -8.53 5.59 60.05
CA ILE I 177 -7.12 5.87 60.11
C ILE I 177 -6.46 5.16 58.94
N PHE I 178 -6.16 5.93 57.90
CA PHE I 178 -5.38 5.45 56.76
C PHE I 178 -3.90 5.68 57.02
N LEU I 179 -3.06 4.96 56.30
CA LEU I 179 -1.60 5.09 56.40
C LEU I 179 -1.05 5.98 55.30
N VAL I 180 0.00 6.72 55.64
CA VAL I 180 0.87 7.38 54.67
C VAL I 180 2.30 6.85 54.83
N ALA I 181 3.08 6.96 53.75
CA ALA I 181 4.46 6.46 53.71
C ALA I 181 5.40 7.56 53.20
N PRO I 182 6.71 7.40 53.47
CA PRO I 182 7.68 8.37 52.93
C PRO I 182 7.64 8.48 51.39
N SER I 183 7.34 7.38 50.72
CA SER I 183 7.23 7.34 49.26
C SER I 183 5.97 8.01 48.71
N SER I 184 4.98 8.27 49.56
CA SER I 184 3.69 8.87 49.12
C SER I 184 3.90 10.15 48.32
N THR I 185 3.26 10.22 47.15
CA THR I 185 3.33 11.41 46.29
C THR I 185 2.54 12.55 46.96
N PRO I 186 2.81 13.81 46.59
CA PRO I 186 2.02 14.93 47.13
C PRO I 186 0.50 14.78 46.96
N GLU I 187 0.09 14.29 45.80
CA GLU I 187 -1.36 14.11 45.52
C GLU I 187 -1.99 13.10 46.44
N ARG I 188 -1.36 11.93 46.52
CA ARG I 188 -1.87 10.82 47.33
C ARG I 188 -1.82 11.08 48.82
N LEU I 189 -0.78 11.77 49.27
CA LEU I 189 -0.69 12.19 50.66
C LEU I 189 -1.85 13.12 51.04
N ALA I 190 -2.10 14.12 50.20
CA ALA I 190 -3.22 15.05 50.42
C ALA I 190 -4.57 14.32 50.42
N ALA I 191 -4.78 13.44 49.45
CA ALA I 191 -6.02 12.63 49.37
C ALA I 191 -6.21 11.68 50.55
N THR I 192 -5.12 11.13 51.08
CA THR I 192 -5.16 10.19 52.20
C THR I 192 -5.45 10.89 53.52
N VAL I 193 -4.87 12.07 53.70
CA VAL I 193 -5.11 12.91 54.89
C VAL I 193 -6.56 13.42 54.91
N GLU I 194 -7.02 13.92 53.77
CA GLU I 194 -8.41 14.36 53.57
C GLU I 194 -9.43 13.25 53.90
N ALA I 195 -9.13 12.02 53.50
CA ALA I 195 -10.00 10.87 53.76
C ALA I 195 -9.97 10.35 55.20
N SER I 196 -8.92 10.69 55.95
CA SER I 196 -8.75 10.21 57.32
C SER I 196 -9.53 11.05 58.35
N ARG I 197 -10.01 10.38 59.38
CA ARG I 197 -10.59 11.03 60.57
C ARG I 197 -9.94 10.41 61.80
N GLY I 198 -9.69 11.22 62.82
CA GLY I 198 -9.07 10.74 64.07
C GLY I 198 -7.57 10.99 64.08
N PHE I 199 -6.83 10.13 63.38
CA PHE I 199 -5.41 10.40 63.11
C PHE I 199 -4.93 9.74 61.81
N VAL I 200 -3.80 10.22 61.31
CA VAL I 200 -3.12 9.59 60.17
C VAL I 200 -1.92 8.81 60.70
N TYR I 201 -1.81 7.57 60.27
CA TYR I 201 -0.73 6.66 60.69
C TYR I 201 0.45 6.89 59.74
N ALA I 202 1.48 7.58 60.23
CA ALA I 202 2.71 7.76 59.47
C ALA I 202 3.67 6.61 59.74
N ALA I 203 3.65 5.62 58.84
CA ALA I 203 4.46 4.41 58.98
C ALA I 203 5.78 4.53 58.23
N SER I 204 6.85 3.96 58.79
CA SER I 204 8.15 3.95 58.13
C SER I 204 8.86 2.62 58.17
N SER I 216 17.34 8.16 61.19
CA SER I 216 16.95 8.51 59.98
C SER I 216 15.89 9.62 60.13
N GLN I 217 15.93 10.55 59.19
CA GLN I 217 15.07 11.74 59.21
C GLN I 217 13.76 11.59 58.40
N ALA I 218 13.44 10.36 58.00
CA ALA I 218 12.22 10.11 57.20
C ALA I 218 10.93 10.42 57.95
N ALA I 219 10.86 9.99 59.20
CA ALA I 219 9.67 10.17 60.03
C ALA I 219 9.29 11.63 60.33
N PRO I 220 10.24 12.46 60.83
CA PRO I 220 9.87 13.88 61.00
C PRO I 220 9.53 14.60 59.69
N GLU I 221 10.23 14.25 58.60
CA GLU I 221 9.93 14.79 57.27
C GLU I 221 8.53 14.45 56.79
N LEU I 222 8.11 13.20 57.03
CA LEU I 222 6.77 12.73 56.64
C LEU I 222 5.67 13.39 57.47
N VAL I 223 5.89 13.50 58.77
CA VAL I 223 4.97 14.23 59.66
C VAL I 223 4.89 15.70 59.22
N GLY I 224 6.04 16.29 58.93
CA GLY I 224 6.12 17.67 58.41
C GLY I 224 5.29 17.93 57.15
N ARG I 225 5.28 16.96 56.24
CA ARG I 225 4.46 17.03 55.01
C ARG I 225 2.95 16.93 55.28
N VAL I 226 2.56 16.15 56.29
CA VAL I 226 1.15 16.04 56.70
C VAL I 226 0.66 17.33 57.36
N LYS I 227 1.51 17.91 58.20
CA LYS I 227 1.19 19.19 58.89
C LYS I 227 1.03 20.37 57.92
N ALA I 228 1.71 20.32 56.77
CA ALA I 228 1.63 21.39 55.77
C ALA I 228 0.27 21.47 55.04
N VAL I 229 -0.52 20.39 55.07
CA VAL I 229 -1.85 20.36 54.40
C VAL I 229 -3.06 20.20 55.34
N SER I 230 -2.82 19.92 56.62
CA SER I 230 -3.92 19.58 57.55
C SER I 230 -3.49 19.61 59.01
N ASP I 231 -4.46 19.89 59.89
CA ASP I 231 -4.24 19.91 61.35
C ASP I 231 -4.61 18.60 62.06
N ILE I 232 -4.90 17.55 61.29
CA ILE I 232 -5.20 16.23 61.86
C ILE I 232 -4.00 15.68 62.64
N PRO I 233 -4.24 15.05 63.81
CA PRO I 233 -3.14 14.41 64.51
C PRO I 233 -2.43 13.32 63.69
N VAL I 234 -1.13 13.18 63.93
CA VAL I 234 -0.29 12.20 63.24
C VAL I 234 0.36 11.29 64.27
N GLY I 235 0.08 10.00 64.15
CA GLY I 235 0.73 8.96 64.95
C GLY I 235 1.90 8.42 64.15
N VAL I 236 2.99 8.10 64.84
CA VAL I 236 4.22 7.64 64.19
C VAL I 236 4.65 6.27 64.72
N GLY I 237 4.88 5.35 63.79
CA GLY I 237 5.38 4.01 64.08
C GLY I 237 6.76 3.85 63.48
N LEU I 238 7.70 3.40 64.32
CA LEU I 238 9.13 3.43 63.98
C LEU I 238 9.92 2.25 64.61
N GLY I 239 9.23 1.17 64.93
CA GLY I 239 9.80 0.09 65.75
C GLY I 239 10.36 0.57 67.08
N VAL I 240 9.52 1.26 67.84
CA VAL I 240 9.90 1.84 69.14
C VAL I 240 10.03 0.75 70.20
N ARG I 241 11.14 0.76 70.94
CA ARG I 241 11.38 -0.23 72.00
C ARG I 241 11.81 0.32 73.36
N SER I 242 11.96 1.63 73.47
CA SER I 242 12.54 2.24 74.67
C SER I 242 11.98 3.62 74.92
N ARG I 243 12.14 4.08 76.16
CA ARG I 243 11.68 5.39 76.60
C ARG I 243 12.27 6.52 75.72
N ALA I 244 13.57 6.44 75.49
CA ALA I 244 14.31 7.45 74.72
C ALA I 244 13.73 7.63 73.31
N GLN I 245 13.44 6.53 72.63
CA GLN I 245 12.87 6.58 71.26
C GLN I 245 11.48 7.21 71.23
N ALA I 246 10.65 6.85 72.20
CA ALA I 246 9.30 7.43 72.35
C ALA I 246 9.35 8.94 72.58
N ALA I 247 10.37 9.39 73.31
CA ALA I 247 10.55 10.82 73.62
C ALA I 247 10.99 11.61 72.39
N GLN I 248 11.89 11.04 71.60
CA GLN I 248 12.32 11.62 70.31
C GLN I 248 11.12 11.88 69.40
N ILE I 249 10.27 10.87 69.26
CA ILE I 249 9.08 10.95 68.40
C ILE I 249 8.06 11.96 68.92
N ALA I 250 7.91 12.05 70.24
CA ALA I 250 6.96 12.98 70.86
C ALA I 250 7.28 14.48 70.66
N GLN I 251 8.51 14.80 70.25
CA GLN I 251 8.90 16.18 69.91
C GLN I 251 8.10 16.74 68.72
N TYR I 252 7.86 15.89 67.71
CA TYR I 252 7.19 16.28 66.46
C TYR I 252 5.82 15.63 66.20
N ALA I 253 5.57 14.46 66.80
CA ALA I 253 4.34 13.69 66.55
C ALA I 253 3.30 13.85 67.67
N ASP I 254 2.03 13.75 67.30
CA ASP I 254 0.91 13.84 68.24
C ASP I 254 0.68 12.52 68.98
N GLY I 255 1.07 11.42 68.34
CA GLY I 255 0.99 10.08 68.94
C GLY I 255 2.20 9.22 68.63
N VAL I 256 2.56 8.38 69.58
CA VAL I 256 3.65 7.42 69.43
C VAL I 256 3.02 6.03 69.40
N ILE I 257 3.23 5.32 68.30
CA ILE I 257 2.67 3.98 68.09
C ILE I 257 3.73 2.92 68.40
N VAL I 258 3.36 1.98 69.27
CA VAL I 258 4.25 0.88 69.67
C VAL I 258 3.52 -0.45 69.56
N GLY I 259 4.18 -1.43 68.95
CA GLY I 259 3.56 -2.73 68.67
C GLY I 259 4.51 -3.90 68.90
N SER I 260 5.50 -4.02 68.03
CA SER I 260 6.49 -5.10 68.12
C SER I 260 7.05 -5.29 69.53
N ALA I 261 7.47 -4.20 70.16
CA ALA I 261 8.08 -4.25 71.50
C ALA I 261 7.10 -4.68 72.61
N LEU I 262 5.81 -4.37 72.45
CA LEU I 262 4.78 -4.82 73.40
C LEU I 262 4.56 -6.33 73.32
N VAL I 263 4.56 -6.86 72.10
CA VAL I 263 4.43 -8.31 71.87
C VAL I 263 5.63 -9.06 72.46
N THR I 264 6.83 -8.59 72.14
CA THR I 264 8.08 -9.13 72.74
C THR I 264 8.03 -9.12 74.28
N ALA I 265 7.52 -8.03 74.85
CA ALA I 265 7.40 -7.89 76.31
C ALA I 265 6.42 -8.90 76.91
N LEU I 266 5.27 -9.05 76.25
CA LEU I 266 4.22 -9.99 76.70
C LEU I 266 4.66 -11.47 76.63
N THR I 267 5.45 -11.80 75.60
CA THR I 267 6.04 -13.14 75.46
C THR I 267 6.88 -13.54 76.68
N GLU I 268 7.67 -12.59 77.19
CA GLU I 268 8.42 -12.79 78.45
C GLU I 268 7.48 -12.91 79.65
N GLY I 269 6.53 -11.98 79.73
CA GLY I 269 5.52 -12.03 80.79
C GLY I 269 4.71 -10.75 80.92
N LEU I 270 3.58 -10.89 81.58
CA LEU I 270 2.68 -9.76 81.84
C LEU I 270 3.31 -8.66 82.72
N PRO I 271 4.13 -9.04 83.73
CA PRO I 271 4.87 -7.99 84.49
C PRO I 271 5.86 -7.16 83.64
N ARG I 272 6.54 -7.83 82.71
CA ARG I 272 7.47 -7.15 81.78
C ARG I 272 6.73 -6.16 80.86
N LEU I 273 5.52 -6.50 80.44
CA LEU I 273 4.67 -5.58 79.66
C LEU I 273 4.28 -4.32 80.44
N ARG I 274 3.94 -4.49 81.71
N ARG I 274 3.94 -4.48 81.71
CA ARG I 274 3.58 -3.37 82.58
CA ARG I 274 3.58 -3.35 82.57
C ARG I 274 4.73 -2.40 82.78
C ARG I 274 4.74 -2.39 82.76
N ALA I 275 5.93 -2.96 82.98
CA ALA I 275 7.13 -2.16 83.15
C ALA I 275 7.48 -1.37 81.88
N LEU I 276 7.49 -2.04 80.74
CA LEU I 276 7.77 -1.39 79.46
C LEU I 276 6.76 -0.29 79.13
N THR I 277 5.47 -0.60 79.27
CA THR I 277 4.41 0.39 79.00
C THR I 277 4.57 1.64 79.90
N GLY I 278 4.93 1.42 81.16
CA GLY I 278 5.23 2.52 82.09
C GLY I 278 6.38 3.41 81.68
N GLU I 279 7.44 2.80 81.14
CA GLU I 279 8.59 3.55 80.60
C GLU I 279 8.24 4.35 79.34
N LEU I 280 7.42 3.77 78.48
CA LEU I 280 6.96 4.47 77.27
C LEU I 280 6.00 5.61 77.61
N ALA I 281 5.15 5.39 78.61
CA ALA I 281 4.26 6.44 79.14
C ALA I 281 5.04 7.64 79.68
N ALA I 282 6.18 7.38 80.30
CA ALA I 282 7.09 8.45 80.75
C ALA I 282 7.78 9.16 79.59
N GLY I 283 8.09 8.40 78.55
CA GLY I 283 8.73 8.93 77.33
C GLY I 283 7.90 9.97 76.59
N VAL I 284 6.62 9.67 76.39
CA VAL I 284 5.72 10.59 75.65
C VAL I 284 5.51 11.94 76.35
N ARG I 285 5.72 11.98 77.67
CA ARG I 285 5.60 13.20 78.46
C ARG I 285 6.92 13.95 78.42
N LEU I 286 6.86 15.18 78.20
CA LEU I 286 8.07 15.96 78.18
C LEU I 286 8.16 17.18 78.90
N GLY I 287 7.17 17.56 79.77
CA GLY I 287 7.23 18.69 80.74
C GLY I 287 5.96 18.90 81.57
N THR J 41 -9.07 -3.24 24.32
CA THR J 41 -9.67 -2.66 25.31
C THR J 41 -11.12 -2.92 25.76
N SER J 42 -11.92 -3.59 24.95
CA SER J 42 -13.27 -3.99 25.39
C SER J 42 -13.33 -4.78 26.72
N HIS J 43 -12.35 -5.65 26.93
CA HIS J 43 -12.33 -6.53 28.12
C HIS J 43 -11.49 -6.00 29.29
N ASP J 44 -10.91 -4.81 29.11
CA ASP J 44 -10.04 -4.19 30.12
C ASP J 44 -10.83 -3.67 31.33
N PRO J 45 -10.17 -3.54 32.49
CA PRO J 45 -10.81 -2.93 33.65
C PRO J 45 -10.73 -1.42 33.60
N ASP J 46 -11.36 -0.75 34.56
CA ASP J 46 -11.27 0.71 34.69
C ASP J 46 -9.87 1.12 35.19
N SER J 47 -9.65 2.43 35.33
CA SER J 47 -8.34 2.98 35.77
C SER J 47 -7.93 2.58 37.20
N GLY J 48 -8.90 2.18 38.02
CA GLY J 48 -8.65 1.61 39.36
C GLY J 48 -8.35 0.11 39.38
N GLY J 49 -8.50 -0.55 38.24
CA GLY J 49 -8.23 -1.99 38.10
C GLY J 49 -9.41 -2.92 38.31
N HIS J 50 -10.62 -2.37 38.24
CA HIS J 50 -11.83 -3.16 38.51
C HIS J 50 -12.47 -3.74 37.26
N PHE J 51 -12.81 -5.01 37.31
CA PHE J 51 -13.60 -5.68 36.26
C PHE J 51 -15.06 -5.76 36.68
N GLY J 52 -15.96 -5.37 35.79
CA GLY J 52 -17.40 -5.59 35.97
C GLY J 52 -18.13 -4.55 36.78
N GLY J 53 -17.53 -3.39 36.88
CA GLY J 53 -18.14 -2.35 37.58
C GLY J 53 -17.32 -1.95 38.70
N PRO J 54 -17.78 -0.88 39.24
CA PRO J 54 -17.00 -0.06 40.08
C PRO J 54 -16.62 -0.78 41.30
N SER J 55 -17.31 -1.88 41.57
CA SER J 55 -16.90 -2.72 42.73
C SER J 55 -16.68 -4.07 42.65
N GLY J 56 -16.24 -4.25 41.48
CA GLY J 56 -16.04 -5.41 41.31
C GLY J 56 -14.70 -5.95 41.57
N TRP J 57 -14.42 -6.85 40.68
CA TRP J 57 -13.32 -7.73 40.80
C TRP J 57 -12.05 -6.98 40.50
N GLY J 58 -10.98 -7.34 41.20
CA GLY J 58 -9.67 -6.76 40.97
C GLY J 58 -9.36 -5.66 41.97
N GLY J 59 -8.99 -4.50 41.44
CA GLY J 59 -8.63 -3.34 42.28
C GLY J 59 -7.25 -3.47 42.89
N ARG J 60 -7.06 -2.76 44.00
CA ARG J 60 -5.77 -2.66 44.68
C ARG J 60 -5.96 -2.71 46.19
N TYR J 61 -5.80 -3.90 46.76
CA TYR J 61 -5.90 -4.10 48.20
C TYR J 61 -4.48 -4.25 48.71
N VAL J 62 -3.83 -3.11 48.78
CA VAL J 62 -2.41 -3.00 49.13
C VAL J 62 -2.24 -1.88 50.15
N PRO J 63 -1.11 -1.87 50.86
CA PRO J 63 -0.83 -0.75 51.75
C PRO J 63 -0.39 0.49 51.01
N GLU J 64 -0.62 1.64 51.64
CA GLU J 64 -0.23 2.95 51.08
C GLU J 64 1.28 3.01 50.76
N ALA J 65 2.07 2.32 51.57
CA ALA J 65 3.55 2.22 51.34
C ALA J 65 3.96 1.66 49.95
N LEU J 66 3.09 0.86 49.34
CA LEU J 66 3.33 0.33 47.99
C LEU J 66 2.76 1.17 46.85
N MET J 67 1.93 2.16 47.15
CA MET J 67 1.16 2.84 46.11
C MET J 67 1.99 3.69 45.15
N ALA J 68 3.05 4.30 45.66
CA ALA J 68 3.97 5.09 44.80
C ALA J 68 4.57 4.22 43.68
N VAL J 69 5.12 3.07 44.06
CA VAL J 69 5.73 2.15 43.08
C VAL J 69 4.68 1.44 42.23
N ILE J 70 3.53 1.10 42.80
CA ILE J 70 2.42 0.57 41.98
C ILE J 70 1.97 1.58 40.92
N GLU J 71 1.81 2.84 41.31
CA GLU J 71 1.47 3.92 40.35
C GLU J 71 2.58 4.16 39.34
N GLU J 72 3.84 4.03 39.77
CA GLU J 72 5.00 4.16 38.87
C GLU J 72 4.98 3.07 37.78
N VAL J 73 4.74 1.82 38.19
CA VAL J 73 4.67 0.67 37.27
C VAL J 73 3.48 0.79 36.32
N THR J 74 2.35 1.24 36.86
CA THR J 74 1.14 1.43 36.05
C THR J 74 1.35 2.47 34.94
N ALA J 75 1.92 3.61 35.31
CA ALA J 75 2.23 4.68 34.36
C ALA J 75 3.23 4.24 33.29
N ALA J 76 4.27 3.53 33.71
CA ALA J 76 5.29 3.00 32.80
C ALA J 76 4.71 2.01 31.82
N TYR J 77 3.83 1.14 32.29
CA TYR J 77 3.17 0.17 31.43
C TYR J 77 2.22 0.83 30.42
N GLN J 78 1.42 1.79 30.88
CA GLN J 78 0.51 2.54 29.98
C GLN J 78 1.26 3.25 28.85
N LYS J 79 2.42 3.80 29.19
CA LYS J 79 3.31 4.44 28.21
C LYS J 79 3.89 3.42 27.20
N GLU J 80 4.46 2.34 27.72
CA GLU J 80 5.20 1.37 26.89
C GLU J 80 4.33 0.42 26.05
N ARG J 81 3.15 0.06 26.54
CA ARG J 81 2.25 -0.83 25.78
C ARG J 81 1.81 -0.27 24.42
N VAL J 82 1.88 1.05 24.24
CA VAL J 82 1.56 1.74 22.96
C VAL J 82 2.80 2.32 22.24
N SER J 83 3.99 1.96 22.70
CA SER J 83 5.24 2.36 22.06
C SER J 83 5.65 1.24 21.10
N GLN J 84 5.77 1.56 19.81
CA GLN J 84 6.24 0.56 18.84
C GLN J 84 7.63 0.05 19.10
N ASP J 85 8.51 0.93 19.56
CA ASP J 85 9.88 0.52 19.87
C ASP J 85 9.92 -0.55 20.98
N PHE J 86 9.07 -0.41 21.99
CA PHE J 86 8.93 -1.43 23.05
C PHE J 86 8.36 -2.76 22.52
N LEU J 87 7.29 -2.68 21.75
CA LEU J 87 6.67 -3.87 21.18
C LEU J 87 7.63 -4.55 20.20
N ASP J 88 8.39 -3.76 19.45
CA ASP J 88 9.46 -4.30 18.56
C ASP J 88 10.52 -5.05 19.35
N ASP J 89 10.98 -4.45 20.45
CA ASP J 89 11.95 -5.11 21.34
C ASP J 89 11.43 -6.43 21.89
N LEU J 90 10.18 -6.42 22.36
CA LEU J 90 9.54 -7.64 22.87
C LEU J 90 9.40 -8.71 21.78
N ASP J 91 8.92 -8.30 20.62
CA ASP J 91 8.76 -9.19 19.46
C ASP J 91 10.06 -9.86 19.03
N ARG J 92 11.13 -9.06 19.00
CA ARG J 92 12.44 -9.52 18.55
C ARG J 92 12.98 -10.60 19.47
N LEU J 93 12.85 -10.37 20.77
CA LEU J 93 13.19 -11.39 21.77
C LEU J 93 12.28 -12.62 21.68
N GLN J 94 10.98 -12.41 21.48
CA GLN J 94 10.04 -13.54 21.35
C GLN J 94 10.43 -14.48 20.22
N ALA J 95 10.81 -13.90 19.09
CA ALA J 95 11.15 -14.66 17.89
C ALA J 95 12.53 -15.32 18.00
N ASN J 96 13.56 -14.51 18.21
CA ASN J 96 14.95 -14.95 18.12
C ASN J 96 15.55 -15.57 19.39
N TYR J 97 15.03 -15.18 20.55
CA TYR J 97 15.55 -15.66 21.83
C TYR J 97 14.67 -16.79 22.38
N ALA J 98 13.37 -16.54 22.44
CA ALA J 98 12.40 -17.49 22.99
C ALA J 98 11.85 -18.52 21.98
N GLY J 99 12.04 -18.28 20.70
CA GLY J 99 11.62 -19.25 19.67
C GLY J 99 10.14 -19.29 19.32
N ARG J 100 9.43 -18.17 19.47
CA ARG J 100 8.03 -18.08 19.03
C ARG J 100 7.94 -17.99 17.49
N PRO J 101 6.85 -18.45 16.88
CA PRO J 101 5.67 -19.03 17.53
C PRO J 101 5.88 -20.47 18.00
N SER J 102 5.13 -20.85 19.03
CA SER J 102 5.07 -22.24 19.45
C SER J 102 4.10 -22.94 18.51
N PRO J 103 4.33 -24.22 18.21
CA PRO J 103 3.43 -24.90 17.30
C PRO J 103 2.14 -25.42 17.94
N LEU J 104 1.20 -25.80 17.09
CA LEU J 104 -0.04 -26.46 17.48
C LEU J 104 -0.01 -27.88 16.93
N TYR J 105 -0.06 -28.88 17.81
CA TYR J 105 0.13 -30.28 17.45
C TYR J 105 -1.14 -31.08 17.70
N GLU J 106 -1.66 -31.74 16.67
CA GLU J 106 -2.82 -32.61 16.85
C GLU J 106 -2.38 -33.96 17.41
N ALA J 107 -2.76 -34.20 18.66
CA ALA J 107 -2.39 -35.42 19.39
C ALA J 107 -3.38 -36.55 19.07
N THR J 108 -3.22 -37.13 17.89
CA THR J 108 -4.19 -38.08 17.36
C THR J 108 -4.31 -39.38 18.16
N ARG J 109 -3.22 -39.75 18.81
CA ARG J 109 -3.18 -40.95 19.67
C ARG J 109 -3.85 -40.78 21.03
N LEU J 110 -4.24 -39.56 21.37
CA LEU J 110 -5.13 -39.34 22.54
C LEU J 110 -6.62 -39.51 22.23
N SER J 111 -6.97 -39.45 20.95
CA SER J 111 -8.37 -39.32 20.52
C SER J 111 -9.31 -40.36 21.14
N GLN J 112 -8.87 -41.62 21.15
CA GLN J 112 -9.69 -42.74 21.67
C GLN J 112 -9.94 -42.66 23.19
N HIS J 113 -9.08 -41.93 23.92
CA HIS J 113 -9.30 -41.64 25.34
C HIS J 113 -10.11 -40.36 25.60
N ALA J 114 -10.46 -39.65 24.53
CA ALA J 114 -11.21 -38.40 24.60
C ALA J 114 -12.51 -38.47 23.80
N GLY J 115 -13.18 -39.62 23.82
CA GLY J 115 -14.45 -39.82 23.09
C GLY J 115 -14.36 -39.63 21.57
N SER J 116 -13.19 -39.89 21.01
CA SER J 116 -12.88 -39.67 19.58
C SER J 116 -12.88 -38.19 19.18
N ALA J 117 -12.79 -37.31 20.17
CA ALA J 117 -12.58 -35.89 19.91
C ALA J 117 -11.13 -35.68 19.48
N ARG J 118 -10.87 -34.50 18.95
CA ARG J 118 -9.56 -34.16 18.39
C ARG J 118 -8.87 -33.17 19.32
N ILE J 119 -7.85 -33.65 20.01
CA ILE J 119 -7.11 -32.81 20.96
C ILE J 119 -5.94 -32.17 20.26
N PHE J 120 -5.92 -30.83 20.24
CA PHE J 120 -4.80 -30.05 19.69
C PHE J 120 -4.02 -29.43 20.84
N LEU J 121 -2.72 -29.71 20.90
CA LEU J 121 -1.86 -29.19 21.97
C LEU J 121 -1.13 -27.93 21.52
N LYS J 122 -1.35 -26.83 22.24
CA LYS J 122 -0.62 -25.59 21.99
C LYS J 122 0.67 -25.69 22.78
N ARG J 123 1.79 -25.76 22.07
CA ARG J 123 3.05 -26.28 22.66
C ARG J 123 3.92 -25.22 23.34
N GLU J 124 3.42 -24.65 24.42
CA GLU J 124 4.22 -23.70 25.21
C GLU J 124 5.39 -24.41 25.92
N ASP J 125 5.29 -25.74 26.05
CA ASP J 125 6.41 -26.57 26.55
C ASP J 125 7.72 -26.41 25.76
N LEU J 126 7.62 -26.00 24.50
CA LEU J 126 8.79 -25.79 23.65
C LEU J 126 9.44 -24.40 23.74
N ASN J 127 8.89 -23.50 24.55
CA ASN J 127 9.50 -22.19 24.76
C ASN J 127 10.83 -22.32 25.51
N HIS J 128 11.68 -21.31 25.33
CA HIS J 128 12.88 -21.13 26.17
C HIS J 128 12.47 -21.11 27.63
N THR J 129 13.19 -21.90 28.43
CA THR J 129 12.94 -22.15 29.87
C THR J 129 11.89 -23.23 30.14
N GLY J 130 11.11 -23.58 29.14
CA GLY J 130 10.19 -24.71 29.21
C GLY J 130 8.76 -24.42 29.64
N SER J 131 8.35 -23.16 29.58
CA SER J 131 6.97 -22.80 29.90
C SER J 131 6.55 -21.47 29.31
N HIS J 132 5.26 -21.22 29.41
CA HIS J 132 4.66 -19.93 29.07
C HIS J 132 5.19 -18.75 29.91
N LYS J 133 5.77 -19.03 31.07
CA LYS J 133 6.20 -17.94 31.97
C LYS J 133 7.11 -16.91 31.31
N ILE J 134 7.95 -17.38 30.38
CA ILE J 134 8.91 -16.50 29.70
C ILE J 134 8.25 -15.34 28.93
N ASN J 135 7.04 -15.54 28.43
CA ASN J 135 6.30 -14.51 27.69
C ASN J 135 6.12 -13.24 28.53
N ASN J 136 5.57 -13.45 29.72
CA ASN J 136 5.31 -12.39 30.70
C ASN J 136 6.62 -11.79 31.22
N VAL J 137 7.60 -12.64 31.50
CA VAL J 137 8.88 -12.19 32.04
C VAL J 137 9.65 -11.26 31.09
N LEU J 138 9.70 -11.61 29.80
CA LEU J 138 10.39 -10.76 28.82
C LEU J 138 9.77 -9.36 28.78
N GLY J 139 8.44 -9.31 28.78
CA GLY J 139 7.73 -8.02 28.82
C GLY J 139 8.06 -7.20 30.06
N GLN J 140 7.92 -7.82 31.23
CA GLN J 140 8.13 -7.13 32.50
C GLN J 140 9.58 -6.75 32.76
N ALA J 141 10.51 -7.58 32.29
CA ALA J 141 11.95 -7.31 32.44
C ALA J 141 12.37 -6.15 31.54
N LEU J 142 11.86 -6.14 30.31
CA LEU J 142 12.07 -5.00 29.41
C LEU J 142 11.53 -3.71 30.04
N LEU J 143 10.35 -3.82 30.67
CA LEU J 143 9.74 -2.69 31.38
C LEU J 143 10.58 -2.24 32.57
N ALA J 144 11.16 -3.18 33.31
CA ALA J 144 12.03 -2.83 34.45
C ALA J 144 13.24 -1.99 34.02
N ARG J 145 13.88 -2.40 32.92
CA ARG J 145 14.95 -1.60 32.31
C ARG J 145 14.51 -0.22 31.85
N ARG J 146 13.36 -0.15 31.19
CA ARG J 146 12.81 1.15 30.76
C ARG J 146 12.61 2.10 31.93
N MET J 147 12.17 1.56 33.06
CA MET J 147 11.96 2.33 34.31
C MET J 147 13.23 2.70 35.08
N GLY J 148 14.37 2.15 34.69
CA GLY J 148 15.64 2.40 35.40
C GLY J 148 15.83 1.64 36.70
N LYS J 149 15.08 0.57 36.89
CA LYS J 149 15.24 -0.29 38.06
C LYS J 149 16.46 -1.19 37.87
N THR J 150 17.18 -1.42 38.96
CA THR J 150 18.42 -2.22 38.95
C THR J 150 18.32 -3.59 39.63
N ARG J 151 17.18 -3.84 40.28
CA ARG J 151 16.98 -5.05 41.04
C ARG J 151 15.59 -5.58 40.71
N VAL J 152 15.51 -6.89 40.45
CA VAL J 152 14.24 -7.55 40.17
C VAL J 152 14.02 -8.63 41.21
N ILE J 153 12.79 -8.69 41.75
CA ILE J 153 12.40 -9.77 42.65
C ILE J 153 11.22 -10.56 42.08
N ALA J 154 11.14 -11.84 42.43
CA ALA J 154 10.02 -12.67 42.01
C ALA J 154 9.74 -13.80 42.98
N GLU J 155 8.47 -14.19 43.01
CA GLU J 155 8.01 -15.42 43.68
C GLU J 155 8.02 -16.58 42.69
N THR J 156 8.14 -17.80 43.19
CA THR J 156 7.93 -18.98 42.34
C THR J 156 7.48 -20.18 43.15
N GLY J 157 6.63 -20.99 42.55
CA GLY J 157 6.16 -22.26 43.14
C GLY J 157 6.80 -23.42 42.42
N ALA J 158 6.41 -23.59 41.16
CA ALA J 158 7.00 -24.65 40.33
C ALA J 158 8.45 -24.37 39.96
N GLY J 159 8.88 -23.12 40.07
CA GLY J 159 10.26 -22.72 39.72
C GLY J 159 10.45 -22.30 38.27
N GLN J 160 9.37 -22.35 37.50
CA GLN J 160 9.40 -21.99 36.08
C GLN J 160 9.40 -20.48 35.89
N HIS J 161 8.66 -19.77 36.74
CA HIS J 161 8.66 -18.31 36.73
C HIS J 161 9.98 -17.79 37.28
N GLY J 162 10.47 -18.45 38.32
CA GLY J 162 11.75 -18.12 38.93
C GLY J 162 12.90 -18.27 37.96
N VAL J 163 12.90 -19.38 37.23
CA VAL J 163 13.89 -19.63 36.18
C VAL J 163 13.76 -18.62 35.04
N ALA J 164 12.53 -18.36 34.62
CA ALA J 164 12.29 -17.37 33.55
C ALA J 164 12.79 -15.98 33.94
N THR J 165 12.48 -15.55 35.16
CA THR J 165 12.92 -14.25 35.68
C THR J 165 14.44 -14.17 35.74
N ALA J 166 15.07 -15.20 36.28
CA ALA J 166 16.54 -15.29 36.37
C ALA J 166 17.18 -15.19 34.99
N THR J 167 16.60 -15.93 34.06
CA THR J 167 16.98 -15.92 32.65
C THR J 167 16.98 -14.50 32.06
N ALA J 168 15.85 -13.81 32.19
CA ALA J 168 15.73 -12.43 31.66
C ALA J 168 16.68 -11.45 32.33
N CYS J 169 16.89 -11.61 33.63
CA CYS J 169 17.79 -10.75 34.39
C CYS J 169 19.27 -10.96 34.02
N ALA J 170 19.63 -12.20 33.73
CA ALA J 170 20.97 -12.50 33.22
C ALA J 170 21.14 -11.83 31.86
N LEU J 171 20.15 -12.03 30.98
CA LEU J 171 20.11 -11.44 29.65
C LEU J 171 20.22 -9.91 29.66
N LEU J 172 19.57 -9.26 30.62
CA LEU J 172 19.53 -7.79 30.69
C LEU J 172 20.40 -7.16 31.75
N GLY J 173 21.18 -7.97 32.47
CA GLY J 173 22.14 -7.47 33.45
C GLY J 173 21.53 -6.85 34.68
N LEU J 174 20.44 -7.45 35.15
CA LEU J 174 19.74 -7.02 36.36
C LEU J 174 20.02 -7.97 37.52
N ASP J 175 20.16 -7.41 38.73
CA ASP J 175 20.27 -8.23 39.95
C ASP J 175 18.92 -8.89 40.21
N CYS J 176 18.97 -10.13 40.65
CA CYS J 176 17.79 -10.99 40.72
C CYS J 176 17.71 -11.74 42.05
N VAL J 177 16.56 -11.65 42.69
CA VAL J 177 16.28 -12.37 43.94
C VAL J 177 14.95 -13.10 43.78
N ILE J 178 14.96 -14.42 43.94
CA ILE J 178 13.75 -15.24 43.82
C ILE J 178 13.34 -15.81 45.19
N TYR J 179 12.07 -15.64 45.54
CA TYR J 179 11.51 -16.19 46.76
C TYR J 179 10.73 -17.45 46.39
N MET J 180 11.00 -18.52 47.14
CA MET J 180 10.43 -19.84 46.85
C MET J 180 10.13 -20.57 48.15
N GLY J 181 8.93 -21.10 48.28
CA GLY J 181 8.54 -21.87 49.47
C GLY J 181 9.43 -23.08 49.70
N GLY J 182 9.76 -23.34 50.95
CA GLY J 182 10.68 -24.43 51.33
C GLY J 182 10.28 -25.82 50.85
N ILE J 183 8.98 -26.09 50.85
CA ILE J 183 8.44 -27.37 50.34
C ILE J 183 8.66 -27.46 48.83
N ASP J 184 8.49 -26.33 48.15
CA ASP J 184 8.70 -26.24 46.69
C ASP J 184 10.17 -26.37 46.30
N THR J 185 11.09 -25.81 47.09
CA THR J 185 12.54 -25.97 46.81
C THR J 185 12.94 -27.45 46.79
N ALA J 186 12.32 -28.24 47.67
CA ALA J 186 12.59 -29.68 47.78
C ALA J 186 11.99 -30.49 46.62
N ARG J 187 10.76 -30.20 46.24
CA ARG J 187 10.09 -30.97 45.18
C ARG J 187 10.31 -30.40 43.75
N GLN J 188 10.89 -29.21 43.62
CA GLN J 188 11.28 -28.65 42.30
C GLN J 188 12.76 -28.23 42.29
N ALA J 189 13.59 -29.10 42.87
CA ALA J 189 15.02 -28.81 43.08
C ALA J 189 15.85 -28.56 41.80
N LEU J 190 15.44 -29.17 40.69
CA LEU J 190 16.10 -28.92 39.39
C LEU J 190 16.04 -27.42 39.05
N ASN J 191 14.87 -26.82 39.27
CA ASN J 191 14.71 -25.39 39.01
C ASN J 191 15.45 -24.47 40.00
N VAL J 192 15.64 -24.92 41.25
CA VAL J 192 16.47 -24.15 42.21
C VAL J 192 17.89 -24.05 41.67
N ALA J 193 18.45 -25.17 41.24
CA ALA J 193 19.82 -25.23 40.73
C ALA J 193 20.01 -24.39 39.45
N ARG J 194 19.02 -24.43 38.57
CA ARG J 194 19.02 -23.61 37.35
C ARG J 194 19.08 -22.12 37.67
N MET J 195 18.19 -21.68 38.55
CA MET J 195 18.16 -20.29 39.01
C MET J 195 19.51 -19.83 39.56
N ARG J 196 20.16 -20.70 40.32
CA ARG J 196 21.46 -20.39 40.92
C ARG J 196 22.57 -20.29 39.87
N LEU J 197 22.55 -21.18 38.88
CA LEU J 197 23.48 -21.13 37.74
C LEU J 197 23.30 -19.87 36.90
N LEU J 198 22.06 -19.45 36.76
CA LEU J 198 21.73 -18.20 36.07
C LEU J 198 22.11 -16.93 36.84
N GLY J 199 22.57 -17.07 38.07
CA GLY J 199 23.10 -15.94 38.84
C GLY J 199 22.12 -15.31 39.82
N ALA J 200 20.98 -15.95 39.99
CA ALA J 200 19.96 -15.47 40.93
C ALA J 200 20.24 -15.96 42.34
N GLU J 201 19.93 -15.09 43.30
CA GLU J 201 19.81 -15.49 44.67
C GLU J 201 18.45 -16.14 44.91
N VAL J 202 18.44 -17.32 45.52
CA VAL J 202 17.20 -18.03 45.84
C VAL J 202 17.02 -18.05 47.35
N VAL J 203 15.88 -17.53 47.81
CA VAL J 203 15.53 -17.49 49.24
C VAL J 203 14.37 -18.45 49.50
N ALA J 204 14.65 -19.42 50.36
CA ALA J 204 13.66 -20.42 50.74
C ALA J 204 12.78 -19.83 51.83
N VAL J 205 11.46 -19.81 51.59
CA VAL J 205 10.51 -19.24 52.54
C VAL J 205 9.95 -20.33 53.47
N GLN J 206 10.14 -20.15 54.77
CA GLN J 206 9.70 -21.14 55.79
C GLN J 206 8.38 -20.80 56.51
N THR J 207 7.78 -19.67 56.18
CA THR J 207 6.53 -19.22 56.81
C THR J 207 5.31 -19.94 56.21
N GLY J 208 4.25 -20.04 57.02
CA GLY J 208 2.96 -20.57 56.58
C GLY J 208 3.02 -21.98 56.02
N SER J 209 2.46 -22.17 54.83
CA SER J 209 2.48 -23.47 54.15
C SER J 209 3.78 -23.80 53.38
N LYS J 210 4.71 -22.86 53.34
CA LYS J 210 6.02 -23.03 52.63
C LYS J 210 5.84 -23.37 51.15
N THR J 211 4.82 -22.77 50.54
CA THR J 211 4.48 -22.98 49.14
C THR J 211 4.25 -21.60 48.49
N LEU J 212 3.61 -21.56 47.33
CA LEU J 212 3.55 -20.34 46.51
C LEU J 212 2.96 -19.11 47.21
N LYS J 213 1.86 -19.28 47.95
CA LYS J 213 1.23 -18.13 48.60
C LYS J 213 2.18 -17.44 49.60
N ASP J 214 3.06 -18.24 50.19
CA ASP J 214 3.97 -17.78 51.23
C ASP J 214 5.20 -17.13 50.60
N ALA J 215 5.65 -17.68 49.47
CA ALA J 215 6.64 -17.02 48.65
C ALA J 215 6.17 -15.63 48.21
N ILE J 216 4.90 -15.53 47.81
CA ILE J 216 4.32 -14.23 47.40
C ILE J 216 4.34 -13.22 48.55
N ASN J 217 3.96 -13.67 49.73
CA ASN J 217 4.01 -12.83 50.93
C ASN J 217 5.41 -12.28 51.19
N GLU J 218 6.43 -13.11 51.06
CA GLU J 218 7.81 -12.65 51.30
C GLU J 218 8.30 -11.67 50.24
N ALA J 219 8.00 -11.97 48.99
CA ALA J 219 8.35 -11.06 47.89
C ALA J 219 7.70 -9.68 48.08
N PHE J 220 6.44 -9.69 48.51
CA PHE J 220 5.71 -8.47 48.83
C PHE J 220 6.43 -7.68 49.92
N ARG J 221 6.88 -8.36 50.98
CA ARG J 221 7.63 -7.74 52.08
C ARG J 221 8.96 -7.11 51.66
N ASP J 222 9.63 -7.78 50.72
CA ASP J 222 10.84 -7.25 50.10
C ASP J 222 10.53 -5.97 49.33
N TRP J 223 9.49 -6.00 48.50
CA TRP J 223 9.12 -4.86 47.65
C TRP J 223 8.78 -3.61 48.47
N VAL J 224 8.00 -3.82 49.53
CA VAL J 224 7.63 -2.75 50.47
C VAL J 224 8.89 -2.03 50.98
N ALA J 225 9.89 -2.82 51.38
CA ALA J 225 11.15 -2.28 51.92
C ALA J 225 12.07 -1.66 50.86
N ASN J 226 12.03 -2.18 49.62
CA ASN J 226 13.00 -1.82 48.56
C ASN J 226 12.40 -1.22 47.29
N ALA J 227 11.23 -0.60 47.42
CA ALA J 227 10.48 -0.01 46.28
C ALA J 227 11.28 0.95 45.37
N ASP J 228 12.21 1.71 45.95
CA ASP J 228 12.98 2.72 45.20
C ASP J 228 13.73 2.14 44.00
N ASN J 229 14.42 1.04 44.22
CA ASN J 229 15.30 0.45 43.20
C ASN J 229 14.80 -0.88 42.63
N THR J 230 13.77 -1.45 43.24
CA THR J 230 13.36 -2.83 42.94
C THR J 230 12.07 -2.89 42.12
N TYR J 231 12.10 -3.68 41.05
CA TYR J 231 10.93 -4.06 40.27
C TYR J 231 10.45 -5.43 40.73
N TYR J 232 9.14 -5.57 40.94
CA TYR J 232 8.55 -6.87 41.32
C TYR J 232 7.94 -7.51 40.07
N CYS J 233 8.62 -8.53 39.57
CA CYS J 233 8.18 -9.28 38.40
C CYS J 233 7.20 -10.37 38.81
N PHE J 234 5.93 -10.02 38.85
CA PHE J 234 4.90 -10.95 39.32
C PHE J 234 4.50 -11.92 38.21
N GLY J 235 4.45 -13.20 38.57
CA GLY J 235 4.40 -14.28 37.60
C GLY J 235 3.06 -14.86 37.22
N THR J 236 1.98 -14.35 37.78
CA THR J 236 0.65 -14.82 37.38
C THR J 236 -0.34 -13.67 37.21
N ALA J 237 -1.52 -13.98 36.67
CA ALA J 237 -2.53 -12.98 36.33
C ALA J 237 -3.42 -12.64 37.51
N ALA J 238 -2.77 -12.29 38.62
CA ALA J 238 -3.44 -11.89 39.86
C ALA J 238 -2.73 -10.66 40.39
N GLY J 239 -2.92 -10.35 41.66
CA GLY J 239 -2.27 -9.20 42.25
C GLY J 239 -3.06 -7.92 42.05
N PRO J 240 -2.55 -6.81 42.61
CA PRO J 240 -3.20 -5.54 42.42
C PRO J 240 -2.97 -5.06 40.99
N HIS J 241 -3.88 -4.25 40.50
CA HIS J 241 -3.69 -3.50 39.25
C HIS J 241 -2.33 -2.79 39.35
N PRO J 242 -1.48 -2.90 38.33
CA PRO J 242 -1.77 -3.32 36.96
C PRO J 242 -1.49 -4.78 36.58
N PHE J 243 -1.13 -5.63 37.55
CA PHE J 243 -0.58 -6.94 37.23
C PHE J 243 -1.50 -7.91 36.48
N PRO J 244 -2.77 -8.03 36.89
CA PRO J 244 -3.65 -8.92 36.14
C PRO J 244 -3.77 -8.56 34.67
N THR J 245 -3.86 -7.27 34.38
CA THR J 245 -3.98 -6.80 32.99
C THR J 245 -2.67 -6.90 32.22
N MET J 246 -1.58 -6.48 32.85
CA MET J 246 -0.25 -6.53 32.24
C MET J 246 0.20 -7.96 31.96
N VAL J 247 0.04 -8.85 32.93
CA VAL J 247 0.43 -10.26 32.74
C VAL J 247 -0.39 -10.89 31.61
N ARG J 248 -1.69 -10.64 31.63
CA ARG J 248 -2.57 -11.10 30.57
C ARG J 248 -2.17 -10.55 29.19
N ASP J 249 -1.89 -9.24 29.12
CA ASP J 249 -1.43 -8.64 27.85
C ASP J 249 -0.16 -9.30 27.29
N PHE J 250 0.77 -9.65 28.15
CA PHE J 250 1.97 -10.34 27.67
C PHE J 250 1.74 -11.82 27.33
N GLN J 251 0.70 -12.43 27.88
CA GLN J 251 0.35 -13.83 27.56
C GLN J 251 -0.65 -14.00 26.40
N ARG J 252 -1.31 -12.90 26.02
CA ARG J 252 -2.27 -12.86 24.89
C ARG J 252 -1.77 -13.53 23.61
N ILE J 253 -0.48 -13.39 23.36
CA ILE J 253 0.22 -13.99 22.20
C ILE J 253 -0.12 -15.49 22.03
N ILE J 254 -0.31 -16.22 23.13
CA ILE J 254 -0.61 -17.66 23.05
C ILE J 254 -1.92 -17.87 22.28
N GLY J 255 -2.96 -17.19 22.72
CA GLY J 255 -4.27 -17.29 22.09
C GLY J 255 -4.35 -16.74 20.67
N MET J 256 -3.64 -15.63 20.42
N MET J 256 -3.65 -15.64 20.40
CA MET J 256 -3.58 -15.01 19.11
CA MET J 256 -3.67 -15.05 19.05
C MET J 256 -3.00 -15.96 18.07
C MET J 256 -2.99 -15.96 18.02
N GLU J 257 -1.91 -16.61 18.43
CA GLU J 257 -1.27 -17.63 17.59
C GLU J 257 -2.19 -18.85 17.42
N ALA J 258 -2.74 -19.33 18.53
CA ALA J 258 -3.58 -20.53 18.52
C ALA J 258 -4.82 -20.36 17.65
N ARG J 259 -5.41 -19.17 17.69
CA ARG J 259 -6.63 -18.89 16.91
C ARG J 259 -6.38 -18.97 15.41
N VAL J 260 -5.24 -18.45 14.98
CA VAL J 260 -4.79 -18.54 13.58
C VAL J 260 -4.45 -19.99 13.21
N GLN J 261 -3.67 -20.65 14.07
CA GLN J 261 -3.20 -22.01 13.81
C GLN J 261 -4.33 -23.02 13.69
N ILE J 262 -5.29 -22.98 14.61
CA ILE J 262 -6.40 -23.96 14.61
C ILE J 262 -7.29 -23.80 13.38
N GLN J 263 -7.53 -22.56 12.96
CA GLN J 263 -8.30 -22.31 11.72
C GLN J 263 -7.58 -22.87 10.50
N GLY J 264 -6.27 -22.71 10.47
CA GLY J 264 -5.43 -23.30 9.44
C GLY J 264 -5.44 -24.83 9.41
N GLN J 265 -5.24 -25.46 10.57
CA GLN J 265 -5.11 -26.93 10.65
C GLN J 265 -6.43 -27.69 10.66
N ALA J 266 -7.43 -27.15 11.36
CA ALA J 266 -8.74 -27.81 11.43
C ALA J 266 -9.78 -27.23 10.48
N GLY J 267 -9.52 -26.06 9.91
CA GLY J 267 -10.48 -25.41 8.98
C GLY J 267 -11.59 -24.60 9.61
N ARG J 268 -11.55 -24.44 10.92
CA ARG J 268 -12.60 -23.74 11.67
C ARG J 268 -12.15 -23.44 13.09
N LEU J 269 -12.91 -22.60 13.77
CA LEU J 269 -12.68 -22.33 15.18
C LEU J 269 -12.98 -23.58 16.01
N PRO J 270 -12.33 -23.72 17.17
CA PRO J 270 -12.55 -24.94 17.94
C PRO J 270 -13.90 -24.98 18.64
N ASP J 271 -14.28 -26.16 19.09
CA ASP J 271 -15.47 -26.33 19.93
C ASP J 271 -15.17 -25.92 21.35
N ALA J 272 -13.92 -26.13 21.75
CA ALA J 272 -13.46 -25.67 23.05
C ALA J 272 -11.97 -25.36 23.08
N VAL J 273 -11.62 -24.49 24.02
CA VAL J 273 -10.23 -24.16 24.36
C VAL J 273 -10.12 -24.33 25.87
N VAL J 274 -9.13 -25.10 26.32
CA VAL J 274 -8.97 -25.41 27.75
C VAL J 274 -7.54 -25.19 28.25
N ALA J 275 -7.44 -24.93 29.55
CA ALA J 275 -6.15 -24.72 30.20
C ALA J 275 -6.24 -25.00 31.69
N CYS J 276 -5.10 -25.23 32.34
CA CYS J 276 -5.07 -25.31 33.79
C CYS J 276 -5.04 -23.91 34.39
N VAL J 277 -5.45 -23.81 35.64
CA VAL J 277 -5.58 -22.53 36.34
C VAL J 277 -4.91 -22.58 37.73
N GLY J 278 -3.76 -21.92 37.82
CA GLY J 278 -3.08 -21.63 39.08
C GLY J 278 -3.60 -20.29 39.52
N GLY J 279 -2.80 -19.25 39.36
CA GLY J 279 -3.31 -17.86 39.47
C GLY J 279 -4.05 -17.40 38.22
N GLY J 280 -3.74 -18.00 37.08
CA GLY J 280 -4.52 -17.83 35.83
C GLY J 280 -3.88 -17.28 34.57
N SER J 281 -2.55 -17.15 34.54
CA SER J 281 -1.87 -16.51 33.40
C SER J 281 -1.90 -17.30 32.07
N ASN J 282 -1.58 -18.59 32.10
CA ASN J 282 -1.58 -19.39 30.86
C ASN J 282 -3.01 -19.54 30.30
N ALA J 283 -3.99 -19.65 31.19
CA ALA J 283 -5.40 -19.77 30.80
C ALA J 283 -5.93 -18.51 30.15
N ILE J 284 -5.77 -17.39 30.85
CA ILE J 284 -6.20 -16.10 30.32
C ILE J 284 -5.45 -15.77 29.01
N GLY J 285 -4.19 -16.20 28.93
CA GLY J 285 -3.36 -15.98 27.73
C GLY J 285 -3.94 -16.62 26.48
N ILE J 286 -4.34 -17.88 26.61
CA ILE J 286 -4.91 -18.61 25.47
C ILE J 286 -6.39 -18.31 25.24
N PHE J 287 -7.14 -18.03 26.31
CA PHE J 287 -8.59 -17.72 26.22
C PHE J 287 -8.91 -16.39 25.54
N HIS J 288 -8.03 -15.40 25.70
CA HIS J 288 -8.42 -14.01 25.46
C HIS J 288 -8.86 -13.75 24.03
N ALA J 289 -8.13 -14.34 23.10
CA ALA J 289 -8.43 -14.20 21.67
C ALA J 289 -9.74 -14.85 21.23
N PHE J 290 -10.27 -15.78 22.02
CA PHE J 290 -11.55 -16.45 21.71
C PHE J 290 -12.77 -15.91 22.46
N LEU J 291 -12.58 -14.88 23.31
CA LEU J 291 -13.69 -14.38 24.15
C LEU J 291 -14.93 -13.94 23.37
N ASP J 292 -14.72 -13.31 22.21
CA ASP J 292 -15.82 -12.82 21.35
C ASP J 292 -16.24 -13.81 20.25
N ASP J 293 -15.77 -15.06 20.35
CA ASP J 293 -16.26 -16.16 19.50
C ASP J 293 -17.30 -16.93 20.30
N PRO J 294 -18.59 -16.65 20.09
CA PRO J 294 -19.63 -17.19 20.98
C PRO J 294 -19.80 -18.71 20.96
N GLY J 295 -19.40 -19.36 19.86
CA GLY J 295 -19.43 -20.82 19.75
C GLY J 295 -18.28 -21.57 20.39
N VAL J 296 -17.26 -20.85 20.84
CA VAL J 296 -16.07 -21.47 21.47
C VAL J 296 -16.21 -21.54 22.98
N ARG J 297 -16.36 -22.75 23.50
N ARG J 297 -16.38 -22.74 23.51
CA ARG J 297 -16.42 -23.00 24.93
CA ARG J 297 -16.44 -22.93 24.95
C ARG J 297 -15.04 -22.78 25.53
C ARG J 297 -15.05 -22.80 25.54
N LEU J 298 -15.00 -22.29 26.76
CA LEU J 298 -13.75 -22.05 27.47
C LEU J 298 -13.85 -22.74 28.81
N VAL J 299 -12.88 -23.61 29.09
CA VAL J 299 -12.87 -24.35 30.34
C VAL J 299 -11.50 -24.30 31.02
N GLY J 300 -11.51 -23.78 32.23
CA GLY J 300 -10.33 -23.75 33.09
C GLY J 300 -10.37 -24.93 34.04
N PHE J 301 -9.22 -25.57 34.24
CA PHE J 301 -9.12 -26.72 35.14
C PHE J 301 -8.24 -26.42 36.34
N GLU J 302 -8.82 -26.54 37.53
CA GLU J 302 -8.13 -26.21 38.78
C GLU J 302 -7.73 -27.49 39.53
N ALA J 303 -6.69 -27.38 40.35
CA ALA J 303 -6.14 -28.53 41.09
C ALA J 303 -7.03 -28.93 42.26
N ALA J 304 -7.53 -30.15 42.23
CA ALA J 304 -8.40 -30.68 43.30
C ALA J 304 -7.68 -31.59 44.29
N GLY J 305 -6.38 -31.82 44.08
CA GLY J 305 -5.55 -32.53 45.06
C GLY J 305 -6.02 -33.95 45.36
N ASP J 306 -6.22 -34.24 46.65
CA ASP J 306 -6.78 -35.53 47.09
C ASP J 306 -8.28 -35.63 46.83
N GLY J 307 -8.90 -34.50 46.52
CA GLY J 307 -10.35 -34.43 46.26
C GLY J 307 -10.93 -33.21 46.96
N VAL J 308 -12.00 -32.65 46.41
CA VAL J 308 -12.60 -31.40 46.95
C VAL J 308 -13.29 -31.62 48.31
N GLU J 309 -13.82 -32.83 48.51
CA GLU J 309 -14.39 -33.28 49.79
C GLU J 309 -13.37 -33.48 50.94
N THR J 310 -12.07 -33.57 50.64
CA THR J 310 -11.04 -33.89 51.65
C THR J 310 -10.44 -32.71 52.41
N GLY J 311 -10.64 -31.49 51.92
CA GLY J 311 -9.91 -30.33 52.43
C GLY J 311 -8.41 -30.30 52.11
N ARG J 312 -7.98 -31.11 51.13
CA ARG J 312 -6.60 -31.06 50.62
C ARG J 312 -6.66 -30.85 49.11
N HIS J 313 -6.83 -29.59 48.74
CA HIS J 313 -7.06 -29.19 47.35
C HIS J 313 -6.71 -27.73 47.14
N ALA J 314 -6.74 -27.31 45.88
CA ALA J 314 -6.60 -25.91 45.50
C ALA J 314 -7.73 -25.44 44.56
N ALA J 315 -8.91 -26.05 44.73
CA ALA J 315 -10.08 -25.81 43.89
C ALA J 315 -10.84 -24.56 44.28
N THR J 316 -10.26 -23.43 43.91
CA THR J 316 -10.70 -22.11 44.33
C THR J 316 -12.14 -21.78 43.90
N PHE J 317 -12.46 -22.00 42.63
CA PHE J 317 -13.82 -21.75 42.14
C PHE J 317 -14.86 -22.76 42.62
N THR J 318 -14.45 -24.03 42.74
CA THR J 318 -15.34 -25.09 43.23
C THR J 318 -15.71 -24.93 44.72
N ALA J 319 -14.72 -24.62 45.55
CA ALA J 319 -14.87 -24.61 47.01
C ALA J 319 -14.68 -23.25 47.70
N GLY J 320 -14.18 -22.26 46.97
CA GLY J 320 -13.87 -20.95 47.55
C GLY J 320 -15.01 -19.96 47.45
N SER J 321 -14.71 -18.72 47.83
CA SER J 321 -15.71 -17.65 47.82
C SER J 321 -15.03 -16.29 47.66
N PRO J 322 -15.81 -15.23 47.34
CA PRO J 322 -15.17 -13.93 47.09
C PRO J 322 -14.49 -13.33 48.32
N GLY J 323 -13.36 -12.68 48.08
CA GLY J 323 -12.62 -11.99 49.13
C GLY J 323 -11.40 -11.24 48.60
N ALA J 324 -10.80 -10.45 49.49
CA ALA J 324 -9.59 -9.68 49.18
C ALA J 324 -8.34 -10.44 49.61
N PHE J 325 -7.47 -10.72 48.64
CA PHE J 325 -6.26 -11.51 48.88
C PHE J 325 -5.20 -11.18 47.84
N HIS J 326 -3.96 -11.06 48.32
CA HIS J 326 -2.80 -10.73 47.49
C HIS J 326 -3.08 -9.61 46.50
N GLY J 327 -3.68 -8.53 46.99
CA GLY J 327 -3.86 -7.32 46.20
C GLY J 327 -5.16 -7.15 45.44
N SER J 328 -5.97 -8.20 45.36
CA SER J 328 -7.18 -8.18 44.52
C SER J 328 -8.41 -8.72 45.24
N PHE J 329 -9.58 -8.28 44.78
CA PHE J 329 -10.84 -8.88 45.14
C PHE J 329 -11.16 -9.94 44.09
N SER J 330 -11.18 -11.20 44.53
CA SER J 330 -11.35 -12.34 43.64
C SER J 330 -11.86 -13.51 44.47
N TYR J 331 -11.79 -14.73 43.94
CA TYR J 331 -12.13 -15.91 44.74
C TYR J 331 -10.90 -16.40 45.50
N LEU J 332 -11.12 -16.86 46.72
CA LEU J 332 -10.10 -17.63 47.42
C LEU J 332 -10.69 -18.66 48.35
N LEU J 333 -9.87 -19.66 48.67
CA LEU J 333 -10.20 -20.63 49.70
C LEU J 333 -10.05 -19.95 51.05
N GLN J 334 -11.13 -19.86 51.79
CA GLN J 334 -11.14 -19.18 53.08
C GLN J 334 -12.16 -19.78 54.05
N ASP J 335 -11.89 -19.65 55.35
CA ASP J 335 -12.79 -20.19 56.40
C ASP J 335 -13.88 -19.17 56.77
N GLU J 336 -14.68 -19.51 57.77
CA GLU J 336 -15.80 -18.65 58.20
C GLU J 336 -15.38 -17.21 58.63
N ASP J 337 -14.14 -17.08 59.13
CA ASP J 337 -13.61 -15.78 59.60
C ASP J 337 -12.86 -14.98 58.52
N GLY J 338 -12.62 -15.61 57.38
CA GLY J 338 -11.87 -14.97 56.29
C GLY J 338 -10.38 -15.23 56.31
N GLN J 339 -9.94 -16.23 57.08
CA GLN J 339 -8.54 -16.66 57.10
C GLN J 339 -8.30 -17.52 55.86
N THR J 340 -7.17 -17.32 55.21
CA THR J 340 -6.80 -18.13 54.04
C THR J 340 -6.63 -19.58 54.48
N ILE J 341 -7.24 -20.48 53.72
CA ILE J 341 -7.05 -21.91 53.92
C ILE J 341 -5.88 -22.33 53.05
N GLU J 342 -4.94 -23.05 53.65
CA GLU J 342 -3.76 -23.52 52.93
C GLU J 342 -4.18 -24.54 51.87
N SER J 343 -3.69 -24.33 50.66
CA SER J 343 -3.96 -25.22 49.54
C SER J 343 -3.01 -26.42 49.55
N HIS J 344 -3.43 -27.49 48.87
CA HIS J 344 -2.56 -28.64 48.59
C HIS J 344 -2.80 -29.20 47.18
N SER J 345 -1.69 -29.52 46.51
CA SER J 345 -1.70 -30.22 45.22
C SER J 345 -0.36 -30.90 45.00
N ILE J 346 -0.38 -31.99 44.23
CA ILE J 346 0.87 -32.61 43.77
C ILE J 346 1.65 -31.66 42.85
N SER J 347 0.91 -30.78 42.19
CA SER J 347 1.48 -29.75 41.32
C SER J 347 1.83 -28.49 42.10
N ALA J 348 3.11 -28.13 42.13
CA ALA J 348 3.56 -26.92 42.84
C ALA J 348 3.02 -25.63 42.22
N GLY J 349 2.85 -25.66 40.91
CA GLY J 349 2.34 -24.52 40.16
C GLY J 349 0.86 -24.20 40.32
N LEU J 350 0.06 -25.22 40.65
CA LEU J 350 -1.38 -25.03 40.92
C LEU J 350 -1.73 -24.99 42.41
N ASP J 351 -0.72 -25.11 43.27
CA ASP J 351 -0.91 -25.18 44.71
C ASP J 351 -1.02 -23.76 45.28
N TYR J 352 -2.17 -23.14 45.04
CA TYR J 352 -2.40 -21.73 45.36
C TYR J 352 -3.89 -21.56 45.66
N PRO J 353 -4.24 -21.01 46.84
CA PRO J 353 -5.66 -20.94 47.21
C PRO J 353 -6.45 -19.81 46.56
N GLY J 354 -5.77 -18.93 45.82
CA GLY J 354 -6.44 -17.83 45.13
C GLY J 354 -6.57 -18.03 43.64
N VAL J 355 -7.08 -17.01 42.97
CA VAL J 355 -7.15 -16.96 41.51
C VAL J 355 -7.29 -15.50 41.08
N GLY J 356 -6.85 -15.21 39.87
CA GLY J 356 -6.90 -13.86 39.32
C GLY J 356 -8.31 -13.31 39.11
N PRO J 357 -8.48 -11.98 39.26
CA PRO J 357 -9.80 -11.36 39.19
C PRO J 357 -10.49 -11.39 37.81
N GLU J 358 -9.71 -11.44 36.72
CA GLU J 358 -10.33 -11.52 35.40
C GLU J 358 -11.08 -12.85 35.25
N HIS J 359 -10.50 -13.90 35.81
CA HIS J 359 -11.17 -15.21 35.86
C HIS J 359 -12.43 -15.19 36.71
N ALA J 360 -12.38 -14.51 37.86
CA ALA J 360 -13.58 -14.32 38.69
C ALA J 360 -14.69 -13.62 37.90
N TRP J 361 -14.32 -12.59 37.15
CA TRP J 361 -15.27 -11.84 36.32
C TRP J 361 -15.83 -12.71 35.20
N LEU J 362 -14.97 -13.45 34.51
CA LEU J 362 -15.41 -14.32 33.42
C LEU J 362 -16.28 -15.48 33.93
N LYS J 363 -15.98 -15.98 35.12
CA LYS J 363 -16.82 -16.98 35.80
C LYS J 363 -18.21 -16.44 36.10
N GLU J 364 -18.25 -15.25 36.68
CA GLU J 364 -19.52 -14.59 37.03
C GLU J 364 -20.37 -14.29 35.78
N ALA J 365 -19.71 -13.91 34.70
CA ALA J 365 -20.37 -13.59 33.42
C ALA J 365 -20.95 -14.79 32.68
N GLY J 366 -20.50 -15.99 33.03
CA GLY J 366 -20.91 -17.23 32.36
C GLY J 366 -20.12 -17.53 31.09
N ARG J 367 -18.97 -16.87 30.92
CA ARG J 367 -18.16 -17.04 29.69
C ARG J 367 -17.18 -18.23 29.79
N VAL J 368 -16.63 -18.44 30.98
CA VAL J 368 -15.73 -19.56 31.23
C VAL J 368 -16.32 -20.44 32.33
N ASP J 369 -16.22 -21.76 32.13
CA ASP J 369 -16.52 -22.74 33.18
C ASP J 369 -15.20 -23.22 33.82
N TYR J 370 -15.19 -23.36 35.13
CA TYR J 370 -14.01 -23.79 35.88
C TYR J 370 -14.36 -25.08 36.60
N ARG J 371 -13.49 -26.08 36.51
N ARG J 371 -13.48 -26.06 36.51
CA ARG J 371 -13.83 -27.41 36.99
CA ARG J 371 -13.77 -27.45 36.92
C ARG J 371 -12.63 -28.08 37.68
C ARG J 371 -12.60 -28.05 37.71
N PRO J 372 -12.90 -28.93 38.69
CA PRO J 372 -11.83 -29.61 39.42
C PRO J 372 -11.22 -30.81 38.69
N ILE J 373 -9.92 -30.98 38.87
CA ILE J 373 -9.18 -32.17 38.42
C ILE J 373 -8.23 -32.61 39.54
N THR J 374 -8.31 -33.88 39.94
CA THR J 374 -7.53 -34.41 41.07
C THR J 374 -6.10 -34.78 40.68
N ASP J 375 -5.27 -34.95 41.70
CA ASP J 375 -3.91 -35.47 41.53
C ASP J 375 -3.88 -36.71 40.64
N SER J 376 -4.74 -37.68 40.94
CA SER J 376 -4.76 -38.97 40.24
C SER J 376 -5.14 -38.83 38.78
N GLU J 377 -6.22 -38.08 38.53
CA GLU J 377 -6.65 -37.76 37.17
C GLU J 377 -5.50 -37.12 36.36
N ALA J 378 -4.81 -36.17 36.97
CA ALA J 378 -3.69 -35.47 36.34
C ALA J 378 -2.52 -36.39 36.03
N MET J 379 -2.16 -37.25 36.98
CA MET J 379 -1.07 -38.20 36.77
C MET J 379 -1.42 -39.27 35.73
N ASP J 380 -2.66 -39.73 35.71
CA ASP J 380 -3.10 -40.63 34.63
C ASP J 380 -2.88 -40.01 33.25
N ALA J 381 -3.22 -38.72 33.14
CA ALA J 381 -3.04 -37.96 31.90
C ALA J 381 -1.57 -37.69 31.59
N PHE J 382 -0.79 -37.37 32.62
CA PHE J 382 0.67 -37.21 32.49
C PHE J 382 1.26 -38.44 31.81
N GLY J 383 0.95 -39.59 32.41
CA GLY J 383 1.42 -40.88 31.92
C GLY J 383 0.95 -41.20 30.51
N LEU J 384 -0.31 -40.88 30.23
CA LEU J 384 -0.89 -41.16 28.91
C LEU J 384 -0.21 -40.36 27.81
N LEU J 385 0.09 -39.10 28.11
CA LEU J 385 0.73 -38.22 27.14
C LEU J 385 2.17 -38.66 26.84
N CYS J 386 2.90 -39.06 27.87
CA CYS J 386 4.24 -39.65 27.69
C CYS J 386 4.21 -40.86 26.76
N ARG J 387 3.29 -41.76 27.06
CA ARG J 387 3.19 -43.06 26.39
C ARG J 387 2.69 -42.99 24.95
N MET J 388 1.73 -42.11 24.71
CA MET J 388 1.03 -42.04 23.42
C MET J 388 1.67 -41.05 22.44
N GLU J 389 2.03 -39.87 22.92
CA GLU J 389 2.59 -38.81 22.05
C GLU J 389 4.05 -38.49 22.23
N GLY J 390 4.70 -39.14 23.19
CA GLY J 390 6.10 -38.85 23.50
C GLY J 390 6.37 -37.45 24.00
N ILE J 391 5.42 -36.88 24.71
CA ILE J 391 5.57 -35.55 25.31
C ILE J 391 5.46 -35.68 26.82
N ILE J 392 6.48 -35.20 27.53
CA ILE J 392 6.48 -35.20 28.98
C ILE J 392 6.01 -33.82 29.43
N PRO J 393 4.76 -33.72 29.88
CA PRO J 393 4.24 -32.42 30.24
C PRO J 393 4.61 -32.05 31.65
N ALA J 394 4.48 -30.77 31.96
CA ALA J 394 4.42 -30.34 33.34
C ALA J 394 3.18 -30.97 34.00
N ILE J 395 3.30 -31.29 35.29
CA ILE J 395 2.18 -31.81 36.07
C ILE J 395 1.04 -30.79 36.12
N GLU J 396 1.39 -29.51 36.07
CA GLU J 396 0.40 -28.43 35.93
C GLU J 396 -0.44 -28.68 34.67
N SER J 397 0.26 -28.78 33.56
CA SER J 397 -0.36 -28.95 32.24
C SER J 397 -1.15 -30.25 32.12
N ALA J 398 -0.69 -31.30 32.79
CA ALA J 398 -1.38 -32.58 32.78
C ALA J 398 -2.81 -32.49 33.32
N HIS J 399 -3.06 -31.51 34.19
CA HIS J 399 -4.44 -31.23 34.64
C HIS J 399 -5.32 -30.77 33.47
N ALA J 400 -4.78 -29.92 32.61
CA ALA J 400 -5.51 -29.46 31.44
C ALA J 400 -5.77 -30.61 30.46
N VAL J 401 -4.76 -31.47 30.31
CA VAL J 401 -4.88 -32.63 29.42
C VAL J 401 -5.94 -33.58 29.96
N ALA J 402 -5.92 -33.81 31.27
CA ALA J 402 -6.92 -34.65 31.94
C ALA J 402 -8.33 -34.13 31.75
N GLY J 403 -8.48 -32.82 31.90
CA GLY J 403 -9.76 -32.14 31.69
C GLY J 403 -10.25 -32.24 30.26
N ALA J 404 -9.33 -32.09 29.31
CA ALA J 404 -9.64 -32.21 27.88
C ALA J 404 -10.15 -33.60 27.50
N LEU J 405 -9.59 -34.63 28.12
CA LEU J 405 -10.06 -36.01 27.90
C LEU J 405 -11.51 -36.19 28.33
N LYS J 406 -11.86 -35.65 29.50
CA LYS J 406 -13.25 -35.70 29.99
C LYS J 406 -14.19 -34.88 29.12
N LEU J 407 -13.74 -33.69 28.74
CA LEU J 407 -14.50 -32.81 27.86
C LEU J 407 -14.73 -33.48 26.50
N GLY J 408 -13.70 -34.15 26.01
CA GLY J 408 -13.80 -34.93 24.78
C GLY J 408 -14.93 -35.96 24.82
N VAL J 409 -15.03 -36.67 25.95
CA VAL J 409 -16.11 -37.65 26.14
C VAL J 409 -17.49 -36.97 26.12
N GLU J 410 -17.57 -35.80 26.74
CA GLU J 410 -18.80 -35.02 26.79
C GLU J 410 -19.25 -34.52 25.39
N LEU J 411 -18.30 -33.96 24.64
CA LEU J 411 -18.59 -33.35 23.32
C LEU J 411 -18.66 -34.35 22.18
N GLY J 412 -17.84 -35.40 22.25
CA GLY J 412 -17.93 -36.53 21.33
C GLY J 412 -17.09 -36.44 20.06
N ARG J 413 -17.40 -37.34 19.14
CA ARG J 413 -16.60 -37.60 17.94
C ARG J 413 -16.40 -36.37 17.04
N GLY J 414 -15.14 -36.07 16.76
CA GLY J 414 -14.78 -34.97 15.84
C GLY J 414 -14.76 -33.58 16.43
N ALA J 415 -15.10 -33.44 17.72
CA ALA J 415 -15.05 -32.15 18.39
C ALA J 415 -13.60 -31.71 18.49
N VAL J 416 -13.38 -30.43 18.24
CA VAL J 416 -12.04 -29.86 18.19
C VAL J 416 -11.79 -29.13 19.50
N ILE J 417 -10.82 -29.62 20.25
CA ILE J 417 -10.45 -29.09 21.55
C ILE J 417 -8.99 -28.66 21.52
N VAL J 418 -8.75 -27.37 21.73
CA VAL J 418 -7.40 -26.83 21.87
C VAL J 418 -7.04 -26.82 23.35
N VAL J 419 -5.89 -27.40 23.66
CA VAL J 419 -5.38 -27.51 25.03
C VAL J 419 -4.07 -26.75 25.14
N ASN J 420 -3.98 -25.86 26.12
CA ASN J 420 -2.73 -25.16 26.39
C ASN J 420 -1.80 -26.09 27.14
N LEU J 421 -0.76 -26.53 26.47
CA LEU J 421 0.26 -27.36 27.11
C LEU J 421 1.32 -26.41 27.67
N SER J 422 1.07 -25.96 28.89
CA SER J 422 1.73 -24.77 29.45
C SER J 422 3.23 -24.92 29.66
N GLY J 423 3.65 -26.14 29.96
CA GLY J 423 5.07 -26.41 30.18
C GLY J 423 5.48 -27.88 30.07
N ARG J 424 6.78 -28.08 30.06
CA ARG J 424 7.36 -29.42 30.02
C ARG J 424 7.66 -29.94 31.43
N GLY J 425 7.85 -31.25 31.50
CA GLY J 425 7.91 -31.97 32.78
C GLY J 425 9.26 -32.35 33.35
N ASP J 426 10.34 -31.78 32.83
CA ASP J 426 11.68 -32.09 33.33
C ASP J 426 11.83 -31.94 34.85
N LYS J 427 11.27 -30.86 35.37
CA LYS J 427 11.25 -30.59 36.83
C LYS J 427 10.47 -31.63 37.64
N ASP J 428 9.51 -32.27 36.98
CA ASP J 428 8.60 -33.25 37.59
C ASP J 428 8.99 -34.72 37.34
N VAL J 429 10.09 -34.95 36.62
CA VAL J 429 10.48 -36.32 36.25
C VAL J 429 10.68 -37.24 37.46
N GLU J 430 11.33 -36.72 38.49
CA GLU J 430 11.58 -37.48 39.72
C GLU J 430 10.26 -37.87 40.40
N THR J 431 9.39 -36.88 40.62
CA THR J 431 8.04 -37.10 41.15
C THR J 431 7.23 -38.12 40.33
N ALA J 432 7.26 -37.99 39.01
CA ALA J 432 6.52 -38.87 38.12
C ALA J 432 7.10 -40.29 38.06
N ALA J 433 8.42 -40.41 37.99
CA ALA J 433 9.09 -41.72 38.03
C ALA J 433 8.73 -42.48 39.31
N LYS J 434 8.70 -41.75 40.42
CA LYS J 434 8.29 -42.30 41.72
C LYS J 434 6.80 -42.72 41.71
N TRP J 435 5.93 -41.84 41.23
CA TRP J 435 4.51 -42.17 41.05
C TRP J 435 4.27 -43.47 40.27
N PHE J 436 5.00 -43.67 39.18
CA PHE J 436 4.80 -44.84 38.30
C PHE J 436 5.68 -46.07 38.60
N GLY J 437 6.45 -45.99 39.70
CA GLY J 437 7.28 -47.10 40.15
C GLY J 437 8.48 -47.37 39.26
N LEU J 438 9.12 -46.31 38.80
CA LEU J 438 10.24 -46.39 37.85
C LEU J 438 11.50 -45.84 38.51
N LEU J 439 11.66 -46.18 39.79
CA LEU J 439 12.57 -45.52 40.78
C LEU J 439 11.95 -44.35 41.55
N GLU K 28 48.11 -71.25 -6.17
CA GLU K 28 47.49 -72.51 -6.48
C GLU K 28 46.40 -72.96 -5.56
N ALA K 29 46.75 -73.18 -4.30
CA ALA K 29 45.76 -73.61 -3.32
C ALA K 29 45.98 -72.91 -1.98
N SER K 30 44.94 -72.95 -1.14
CA SER K 30 44.97 -72.29 0.18
C SER K 30 45.92 -72.99 1.14
N ARG K 31 46.38 -72.24 2.15
CA ARG K 31 47.29 -72.76 3.19
C ARG K 31 46.64 -73.83 4.06
N LEU K 32 45.37 -73.64 4.39
CA LEU K 32 44.62 -74.60 5.24
C LEU K 32 43.97 -75.76 4.46
N GLY K 33 44.02 -75.71 3.14
CA GLY K 33 43.47 -76.77 2.25
C GLY K 33 43.88 -78.21 2.55
N PRO K 34 45.19 -78.47 2.73
CA PRO K 34 45.68 -79.80 3.13
C PRO K 34 45.17 -80.33 4.47
N VAL K 35 44.88 -79.43 5.41
CA VAL K 35 44.32 -79.83 6.72
C VAL K 35 42.90 -80.36 6.56
N PHE K 36 42.09 -79.62 5.82
CA PHE K 36 40.69 -80.02 5.53
C PHE K 36 40.60 -81.26 4.64
N ASP K 37 41.51 -81.39 3.68
CA ASP K 37 41.60 -82.61 2.85
C ASP K 37 41.99 -83.85 3.68
N SER K 38 42.96 -83.67 4.57
CA SER K 38 43.38 -84.73 5.51
C SER K 38 42.25 -85.16 6.46
N CYS K 39 41.46 -84.19 6.92
CA CYS K 39 40.26 -84.47 7.73
C CYS K 39 39.19 -85.20 6.89
N ARG K 40 38.92 -84.65 5.70
CA ARG K 40 37.93 -85.22 4.76
C ARG K 40 38.31 -86.63 4.26
N ALA K 41 39.60 -86.94 4.27
CA ALA K 41 40.11 -88.30 3.96
C ALA K 41 39.94 -89.28 5.14
N ASN K 42 40.05 -88.77 6.37
CA ASN K 42 39.80 -89.55 7.60
C ASN K 42 38.35 -89.48 8.10
N ASN K 43 37.44 -89.07 7.21
CA ASN K 43 35.99 -88.99 7.49
C ASN K 43 35.65 -88.28 8.81
N ARG K 44 36.10 -87.03 8.90
CA ARG K 44 35.88 -86.21 10.09
C ARG K 44 35.97 -84.73 9.79
N ALA K 45 35.53 -83.94 10.76
CA ALA K 45 35.67 -82.48 10.72
C ALA K 45 36.94 -82.08 11.45
N ALA K 46 37.46 -80.91 11.10
CA ALA K 46 38.61 -80.32 11.79
C ALA K 46 38.13 -79.65 13.08
N LEU K 47 38.89 -79.84 14.17
CA LEU K 47 38.64 -79.13 15.42
C LEU K 47 39.45 -77.84 15.44
N ILE K 48 38.76 -76.70 15.49
CA ILE K 48 39.37 -75.38 15.44
C ILE K 48 39.25 -74.73 16.81
N GLY K 49 40.38 -74.51 17.48
CA GLY K 49 40.39 -74.05 18.87
C GLY K 49 40.85 -72.61 19.05
N TYR K 50 40.01 -71.80 19.69
CA TYR K 50 40.33 -70.41 20.01
C TYR K 50 40.81 -70.22 21.44
N LEU K 51 41.94 -69.55 21.60
CA LEU K 51 42.35 -68.96 22.88
C LEU K 51 42.86 -67.54 22.67
N PRO K 52 42.63 -66.65 23.64
CA PRO K 52 43.18 -65.30 23.55
C PRO K 52 44.58 -65.21 24.18
N THR K 53 45.48 -64.55 23.46
CA THR K 53 46.85 -64.31 23.92
C THR K 53 46.83 -63.50 25.21
N GLY K 54 47.69 -63.88 26.15
CA GLY K 54 47.84 -63.16 27.41
C GLY K 54 46.87 -63.46 28.54
N TYR K 55 45.97 -64.43 28.34
CA TYR K 55 45.11 -64.90 29.43
C TYR K 55 45.53 -66.32 29.87
N PRO K 56 45.75 -66.55 31.19
CA PRO K 56 45.71 -65.54 32.27
C PRO K 56 46.92 -64.60 32.31
N ASP K 57 48.04 -65.03 31.74
CA ASP K 57 49.18 -64.17 31.42
C ASP K 57 49.82 -64.70 30.11
N VAL K 58 50.87 -64.04 29.62
CA VAL K 58 51.44 -64.42 28.31
C VAL K 58 52.09 -65.83 28.30
N PRO K 59 52.97 -66.14 29.26
CA PRO K 59 53.54 -67.51 29.32
C PRO K 59 52.52 -68.65 29.49
N ALA K 60 51.51 -68.44 30.34
CA ALA K 60 50.47 -69.46 30.56
C ALA K 60 49.61 -69.70 29.31
N SER K 61 49.28 -68.61 28.60
CA SER K 61 48.48 -68.67 27.37
C SER K 61 49.19 -69.44 26.24
N VAL K 62 50.50 -69.25 26.15
CA VAL K 62 51.33 -69.98 25.18
C VAL K 62 51.40 -71.46 25.54
N ALA K 63 51.57 -71.75 26.83
CA ALA K 63 51.56 -73.14 27.34
C ALA K 63 50.21 -73.80 27.09
N ALA K 64 49.13 -73.03 27.20
CA ALA K 64 47.78 -73.51 26.89
C ALA K 64 47.59 -73.81 25.40
N MET K 65 48.08 -72.91 24.55
CA MET K 65 48.00 -73.10 23.10
C MET K 65 48.82 -74.30 22.61
N THR K 66 49.95 -74.53 23.25
CA THR K 66 50.75 -75.74 23.00
C THR K 66 49.98 -76.99 23.42
N ALA K 67 49.34 -76.93 24.57
CA ALA K 67 48.50 -78.03 25.07
C ALA K 67 47.38 -78.42 24.10
N LEU K 68 46.81 -77.42 23.43
CA LEU K 68 45.77 -77.65 22.39
C LEU K 68 46.32 -78.45 21.20
N VAL K 69 47.54 -78.12 20.77
CA VAL K 69 48.21 -78.87 19.70
C VAL K 69 48.38 -80.35 20.10
N GLU K 70 48.87 -80.55 21.33
CA GLU K 70 49.09 -81.89 21.90
C GLU K 70 47.78 -82.66 22.09
N SER K 71 46.72 -81.95 22.49
CA SER K 71 45.41 -82.57 22.76
C SER K 71 44.53 -82.80 21.50
N GLY K 72 45.03 -82.39 20.34
CA GLY K 72 44.43 -82.76 19.04
C GLY K 72 43.60 -81.71 18.33
N CYS K 73 43.99 -80.44 18.46
CA CYS K 73 43.38 -79.35 17.69
C CYS K 73 44.07 -79.27 16.34
N ASP K 74 43.30 -79.32 15.27
CA ASP K 74 43.85 -79.27 13.92
C ASP K 74 44.29 -77.87 13.54
N ILE K 75 43.50 -76.87 13.92
CA ILE K 75 43.82 -75.45 13.70
C ILE K 75 43.63 -74.68 15.02
N ILE K 76 44.53 -73.73 15.29
CA ILE K 76 44.42 -72.84 16.47
C ILE K 76 44.13 -71.41 16.04
N GLU K 77 43.05 -70.83 16.57
CA GLU K 77 42.76 -69.40 16.41
C GLU K 77 43.42 -68.65 17.56
N VAL K 78 44.47 -67.90 17.25
CA VAL K 78 45.13 -67.05 18.23
C VAL K 78 44.43 -65.68 18.26
N GLY K 79 43.71 -65.43 19.34
CA GLY K 79 42.99 -64.17 19.53
C GLY K 79 43.91 -63.04 19.93
N VAL K 80 43.71 -61.89 19.29
CA VAL K 80 44.40 -60.64 19.64
C VAL K 80 43.45 -59.83 20.53
N PRO K 81 43.76 -59.68 21.83
CA PRO K 81 42.87 -58.89 22.68
C PRO K 81 42.70 -57.45 22.20
N TYR K 82 41.44 -57.03 22.14
CA TYR K 82 41.05 -55.69 21.70
C TYR K 82 40.23 -55.00 22.79
N SER K 83 40.45 -53.70 22.94
CA SER K 83 39.81 -52.90 24.00
C SER K 83 38.28 -52.81 23.88
N ASP K 84 37.76 -52.87 22.66
CA ASP K 84 36.31 -52.74 22.42
C ASP K 84 35.77 -53.84 21.49
N PRO K 85 35.79 -55.09 21.98
CA PRO K 85 35.51 -56.26 21.14
C PRO K 85 34.02 -56.49 20.96
N GLY K 86 33.46 -55.88 19.93
CA GLY K 86 32.01 -55.83 19.72
C GLY K 86 31.33 -57.18 19.53
N MET K 87 32.01 -58.13 18.91
CA MET K 87 31.46 -59.46 18.62
C MET K 87 31.78 -60.56 19.63
N ASP K 88 32.69 -60.29 20.57
CA ASP K 88 33.05 -61.28 21.60
C ASP K 88 31.98 -61.40 22.68
N GLY K 89 31.64 -62.64 23.04
CA GLY K 89 30.72 -62.90 24.17
C GLY K 89 31.38 -62.63 25.52
N PRO K 90 30.63 -62.79 26.62
CA PRO K 90 31.10 -62.41 27.97
C PRO K 90 32.33 -63.15 28.48
N THR K 91 32.40 -64.46 28.24
CA THR K 91 33.56 -65.28 28.63
C THR K 91 34.87 -64.81 27.95
N ILE K 92 34.81 -64.61 26.65
CA ILE K 92 35.97 -64.13 25.88
C ILE K 92 36.26 -62.66 26.19
N ALA K 93 35.22 -61.83 26.33
CA ALA K 93 35.39 -60.40 26.62
C ALA K 93 36.11 -60.17 27.94
N ARG K 94 35.73 -60.89 28.98
CA ARG K 94 36.37 -60.77 30.31
C ARG K 94 37.79 -61.28 30.32
N ALA K 95 38.04 -62.32 29.55
CA ALA K 95 39.39 -62.86 29.40
C ALA K 95 40.34 -61.90 28.66
N THR K 96 39.85 -61.29 27.58
CA THR K 96 40.63 -60.30 26.82
C THR K 96 40.85 -59.02 27.64
N GLU K 97 39.83 -58.58 28.39
CA GLU K 97 39.98 -57.48 29.36
C GLU K 97 41.11 -57.76 30.35
N ALA K 98 41.13 -58.98 30.88
CA ALA K 98 42.15 -59.40 31.86
C ALA K 98 43.56 -59.45 31.25
N ALA K 99 43.64 -59.95 30.01
CA ALA K 99 44.90 -59.96 29.26
C ALA K 99 45.46 -58.54 29.06
N LEU K 100 44.57 -57.60 28.73
CA LEU K 100 44.96 -56.20 28.55
C LEU K 100 45.43 -55.54 29.85
N ARG K 101 44.70 -55.75 30.94
CA ARG K 101 45.16 -55.34 32.29
C ARG K 101 46.58 -55.86 32.59
N GLY K 102 46.83 -57.10 32.20
CA GLY K 102 48.14 -57.72 32.35
C GLY K 102 49.24 -57.20 31.43
N GLY K 103 48.90 -56.33 30.49
CA GLY K 103 49.89 -55.66 29.62
C GLY K 103 50.19 -56.34 28.29
N VAL K 104 49.27 -57.20 27.83
CA VAL K 104 49.44 -57.94 26.57
C VAL K 104 49.61 -56.98 25.40
N ARG K 105 50.46 -57.39 24.47
CA ARG K 105 50.81 -56.60 23.31
C ARG K 105 50.56 -57.42 22.05
N VAL K 106 50.39 -56.74 20.93
CA VAL K 106 50.16 -57.40 19.63
C VAL K 106 51.29 -58.35 19.25
N ARG K 107 52.53 -57.97 19.58
CA ARG K 107 53.68 -58.85 19.35
C ARG K 107 53.66 -60.18 20.07
N ASP K 108 53.05 -60.20 21.25
CA ASP K 108 52.86 -61.43 22.01
C ASP K 108 52.06 -62.46 21.19
N THR K 109 51.12 -61.98 20.38
CA THR K 109 50.35 -62.86 19.46
C THR K 109 51.27 -63.52 18.42
N LEU K 110 52.16 -62.74 17.83
CA LEU K 110 53.11 -63.28 16.85
C LEU K 110 54.08 -64.27 17.49
N ALA K 111 54.48 -64.01 18.73
CA ALA K 111 55.27 -64.99 19.52
C ALA K 111 54.48 -66.28 19.79
N ALA K 112 53.19 -66.13 20.05
CA ALA K 112 52.30 -67.29 20.25
C ALA K 112 52.20 -68.16 18.99
N VAL K 113 52.07 -67.50 17.83
CA VAL K 113 52.00 -68.19 16.53
C VAL K 113 53.28 -68.99 16.28
N GLU K 114 54.41 -68.38 16.60
CA GLU K 114 55.72 -69.03 16.45
C GLU K 114 55.85 -70.29 17.31
N ALA K 115 55.48 -70.16 18.58
CA ALA K 115 55.51 -71.30 19.53
C ALA K 115 54.59 -72.44 19.09
N ILE K 116 53.41 -72.09 18.59
CA ILE K 116 52.48 -73.07 18.01
C ILE K 116 53.12 -73.79 16.82
N SER K 117 53.70 -73.02 15.90
CA SER K 117 54.28 -73.57 14.66
C SER K 117 55.47 -74.50 14.92
N ILE K 118 56.30 -74.15 15.90
CA ILE K 118 57.44 -74.97 16.35
C ILE K 118 56.98 -76.29 16.98
N ALA K 119 55.88 -76.21 17.74
CA ALA K 119 55.26 -77.41 18.35
C ALA K 119 54.55 -78.36 17.37
N GLY K 120 54.44 -77.96 16.11
CA GLY K 120 53.81 -78.78 15.06
C GLY K 120 52.34 -78.47 14.80
N GLY K 121 51.87 -77.35 15.34
CA GLY K 121 50.47 -76.92 15.18
C GLY K 121 50.33 -75.97 14.01
N ARG K 122 49.08 -75.69 13.68
CA ARG K 122 48.74 -74.79 12.58
C ARG K 122 47.91 -73.65 13.12
N ALA K 123 48.41 -72.43 12.96
CA ALA K 123 47.82 -71.25 13.59
C ALA K 123 47.26 -70.23 12.60
N VAL K 124 46.06 -69.73 12.88
CA VAL K 124 45.55 -68.49 12.29
C VAL K 124 45.35 -67.48 13.40
N VAL K 125 45.34 -66.21 13.03
CA VAL K 125 45.10 -65.11 13.98
C VAL K 125 43.68 -64.57 13.80
N MET K 126 42.97 -64.39 14.90
CA MET K 126 41.68 -63.69 14.89
C MET K 126 41.86 -62.36 15.57
N THR K 127 41.51 -61.30 14.86
CA THR K 127 41.70 -59.94 15.35
C THR K 127 40.67 -58.99 14.77
N TYR K 128 40.30 -58.01 15.56
CA TYR K 128 39.59 -56.84 15.07
C TYR K 128 40.57 -56.04 14.21
N TRP K 129 40.04 -55.18 13.34
CA TRP K 129 40.86 -54.60 12.29
C TRP K 129 41.80 -53.48 12.72
N ASN K 130 41.43 -52.66 13.71
CA ASN K 130 42.27 -51.50 14.04
C ASN K 130 43.69 -51.85 14.48
N PRO K 131 43.87 -52.91 15.31
CA PRO K 131 45.23 -53.34 15.62
C PRO K 131 46.10 -53.65 14.39
N VAL K 132 45.47 -54.18 13.34
CA VAL K 132 46.17 -54.46 12.08
C VAL K 132 46.54 -53.17 11.34
N LEU K 133 45.59 -52.23 11.22
CA LEU K 133 45.87 -50.89 10.64
C LEU K 133 47.03 -50.15 11.32
N ARG K 134 47.03 -50.20 12.64
CA ARG K 134 48.03 -49.51 13.45
C ARG K 134 49.43 -50.07 13.25
N TYR K 135 49.51 -51.39 13.25
CA TYR K 135 50.73 -52.15 12.97
C TYR K 135 51.23 -51.87 11.54
N GLY K 136 50.28 -51.77 10.62
CA GLY K 136 50.55 -51.73 9.17
C GLY K 136 50.07 -53.05 8.56
N VAL K 137 49.16 -52.97 7.61
CA VAL K 137 48.51 -54.17 7.05
C VAL K 137 49.51 -55.10 6.36
N ASP K 138 50.34 -54.53 5.50
CA ASP K 138 51.41 -55.28 4.84
C ASP K 138 52.42 -55.84 5.84
N ALA K 139 52.85 -55.00 6.78
CA ALA K 139 53.86 -55.40 7.78
C ALA K 139 53.34 -56.52 8.68
N PHE K 140 52.07 -56.43 9.06
CA PHE K 140 51.46 -57.48 9.89
C PHE K 140 51.36 -58.80 9.13
N ALA K 141 50.99 -58.73 7.85
CA ALA K 141 50.92 -59.92 6.99
C ALA K 141 52.29 -60.57 6.85
N ARG K 142 53.28 -59.73 6.56
CA ARG K 142 54.69 -60.15 6.46
C ARG K 142 55.16 -60.89 7.72
N ASP K 143 54.96 -60.25 8.87
CA ASP K 143 55.43 -60.80 10.15
C ASP K 143 54.61 -62.00 10.62
N LEU K 144 53.31 -62.01 10.30
CA LEU K 144 52.46 -63.19 10.59
C LEU K 144 52.95 -64.40 9.80
N ALA K 145 53.20 -64.18 8.52
CA ALA K 145 53.75 -65.22 7.63
C ALA K 145 55.12 -65.71 8.08
N ALA K 146 55.97 -64.81 8.54
CA ALA K 146 57.33 -65.18 9.03
C ALA K 146 57.30 -66.03 10.31
N ALA K 147 56.32 -65.75 11.18
CA ALA K 147 56.06 -66.57 12.37
C ALA K 147 55.48 -67.97 12.08
N GLY K 148 55.12 -68.23 10.83
CA GLY K 148 54.49 -69.50 10.42
C GLY K 148 52.98 -69.45 10.44
N GLY K 149 52.41 -68.26 10.61
CA GLY K 149 50.96 -68.07 10.57
C GLY K 149 50.38 -68.38 9.20
N LEU K 150 49.19 -68.96 9.19
CA LEU K 150 48.55 -69.45 7.95
C LEU K 150 47.41 -68.57 7.43
N GLY K 151 46.93 -67.63 8.24
CA GLY K 151 45.82 -66.80 7.84
C GLY K 151 45.25 -65.92 8.94
N LEU K 152 44.19 -65.23 8.57
CA LEU K 152 43.61 -64.17 9.38
C LEU K 152 42.09 -64.26 9.37
N ILE K 153 41.49 -64.25 10.56
CA ILE K 153 40.03 -64.20 10.73
C ILE K 153 39.69 -62.77 11.11
N THR K 154 38.75 -62.18 10.38
CA THR K 154 38.48 -60.73 10.46
C THR K 154 36.99 -60.42 10.74
N PRO K 155 36.59 -60.44 12.02
CA PRO K 155 35.16 -60.29 12.35
C PRO K 155 34.54 -58.92 12.05
N ASP K 156 35.33 -57.84 12.07
CA ASP K 156 34.81 -56.50 11.69
C ASP K 156 35.35 -55.96 10.36
N LEU K 157 35.91 -56.84 9.52
CA LEU K 157 36.34 -56.47 8.17
C LEU K 157 35.52 -57.26 7.15
N ILE K 158 34.66 -56.55 6.45
CA ILE K 158 33.90 -57.10 5.33
C ILE K 158 34.76 -56.93 4.05
N PRO K 159 34.53 -57.76 3.01
CA PRO K 159 35.30 -57.62 1.76
C PRO K 159 35.26 -56.22 1.16
N ASP K 160 34.14 -55.52 1.31
CA ASP K 160 33.95 -54.12 0.86
C ASP K 160 35.10 -53.17 1.25
N GLU K 161 35.71 -53.41 2.41
CA GLU K 161 36.81 -52.59 2.92
C GLU K 161 38.18 -53.28 2.88
N ALA K 162 38.25 -54.44 2.25
CA ALA K 162 39.41 -55.34 2.38
C ALA K 162 40.44 -55.25 1.25
N GLN K 163 40.52 -54.11 0.56
CA GLN K 163 41.42 -53.97 -0.62
C GLN K 163 42.89 -54.16 -0.24
N GLN K 164 43.34 -53.46 0.81
CA GLN K 164 44.72 -53.60 1.32
C GLN K 164 45.01 -55.02 1.81
N TRP K 165 44.03 -55.60 2.49
CA TRP K 165 44.16 -56.96 3.02
C TRP K 165 44.21 -58.02 1.90
N LEU K 166 43.36 -57.87 0.89
CA LEU K 166 43.40 -58.76 -0.28
C LEU K 166 44.80 -58.78 -0.90
N ALA K 167 45.38 -57.59 -1.10
CA ALA K 167 46.73 -57.47 -1.70
C ALA K 167 47.82 -58.08 -0.80
N ALA K 168 47.75 -57.79 0.49
CA ALA K 168 48.69 -58.34 1.49
C ALA K 168 48.57 -59.86 1.62
N SER K 169 47.33 -60.34 1.57
CA SER K 169 47.01 -61.76 1.63
C SER K 169 47.60 -62.54 0.46
N GLU K 170 47.43 -62.00 -0.76
CA GLU K 170 47.97 -62.63 -1.97
C GLU K 170 49.51 -62.65 -1.95
N GLU K 171 50.11 -61.54 -1.54
CA GLU K 171 51.57 -61.42 -1.53
C GLU K 171 52.28 -62.31 -0.50
N HIS K 172 51.74 -62.38 0.71
CA HIS K 172 52.36 -63.15 1.80
C HIS K 172 51.74 -64.54 2.01
N ARG K 173 50.91 -64.96 1.06
CA ARG K 173 50.34 -66.31 1.02
C ARG K 173 49.60 -66.69 2.31
N LEU K 174 48.65 -65.85 2.68
CA LEU K 174 47.84 -66.06 3.88
C LEU K 174 46.38 -66.27 3.51
N ASP K 175 45.74 -67.20 4.19
CA ASP K 175 44.30 -67.41 4.03
C ASP K 175 43.56 -66.22 4.64
N ARG K 176 42.39 -65.95 4.07
CA ARG K 176 41.54 -64.85 4.52
C ARG K 176 40.15 -65.42 4.82
N ILE K 177 39.87 -65.53 6.11
CA ILE K 177 38.65 -66.14 6.60
C ILE K 177 37.72 -64.99 6.98
N PHE K 178 36.72 -64.75 6.13
CA PHE K 178 35.64 -63.81 6.42
C PHE K 178 34.47 -64.55 7.07
N LEU K 179 33.61 -63.79 7.73
CA LEU K 179 32.42 -64.35 8.38
C LEU K 179 31.17 -64.16 7.52
N VAL K 180 30.31 -65.17 7.52
CA VAL K 180 28.93 -65.03 7.03
C VAL K 180 27.96 -65.24 8.19
N ALA K 181 26.73 -64.76 8.01
CA ALA K 181 25.71 -64.80 9.06
C ALA K 181 24.38 -65.32 8.51
N PRO K 182 23.46 -65.77 9.40
CA PRO K 182 22.12 -66.16 8.94
C PRO K 182 21.40 -65.03 8.20
N SER K 183 21.60 -63.80 8.65
CA SER K 183 20.99 -62.61 8.03
C SER K 183 21.56 -62.24 6.66
N SER K 184 22.74 -62.76 6.32
CA SER K 184 23.41 -62.43 5.06
C SER K 184 22.50 -62.59 3.84
N THR K 185 22.41 -61.55 3.02
CA THR K 185 21.63 -61.61 1.77
C THR K 185 22.32 -62.57 0.80
N PRO K 186 21.58 -63.09 -0.20
CA PRO K 186 22.21 -63.97 -1.20
C PRO K 186 23.41 -63.36 -1.90
N GLU K 187 23.30 -62.10 -2.25
CA GLU K 187 24.35 -61.39 -2.97
C GLU K 187 25.63 -61.23 -2.15
N ARG K 188 25.46 -60.80 -0.89
CA ARG K 188 26.58 -60.60 0.04
C ARG K 188 27.21 -61.92 0.49
N LEU K 189 26.40 -62.95 0.64
CA LEU K 189 26.92 -64.30 0.92
C LEU K 189 27.83 -64.78 -0.20
N ALA K 190 27.38 -64.63 -1.45
CA ALA K 190 28.19 -64.99 -2.62
C ALA K 190 29.52 -64.21 -2.67
N ALA K 191 29.42 -62.89 -2.51
CA ALA K 191 30.60 -62.00 -2.49
C ALA K 191 31.61 -62.32 -1.37
N THR K 192 31.10 -62.70 -0.20
CA THR K 192 31.95 -63.02 0.96
C THR K 192 32.66 -64.37 0.78
N VAL K 193 31.94 -65.34 0.24
CA VAL K 193 32.50 -66.67 -0.03
C VAL K 193 33.59 -66.59 -1.12
N GLU K 194 33.28 -65.88 -2.20
CA GLU K 194 34.24 -65.59 -3.29
C GLU K 194 35.53 -64.92 -2.81
N ALA K 195 35.40 -64.00 -1.84
CA ALA K 195 36.55 -63.27 -1.27
C ALA K 195 37.39 -64.08 -0.27
N SER K 196 36.81 -65.18 0.24
CA SER K 196 37.48 -66.01 1.26
C SER K 196 38.41 -67.06 0.64
N ARG K 197 39.55 -67.29 1.31
CA ARG K 197 40.45 -68.42 1.01
C ARG K 197 40.67 -69.18 2.33
N GLY K 198 40.75 -70.51 2.23
CA GLY K 198 40.96 -71.36 3.40
C GLY K 198 39.66 -71.95 3.90
N PHE K 199 38.93 -71.16 4.70
CA PHE K 199 37.54 -71.48 5.07
C PHE K 199 36.70 -70.24 5.32
N VAL K 200 35.38 -70.44 5.38
CA VAL K 200 34.43 -69.40 5.73
C VAL K 200 33.91 -69.69 7.14
N TYR K 201 33.97 -68.68 8.00
CA TYR K 201 33.49 -68.78 9.38
C TYR K 201 32.00 -68.49 9.36
N ALA K 202 31.19 -69.53 9.47
CA ALA K 202 29.74 -69.39 9.59
C ALA K 202 29.37 -69.21 11.06
N ALA K 203 29.13 -67.96 11.44
CA ALA K 203 28.85 -67.60 12.84
C ALA K 203 27.36 -67.51 13.13
N SER K 204 26.96 -68.01 14.28
CA SER K 204 25.63 -67.73 14.87
C SER K 204 25.66 -67.81 16.37
N SER K 216 18.70 -72.97 16.13
CA SER K 216 17.84 -73.98 16.00
C SER K 216 18.25 -74.76 14.73
N GLN K 217 17.70 -74.43 13.56
CA GLN K 217 18.16 -74.99 12.29
C GLN K 217 18.96 -73.97 11.44
N ALA K 218 19.44 -72.91 12.09
CA ALA K 218 20.10 -71.79 11.40
C ALA K 218 21.49 -72.14 10.87
N ALA K 219 22.28 -72.82 11.70
CA ALA K 219 23.64 -73.26 11.34
C ALA K 219 23.70 -74.19 10.12
N PRO K 220 22.94 -75.32 10.11
CA PRO K 220 22.96 -76.17 8.90
C PRO K 220 22.41 -75.49 7.63
N GLU K 221 21.42 -74.62 7.81
CA GLU K 221 20.83 -73.84 6.72
C GLU K 221 21.83 -72.86 6.10
N LEU K 222 22.60 -72.20 6.96
CA LEU K 222 23.66 -71.28 6.52
C LEU K 222 24.81 -72.01 5.83
N VAL K 223 25.23 -73.14 6.41
CA VAL K 223 26.24 -73.99 5.77
C VAL K 223 25.75 -74.49 4.40
N GLY K 224 24.47 -74.89 4.34
CA GLY K 224 23.82 -75.30 3.09
C GLY K 224 23.88 -74.26 1.98
N ARG K 225 23.63 -72.99 2.34
CA ARG K 225 23.68 -71.87 1.39
C ARG K 225 25.09 -71.57 0.85
N VAL K 226 26.12 -71.79 1.68
CA VAL K 226 27.53 -71.66 1.24
C VAL K 226 27.91 -72.80 0.28
N LYS K 227 27.49 -74.02 0.61
CA LYS K 227 27.74 -75.20 -0.26
C LYS K 227 27.10 -75.10 -1.65
N ALA K 228 25.99 -74.36 -1.74
CA ALA K 228 25.27 -74.17 -3.02
C ALA K 228 26.01 -73.29 -4.04
N VAL K 229 26.95 -72.47 -3.57
CA VAL K 229 27.73 -71.57 -4.47
C VAL K 229 29.25 -71.82 -4.48
N SER K 230 29.75 -72.73 -3.64
CA SER K 230 31.21 -72.93 -3.50
C SER K 230 31.59 -74.22 -2.77
N ASP K 231 32.77 -74.74 -3.09
CA ASP K 231 33.33 -75.96 -2.47
C ASP K 231 34.34 -75.65 -1.35
N ILE K 232 34.45 -74.37 -0.97
CA ILE K 232 35.33 -73.95 0.13
C ILE K 232 34.84 -74.56 1.45
N PRO K 233 35.78 -75.02 2.32
CA PRO K 233 35.38 -75.48 3.64
C PRO K 233 34.65 -74.43 4.49
N VAL K 234 33.74 -74.92 5.32
CA VAL K 234 32.93 -74.06 6.20
C VAL K 234 33.15 -74.50 7.64
N GLY K 235 33.58 -73.54 8.48
CA GLY K 235 33.69 -73.75 9.91
C GLY K 235 32.44 -73.19 10.60
N VAL K 236 31.99 -73.86 11.65
CA VAL K 236 30.77 -73.45 12.36
C VAL K 236 31.06 -73.22 13.85
N GLY K 237 30.71 -72.03 14.31
CA GLY K 237 30.83 -71.62 15.71
C GLY K 237 29.46 -71.40 16.29
N LEU K 238 29.14 -72.14 17.35
CA LEU K 238 27.78 -72.26 17.86
C LEU K 238 27.72 -72.29 19.40
N GLY K 239 28.73 -71.74 20.06
CA GLY K 239 28.88 -71.90 21.53
C GLY K 239 28.96 -73.36 21.97
N VAL K 240 29.85 -74.10 21.33
CA VAL K 240 30.02 -75.54 21.57
C VAL K 240 30.67 -75.77 22.93
N ARG K 241 30.06 -76.61 23.75
CA ARG K 241 30.58 -76.95 25.08
C ARG K 241 30.97 -78.40 25.28
N SER K 242 30.46 -79.30 24.44
CA SER K 242 30.48 -80.72 24.72
C SER K 242 30.76 -81.58 23.51
N ARG K 243 31.07 -82.83 23.78
CA ARG K 243 31.35 -83.82 22.74
C ARG K 243 30.17 -84.01 21.78
N ALA K 244 28.99 -84.18 22.35
CA ALA K 244 27.75 -84.36 21.55
C ALA K 244 27.49 -83.20 20.59
N GLN K 245 27.68 -81.98 21.07
CA GLN K 245 27.47 -80.77 20.24
C GLN K 245 28.44 -80.68 19.06
N ALA K 246 29.71 -81.01 19.31
CA ALA K 246 30.73 -81.05 18.26
C ALA K 246 30.42 -82.13 17.21
N ALA K 247 29.84 -83.24 17.65
CA ALA K 247 29.46 -84.34 16.75
C ALA K 247 28.32 -83.96 15.81
N GLN K 248 27.30 -83.30 16.36
CA GLN K 248 26.17 -82.77 15.58
C GLN K 248 26.64 -81.85 14.45
N ILE K 249 27.55 -80.96 14.80
CA ILE K 249 28.10 -79.98 13.84
C ILE K 249 28.94 -80.65 12.77
N ALA K 250 29.70 -81.68 13.16
CA ALA K 250 30.58 -82.42 12.24
C ALA K 250 29.84 -83.18 11.11
N GLN K 251 28.55 -83.42 11.30
CA GLN K 251 27.69 -84.05 10.27
C GLN K 251 27.53 -83.23 9.00
N TYR K 252 27.55 -81.91 9.14
CA TYR K 252 27.38 -80.98 7.99
C TYR K 252 28.54 -79.99 7.74
N ALA K 253 29.26 -79.63 8.79
CA ALA K 253 30.37 -78.66 8.69
C ALA K 253 31.73 -79.35 8.50
N ASP K 254 32.62 -78.69 7.75
CA ASP K 254 33.98 -79.19 7.56
C ASP K 254 34.84 -78.91 8.80
N GLY K 255 34.47 -77.88 9.55
CA GLY K 255 35.17 -77.53 10.80
C GLY K 255 34.23 -77.18 11.92
N VAL K 256 34.63 -77.53 13.14
CA VAL K 256 33.93 -77.16 14.37
C VAL K 256 34.81 -76.17 15.12
N ILE K 257 34.28 -74.97 15.35
CA ILE K 257 35.01 -73.90 16.03
C ILE K 257 34.57 -73.82 17.48
N VAL K 258 35.53 -73.88 18.39
CA VAL K 258 35.29 -73.80 19.83
C VAL K 258 36.19 -72.72 20.45
N GLY K 259 35.62 -71.92 21.34
CA GLY K 259 36.33 -70.79 21.95
C GLY K 259 35.91 -70.54 23.38
N SER K 260 34.68 -70.05 23.56
CA SER K 260 34.12 -69.81 24.90
C SER K 260 34.41 -70.95 25.88
N ALA K 261 34.11 -72.17 25.45
CA ALA K 261 34.28 -73.35 26.31
C ALA K 261 35.75 -73.64 26.66
N LEU K 262 36.65 -73.37 25.73
CA LEU K 262 38.09 -73.54 25.97
C LEU K 262 38.61 -72.54 27.00
N VAL K 263 38.14 -71.30 26.92
CA VAL K 263 38.52 -70.27 27.90
C VAL K 263 38.01 -70.64 29.29
N THR K 264 36.73 -71.00 29.38
CA THR K 264 36.12 -71.50 30.63
C THR K 264 36.95 -72.64 31.23
N ALA K 265 37.39 -73.56 30.38
CA ALA K 265 38.19 -74.72 30.81
C ALA K 265 39.55 -74.30 31.37
N LEU K 266 40.24 -73.41 30.66
CA LEU K 266 41.54 -72.88 31.09
C LEU K 266 41.50 -72.11 32.42
N THR K 267 40.40 -71.39 32.65
CA THR K 267 40.18 -70.67 33.91
C THR K 267 40.18 -71.61 35.13
N GLU K 268 39.55 -72.77 34.99
CA GLU K 268 39.58 -73.80 36.05
C GLU K 268 40.98 -74.40 36.18
N GLY K 269 41.57 -74.75 35.05
CA GLY K 269 42.94 -75.25 35.03
C GLY K 269 43.39 -75.79 33.69
N LEU K 270 44.71 -75.87 33.53
CA LEU K 270 45.33 -76.42 32.32
C LEU K 270 44.98 -77.91 32.09
N PRO K 271 44.90 -78.73 33.17
CA PRO K 271 44.44 -80.12 32.97
C PRO K 271 43.00 -80.23 32.47
N ARG K 272 42.13 -79.36 32.99
CA ARG K 272 40.74 -79.29 32.54
C ARG K 272 40.62 -78.95 31.05
N LEU K 273 41.54 -78.13 30.53
CA LEU K 273 41.59 -77.80 29.10
C LEU K 273 41.96 -79.02 28.25
N ARG K 274 42.95 -79.78 28.70
CA ARG K 274 43.38 -81.00 27.99
C ARG K 274 42.24 -82.00 27.88
N ALA K 275 41.57 -82.23 29.00
CA ALA K 275 40.44 -83.17 29.07
C ALA K 275 39.31 -82.79 28.11
N LEU K 276 38.92 -81.51 28.15
CA LEU K 276 37.85 -81.00 27.27
C LEU K 276 38.24 -81.07 25.80
N THR K 277 39.46 -80.65 25.48
CA THR K 277 39.95 -80.67 24.10
C THR K 277 39.97 -82.11 23.54
N GLY K 278 40.37 -83.06 24.38
CA GLY K 278 40.32 -84.49 24.02
C GLY K 278 38.91 -85.03 23.78
N GLU K 279 37.96 -84.55 24.58
CA GLU K 279 36.54 -84.89 24.38
C GLU K 279 36.00 -84.33 23.06
N LEU K 280 36.35 -83.10 22.74
CA LEU K 280 35.95 -82.46 21.47
C LEU K 280 36.63 -83.10 20.26
N ALA K 281 37.87 -83.54 20.44
CA ALA K 281 38.60 -84.28 19.38
C ALA K 281 37.87 -85.57 19.00
N ALA K 282 37.34 -86.26 20.00
CA ALA K 282 36.53 -87.48 19.78
C ALA K 282 35.19 -87.16 19.10
N GLY K 283 34.61 -86.02 19.48
CA GLY K 283 33.35 -85.54 18.89
C GLY K 283 33.37 -85.37 17.39
N VAL K 284 34.40 -84.71 16.88
CA VAL K 284 34.51 -84.43 15.42
C VAL K 284 34.74 -85.68 14.54
N ARG K 285 35.21 -86.78 15.14
CA ARG K 285 35.45 -88.07 14.41
C ARG K 285 34.27 -88.99 14.18
N LEU K 286 33.14 -88.66 14.60
CA LEU K 286 32.02 -89.53 14.29
C LEU K 286 31.43 -89.43 12.99
N THR L 41 24.81 -34.70 -4.64
CA THR L 41 25.52 -33.58 -4.75
C THR L 41 27.02 -33.60 -4.70
N SER L 42 27.55 -32.39 -4.84
CA SER L 42 28.97 -32.14 -4.83
C SER L 42 29.69 -32.73 -3.60
N HIS L 43 29.02 -32.71 -2.45
CA HIS L 43 29.62 -33.12 -1.17
C HIS L 43 29.30 -34.55 -0.74
N ASP L 44 28.42 -35.24 -1.45
CA ASP L 44 28.03 -36.62 -1.11
C ASP L 44 29.14 -37.63 -1.40
N PRO L 45 29.14 -38.78 -0.69
CA PRO L 45 30.11 -39.83 -0.95
C PRO L 45 29.66 -40.70 -2.12
N ASP L 46 30.54 -41.61 -2.54
CA ASP L 46 30.18 -42.61 -3.55
C ASP L 46 29.18 -43.63 -2.96
N SER L 47 28.73 -44.57 -3.79
CA SER L 47 27.74 -45.59 -3.37
C SER L 47 28.22 -46.52 -2.24
N GLY L 48 29.54 -46.67 -2.10
CA GLY L 48 30.15 -47.38 -0.97
C GLY L 48 30.29 -46.58 0.32
N GLY L 49 30.04 -45.28 0.26
CA GLY L 49 30.09 -44.40 1.43
C GLY L 49 31.41 -43.69 1.65
N HIS L 50 32.22 -43.61 0.60
CA HIS L 50 33.55 -43.00 0.69
C HIS L 50 33.55 -41.52 0.30
N PHE L 51 34.14 -40.70 1.15
CA PHE L 51 34.38 -39.28 0.87
C PHE L 51 35.82 -39.09 0.39
N GLY L 52 35.97 -38.28 -0.66
CA GLY L 52 37.29 -37.83 -1.11
C GLY L 52 38.03 -38.82 -1.97
N GLY L 53 37.28 -39.78 -2.52
CA GLY L 53 37.81 -40.75 -3.42
C GLY L 53 38.50 -41.82 -2.73
N PRO L 54 39.71 -41.90 -3.10
CA PRO L 54 40.39 -43.03 -2.82
C PRO L 54 41.09 -43.06 -1.42
N SER L 55 41.11 -42.03 -0.77
CA SER L 55 41.52 -42.08 0.64
C SER L 55 40.66 -42.81 1.45
N GLY L 56 39.45 -42.62 1.07
CA GLY L 56 38.64 -43.39 1.58
C GLY L 56 38.04 -43.14 2.90
N TRP L 57 37.75 -41.89 3.24
CA TRP L 57 37.08 -41.62 4.50
C TRP L 57 35.66 -42.19 4.43
N GLY L 58 35.24 -42.81 5.52
CA GLY L 58 33.89 -43.36 5.62
C GLY L 58 33.86 -44.84 5.32
N GLY L 59 32.98 -45.23 4.41
CA GLY L 59 32.83 -46.62 4.04
C GLY L 59 32.07 -47.41 5.09
N ARG L 60 32.28 -48.73 5.08
CA ARG L 60 31.56 -49.67 5.94
C ARG L 60 32.51 -50.70 6.52
N TYR L 61 32.94 -50.49 7.75
CA TYR L 61 33.79 -51.45 8.46
C TYR L 61 32.95 -52.17 9.50
N VAL L 62 32.21 -53.14 8.99
CA VAL L 62 31.19 -53.87 9.72
C VAL L 62 31.29 -55.34 9.35
N PRO L 63 30.72 -56.24 10.18
CA PRO L 63 30.67 -57.64 9.81
C PRO L 63 29.61 -57.94 8.76
N GLU L 64 29.85 -58.97 7.96
CA GLU L 64 28.90 -59.42 6.93
C GLU L 64 27.51 -59.68 7.52
N ALA L 65 27.46 -60.12 8.77
CA ALA L 65 26.19 -60.30 9.52
C ALA L 65 25.28 -59.05 9.58
N LEU L 66 25.88 -57.87 9.49
CA LEU L 66 25.12 -56.59 9.45
C LEU L 66 24.77 -56.07 8.07
N MET L 67 25.35 -56.64 7.02
CA MET L 67 25.27 -56.01 5.70
C MET L 67 23.88 -56.06 5.05
N ALA L 68 23.12 -57.12 5.33
CA ALA L 68 21.73 -57.21 4.85
C ALA L 68 20.88 -56.03 5.35
N VAL L 69 20.96 -55.74 6.65
CA VAL L 69 20.16 -54.63 7.22
C VAL L 69 20.75 -53.26 6.87
N ILE L 70 22.07 -53.14 6.83
CA ILE L 70 22.71 -51.91 6.34
C ILE L 70 22.29 -51.58 4.90
N GLU L 71 22.29 -52.59 4.03
CA GLU L 71 21.82 -52.42 2.64
C GLU L 71 20.32 -52.11 2.57
N GLU L 72 19.55 -52.72 3.47
CA GLU L 72 18.10 -52.46 3.60
C GLU L 72 17.80 -51.00 3.97
N VAL L 73 18.52 -50.49 4.97
CA VAL L 73 18.38 -49.10 5.44
C VAL L 73 18.82 -48.10 4.37
N THR L 74 19.93 -48.41 3.71
CA THR L 74 20.47 -47.55 2.63
C THR L 74 19.46 -47.41 1.50
N ALA L 75 18.91 -48.54 1.05
CA ALA L 75 17.90 -48.55 -0.01
C ALA L 75 16.63 -47.80 0.38
N ALA L 76 16.19 -47.99 1.62
CA ALA L 76 14.98 -47.34 2.13
C ALA L 76 15.14 -45.83 2.23
N TYR L 77 16.32 -45.40 2.68
CA TYR L 77 16.66 -43.98 2.73
C TYR L 77 16.68 -43.33 1.33
N GLN L 78 17.32 -43.99 0.37
CA GLN L 78 17.39 -43.49 -1.02
C GLN L 78 16.00 -43.34 -1.64
N LYS L 79 15.13 -44.32 -1.36
CA LYS L 79 13.73 -44.25 -1.79
C LYS L 79 12.95 -43.11 -1.12
N GLU L 80 13.03 -43.03 0.21
CA GLU L 80 12.20 -42.09 0.98
C GLU L 80 12.65 -40.62 0.93
N ARG L 81 13.96 -40.37 0.81
CA ARG L 81 14.46 -38.98 0.69
C ARG L 81 13.90 -38.18 -0.51
N VAL L 82 13.40 -38.87 -1.54
CA VAL L 82 12.76 -38.22 -2.72
C VAL L 82 11.24 -38.44 -2.81
N SER L 83 10.66 -38.99 -1.75
CA SER L 83 9.21 -39.20 -1.66
C SER L 83 8.59 -37.97 -1.00
N GLN L 84 7.70 -37.31 -1.72
CA GLN L 84 7.03 -36.12 -1.19
C GLN L 84 6.21 -36.41 0.10
N ASP L 85 5.58 -37.58 0.15
CA ASP L 85 4.83 -37.99 1.34
C ASP L 85 5.72 -38.02 2.58
N PHE L 86 6.91 -38.58 2.44
CA PHE L 86 7.87 -38.67 3.55
C PHE L 86 8.35 -37.29 3.97
N LEU L 87 8.72 -36.47 3.00
CA LEU L 87 9.21 -35.11 3.28
C LEU L 87 8.11 -34.23 3.88
N ASP L 88 6.89 -34.39 3.41
CA ASP L 88 5.71 -33.72 4.00
C ASP L 88 5.51 -34.13 5.47
N ASP L 89 5.61 -35.43 5.75
CA ASP L 89 5.47 -35.94 7.11
C ASP L 89 6.56 -35.40 8.04
N LEU L 90 7.80 -35.40 7.54
CA LEU L 90 8.93 -34.89 8.31
C LEU L 90 8.77 -33.40 8.59
N ASP L 91 8.37 -32.66 7.56
CA ASP L 91 8.15 -31.21 7.65
C ASP L 91 7.06 -30.84 8.65
N ARG L 92 5.94 -31.54 8.56
CA ARG L 92 4.78 -31.32 9.45
C ARG L 92 5.17 -31.52 10.92
N LEU L 93 5.94 -32.57 11.20
CA LEU L 93 6.45 -32.82 12.54
C LEU L 93 7.49 -31.77 12.99
N GLN L 94 8.40 -31.39 12.10
CA GLN L 94 9.39 -30.34 12.43
C GLN L 94 8.74 -29.03 12.85
N ALA L 95 7.68 -28.64 12.13
CA ALA L 95 6.97 -27.40 12.41
C ALA L 95 6.10 -27.51 13.67
N ASN L 96 5.12 -28.39 13.63
CA ASN L 96 4.07 -28.44 14.65
C ASN L 96 4.44 -29.17 15.94
N TYR L 97 5.38 -30.10 15.85
CA TYR L 97 5.76 -30.95 17.01
C TYR L 97 7.07 -30.48 17.65
N ALA L 98 8.09 -30.30 16.82
CA ALA L 98 9.43 -29.93 17.29
C ALA L 98 9.66 -28.43 17.44
N GLY L 99 8.80 -27.62 16.81
CA GLY L 99 8.88 -26.16 16.93
C GLY L 99 9.86 -25.43 16.03
N ARG L 100 10.18 -26.00 14.88
CA ARG L 100 11.06 -25.32 13.90
C ARG L 100 10.34 -24.18 13.18
N PRO L 101 11.06 -23.16 12.71
CA PRO L 101 12.49 -22.97 12.87
C PRO L 101 12.91 -22.57 14.28
N SER L 102 14.15 -22.88 14.63
CA SER L 102 14.75 -22.34 15.83
C SER L 102 15.24 -20.94 15.50
N PRO L 103 15.20 -20.03 16.47
CA PRO L 103 15.62 -18.67 16.18
C PRO L 103 17.13 -18.49 16.15
N LEU L 104 17.56 -17.35 15.61
CA LEU L 104 18.94 -16.91 15.64
C LEU L 104 18.96 -15.65 16.50
N TYR L 105 19.75 -15.67 17.58
CA TYR L 105 19.75 -14.58 18.57
C TYR L 105 21.12 -13.91 18.71
N GLU L 106 21.17 -12.60 18.52
CA GLU L 106 22.43 -11.87 18.69
C GLU L 106 22.68 -11.63 20.17
N ALA L 107 23.69 -12.31 20.71
CA ALA L 107 24.06 -12.21 22.12
C ALA L 107 24.97 -11.01 22.37
N THR L 108 24.36 -9.83 22.43
CA THR L 108 25.10 -8.55 22.47
C THR L 108 25.91 -8.35 23.76
N ARG L 109 25.44 -8.94 24.86
CA ARG L 109 26.15 -8.86 26.16
C ARG L 109 27.39 -9.76 26.23
N LEU L 110 27.53 -10.69 25.30
CA LEU L 110 28.78 -11.46 25.13
C LEU L 110 29.85 -10.70 24.39
N SER L 111 29.46 -9.67 23.63
CA SER L 111 30.36 -9.02 22.67
C SER L 111 31.67 -8.53 23.29
N GLN L 112 31.58 -7.89 24.45
CA GLN L 112 32.78 -7.35 25.13
C GLN L 112 33.73 -8.45 25.62
N HIS L 113 33.23 -9.68 25.77
CA HIS L 113 34.06 -10.84 26.13
C HIS L 113 34.61 -11.60 24.90
N ALA L 114 34.30 -11.09 23.72
CA ALA L 114 34.68 -11.73 22.45
C ALA L 114 35.32 -10.72 21.48
N GLY L 115 36.17 -9.85 22.01
CA GLY L 115 36.85 -8.81 21.21
C GLY L 115 35.94 -7.84 20.46
N SER L 116 34.76 -7.59 21.03
CA SER L 116 33.71 -6.75 20.40
C SER L 116 33.15 -7.33 19.09
N ALA L 117 33.38 -8.61 18.85
CA ALA L 117 32.75 -9.32 17.75
C ALA L 117 31.26 -9.53 18.06
N ARG L 118 30.51 -9.94 17.06
CA ARG L 118 29.06 -10.14 17.20
C ARG L 118 28.74 -11.62 17.16
N ILE L 119 28.40 -12.16 18.33
CA ILE L 119 28.06 -13.57 18.50
C ILE L 119 26.55 -13.80 18.27
N PHE L 120 26.22 -14.59 17.26
CA PHE L 120 24.84 -14.98 16.99
C PHE L 120 24.65 -16.43 17.40
N LEU L 121 23.68 -16.68 18.27
CA LEU L 121 23.41 -18.02 18.77
C LEU L 121 22.26 -18.66 18.00
N LYS L 122 22.54 -19.77 17.32
CA LYS L 122 21.51 -20.55 16.63
C LYS L 122 20.90 -21.45 17.69
N ARG L 123 19.63 -21.20 18.02
CA ARG L 123 19.02 -21.70 19.27
C ARG L 123 18.38 -23.09 19.17
N GLU L 124 19.21 -24.10 18.91
CA GLU L 124 18.73 -25.49 18.89
C GLU L 124 18.28 -25.94 20.29
N ASP L 125 18.76 -25.25 21.33
CA ASP L 125 18.30 -25.45 22.71
C ASP L 125 16.79 -25.31 22.93
N LEU L 126 16.11 -24.58 22.04
CA LEU L 126 14.67 -24.40 22.13
C LEU L 126 13.83 -25.48 21.43
N ASN L 127 14.47 -26.43 20.75
CA ASN L 127 13.72 -27.54 20.12
C ASN L 127 13.06 -28.41 21.17
N HIS L 128 11.99 -29.08 20.77
CA HIS L 128 11.39 -30.15 21.58
C HIS L 128 12.46 -31.16 21.99
N THR L 129 12.48 -31.48 23.28
CA THR L 129 13.48 -32.35 23.95
C THR L 129 14.77 -31.62 24.33
N GLY L 130 15.00 -30.43 23.79
CA GLY L 130 16.08 -29.55 24.24
C GLY L 130 17.40 -29.67 23.52
N SER L 131 17.39 -30.24 22.32
CA SER L 131 18.60 -30.29 21.50
C SER L 131 18.31 -30.52 20.04
N HIS L 132 19.37 -30.39 19.25
CA HIS L 132 19.36 -30.77 17.83
C HIS L 132 19.06 -32.24 17.52
N LYS L 133 19.26 -33.12 18.50
CA LYS L 133 19.08 -34.56 18.26
C LYS L 133 17.74 -34.92 17.66
N ILE L 134 16.70 -34.18 18.05
CA ILE L 134 15.34 -34.44 17.56
C ILE L 134 15.22 -34.39 16.03
N ASN L 135 16.03 -33.55 15.38
CA ASN L 135 15.97 -33.41 13.90
C ASN L 135 16.22 -34.74 13.18
N ASN L 136 17.35 -35.34 13.54
CA ASN L 136 17.77 -36.65 13.03
C ASN L 136 16.80 -37.78 13.44
N VAL L 137 16.35 -37.74 14.68
CA VAL L 137 15.47 -38.78 15.21
C VAL L 137 14.12 -38.85 14.47
N LEU L 138 13.51 -37.71 14.20
CA LEU L 138 12.21 -37.70 13.50
C LEU L 138 12.33 -38.30 12.10
N GLY L 139 13.42 -37.95 11.42
CA GLY L 139 13.74 -38.54 10.12
C GLY L 139 13.91 -40.05 10.17
N GLN L 140 14.80 -40.52 11.05
CA GLN L 140 15.09 -41.95 11.16
C GLN L 140 13.93 -42.77 11.73
N ALA L 141 13.16 -42.19 12.64
CA ALA L 141 12.01 -42.88 13.22
C ALA L 141 10.89 -43.06 12.20
N LEU L 142 10.63 -42.01 11.43
CA LEU L 142 9.68 -42.11 10.29
C LEU L 142 10.14 -43.18 9.31
N LEU L 143 11.45 -43.23 9.06
CA LEU L 143 12.04 -44.23 8.17
C LEU L 143 11.88 -45.66 8.72
N ALA L 144 12.04 -45.82 10.02
CA ALA L 144 11.89 -47.14 10.65
C ALA L 144 10.49 -47.69 10.42
N ARG L 145 9.50 -46.83 10.59
CA ARG L 145 8.11 -47.16 10.35
C ARG L 145 7.80 -47.48 8.88
N ARG L 146 8.39 -46.71 7.96
CA ARG L 146 8.26 -46.98 6.51
C ARG L 146 8.81 -48.37 6.12
N MET L 147 9.90 -48.76 6.77
CA MET L 147 10.55 -50.08 6.55
C MET L 147 9.82 -51.26 7.20
N GLY L 148 8.84 -50.98 8.05
CA GLY L 148 8.10 -52.03 8.74
C GLY L 148 8.82 -52.62 9.95
N LYS L 149 9.85 -51.94 10.43
CA LYS L 149 10.55 -52.35 11.66
C LYS L 149 9.66 -52.09 12.88
N THR L 150 9.71 -52.99 13.85
CA THR L 150 8.83 -52.90 15.05
C THR L 150 9.54 -52.59 16.36
N ARG L 151 10.83 -52.31 16.27
CA ARG L 151 11.67 -52.09 17.44
C ARG L 151 12.78 -51.13 17.07
N VAL L 152 13.03 -50.14 17.93
CA VAL L 152 14.09 -49.18 17.68
C VAL L 152 15.09 -49.25 18.83
N ILE L 153 16.38 -49.24 18.49
CA ILE L 153 17.44 -49.14 19.49
C ILE L 153 18.31 -47.92 19.24
N ALA L 154 18.88 -47.42 20.33
CA ALA L 154 19.78 -46.29 20.26
C ALA L 154 20.79 -46.29 21.40
N GLU L 155 21.93 -45.68 21.13
CA GLU L 155 22.95 -45.35 22.12
C GLU L 155 22.74 -43.92 22.61
N THR L 156 23.15 -43.61 23.83
CA THR L 156 23.19 -42.22 24.25
C THR L 156 24.29 -41.97 25.28
N GLY L 157 24.87 -40.78 25.24
CA GLY L 157 25.90 -40.35 26.19
C GLY L 157 25.35 -39.27 27.12
N ALA L 158 25.04 -38.11 26.54
CA ALA L 158 24.38 -37.03 27.29
C ALA L 158 22.92 -37.35 27.65
N GLY L 159 22.32 -38.32 26.97
CA GLY L 159 20.91 -38.68 27.19
C GLY L 159 19.92 -37.91 26.33
N GLN L 160 20.41 -36.99 25.51
CA GLN L 160 19.56 -36.16 24.65
C GLN L 160 19.09 -36.93 23.44
N HIS L 161 19.98 -37.74 22.86
CA HIS L 161 19.59 -38.62 21.75
C HIS L 161 18.67 -39.73 22.24
N GLY L 162 18.95 -40.26 23.42
CA GLY L 162 18.08 -41.24 24.06
C GLY L 162 16.67 -40.71 24.27
N VAL L 163 16.58 -39.50 24.82
CA VAL L 163 15.29 -38.85 25.08
C VAL L 163 14.55 -38.55 23.77
N ALA L 164 15.27 -38.03 22.79
CA ALA L 164 14.67 -37.77 21.47
C ALA L 164 14.14 -39.06 20.82
N THR L 165 14.95 -40.12 20.85
CA THR L 165 14.53 -41.42 20.30
C THR L 165 13.28 -41.97 21.00
N ALA L 166 13.30 -41.92 22.33
CA ALA L 166 12.12 -42.32 23.16
C ALA L 166 10.86 -41.52 22.83
N THR L 167 11.05 -40.21 22.73
CA THR L 167 10.02 -39.28 22.28
C THR L 167 9.39 -39.73 20.95
N ALA L 168 10.20 -39.91 19.91
CA ALA L 168 9.69 -40.30 18.59
C ALA L 168 9.00 -41.68 18.61
N CYS L 169 9.56 -42.60 19.38
CA CYS L 169 8.97 -43.93 19.51
C CYS L 169 7.63 -43.94 20.26
N ALA L 170 7.48 -43.05 21.24
CA ALA L 170 6.19 -42.83 21.90
C ALA L 170 5.16 -42.32 20.89
N LEU L 171 5.59 -41.29 20.17
CA LEU L 171 4.78 -40.65 19.13
C LEU L 171 4.31 -41.63 18.04
N LEU L 172 5.18 -42.54 17.65
CA LEU L 172 4.89 -43.47 16.54
C LEU L 172 4.52 -44.89 16.97
N GLY L 173 4.57 -45.17 18.28
CA GLY L 173 4.16 -46.48 18.79
C GLY L 173 5.14 -47.61 18.49
N LEU L 174 6.43 -47.30 18.58
CA LEU L 174 7.50 -48.28 18.38
C LEU L 174 8.08 -48.68 19.71
N ASP L 175 8.42 -49.97 19.89
CA ASP L 175 9.21 -50.40 21.06
C ASP L 175 10.60 -49.76 21.01
N CYS L 176 11.10 -49.35 22.17
CA CYS L 176 12.32 -48.57 22.27
C CYS L 176 13.25 -49.07 23.38
N VAL L 177 14.52 -49.26 23.02
CA VAL L 177 15.55 -49.67 23.97
C VAL L 177 16.77 -48.76 23.80
N ILE L 178 17.14 -48.06 24.87
CA ILE L 178 18.27 -47.14 24.84
C ILE L 178 19.43 -47.73 25.64
N TYR L 179 20.61 -47.77 25.03
CA TYR L 179 21.87 -48.19 25.69
C TYR L 179 22.64 -46.96 26.14
N MET L 180 23.01 -46.95 27.41
CA MET L 180 23.66 -45.79 28.03
C MET L 180 24.74 -46.29 28.98
N GLY L 181 25.94 -45.73 28.83
CA GLY L 181 27.06 -46.09 29.71
C GLY L 181 26.76 -45.78 31.17
N GLY L 182 27.22 -46.64 32.06
CA GLY L 182 26.94 -46.52 33.50
C GLY L 182 27.39 -45.24 34.18
N ILE L 183 28.51 -44.68 33.73
CA ILE L 183 29.01 -43.39 34.22
C ILE L 183 28.09 -42.26 33.74
N ASP L 184 27.59 -42.39 32.52
CA ASP L 184 26.63 -41.43 31.95
C ASP L 184 25.24 -41.48 32.63
N THR L 185 24.77 -42.67 33.00
CA THR L 185 23.48 -42.78 33.70
C THR L 185 23.50 -41.99 35.01
N ALA L 186 24.65 -42.00 35.68
CA ALA L 186 24.84 -41.29 36.95
C ALA L 186 24.91 -39.76 36.79
N ARG L 187 25.70 -39.29 35.83
CA ARG L 187 25.90 -37.82 35.63
C ARG L 187 24.86 -37.15 34.71
N GLN L 188 24.00 -37.94 34.05
CA GLN L 188 22.89 -37.39 33.25
C GLN L 188 21.55 -38.03 33.66
N ALA L 189 21.37 -38.19 34.97
CA ALA L 189 20.23 -38.94 35.54
C ALA L 189 18.85 -38.38 35.23
N LEU L 190 18.76 -37.07 35.05
CA LEU L 190 17.51 -36.44 34.63
C LEU L 190 17.00 -37.06 33.33
N ASN L 191 17.91 -37.24 32.38
CA ASN L 191 17.54 -37.84 31.09
C ASN L 191 17.19 -39.33 31.16
N VAL L 192 17.77 -40.07 32.09
CA VAL L 192 17.38 -41.47 32.30
C VAL L 192 15.90 -41.54 32.71
N ALA L 193 15.51 -40.69 33.65
CA ALA L 193 14.13 -40.68 34.17
C ALA L 193 13.13 -40.22 33.11
N ARG L 194 13.51 -39.23 32.29
CA ARG L 194 12.69 -38.81 31.13
C ARG L 194 12.46 -39.95 30.15
N MET L 195 13.52 -40.64 29.78
CA MET L 195 13.43 -41.79 28.89
C MET L 195 12.46 -42.86 29.43
N ARG L 196 12.54 -43.14 30.72
CA ARG L 196 11.68 -44.14 31.37
C ARG L 196 10.20 -43.68 31.37
N LEU L 197 9.97 -42.40 31.66
CA LEU L 197 8.61 -41.82 31.60
C LEU L 197 8.02 -41.88 30.20
N LEU L 198 8.88 -41.69 29.20
CA LEU L 198 8.49 -41.79 27.79
C LEU L 198 8.24 -43.22 27.29
N GLY L 199 8.44 -44.22 28.13
CA GLY L 199 8.14 -45.61 27.79
C GLY L 199 9.30 -46.39 27.21
N ALA L 200 10.48 -45.79 27.20
CA ALA L 200 11.68 -46.47 26.70
C ALA L 200 12.29 -47.33 27.80
N GLU L 201 12.82 -48.47 27.39
CA GLU L 201 13.68 -49.27 28.27
C GLU L 201 15.07 -48.73 28.21
N VAL L 202 15.71 -48.62 29.37
CA VAL L 202 17.09 -48.15 29.45
C VAL L 202 18.00 -49.24 30.02
N VAL L 203 19.05 -49.56 29.27
CA VAL L 203 20.05 -50.55 29.66
C VAL L 203 21.38 -49.85 29.95
N ALA L 204 21.81 -49.95 31.20
CA ALA L 204 23.07 -49.36 31.65
C ALA L 204 24.22 -50.25 31.22
N VAL L 205 25.16 -49.70 30.46
CA VAL L 205 26.29 -50.47 29.93
C VAL L 205 27.50 -50.31 30.86
N GLN L 206 28.00 -51.45 31.37
CA GLN L 206 29.10 -51.45 32.37
C GLN L 206 30.48 -51.84 31.82
N THR L 207 30.56 -52.09 30.51
CA THR L 207 31.82 -52.49 29.86
C THR L 207 32.69 -51.29 29.48
N GLY L 208 33.97 -51.55 29.30
CA GLY L 208 34.95 -50.54 28.89
C GLY L 208 34.97 -49.30 29.76
N SER L 209 34.90 -48.13 29.12
CA SER L 209 34.86 -46.85 29.82
C SER L 209 33.49 -46.43 30.37
N LYS L 210 32.45 -47.25 30.12
CA LYS L 210 31.07 -47.00 30.60
C LYS L 210 30.51 -45.64 30.15
N THR L 211 30.88 -45.26 28.93
CA THR L 211 30.48 -43.99 28.34
C THR L 211 30.03 -44.29 26.90
N LEU L 212 29.92 -43.24 26.09
CA LEU L 212 29.26 -43.32 24.78
C LEU L 212 29.80 -44.41 23.86
N LYS L 213 31.11 -44.57 23.79
CA LYS L 213 31.68 -45.56 22.85
C LYS L 213 31.25 -46.98 23.23
N ASP L 214 31.05 -47.19 24.53
CA ASP L 214 30.72 -48.50 25.05
C ASP L 214 29.24 -48.78 24.87
N ALA L 215 28.42 -47.74 25.02
CA ALA L 215 27.00 -47.82 24.69
C ALA L 215 26.82 -48.16 23.21
N ILE L 216 27.64 -47.57 22.34
CA ILE L 216 27.57 -47.85 20.90
C ILE L 216 27.89 -49.31 20.61
N ASN L 217 28.93 -49.82 21.27
CA ASN L 217 29.31 -51.23 21.12
C ASN L 217 28.14 -52.18 21.48
N GLU L 218 27.45 -51.89 22.58
CA GLU L 218 26.34 -52.75 23.01
C GLU L 218 25.14 -52.71 22.08
N ALA L 219 24.81 -51.51 21.63
CA ALA L 219 23.70 -51.31 20.67
C ALA L 219 24.02 -52.02 19.35
N PHE L 220 25.27 -51.96 18.94
CA PHE L 220 25.74 -52.70 17.76
C PHE L 220 25.48 -54.21 17.90
N ARG L 221 25.84 -54.77 19.05
N ARG L 221 25.84 -54.77 19.05
CA ARG L 221 25.64 -56.21 19.31
CA ARG L 221 25.66 -56.20 19.33
C ARG L 221 24.17 -56.60 19.30
C ARG L 221 24.18 -56.61 19.35
N ASP L 222 23.33 -55.72 19.84
CA ASP L 222 21.88 -55.90 19.80
C ASP L 222 21.42 -55.97 18.33
N TRP L 223 21.87 -55.01 17.52
CA TRP L 223 21.44 -54.93 16.11
C TRP L 223 21.86 -56.16 15.31
N VAL L 224 23.08 -56.61 15.54
CA VAL L 224 23.59 -57.84 14.92
C VAL L 224 22.64 -59.01 15.19
N ALA L 225 22.20 -59.16 16.44
CA ALA L 225 21.30 -60.25 16.85
C ALA L 225 19.84 -60.08 16.37
N ASN L 226 19.36 -58.84 16.29
CA ASN L 226 17.92 -58.55 16.06
C ASN L 226 17.63 -57.74 14.80
N ALA L 227 18.52 -57.83 13.82
CA ALA L 227 18.45 -57.08 12.55
C ALA L 227 17.13 -57.18 11.80
N ASP L 228 16.53 -58.38 11.82
CA ASP L 228 15.27 -58.59 11.05
C ASP L 228 14.09 -57.71 11.45
N ASN L 229 13.98 -57.41 12.74
CA ASN L 229 12.88 -56.60 13.28
C ASN L 229 13.29 -55.21 13.80
N THR L 230 14.60 -54.99 13.99
CA THR L 230 15.10 -53.82 14.71
C THR L 230 15.79 -52.80 13.80
N TYR L 231 15.42 -51.53 14.00
CA TYR L 231 16.07 -50.38 13.40
C TYR L 231 17.05 -49.77 14.42
N TYR L 232 18.27 -49.49 13.99
CA TYR L 232 19.24 -48.79 14.84
C TYR L 232 19.23 -47.30 14.51
N CYS L 233 18.67 -46.53 15.43
CA CYS L 233 18.59 -45.08 15.32
C CYS L 233 19.88 -44.46 15.85
N PHE L 234 20.87 -44.34 14.98
CA PHE L 234 22.18 -43.83 15.36
C PHE L 234 22.17 -42.31 15.42
N GLY L 235 22.69 -41.77 16.52
CA GLY L 235 22.50 -40.36 16.88
C GLY L 235 23.57 -39.34 16.50
N THR L 236 24.64 -39.77 15.84
CA THR L 236 25.65 -38.83 15.39
C THR L 236 26.12 -39.13 13.97
N ALA L 237 26.92 -38.22 13.42
CA ALA L 237 27.31 -38.28 12.01
C ALA L 237 28.58 -39.13 11.80
N ALA L 238 28.54 -40.33 12.35
CA ALA L 238 29.60 -41.32 12.22
C ALA L 238 28.94 -42.64 11.84
N GLY L 239 29.67 -43.74 11.97
CA GLY L 239 29.13 -45.05 11.63
C GLY L 239 29.36 -45.42 10.17
N PRO L 240 28.93 -46.63 9.80
CA PRO L 240 29.05 -47.04 8.41
C PRO L 240 28.02 -46.31 7.57
N HIS L 241 28.31 -46.17 6.28
CA HIS L 241 27.31 -45.76 5.30
C HIS L 241 26.06 -46.63 5.53
N PRO L 242 24.87 -46.03 5.62
CA PRO L 242 24.54 -44.68 5.23
C PRO L 242 24.46 -43.62 6.35
N PHE L 243 24.87 -43.95 7.56
CA PHE L 243 24.60 -43.08 8.72
C PHE L 243 25.22 -41.68 8.68
N PRO L 244 26.51 -41.55 8.31
CA PRO L 244 27.07 -40.20 8.23
C PRO L 244 26.33 -39.26 7.28
N THR L 245 25.97 -39.77 6.11
CA THR L 245 25.24 -38.97 5.12
C THR L 245 23.79 -38.72 5.54
N MET L 246 23.12 -39.76 6.01
CA MET L 246 21.72 -39.65 6.45
C MET L 246 21.55 -38.72 7.66
N VAL L 247 22.40 -38.88 8.67
CA VAL L 247 22.32 -38.03 9.86
C VAL L 247 22.54 -36.56 9.47
N ARG L 248 23.56 -36.33 8.65
CA ARG L 248 23.85 -34.98 8.13
C ARG L 248 22.68 -34.40 7.32
N ASP L 249 22.09 -35.20 6.43
CA ASP L 249 20.92 -34.75 5.66
C ASP L 249 19.75 -34.33 6.56
N PHE L 250 19.51 -35.05 7.64
CA PHE L 250 18.46 -34.65 8.58
C PHE L 250 18.84 -33.42 9.44
N GLN L 251 20.13 -33.19 9.66
CA GLN L 251 20.59 -32.01 10.43
C GLN L 251 20.87 -30.74 9.60
N ARG L 252 20.98 -30.91 8.28
CA ARG L 252 21.19 -29.80 7.32
C ARG L 252 20.27 -28.60 7.52
N ILE L 253 19.04 -28.90 7.93
CA ILE L 253 18.03 -27.88 8.24
C ILE L 253 18.57 -26.76 9.14
N ILE L 254 19.48 -27.08 10.05
CA ILE L 254 20.04 -26.08 10.98
C ILE L 254 20.76 -24.99 10.19
N GLY L 255 21.70 -25.42 9.34
CA GLY L 255 22.50 -24.52 8.53
C GLY L 255 21.72 -23.76 7.48
N MET L 256 20.73 -24.42 6.89
CA MET L 256 19.87 -23.77 5.90
C MET L 256 19.08 -22.63 6.52
N GLU L 257 18.52 -22.86 7.69
CA GLU L 257 17.83 -21.81 8.44
C GLU L 257 18.82 -20.71 8.82
N ALA L 258 19.97 -21.10 9.36
CA ALA L 258 20.97 -20.14 9.85
C ALA L 258 21.46 -19.22 8.74
N ARG L 259 21.69 -19.78 7.56
CA ARG L 259 22.20 -19.02 6.44
C ARG L 259 21.24 -17.92 6.00
N VAL L 260 19.95 -18.25 5.97
CA VAL L 260 18.89 -17.29 5.66
C VAL L 260 18.76 -16.25 6.77
N GLN L 261 18.71 -16.72 8.02
CA GLN L 261 18.51 -15.86 9.19
C GLN L 261 19.61 -14.81 9.38
N ILE L 262 20.87 -15.23 9.23
CA ILE L 262 22.01 -14.32 9.40
C ILE L 262 22.04 -13.23 8.30
N GLN L 263 21.71 -13.60 7.07
CA GLN L 263 21.61 -12.62 5.98
C GLN L 263 20.50 -11.61 6.26
N GLY L 264 19.38 -12.10 6.77
CA GLY L 264 18.28 -11.23 7.18
C GLY L 264 18.62 -10.26 8.31
N GLN L 265 19.25 -10.77 9.37
CA GLN L 265 19.53 -9.97 10.58
C GLN L 265 20.79 -9.11 10.49
N ALA L 266 21.84 -9.67 9.89
CA ALA L 266 23.13 -8.96 9.80
C ALA L 266 23.39 -8.33 8.43
N GLY L 267 22.59 -8.69 7.42
CA GLY L 267 22.74 -8.14 6.06
C GLY L 267 23.82 -8.77 5.20
N ARG L 268 24.42 -9.86 5.67
CA ARG L 268 25.51 -10.54 4.97
C ARG L 268 25.79 -11.90 5.57
N LEU L 269 26.58 -12.69 4.86
CA LEU L 269 27.05 -13.98 5.37
C LEU L 269 28.03 -13.75 6.52
N PRO L 270 28.13 -14.71 7.45
CA PRO L 270 29.03 -14.51 8.58
C PRO L 270 30.50 -14.58 8.21
N ASP L 271 31.33 -14.10 9.12
CA ASP L 271 32.77 -14.24 8.99
C ASP L 271 33.17 -15.64 9.42
N ALA L 272 32.45 -16.20 10.40
CA ALA L 272 32.64 -17.58 10.82
C ALA L 272 31.36 -18.24 11.29
N VAL L 273 31.33 -19.56 11.15
CA VAL L 273 30.31 -20.42 11.76
C VAL L 273 31.00 -21.49 12.58
N VAL L 274 30.60 -21.64 13.85
CA VAL L 274 31.25 -22.57 14.78
C VAL L 274 30.28 -23.47 15.52
N ALA L 275 30.80 -24.62 15.95
CA ALA L 275 30.03 -25.62 16.69
C ALA L 275 30.95 -26.54 17.49
N CYS L 276 30.39 -27.20 18.50
CA CYS L 276 31.12 -28.25 19.18
C CYS L 276 31.05 -29.54 18.37
N VAL L 277 32.01 -30.42 18.58
CA VAL L 277 32.14 -31.67 17.81
C VAL L 277 32.34 -32.87 18.73
N GLY L 278 31.29 -33.68 18.84
CA GLY L 278 31.34 -34.99 19.49
C GLY L 278 31.67 -35.98 18.38
N GLY L 279 30.66 -36.69 17.90
CA GLY L 279 30.76 -37.48 16.67
C GLY L 279 30.62 -36.61 15.43
N GLY L 280 29.88 -35.50 15.56
CA GLY L 280 29.84 -34.45 14.52
C GLY L 280 28.53 -34.00 13.90
N SER L 281 27.39 -34.42 14.45
CA SER L 281 26.09 -34.16 13.81
C SER L 281 25.63 -32.69 13.83
N ASN L 282 25.72 -32.03 14.99
CA ASN L 282 25.29 -30.61 15.09
C ASN L 282 26.21 -29.69 14.28
N ALA L 283 27.50 -30.00 14.29
CA ALA L 283 28.52 -29.24 13.52
C ALA L 283 28.31 -29.37 12.03
N ILE L 284 28.22 -30.60 11.55
CA ILE L 284 27.99 -30.83 10.12
C ILE L 284 26.61 -30.27 9.70
N GLY L 285 25.64 -30.32 10.60
CA GLY L 285 24.31 -29.77 10.33
C GLY L 285 24.33 -28.28 10.03
N ILE L 286 25.01 -27.52 10.89
CA ILE L 286 25.10 -26.07 10.71
C ILE L 286 26.12 -25.68 9.61
N PHE L 287 27.19 -26.46 9.45
CA PHE L 287 28.25 -26.13 8.46
C PHE L 287 27.81 -26.32 7.01
N HIS L 288 26.94 -27.29 6.76
CA HIS L 288 26.79 -27.81 5.39
C HIS L 288 26.34 -26.78 4.37
N ALA L 289 25.45 -25.90 4.79
CA ALA L 289 24.92 -24.83 3.93
C ALA L 289 25.93 -23.73 3.61
N PHE L 290 27.01 -23.65 4.38
CA PHE L 290 28.06 -22.67 4.17
C PHE L 290 29.30 -23.23 3.45
N LEU L 291 29.31 -24.52 3.11
CA LEU L 291 30.52 -25.14 2.51
C LEU L 291 31.01 -24.42 1.25
N ASP L 292 30.08 -24.01 0.39
CA ASP L 292 30.42 -23.34 -0.88
C ASP L 292 30.48 -21.80 -0.83
N ASP L 293 30.45 -21.23 0.38
CA ASP L 293 30.68 -19.79 0.59
C ASP L 293 32.15 -19.62 1.05
N PRO L 294 33.05 -19.23 0.14
CA PRO L 294 34.49 -19.31 0.43
C PRO L 294 35.02 -18.38 1.54
N GLY L 295 34.33 -17.27 1.79
CA GLY L 295 34.69 -16.33 2.87
C GLY L 295 34.21 -16.68 4.27
N VAL L 296 33.41 -17.72 4.40
CA VAL L 296 32.89 -18.16 5.69
C VAL L 296 33.82 -19.20 6.33
N ARG L 297 34.57 -18.79 7.36
CA ARG L 297 35.42 -19.70 8.12
C ARG L 297 34.49 -20.69 8.84
N LEU L 298 34.95 -21.92 8.98
CA LEU L 298 34.22 -22.95 9.71
C LEU L 298 35.16 -23.55 10.75
N VAL L 299 34.73 -23.51 12.01
CA VAL L 299 35.55 -24.00 13.11
C VAL L 299 34.76 -24.95 14.00
N GLY L 300 35.26 -26.17 14.14
CA GLY L 300 34.71 -27.15 15.07
C GLY L 300 35.56 -27.16 16.33
N PHE L 301 34.90 -27.22 17.47
CA PHE L 301 35.60 -27.24 18.76
C PHE L 301 35.36 -28.58 19.46
N GLU L 302 36.46 -29.28 19.72
CA GLU L 302 36.43 -30.61 20.36
C GLU L 302 36.83 -30.52 21.84
N ALA L 303 36.38 -31.51 22.61
CA ALA L 303 36.61 -31.51 24.06
C ALA L 303 38.04 -31.91 24.42
N ALA L 304 38.72 -31.05 25.16
CA ALA L 304 40.09 -31.30 25.60
C ALA L 304 40.21 -31.74 27.06
N GLY L 305 39.09 -31.88 27.76
CA GLY L 305 39.07 -32.39 29.14
C GLY L 305 39.99 -31.63 30.10
N ASP L 306 40.90 -32.35 30.75
CA ASP L 306 41.90 -31.74 31.66
C ASP L 306 43.02 -31.03 30.90
N GLY L 307 43.07 -31.22 29.57
CA GLY L 307 44.10 -30.64 28.71
C GLY L 307 44.67 -31.71 27.79
N VAL L 308 45.09 -31.34 26.59
CA VAL L 308 45.53 -32.33 25.57
C VAL L 308 46.82 -33.04 25.97
N GLU L 309 47.67 -32.35 26.73
CA GLU L 309 48.91 -32.94 27.29
C GLU L 309 48.69 -34.01 28.40
N THR L 310 47.48 -34.10 28.96
CA THR L 310 47.22 -34.96 30.15
C THR L 310 46.80 -36.40 29.89
N GLY L 311 46.43 -36.73 28.65
CA GLY L 311 45.84 -38.04 28.35
C GLY L 311 44.44 -38.24 28.93
N ARG L 312 43.76 -37.13 29.22
CA ARG L 312 42.38 -37.14 29.72
C ARG L 312 41.61 -36.09 28.92
N HIS L 313 41.28 -36.47 27.69
CA HIS L 313 40.64 -35.59 26.72
C HIS L 313 39.86 -36.40 25.69
N ALA L 314 39.14 -35.69 24.83
CA ALA L 314 38.46 -36.29 23.68
C ALA L 314 38.80 -35.52 22.40
N ALA L 315 40.02 -34.98 22.37
CA ALA L 315 40.52 -34.14 21.27
C ALA L 315 41.03 -34.96 20.08
N THR L 316 40.08 -35.48 19.31
CA THR L 316 40.35 -36.46 18.27
C THR L 316 41.22 -35.95 17.13
N PHE L 317 40.88 -34.78 16.60
CA PHE L 317 41.69 -34.16 15.54
C PHE L 317 43.04 -33.63 16.03
N THR L 318 43.08 -33.10 17.23
CA THR L 318 44.33 -32.55 17.80
C THR L 318 45.37 -33.64 18.11
N ALA L 319 44.91 -34.76 18.66
CA ALA L 319 45.79 -35.83 19.18
C ALA L 319 45.62 -37.20 18.54
N GLY L 320 44.55 -37.40 17.77
CA GLY L 320 44.28 -38.69 17.15
C GLY L 320 44.92 -38.89 15.79
N SER L 321 44.57 -39.98 15.14
CA SER L 321 45.11 -40.32 13.82
C SER L 321 44.12 -41.21 13.04
N PRO L 322 44.31 -41.35 11.72
CA PRO L 322 43.40 -42.15 10.90
C PRO L 322 43.28 -43.61 11.34
N GLY L 323 42.06 -44.13 11.28
CA GLY L 323 41.80 -45.53 11.58
C GLY L 323 40.35 -45.93 11.37
N ALA L 324 40.11 -47.24 11.42
CA ALA L 324 38.76 -47.81 11.28
C ALA L 324 38.17 -48.09 12.66
N PHE L 325 37.05 -47.44 12.95
CA PHE L 325 36.39 -47.55 14.25
C PHE L 325 34.91 -47.25 14.11
N HIS L 326 34.09 -48.04 14.79
CA HIS L 326 32.64 -47.91 14.76
C HIS L 326 32.07 -47.75 13.34
N GLY L 327 32.56 -48.58 12.43
CA GLY L 327 32.00 -48.65 11.08
C GLY L 327 32.60 -47.77 10.00
N SER L 328 33.48 -46.84 10.37
CA SER L 328 34.04 -45.88 9.40
C SER L 328 35.56 -45.77 9.49
N PHE L 329 36.16 -45.34 8.38
CA PHE L 329 37.55 -44.89 8.36
C PHE L 329 37.53 -43.39 8.57
N SER L 330 38.02 -42.96 9.73
CA SER L 330 38.01 -41.55 10.13
C SER L 330 39.18 -41.33 11.10
N TYR L 331 39.15 -40.25 11.86
CA TYR L 331 40.14 -40.06 12.94
C TYR L 331 39.64 -40.70 14.23
N LEU L 332 40.57 -41.26 14.99
CA LEU L 332 40.31 -41.63 16.38
C LEU L 332 41.54 -41.57 17.26
N LEU L 333 41.29 -41.45 18.56
CA LEU L 333 42.33 -41.57 19.57
C LEU L 333 42.69 -43.04 19.71
N GLN L 334 43.94 -43.35 19.40
CA GLN L 334 44.43 -44.74 19.43
C GLN L 334 45.91 -44.80 19.77
N ASP L 335 46.31 -45.92 20.36
CA ASP L 335 47.72 -46.13 20.75
C ASP L 335 48.52 -46.73 19.59
N GLU L 336 49.79 -47.03 19.83
CA GLU L 336 50.74 -47.47 18.77
C GLU L 336 50.32 -48.76 18.03
N ASP L 337 49.52 -49.62 18.69
CA ASP L 337 49.00 -50.85 18.08
C ASP L 337 47.60 -50.71 17.47
N GLY L 338 46.96 -49.56 17.67
CA GLY L 338 45.63 -49.30 17.13
C GLY L 338 44.51 -49.66 18.08
N GLN L 339 44.82 -49.79 19.37
CA GLN L 339 43.79 -49.97 20.39
C GLN L 339 43.16 -48.61 20.66
N THR L 340 41.84 -48.56 20.71
CA THR L 340 41.12 -47.32 21.04
C THR L 340 41.55 -46.83 22.42
N ILE L 341 41.88 -45.55 22.51
CA ILE L 341 42.16 -44.91 23.79
C ILE L 341 40.85 -44.35 24.32
N GLU L 342 40.60 -44.59 25.60
CA GLU L 342 39.40 -44.08 26.26
C GLU L 342 39.47 -42.56 26.38
N SER L 343 38.37 -41.92 25.99
CA SER L 343 38.24 -40.48 26.09
C SER L 343 37.78 -40.07 27.48
N HIS L 344 38.00 -38.79 27.81
CA HIS L 344 37.49 -38.17 29.03
C HIS L 344 37.08 -36.72 28.77
N SER L 345 35.93 -36.35 29.29
CA SER L 345 35.47 -34.96 29.27
C SER L 345 34.44 -34.78 30.39
N ILE L 346 34.32 -33.55 30.88
CA ILE L 346 33.22 -33.21 31.80
C ILE L 346 31.87 -33.30 31.07
N SER L 347 31.91 -33.11 29.75
CA SER L 347 30.74 -33.23 28.90
C SER L 347 30.54 -34.66 28.40
N ALA L 348 29.40 -35.26 28.77
CA ALA L 348 29.09 -36.64 28.36
C ALA L 348 28.89 -36.75 26.85
N GLY L 349 28.36 -35.70 26.24
CA GLY L 349 28.12 -35.65 24.81
C GLY L 349 29.34 -35.58 23.90
N LEU L 350 30.41 -34.97 24.39
CA LEU L 350 31.68 -34.86 23.64
C LEU L 350 32.72 -35.93 24.04
N ASP L 351 32.37 -36.77 25.01
CA ASP L 351 33.27 -37.78 25.56
C ASP L 351 33.27 -39.02 24.67
N TYR L 352 33.91 -38.87 23.52
CA TYR L 352 33.92 -39.89 22.47
C TYR L 352 35.25 -39.78 21.73
N PRO L 353 36.01 -40.89 21.64
CA PRO L 353 37.35 -40.79 21.04
C PRO L 353 37.36 -40.77 19.51
N GLY L 354 36.21 -40.96 18.89
CA GLY L 354 36.09 -40.91 17.44
C GLY L 354 35.53 -39.61 16.90
N VAL L 355 35.40 -39.56 15.59
CA VAL L 355 34.71 -38.46 14.91
C VAL L 355 34.24 -38.96 13.55
N GLY L 356 33.18 -38.34 13.05
CA GLY L 356 32.58 -38.69 11.76
C GLY L 356 33.46 -38.46 10.55
N PRO L 357 33.34 -39.33 9.51
CA PRO L 357 34.23 -39.28 8.35
C PRO L 357 34.12 -38.06 7.46
N GLU L 358 32.96 -37.43 7.40
CA GLU L 358 32.81 -36.19 6.60
C GLU L 358 33.69 -35.08 7.17
N HIS L 359 33.80 -35.03 8.49
CA HIS L 359 34.70 -34.10 9.18
C HIS L 359 36.17 -34.38 8.89
N ALA L 360 36.54 -35.65 8.88
CA ALA L 360 37.91 -36.04 8.51
C ALA L 360 38.24 -35.52 7.10
N TRP L 361 37.27 -35.66 6.19
CA TRP L 361 37.41 -35.20 4.81
C TRP L 361 37.53 -33.67 4.75
N LEU L 362 36.71 -32.97 5.52
CA LEU L 362 36.73 -31.51 5.52
C LEU L 362 37.99 -30.95 6.16
N LYS L 363 38.50 -31.65 7.17
CA LYS L 363 39.81 -31.33 7.76
C LYS L 363 40.94 -31.51 6.76
N GLU L 364 40.94 -32.65 6.07
CA GLU L 364 41.95 -32.94 5.04
C GLU L 364 41.97 -31.88 3.93
N ALA L 365 40.77 -31.50 3.48
CA ALA L 365 40.60 -30.50 2.41
C ALA L 365 40.98 -29.06 2.82
N GLY L 366 41.07 -28.79 4.12
CA GLY L 366 41.36 -27.45 4.64
C GLY L 366 40.15 -26.53 4.70
N ARG L 367 38.95 -27.11 4.61
CA ARG L 367 37.71 -26.32 4.61
C ARG L 367 37.25 -25.99 6.04
N VAL L 368 37.44 -26.93 6.95
CA VAL L 368 37.14 -26.71 8.38
C VAL L 368 38.42 -26.86 9.21
N ASP L 369 38.57 -25.99 10.20
CA ASP L 369 39.63 -26.09 11.22
C ASP L 369 39.01 -26.62 12.51
N TYR L 370 39.73 -27.52 13.18
CA TYR L 370 39.24 -28.13 14.43
C TYR L 370 40.19 -27.80 15.57
N ARG L 371 39.65 -27.29 16.69
CA ARG L 371 40.46 -26.75 17.77
C ARG L 371 39.99 -27.31 19.13
N PRO L 372 40.92 -27.47 20.08
CA PRO L 372 40.57 -27.99 21.40
C PRO L 372 40.05 -26.94 22.37
N ILE L 373 39.10 -27.34 23.20
CA ILE L 373 38.57 -26.52 24.29
C ILE L 373 38.51 -27.38 25.55
N THR L 374 39.10 -26.89 26.64
CA THR L 374 39.19 -27.63 27.89
C THR L 374 37.92 -27.55 28.71
N ASP L 375 37.80 -28.45 29.67
CA ASP L 375 36.73 -28.41 30.68
C ASP L 375 36.58 -27.02 31.31
N SER L 376 37.70 -26.42 31.72
CA SER L 376 37.70 -25.12 32.41
C SER L 376 37.20 -23.99 31.52
N GLU L 377 37.73 -23.95 30.30
CA GLU L 377 37.27 -22.98 29.30
C GLU L 377 35.77 -23.10 29.04
N ALA L 378 35.30 -24.34 28.88
CA ALA L 378 33.88 -24.60 28.63
C ALA L 378 33.00 -24.15 29.77
N MET L 379 33.41 -24.46 31.01
CA MET L 379 32.64 -24.05 32.19
C MET L 379 32.66 -22.53 32.41
N ASP L 380 33.78 -21.87 32.15
CA ASP L 380 33.82 -20.39 32.20
C ASP L 380 32.75 -19.78 31.29
N ALA L 381 32.68 -20.31 30.06
CA ALA L 381 31.70 -19.89 29.05
C ALA L 381 30.26 -20.24 29.43
N PHE L 382 30.07 -21.42 30.03
CA PHE L 382 28.78 -21.83 30.59
C PHE L 382 28.26 -20.75 31.53
N GLY L 383 29.07 -20.41 32.52
CA GLY L 383 28.74 -19.42 33.53
C GLY L 383 28.47 -18.05 32.91
N LEU L 384 29.27 -17.70 31.92
CA LEU L 384 29.18 -16.39 31.28
C LEU L 384 27.87 -16.23 30.51
N LEU L 385 27.49 -17.29 29.82
CA LEU L 385 26.24 -17.29 29.06
C LEU L 385 25.03 -17.21 29.99
N CYS L 386 25.09 -17.90 31.12
CA CYS L 386 24.07 -17.79 32.16
C CYS L 386 23.88 -16.36 32.64
N ARG L 387 24.99 -15.70 32.97
CA ARG L 387 24.98 -14.36 33.59
C ARG L 387 24.70 -13.20 32.63
N MET L 388 25.12 -13.36 31.39
CA MET L 388 25.05 -12.28 30.40
C MET L 388 23.78 -12.34 29.56
N GLU L 389 23.39 -13.52 29.11
CA GLU L 389 22.23 -13.69 28.22
C GLU L 389 21.03 -14.43 28.82
N GLY L 390 21.16 -14.91 30.05
CA GLY L 390 20.10 -15.70 30.68
C GLY L 390 19.80 -17.02 29.99
N ILE L 391 20.82 -17.61 29.39
CA ILE L 391 20.67 -18.89 28.70
C ILE L 391 21.58 -19.91 29.37
N ILE L 392 20.99 -21.01 29.81
CA ILE L 392 21.73 -22.10 30.43
C ILE L 392 22.01 -23.13 29.34
N PRO L 393 23.25 -23.18 28.87
CA PRO L 393 23.52 -24.06 27.75
C PRO L 393 23.81 -25.47 28.21
N ALA L 394 23.77 -26.41 27.28
CA ALA L 394 24.39 -27.71 27.50
C ALA L 394 25.90 -27.49 27.65
N ILE L 395 26.54 -28.33 28.47
CA ILE L 395 27.99 -28.25 28.64
C ILE L 395 28.69 -28.56 27.29
N GLU L 396 28.04 -29.37 26.46
CA GLU L 396 28.51 -29.62 25.10
C GLU L 396 28.61 -28.30 24.34
N SER L 397 27.48 -27.60 24.27
CA SER L 397 27.37 -26.32 23.57
C SER L 397 28.28 -25.23 24.15
N ALA L 398 28.52 -25.28 25.47
CA ALA L 398 29.42 -24.34 26.14
C ALA L 398 30.83 -24.35 25.58
N HIS L 399 31.26 -25.50 25.04
CA HIS L 399 32.56 -25.61 24.35
C HIS L 399 32.61 -24.74 23.08
N ALA L 400 31.50 -24.73 22.35
CA ALA L 400 31.38 -23.90 21.15
C ALA L 400 31.37 -22.41 21.50
N VAL L 401 30.66 -22.05 22.56
CA VAL L 401 30.60 -20.66 23.01
C VAL L 401 32.00 -20.21 23.44
N ALA L 402 32.71 -21.06 24.18
CA ALA L 402 34.08 -20.76 24.64
C ALA L 402 35.03 -20.51 23.47
N GLY L 403 34.92 -21.37 22.47
CA GLY L 403 35.69 -21.24 21.22
C GLY L 403 35.35 -19.97 20.44
N ALA L 404 34.08 -19.65 20.39
CA ALA L 404 33.60 -18.41 19.76
C ALA L 404 34.16 -17.16 20.41
N LEU L 405 34.25 -17.15 21.73
CA LEU L 405 34.84 -16.02 22.46
C LEU L 405 36.29 -15.79 22.07
N LYS L 406 37.05 -16.88 21.95
CA LYS L 406 38.46 -16.80 21.51
C LYS L 406 38.59 -16.37 20.04
N LEU L 407 37.69 -16.90 19.21
CA LEU L 407 37.67 -16.54 17.79
C LEU L 407 37.29 -15.08 17.58
N GLY L 408 36.39 -14.59 18.42
CA GLY L 408 36.03 -13.17 18.44
C GLY L 408 37.22 -12.24 18.69
N VAL L 409 38.09 -12.63 19.63
CA VAL L 409 39.32 -11.87 19.93
C VAL L 409 40.29 -11.88 18.74
N GLU L 410 40.35 -13.00 18.03
CA GLU L 410 41.18 -13.10 16.81
C GLU L 410 40.66 -12.23 15.66
N LEU L 411 39.36 -12.33 15.38
CA LEU L 411 38.73 -11.66 14.23
C LEU L 411 38.44 -10.18 14.48
N GLY L 412 38.15 -9.83 15.72
CA GLY L 412 38.04 -8.43 16.13
C GLY L 412 36.66 -7.80 15.98
N ARG L 413 36.65 -6.49 16.17
CA ARG L 413 35.43 -5.73 16.27
C ARG L 413 34.55 -5.84 15.03
N GLY L 414 33.26 -6.10 15.26
CA GLY L 414 32.28 -6.17 14.17
C GLY L 414 32.23 -7.47 13.39
N ALA L 415 33.13 -8.41 13.69
CA ALA L 415 33.11 -9.71 13.02
C ALA L 415 31.86 -10.47 13.45
N VAL L 416 31.23 -11.14 12.49
CA VAL L 416 29.97 -11.83 12.71
C VAL L 416 30.25 -13.33 12.82
N ILE L 417 29.96 -13.87 13.99
CA ILE L 417 30.21 -15.29 14.30
C ILE L 417 28.89 -15.97 14.66
N VAL L 418 28.49 -16.96 13.87
CA VAL L 418 27.32 -17.78 14.19
C VAL L 418 27.79 -19.01 14.97
N VAL L 419 27.21 -19.20 16.16
CA VAL L 419 27.51 -20.32 17.05
C VAL L 419 26.28 -21.23 17.12
N ASN L 420 26.45 -22.51 16.83
CA ASN L 420 25.38 -23.48 17.05
C ASN L 420 25.23 -23.76 18.53
N LEU L 421 24.14 -23.30 19.13
CA LEU L 421 23.84 -23.59 20.52
C LEU L 421 23.02 -24.88 20.56
N SER L 422 23.74 -25.99 20.63
CA SER L 422 23.19 -27.31 20.29
C SER L 422 22.15 -27.83 21.26
N GLY L 423 22.29 -27.47 22.53
CA GLY L 423 21.33 -27.89 23.56
C GLY L 423 21.29 -27.01 24.80
N ARG L 424 20.25 -27.24 25.60
CA ARG L 424 20.06 -26.57 26.89
C ARG L 424 20.64 -27.38 28.03
N GLY L 425 20.78 -26.73 29.17
CA GLY L 425 21.55 -27.26 30.30
C GLY L 425 20.83 -27.92 31.46
N ASP L 426 19.51 -28.10 31.36
CA ASP L 426 18.73 -28.82 32.38
C ASP L 426 19.45 -30.03 32.98
N LYS L 427 19.95 -30.89 32.09
CA LYS L 427 20.65 -32.12 32.46
C LYS L 427 21.98 -31.91 33.21
N ASP L 428 22.57 -30.73 33.02
CA ASP L 428 23.89 -30.37 33.57
C ASP L 428 23.84 -29.41 34.77
N VAL L 429 22.64 -29.04 35.21
CA VAL L 429 22.47 -28.05 36.28
C VAL L 429 23.18 -28.47 37.58
N GLU L 430 23.06 -29.74 37.94
CA GLU L 430 23.74 -30.28 39.14
C GLU L 430 25.26 -30.19 39.05
N THR L 431 25.79 -30.65 37.92
CA THR L 431 27.24 -30.58 37.64
C THR L 431 27.76 -29.14 37.73
N ALA L 432 27.05 -28.23 37.07
CA ALA L 432 27.44 -26.82 37.03
C ALA L 432 27.29 -26.12 38.37
N ALA L 433 26.20 -26.39 39.08
CA ALA L 433 26.01 -25.83 40.43
C ALA L 433 27.12 -26.29 41.37
N LYS L 434 27.51 -27.55 41.25
CA LYS L 434 28.65 -28.11 41.99
C LYS L 434 29.97 -27.43 41.59
N TRP L 435 30.20 -27.29 40.28
CA TRP L 435 31.38 -26.58 39.76
C TRP L 435 31.53 -25.16 40.34
N PHE L 436 30.44 -24.41 40.36
CA PHE L 436 30.43 -23.00 40.85
C PHE L 436 30.16 -22.80 42.35
N GLY L 437 30.04 -23.90 43.09
CA GLY L 437 29.86 -23.85 44.55
C GLY L 437 28.51 -23.32 44.99
N LEU L 438 27.46 -23.74 44.28
CA LEU L 438 26.11 -23.24 44.51
C LEU L 438 25.19 -24.29 45.14
N LEU L 439 25.60 -24.72 46.35
CA LEU L 439 24.79 -25.58 47.24
C LEU L 439 25.05 -25.38 48.72
N GLU M 28 -0.91 52.01 -39.89
CA GLU M 28 -1.50 50.80 -39.40
C GLU M 28 -0.43 49.79 -39.01
N ALA M 29 -0.82 48.52 -39.04
CA ALA M 29 0.06 47.46 -38.59
C ALA M 29 0.88 46.88 -39.73
N SER M 30 2.00 46.25 -39.35
CA SER M 30 2.89 45.59 -40.32
C SER M 30 2.22 44.34 -40.89
N ARG M 31 2.62 43.96 -42.10
CA ARG M 31 2.10 42.77 -42.77
C ARG M 31 2.38 41.47 -41.99
N LEU M 32 3.56 41.38 -41.39
CA LEU M 32 3.98 40.21 -40.60
C LEU M 32 3.56 40.26 -39.12
N GLY M 33 2.99 41.38 -38.69
CA GLY M 33 2.46 41.53 -37.32
C GLY M 33 1.57 40.40 -36.81
N PRO M 34 0.51 40.04 -37.56
CA PRO M 34 -0.37 38.93 -37.17
C PRO M 34 0.33 37.58 -36.96
N VAL M 35 1.38 37.30 -37.72
CA VAL M 35 2.11 36.02 -37.57
C VAL M 35 2.83 35.97 -36.21
N PHE M 36 3.52 37.05 -35.87
CA PHE M 36 4.25 37.13 -34.59
C PHE M 36 3.32 37.20 -33.38
N ASP M 37 2.21 37.92 -33.52
CA ASP M 37 1.16 37.94 -32.48
C ASP M 37 0.59 36.55 -32.23
N SER M 38 0.30 35.84 -33.31
CA SER M 38 -0.20 34.45 -33.27
C SER M 38 0.80 33.48 -32.63
N CYS M 39 2.08 33.61 -32.99
CA CYS M 39 3.16 32.82 -32.38
C CYS M 39 3.30 33.13 -30.88
N ARG M 40 3.35 34.41 -30.56
CA ARG M 40 3.47 34.88 -29.16
C ARG M 40 2.28 34.45 -28.28
N ALA M 41 1.11 34.27 -28.89
CA ALA M 41 -0.08 33.75 -28.19
C ALA M 41 0.01 32.24 -27.91
N ASN M 42 0.70 31.52 -28.79
CA ASN M 42 0.96 30.07 -28.62
C ASN M 42 2.33 29.75 -27.98
N ASN M 43 2.92 30.76 -27.33
CA ASN M 43 4.15 30.62 -26.54
C ASN M 43 5.33 30.01 -27.32
N ARG M 44 5.52 30.53 -28.52
CA ARG M 44 6.58 30.07 -29.42
C ARG M 44 7.16 31.19 -30.27
N ALA M 45 8.26 30.89 -30.92
CA ALA M 45 8.86 31.77 -31.91
C ALA M 45 8.38 31.35 -33.30
N ALA M 46 8.43 32.29 -34.23
CA ALA M 46 8.15 31.98 -35.63
C ALA M 46 9.37 31.28 -36.22
N LEU M 47 9.14 30.23 -36.99
CA LEU M 47 10.20 29.59 -37.78
C LEU M 47 10.29 30.28 -39.14
N ILE M 48 11.43 30.87 -39.43
CA ILE M 48 11.67 31.62 -40.67
C ILE M 48 12.68 30.86 -41.53
N GLY M 49 12.21 30.34 -42.65
CA GLY M 49 13.01 29.43 -43.50
C GLY M 49 13.47 30.05 -44.80
N TYR M 50 14.77 29.98 -45.07
CA TYR M 50 15.35 30.50 -46.31
C TYR M 50 15.66 29.39 -47.31
N LEU M 51 15.22 29.58 -48.55
CA LEU M 51 15.72 28.83 -49.70
C LEU M 51 15.97 29.77 -50.88
N PRO M 52 17.02 29.48 -51.69
CA PRO M 52 17.24 30.28 -52.87
C PRO M 52 16.48 29.74 -54.06
N THR M 53 15.83 30.63 -54.78
CA THR M 53 15.13 30.30 -56.02
C THR M 53 16.11 29.67 -57.01
N GLY M 54 15.65 28.63 -57.72
CA GLY M 54 16.44 27.99 -58.78
C GLY M 54 17.45 26.91 -58.38
N TYR M 55 17.55 26.60 -57.09
CA TYR M 55 18.40 25.49 -56.61
C TYR M 55 17.54 24.29 -56.16
N PRO M 56 17.81 23.10 -56.70
CA PRO M 56 18.80 22.78 -57.74
C PRO M 56 18.39 23.17 -59.17
N ASP M 57 17.10 23.30 -59.41
CA ASP M 57 16.55 23.98 -60.60
C ASP M 57 15.28 24.75 -60.17
N VAL M 58 14.63 25.45 -61.10
CA VAL M 58 13.49 26.30 -60.74
C VAL M 58 12.27 25.50 -60.23
N PRO M 59 11.83 24.45 -60.97
CA PRO M 59 10.72 23.63 -60.45
C PRO M 59 10.99 22.92 -59.11
N ALA M 60 12.20 22.38 -58.94
CA ALA M 60 12.53 21.68 -57.68
C ALA M 60 12.54 22.64 -56.48
N SER M 61 13.03 23.86 -56.69
CA SER M 61 13.08 24.89 -55.65
C SER M 61 11.69 25.34 -55.18
N VAL M 62 10.76 25.43 -56.14
CA VAL M 62 9.35 25.77 -55.84
C VAL M 62 8.69 24.64 -55.06
N ALA M 63 8.95 23.40 -55.47
CA ALA M 63 8.49 22.21 -54.73
C ALA M 63 9.07 22.18 -53.30
N ALA M 64 10.33 22.57 -53.17
CA ALA M 64 10.98 22.64 -51.86
C ALA M 64 10.36 23.71 -50.96
N MET M 65 10.10 24.89 -51.52
CA MET M 65 9.47 25.99 -50.77
C MET M 65 8.03 25.66 -50.35
N THR M 66 7.31 24.97 -51.21
CA THR M 66 5.98 24.46 -50.87
C THR M 66 6.07 23.47 -49.71
N ALA M 67 7.07 22.60 -49.75
CA ALA M 67 7.30 21.64 -48.67
C ALA M 67 7.53 22.31 -47.31
N LEU M 68 8.23 23.45 -47.32
CA LEU M 68 8.45 24.25 -46.10
C LEU M 68 7.15 24.75 -45.50
N VAL M 69 6.25 25.23 -46.35
CA VAL M 69 4.91 25.67 -45.92
C VAL M 69 4.17 24.50 -45.26
N GLU M 70 4.16 23.36 -45.95
CA GLU M 70 3.50 22.13 -45.47
C GLU M 70 4.12 21.57 -44.18
N SER M 71 5.44 21.76 -44.01
CA SER M 71 6.17 21.23 -42.83
C SER M 71 6.24 22.19 -41.63
N GLY M 72 5.60 23.35 -41.73
CA GLY M 72 5.39 24.25 -40.58
C GLY M 72 6.30 25.46 -40.49
N CYS M 73 6.73 25.98 -41.63
CA CYS M 73 7.43 27.28 -41.67
C CYS M 73 6.37 28.37 -41.61
N ASP M 74 6.55 29.29 -40.68
CA ASP M 74 5.61 30.41 -40.51
C ASP M 74 5.86 31.48 -41.59
N ILE M 75 7.13 31.74 -41.87
CA ILE M 75 7.55 32.68 -42.91
C ILE M 75 8.64 32.06 -43.78
N ILE M 76 8.57 32.28 -45.09
CA ILE M 76 9.61 31.82 -46.05
C ILE M 76 10.40 33.03 -46.58
N GLU M 77 11.72 32.98 -46.48
CA GLU M 77 12.61 33.93 -47.16
C GLU M 77 12.97 33.35 -48.52
N VAL M 78 12.44 33.95 -49.56
CA VAL M 78 12.76 33.55 -50.93
C VAL M 78 14.00 34.32 -51.35
N GLY M 79 15.12 33.60 -51.46
CA GLY M 79 16.40 34.20 -51.87
C GLY M 79 16.48 34.48 -53.37
N VAL M 80 16.98 35.65 -53.73
CA VAL M 80 17.27 35.99 -55.13
C VAL M 80 18.76 35.76 -55.35
N PRO M 81 19.12 34.73 -56.15
CA PRO M 81 20.54 34.50 -56.43
C PRO M 81 21.22 35.70 -57.08
N TYR M 82 22.36 36.07 -56.52
CA TYR M 82 23.14 37.22 -56.97
C TYR M 82 24.58 36.75 -57.33
N SER M 83 25.13 37.35 -58.37
CA SER M 83 26.45 36.97 -58.89
C SER M 83 27.60 37.19 -57.89
N ASP M 84 27.47 38.18 -57.02
CA ASP M 84 28.54 38.54 -56.06
C ASP M 84 27.99 38.73 -54.65
N PRO M 85 27.55 37.63 -54.02
CA PRO M 85 26.85 37.68 -52.74
C PRO M 85 27.80 37.71 -51.56
N GLY M 86 28.16 38.91 -51.13
CA GLY M 86 29.21 39.09 -50.14
C GLY M 86 28.91 38.57 -48.75
N MET M 87 27.63 38.57 -48.39
CA MET M 87 27.17 38.16 -47.06
C MET M 87 26.74 36.70 -46.93
N ASP M 88 26.64 35.99 -48.06
CA ASP M 88 26.23 34.56 -48.06
C ASP M 88 27.41 33.65 -47.67
N GLY M 89 27.15 32.67 -46.82
CA GLY M 89 28.17 31.66 -46.47
C GLY M 89 28.39 30.68 -47.61
N PRO M 90 29.36 29.76 -47.47
CA PRO M 90 29.72 28.81 -48.55
C PRO M 90 28.57 27.93 -49.07
N THR M 91 27.78 27.37 -48.15
CA THR M 91 26.67 26.51 -48.55
C THR M 91 25.66 27.26 -49.42
N ILE M 92 25.30 28.48 -49.01
CA ILE M 92 24.35 29.31 -49.78
C ILE M 92 24.99 29.84 -51.07
N ALA M 93 26.27 30.19 -51.00
CA ALA M 93 27.00 30.72 -52.17
C ALA M 93 27.12 29.69 -53.31
N ARG M 94 27.48 28.45 -52.98
CA ARG M 94 27.57 27.37 -54.00
C ARG M 94 26.21 27.10 -54.63
N ALA M 95 25.17 27.17 -53.81
CA ALA M 95 23.79 26.92 -54.27
C ALA M 95 23.28 28.03 -55.19
N THR M 96 23.57 29.28 -54.85
CA THR M 96 23.19 30.41 -55.70
C THR M 96 23.98 30.41 -57.03
N GLU M 97 25.26 30.05 -56.97
CA GLU M 97 26.07 29.84 -58.19
C GLU M 97 25.41 28.79 -59.10
N ALA M 98 24.99 27.68 -58.51
CA ALA M 98 24.37 26.59 -59.26
C ALA M 98 23.07 27.04 -59.90
N ALA M 99 22.28 27.81 -59.15
CA ALA M 99 21.02 28.38 -59.66
C ALA M 99 21.27 29.27 -60.87
N LEU M 100 22.30 30.10 -60.78
CA LEU M 100 22.65 31.02 -61.88
C LEU M 100 23.16 30.30 -63.13
N ARG M 101 23.93 29.23 -62.93
CA ARG M 101 24.31 28.33 -64.03
C ARG M 101 23.09 27.70 -64.70
N GLY M 102 22.09 27.35 -63.90
CA GLY M 102 20.81 26.84 -64.40
C GLY M 102 19.94 27.85 -65.15
N GLY M 103 20.29 29.13 -65.08
CA GLY M 103 19.59 30.19 -65.82
C GLY M 103 18.47 30.89 -65.07
N VAL M 104 18.52 30.86 -63.74
CA VAL M 104 17.50 31.47 -62.88
C VAL M 104 17.40 32.99 -63.13
N ARG M 105 16.16 33.48 -63.08
CA ARG M 105 15.85 34.89 -63.34
C ARG M 105 15.19 35.50 -62.12
N VAL M 106 15.16 36.83 -62.06
CA VAL M 106 14.51 37.56 -60.96
C VAL M 106 13.00 37.30 -60.95
N ARG M 107 12.38 37.23 -62.11
CA ARG M 107 10.94 36.93 -62.13
C ARG M 107 10.58 35.50 -61.68
N ASP M 108 11.53 34.58 -61.70
CA ASP M 108 11.33 33.25 -61.09
C ASP M 108 11.11 33.36 -59.57
N THR M 109 11.76 34.32 -58.92
CA THR M 109 11.52 34.63 -57.51
C THR M 109 10.08 35.12 -57.25
N LEU M 110 9.56 35.96 -58.16
CA LEU M 110 8.17 36.40 -58.07
C LEU M 110 7.18 35.24 -58.28
N ALA M 111 7.50 34.34 -59.21
CA ALA M 111 6.71 33.10 -59.39
C ALA M 111 6.75 32.21 -58.14
N ALA M 112 7.92 32.11 -57.51
CA ALA M 112 8.07 31.34 -56.25
C ALA M 112 7.18 31.91 -55.15
N VAL M 113 7.15 33.24 -55.03
CA VAL M 113 6.30 33.93 -54.05
C VAL M 113 4.82 33.64 -54.30
N GLU M 114 4.41 33.65 -55.57
CA GLU M 114 3.03 33.31 -55.96
C GLU M 114 2.66 31.89 -55.51
N ALA M 115 3.51 30.94 -55.86
CA ALA M 115 3.31 29.52 -55.48
C ALA M 115 3.23 29.34 -53.96
N ILE M 116 4.09 30.04 -53.23
CA ILE M 116 4.04 30.06 -51.76
C ILE M 116 2.72 30.63 -51.24
N SER M 117 2.28 31.74 -51.81
CA SER M 117 1.01 32.38 -51.41
C SER M 117 -0.22 31.50 -51.70
N ILE M 118 -0.22 30.85 -52.86
CA ILE M 118 -1.27 29.89 -53.25
C ILE M 118 -1.36 28.68 -52.31
N ALA M 119 -0.19 28.21 -51.85
CA ALA M 119 -0.11 27.08 -50.91
C ALA M 119 -0.50 27.41 -49.45
N GLY M 120 -0.86 28.67 -49.17
CA GLY M 120 -1.26 29.11 -47.82
C GLY M 120 -0.10 29.67 -47.00
N GLY M 121 1.05 29.84 -47.63
CA GLY M 121 2.25 30.32 -46.95
C GLY M 121 2.39 31.82 -46.99
N ARG M 122 3.44 32.30 -46.33
CA ARG M 122 3.75 33.72 -46.22
C ARG M 122 5.20 33.94 -46.63
N ALA M 123 5.40 34.72 -47.68
CA ALA M 123 6.73 34.92 -48.27
C ALA M 123 7.24 36.36 -48.11
N VAL M 124 8.52 36.46 -47.77
CA VAL M 124 9.29 37.68 -47.97
C VAL M 124 10.44 37.34 -48.90
N VAL M 125 10.97 38.35 -49.58
CA VAL M 125 12.11 38.17 -50.49
C VAL M 125 13.39 38.72 -49.83
N MET M 126 14.46 37.95 -49.92
CA MET M 126 15.80 38.40 -49.52
C MET M 126 16.63 38.58 -50.77
N THR M 127 17.12 39.79 -50.95
CA THR M 127 17.88 40.14 -52.15
C THR M 127 18.93 41.21 -51.86
N TYR M 128 20.03 41.12 -52.60
CA TYR M 128 20.99 42.20 -52.69
C TYR M 128 20.32 43.31 -53.52
N TRP M 129 20.82 44.53 -53.39
CA TRP M 129 20.05 45.68 -53.87
C TRP M 129 20.05 45.87 -55.39
N ASN M 130 21.15 45.54 -56.07
CA ASN M 130 21.26 45.85 -57.51
C ASN M 130 20.19 45.20 -58.40
N PRO M 131 19.86 43.91 -58.16
CA PRO M 131 18.73 43.35 -58.90
C PRO M 131 17.42 44.14 -58.76
N VAL M 132 17.20 44.73 -57.58
CA VAL M 132 16.04 45.59 -57.34
C VAL M 132 16.12 46.90 -58.14
N LEU M 133 17.29 47.56 -58.10
CA LEU M 133 17.56 48.78 -58.91
C LEU M 133 17.34 48.55 -60.41
N ARG M 134 17.84 47.42 -60.90
CA ARG M 134 17.77 47.08 -62.33
C ARG M 134 16.33 46.83 -62.77
N TYR M 135 15.59 46.10 -61.95
CA TYR M 135 14.15 45.89 -62.15
C TYR M 135 13.36 47.20 -62.06
N GLY M 136 13.78 48.08 -61.15
CA GLY M 136 13.04 49.29 -60.81
C GLY M 136 12.47 49.08 -59.42
N VAL M 137 12.79 49.98 -58.50
CA VAL M 137 12.42 49.80 -57.09
C VAL M 137 10.90 49.83 -56.90
N ASP M 138 10.25 50.84 -57.47
CA ASP M 138 8.79 50.94 -57.40
C ASP M 138 8.11 49.76 -58.09
N ALA M 139 8.58 49.39 -59.27
CA ALA M 139 8.01 48.27 -60.04
C ALA M 139 8.18 46.92 -59.34
N PHE M 140 9.35 46.70 -58.74
CA PHE M 140 9.60 45.46 -58.00
C PHE M 140 8.71 45.38 -56.77
N ALA M 141 8.55 46.49 -56.05
CA ALA M 141 7.65 46.54 -54.89
C ALA M 141 6.19 46.27 -55.29
N ARG M 142 5.77 46.88 -56.40
CA ARG M 142 4.42 46.66 -56.96
C ARG M 142 4.18 45.18 -57.28
N ASP M 143 5.11 44.59 -58.01
CA ASP M 143 4.96 43.20 -58.47
C ASP M 143 5.11 42.18 -57.34
N LEU M 144 5.97 42.47 -56.37
CA LEU M 144 6.13 41.62 -55.19
C LEU M 144 4.84 41.60 -54.38
N ALA M 145 4.26 42.79 -54.17
CA ALA M 145 2.97 42.92 -53.48
C ALA M 145 1.83 42.21 -54.22
N ALA M 146 1.86 42.30 -55.56
CA ALA M 146 0.84 41.65 -56.42
C ALA M 146 0.90 40.12 -56.30
N ALA M 147 2.10 39.58 -56.22
CA ALA M 147 2.32 38.14 -55.99
C ALA M 147 1.94 37.62 -54.58
N GLY M 148 1.59 38.53 -53.67
CA GLY M 148 1.27 38.18 -52.29
C GLY M 148 2.46 38.28 -51.35
N GLY M 149 3.56 38.84 -51.83
CA GLY M 149 4.75 39.03 -51.02
C GLY M 149 4.48 40.02 -49.90
N LEU M 150 5.09 39.79 -48.75
CA LEU M 150 4.82 40.57 -47.55
C LEU M 150 5.90 41.57 -47.17
N GLY M 151 7.07 41.45 -47.77
CA GLY M 151 8.19 42.31 -47.43
C GLY M 151 9.49 41.92 -48.09
N LEU M 152 10.53 42.65 -47.68
CA LEU M 152 11.82 42.58 -48.33
C LEU M 152 12.92 42.63 -47.27
N ILE M 153 13.87 41.69 -47.35
CA ILE M 153 15.05 41.66 -46.50
C ILE M 153 16.23 42.14 -47.33
N THR M 154 16.94 43.16 -46.84
CA THR M 154 17.94 43.89 -47.64
C THR M 154 19.33 43.92 -46.97
N PRO M 155 20.14 42.86 -47.15
CA PRO M 155 21.43 42.75 -46.44
C PRO M 155 22.50 43.77 -46.82
N ASP M 156 22.48 44.30 -48.04
CA ASP M 156 23.42 45.37 -48.46
C ASP M 156 22.77 46.74 -48.66
N LEU M 157 21.54 46.92 -48.18
CA LEU M 157 20.89 48.25 -48.16
C LEU M 157 20.69 48.68 -46.72
N ILE M 158 21.37 49.76 -46.35
CA ILE M 158 21.21 50.39 -45.03
C ILE M 158 20.17 51.50 -45.16
N PRO M 159 19.56 51.94 -44.06
CA PRO M 159 18.54 53.00 -44.14
C PRO M 159 19.04 54.31 -44.75
N ASP M 160 20.30 54.62 -44.53
CA ASP M 160 20.99 55.78 -45.14
C ASP M 160 20.78 55.93 -46.66
N GLU M 161 20.70 54.82 -47.38
CA GLU M 161 20.50 54.80 -48.85
C GLU M 161 19.09 54.35 -49.29
N ALA M 162 18.17 54.24 -48.34
CA ALA M 162 16.88 53.57 -48.56
C ALA M 162 15.69 54.50 -48.86
N GLN M 163 15.95 55.70 -49.37
CA GLN M 163 14.88 56.69 -49.59
C GLN M 163 13.79 56.18 -50.56
N GLN M 164 14.21 55.67 -51.72
CA GLN M 164 13.28 55.12 -52.73
C GLN M 164 12.52 53.89 -52.20
N TRP M 165 13.23 53.05 -51.47
CA TRP M 165 12.67 51.83 -50.90
C TRP M 165 11.64 52.17 -49.83
N LEU M 166 11.95 53.13 -48.96
CA LEU M 166 10.98 53.58 -47.95
C LEU M 166 9.68 54.08 -48.59
N ALA M 167 9.79 54.83 -49.67
CA ALA M 167 8.61 55.34 -50.40
C ALA M 167 7.80 54.23 -51.06
N ALA M 168 8.50 53.28 -51.69
CA ALA M 168 7.87 52.11 -52.33
C ALA M 168 7.25 51.15 -51.32
N SER M 169 7.93 50.99 -50.19
CA SER M 169 7.46 50.17 -49.08
C SER M 169 6.14 50.67 -48.49
N GLU M 170 6.04 51.99 -48.26
CA GLU M 170 4.80 52.60 -47.76
C GLU M 170 3.66 52.51 -48.77
N GLU M 171 3.98 52.80 -50.02
CA GLU M 171 3.01 52.81 -51.13
C GLU M 171 2.40 51.43 -51.38
N HIS M 172 3.24 50.39 -51.40
CA HIS M 172 2.78 49.02 -51.72
C HIS M 172 2.59 48.10 -50.50
N ARG M 173 2.61 48.68 -49.30
CA ARG M 173 2.31 47.98 -48.05
C ARG M 173 3.18 46.73 -47.85
N LEU M 174 4.49 46.93 -47.94
CA LEU M 174 5.47 45.87 -47.76
C LEU M 174 6.31 46.16 -46.53
N ASP M 175 6.59 45.12 -45.77
CA ASP M 175 7.50 45.23 -44.63
C ASP M 175 8.94 45.41 -45.10
N ARG M 176 9.74 46.06 -44.27
CA ARG M 176 11.13 46.36 -44.60
C ARG M 176 12.02 45.89 -43.46
N ILE M 177 12.72 44.80 -43.72
CA ILE M 177 13.53 44.13 -42.74
C ILE M 177 14.99 44.48 -42.99
N PHE M 178 15.51 45.41 -42.19
CA PHE M 178 16.93 45.75 -42.20
C PHE M 178 17.67 44.86 -41.19
N LEU M 179 18.97 44.75 -41.37
CA LEU M 179 19.82 43.97 -40.47
C LEU M 179 20.49 44.85 -39.43
N VAL M 180 20.67 44.30 -38.23
CA VAL M 180 21.58 44.84 -37.22
C VAL M 180 22.66 43.81 -36.90
N ALA M 181 23.78 44.29 -36.38
CA ALA M 181 24.94 43.44 -36.06
C ALA M 181 25.42 43.71 -34.64
N PRO M 182 26.23 42.80 -34.07
CA PRO M 182 26.80 43.05 -32.74
C PRO M 182 27.66 44.31 -32.67
N SER M 183 28.33 44.62 -33.77
CA SER M 183 29.17 45.83 -33.88
C SER M 183 28.39 47.15 -34.01
N SER M 184 27.09 47.08 -34.32
CA SER M 184 26.26 48.28 -34.50
C SER M 184 26.35 49.24 -33.32
N THR M 185 26.60 50.51 -33.63
CA THR M 185 26.67 51.55 -32.59
C THR M 185 25.26 51.80 -32.05
N PRO M 186 25.14 52.37 -30.84
CA PRO M 186 23.82 52.74 -30.31
C PRO M 186 22.98 53.61 -31.27
N GLU M 187 23.61 54.57 -31.92
CA GLU M 187 22.89 55.48 -32.83
C GLU M 187 22.33 54.74 -34.04
N ARG M 188 23.18 53.95 -34.67
CA ARG M 188 22.82 53.20 -35.89
C ARG M 188 21.82 52.08 -35.61
N LEU M 189 21.95 51.43 -34.47
CA LEU M 189 20.98 50.43 -34.05
C LEU M 189 19.59 51.05 -33.90
N ALA M 190 19.52 52.18 -33.19
CA ALA M 190 18.25 52.90 -33.00
C ALA M 190 17.64 53.34 -34.34
N ALA M 191 18.47 53.90 -35.21
CA ALA M 191 18.03 54.33 -36.55
C ALA M 191 17.57 53.16 -37.45
N THR M 192 18.22 52.01 -37.32
CA THR M 192 17.90 50.83 -38.13
C THR M 192 16.58 50.18 -37.68
N VAL M 193 16.37 50.14 -36.37
CA VAL M 193 15.12 49.61 -35.78
C VAL M 193 13.93 50.51 -36.12
N GLU M 194 14.11 51.81 -35.96
CA GLU M 194 13.12 52.83 -36.33
C GLU M 194 12.69 52.71 -37.81
N ALA M 195 13.66 52.45 -38.70
CA ALA M 195 13.41 52.32 -40.14
C ALA M 195 12.75 51.00 -40.54
N SER M 196 12.86 49.98 -39.68
CA SER M 196 12.32 48.64 -39.97
C SER M 196 10.83 48.52 -39.67
N ARG M 197 10.15 47.73 -40.49
CA ARG M 197 8.76 47.31 -40.25
C ARG M 197 8.70 45.80 -40.42
N GLY M 198 7.90 45.14 -39.59
CA GLY M 198 7.75 43.67 -39.64
C GLY M 198 8.64 42.97 -38.62
N PHE M 199 9.93 42.85 -38.95
CA PHE M 199 10.93 42.43 -37.96
C PHE M 199 12.32 42.99 -38.28
N VAL M 200 13.19 42.96 -37.27
CA VAL M 200 14.61 43.30 -37.45
C VAL M 200 15.41 41.99 -37.44
N TYR M 201 16.27 41.85 -38.44
CA TYR M 201 17.11 40.67 -38.61
C TYR M 201 18.37 40.88 -37.79
N ALA M 202 18.48 40.21 -36.66
CA ALA M 202 19.69 40.25 -35.85
C ALA M 202 20.64 39.15 -36.31
N ALA M 203 21.59 39.53 -37.16
CA ALA M 203 22.56 38.58 -37.73
C ALA M 203 23.86 38.54 -36.92
N SER M 204 24.45 37.35 -36.81
CA SER M 204 25.74 37.21 -36.13
C SER M 204 26.74 36.33 -36.88
N SER M 216 28.23 31.50 -27.63
CA SER M 216 28.58 32.79 -27.55
C SER M 216 27.32 33.59 -27.18
N GLN M 217 27.53 34.63 -26.39
CA GLN M 217 26.44 35.45 -25.85
C GLN M 217 26.13 36.69 -26.68
N ALA M 218 26.69 36.78 -27.89
CA ALA M 218 26.48 37.95 -28.77
C ALA M 218 25.02 38.13 -29.20
N ALA M 219 24.38 37.02 -29.58
CA ALA M 219 22.99 37.05 -30.08
C ALA M 219 21.94 37.50 -29.04
N PRO M 220 21.92 36.91 -27.82
CA PRO M 220 20.98 37.43 -26.82
C PRO M 220 21.26 38.89 -26.40
N GLU M 221 22.54 39.26 -26.35
CA GLU M 221 22.93 40.66 -26.07
C GLU M 221 22.44 41.63 -27.12
N LEU M 222 22.53 41.24 -28.39
CA LEU M 222 22.07 42.07 -29.51
C LEU M 222 20.54 42.21 -29.53
N VAL M 223 19.85 41.10 -29.31
CA VAL M 223 18.38 41.13 -29.17
C VAL M 223 17.98 42.02 -27.99
N GLY M 224 18.68 41.86 -26.87
CA GLY M 224 18.48 42.69 -25.67
C GLY M 224 18.59 44.18 -25.93
N ARG M 225 19.54 44.57 -26.75
CA ARG M 225 19.71 45.98 -27.15
C ARG M 225 18.58 46.52 -28.05
N VAL M 226 18.04 45.66 -28.89
CA VAL M 226 16.90 46.02 -29.76
C VAL M 226 15.63 46.21 -28.91
N LYS M 227 15.42 45.29 -27.96
CA LYS M 227 14.25 45.36 -27.05
C LYS M 227 14.25 46.61 -26.15
N ALA M 228 15.42 47.13 -25.83
CA ALA M 228 15.54 48.32 -24.99
C ALA M 228 15.03 49.62 -25.66
N VAL M 229 14.96 49.64 -26.99
CA VAL M 229 14.49 50.83 -27.74
C VAL M 229 13.17 50.67 -28.52
N SER M 230 12.65 49.44 -28.61
CA SER M 230 11.49 49.16 -29.47
C SER M 230 10.87 47.80 -29.21
N ASP M 231 9.57 47.69 -29.50
CA ASP M 231 8.80 46.43 -29.34
C ASP M 231 8.67 45.61 -30.63
N ILE M 232 9.38 46.03 -31.69
CA ILE M 232 9.38 45.29 -32.95
C ILE M 232 9.94 43.86 -32.75
N PRO M 233 9.33 42.86 -33.42
CA PRO M 233 9.91 41.52 -33.34
C PRO M 233 11.33 41.43 -33.89
N VAL M 234 12.12 40.53 -33.30
CA VAL M 234 13.51 40.31 -33.68
C VAL M 234 13.71 38.87 -34.08
N GLY M 235 14.12 38.66 -35.33
CA GLY M 235 14.51 37.35 -35.84
C GLY M 235 16.01 37.20 -35.68
N VAL M 236 16.45 35.98 -35.35
CA VAL M 236 17.87 35.72 -35.10
C VAL M 236 18.39 34.62 -36.02
N GLY M 237 19.51 34.93 -36.67
CA GLY M 237 20.24 33.99 -37.53
C GLY M 237 21.61 33.70 -36.94
N LEU M 238 21.90 32.41 -36.79
CA LEU M 238 23.05 31.94 -36.00
C LEU M 238 23.68 30.63 -36.55
N GLY M 239 23.47 30.36 -37.84
CA GLY M 239 23.80 29.04 -38.42
C GLY M 239 23.14 27.88 -37.69
N VAL M 240 21.82 27.94 -37.57
CA VAL M 240 21.05 26.93 -36.86
C VAL M 240 20.93 25.66 -37.70
N ARG M 241 21.21 24.51 -37.09
CA ARG M 241 21.13 23.20 -37.78
C ARG M 241 20.35 22.10 -37.08
N SER M 242 19.85 22.38 -35.88
CA SER M 242 19.24 21.35 -35.04
C SER M 242 18.12 21.91 -34.17
N ARG M 243 17.28 20.99 -33.68
CA ARG M 243 16.15 21.32 -32.82
C ARG M 243 16.60 22.08 -31.57
N ALA M 244 17.65 21.57 -30.94
CA ALA M 244 18.20 22.17 -29.71
C ALA M 244 18.61 23.62 -29.88
N GLN M 245 19.29 23.94 -30.97
CA GLN M 245 19.73 25.32 -31.24
C GLN M 245 18.55 26.27 -31.47
N ALA M 246 17.56 25.82 -32.22
CA ALA M 246 16.32 26.59 -32.45
C ALA M 246 15.57 26.90 -31.15
N ALA M 247 15.61 25.95 -30.21
CA ALA M 247 14.96 26.09 -28.90
C ALA M 247 15.67 27.11 -28.01
N GLN M 248 17.00 27.06 -28.02
CA GLN M 248 17.83 28.07 -27.31
C GLN M 248 17.47 29.49 -27.73
N ILE M 249 17.42 29.69 -29.04
CA ILE M 249 17.13 31.01 -29.64
C ILE M 249 15.70 31.46 -29.32
N ALA M 250 14.76 30.53 -29.31
CA ALA M 250 13.34 30.85 -29.03
C ALA M 250 13.07 31.36 -27.61
N GLN M 251 14.00 31.15 -26.69
CA GLN M 251 13.88 31.69 -25.31
C GLN M 251 13.86 33.22 -25.29
N TYR M 252 14.67 33.84 -26.14
CA TYR M 252 14.82 35.32 -26.19
C TYR M 252 14.33 36.01 -27.48
N ALA M 253 14.30 35.27 -28.60
CA ALA M 253 13.94 35.83 -29.90
C ALA M 253 12.51 35.54 -30.31
N ASP M 254 11.92 36.45 -31.09
CA ASP M 254 10.55 36.30 -31.60
C ASP M 254 10.50 35.40 -32.84
N GLY M 255 11.61 35.33 -33.56
CA GLY M 255 11.75 34.44 -34.71
C GLY M 255 13.12 33.77 -34.78
N VAL M 256 13.14 32.56 -35.31
CA VAL M 256 14.36 31.79 -35.53
C VAL M 256 14.53 31.68 -37.02
N ILE M 257 15.65 32.17 -37.53
CA ILE M 257 15.95 32.18 -38.96
C ILE M 257 16.90 31.03 -39.27
N VAL M 258 16.53 30.22 -40.27
CA VAL M 258 17.33 29.08 -40.71
C VAL M 258 17.46 29.09 -42.23
N GLY M 259 18.68 28.88 -42.70
CA GLY M 259 18.99 28.98 -44.13
C GLY M 259 19.98 27.93 -44.60
N SER M 260 21.23 28.07 -44.18
CA SER M 260 22.29 27.12 -44.56
C SER M 260 21.87 25.65 -44.39
N ALA M 261 21.31 25.33 -43.24
CA ALA M 261 20.91 23.94 -42.95
C ALA M 261 19.76 23.42 -43.83
N LEU M 262 18.87 24.31 -44.25
CA LEU M 262 17.78 23.91 -45.17
C LEU M 262 18.32 23.58 -46.56
N VAL M 263 19.30 24.38 -47.02
CA VAL M 263 19.95 24.14 -48.32
C VAL M 263 20.72 22.81 -48.30
N THR M 264 21.52 22.60 -47.26
CA THR M 264 22.21 21.31 -47.04
C THR M 264 21.21 20.13 -47.04
N ALA M 265 20.07 20.30 -46.38
CA ALA M 265 19.03 19.26 -46.32
C ALA M 265 18.44 18.96 -47.70
N LEU M 266 18.13 20.00 -48.45
CA LEU M 266 17.56 19.87 -49.81
C LEU M 266 18.50 19.20 -50.81
N THR M 267 19.80 19.48 -50.67
CA THR M 267 20.85 18.84 -51.49
C THR M 267 20.82 17.32 -51.35
N GLU M 268 20.64 16.83 -50.13
CA GLU M 268 20.46 15.39 -49.89
C GLU M 268 19.14 14.89 -50.48
N GLY M 269 18.07 15.63 -50.21
CA GLY M 269 16.76 15.30 -50.78
C GLY M 269 15.59 16.03 -50.14
N LEU M 270 14.48 16.05 -50.86
CA LEU M 270 13.25 16.68 -50.39
C LEU M 270 12.69 16.04 -49.10
N PRO M 271 12.76 14.69 -48.96
CA PRO M 271 12.36 14.08 -47.69
C PRO M 271 13.20 14.52 -46.47
N ARG M 272 14.51 14.68 -46.67
CA ARG M 272 15.40 15.16 -45.61
C ARG M 272 15.05 16.59 -45.17
N LEU M 273 14.65 17.43 -46.12
CA LEU M 273 14.18 18.80 -45.82
C LEU M 273 12.93 18.81 -44.95
N ARG M 274 11.99 17.94 -45.28
N ARG M 274 11.98 17.94 -45.27
CA ARG M 274 10.74 17.82 -44.52
CA ARG M 274 10.75 17.83 -44.50
C ARG M 274 11.01 17.43 -43.07
C ARG M 274 11.04 17.45 -43.06
N ALA M 275 11.90 16.44 -42.90
CA ALA M 275 12.27 15.95 -41.57
C ALA M 275 12.95 17.05 -40.73
N LEU M 276 13.93 17.70 -41.31
CA LEU M 276 14.62 18.77 -40.62
C LEU M 276 13.67 19.91 -40.23
N THR M 277 12.86 20.36 -41.18
CA THR M 277 11.92 21.46 -40.93
C THR M 277 10.96 21.10 -39.79
N GLY M 278 10.52 19.85 -39.75
CA GLY M 278 9.67 19.34 -38.67
C GLY M 278 10.33 19.39 -37.29
N GLU M 279 11.62 19.06 -37.26
CA GLU M 279 12.40 19.13 -36.01
C GLU M 279 12.60 20.57 -35.53
N LEU M 280 12.82 21.48 -36.47
CA LEU M 280 12.97 22.90 -36.15
C LEU M 280 11.64 23.51 -35.69
N ALA M 281 10.55 23.10 -36.33
CA ALA M 281 9.20 23.50 -35.92
C ALA M 281 8.89 23.08 -34.48
N ALA M 282 9.38 21.90 -34.07
CA ALA M 282 9.26 21.45 -32.68
C ALA M 282 10.14 22.25 -31.73
N GLY M 283 11.31 22.65 -32.21
CA GLY M 283 12.25 23.45 -31.44
C GLY M 283 11.73 24.82 -31.02
N VAL M 284 11.10 25.54 -31.96
CA VAL M 284 10.57 26.89 -31.67
C VAL M 284 9.44 26.91 -30.63
N ARG M 285 8.75 25.77 -30.48
CA ARG M 285 7.68 25.62 -29.49
C ARG M 285 8.26 25.23 -28.16
N LEU M 286 7.84 25.86 -27.15
CA LEU M 286 8.33 25.51 -25.85
C LEU M 286 7.45 25.32 -24.76
N GLY M 287 6.09 25.25 -24.95
CA GLY M 287 5.07 24.82 -23.93
C GLY M 287 3.63 24.80 -24.40
N THR N 41 37.84 70.85 -51.32
CA THR N 41 36.61 70.59 -51.16
C THR N 41 35.47 70.88 -52.14
N SER N 42 35.71 71.70 -53.16
CA SER N 42 34.71 71.90 -54.22
C SER N 42 34.21 70.61 -54.90
N HIS N 43 35.09 69.65 -55.10
CA HIS N 43 34.74 68.40 -55.81
C HIS N 43 34.35 67.23 -54.89
N ASP N 44 34.35 67.48 -53.58
CA ASP N 44 34.05 66.45 -52.58
C ASP N 44 32.57 66.08 -52.55
N PRO N 45 32.24 64.86 -52.06
CA PRO N 45 30.86 64.45 -51.89
C PRO N 45 30.30 64.96 -50.57
N ASP N 46 29.00 64.75 -50.36
CA ASP N 46 28.37 65.10 -49.09
C ASP N 46 28.80 64.14 -47.98
N SER N 47 28.31 64.36 -46.76
CA SER N 47 28.69 63.54 -45.58
C SER N 47 28.29 62.07 -45.69
N GLY N 48 27.29 61.78 -46.54
CA GLY N 48 26.89 60.40 -46.87
C GLY N 48 27.70 59.71 -47.96
N GLY N 49 28.59 60.47 -48.61
CA GLY N 49 29.46 59.94 -49.66
C GLY N 49 28.93 60.04 -51.07
N HIS N 50 27.93 60.90 -51.29
CA HIS N 50 27.29 61.04 -52.60
C HIS N 50 27.89 62.17 -53.44
N PHE N 51 28.17 61.88 -54.71
CA PHE N 51 28.57 62.88 -55.69
C PHE N 51 27.36 63.26 -56.55
N GLY N 52 27.14 64.56 -56.73
CA GLY N 52 26.16 65.07 -57.69
C GLY N 52 24.73 65.14 -57.21
N GLY N 53 24.58 65.17 -55.91
CA GLY N 53 23.29 65.27 -55.38
C GLY N 53 22.99 64.10 -54.59
N PRO N 54 21.92 64.28 -53.93
CA PRO N 54 21.58 63.48 -52.79
C PRO N 54 21.39 62.07 -53.17
N SER N 55 21.24 61.84 -54.47
CA SER N 55 21.16 60.43 -54.93
C SER N 55 21.93 59.95 -55.94
N GLY N 56 23.00 60.59 -55.87
CA GLY N 56 23.74 60.24 -56.74
C GLY N 56 24.71 59.15 -56.47
N TRP N 57 25.83 59.41 -57.08
CA TRP N 57 26.86 58.44 -57.22
C TRP N 57 27.57 58.29 -55.90
N GLY N 58 28.01 57.08 -55.63
CA GLY N 58 28.78 56.79 -54.42
C GLY N 58 27.90 56.22 -53.33
N GLY N 59 27.98 56.83 -52.15
CA GLY N 59 27.22 56.38 -50.98
C GLY N 59 27.82 55.15 -50.32
N ARG N 60 26.97 54.42 -49.62
CA ARG N 60 27.37 53.24 -48.82
C ARG N 60 26.33 52.14 -48.94
N TYR N 61 26.59 51.22 -49.86
CA TYR N 61 25.75 50.06 -50.07
C TYR N 61 26.46 48.88 -49.42
N VAL N 62 26.36 48.87 -48.10
CA VAL N 62 27.04 47.91 -47.23
C VAL N 62 26.06 47.38 -46.20
N PRO N 63 26.39 46.26 -45.57
CA PRO N 63 25.55 45.79 -44.47
C PRO N 63 25.76 46.59 -43.18
N GLU N 64 24.73 46.60 -42.34
CA GLU N 64 24.79 47.29 -41.04
C GLU N 64 25.94 46.80 -40.18
N ALA N 65 26.29 45.52 -40.31
CA ALA N 65 27.45 44.91 -39.61
C ALA N 65 28.80 45.61 -39.86
N LEU N 66 28.95 46.26 -41.01
CA LEU N 66 30.16 47.02 -41.33
C LEU N 66 30.12 48.50 -40.94
N MET N 67 28.96 49.01 -40.56
CA MET N 67 28.79 50.47 -40.43
C MET N 67 29.58 51.09 -39.27
N ALA N 68 29.71 50.36 -38.17
CA ALA N 68 30.51 50.84 -37.02
C ALA N 68 31.96 51.13 -37.41
N VAL N 69 32.59 50.17 -38.09
CA VAL N 69 33.99 50.33 -38.54
C VAL N 69 34.10 51.29 -39.71
N ILE N 70 33.12 51.30 -40.62
CA ILE N 70 33.11 52.33 -41.68
C ILE N 70 33.03 53.75 -41.09
N GLU N 71 32.15 53.95 -40.11
CA GLU N 71 32.06 55.24 -39.41
C GLU N 71 33.32 55.57 -38.60
N GLU N 72 33.94 54.54 -38.03
CA GLU N 72 35.21 54.71 -37.30
C GLU N 72 36.34 55.20 -38.23
N VAL N 73 36.45 54.58 -39.41
CA VAL N 73 37.46 54.95 -40.43
C VAL N 73 37.18 56.35 -40.98
N THR N 74 35.91 56.66 -41.21
CA THR N 74 35.52 57.98 -41.72
C THR N 74 35.89 59.09 -40.75
N ALA N 75 35.56 58.90 -39.48
CA ALA N 75 35.89 59.87 -38.41
C ALA N 75 37.40 60.06 -38.26
N ALA N 76 38.14 58.95 -38.29
CA ALA N 76 39.60 58.97 -38.18
C ALA N 76 40.25 59.72 -39.33
N TYR N 77 39.75 59.48 -40.54
CA TYR N 77 40.23 60.17 -41.72
C TYR N 77 39.95 61.69 -41.69
N GLN N 78 38.71 62.06 -41.32
CA GLN N 78 38.34 63.48 -41.20
C GLN N 78 39.22 64.23 -40.20
N LYS N 79 39.56 63.56 -39.11
CA LYS N 79 40.47 64.11 -38.10
C LYS N 79 41.90 64.26 -38.65
N GLU N 80 42.43 63.19 -39.25
CA GLU N 80 43.84 63.15 -39.66
C GLU N 80 44.19 63.91 -40.94
N ARG N 81 43.25 64.02 -41.88
CA ARG N 81 43.49 64.78 -43.12
C ARG N 81 43.80 66.27 -42.90
N VAL N 82 43.38 66.82 -41.75
CA VAL N 82 43.66 68.23 -41.36
C VAL N 82 44.67 68.36 -40.21
N SER N 83 45.33 67.28 -39.86
CA SER N 83 46.39 67.28 -38.85
C SER N 83 47.74 67.45 -39.56
N GLN N 84 48.47 68.52 -39.25
CA GLN N 84 49.79 68.72 -39.86
C GLN N 84 50.78 67.62 -39.52
N ASP N 85 50.71 67.12 -38.30
CA ASP N 85 51.61 66.03 -37.90
C ASP N 85 51.43 64.77 -38.76
N PHE N 86 50.18 64.45 -39.10
CA PHE N 86 49.86 63.34 -40.03
C PHE N 86 50.39 63.60 -41.44
N LEU N 87 50.09 64.77 -41.96
CA LEU N 87 50.54 65.14 -43.32
C LEU N 87 52.07 65.21 -43.38
N ASP N 88 52.71 65.67 -42.31
CA ASP N 88 54.19 65.66 -42.18
C ASP N 88 54.74 64.23 -42.23
N ASP N 89 54.12 63.33 -41.47
CA ASP N 89 54.51 61.92 -41.47
C ASP N 89 54.38 61.30 -42.88
N LEU N 90 53.26 61.56 -43.54
CA LEU N 90 53.04 61.06 -44.89
C LEU N 90 54.05 61.64 -45.89
N ASP N 91 54.27 62.94 -45.82
CA ASP N 91 55.25 63.64 -46.66
C ASP N 91 56.68 63.09 -46.51
N ARG N 92 57.07 62.84 -45.27
CA ARG N 92 58.41 62.38 -44.94
C ARG N 92 58.67 61.00 -45.55
N LEU N 93 57.69 60.13 -45.41
CA LEU N 93 57.73 58.82 -46.07
C LEU N 93 57.70 58.93 -47.61
N GLN N 94 56.87 59.81 -48.15
CA GLN N 94 56.80 60.01 -49.60
C GLN N 94 58.16 60.39 -50.19
N ALA N 95 58.85 61.30 -49.50
CA ALA N 95 60.14 61.82 -49.97
C ALA N 95 61.27 60.79 -49.78
N ASN N 96 61.49 60.38 -48.54
CA ASN N 96 62.67 59.60 -48.15
C ASN N 96 62.55 58.09 -48.34
N TYR N 97 61.34 57.57 -48.27
CA TYR N 97 61.09 56.12 -48.38
C TYR N 97 60.65 55.76 -49.79
N ALA N 98 59.63 56.45 -50.29
CA ALA N 98 59.05 56.18 -51.61
C ALA N 98 59.74 56.88 -52.77
N GLY N 99 60.56 57.90 -52.49
CA GLY N 99 61.31 58.62 -53.54
C GLY N 99 60.56 59.63 -54.38
N ARG N 100 59.52 60.24 -53.83
CA ARG N 100 58.81 61.34 -54.52
C ARG N 100 59.65 62.63 -54.51
N PRO N 101 59.47 63.52 -55.50
CA PRO N 101 58.54 63.40 -56.62
C PRO N 101 59.01 62.45 -57.72
N SER N 102 58.05 61.88 -58.43
CA SER N 102 58.35 61.09 -59.62
C SER N 102 58.57 62.09 -60.74
N PRO N 103 59.46 61.78 -61.69
CA PRO N 103 59.70 62.73 -62.78
C PRO N 103 58.65 62.69 -63.90
N LEU N 104 58.71 63.72 -64.75
CA LEU N 104 57.92 63.80 -65.96
C LEU N 104 58.90 63.73 -67.12
N TYR N 105 58.73 62.72 -67.98
CA TYR N 105 59.68 62.44 -69.07
C TYR N 105 59.01 62.62 -70.44
N GLU N 106 59.58 63.48 -71.28
CA GLU N 106 59.07 63.64 -72.64
C GLU N 106 59.59 62.51 -73.52
N ALA N 107 58.69 61.62 -73.91
CA ALA N 107 59.01 60.45 -74.73
C ALA N 107 59.02 60.81 -76.21
N THR N 108 60.09 61.48 -76.62
CA THR N 108 60.17 62.09 -77.97
C THR N 108 60.14 61.06 -79.10
N ARG N 109 60.64 59.86 -78.82
CA ARG N 109 60.66 58.77 -79.80
C ARG N 109 59.31 58.09 -80.02
N LEU N 110 58.32 58.42 -79.20
CA LEU N 110 56.92 58.03 -79.48
C LEU N 110 56.19 58.97 -80.44
N SER N 111 56.71 60.18 -80.59
CA SER N 111 55.97 61.27 -81.24
C SER N 111 55.41 60.90 -82.62
N GLN N 112 56.23 60.25 -83.44
CA GLN N 112 55.85 59.88 -84.81
C GLN N 112 54.72 58.83 -84.87
N HIS N 113 54.54 58.06 -83.79
CA HIS N 113 53.40 57.15 -83.64
C HIS N 113 52.16 57.79 -83.01
N ALA N 114 52.28 59.06 -82.62
CA ALA N 114 51.20 59.81 -81.97
C ALA N 114 50.84 61.08 -82.75
N GLY N 115 50.88 61.01 -84.08
CA GLY N 115 50.57 62.17 -84.94
C GLY N 115 51.46 63.39 -84.78
N SER N 116 52.70 63.15 -84.36
CA SER N 116 53.67 64.20 -84.01
C SER N 116 53.29 65.02 -82.78
N ALA N 117 52.39 64.49 -81.97
CA ALA N 117 52.08 65.07 -80.66
C ALA N 117 53.22 64.74 -79.70
N ARG N 118 53.21 65.43 -78.57
CA ARG N 118 54.28 65.32 -77.59
C ARG N 118 53.77 64.59 -76.37
N ILE N 119 54.21 63.35 -76.20
CA ILE N 119 53.77 62.50 -75.10
C ILE N 119 54.71 62.66 -73.92
N PHE N 120 54.18 63.13 -72.80
CA PHE N 120 54.93 63.27 -71.54
C PHE N 120 54.48 62.20 -70.59
N LEU N 121 55.42 61.38 -70.11
CA LEU N 121 55.12 60.25 -69.20
C LEU N 121 55.34 60.66 -67.74
N LYS N 122 54.30 60.58 -66.93
CA LYS N 122 54.41 60.83 -65.50
C LYS N 122 54.85 59.52 -64.88
N ARG N 123 56.06 59.50 -64.34
CA ARG N 123 56.76 58.22 -64.07
C ARG N 123 56.47 57.59 -62.71
N GLU N 124 55.24 57.17 -62.49
CA GLU N 124 54.88 56.48 -61.25
C GLU N 124 55.54 55.09 -61.20
N ASP N 125 55.96 54.57 -62.36
CA ASP N 125 56.76 53.34 -62.45
C ASP N 125 58.05 53.34 -61.61
N LEU N 126 58.56 54.52 -61.32
CA LEU N 126 59.78 54.66 -60.52
C LEU N 126 59.57 54.72 -59.00
N ASN N 127 58.32 54.69 -58.55
CA ASN N 127 58.04 54.67 -57.09
C ASN N 127 58.53 53.38 -56.48
N HIS N 128 58.79 53.42 -55.18
CA HIS N 128 58.99 52.20 -54.38
C HIS N 128 57.81 51.23 -54.55
N THR N 129 58.15 49.97 -54.82
CA THR N 129 57.21 48.88 -55.15
C THR N 129 56.80 48.82 -56.63
N GLY N 130 57.03 49.90 -57.36
CA GLY N 130 56.85 49.93 -58.81
C GLY N 130 55.51 50.42 -59.34
N SER N 131 54.74 51.09 -58.49
CA SER N 131 53.46 51.65 -58.95
C SER N 131 52.96 52.76 -58.05
N HIS N 132 51.94 53.44 -58.55
CA HIS N 132 51.21 54.46 -57.79
C HIS N 132 50.56 53.94 -56.51
N LYS N 133 50.36 52.63 -56.41
CA LYS N 133 49.63 52.06 -55.26
C LYS N 133 50.21 52.46 -53.91
N ILE N 134 51.52 52.63 -53.86
CA ILE N 134 52.21 52.97 -52.61
C ILE N 134 51.75 54.31 -51.99
N ASN N 135 51.32 55.25 -52.83
CA ASN N 135 50.84 56.57 -52.37
C ASN N 135 49.68 56.44 -51.39
N ASN N 136 48.68 55.69 -51.84
CA ASN N 136 47.46 55.39 -51.08
C ASN N 136 47.74 54.53 -49.87
N VAL N 137 48.58 53.53 -50.05
CA VAL N 137 48.92 52.60 -48.97
C VAL N 137 49.62 53.28 -47.79
N LEU N 138 50.59 54.16 -48.07
CA LEU N 138 51.28 54.88 -47.00
C LEU N 138 50.31 55.71 -46.17
N GLY N 139 49.40 56.40 -46.84
CA GLY N 139 48.34 57.16 -46.16
C GLY N 139 47.46 56.29 -45.29
N GLN N 140 46.92 55.23 -45.86
CA GLN N 140 45.99 54.34 -45.15
C GLN N 140 46.66 53.53 -44.03
N ALA N 141 47.91 53.14 -44.23
CA ALA N 141 48.66 52.38 -43.22
C ALA N 141 48.99 53.28 -42.02
N LEU N 142 49.39 54.50 -42.31
CA LEU N 142 49.59 55.50 -41.25
C LEU N 142 48.29 55.70 -40.45
N LEU N 143 47.18 55.78 -41.18
CA LEU N 143 45.87 55.91 -40.56
C LEU N 143 45.52 54.70 -39.70
N ALA N 144 45.85 53.50 -40.16
CA ALA N 144 45.58 52.27 -39.38
C ALA N 144 46.30 52.29 -38.04
N ARG N 145 47.57 52.69 -38.05
CA ARG N 145 48.32 52.89 -36.80
C ARG N 145 47.72 53.96 -35.88
N ARG N 146 47.32 55.08 -36.45
CA ARG N 146 46.66 56.14 -35.67
C ARG N 146 45.40 55.63 -34.97
N MET N 147 44.65 54.77 -35.65
CA MET N 147 43.42 54.16 -35.10
C MET N 147 43.64 53.04 -34.09
N GLY N 148 44.87 52.57 -33.94
CA GLY N 148 45.19 51.46 -33.03
C GLY N 148 44.85 50.07 -33.54
N LYS N 149 44.68 49.93 -34.85
CA LYS N 149 44.44 48.63 -35.48
C LYS N 149 45.75 47.85 -35.57
N THR N 150 45.66 46.55 -35.36
CA THR N 150 46.85 45.67 -35.36
C THR N 150 46.95 44.73 -36.56
N ARG N 151 45.91 44.70 -37.38
CA ARG N 151 45.82 43.79 -38.50
C ARG N 151 45.32 44.57 -39.70
N VAL N 152 45.98 44.38 -40.84
CA VAL N 152 45.56 45.00 -42.09
C VAL N 152 45.24 43.92 -43.10
N ILE N 153 44.13 44.10 -43.82
CA ILE N 153 43.77 43.23 -44.94
C ILE N 153 43.66 44.02 -46.24
N ALA N 154 43.93 43.35 -47.35
CA ALA N 154 43.79 43.97 -48.66
C ALA N 154 43.51 42.97 -49.76
N GLU N 155 42.82 43.46 -50.78
CA GLU N 155 42.62 42.74 -52.03
C GLU N 155 43.71 43.10 -53.02
N THR N 156 44.00 42.25 -53.98
CA THR N 156 44.87 42.62 -55.09
C THR N 156 44.58 41.80 -56.33
N GLY N 157 44.73 42.43 -57.49
CA GLY N 157 44.59 41.77 -58.79
C GLY N 157 45.96 41.63 -59.46
N ALA N 158 46.56 42.76 -59.81
CA ALA N 158 47.91 42.77 -60.37
C ALA N 158 48.99 42.42 -59.35
N GLY N 159 48.68 42.55 -58.06
CA GLY N 159 49.64 42.24 -56.99
C GLY N 159 50.46 43.44 -56.54
N GLN N 160 50.23 44.58 -57.19
CA GLN N 160 50.97 45.81 -56.89
C GLN N 160 50.44 46.47 -55.61
N HIS N 161 49.13 46.41 -55.41
CA HIS N 161 48.51 46.91 -54.18
C HIS N 161 48.84 45.98 -53.02
N GLY N 162 48.83 44.69 -53.30
CA GLY N 162 49.17 43.68 -52.32
C GLY N 162 50.59 43.84 -51.83
N VAL N 163 51.50 44.01 -52.78
CA VAL N 163 52.91 44.24 -52.45
C VAL N 163 53.08 45.57 -51.69
N ALA N 164 52.41 46.61 -52.14
CA ALA N 164 52.48 47.91 -51.46
C ALA N 164 51.99 47.81 -50.01
N THR N 165 50.86 47.15 -49.81
CA THR N 165 50.28 46.96 -48.48
C THR N 165 51.22 46.17 -47.58
N ALA N 166 51.74 45.07 -48.09
CA ALA N 166 52.71 44.23 -47.36
C ALA N 166 53.94 45.04 -46.95
N THR N 167 54.44 45.82 -47.90
CA THR N 167 55.56 46.74 -47.69
C THR N 167 55.31 47.69 -46.52
N ALA N 168 54.19 48.39 -46.54
CA ALA N 168 53.84 49.34 -45.46
C ALA N 168 53.66 48.67 -44.11
N CYS N 169 53.08 47.48 -44.13
CA CYS N 169 52.85 46.71 -42.90
C CYS N 169 54.14 46.16 -42.28
N ALA N 170 55.08 45.79 -43.13
CA ALA N 170 56.41 45.42 -42.67
C ALA N 170 57.06 46.64 -42.01
N LEU N 171 57.03 47.76 -42.74
CA LEU N 171 57.57 49.03 -42.27
C LEU N 171 56.99 49.48 -40.93
N LEU N 172 55.69 49.28 -40.73
CA LEU N 172 54.99 49.76 -39.51
C LEU N 172 54.68 48.68 -38.48
N GLY N 173 55.10 47.46 -38.74
CA GLY N 173 54.94 46.36 -37.78
C GLY N 173 53.50 45.90 -37.59
N LEU N 174 52.75 45.86 -38.68
CA LEU N 174 51.36 45.41 -38.69
C LEU N 174 51.24 44.02 -39.31
N ASP N 175 50.35 43.18 -38.76
CA ASP N 175 50.03 41.90 -39.38
C ASP N 175 49.23 42.15 -40.65
N CYS N 176 49.53 41.35 -41.68
CA CYS N 176 49.07 41.60 -43.03
C CYS N 176 48.53 40.34 -43.69
N VAL N 177 47.32 40.44 -44.24
CA VAL N 177 46.70 39.36 -44.99
C VAL N 177 46.21 39.91 -46.32
N ILE N 178 46.67 39.32 -47.42
CA ILE N 178 46.28 39.75 -48.76
C ILE N 178 45.42 38.69 -49.46
N TYR N 179 44.29 39.12 -49.99
CA TYR N 179 43.39 38.25 -50.77
C TYR N 179 43.62 38.50 -52.25
N MET N 180 43.80 37.42 -53.00
CA MET N 180 44.17 37.49 -54.42
C MET N 180 43.48 36.37 -55.17
N GLY N 181 42.83 36.69 -56.26
CA GLY N 181 42.17 35.69 -57.10
C GLY N 181 43.15 34.65 -57.62
N GLY N 182 42.71 33.40 -57.64
CA GLY N 182 43.55 32.26 -58.07
C GLY N 182 44.16 32.35 -59.46
N ILE N 183 43.42 32.94 -60.39
CA ILE N 183 43.91 33.19 -61.77
C ILE N 183 45.02 34.25 -61.74
N ASP N 184 44.83 35.26 -60.89
CA ASP N 184 45.83 36.32 -60.72
C ASP N 184 47.12 35.84 -60.02
N THR N 185 47.02 34.94 -59.04
CA THR N 185 48.22 34.37 -58.39
C THR N 185 49.13 33.68 -59.41
N ALA N 186 48.51 33.03 -60.40
CA ALA N 186 49.23 32.31 -61.46
C ALA N 186 49.89 33.26 -62.48
N ARG N 187 49.16 34.28 -62.92
CA ARG N 187 49.70 35.23 -63.94
C ARG N 187 50.48 36.44 -63.37
N GLN N 188 50.44 36.65 -62.05
CA GLN N 188 51.28 37.68 -61.38
C GLN N 188 52.10 37.08 -60.23
N ALA N 189 52.66 35.90 -60.49
CA ALA N 189 53.37 35.11 -59.48
C ALA N 189 54.58 35.79 -58.83
N LEU N 190 55.25 36.67 -59.57
CA LEU N 190 56.37 37.43 -59.01
C LEU N 190 55.90 38.24 -57.78
N ASN N 191 54.74 38.86 -57.91
CA ASN N 191 54.18 39.64 -56.81
C ASN N 191 53.68 38.79 -55.61
N VAL N 192 53.23 37.56 -55.88
CA VAL N 192 52.88 36.65 -54.78
C VAL N 192 54.11 36.39 -53.92
N ALA N 193 55.22 36.05 -54.57
CA ALA N 193 56.48 35.74 -53.88
C ALA N 193 57.03 36.93 -53.09
N ARG N 194 56.92 38.13 -53.68
CA ARG N 194 57.32 39.37 -52.99
C ARG N 194 56.53 39.61 -51.70
N MET N 195 55.20 39.50 -51.81
CA MET N 195 54.31 39.61 -50.65
C MET N 195 54.69 38.65 -49.53
N ARG N 196 55.02 37.43 -49.89
CA ARG N 196 55.39 36.39 -48.94
C ARG N 196 56.73 36.70 -48.26
N LEU N 197 57.70 37.19 -49.04
CA LEU N 197 59.01 37.62 -48.49
C LEU N 197 58.86 38.80 -47.52
N LEU N 198 57.94 39.69 -47.85
CA LEU N 198 57.60 40.84 -46.99
C LEU N 198 56.85 40.48 -45.70
N GLY N 199 56.48 39.21 -45.55
CA GLY N 199 55.87 38.72 -44.31
C GLY N 199 54.35 38.65 -44.31
N ALA N 200 53.75 38.89 -45.47
CA ALA N 200 52.30 38.83 -45.61
C ALA N 200 51.81 37.40 -45.86
N GLU N 201 50.67 37.09 -45.28
CA GLU N 201 49.92 35.93 -45.67
C GLU N 201 49.14 36.21 -46.95
N VAL N 202 49.27 35.34 -47.95
CA VAL N 202 48.53 35.47 -49.21
C VAL N 202 47.50 34.35 -49.32
N VAL N 203 46.24 34.74 -49.50
CA VAL N 203 45.13 33.80 -49.63
C VAL N 203 44.58 33.84 -51.05
N ALA N 204 44.67 32.70 -51.72
CA ALA N 204 44.21 32.56 -53.09
C ALA N 204 42.70 32.35 -53.07
N VAL N 205 41.98 33.22 -53.76
CA VAL N 205 40.50 33.15 -53.80
C VAL N 205 40.02 32.32 -55.01
N GLN N 206 39.27 31.25 -54.74
CA GLN N 206 38.78 30.34 -55.80
C GLN N 206 37.32 30.57 -56.23
N THR N 207 36.64 31.52 -55.59
CA THR N 207 35.23 31.79 -55.89
C THR N 207 35.07 32.62 -57.16
N GLY N 208 33.92 32.50 -57.82
CA GLY N 208 33.54 33.32 -58.97
C GLY N 208 34.53 33.26 -60.13
N SER N 209 34.97 34.43 -60.61
CA SER N 209 35.95 34.52 -61.71
C SER N 209 37.42 34.36 -61.29
N LYS N 210 37.68 34.23 -59.98
CA LYS N 210 39.05 34.07 -59.42
C LYS N 210 39.98 35.22 -59.80
N THR N 211 39.41 36.41 -59.87
CA THR N 211 40.13 37.64 -60.24
C THR N 211 39.77 38.73 -59.22
N LEU N 212 40.05 39.99 -59.55
CA LEU N 212 39.99 41.09 -58.57
C LEU N 212 38.65 41.23 -57.85
N LYS N 213 37.54 41.15 -58.58
CA LYS N 213 36.22 41.36 -57.95
C LYS N 213 35.98 40.32 -56.85
N ASP N 214 36.54 39.13 -57.04
CA ASP N 214 36.31 38.00 -56.14
C ASP N 214 37.23 38.10 -54.93
N ALA N 215 38.45 38.58 -55.17
CA ALA N 215 39.35 38.94 -54.08
C ALA N 215 38.70 40.00 -53.17
N ILE N 216 38.06 41.00 -53.78
CA ILE N 216 37.38 42.05 -53.01
C ILE N 216 36.27 41.46 -52.14
N ASN N 217 35.47 40.58 -52.72
CA ASN N 217 34.41 39.91 -51.98
C ASN N 217 34.97 39.19 -50.75
N GLU N 218 36.09 38.49 -50.90
CA GLU N 218 36.65 37.74 -49.75
C GLU N 218 37.19 38.66 -48.67
N ALA N 219 37.88 39.71 -49.09
CA ALA N 219 38.40 40.70 -48.15
C ALA N 219 37.26 41.34 -47.34
N PHE N 220 36.17 41.64 -48.04
CA PHE N 220 34.97 42.18 -47.41
C PHE N 220 34.46 41.22 -46.33
N ARG N 221 34.41 39.93 -46.65
CA ARG N 221 33.96 38.88 -45.71
C ARG N 221 34.85 38.79 -44.47
N ASP N 222 36.15 38.92 -44.68
CA ASP N 222 37.12 38.99 -43.58
C ASP N 222 36.82 40.18 -42.67
N TRP N 223 36.64 41.35 -43.28
CA TRP N 223 36.44 42.59 -42.53
C TRP N 223 35.18 42.54 -41.67
N VAL N 224 34.11 42.03 -42.26
CA VAL N 224 32.83 41.84 -41.55
C VAL N 224 33.07 41.05 -40.27
N ALA N 225 33.82 39.96 -40.38
CA ALA N 225 34.09 39.06 -39.23
C ALA N 225 35.10 39.66 -38.22
N ASN N 226 36.04 40.47 -38.70
CA ASN N 226 37.18 40.93 -37.87
C ASN N 226 37.28 42.45 -37.70
N ALA N 227 36.16 43.15 -37.82
CA ALA N 227 36.12 44.64 -37.74
C ALA N 227 36.78 45.28 -36.51
N ASP N 228 36.73 44.60 -35.37
CA ASP N 228 37.29 45.15 -34.10
C ASP N 228 38.76 45.52 -34.19
N ASN N 229 39.56 44.61 -34.75
CA ASN N 229 41.02 44.78 -34.77
C ASN N 229 41.61 45.04 -36.16
N THR N 230 40.79 44.90 -37.20
CA THR N 230 41.29 44.87 -38.58
C THR N 230 40.94 46.16 -39.34
N TYR N 231 41.95 46.71 -40.01
CA TYR N 231 41.80 47.79 -40.96
C TYR N 231 41.79 47.20 -42.37
N TYR N 232 40.85 47.64 -43.20
CA TYR N 232 40.79 47.22 -44.60
C TYR N 232 41.40 48.31 -45.47
N CYS N 233 42.60 48.01 -45.98
CA CYS N 233 43.35 48.91 -46.86
C CYS N 233 42.92 48.73 -48.30
N PHE N 234 41.88 49.46 -48.70
CA PHE N 234 41.30 49.28 -50.03
C PHE N 234 42.12 50.01 -51.06
N GLY N 235 42.41 49.33 -52.16
CA GLY N 235 43.43 49.75 -53.12
C GLY N 235 43.01 50.53 -54.33
N THR N 236 41.72 50.82 -54.48
CA THR N 236 41.28 51.65 -55.60
C THR N 236 40.22 52.68 -55.17
N ALA N 237 39.91 53.59 -56.08
CA ALA N 237 39.01 54.72 -55.80
C ALA N 237 37.56 54.35 -55.99
N ALA N 238 37.17 53.27 -55.33
CA ALA N 238 35.80 52.76 -55.35
C ALA N 238 35.43 52.39 -53.91
N GLY N 239 34.38 51.59 -53.75
CA GLY N 239 33.96 51.19 -52.43
C GLY N 239 33.01 52.18 -51.79
N PRO N 240 32.56 51.87 -50.57
CA PRO N 240 31.69 52.78 -49.86
C PRO N 240 32.51 53.93 -49.35
N HIS N 241 31.85 55.07 -49.17
CA HIS N 241 32.42 56.20 -48.45
C HIS N 241 32.97 55.68 -47.11
N PRO N 242 34.21 56.02 -46.74
CA PRO N 242 35.04 57.11 -47.28
C PRO N 242 36.08 56.76 -48.35
N PHE N 243 36.09 55.54 -48.86
CA PHE N 243 37.22 55.07 -49.68
C PHE N 243 37.47 55.79 -51.00
N PRO N 244 36.40 56.08 -51.78
CA PRO N 244 36.66 56.83 -53.01
C PRO N 244 37.33 58.16 -52.78
N THR N 245 36.89 58.88 -51.76
CA THR N 245 37.45 60.19 -51.43
C THR N 245 38.85 60.11 -50.82
N MET N 246 39.02 59.20 -49.86
CA MET N 246 40.30 58.99 -49.19
C MET N 246 41.38 58.49 -50.15
N VAL N 247 41.06 57.51 -50.97
CA VAL N 247 42.04 56.99 -51.95
C VAL N 247 42.45 58.08 -52.93
N ARG N 248 41.45 58.82 -53.42
CA ARG N 248 41.70 59.95 -54.31
C ARG N 248 42.58 61.02 -53.64
N ASP N 249 42.26 61.38 -52.39
CA ASP N 249 43.08 62.34 -51.64
C ASP N 249 44.56 61.93 -51.51
N PHE N 250 44.82 60.65 -51.30
CA PHE N 250 46.20 60.19 -51.23
C PHE N 250 46.87 60.06 -52.59
N GLN N 251 46.09 59.96 -53.68
CA GLN N 251 46.66 59.92 -55.04
C GLN N 251 46.78 61.28 -55.74
N ARG N 252 46.10 62.30 -55.18
CA ARG N 252 46.13 63.71 -55.68
C ARG N 252 47.53 64.24 -55.99
N ILE N 253 48.49 63.83 -55.16
CA ILE N 253 49.90 64.18 -55.31
C ILE N 253 50.43 63.97 -56.75
N ILE N 254 49.93 62.96 -57.45
CA ILE N 254 50.40 62.68 -58.82
C ILE N 254 50.09 63.89 -59.72
N GLY N 255 48.83 64.30 -59.72
CA GLY N 255 48.39 65.43 -60.51
C GLY N 255 48.97 66.77 -60.10
N MET N 256 49.13 66.97 -58.80
N MET N 256 49.14 67.00 -58.80
CA MET N 256 49.71 68.21 -58.24
CA MET N 256 49.70 68.29 -58.33
C MET N 256 51.14 68.43 -58.71
C MET N 256 51.17 68.46 -58.71
N GLU N 257 51.92 67.35 -58.69
CA GLU N 257 53.29 67.36 -59.22
C GLU N 257 53.29 67.53 -60.73
N ALA N 258 52.45 66.76 -61.43
CA ALA N 258 52.39 66.80 -62.90
C ALA N 258 52.03 68.19 -63.44
N ARG N 259 51.10 68.85 -62.77
CA ARG N 259 50.65 70.18 -63.20
C ARG N 259 51.77 71.21 -63.14
N VAL N 260 52.57 71.14 -62.08
CA VAL N 260 53.76 72.00 -61.94
C VAL N 260 54.82 71.63 -62.98
N GLN N 261 55.09 70.34 -63.09
CA GLN N 261 56.15 69.83 -63.99
C GLN N 261 55.90 70.14 -65.45
N ILE N 262 54.68 69.91 -65.93
CA ILE N 262 54.35 70.16 -67.34
C ILE N 262 54.45 71.66 -67.71
N GLN N 263 54.02 72.53 -66.82
CA GLN N 263 54.15 73.98 -67.02
C GLN N 263 55.63 74.38 -67.12
N GLY N 264 56.45 73.79 -66.26
CA GLY N 264 57.90 73.98 -66.32
C GLY N 264 58.55 73.49 -67.61
N GLN N 265 58.24 72.28 -68.02
CA GLN N 265 58.91 71.65 -69.18
C GLN N 265 58.34 72.02 -70.54
N ALA N 266 57.02 72.19 -70.63
CA ALA N 266 56.38 72.57 -71.90
C ALA N 266 56.00 74.05 -71.98
N GLY N 267 56.04 74.77 -70.86
CA GLY N 267 55.71 76.22 -70.86
C GLY N 267 54.23 76.56 -70.76
N ARG N 268 53.39 75.54 -70.59
CA ARG N 268 51.93 75.72 -70.57
C ARG N 268 51.25 74.48 -70.06
N LEU N 269 49.96 74.62 -69.76
CA LEU N 269 49.13 73.46 -69.39
C LEU N 269 48.97 72.53 -70.59
N PRO N 270 48.75 71.24 -70.35
CA PRO N 270 48.64 70.32 -71.48
C PRO N 270 47.33 70.45 -72.24
N ASP N 271 47.30 69.88 -73.44
CA ASP N 271 46.06 69.77 -74.22
C ASP N 271 45.22 68.61 -73.70
N ALA N 272 45.89 67.60 -73.19
CA ALA N 272 45.23 66.49 -72.54
C ALA N 272 46.07 65.82 -71.46
N VAL N 273 45.35 65.19 -70.53
CA VAL N 273 45.93 64.33 -69.50
C VAL N 273 45.17 63.01 -69.57
N VAL N 274 45.88 61.89 -69.68
CA VAL N 274 45.25 60.58 -69.82
C VAL N 274 45.81 59.53 -68.87
N ALA N 275 44.97 58.54 -68.58
CA ALA N 275 45.35 57.44 -67.68
C ALA N 275 44.49 56.21 -67.96
N CYS N 276 44.95 55.05 -67.51
CA CYS N 276 44.12 53.86 -67.56
C CYS N 276 43.19 53.85 -66.35
N VAL N 277 42.11 53.09 -66.49
CA VAL N 277 41.05 53.03 -65.47
C VAL N 277 40.65 51.57 -65.13
N GLY N 278 41.10 51.14 -63.95
CA GLY N 278 40.66 49.90 -63.32
C GLY N 278 39.45 50.26 -62.48
N GLY N 279 39.65 50.35 -61.18
CA GLY N 279 38.66 50.98 -60.30
C GLY N 279 38.71 52.50 -60.31
N GLY N 280 39.88 53.04 -60.67
CA GLY N 280 40.04 54.49 -60.97
C GLY N 280 41.02 55.34 -60.16
N SER N 281 41.88 54.74 -59.34
CA SER N 281 42.75 55.52 -58.43
C SER N 281 43.89 56.33 -59.12
N ASN N 282 44.62 55.71 -60.04
CA ASN N 282 45.73 56.41 -60.72
C ASN N 282 45.17 57.52 -61.62
N ALA N 283 44.02 57.26 -62.25
CA ALA N 283 43.38 58.24 -63.12
C ALA N 283 42.88 59.46 -62.35
N ILE N 284 42.10 59.21 -61.31
CA ILE N 284 41.58 60.30 -60.47
C ILE N 284 42.73 61.04 -59.79
N GLY N 285 43.80 60.33 -59.47
CA GLY N 285 45.00 60.94 -58.87
C GLY N 285 45.65 62.02 -59.72
N ILE N 286 45.85 61.69 -61.00
CA ILE N 286 46.46 62.63 -61.94
C ILE N 286 45.47 63.67 -62.48
N PHE N 287 44.21 63.29 -62.66
CA PHE N 287 43.16 64.19 -63.18
C PHE N 287 42.79 65.33 -62.24
N HIS N 288 42.86 65.10 -60.94
CA HIS N 288 42.16 65.97 -59.99
C HIS N 288 42.63 67.41 -60.03
N ALA N 289 43.94 67.59 -60.13
CA ALA N 289 44.55 68.92 -60.19
C ALA N 289 44.23 69.71 -61.46
N PHE N 290 43.78 69.04 -62.51
CA PHE N 290 43.41 69.70 -63.78
C PHE N 290 41.88 69.91 -63.96
N LEU N 291 41.07 69.51 -63.00
CA LEU N 291 39.60 69.57 -63.17
C LEU N 291 39.07 70.96 -63.48
N ASP N 292 39.65 71.98 -62.85
CA ASP N 292 39.22 73.39 -63.05
C ASP N 292 40.03 74.15 -64.13
N ASP N 293 40.82 73.41 -64.92
CA ASP N 293 41.49 73.96 -66.11
C ASP N 293 40.64 73.59 -67.32
N PRO N 294 39.75 74.51 -67.78
CA PRO N 294 38.75 74.13 -68.79
C PRO N 294 39.31 73.73 -70.17
N GLY N 295 40.52 74.16 -70.49
CA GLY N 295 41.18 73.78 -71.75
C GLY N 295 41.88 72.44 -71.76
N VAL N 296 42.00 71.81 -70.59
CA VAL N 296 42.67 70.50 -70.45
C VAL N 296 41.67 69.35 -70.57
N ARG N 297 41.78 68.61 -71.66
N ARG N 297 41.75 68.61 -71.67
CA ARG N 297 40.97 67.41 -71.89
CA ARG N 297 40.91 67.43 -71.84
C ARG N 297 41.43 66.31 -70.96
C ARG N 297 41.43 66.30 -70.98
N LEU N 298 40.50 65.49 -70.49
CA LEU N 298 40.80 64.37 -69.61
C LEU N 298 40.22 63.12 -70.23
N VAL N 299 41.06 62.12 -70.44
CA VAL N 299 40.61 60.86 -71.04
C VAL N 299 41.08 59.64 -70.23
N GLY N 300 40.12 58.86 -69.79
CA GLY N 300 40.38 57.59 -69.11
C GLY N 300 40.25 56.46 -70.11
N PHE N 301 41.18 55.51 -70.03
CA PHE N 301 41.17 54.36 -70.94
C PHE N 301 40.92 53.06 -70.19
N GLU N 302 39.84 52.37 -70.60
CA GLU N 302 39.41 51.14 -69.93
C GLU N 302 39.76 49.91 -70.78
N ALA N 303 39.92 48.77 -70.11
CA ALA N 303 40.32 47.51 -70.76
C ALA N 303 39.18 46.90 -71.56
N ALA N 304 39.38 46.78 -72.86
CA ALA N 304 38.38 46.19 -73.77
C ALA N 304 38.63 44.71 -74.12
N GLY N 305 39.72 44.15 -73.62
CA GLY N 305 39.99 42.71 -73.76
C GLY N 305 40.09 42.23 -75.20
N ASP N 306 39.29 41.22 -75.54
CA ASP N 306 39.20 40.71 -76.92
C ASP N 306 38.40 41.64 -77.82
N GLY N 307 37.70 42.60 -77.22
CA GLY N 307 36.86 43.56 -77.94
C GLY N 307 35.53 43.71 -77.23
N VAL N 308 34.91 44.88 -77.34
CA VAL N 308 33.66 45.18 -76.62
C VAL N 308 32.45 44.37 -77.17
N GLU N 309 32.50 44.08 -78.46
CA GLU N 309 31.52 43.20 -79.14
C GLU N 309 31.58 41.71 -78.74
N THR N 310 32.67 41.26 -78.13
CA THR N 310 32.88 39.82 -77.82
C THR N 310 32.32 39.33 -76.49
N GLY N 311 31.97 40.23 -75.58
CA GLY N 311 31.65 39.85 -74.20
C GLY N 311 32.82 39.35 -73.37
N ARG N 312 34.06 39.63 -73.82
CA ARG N 312 35.27 39.34 -73.04
C ARG N 312 36.06 40.65 -72.91
N HIS N 313 35.65 41.46 -71.95
CA HIS N 313 36.18 42.81 -71.75
C HIS N 313 35.91 43.28 -70.34
N ALA N 314 36.47 44.45 -70.03
CA ALA N 314 36.20 45.15 -68.76
C ALA N 314 35.82 46.63 -69.01
N ALA N 315 35.20 46.87 -70.15
CA ALA N 315 34.82 48.21 -70.60
C ALA N 315 33.53 48.70 -69.95
N THR N 316 33.67 49.10 -68.69
CA THR N 316 32.55 49.45 -67.83
C THR N 316 31.72 50.63 -68.34
N PHE N 317 32.38 51.73 -68.70
CA PHE N 317 31.65 52.89 -69.24
C PHE N 317 31.11 52.69 -70.64
N THR N 318 31.83 51.95 -71.49
CA THR N 318 31.39 51.66 -72.86
C THR N 318 30.17 50.73 -72.91
N ALA N 319 30.20 49.68 -72.10
CA ALA N 319 29.19 48.60 -72.17
C ALA N 319 28.32 48.41 -70.90
N GLY N 320 28.69 49.07 -69.81
CA GLY N 320 27.99 48.90 -68.54
C GLY N 320 26.86 49.89 -68.32
N SER N 321 26.30 49.86 -67.12
CA SER N 321 25.18 50.72 -66.76
C SER N 321 25.16 50.97 -65.25
N PRO N 322 24.40 51.98 -64.79
CA PRO N 322 24.43 52.30 -63.36
C PRO N 322 23.88 51.20 -62.48
N GLY N 323 24.48 51.04 -61.31
CA GLY N 323 24.03 50.05 -60.32
C GLY N 323 24.85 50.09 -59.04
N ALA N 324 24.38 49.35 -58.04
CA ALA N 324 25.06 49.25 -56.74
C ALA N 324 25.95 48.03 -56.70
N PHE N 325 27.24 48.25 -56.47
CA PHE N 325 28.24 47.18 -56.46
C PHE N 325 29.45 47.57 -55.62
N HIS N 326 29.93 46.60 -54.84
CA HIS N 326 31.07 46.78 -53.95
C HIS N 326 31.01 48.09 -53.16
N GLY N 327 29.85 48.37 -52.57
CA GLY N 327 29.70 49.50 -51.67
C GLY N 327 29.24 50.83 -52.25
N SER N 328 29.20 50.95 -53.57
CA SER N 328 28.89 52.24 -54.22
C SER N 328 27.87 52.13 -55.35
N PHE N 329 27.17 53.22 -55.60
CA PHE N 329 26.35 53.37 -56.80
C PHE N 329 27.23 53.99 -57.87
N SER N 330 27.48 53.23 -58.92
CA SER N 330 28.39 53.63 -59.99
C SER N 330 28.04 52.84 -61.24
N TYR N 331 28.94 52.81 -62.22
CA TYR N 331 28.73 51.95 -63.40
C TYR N 331 29.28 50.56 -63.12
N LEU N 332 28.59 49.54 -63.61
CA LEU N 332 29.18 48.20 -63.69
C LEU N 332 28.65 47.42 -64.87
N LEU N 333 29.43 46.41 -65.26
CA LEU N 333 28.98 45.45 -66.25
C LEU N 333 27.98 44.52 -65.58
N GLN N 334 26.76 44.51 -66.10
CA GLN N 334 25.68 43.71 -65.51
C GLN N 334 24.66 43.27 -66.57
N ASP N 335 23.99 42.14 -66.30
CA ASP N 335 22.98 41.59 -67.22
C ASP N 335 21.59 42.18 -66.93
N GLU N 336 20.58 41.68 -67.64
CA GLU N 336 19.21 42.21 -67.54
C GLU N 336 18.63 42.14 -66.12
N ASP N 337 19.09 41.18 -65.33
CA ASP N 337 18.61 40.97 -63.94
C ASP N 337 19.42 41.72 -62.89
N GLY N 338 20.56 42.29 -63.29
CA GLY N 338 21.44 42.98 -62.36
C GLY N 338 22.54 42.13 -61.76
N GLN N 339 22.78 40.97 -62.36
CA GLN N 339 23.89 40.09 -61.95
C GLN N 339 25.17 40.66 -62.54
N THR N 340 26.25 40.68 -61.78
CA THR N 340 27.54 41.14 -62.27
C THR N 340 28.02 40.21 -63.38
N ILE N 341 28.44 40.81 -64.47
CA ILE N 341 29.07 40.07 -65.57
C ILE N 341 30.56 40.01 -65.29
N GLU N 342 31.12 38.82 -65.37
CA GLU N 342 32.55 38.63 -65.14
C GLU N 342 33.35 39.34 -66.22
N SER N 343 34.33 40.12 -65.79
CA SER N 343 35.22 40.84 -66.70
C SER N 343 36.36 39.94 -67.20
N HIS N 344 36.94 40.33 -68.33
CA HIS N 344 38.19 39.72 -68.83
C HIS N 344 39.12 40.76 -69.43
N SER N 345 40.40 40.63 -69.12
CA SER N 345 41.48 41.42 -69.74
C SER N 345 42.80 40.69 -69.58
N ILE N 346 43.72 40.94 -70.50
CA ILE N 346 45.10 40.45 -70.35
C ILE N 346 45.77 41.11 -69.14
N SER N 347 45.30 42.30 -68.80
CA SER N 347 45.78 43.03 -67.64
C SER N 347 45.00 42.69 -66.39
N ALA N 348 45.68 42.13 -65.39
CA ALA N 348 45.05 41.75 -64.13
C ALA N 348 44.53 42.95 -63.34
N GLY N 349 45.22 44.08 -63.46
CA GLY N 349 44.84 45.30 -62.79
C GLY N 349 43.62 46.02 -63.32
N LEU N 350 43.32 45.84 -64.60
CA LEU N 350 42.12 46.42 -65.24
C LEU N 350 40.96 45.44 -65.38
N ASP N 351 41.16 44.21 -64.92
CA ASP N 351 40.16 43.13 -65.06
C ASP N 351 39.14 43.22 -63.93
N TYR N 352 38.26 44.19 -64.04
CA TYR N 352 37.31 44.53 -62.98
C TYR N 352 36.06 45.11 -63.64
N PRO N 353 34.87 44.54 -63.36
CA PRO N 353 33.68 44.99 -64.07
C PRO N 353 33.04 46.28 -63.55
N GLY N 354 33.59 46.83 -62.47
CA GLY N 354 33.11 48.10 -61.91
C GLY N 354 34.03 49.29 -62.17
N VAL N 355 33.65 50.42 -61.59
CA VAL N 355 34.48 51.62 -61.61
C VAL N 355 34.03 52.53 -60.47
N GLY N 356 34.94 53.36 -59.97
CA GLY N 356 34.65 54.28 -58.88
C GLY N 356 33.60 55.33 -59.19
N PRO N 357 32.85 55.76 -58.16
CA PRO N 357 31.74 56.71 -58.36
C PRO N 357 32.13 58.14 -58.78
N GLU N 358 33.34 58.59 -58.41
CA GLU N 358 33.77 59.92 -58.82
C GLU N 358 33.90 59.96 -60.34
N HIS N 359 34.40 58.87 -60.91
CA HIS N 359 34.48 58.73 -62.37
C HIS N 359 33.11 58.70 -63.03
N ALA N 360 32.16 58.00 -62.42
CA ALA N 360 30.78 58.01 -62.92
C ALA N 360 30.23 59.45 -62.95
N TRP N 361 30.49 60.21 -61.89
CA TRP N 361 30.03 61.60 -61.78
C TRP N 361 30.70 62.47 -62.83
N LEU N 362 32.01 62.32 -62.99
CA LEU N 362 32.77 63.10 -63.97
C LEU N 362 32.37 62.75 -65.41
N LYS N 363 32.05 61.49 -65.65
CA LYS N 363 31.50 61.05 -66.95
C LYS N 363 30.14 61.68 -67.25
N GLU N 364 29.26 61.66 -66.26
CA GLU N 364 27.93 62.25 -66.39
C GLU N 364 27.99 63.77 -66.61
N ALA N 365 28.93 64.42 -65.95
CA ALA N 365 29.12 65.88 -66.05
C ALA N 365 29.71 66.36 -67.39
N GLY N 366 30.31 65.44 -68.14
CA GLY N 366 30.97 65.76 -69.40
C GLY N 366 32.41 66.26 -69.24
N ARG N 367 32.99 66.05 -68.06
CA ARG N 367 34.35 66.54 -67.77
C ARG N 367 35.45 65.57 -68.23
N VAL N 368 35.18 64.27 -68.11
CA VAL N 368 36.11 63.24 -68.56
C VAL N 368 35.43 62.36 -69.62
N ASP N 369 36.17 62.03 -70.66
CA ASP N 369 35.74 61.02 -71.63
C ASP N 369 36.45 59.69 -71.33
N TYR N 370 35.71 58.59 -71.40
CA TYR N 370 36.23 57.25 -71.11
C TYR N 370 36.09 56.39 -72.37
N ARG N 371 37.14 55.68 -72.72
N ARG N 371 37.16 55.68 -72.71
CA ARG N 371 37.21 55.03 -74.04
CA ARG N 371 37.31 55.05 -74.03
C ARG N 371 37.87 53.66 -73.94
C ARG N 371 37.87 53.64 -73.91
N PRO N 372 37.44 52.72 -74.81
CA PRO N 372 38.01 51.37 -74.80
C PRO N 372 39.37 51.23 -75.48
N ILE N 373 40.20 50.37 -74.91
CA ILE N 373 41.47 49.94 -75.50
C ILE N 373 41.60 48.41 -75.33
N THR N 374 41.84 47.72 -76.43
CA THR N 374 41.89 46.25 -76.46
C THR N 374 43.24 45.69 -75.98
N ASP N 375 43.25 44.41 -75.69
CA ASP N 375 44.49 43.69 -75.38
C ASP N 375 45.58 43.94 -76.40
N SER N 376 45.24 43.81 -77.68
CA SER N 376 46.20 43.94 -78.78
C SER N 376 46.78 45.35 -78.88
N GLU N 377 45.90 46.34 -78.85
CA GLU N 377 46.31 47.75 -78.82
C GLU N 377 47.29 48.02 -77.67
N ALA N 378 46.96 47.50 -76.49
CA ALA N 378 47.81 47.69 -75.31
C ALA N 378 49.17 47.01 -75.44
N MET N 379 49.19 45.80 -75.97
CA MET N 379 50.45 45.08 -76.17
C MET N 379 51.30 45.72 -77.26
N ASP N 380 50.69 46.22 -78.33
CA ASP N 380 51.45 46.98 -79.35
C ASP N 380 52.17 48.18 -78.70
N ALA N 381 51.46 48.88 -77.82
CA ALA N 381 52.02 50.03 -77.09
C ALA N 381 53.09 49.61 -76.06
N PHE N 382 52.83 48.52 -75.37
CA PHE N 382 53.81 47.93 -74.43
C PHE N 382 55.14 47.78 -75.17
N GLY N 383 55.07 47.05 -76.29
CA GLY N 383 56.23 46.75 -77.12
C GLY N 383 56.90 48.00 -77.64
N LEU N 384 56.10 48.97 -78.06
CA LEU N 384 56.63 50.22 -78.63
C LEU N 384 57.42 51.02 -77.60
N LEU N 385 56.90 51.05 -76.38
CA LEU N 385 57.55 51.78 -75.29
C LEU N 385 58.88 51.13 -74.88
N CYS N 386 58.92 49.81 -74.82
CA CYS N 386 60.17 49.08 -74.58
C CYS N 386 61.22 49.42 -75.62
N ARG N 387 60.82 49.35 -76.87
CA ARG N 387 61.71 49.48 -78.03
C ARG N 387 62.23 50.92 -78.27
N MET N 388 61.36 51.89 -78.05
CA MET N 388 61.63 53.29 -78.38
C MET N 388 62.23 54.06 -77.23
N GLU N 389 61.69 53.91 -76.03
CA GLU N 389 62.13 54.69 -74.86
C GLU N 389 62.88 53.90 -73.78
N GLY N 390 63.01 52.59 -73.96
CA GLY N 390 63.63 51.73 -72.95
C GLY N 390 62.90 51.66 -71.62
N ILE N 391 61.59 51.78 -71.65
CA ILE N 391 60.78 51.69 -70.44
C ILE N 391 59.84 50.51 -70.60
N ILE N 392 59.87 49.59 -69.64
CA ILE N 392 58.98 48.43 -69.62
C ILE N 392 57.81 48.78 -68.71
N PRO N 393 56.64 49.08 -69.31
CA PRO N 393 55.52 49.51 -68.50
C PRO N 393 54.74 48.33 -67.97
N ALA N 394 53.95 48.59 -66.96
CA ALA N 394 52.88 47.68 -66.62
C ALA N 394 51.92 47.57 -67.81
N ILE N 395 51.34 46.38 -67.99
CA ILE N 395 50.33 46.15 -69.04
C ILE N 395 49.11 47.04 -68.80
N GLU N 396 48.82 47.33 -67.53
CA GLU N 396 47.79 48.31 -67.17
C GLU N 396 48.11 49.65 -67.86
N SER N 397 49.30 50.16 -67.58
CA SER N 397 49.75 51.45 -68.07
C SER N 397 49.86 51.49 -69.59
N ALA N 398 50.20 50.37 -70.20
CA ALA N 398 50.29 50.28 -71.66
C ALA N 398 48.97 50.61 -72.34
N HIS N 399 47.84 50.39 -71.66
CA HIS N 399 46.54 50.85 -72.16
C HIS N 399 46.47 52.39 -72.29
N ALA N 400 46.99 53.08 -71.29
CA ALA N 400 47.03 54.54 -71.31
C ALA N 400 47.93 55.03 -72.42
N VAL N 401 49.07 54.37 -72.59
CA VAL N 401 50.03 54.73 -73.64
C VAL N 401 49.39 54.51 -75.01
N ALA N 402 48.71 53.39 -75.18
CA ALA N 402 48.00 53.08 -76.42
C ALA N 402 46.94 54.12 -76.75
N GLY N 403 46.19 54.52 -75.74
CA GLY N 403 45.19 55.58 -75.87
C GLY N 403 45.78 56.93 -76.23
N ALA N 404 46.90 57.27 -75.61
CA ALA N 404 47.61 58.50 -75.89
C ALA N 404 48.08 58.58 -77.34
N LEU N 405 48.52 57.46 -77.89
CA LEU N 405 48.93 57.41 -79.30
C LEU N 405 47.78 57.74 -80.24
N LYS N 406 46.60 57.19 -79.97
CA LYS N 406 45.41 57.48 -80.77
C LYS N 406 44.95 58.93 -80.59
N LEU N 407 44.98 59.40 -79.35
CA LEU N 407 44.64 60.79 -79.04
C LEU N 407 45.60 61.77 -79.73
N GLY N 408 46.88 61.40 -79.75
CA GLY N 408 47.90 62.16 -80.48
C GLY N 408 47.54 62.34 -81.95
N VAL N 409 47.09 61.27 -82.60
CA VAL N 409 46.67 61.33 -84.01
C VAL N 409 45.46 62.26 -84.19
N GLU N 410 44.54 62.23 -83.24
CA GLU N 410 43.35 63.07 -83.25
C GLU N 410 43.68 64.56 -83.08
N LEU N 411 44.53 64.87 -82.10
CA LEU N 411 44.90 66.27 -81.76
C LEU N 411 46.00 66.88 -82.65
N GLY N 412 46.94 66.06 -83.09
CA GLY N 412 47.92 66.44 -84.10
C GLY N 412 49.20 67.05 -83.58
N ARG N 413 49.95 67.64 -84.52
CA ARG N 413 51.33 68.08 -84.31
C ARG N 413 51.48 69.10 -83.19
N GLY N 414 52.37 68.80 -82.24
CA GLY N 414 52.70 69.71 -81.14
C GLY N 414 51.75 69.71 -79.95
N ALA N 415 50.68 68.91 -80.00
CA ALA N 415 49.77 68.80 -78.88
C ALA N 415 50.49 68.11 -77.73
N VAL N 416 50.24 68.64 -76.53
CA VAL N 416 50.93 68.20 -75.32
C VAL N 416 50.00 67.29 -74.56
N ILE N 417 50.39 66.03 -74.45
CA ILE N 417 49.60 64.98 -73.78
C ILE N 417 50.41 64.40 -72.62
N VAL N 418 49.90 64.57 -71.41
CA VAL N 418 50.49 63.96 -70.23
C VAL N 418 49.83 62.61 -70.01
N VAL N 419 50.65 61.57 -69.86
CA VAL N 419 50.20 60.19 -69.66
C VAL N 419 50.68 59.72 -68.30
N ASN N 420 49.76 59.19 -67.49
CA ASN N 420 50.14 58.57 -66.24
C ASN N 420 50.70 57.18 -66.50
N LEU N 421 51.99 57.03 -66.31
CA LEU N 421 52.63 55.73 -66.45
C LEU N 421 52.60 55.11 -65.07
N SER N 422 51.50 54.40 -64.81
CA SER N 422 51.08 54.01 -63.45
C SER N 422 51.99 52.99 -62.76
N GLY N 423 52.63 52.13 -63.54
CA GLY N 423 53.56 51.15 -62.99
C GLY N 423 54.49 50.52 -64.00
N ARG N 424 55.49 49.82 -63.47
CA ARG N 424 56.46 49.12 -64.29
C ARG N 424 56.03 47.70 -64.56
N GLY N 425 56.68 47.08 -65.54
CA GLY N 425 56.24 45.81 -66.10
C GLY N 425 56.95 44.53 -65.67
N ASP N 426 57.74 44.59 -64.61
CA ASP N 426 58.47 43.41 -64.13
C ASP N 426 57.58 42.19 -63.90
N LYS N 427 56.43 42.41 -63.31
CA LYS N 427 55.42 41.37 -63.08
C LYS N 427 54.83 40.77 -64.38
N ASP N 428 54.88 41.56 -65.44
CA ASP N 428 54.30 41.20 -66.74
C ASP N 428 55.33 40.67 -67.76
N VAL N 429 56.60 40.62 -67.37
CA VAL N 429 57.68 40.27 -68.31
C VAL N 429 57.47 38.89 -68.96
N GLU N 430 57.04 37.93 -68.16
CA GLU N 430 56.80 36.58 -68.65
C GLU N 430 55.66 36.57 -69.69
N THR N 431 54.53 37.18 -69.33
CA THR N 431 53.40 37.38 -70.25
C THR N 431 53.78 38.09 -71.56
N ALA N 432 54.55 39.15 -71.43
CA ALA N 432 54.98 39.93 -72.59
C ALA N 432 56.00 39.18 -73.47
N ALA N 433 56.98 38.54 -72.84
CA ALA N 433 57.97 37.72 -73.58
C ALA N 433 57.28 36.65 -74.40
N LYS N 434 56.27 36.03 -73.80
CA LYS N 434 55.43 35.03 -74.46
C LYS N 434 54.62 35.65 -75.62
N TRP N 435 53.96 36.76 -75.36
CA TRP N 435 53.25 37.51 -76.41
C TRP N 435 54.12 37.80 -77.64
N PHE N 436 55.37 38.22 -77.42
CA PHE N 436 56.28 38.64 -78.52
C PHE N 436 57.20 37.53 -79.05
N GLY N 437 57.00 36.30 -78.57
CA GLY N 437 57.76 35.15 -79.05
C GLY N 437 59.23 35.16 -78.64
N LEU N 438 59.48 35.56 -77.40
CA LEU N 438 60.84 35.71 -76.88
C LEU N 438 61.03 34.73 -75.72
N LEU N 439 60.50 33.53 -75.90
CA LEU N 439 60.23 32.49 -74.84
C LEU N 439 58.83 32.57 -74.20
N GLU O 28 124.27 42.44 -77.89
CA GLU O 28 124.58 42.57 -79.28
C GLU O 28 123.48 42.25 -80.24
N ALA O 29 123.02 41.01 -80.22
CA ALA O 29 121.93 40.60 -81.11
C ALA O 29 120.94 39.69 -80.40
N SER O 30 119.75 39.55 -80.99
CA SER O 30 118.67 38.75 -80.40
C SER O 30 119.00 37.26 -80.46
N ARG O 31 118.36 36.49 -79.57
CA ARG O 31 118.52 35.03 -79.49
C ARG O 31 118.00 34.30 -80.73
N LEU O 32 116.88 34.76 -81.27
CA LEU O 32 116.27 34.15 -82.46
C LEU O 32 116.81 34.69 -83.80
N GLY O 33 117.65 35.73 -83.74
CA GLY O 33 118.28 36.33 -84.93
C GLY O 33 118.97 35.38 -85.92
N PRO O 34 119.83 34.47 -85.41
CA PRO O 34 120.48 33.45 -86.27
C PRO O 34 119.51 32.48 -86.97
N VAL O 35 118.36 32.20 -86.35
CA VAL O 35 117.34 31.33 -86.98
C VAL O 35 116.74 32.02 -88.21
N PHE O 36 116.35 33.27 -88.05
CA PHE O 36 115.78 34.06 -89.15
C PHE O 36 116.79 34.38 -90.25
N ASP O 37 118.05 34.61 -89.87
CA ASP O 37 119.14 34.79 -90.85
C ASP O 37 119.40 33.52 -91.66
N SER O 38 119.40 32.37 -90.98
CA SER O 38 119.54 31.06 -91.61
C SER O 38 118.39 30.75 -92.59
N CYS O 39 117.18 31.14 -92.20
CA CYS O 39 116.01 31.03 -93.09
C CYS O 39 116.13 31.98 -94.27
N ARG O 40 116.45 33.24 -93.98
CA ARG O 40 116.63 34.28 -95.02
C ARG O 40 117.77 33.99 -95.99
N ALA O 41 118.76 33.20 -95.55
CA ALA O 41 119.87 32.70 -96.41
C ALA O 41 119.43 31.53 -97.31
N ASN O 42 118.52 30.69 -96.81
CA ASN O 42 117.92 29.58 -97.59
C ASN O 42 116.63 29.98 -98.31
N ASN O 43 116.41 31.28 -98.48
CA ASN O 43 115.25 31.83 -99.20
C ASN O 43 113.89 31.23 -98.78
N ARG O 44 113.61 31.36 -97.49
CA ARG O 44 112.36 30.84 -96.91
C ARG O 44 112.00 31.54 -95.62
N ALA O 45 110.77 31.28 -95.18
CA ALA O 45 110.28 31.75 -93.89
C ALA O 45 110.48 30.66 -92.85
N ALA O 46 110.56 31.09 -91.59
CA ALA O 46 110.63 30.16 -90.46
C ALA O 46 109.24 29.62 -90.14
N LEU O 47 109.14 28.32 -89.87
CA LEU O 47 107.89 27.71 -89.40
C LEU O 47 107.87 27.74 -87.88
N ILE O 48 106.90 28.44 -87.31
CA ILE O 48 106.78 28.63 -85.86
C ILE O 48 105.56 27.85 -85.37
N GLY O 49 105.80 26.82 -84.56
CA GLY O 49 104.75 25.88 -84.15
C GLY O 49 104.33 26.02 -82.70
N TYR O 50 103.04 26.23 -82.47
CA TYR O 50 102.46 26.30 -81.12
C TYR O 50 101.79 25.00 -80.69
N LEU O 51 102.16 24.53 -79.50
CA LEU O 51 101.39 23.52 -78.78
C LEU O 51 101.26 23.91 -77.30
N PRO O 52 100.13 23.56 -76.67
CA PRO O 52 99.98 23.82 -75.25
C PRO O 52 100.48 22.65 -74.40
N THR O 53 101.23 22.97 -73.36
CA THR O 53 101.75 21.99 -72.40
C THR O 53 100.59 21.29 -71.72
N GLY O 54 100.73 19.97 -71.55
CA GLY O 54 99.74 19.15 -70.85
C GLY O 54 98.52 18.67 -71.63
N TYR O 55 98.47 18.94 -72.93
CA TYR O 55 97.42 18.38 -73.79
C TYR O 55 98.02 17.33 -74.75
N PRO O 56 97.45 16.10 -74.80
CA PRO O 56 96.31 15.63 -73.96
C PRO O 56 96.68 15.29 -72.50
N ASP O 57 97.95 15.02 -72.27
CA ASP O 57 98.55 14.97 -70.92
C ASP O 57 99.99 15.48 -71.03
N VAL O 58 100.73 15.55 -69.92
CA VAL O 58 102.07 16.15 -69.93
C VAL O 58 103.11 15.34 -70.76
N PRO O 59 103.23 14.01 -70.53
CA PRO O 59 104.14 13.21 -71.36
C PRO O 59 103.83 13.20 -72.87
N ALA O 60 102.55 13.12 -73.24
CA ALA O 60 102.15 13.13 -74.66
C ALA O 60 102.47 14.46 -75.34
N SER O 61 102.25 15.57 -74.62
CA SER O 61 102.52 16.93 -75.13
C SER O 61 104.01 17.17 -75.39
N VAL O 62 104.85 16.63 -74.51
CA VAL O 62 106.30 16.72 -74.69
C VAL O 62 106.75 15.88 -75.89
N ALA O 63 106.19 14.68 -76.01
CA ALA O 63 106.44 13.81 -77.18
C ALA O 63 105.98 14.46 -78.49
N ALA O 64 104.88 15.21 -78.42
CA ALA O 64 104.38 15.99 -79.58
C ALA O 64 105.33 17.14 -79.94
N MET O 65 105.79 17.86 -78.93
CA MET O 65 106.71 18.98 -79.15
C MET O 65 108.06 18.52 -79.73
N THR O 66 108.51 17.34 -79.28
CA THR O 66 109.71 16.71 -79.85
C THR O 66 109.46 16.35 -81.33
N ALA O 67 108.29 15.80 -81.61
CA ALA O 67 107.89 15.46 -82.98
C ALA O 67 107.93 16.67 -83.93
N LEU O 68 107.54 17.83 -83.41
CA LEU O 68 107.62 19.09 -84.17
C LEU O 68 109.05 19.45 -84.56
N VAL O 69 109.98 19.28 -83.62
CA VAL O 69 111.40 19.51 -83.90
C VAL O 69 111.88 18.59 -85.03
N GLU O 70 111.53 17.31 -84.92
CA GLU O 70 111.89 16.29 -85.93
C GLU O 70 111.23 16.53 -87.28
N SER O 71 110.00 17.02 -87.26
CA SER O 71 109.22 17.28 -88.48
C SER O 71 109.52 18.63 -89.17
N GLY O 72 110.39 19.43 -88.58
CA GLY O 72 110.96 20.63 -89.24
C GLY O 72 110.43 21.98 -88.81
N CYS O 73 110.07 22.12 -87.54
CA CYS O 73 109.68 23.41 -86.97
C CYS O 73 110.93 24.14 -86.54
N ASP O 74 111.11 25.36 -87.02
CA ASP O 74 112.31 26.14 -86.70
C ASP O 74 112.25 26.69 -85.28
N ILE O 75 111.06 27.15 -84.87
CA ILE O 75 110.82 27.66 -83.51
C ILE O 75 109.56 26.99 -82.96
N ILE O 76 109.58 26.66 -81.67
CA ILE O 76 108.40 26.09 -80.97
C ILE O 76 107.87 27.09 -79.93
N GLU O 77 106.58 27.43 -80.03
CA GLU O 77 105.88 28.20 -78.99
C GLU O 77 105.28 27.23 -77.99
N VAL O 78 105.86 27.19 -76.80
CA VAL O 78 105.33 26.38 -75.71
C VAL O 78 104.27 27.19 -74.94
N GLY O 79 103.01 26.81 -75.12
CA GLY O 79 101.88 27.46 -74.46
C GLY O 79 101.76 27.08 -72.99
N VAL O 80 101.56 28.08 -72.15
CA VAL O 80 101.25 27.88 -70.73
C VAL O 80 99.73 27.97 -70.56
N PRO O 81 99.07 26.83 -70.24
CA PRO O 81 97.62 26.91 -70.06
C PRO O 81 97.18 27.87 -68.96
N TYR O 82 96.22 28.73 -69.29
CA TYR O 82 95.69 29.73 -68.39
C TYR O 82 94.17 29.53 -68.24
N SER O 83 93.68 29.77 -67.04
CA SER O 83 92.27 29.55 -66.70
C SER O 83 91.28 30.47 -67.46
N ASP O 84 91.72 31.67 -67.81
CA ASP O 84 90.85 32.65 -68.50
C ASP O 84 91.53 33.27 -69.73
N PRO O 85 91.78 32.45 -70.77
CA PRO O 85 92.60 32.84 -71.91
C PRO O 85 91.82 33.67 -72.92
N GLY O 86 91.85 34.98 -72.73
CA GLY O 86 91.01 35.91 -73.49
C GLY O 86 91.24 35.94 -74.99
N MET O 87 92.48 35.73 -75.40
CA MET O 87 92.87 35.79 -76.82
C MET O 87 92.89 34.43 -77.55
N ASP O 88 92.80 33.33 -76.83
CA ASP O 88 92.85 32.00 -77.45
C ASP O 88 91.52 31.66 -78.13
N GLY O 89 91.59 31.13 -79.35
CA GLY O 89 90.39 30.64 -80.05
C GLY O 89 89.85 29.33 -79.44
N PRO O 90 88.74 28.80 -79.97
CA PRO O 90 88.05 27.64 -79.37
C PRO O 90 88.87 26.34 -79.31
N THR O 91 89.60 26.04 -80.38
CA THR O 91 90.46 24.84 -80.42
C THR O 91 91.54 24.86 -79.33
N ILE O 92 92.24 25.98 -79.21
CA ILE O 92 93.28 26.15 -78.19
C ILE O 92 92.66 26.27 -76.78
N ALA O 93 91.54 26.99 -76.66
CA ALA O 93 90.87 27.18 -75.38
C ALA O 93 90.42 25.86 -74.76
N ARG O 94 89.82 24.99 -75.58
CA ARG O 94 89.37 23.66 -75.10
C ARG O 94 90.51 22.73 -74.74
N ALA O 95 91.61 22.83 -75.48
CA ALA O 95 92.81 22.05 -75.20
C ALA O 95 93.48 22.48 -73.88
N THR O 96 93.58 23.80 -73.67
CA THR O 96 94.15 24.34 -72.43
C THR O 96 93.23 24.03 -71.22
N GLU O 97 91.92 24.13 -71.40
CA GLU O 97 90.95 23.67 -70.38
C GLU O 97 91.21 22.22 -69.99
N ALA O 98 91.39 21.37 -70.99
CA ALA O 98 91.64 19.93 -70.78
C ALA O 98 92.96 19.67 -70.06
N ALA O 99 94.00 20.42 -70.44
CA ALA O 99 95.30 20.34 -69.77
C ALA O 99 95.19 20.71 -68.28
N LEU O 100 94.42 21.75 -67.98
CA LEU O 100 94.21 22.18 -66.60
C LEU O 100 93.43 21.16 -65.77
N ARG O 101 92.35 20.61 -66.34
CA ARG O 101 91.64 19.45 -65.71
C ARG O 101 92.60 18.30 -65.38
N GLY O 102 93.53 18.05 -66.29
CA GLY O 102 94.57 17.03 -66.08
C GLY O 102 95.65 17.36 -65.05
N GLY O 103 95.63 18.57 -64.52
CA GLY O 103 96.56 18.97 -63.43
C GLY O 103 97.87 19.63 -63.87
N VAL O 104 97.91 20.16 -65.08
CA VAL O 104 99.11 20.80 -65.63
C VAL O 104 99.55 21.96 -64.75
N ARG O 105 100.86 22.11 -64.64
CA ARG O 105 101.49 23.12 -63.79
C ARG O 105 102.45 23.94 -64.63
N VAL O 106 102.75 25.15 -64.17
CA VAL O 106 103.69 26.05 -64.86
C VAL O 106 105.08 25.43 -65.03
N ARG O 107 105.53 24.66 -64.05
CA ARG O 107 106.80 23.94 -64.15
C ARG O 107 106.90 22.92 -65.26
N ASP O 108 105.76 22.32 -65.60
CA ASP O 108 105.68 21.38 -66.74
C ASP O 108 106.10 22.07 -68.04
N THR O 109 105.79 23.36 -68.17
CA THR O 109 106.23 24.16 -69.33
C THR O 109 107.76 24.30 -69.40
N LEU O 110 108.39 24.55 -68.26
CA LEU O 110 109.85 24.64 -68.20
C LEU O 110 110.51 23.29 -68.50
N ALA O 111 109.89 22.20 -68.04
CA ALA O 111 110.33 20.84 -68.41
C ALA O 111 110.20 20.61 -69.93
N ALA O 112 109.12 21.11 -70.52
CA ALA O 112 108.90 21.01 -71.97
C ALA O 112 109.98 21.75 -72.77
N VAL O 113 110.33 22.94 -72.29
CA VAL O 113 111.38 23.75 -72.93
C VAL O 113 112.72 23.01 -72.90
N GLU O 114 113.01 22.39 -71.77
CA GLU O 114 114.24 21.60 -71.60
C GLU O 114 114.31 20.42 -72.57
N ALA O 115 113.23 19.66 -72.66
CA ALA O 115 113.13 18.51 -73.58
C ALA O 115 113.28 18.93 -75.04
N ILE O 116 112.67 20.06 -75.40
CA ILE O 116 112.83 20.64 -76.74
C ILE O 116 114.31 20.99 -76.99
N SER O 117 114.92 21.68 -76.04
CA SER O 117 116.32 22.15 -76.20
C SER O 117 117.32 21.01 -76.32
N ILE O 118 117.11 19.94 -75.57
CA ILE O 118 117.94 18.73 -75.63
C ILE O 118 117.79 18.00 -76.98
N ALA O 119 116.56 18.01 -77.51
CA ALA O 119 116.27 17.43 -78.84
C ALA O 119 116.83 18.24 -80.04
N GLY O 120 117.37 19.42 -79.78
CA GLY O 120 117.96 20.28 -80.82
C GLY O 120 117.03 21.35 -81.36
N GLY O 121 115.91 21.56 -80.69
CA GLY O 121 114.91 22.56 -81.09
C GLY O 121 115.13 23.88 -80.39
N ARG O 122 114.39 24.88 -80.83
CA ARG O 122 114.48 26.22 -80.28
C ARG O 122 113.10 26.62 -79.77
N ALA O 123 113.03 26.91 -78.48
CA ALA O 123 111.74 27.15 -77.82
C ALA O 123 111.57 28.56 -77.27
N VAL O 124 110.39 29.13 -77.51
CA VAL O 124 109.91 30.30 -76.75
C VAL O 124 108.66 29.88 -76.00
N VAL O 125 108.35 30.62 -74.94
CA VAL O 125 107.14 30.39 -74.15
C VAL O 125 106.09 31.45 -74.47
N MET O 126 104.85 31.02 -74.70
CA MET O 126 103.72 31.94 -74.83
C MET O 126 102.84 31.79 -73.60
N THR O 127 102.62 32.90 -72.91
CA THR O 127 101.87 32.89 -71.67
C THR O 127 101.15 34.20 -71.44
N TYR O 128 100.00 34.10 -70.80
CA TYR O 128 99.34 35.27 -70.22
C TYR O 128 100.19 35.71 -69.02
N TRP O 129 100.02 36.95 -68.61
CA TRP O 129 100.96 37.56 -67.69
C TRP O 129 100.84 37.13 -66.23
N ASN O 130 99.63 36.85 -65.75
CA ASN O 130 99.50 36.56 -64.31
C ASN O 130 100.31 35.36 -63.83
N PRO O 131 100.35 34.25 -64.60
CA PRO O 131 101.23 33.14 -64.20
C PRO O 131 102.70 33.55 -64.02
N VAL O 132 103.16 34.52 -64.80
CA VAL O 132 104.53 35.03 -64.67
C VAL O 132 104.68 35.87 -63.39
N LEU O 133 103.74 36.77 -63.13
CA LEU O 133 103.72 37.56 -61.87
C LEU O 133 103.76 36.69 -60.62
N ARG O 134 102.95 35.63 -60.65
CA ARG O 134 102.81 34.73 -59.51
C ARG O 134 104.09 33.97 -59.20
N TYR O 135 104.71 33.47 -60.27
CA TYR O 135 106.01 32.79 -60.23
C TYR O 135 107.11 33.74 -59.74
N GLY O 136 107.02 34.99 -60.19
CA GLY O 136 108.07 36.00 -60.03
C GLY O 136 108.70 36.25 -61.39
N VAL O 137 108.67 37.51 -61.84
CA VAL O 137 109.08 37.86 -63.21
C VAL O 137 110.57 37.55 -63.45
N ASP O 138 111.42 38.00 -62.52
CA ASP O 138 112.85 37.70 -62.58
C ASP O 138 113.12 36.19 -62.49
N ALA O 139 112.47 35.53 -61.53
CA ALA O 139 112.68 34.09 -61.31
C ALA O 139 112.26 33.28 -62.52
N PHE O 140 111.14 33.66 -63.13
CA PHE O 140 110.66 32.96 -64.33
C PHE O 140 111.62 33.16 -65.52
N ALA O 141 112.13 34.36 -65.67
CA ALA O 141 113.13 34.66 -66.70
C ALA O 141 114.39 33.83 -66.50
N ARG O 142 114.87 33.83 -65.26
CA ARG O 142 116.04 33.03 -64.84
C ARG O 142 115.86 31.55 -65.18
N ASP O 143 114.76 30.97 -64.74
CA ASP O 143 114.52 29.55 -64.94
C ASP O 143 114.20 29.19 -66.40
N LEU O 144 113.54 30.09 -67.12
CA LEU O 144 113.29 29.90 -68.55
C LEU O 144 114.61 29.84 -69.31
N ALA O 145 115.48 30.79 -69.00
CA ALA O 145 116.82 30.83 -69.59
C ALA O 145 117.66 29.60 -69.25
N ALA O 146 117.54 29.11 -68.02
CA ALA O 146 118.30 27.90 -67.58
C ALA O 146 117.82 26.63 -68.29
N ALA O 147 116.53 26.55 -68.58
CA ALA O 147 115.97 25.46 -69.40
C ALA O 147 116.36 25.50 -70.88
N GLY O 148 117.01 26.59 -71.31
CA GLY O 148 117.38 26.78 -72.72
C GLY O 148 116.36 27.58 -73.52
N GLY O 149 115.38 28.16 -72.84
CA GLY O 149 114.37 29.00 -73.47
C GLY O 149 114.98 30.26 -74.07
N LEU O 150 114.44 30.68 -75.20
CA LEU O 150 114.99 31.81 -75.97
C LEU O 150 114.20 33.11 -75.86
N GLY O 151 113.00 33.04 -75.32
CA GLY O 151 112.15 34.23 -75.23
C GLY O 151 110.72 33.97 -74.81
N LEU O 152 109.96 35.06 -74.81
CA LEU O 152 108.62 35.09 -74.23
C LEU O 152 107.67 35.84 -75.15
N ILE O 153 106.54 35.23 -75.45
CA ILE O 153 105.45 35.87 -76.20
C ILE O 153 104.38 36.26 -75.19
N THR O 154 103.96 37.52 -75.22
CA THR O 154 103.12 38.10 -74.15
C THR O 154 101.84 38.75 -74.70
N PRO O 155 100.79 37.96 -74.93
CA PRO O 155 99.59 38.49 -75.57
C PRO O 155 98.80 39.53 -74.77
N ASP O 156 98.85 39.48 -73.43
CA ASP O 156 98.17 40.50 -72.60
C ASP O 156 99.12 41.44 -71.86
N LEU O 157 100.38 41.51 -72.31
CA LEU O 157 101.35 42.47 -71.78
C LEU O 157 101.77 43.42 -72.90
N ILE O 158 101.35 44.66 -72.77
CA ILE O 158 101.79 45.73 -73.67
C ILE O 158 103.07 46.34 -73.07
N PRO O 159 103.92 46.99 -73.91
CA PRO O 159 105.14 47.61 -73.39
C PRO O 159 104.90 48.60 -72.24
N ASP O 160 103.78 49.31 -72.28
CA ASP O 160 103.34 50.24 -71.21
C ASP O 160 103.44 49.68 -69.78
N GLU O 161 103.23 48.38 -69.64
CA GLU O 161 103.28 47.68 -68.33
C GLU O 161 104.51 46.77 -68.16
N ALA O 162 105.44 46.83 -69.10
CA ALA O 162 106.50 45.81 -69.22
C ALA O 162 107.85 46.19 -68.59
N GLN O 163 107.86 47.09 -67.61
CA GLN O 163 109.12 47.59 -67.01
C GLN O 163 109.93 46.45 -66.36
N GLN O 164 109.29 45.65 -65.52
CA GLN O 164 109.93 44.50 -64.88
C GLN O 164 110.42 43.49 -65.91
N TRP O 165 109.59 43.24 -66.91
CA TRP O 165 109.91 42.29 -67.98
C TRP O 165 111.09 42.76 -68.84
N LEU O 166 111.09 44.04 -69.20
CA LEU O 166 112.23 44.62 -69.93
C LEU O 166 113.55 44.38 -69.20
N ALA O 167 113.56 44.66 -67.89
CA ALA O 167 114.76 44.46 -67.05
C ALA O 167 115.18 42.98 -66.96
N ALA O 168 114.21 42.11 -66.72
CA ALA O 168 114.44 40.66 -66.66
C ALA O 168 114.92 40.10 -68.01
N SER O 169 114.32 40.60 -69.08
CA SER O 169 114.68 40.22 -70.45
C SER O 169 116.13 40.56 -70.79
N GLU O 170 116.54 41.77 -70.45
CA GLU O 170 117.92 42.23 -70.69
C GLU O 170 118.94 41.41 -69.88
N GLU O 171 118.61 41.18 -68.61
CA GLU O 171 119.51 40.46 -67.71
C GLU O 171 119.71 38.98 -68.06
N HIS O 172 118.62 38.29 -68.39
CA HIS O 172 118.68 36.85 -68.69
C HIS O 172 118.73 36.52 -70.18
N ARG O 173 118.95 37.55 -71.01
CA ARG O 173 119.17 37.41 -72.45
C ARG O 173 118.06 36.65 -73.16
N LEU O 174 116.83 37.14 -72.97
CA LEU O 174 115.64 36.54 -73.57
C LEU O 174 114.99 37.51 -74.54
N ASP O 175 114.54 37.00 -75.67
CA ASP O 175 113.79 37.78 -76.63
C ASP O 175 112.41 38.10 -76.04
N ARG O 176 111.88 39.24 -76.45
CA ARG O 176 110.57 39.71 -75.99
C ARG O 176 109.72 40.00 -77.21
N ILE O 177 108.78 39.10 -77.46
CA ILE O 177 107.92 39.14 -78.62
C ILE O 177 106.59 39.73 -78.18
N PHE O 178 106.36 40.99 -78.55
CA PHE O 178 105.07 41.66 -78.34
C PHE O 178 104.21 41.48 -79.58
N LEU O 179 102.91 41.68 -79.41
CA LEU O 179 101.95 41.59 -80.52
C LEU O 179 101.59 42.98 -81.05
N VAL O 180 101.44 43.08 -82.36
CA VAL O 180 100.77 44.22 -83.01
C VAL O 180 99.53 43.74 -83.71
N ALA O 181 98.62 44.68 -83.99
CA ALA O 181 97.32 44.37 -84.57
C ALA O 181 97.00 45.30 -85.73
N PRO O 182 96.03 44.92 -86.60
CA PRO O 182 95.58 45.84 -87.66
C PRO O 182 95.09 47.19 -87.12
N SER O 183 94.42 47.16 -85.97
CA SER O 183 93.91 48.36 -85.32
C SER O 183 94.99 49.27 -84.70
N SER O 184 96.20 48.74 -84.50
CA SER O 184 97.29 49.51 -83.88
C SER O 184 97.51 50.88 -84.53
N THR O 185 97.53 51.92 -83.70
CA THR O 185 97.81 53.29 -84.20
C THR O 185 99.28 53.36 -84.63
N PRO O 186 99.64 54.34 -85.49
CA PRO O 186 101.04 54.48 -85.89
C PRO O 186 102.02 54.62 -84.73
N GLU O 187 101.62 55.40 -83.74
CA GLU O 187 102.47 55.67 -82.59
C GLU O 187 102.73 54.41 -81.75
N ARG O 188 101.66 53.67 -81.46
CA ARG O 188 101.73 52.43 -80.67
C ARG O 188 102.42 51.29 -81.42
N LEU O 189 102.22 51.24 -82.73
CA LEU O 189 102.96 50.28 -83.56
C LEU O 189 104.47 50.51 -83.48
N ALA O 190 104.89 51.78 -83.63
CA ALA O 190 106.31 52.16 -83.50
C ALA O 190 106.87 51.78 -82.11
N ALA O 191 106.16 52.16 -81.06
CA ALA O 191 106.55 51.85 -79.67
C ALA O 191 106.65 50.34 -79.39
N THR O 192 105.74 49.57 -79.96
CA THR O 192 105.70 48.10 -79.76
C THR O 192 106.85 47.40 -80.49
N VAL O 193 107.12 47.86 -81.71
CA VAL O 193 108.22 47.31 -82.52
C VAL O 193 109.58 47.62 -81.87
N GLU O 194 109.76 48.87 -81.45
CA GLU O 194 110.95 49.33 -80.70
C GLU O 194 111.22 48.51 -79.42
N ALA O 195 110.16 48.15 -78.71
CA ALA O 195 110.26 47.38 -77.46
C ALA O 195 110.51 45.87 -77.67
N SER O 196 110.28 45.38 -78.89
CA SER O 196 110.44 43.96 -79.21
C SER O 196 111.88 43.59 -79.59
N ARG O 197 112.30 42.41 -79.16
CA ARG O 197 113.54 41.78 -79.62
C ARG O 197 113.19 40.38 -80.13
N GLY O 198 113.85 39.95 -81.19
CA GLY O 198 113.64 38.62 -81.78
C GLY O 198 112.71 38.70 -82.98
N PHE O 199 111.41 38.74 -82.70
CA PHE O 199 110.40 39.04 -83.73
C PHE O 199 109.17 39.71 -83.15
N VAL O 200 108.35 40.27 -84.03
CA VAL O 200 107.06 40.86 -83.69
C VAL O 200 105.97 39.92 -84.19
N TYR O 201 105.04 39.57 -83.31
CA TYR O 201 103.91 38.70 -83.63
C TYR O 201 102.80 39.59 -84.20
N ALA O 202 102.64 39.55 -85.52
CA ALA O 202 101.56 40.27 -86.18
C ALA O 202 100.33 39.38 -86.22
N ALA O 203 99.40 39.64 -85.31
CA ALA O 203 98.19 38.81 -85.14
C ALA O 203 97.00 39.39 -85.87
N SER O 204 96.22 38.52 -86.51
CA SER O 204 94.87 38.86 -86.98
C SER O 204 93.97 37.65 -87.03
N SER O 216 91.73 39.61 -95.14
CA SER O 216 91.66 39.80 -96.45
C SER O 216 93.04 40.31 -96.93
N GLN O 217 93.27 41.63 -96.95
CA GLN O 217 94.61 42.19 -97.18
C GLN O 217 95.23 42.80 -95.89
N ALA O 218 94.70 42.40 -94.72
CA ALA O 218 95.09 42.99 -93.43
C ALA O 218 96.49 42.56 -92.98
N ALA O 219 96.77 41.27 -93.11
CA ALA O 219 98.08 40.71 -92.75
C ALA O 219 99.28 41.32 -93.50
N PRO O 220 99.25 41.30 -94.86
CA PRO O 220 100.38 41.95 -95.56
C PRO O 220 100.52 43.46 -95.31
N GLU O 221 99.39 44.13 -95.13
CA GLU O 221 99.35 45.56 -94.81
C GLU O 221 99.99 45.87 -93.45
N LEU O 222 99.69 45.03 -92.47
CA LEU O 222 100.26 45.15 -91.12
C LEU O 222 101.77 44.84 -91.12
N VAL O 223 102.15 43.78 -91.82
CA VAL O 223 103.57 43.46 -92.00
C VAL O 223 104.31 44.61 -92.70
N GLY O 224 103.69 45.16 -93.74
CA GLY O 224 104.21 46.34 -94.44
C GLY O 224 104.50 47.54 -93.55
N ARG O 225 103.58 47.82 -92.62
CA ARG O 225 103.73 48.95 -91.67
C ARG O 225 104.87 48.74 -90.66
N VAL O 226 105.11 47.49 -90.28
CA VAL O 226 106.25 47.14 -89.40
C VAL O 226 107.59 47.31 -90.16
N LYS O 227 107.62 46.84 -91.41
CA LYS O 227 108.84 46.97 -92.27
C LYS O 227 109.23 48.42 -92.54
N ALA O 228 108.25 49.33 -92.53
CA ALA O 228 108.49 50.76 -92.78
C ALA O 228 109.25 51.48 -91.65
N VAL O 229 109.22 50.92 -90.44
CA VAL O 229 109.93 51.53 -89.27
C VAL O 229 111.03 50.66 -88.65
N SER O 230 111.22 49.44 -89.14
CA SER O 230 112.17 48.50 -88.50
C SER O 230 112.51 47.28 -89.37
N ASP O 231 113.72 46.75 -89.16
CA ASP O 231 114.20 45.54 -89.87
C ASP O 231 114.04 44.27 -89.05
N ILE O 232 113.35 44.35 -87.91
CA ILE O 232 113.06 43.19 -87.07
C ILE O 232 112.16 42.18 -87.81
N PRO O 233 112.44 40.87 -87.69
CA PRO O 233 111.54 39.87 -88.27
C PRO O 233 110.11 39.95 -87.79
N VAL O 234 109.18 39.60 -88.68
CA VAL O 234 107.74 39.64 -88.39
C VAL O 234 107.17 38.25 -88.62
N GLY O 235 106.53 37.71 -87.58
CA GLY O 235 105.78 36.46 -87.67
C GLY O 235 104.31 36.76 -87.87
N VAL O 236 103.63 35.94 -88.66
CA VAL O 236 102.21 36.15 -88.99
C VAL O 236 101.39 34.93 -88.63
N GLY O 237 100.37 35.17 -87.80
CA GLY O 237 99.41 34.14 -87.38
C GLY O 237 98.04 34.48 -87.93
N LEU O 238 97.49 33.55 -88.72
CA LEU O 238 96.31 33.82 -89.56
C LEU O 238 95.32 32.64 -89.60
N GLY O 239 95.37 31.78 -88.58
CA GLY O 239 94.61 30.51 -88.62
C GLY O 239 95.00 29.62 -89.78
N VAL O 240 96.31 29.40 -89.92
CA VAL O 240 96.86 28.62 -91.04
C VAL O 240 96.54 27.14 -90.86
N ARG O 241 95.98 26.52 -91.89
CA ARG O 241 95.65 25.10 -91.87
C ARG O 241 96.39 24.23 -92.87
N SER O 242 96.96 24.83 -93.90
CA SER O 242 97.40 24.10 -95.09
C SER O 242 98.69 24.62 -95.65
N ARG O 243 99.26 23.81 -96.54
CA ARG O 243 100.49 24.13 -97.23
C ARG O 243 100.40 25.42 -98.05
N ALA O 244 99.33 25.53 -98.83
CA ALA O 244 99.10 26.73 -99.66
C ALA O 244 99.03 28.02 -98.84
N GLN O 245 98.34 27.98 -97.70
CA GLN O 245 98.22 29.15 -96.83
C GLN O 245 99.56 29.60 -96.24
N ALA O 246 100.37 28.63 -95.82
CA ALA O 246 101.73 28.91 -95.30
C ALA O 246 102.63 29.52 -96.38
N ALA O 247 102.44 29.09 -97.62
CA ALA O 247 103.21 29.60 -98.76
C ALA O 247 102.88 31.06 -99.07
N GLN O 248 101.59 31.39 -99.08
CA GLN O 248 101.12 32.77 -99.27
C GLN O 248 101.74 33.72 -98.25
N ILE O 249 101.75 33.29 -96.99
CA ILE O 249 102.29 34.10 -95.89
C ILE O 249 103.81 34.26 -96.01
N ALA O 250 104.48 33.22 -96.46
CA ALA O 250 105.95 33.23 -96.61
C ALA O 250 106.47 34.22 -97.65
N GLN O 251 105.61 34.65 -98.56
CA GLN O 251 105.96 35.67 -99.57
C GLN O 251 106.30 37.04 -98.99
N TYR O 252 105.68 37.39 -97.86
CA TYR O 252 105.89 38.69 -97.20
C TYR O 252 106.40 38.63 -95.74
N ALA O 253 106.06 37.56 -95.03
CA ALA O 253 106.45 37.40 -93.61
C ALA O 253 107.74 36.62 -93.45
N ASP O 254 108.51 36.97 -92.43
CA ASP O 254 109.74 36.24 -92.09
C ASP O 254 109.42 34.93 -91.38
N GLY O 255 108.27 34.89 -90.71
CA GLY O 255 107.82 33.68 -90.02
C GLY O 255 106.34 33.40 -90.22
N VAL O 256 105.99 32.13 -90.28
CA VAL O 256 104.61 31.65 -90.34
C VAL O 256 104.30 30.95 -89.01
N ILE O 257 103.31 31.48 -88.30
CA ILE O 257 102.91 30.94 -87.00
C ILE O 257 101.69 30.06 -87.16
N VAL O 258 101.77 28.83 -86.67
CA VAL O 258 100.69 27.85 -86.71
C VAL O 258 100.44 27.28 -85.31
N GLY O 259 99.17 27.17 -84.95
CA GLY O 259 98.78 26.72 -83.62
C GLY O 259 97.50 25.90 -83.60
N SER O 260 96.37 26.56 -83.86
CA SER O 260 95.07 25.88 -83.94
C SER O 260 95.13 24.57 -84.73
N ALA O 261 95.69 24.63 -85.93
CA ALA O 261 95.78 23.46 -86.82
C ALA O 261 96.64 22.33 -86.25
N LEU O 262 97.71 22.69 -85.55
CA LEU O 262 98.59 21.70 -84.90
C LEU O 262 97.87 20.98 -83.76
N VAL O 263 97.08 21.72 -82.99
CA VAL O 263 96.30 21.12 -81.90
C VAL O 263 95.25 20.16 -82.48
N THR O 264 94.50 20.62 -83.47
CA THR O 264 93.53 19.78 -84.20
C THR O 264 94.17 18.49 -84.72
N ALA O 265 95.38 18.60 -85.24
CA ALA O 265 96.12 17.45 -85.78
C ALA O 265 96.50 16.45 -84.67
N LEU O 266 97.02 16.96 -83.56
CA LEU O 266 97.39 16.14 -82.39
C LEU O 266 96.21 15.39 -81.76
N THR O 267 95.05 16.03 -81.74
CA THR O 267 93.81 15.41 -81.25
C THR O 267 93.45 14.12 -82.03
N GLU O 268 93.60 14.15 -83.35
CA GLU O 268 93.39 12.96 -84.17
C GLU O 268 94.49 11.93 -83.92
N GLY O 269 95.73 12.38 -83.90
CA GLY O 269 96.85 11.51 -83.57
C GLY O 269 98.22 12.14 -83.77
N LEU O 270 99.21 11.55 -83.13
CA LEU O 270 100.60 11.98 -83.27
C LEU O 270 101.16 11.82 -84.71
N PRO O 271 100.78 10.75 -85.43
CA PRO O 271 101.19 10.66 -86.85
C PRO O 271 100.59 11.74 -87.74
N ARG O 272 99.33 12.10 -87.48
CA ARG O 272 98.66 13.19 -88.20
C ARG O 272 99.36 14.54 -87.99
N LEU O 273 99.95 14.74 -86.81
CA LEU O 273 100.73 15.96 -86.52
C LEU O 273 102.02 16.00 -87.33
N ARG O 274 102.71 14.87 -87.42
CA ARG O 274 103.95 14.78 -88.21
C ARG O 274 103.67 15.13 -89.67
N ALA O 275 102.64 14.50 -90.23
CA ALA O 275 102.26 14.70 -91.63
C ALA O 275 101.95 16.17 -91.94
N LEU O 276 101.13 16.78 -91.09
CA LEU O 276 100.76 18.20 -91.25
C LEU O 276 101.97 19.13 -91.13
N THR O 277 102.80 18.90 -90.11
CA THR O 277 103.99 19.71 -89.88
C THR O 277 104.94 19.65 -91.08
N GLY O 278 105.09 18.45 -91.64
CA GLY O 278 105.88 18.25 -92.87
C GLY O 278 105.33 18.98 -94.09
N GLU O 279 104.00 19.01 -94.21
CA GLU O 279 103.35 19.79 -95.27
C GLU O 279 103.59 21.30 -95.11
N LEU O 280 103.50 21.79 -93.88
CA LEU O 280 103.74 23.21 -93.59
C LEU O 280 105.21 23.58 -93.77
N ALA O 281 106.11 22.66 -93.46
CA ALA O 281 107.55 22.84 -93.70
C ALA O 281 107.87 23.06 -95.18
N ALA O 282 107.17 22.32 -96.04
CA ALA O 282 107.28 22.49 -97.50
C ALA O 282 106.69 23.82 -97.97
N GLY O 283 105.60 24.23 -97.33
CA GLY O 283 104.93 25.50 -97.62
C GLY O 283 105.82 26.72 -97.47
N VAL O 284 106.54 26.82 -96.37
CA VAL O 284 107.40 28.00 -96.11
C VAL O 284 108.63 28.13 -97.02
N ARG O 285 109.03 27.04 -97.69
CA ARG O 285 110.18 27.04 -98.65
C ARG O 285 109.94 27.51 -100.07
N LEU O 286 108.80 27.87 -100.40
CA LEU O 286 108.61 28.40 -101.73
C LEU O 286 108.98 29.76 -102.02
N THR P 41 92.12 65.42 -60.10
CA THR P 41 92.18 65.50 -58.78
C THR P 41 93.13 64.68 -57.97
N SER P 42 93.07 64.94 -56.68
CA SER P 42 93.91 64.28 -55.69
C SER P 42 93.87 62.74 -55.78
N HIS P 43 92.70 62.19 -56.12
CA HIS P 43 92.48 60.76 -56.13
C HIS P 43 92.60 60.07 -57.50
N ASP P 44 92.76 60.86 -58.57
CA ASP P 44 92.86 60.31 -59.92
C ASP P 44 94.21 59.62 -60.17
N PRO P 45 94.25 58.67 -61.14
CA PRO P 45 95.50 58.01 -61.48
C PRO P 45 96.30 58.84 -62.47
N ASP P 46 97.52 58.42 -62.76
CA ASP P 46 98.33 59.05 -63.80
C ASP P 46 97.72 58.76 -65.19
N SER P 47 98.34 59.31 -66.24
CA SER P 47 97.85 59.14 -67.62
C SER P 47 97.86 57.69 -68.15
N GLY P 48 98.70 56.85 -67.55
CA GLY P 48 98.72 55.39 -67.80
C GLY P 48 97.68 54.58 -67.04
N GLY P 49 96.99 55.21 -66.08
CA GLY P 49 95.94 54.57 -65.30
C GLY P 49 96.38 53.97 -63.98
N HIS P 50 97.53 54.40 -63.48
CA HIS P 50 98.09 53.85 -62.25
C HIS P 50 97.72 54.67 -61.02
N PHE P 51 97.22 53.98 -60.00
CA PHE P 51 96.96 54.59 -58.69
C PHE P 51 98.12 54.29 -57.74
N GLY P 52 98.54 55.30 -57.00
CA GLY P 52 99.51 55.12 -55.90
C GLY P 52 100.96 55.07 -56.34
N GLY P 53 101.20 55.56 -57.55
CA GLY P 53 102.52 55.66 -58.09
C GLY P 53 102.99 54.38 -58.60
N PRO P 54 104.06 54.02 -58.01
CA PRO P 54 104.81 53.07 -58.59
C PRO P 54 104.40 51.61 -58.21
N SER P 55 103.58 51.44 -57.33
CA SER P 55 103.00 50.11 -57.15
C SER P 55 102.25 49.66 -58.21
N GLY P 56 101.60 50.64 -58.72
CA GLY P 56 101.08 50.39 -59.80
C GLY P 56 99.75 49.76 -59.91
N TRP P 57 98.82 50.07 -59.01
CA TRP P 57 97.48 49.52 -59.14
C TRP P 57 96.83 50.10 -60.39
N GLY P 58 96.14 49.25 -61.13
CA GLY P 58 95.42 49.68 -62.32
C GLY P 58 96.20 49.42 -63.58
N GLY P 59 96.34 50.45 -64.40
CA GLY P 59 97.06 50.34 -65.65
C GLY P 59 96.25 49.62 -66.70
N ARG P 60 96.94 49.08 -67.69
CA ARG P 60 96.32 48.46 -68.86
C ARG P 60 97.04 47.16 -69.21
N TYR P 61 96.45 46.04 -68.79
CA TYR P 61 96.98 44.73 -69.12
C TYR P 61 96.08 44.10 -70.18
N VAL P 62 96.33 44.54 -71.40
CA VAL P 62 95.50 44.23 -72.56
C VAL P 62 96.41 43.96 -73.73
N PRO P 63 95.90 43.30 -74.78
CA PRO P 63 96.69 43.14 -75.99
C PRO P 63 96.76 44.41 -76.84
N GLU P 64 97.85 44.56 -77.59
CA GLU P 64 98.07 45.69 -78.49
C GLU P 64 96.88 45.86 -79.46
N ALA P 65 96.25 44.74 -79.83
CA ALA P 65 95.01 44.74 -80.66
C ALA P 65 93.85 45.59 -80.11
N LEU P 66 93.80 45.76 -78.80
CA LEU P 66 92.80 46.63 -78.14
C LEU P 66 93.21 48.09 -77.90
N MET P 67 94.48 48.41 -78.07
CA MET P 67 94.99 49.71 -77.61
C MET P 67 94.48 50.90 -78.42
N ALA P 68 94.26 50.71 -79.71
CA ALA P 68 93.68 51.78 -80.54
C ALA P 68 92.31 52.22 -80.01
N VAL P 69 91.43 51.27 -79.72
CA VAL P 69 90.09 51.61 -79.22
C VAL P 69 90.11 52.06 -77.75
N ILE P 70 90.95 51.45 -76.94
CA ILE P 70 91.15 51.94 -75.57
C ILE P 70 91.64 53.40 -75.54
N GLU P 71 92.60 53.74 -76.39
CA GLU P 71 93.08 55.13 -76.50
C GLU P 71 92.00 56.07 -77.07
N GLU P 72 91.19 55.55 -77.98
CA GLU P 72 90.05 56.28 -78.56
C GLU P 72 89.00 56.64 -77.49
N VAL P 73 88.65 55.67 -76.67
CA VAL P 73 87.68 55.85 -75.57
C VAL P 73 88.22 56.80 -74.50
N THR P 74 89.49 56.64 -74.16
CA THR P 74 90.16 57.50 -73.17
C THR P 74 90.13 58.97 -73.61
N ALA P 75 90.52 59.21 -74.85
CA ALA P 75 90.52 60.56 -75.43
C ALA P 75 89.11 61.16 -75.49
N ALA P 76 88.13 60.35 -75.88
CA ALA P 76 86.73 60.80 -75.99
C ALA P 76 86.14 61.17 -74.63
N TYR P 77 86.46 60.35 -73.62
CA TYR P 77 86.06 60.63 -72.26
C TYR P 77 86.67 61.95 -71.72
N GLN P 78 87.96 62.13 -71.93
CA GLN P 78 88.66 63.35 -71.48
C GLN P 78 88.07 64.60 -72.12
N LYS P 79 87.72 64.51 -73.40
CA LYS P 79 87.04 65.58 -74.11
C LYS P 79 85.61 65.86 -73.57
N GLU P 80 84.82 64.80 -73.43
CA GLU P 80 83.39 64.94 -73.09
C GLU P 80 83.12 65.25 -71.63
N ARG P 81 83.95 64.78 -70.71
CA ARG P 81 83.78 65.08 -69.27
C ARG P 81 83.81 66.58 -68.92
N VAL P 82 84.40 67.41 -69.79
CA VAL P 82 84.44 68.89 -69.60
C VAL P 82 83.57 69.67 -70.60
N SER P 83 82.79 68.96 -71.38
CA SER P 83 81.86 69.56 -72.34
C SER P 83 80.52 69.78 -71.64
N GLN P 84 80.08 71.05 -71.58
CA GLN P 84 78.81 71.38 -70.94
C GLN P 84 77.60 70.69 -71.61
N ASP P 85 77.63 70.58 -72.94
CA ASP P 85 76.58 69.88 -73.69
C ASP P 85 76.40 68.45 -73.21
N PHE P 86 77.52 67.75 -73.02
CA PHE P 86 77.51 66.35 -72.55
C PHE P 86 76.98 66.23 -71.13
N LEU P 87 77.48 67.10 -70.26
CA LEU P 87 77.06 67.10 -68.86
C LEU P 87 75.59 67.50 -68.69
N ASP P 88 75.14 68.44 -69.51
CA ASP P 88 73.71 68.81 -69.59
C ASP P 88 72.84 67.64 -70.02
N ASP P 89 73.28 66.91 -71.05
CA ASP P 89 72.56 65.73 -71.54
C ASP P 89 72.47 64.65 -70.48
N LEU P 90 73.60 64.38 -69.83
CA LEU P 90 73.66 63.38 -68.76
C LEU P 90 72.76 63.75 -67.59
N ASP P 91 72.82 65.02 -67.20
CA ASP P 91 72.00 65.56 -66.12
C ASP P 91 70.51 65.49 -66.37
N ARG P 92 70.12 65.87 -67.58
CA ARG P 92 68.71 65.85 -68.02
C ARG P 92 68.14 64.42 -67.93
N LEU P 93 68.91 63.45 -68.40
CA LEU P 93 68.52 62.04 -68.32
C LEU P 93 68.49 61.53 -66.89
N GLN P 94 69.48 61.88 -66.07
CA GLN P 94 69.49 61.48 -64.67
C GLN P 94 68.25 61.95 -63.92
N ALA P 95 67.83 63.18 -64.17
CA ALA P 95 66.66 63.75 -63.50
C ALA P 95 65.35 63.18 -64.04
N ASN P 96 65.10 63.41 -65.32
CA ASN P 96 63.78 63.13 -65.93
C ASN P 96 63.54 61.66 -66.31
N TYR P 97 64.60 60.93 -66.59
CA TYR P 97 64.50 59.55 -67.08
C TYR P 97 64.77 58.54 -65.97
N ALA P 98 65.89 58.71 -65.29
CA ALA P 98 66.33 57.78 -64.23
C ALA P 98 65.75 58.07 -62.85
N GLY P 99 65.23 59.27 -62.66
CA GLY P 99 64.60 59.65 -61.38
C GLY P 99 65.51 60.10 -60.25
N ARG P 100 66.67 60.66 -60.55
CA ARG P 100 67.58 61.19 -59.52
C ARG P 100 67.07 62.54 -58.97
N PRO P 101 67.40 62.88 -57.72
CA PRO P 101 68.16 62.07 -56.78
C PRO P 101 67.39 60.88 -56.19
N SER P 102 68.12 59.87 -55.78
CA SER P 102 67.56 58.80 -54.97
C SER P 102 67.49 59.31 -53.54
N PRO P 103 66.48 58.89 -52.79
CA PRO P 103 66.38 59.37 -51.42
C PRO P 103 67.30 58.65 -50.45
N LEU P 104 67.44 59.25 -49.28
CA LEU P 104 68.15 58.67 -48.16
C LEU P 104 67.11 58.42 -47.08
N TYR P 105 66.98 57.16 -46.65
CA TYR P 105 65.90 56.75 -45.73
C TYR P 105 66.46 56.18 -44.42
N GLU P 106 66.04 56.75 -43.29
CA GLU P 106 66.46 56.22 -41.99
C GLU P 106 65.60 55.01 -41.64
N ALA P 107 66.22 53.84 -41.66
CA ALA P 107 65.54 52.56 -41.36
C ALA P 107 65.50 52.31 -39.85
N THR P 108 64.56 52.99 -39.19
CA THR P 108 64.49 53.01 -37.71
C THR P 108 64.13 51.65 -37.09
N ARG P 109 63.38 50.82 -37.82
CA ARG P 109 63.01 49.47 -37.36
C ARG P 109 64.16 48.46 -37.44
N LEU P 110 65.24 48.82 -38.16
CA LEU P 110 66.50 48.05 -38.12
C LEU P 110 67.37 48.34 -36.92
N SER P 111 67.14 49.49 -36.27
CA SER P 111 68.05 49.99 -35.24
C SER P 111 68.31 49.00 -34.11
N GLN P 112 67.26 48.35 -33.62
CA GLN P 112 67.40 47.37 -32.51
C GLN P 112 68.18 46.11 -32.90
N HIS P 113 68.27 45.84 -34.20
CA HIS P 113 69.10 44.73 -34.72
C HIS P 113 70.54 45.15 -35.06
N ALA P 114 70.86 46.42 -34.82
CA ALA P 114 72.17 47.00 -35.16
C ALA P 114 72.77 47.77 -33.99
N GLY P 115 72.64 47.22 -32.78
CA GLY P 115 73.14 47.85 -31.56
C GLY P 115 72.59 49.24 -31.24
N SER P 116 71.35 49.49 -31.67
CA SER P 116 70.71 50.81 -31.54
C SER P 116 71.40 51.94 -32.33
N ALA P 117 72.23 51.55 -33.30
CA ALA P 117 72.80 52.51 -34.25
C ALA P 117 71.71 52.96 -35.23
N ARG P 118 72.01 54.00 -36.00
CA ARG P 118 71.05 54.56 -36.94
C ARG P 118 71.48 54.24 -38.37
N ILE P 119 70.75 53.32 -38.99
CA ILE P 119 71.02 52.89 -40.36
C ILE P 119 70.26 53.75 -41.36
N PHE P 120 71.00 54.45 -42.21
CA PHE P 120 70.41 55.24 -43.31
C PHE P 120 70.65 54.53 -44.64
N LEU P 121 69.57 54.24 -45.36
CA LEU P 121 69.65 53.52 -46.62
C LEU P 121 69.64 54.49 -47.78
N LYS P 122 70.71 54.49 -48.57
CA LYS P 122 70.78 55.29 -49.80
C LYS P 122 70.09 54.47 -50.87
N ARG P 123 68.95 54.95 -51.35
CA ARG P 123 67.98 54.11 -52.08
C ARG P 123 68.21 54.04 -53.59
N GLU P 124 69.34 53.47 -54.00
CA GLU P 124 69.63 53.25 -55.42
C GLU P 124 68.66 52.22 -56.02
N ASP P 125 68.03 51.41 -55.18
CA ASP P 125 66.94 50.49 -55.59
C ASP P 125 65.75 51.17 -56.31
N LEU P 126 65.55 52.46 -56.06
CA LEU P 126 64.45 53.21 -56.70
C LEU P 126 64.78 53.81 -58.07
N ASN P 127 66.03 53.69 -58.52
CA ASN P 127 66.40 54.19 -59.87
C ASN P 127 65.67 53.40 -60.94
N HIS P 128 65.49 54.03 -62.10
CA HIS P 128 65.04 53.33 -63.30
C HIS P 128 65.93 52.11 -63.56
N THR P 129 65.28 50.99 -63.82
CA THR P 129 65.90 49.65 -63.98
C THR P 129 66.23 48.94 -62.66
N GLY P 130 66.19 49.67 -61.55
CA GLY P 130 66.25 49.06 -60.22
C GLY P 130 67.63 48.89 -59.61
N SER P 131 68.61 49.62 -60.11
CA SER P 131 69.93 49.62 -59.49
C SER P 131 70.76 50.85 -59.85
N HIS P 132 71.90 50.96 -59.19
CA HIS P 132 72.92 51.95 -59.52
C HIS P 132 73.53 51.83 -60.91
N LYS P 133 73.43 50.67 -61.54
CA LYS P 133 74.07 50.45 -62.85
C LYS P 133 73.69 51.50 -63.91
N ILE P 134 72.46 51.98 -63.84
CA ILE P 134 71.98 52.97 -64.80
C ILE P 134 72.83 54.25 -64.83
N ASN P 135 73.41 54.63 -63.70
CA ASN P 135 74.22 55.87 -63.62
C ASN P 135 75.39 55.84 -64.61
N ASN P 136 76.18 54.78 -64.50
CA ASN P 136 77.32 54.50 -65.37
C ASN P 136 76.91 54.30 -66.84
N VAL P 137 75.82 53.57 -67.04
CA VAL P 137 75.34 53.26 -68.40
C VAL P 137 74.94 54.50 -69.19
N LEU P 138 74.22 55.43 -68.57
CA LEU P 138 73.79 56.64 -69.28
C LEU P 138 75.00 57.47 -69.74
N GLY P 139 76.00 57.56 -68.86
CA GLY P 139 77.26 58.21 -69.19
C GLY P 139 77.96 57.55 -70.36
N GLN P 140 78.21 56.25 -70.25
CA GLN P 140 78.93 55.51 -71.29
C GLN P 140 78.16 55.38 -72.61
N ALA P 141 76.85 55.27 -72.54
CA ALA P 141 76.02 55.18 -73.74
C ALA P 141 75.97 56.50 -74.51
N LEU P 142 75.84 57.60 -73.78
CA LEU P 142 75.98 58.94 -74.39
C LEU P 142 77.33 59.12 -75.06
N LEU P 143 78.37 58.62 -74.39
CA LEU P 143 79.75 58.67 -74.91
C LEU P 143 79.90 57.82 -76.18
N ALA P 144 79.26 56.66 -76.22
CA ALA P 144 79.31 55.80 -77.41
C ALA P 144 78.76 56.50 -78.63
N ARG P 145 77.64 57.18 -78.44
CA ARG P 145 77.01 57.97 -79.48
C ARG P 145 77.85 59.16 -79.93
N ARG P 146 78.49 59.85 -78.97
CA ARG P 146 79.42 60.95 -79.29
C ARG P 146 80.62 60.50 -80.16
N MET P 147 81.11 59.29 -79.88
CA MET P 147 82.22 58.67 -80.63
C MET P 147 81.83 58.12 -82.01
N GLY P 148 80.54 58.06 -82.31
CA GLY P 148 80.06 57.54 -83.59
C GLY P 148 80.04 56.03 -83.68
N LYS P 149 80.14 55.34 -82.54
CA LYS P 149 80.01 53.88 -82.50
C LYS P 149 78.57 53.47 -82.73
N THR P 150 78.36 52.37 -83.45
CA THR P 150 77.00 51.91 -83.82
C THR P 150 76.52 50.64 -83.18
N ARG P 151 77.31 50.14 -82.25
CA ARG P 151 77.05 48.86 -81.60
C ARG P 151 77.61 48.91 -80.18
N VAL P 152 76.82 48.44 -79.22
CA VAL P 152 77.27 48.42 -77.83
C VAL P 152 77.24 46.99 -77.34
N ILE P 153 78.30 46.60 -76.63
CA ILE P 153 78.34 45.29 -75.96
C ILE P 153 78.55 45.45 -74.46
N ALA P 154 78.05 44.48 -73.72
CA ALA P 154 78.22 44.47 -72.29
C ALA P 154 78.17 43.06 -71.73
N GLU P 155 78.84 42.89 -70.60
CA GLU P 155 78.77 41.70 -69.76
C GLU P 155 77.74 41.93 -68.66
N THR P 156 77.12 40.86 -68.17
CA THR P 156 76.29 40.99 -66.97
C THR P 156 76.28 39.71 -66.16
N GLY P 157 76.19 39.86 -64.84
CA GLY P 157 76.08 38.72 -63.91
C GLY P 157 74.70 38.65 -63.30
N ALA P 158 74.36 39.66 -62.51
CA ALA P 158 73.01 39.77 -61.95
C ALA P 158 71.94 40.13 -63.01
N GLY P 159 72.39 40.65 -64.15
CA GLY P 159 71.45 41.08 -65.21
C GLY P 159 71.03 42.54 -65.13
N GLN P 160 71.48 43.24 -64.09
CA GLN P 160 71.08 44.64 -63.86
C GLN P 160 71.84 45.58 -64.78
N HIS P 161 73.13 45.30 -64.99
CA HIS P 161 73.95 46.06 -65.93
C HIS P 161 73.48 45.77 -67.37
N GLY P 162 73.17 44.52 -67.64
CA GLY P 162 72.62 44.11 -68.93
C GLY P 162 71.33 44.86 -69.25
N VAL P 163 70.42 44.90 -68.29
CA VAL P 163 69.13 45.58 -68.42
C VAL P 163 69.33 47.09 -68.60
N ALA P 164 70.20 47.68 -67.79
CA ALA P 164 70.52 49.10 -67.91
C ALA P 164 71.09 49.42 -69.28
N THR P 165 72.06 48.63 -69.73
CA THR P 165 72.68 48.83 -71.05
C THR P 165 71.64 48.73 -72.19
N ALA P 166 70.80 47.69 -72.13
CA ALA P 166 69.70 47.51 -73.09
C ALA P 166 68.74 48.70 -73.11
N THR P 167 68.36 49.13 -71.91
CA THR P 167 67.58 50.34 -71.70
C THR P 167 68.17 51.56 -72.44
N ALA P 168 69.42 51.90 -72.14
CA ALA P 168 70.07 53.06 -72.77
C ALA P 168 70.18 52.91 -74.30
N CYS P 169 70.45 51.70 -74.76
CA CYS P 169 70.54 51.44 -76.20
C CYS P 169 69.18 51.55 -76.92
N ALA P 170 68.11 51.16 -76.23
CA ALA P 170 66.75 51.38 -76.75
C ALA P 170 66.49 52.88 -76.90
N LEU P 171 66.78 53.59 -75.82
CA LEU P 171 66.62 55.03 -75.73
C LEU P 171 67.39 55.79 -76.82
N LEU P 172 68.62 55.35 -77.11
CA LEU P 172 69.50 56.04 -78.06
C LEU P 172 69.58 55.40 -79.44
N GLY P 173 68.92 54.27 -79.64
CA GLY P 173 68.87 53.61 -80.96
C GLY P 173 70.18 52.96 -81.36
N LEU P 174 70.86 52.33 -80.41
CA LEU P 174 72.11 51.61 -80.65
C LEU P 174 71.84 50.10 -80.66
N ASP P 175 72.48 49.35 -81.56
CA ASP P 175 72.46 47.87 -81.48
C ASP P 175 73.14 47.43 -80.19
N CYS P 176 72.57 46.40 -79.56
CA CYS P 176 72.98 45.95 -78.23
C CYS P 176 73.11 44.43 -78.15
N VAL P 177 74.26 43.98 -77.62
CA VAL P 177 74.53 42.56 -77.38
C VAL P 177 75.06 42.40 -75.96
N ILE P 178 74.35 41.61 -75.16
CA ILE P 178 74.74 41.37 -73.77
C ILE P 178 75.26 39.94 -73.62
N TYR P 179 76.44 39.80 -73.02
CA TYR P 179 77.03 38.50 -72.69
C TYR P 179 76.74 38.17 -71.23
N MET P 180 76.20 36.99 -71.01
CA MET P 180 75.76 36.55 -69.68
C MET P 180 76.09 35.08 -69.48
N GLY P 181 76.75 34.77 -68.37
CA GLY P 181 77.11 33.38 -68.05
C GLY P 181 75.87 32.51 -67.93
N GLY P 182 75.98 31.27 -68.40
CA GLY P 182 74.84 30.32 -68.43
C GLY P 182 74.17 29.97 -67.10
N ILE P 183 74.96 29.95 -66.04
CA ILE P 183 74.45 29.77 -64.67
C ILE P 183 73.66 31.00 -64.24
N ASP P 184 74.15 32.19 -64.62
CA ASP P 184 73.46 33.45 -64.35
C ASP P 184 72.14 33.61 -65.14
N THR P 185 72.09 33.16 -66.39
CA THR P 185 70.84 33.23 -67.18
C THR P 185 69.71 32.46 -66.49
N ALA P 186 70.07 31.34 -65.88
CA ALA P 186 69.11 30.50 -65.17
C ALA P 186 68.62 31.12 -63.85
N ARG P 187 69.54 31.63 -63.02
CA ARG P 187 69.18 32.20 -61.69
C ARG P 187 68.79 33.68 -61.69
N GLN P 188 68.95 34.36 -62.82
CA GLN P 188 68.48 35.75 -62.99
C GLN P 188 67.59 35.90 -64.24
N ALA P 189 66.74 34.91 -64.47
CA ALA P 189 65.95 34.78 -65.70
C ALA P 189 64.99 35.95 -66.00
N LEU P 190 64.49 36.58 -64.94
CA LEU P 190 63.65 37.78 -65.10
C LEU P 190 64.40 38.84 -65.92
N ASN P 191 65.65 39.06 -65.58
CA ASN P 191 66.47 40.05 -66.29
C ASN P 191 66.82 39.66 -67.73
N VAL P 192 66.94 38.36 -68.02
CA VAL P 192 67.12 37.92 -69.42
C VAL P 192 65.93 38.34 -70.28
N ALA P 193 64.73 38.10 -69.76
CA ALA P 193 63.50 38.41 -70.50
C ALA P 193 63.30 39.93 -70.68
N ARG P 194 63.65 40.71 -69.65
CA ARG P 194 63.64 42.18 -69.75
C ARG P 194 64.58 42.68 -70.85
N MET P 195 65.80 42.18 -70.84
CA MET P 195 66.78 42.53 -71.88
C MET P 195 66.26 42.25 -73.30
N ARG P 196 65.62 41.09 -73.46
CA ARG P 196 65.06 40.68 -74.76
C ARG P 196 63.89 41.59 -75.20
N LEU P 197 63.03 41.94 -74.24
CA LEU P 197 61.93 42.88 -74.48
C LEU P 197 62.43 44.27 -74.86
N LEU P 198 63.54 44.67 -74.25
CA LEU P 198 64.19 45.94 -74.56
C LEU P 198 64.93 45.98 -75.91
N GLY P 199 64.96 44.86 -76.62
CA GLY P 199 65.55 44.79 -77.97
C GLY P 199 67.00 44.37 -78.00
N ALA P 200 67.54 43.98 -76.85
CA ALA P 200 68.94 43.53 -76.78
C ALA P 200 69.02 42.06 -77.14
N GLU P 201 70.10 41.71 -77.82
CA GLU P 201 70.47 40.31 -78.02
C GLU P 201 71.20 39.83 -76.81
N VAL P 202 70.85 38.63 -76.35
CA VAL P 202 71.53 38.00 -75.21
C VAL P 202 72.23 36.71 -75.61
N VAL P 203 73.52 36.65 -75.31
CA VAL P 203 74.36 35.49 -75.61
C VAL P 203 74.75 34.82 -74.30
N ALA P 204 74.31 33.58 -74.14
CA ALA P 204 74.62 32.79 -72.94
C ALA P 204 76.02 32.21 -73.07
N VAL P 205 76.88 32.51 -72.10
CA VAL P 205 78.29 32.08 -72.14
C VAL P 205 78.45 30.79 -71.35
N GLN P 206 78.94 29.74 -72.02
CA GLN P 206 79.05 28.39 -71.41
C GLN P 206 80.47 27.98 -70.98
N THR P 207 81.44 28.87 -71.17
CA THR P 207 82.84 28.59 -70.83
C THR P 207 83.13 28.85 -69.35
N GLY P 208 84.20 28.24 -68.87
CA GLY P 208 84.70 28.40 -67.50
C GLY P 208 83.64 28.14 -66.44
N SER P 209 83.50 29.08 -65.51
CA SER P 209 82.49 29.00 -64.44
C SER P 209 81.07 29.42 -64.84
N LYS P 210 80.89 29.86 -66.09
CA LYS P 210 79.57 30.29 -66.63
C LYS P 210 78.91 31.39 -65.78
N THR P 211 79.76 32.29 -65.29
CA THR P 211 79.33 33.41 -64.45
C THR P 211 80.06 34.69 -64.95
N LEU P 212 80.04 35.73 -64.14
CA LEU P 212 80.44 37.07 -64.58
C LEU P 212 81.82 37.14 -65.21
N LYS P 213 82.80 36.45 -64.63
CA LYS P 213 84.18 36.54 -65.16
C LYS P 213 84.25 35.99 -66.59
N ASP P 214 83.42 35.00 -66.86
CA ASP P 214 83.42 34.31 -68.15
C ASP P 214 82.66 35.12 -69.19
N ALA P 215 81.59 35.77 -68.75
CA ALA P 215 80.90 36.76 -69.60
C ALA P 215 81.85 37.90 -70.01
N ILE P 216 82.67 38.35 -69.07
CA ILE P 216 83.63 39.41 -69.35
C ILE P 216 84.63 38.97 -70.40
N ASN P 217 85.13 37.75 -70.25
CA ASN P 217 86.06 37.17 -71.23
C ASN P 217 85.47 37.17 -72.65
N GLU P 218 84.21 36.76 -72.78
CA GLU P 218 83.57 36.70 -74.11
C GLU P 218 83.36 38.07 -74.74
N ALA P 219 82.91 39.01 -73.92
CA ALA P 219 82.70 40.39 -74.36
C ALA P 219 84.00 41.02 -74.80
N PHE P 220 85.06 40.72 -74.07
CA PHE P 220 86.42 41.16 -74.45
C PHE P 220 86.80 40.65 -75.84
N ARG P 221 86.54 39.37 -76.12
N ARG P 221 86.54 39.36 -76.11
CA ARG P 221 86.86 38.77 -77.43
CA ARG P 221 86.85 38.74 -77.39
C ARG P 221 86.05 39.41 -78.55
C ARG P 221 86.03 39.34 -78.55
N ASP P 222 84.79 39.71 -78.26
CA ASP P 222 83.94 40.44 -79.20
C ASP P 222 84.58 41.81 -79.54
N TRP P 223 84.98 42.54 -78.50
CA TRP P 223 85.52 43.89 -78.67
C TRP P 223 86.80 43.86 -79.49
N VAL P 224 87.67 42.89 -79.20
CA VAL P 224 88.91 42.69 -79.96
C VAL P 224 88.62 42.55 -81.46
N ALA P 225 87.61 41.77 -81.80
CA ALA P 225 87.22 41.56 -83.21
C ALA P 225 86.47 42.73 -83.86
N ASN P 226 85.69 43.46 -83.09
CA ASN P 226 84.76 44.49 -83.62
C ASN P 226 85.01 45.92 -83.12
N ALA P 227 86.25 46.19 -82.74
CA ALA P 227 86.67 47.48 -82.15
C ALA P 227 86.31 48.70 -82.97
N ASP P 228 86.41 48.60 -84.29
CA ASP P 228 86.14 49.77 -85.16
C ASP P 228 84.74 50.38 -85.06
N ASN P 229 83.74 49.53 -84.85
CA ASN P 229 82.33 49.95 -84.77
C ASN P 229 81.69 49.80 -83.37
N THR P 230 82.34 49.06 -82.48
CA THR P 230 81.73 48.63 -81.20
C THR P 230 82.31 49.33 -79.97
N TYR P 231 81.41 49.81 -79.12
CA TYR P 231 81.74 50.35 -77.81
C TYR P 231 81.51 49.28 -76.78
N TYR P 232 82.47 49.08 -75.88
CA TYR P 232 82.30 48.16 -74.75
C TYR P 232 81.85 48.94 -73.50
N CYS P 233 80.59 48.76 -73.15
CA CYS P 233 80.00 49.38 -71.97
C CYS P 233 80.25 48.50 -70.74
N PHE P 234 81.39 48.72 -70.11
CA PHE P 234 81.80 47.91 -68.98
C PHE P 234 81.11 48.39 -67.70
N GLY P 235 80.57 47.45 -66.95
CA GLY P 235 79.63 47.77 -65.86
C GLY P 235 80.14 47.88 -64.45
N THR P 236 81.44 47.68 -64.24
CA THR P 236 81.98 47.84 -62.90
C THR P 236 83.31 48.60 -62.90
N ALA P 237 83.79 48.92 -61.72
CA ALA P 237 84.97 49.80 -61.56
C ALA P 237 86.28 49.02 -61.58
N ALA P 238 86.42 48.19 -62.60
CA ALA P 238 87.63 47.43 -62.86
C ALA P 238 87.99 47.60 -64.34
N GLY P 239 88.83 46.74 -64.86
CA GLY P 239 89.24 46.84 -66.26
C GLY P 239 90.44 47.75 -66.46
N PRO P 240 90.91 47.84 -67.71
CA PRO P 240 92.03 48.72 -68.00
C PRO P 240 91.56 50.17 -67.96
N HIS P 241 92.50 51.07 -67.70
CA HIS P 241 92.26 52.50 -67.91
C HIS P 241 91.68 52.67 -69.31
N PRO P 242 90.57 53.42 -69.47
CA PRO P 242 90.02 54.37 -68.51
C PRO P 242 88.84 53.89 -67.64
N PHE P 243 88.49 52.62 -67.69
CA PHE P 243 87.22 52.15 -67.10
C PHE P 243 87.06 52.34 -65.58
N PRO P 244 88.09 52.00 -64.78
CA PRO P 244 87.95 52.24 -63.34
C PRO P 244 87.65 53.70 -62.98
N THR P 245 88.36 54.62 -63.61
CA THR P 245 88.15 56.05 -63.36
C THR P 245 86.83 56.56 -63.92
N MET P 246 86.53 56.18 -65.15
CA MET P 246 85.29 56.59 -65.82
C MET P 246 84.03 56.05 -65.12
N VAL P 247 84.03 54.76 -64.77
CA VAL P 247 82.88 54.17 -64.09
C VAL P 247 82.66 54.86 -62.74
N ARG P 248 83.74 55.06 -62.00
CA ARG P 248 83.68 55.78 -60.72
C ARG P 248 83.17 57.22 -60.88
N ASP P 249 83.67 57.95 -61.88
CA ASP P 249 83.17 59.31 -62.15
C ASP P 249 81.65 59.36 -62.42
N PHE P 250 81.13 58.40 -63.16
CA PHE P 250 79.69 58.35 -63.37
C PHE P 250 78.90 57.91 -62.13
N GLN P 251 79.50 57.13 -61.24
CA GLN P 251 78.85 56.69 -59.98
C GLN P 251 79.01 57.63 -58.77
N ARG P 252 79.97 58.55 -58.87
CA ARG P 252 80.24 59.57 -57.83
C ARG P 252 79.00 60.30 -57.33
N ILE P 253 78.07 60.53 -58.25
CA ILE P 253 76.77 61.16 -57.94
C ILE P 253 76.11 60.57 -56.68
N ILE P 254 76.28 59.27 -56.45
CA ILE P 254 75.66 58.60 -55.30
C ILE P 254 76.16 59.22 -54.00
N GLY P 255 77.48 59.25 -53.86
CA GLY P 255 78.13 59.77 -52.67
C GLY P 255 77.93 61.27 -52.48
N MET P 256 77.93 62.01 -53.58
CA MET P 256 77.71 63.44 -53.50
C MET P 256 76.32 63.73 -52.93
N GLU P 257 75.32 63.05 -53.47
CA GLU P 257 73.96 63.19 -52.95
C GLU P 257 73.93 62.77 -51.48
N ALA P 258 74.50 61.61 -51.17
CA ALA P 258 74.45 61.05 -49.82
C ALA P 258 75.08 61.98 -48.80
N ARG P 259 76.19 62.60 -49.17
CA ARG P 259 76.91 63.47 -48.26
C ARG P 259 76.07 64.69 -47.87
N VAL P 260 75.38 65.24 -48.84
CA VAL P 260 74.48 66.38 -48.62
C VAL P 260 73.26 65.93 -47.81
N GLN P 261 72.66 64.82 -48.21
CA GLN P 261 71.44 64.31 -47.57
C GLN P 261 71.62 63.95 -46.10
N ILE P 262 72.72 63.29 -45.77
CA ILE P 262 72.98 62.89 -44.38
C ILE P 262 73.23 64.10 -43.45
N GLN P 263 73.92 65.10 -43.97
CA GLN P 263 74.12 66.34 -43.20
C GLN P 263 72.79 67.04 -42.95
N GLY P 264 71.93 67.04 -43.97
CA GLY P 264 70.58 67.59 -43.84
C GLY P 264 69.70 66.87 -42.83
N GLN P 265 69.67 65.54 -42.91
CA GLN P 265 68.77 64.73 -42.06
C GLN P 265 69.30 64.46 -40.66
N ALA P 266 70.60 64.19 -40.56
CA ALA P 266 71.22 63.84 -39.27
C ALA P 266 71.97 65.00 -38.62
N GLY P 267 72.22 66.07 -39.38
CA GLY P 267 72.92 67.24 -38.84
C GLY P 267 74.45 67.13 -38.79
N ARG P 268 74.99 66.08 -39.38
CA ARG P 268 76.45 65.84 -39.36
C ARG P 268 76.83 64.75 -40.34
N LEU P 269 78.13 64.62 -40.58
CA LEU P 269 78.67 63.55 -41.41
C LEU P 269 78.52 62.23 -40.66
N PRO P 270 78.41 61.12 -41.41
CA PRO P 270 78.21 59.83 -40.73
C PRO P 270 79.45 59.34 -40.00
N ASP P 271 79.23 58.35 -39.14
CA ASP P 271 80.32 57.66 -38.47
C ASP P 271 80.91 56.63 -39.41
N ALA P 272 80.06 56.07 -40.26
CA ALA P 272 80.51 55.16 -41.31
C ALA P 272 79.66 55.24 -42.57
N VAL P 273 80.28 54.91 -43.69
CA VAL P 273 79.58 54.64 -44.95
C VAL P 273 79.98 53.26 -45.48
N VAL P 274 78.99 52.42 -45.79
CA VAL P 274 79.23 51.03 -46.21
C VAL P 274 78.50 50.64 -47.49
N ALA P 275 79.07 49.64 -48.16
CA ALA P 275 78.53 49.11 -49.41
C ALA P 275 79.04 47.72 -49.68
N CYS P 276 78.33 46.99 -50.52
CA CYS P 276 78.82 45.70 -51.01
C CYS P 276 79.82 45.95 -52.13
N VAL P 277 80.68 44.97 -52.35
CA VAL P 277 81.77 45.07 -53.33
C VAL P 277 81.86 43.82 -54.22
N GLY P 278 81.42 44.01 -55.46
CA GLY P 278 81.59 43.02 -56.53
C GLY P 278 82.91 43.34 -57.19
N GLY P 279 82.83 44.01 -58.33
CA GLY P 279 84.01 44.66 -58.95
C GLY P 279 84.32 46.01 -58.32
N GLY P 280 83.29 46.68 -57.80
CA GLY P 280 83.47 47.88 -56.94
C GLY P 280 82.80 49.20 -57.30
N SER P 281 81.87 49.21 -58.26
CA SER P 281 81.30 50.48 -58.75
C SER P 281 80.36 51.19 -57.76
N ASN P 282 79.41 50.46 -57.16
CA ASN P 282 78.48 51.09 -56.19
C ASN P 282 79.21 51.57 -54.93
N ALA P 283 80.19 50.79 -54.49
CA ALA P 283 81.01 51.13 -53.32
C ALA P 283 81.85 52.37 -53.55
N ILE P 284 82.61 52.36 -54.64
CA ILE P 284 83.44 53.52 -54.97
C ILE P 284 82.56 54.75 -55.23
N GLY P 285 81.37 54.53 -55.80
CA GLY P 285 80.44 55.62 -56.07
C GLY P 285 80.00 56.37 -54.81
N ILE P 286 79.59 55.60 -53.80
CA ILE P 286 79.16 56.20 -52.53
C ILE P 286 80.35 56.66 -51.68
N PHE P 287 81.48 55.96 -51.75
CA PHE P 287 82.66 56.32 -50.91
C PHE P 287 83.34 57.61 -51.32
N HIS P 288 83.34 57.92 -52.61
CA HIS P 288 84.32 58.89 -53.15
C HIS P 288 84.22 60.28 -52.51
N ALA P 289 83.00 60.72 -52.28
CA ALA P 289 82.73 62.04 -51.68
C ALA P 289 83.13 62.15 -50.21
N PHE P 290 83.32 61.01 -49.55
CA PHE P 290 83.74 60.97 -48.15
C PHE P 290 85.24 60.71 -47.96
N LEU P 291 86.01 60.53 -49.04
CA LEU P 291 87.43 60.16 -48.90
C LEU P 291 88.25 61.14 -48.05
N ASP P 292 87.97 62.43 -48.21
CA ASP P 292 88.71 63.48 -47.49
C ASP P 292 88.06 63.93 -46.16
N ASP P 293 87.06 63.20 -45.69
CA ASP P 293 86.48 63.42 -44.35
C ASP P 293 87.09 62.37 -43.40
N PRO P 294 88.10 62.75 -42.60
CA PRO P 294 88.91 61.75 -41.87
C PRO P 294 88.17 60.92 -40.78
N GLY P 295 87.08 61.46 -40.23
CA GLY P 295 86.26 60.75 -39.24
C GLY P 295 85.21 59.78 -39.78
N VAL P 296 85.06 59.74 -41.09
CA VAL P 296 84.10 58.84 -41.72
C VAL P 296 84.78 57.51 -42.08
N ARG P 297 84.45 56.46 -41.33
CA ARG P 297 84.90 55.08 -41.61
C ARG P 297 84.22 54.59 -42.89
N LEU P 298 85.00 53.89 -43.71
CA LEU P 298 84.51 53.34 -44.98
C LEU P 298 84.72 51.84 -44.95
N VAL P 299 83.65 51.09 -45.15
CA VAL P 299 83.71 49.64 -45.10
C VAL P 299 83.03 49.02 -46.31
N GLY P 300 83.78 48.24 -47.05
CA GLY P 300 83.26 47.45 -48.16
C GLY P 300 83.03 46.02 -47.70
N PHE P 301 81.92 45.43 -48.10
CA PHE P 301 81.61 44.06 -47.73
C PHE P 301 81.59 43.18 -48.96
N GLU P 302 82.43 42.16 -48.95
CA GLU P 302 82.57 41.23 -50.07
C GLU P 302 81.90 39.87 -49.76
N ALA P 303 81.52 39.17 -50.81
CA ALA P 303 80.78 37.91 -50.69
C ALA P 303 81.68 36.76 -50.24
N ALA P 304 81.31 36.12 -49.14
CA ALA P 304 82.05 34.99 -48.60
C ALA P 304 81.41 33.62 -48.88
N GLY P 305 80.29 33.60 -49.61
CA GLY P 305 79.62 32.36 -50.03
C GLY P 305 79.31 31.39 -48.88
N ASP P 306 79.82 30.16 -48.99
CA ASP P 306 79.66 29.14 -47.93
C ASP P 306 80.58 29.41 -46.73
N GLY P 307 81.50 30.35 -46.87
CA GLY P 307 82.48 30.71 -45.83
C GLY P 307 83.86 30.76 -46.45
N VAL P 308 84.73 31.62 -45.91
CA VAL P 308 86.08 31.85 -46.51
C VAL P 308 87.00 30.61 -46.39
N GLU P 309 86.78 29.82 -45.35
CA GLU P 309 87.50 28.55 -45.17
C GLU P 309 87.14 27.42 -46.17
N THR P 310 86.02 27.56 -46.89
CA THR P 310 85.47 26.47 -47.74
C THR P 310 85.97 26.39 -49.18
N GLY P 311 86.62 27.45 -49.66
CA GLY P 311 86.96 27.53 -51.09
C GLY P 311 85.76 27.72 -52.02
N ARG P 312 84.67 28.23 -51.46
CA ARG P 312 83.47 28.56 -52.21
C ARG P 312 83.00 29.94 -51.76
N HIS P 313 83.70 30.95 -52.27
CA HIS P 313 83.51 32.34 -51.89
C HIS P 313 83.96 33.26 -53.02
N ALA P 314 83.73 34.55 -52.81
CA ALA P 314 84.25 35.59 -53.69
C ALA P 314 84.95 36.69 -52.87
N ALA P 315 85.54 36.28 -51.75
CA ALA P 315 86.21 37.17 -50.79
C ALA P 315 87.62 37.55 -51.22
N THR P 316 87.69 38.46 -52.18
CA THR P 316 88.93 38.82 -52.88
C THR P 316 89.99 39.44 -51.97
N PHE P 317 89.60 40.43 -51.18
CA PHE P 317 90.55 41.05 -50.24
C PHE P 317 90.92 40.16 -49.05
N THR P 318 89.96 39.38 -48.56
CA THR P 318 90.22 38.49 -47.43
C THR P 318 91.18 37.33 -47.78
N ALA P 319 91.00 36.75 -48.96
CA ALA P 319 91.71 35.52 -49.37
C ALA P 319 92.58 35.64 -50.62
N GLY P 320 92.42 36.72 -51.38
CA GLY P 320 93.16 36.90 -52.62
C GLY P 320 94.52 37.56 -52.43
N SER P 321 95.15 37.88 -53.54
CA SER P 321 96.47 38.53 -53.55
C SER P 321 96.67 39.34 -54.85
N PRO P 322 97.66 40.24 -54.87
CA PRO P 322 97.90 41.07 -56.06
C PRO P 322 98.17 40.28 -57.35
N GLY P 323 97.62 40.77 -58.45
CA GLY P 323 97.87 40.17 -59.77
C GLY P 323 97.20 40.95 -60.89
N ALA P 324 97.56 40.59 -62.11
CA ALA P 324 97.00 41.19 -63.32
C ALA P 324 95.86 40.33 -63.86
N PHE P 325 94.67 40.90 -63.93
CA PHE P 325 93.48 40.18 -64.37
C PHE P 325 92.45 41.16 -64.92
N HIS P 326 91.83 40.78 -66.03
CA HIS P 326 90.83 41.60 -66.71
C HIS P 326 91.26 43.05 -66.90
N GLY P 327 92.50 43.23 -67.34
CA GLY P 327 93.00 44.56 -67.73
C GLY P 327 93.70 45.40 -66.67
N SER P 328 93.66 44.97 -65.41
CA SER P 328 94.23 45.78 -64.30
C SER P 328 95.14 44.97 -63.39
N PHE P 329 96.04 45.68 -62.71
CA PHE P 329 96.77 45.13 -61.58
C PHE P 329 95.98 45.50 -60.32
N SER P 330 95.43 44.48 -59.68
CA SER P 330 94.58 44.65 -58.50
C SER P 330 94.65 43.36 -57.67
N TYR P 331 93.71 43.15 -56.77
CA TYR P 331 93.61 41.86 -56.07
C TYR P 331 92.76 40.88 -56.86
N LEU P 332 93.15 39.61 -56.81
CA LEU P 332 92.26 38.53 -57.25
C LEU P 332 92.50 37.23 -56.53
N LEU P 333 91.48 36.38 -56.54
CA LEU P 333 91.58 35.01 -56.06
C LEU P 333 92.34 34.18 -57.09
N GLN P 334 93.50 33.68 -56.68
CA GLN P 334 94.39 32.95 -57.59
C GLN P 334 95.19 31.89 -56.82
N ASP P 335 95.58 30.85 -57.53
CA ASP P 335 96.35 29.75 -56.94
C ASP P 335 97.85 30.06 -57.01
N GLU P 336 98.67 29.10 -56.57
CA GLU P 336 100.13 29.29 -56.44
C GLU P 336 100.85 29.63 -57.77
N ASP P 337 100.29 29.22 -58.91
CA ASP P 337 100.84 29.55 -60.24
C ASP P 337 100.23 30.81 -60.88
N GLY P 338 99.21 31.37 -60.25
CA GLY P 338 98.54 32.56 -60.78
C GLY P 338 97.35 32.28 -61.68
N GLN P 339 96.82 31.06 -61.60
CA GLN P 339 95.59 30.72 -62.30
C GLN P 339 94.42 31.29 -61.50
N THR P 340 93.49 31.96 -62.18
CA THR P 340 92.30 32.50 -61.53
C THR P 340 91.52 31.38 -60.87
N ILE P 341 91.14 31.60 -59.61
CA ILE P 341 90.27 30.66 -58.91
C ILE P 341 88.84 31.11 -59.13
N GLU P 342 87.97 30.14 -59.45
CA GLU P 342 86.55 30.41 -59.67
C GLU P 342 85.87 30.79 -58.36
N SER P 343 85.13 31.88 -58.42
CA SER P 343 84.38 32.38 -57.29
C SER P 343 83.05 31.66 -57.18
N HIS P 344 82.45 31.73 -55.99
CA HIS P 344 81.09 31.26 -55.74
C HIS P 344 80.37 32.18 -54.73
N SER P 345 79.11 32.49 -55.05
CA SER P 345 78.23 33.21 -54.15
C SER P 345 76.79 32.94 -54.54
N ILE P 346 75.88 33.03 -53.58
CA ILE P 346 74.44 32.99 -53.87
C ILE P 346 74.05 34.23 -54.70
N SER P 347 74.81 35.31 -54.54
CA SER P 347 74.62 36.55 -55.28
C SER P 347 75.39 36.56 -56.59
N ALA P 348 74.67 36.65 -57.71
CA ALA P 348 75.28 36.64 -59.04
C ALA P 348 76.15 37.88 -59.25
N GLY P 349 75.72 38.99 -58.67
CA GLY P 349 76.45 40.27 -58.77
C GLY P 349 77.79 40.37 -58.05
N LEU P 350 77.94 39.66 -56.94
CA LEU P 350 79.19 39.62 -56.19
C LEU P 350 80.07 38.40 -56.49
N ASP P 351 79.59 37.54 -57.39
CA ASP P 351 80.27 36.29 -57.76
C ASP P 351 81.36 36.55 -58.80
N TYR P 352 82.42 37.18 -58.34
CA TYR P 352 83.51 37.65 -59.20
C TYR P 352 84.80 37.59 -58.39
N PRO P 353 85.83 36.86 -58.89
CA PRO P 353 87.05 36.69 -58.10
C PRO P 353 87.99 37.90 -58.10
N GLY P 354 87.70 38.91 -58.91
CA GLY P 354 88.51 40.13 -58.93
C GLY P 354 87.93 41.28 -58.14
N VAL P 355 88.63 42.40 -58.18
CA VAL P 355 88.13 43.67 -57.65
C VAL P 355 88.88 44.81 -58.34
N GLY P 356 88.22 45.96 -58.40
CA GLY P 356 88.77 47.14 -59.05
C GLY P 356 90.01 47.72 -58.38
N PRO P 357 90.93 48.31 -59.18
CA PRO P 357 92.22 48.78 -58.68
C PRO P 357 92.19 49.96 -57.71
N GLU P 358 91.19 50.82 -57.82
CA GLU P 358 91.07 51.95 -56.89
C GLU P 358 90.84 51.43 -55.46
N HIS P 359 90.05 50.35 -55.35
CA HIS P 359 89.83 49.67 -54.06
C HIS P 359 91.09 49.05 -53.51
N ALA P 360 91.89 48.42 -54.37
CA ALA P 360 93.20 47.88 -53.95
C ALA P 360 94.07 49.01 -53.36
N TRP P 361 94.05 50.16 -54.01
CA TRP P 361 94.81 51.32 -53.55
C TRP P 361 94.28 51.82 -52.21
N LEU P 362 92.96 51.91 -52.08
CA LEU P 362 92.36 52.41 -50.83
C LEU P 362 92.58 51.44 -49.67
N LYS P 363 92.59 50.14 -49.96
CA LYS P 363 92.93 49.10 -48.98
C LYS P 363 94.38 49.24 -48.52
N GLU P 364 95.29 49.39 -49.49
CA GLU P 364 96.71 49.57 -49.19
C GLU P 364 96.96 50.80 -48.31
N ALA P 365 96.28 51.90 -48.65
CA ALA P 365 96.42 53.17 -47.91
C ALA P 365 95.81 53.15 -46.49
N GLY P 366 94.95 52.18 -46.21
CA GLY P 366 94.26 52.08 -44.92
C GLY P 366 93.04 52.98 -44.79
N ARG P 367 92.54 53.47 -45.93
CA ARG P 367 91.37 54.38 -45.96
C ARG P 367 90.06 53.61 -45.89
N VAL P 368 90.01 52.47 -46.59
CA VAL P 368 88.83 51.58 -46.55
C VAL P 368 89.22 50.23 -45.96
N ASP P 369 88.34 49.68 -45.14
CA ASP P 369 88.45 48.30 -44.65
C ASP P 369 87.48 47.42 -45.42
N TYR P 370 87.90 46.21 -45.76
CA TYR P 370 87.07 45.28 -46.54
C TYR P 370 86.84 44.00 -45.73
N ARG P 371 85.59 43.60 -45.58
CA ARG P 371 85.22 42.50 -44.68
C ARG P 371 84.28 41.50 -45.36
N PRO P 372 84.40 40.21 -45.00
CA PRO P 372 83.58 39.18 -45.62
C PRO P 372 82.18 39.07 -45.01
N ILE P 373 81.21 38.75 -45.86
CA ILE P 373 79.84 38.45 -45.42
C ILE P 373 79.38 37.19 -46.16
N THR P 374 78.88 36.21 -45.42
CA THR P 374 78.47 34.91 -45.98
C THR P 374 77.08 34.94 -46.58
N ASP P 375 76.79 33.95 -47.41
CA ASP P 375 75.45 33.73 -47.96
C ASP P 375 74.38 33.80 -46.87
N SER P 376 74.62 33.11 -45.76
CA SER P 376 73.65 33.01 -44.65
C SER P 376 73.40 34.35 -43.99
N GLU P 377 74.47 35.06 -43.67
CA GLU P 377 74.38 36.41 -43.12
C GLU P 377 73.58 37.34 -44.03
N ALA P 378 73.89 37.27 -45.32
CA ALA P 378 73.22 38.11 -46.31
C ALA P 378 71.73 37.81 -46.40
N MET P 379 71.37 36.53 -46.45
CA MET P 379 69.97 36.16 -46.51
C MET P 379 69.21 36.52 -45.23
N ASP P 380 69.84 36.36 -44.06
CA ASP P 380 69.20 36.81 -42.80
C ASP P 380 68.82 38.29 -42.86
N ALA P 381 69.75 39.10 -43.37
CA ALA P 381 69.54 40.53 -43.55
C ALA P 381 68.48 40.83 -44.61
N PHE P 382 68.50 40.06 -45.70
CA PHE P 382 67.46 40.15 -46.75
C PHE P 382 66.08 40.06 -46.13
N GLY P 383 65.87 38.99 -45.39
CA GLY P 383 64.60 38.72 -44.73
C GLY P 383 64.25 39.84 -43.74
N LEU P 384 65.26 40.31 -43.02
CA LEU P 384 65.02 41.30 -41.97
C LEU P 384 64.56 42.62 -42.56
N LEU P 385 65.18 43.00 -43.67
CA LEU P 385 64.82 44.24 -44.36
C LEU P 385 63.41 44.17 -44.94
N CYS P 386 63.04 43.01 -45.46
CA CYS P 386 61.69 42.77 -45.92
C CYS P 386 60.66 42.97 -44.81
N ARG P 387 60.92 42.37 -43.65
CA ARG P 387 59.96 42.35 -42.53
C ARG P 387 59.88 43.64 -41.72
N MET P 388 61.00 44.35 -41.63
CA MET P 388 61.11 45.54 -40.79
C MET P 388 60.80 46.85 -41.54
N GLU P 389 61.31 46.97 -42.75
CA GLU P 389 61.17 48.21 -43.53
C GLU P 389 60.33 48.11 -44.78
N GLY P 390 59.86 46.90 -45.10
CA GLY P 390 59.09 46.69 -46.33
C GLY P 390 59.88 46.92 -47.60
N ILE P 391 61.17 46.67 -47.56
CA ILE P 391 62.04 46.85 -48.72
C ILE P 391 62.65 45.50 -49.07
N ILE P 392 62.45 45.09 -50.32
CA ILE P 392 63.01 43.83 -50.84
C ILE P 392 64.30 44.20 -51.55
N PRO P 393 65.45 43.92 -50.91
CA PRO P 393 66.70 44.34 -51.51
C PRO P 393 67.20 43.33 -52.54
N ALA P 394 68.14 43.76 -53.35
CA ALA P 394 68.97 42.82 -54.10
C ALA P 394 69.79 42.01 -53.11
N ILE P 395 70.05 40.74 -53.45
CA ILE P 395 70.88 39.89 -52.59
C ILE P 395 72.30 40.48 -52.49
N GLU P 396 72.71 41.19 -53.53
CA GLU P 396 73.97 41.92 -53.50
C GLU P 396 73.92 42.90 -52.33
N SER P 397 72.94 43.78 -52.36
CA SER P 397 72.77 44.85 -51.36
C SER P 397 72.56 44.29 -49.94
N ALA P 398 71.92 43.14 -49.86
CA ALA P 398 71.71 42.48 -48.57
C ALA P 398 73.01 42.20 -47.81
N HIS P 399 74.11 41.98 -48.55
CA HIS P 399 75.44 41.80 -47.94
C HIS P 399 75.87 43.06 -47.19
N ALA P 400 75.59 44.21 -47.80
CA ALA P 400 75.91 45.51 -47.18
C ALA P 400 75.06 45.77 -45.93
N VAL P 401 73.79 45.42 -46.02
CA VAL P 401 72.89 45.58 -44.87
C VAL P 401 73.36 44.68 -43.73
N ALA P 402 73.73 43.44 -44.05
CA ALA P 402 74.21 42.48 -43.04
C ALA P 402 75.45 43.00 -42.34
N GLY P 403 76.38 43.53 -43.13
CA GLY P 403 77.60 44.15 -42.60
C GLY P 403 77.32 45.37 -41.73
N ALA P 404 76.37 46.18 -42.16
CA ALA P 404 75.93 47.35 -41.40
C ALA P 404 75.37 47.00 -40.02
N LEU P 405 74.61 45.91 -39.96
CA LEU P 405 74.07 45.41 -38.70
C LEU P 405 75.18 45.07 -37.71
N LYS P 406 76.22 44.40 -38.20
CA LYS P 406 77.40 44.04 -37.37
C LYS P 406 78.21 45.26 -36.96
N LEU P 407 78.36 46.19 -37.89
CA LEU P 407 79.07 47.44 -37.62
C LEU P 407 78.32 48.30 -36.61
N GLY P 408 76.99 48.27 -36.67
CA GLY P 408 76.15 48.94 -35.68
C GLY P 408 76.40 48.45 -34.25
N VAL P 409 76.55 47.13 -34.10
CA VAL P 409 76.86 46.52 -32.80
C VAL P 409 78.24 46.95 -32.29
N GLU P 410 79.20 47.09 -33.19
CA GLU P 410 80.55 47.59 -32.84
C GLU P 410 80.55 49.06 -32.41
N LEU P 411 79.91 49.91 -33.21
CA LEU P 411 79.93 51.37 -33.00
C LEU P 411 78.97 51.84 -31.91
N GLY P 412 77.85 51.13 -31.77
CA GLY P 412 76.92 51.34 -30.65
C GLY P 412 75.83 52.38 -30.88
N ARG P 413 75.16 52.71 -29.78
CA ARG P 413 73.96 53.52 -29.81
C ARG P 413 74.19 54.92 -30.38
N GLY P 414 73.31 55.32 -31.30
CA GLY P 414 73.38 56.65 -31.91
C GLY P 414 74.39 56.84 -33.03
N ALA P 415 75.18 55.82 -33.33
CA ALA P 415 76.13 55.90 -34.44
C ALA P 415 75.36 55.95 -35.75
N VAL P 416 75.83 56.80 -36.65
CA VAL P 416 75.15 57.04 -37.92
C VAL P 416 75.89 56.29 -39.03
N ILE P 417 75.20 55.32 -39.62
CA ILE P 417 75.77 54.47 -40.67
C ILE P 417 74.97 54.61 -41.96
N VAL P 418 75.60 55.11 -43.01
CA VAL P 418 74.97 55.18 -44.34
C VAL P 418 75.31 53.89 -45.10
N VAL P 419 74.27 53.20 -45.58
CA VAL P 419 74.41 51.97 -46.34
C VAL P 419 73.93 52.24 -47.77
N ASN P 420 74.76 51.92 -48.74
CA ASN P 420 74.32 51.97 -50.14
C ASN P 420 73.42 50.78 -50.45
N LEU P 421 72.13 51.05 -50.65
CA LEU P 421 71.19 50.01 -51.04
C LEU P 421 71.18 49.96 -52.56
N SER P 422 72.08 49.15 -53.11
CA SER P 422 72.48 49.23 -54.51
C SER P 422 71.39 48.84 -55.50
N GLY P 423 70.55 47.89 -55.12
CA GLY P 423 69.45 47.44 -55.98
C GLY P 423 68.28 46.81 -55.25
N ARG P 424 67.20 46.63 -56.01
CA ARG P 424 65.99 45.94 -55.53
C ARG P 424 66.01 44.46 -55.91
N GLY P 425 65.12 43.71 -55.26
CA GLY P 425 65.16 42.24 -55.26
C GLY P 425 64.23 41.47 -56.18
N ASP P 426 63.50 42.17 -57.04
CA ASP P 426 62.64 41.53 -58.07
C ASP P 426 63.26 40.26 -58.70
N LYS P 427 64.49 40.41 -59.14
CA LYS P 427 65.26 39.34 -59.80
C LYS P 427 65.57 38.14 -58.89
N ASP P 428 65.61 38.40 -57.58
CA ASP P 428 65.98 37.42 -56.54
C ASP P 428 64.80 36.83 -55.75
N VAL P 429 63.57 37.23 -56.08
CA VAL P 429 62.39 36.81 -55.33
C VAL P 429 62.23 35.29 -55.29
N GLU P 430 62.45 34.62 -56.42
CA GLU P 430 62.37 33.15 -56.50
C GLU P 430 63.40 32.47 -55.59
N THR P 431 64.66 32.91 -55.70
CA THR P 431 65.75 32.42 -54.85
C THR P 431 65.45 32.58 -53.36
N ALA P 432 65.00 33.77 -52.99
CA ALA P 432 64.69 34.10 -51.59
C ALA P 432 63.46 33.36 -51.07
N ALA P 433 62.41 33.27 -51.89
CA ALA P 433 61.21 32.50 -51.52
C ALA P 433 61.55 31.03 -51.29
N LYS P 434 62.43 30.49 -52.13
CA LYS P 434 62.95 29.14 -51.98
C LYS P 434 63.79 28.99 -50.69
N TRP P 435 64.70 29.94 -50.46
CA TRP P 435 65.50 29.99 -49.22
C TRP P 435 64.65 29.95 -47.94
N PHE P 436 63.59 30.76 -47.90
CA PHE P 436 62.70 30.87 -46.72
C PHE P 436 61.50 29.90 -46.69
N GLY P 437 61.42 29.00 -47.66
CA GLY P 437 60.38 27.97 -47.71
C GLY P 437 58.99 28.50 -48.01
N LEU P 438 58.90 29.45 -48.93
CA LEU P 438 57.65 30.15 -49.24
C LEU P 438 57.10 29.76 -50.61
N LEU P 439 56.80 28.46 -50.74
CA LEU P 439 56.07 27.86 -51.91
C LEU P 439 55.26 26.62 -51.57
N GLU Q 28 -42.77 44.19 -33.20
CA GLU Q 28 -44.09 44.74 -33.14
C GLU Q 28 -44.96 43.94 -32.18
N ALA Q 29 -46.26 44.01 -32.39
CA ALA Q 29 -47.20 43.40 -31.49
C ALA Q 29 -47.55 41.97 -31.90
N SER Q 30 -48.05 41.19 -30.92
CA SER Q 30 -48.47 39.80 -31.17
C SER Q 30 -49.76 39.78 -31.99
N ARG Q 31 -49.95 38.69 -32.72
CA ARG Q 31 -51.16 38.51 -33.57
C ARG Q 31 -52.46 38.51 -32.75
N LEU Q 32 -52.42 37.91 -31.56
CA LEU Q 32 -53.58 37.84 -30.66
C LEU Q 32 -53.74 39.05 -29.72
N GLY Q 33 -52.75 39.95 -29.74
CA GLY Q 33 -52.80 41.20 -28.95
C GLY Q 33 -54.09 42.02 -29.03
N PRO Q 34 -54.54 42.36 -30.26
CA PRO Q 34 -55.80 43.09 -30.45
C PRO Q 34 -57.06 42.42 -29.85
N VAL Q 35 -57.11 41.09 -29.82
CA VAL Q 35 -58.26 40.37 -29.24
C VAL Q 35 -58.33 40.60 -27.73
N PHE Q 36 -57.19 40.42 -27.05
CA PHE Q 36 -57.11 40.62 -25.60
C PHE Q 36 -57.30 42.07 -25.18
N ASP Q 37 -56.75 43.00 -25.96
CA ASP Q 37 -56.96 44.44 -25.74
C ASP Q 37 -58.45 44.80 -25.85
N SER Q 38 -59.10 44.26 -26.89
CA SER Q 38 -60.54 44.45 -27.13
C SER Q 38 -61.40 43.86 -26.00
N CYS Q 39 -61.03 42.67 -25.54
CA CYS Q 39 -61.71 42.04 -24.39
C CYS Q 39 -61.50 42.86 -23.11
N ARG Q 40 -60.26 43.24 -22.85
CA ARG Q 40 -59.92 44.03 -21.66
C ARG Q 40 -60.60 45.41 -21.64
N ALA Q 41 -60.90 45.95 -22.81
CA ALA Q 41 -61.66 47.21 -22.95
C ALA Q 41 -63.15 47.04 -22.65
N ASN Q 42 -63.69 45.86 -22.94
CA ASN Q 42 -65.08 45.49 -22.62
C ASN Q 42 -65.24 44.73 -21.29
N ASN Q 43 -64.23 44.83 -20.42
CA ASN Q 43 -64.25 44.29 -19.05
C ASN Q 43 -64.61 42.80 -18.98
N ARG Q 44 -63.96 42.02 -19.84
CA ARG Q 44 -64.19 40.58 -19.92
C ARG Q 44 -62.92 39.83 -20.29
N ALA Q 45 -62.99 38.51 -20.16
CA ALA Q 45 -61.95 37.62 -20.62
C ALA Q 45 -62.30 37.12 -22.01
N ALA Q 46 -61.28 36.68 -22.74
CA ALA Q 46 -61.49 36.02 -24.03
C ALA Q 46 -61.95 34.59 -23.77
N LEU Q 47 -62.95 34.14 -24.52
CA LEU Q 47 -63.35 32.73 -24.51
C LEU Q 47 -62.55 31.99 -25.58
N ILE Q 48 -61.76 31.00 -25.14
CA ILE Q 48 -60.87 30.23 -26.00
C ILE Q 48 -61.41 28.80 -26.08
N GLY Q 49 -61.89 28.41 -27.26
CA GLY Q 49 -62.58 27.14 -27.45
C GLY Q 49 -61.78 26.12 -28.24
N TYR Q 50 -61.63 24.92 -27.68
CA TYR Q 50 -60.92 23.81 -28.34
C TYR Q 50 -61.88 22.79 -28.96
N LEU Q 51 -61.65 22.45 -30.21
CA LEU Q 51 -62.22 21.24 -30.82
C LEU Q 51 -61.16 20.52 -31.65
N PRO Q 52 -61.21 19.18 -31.66
CA PRO Q 52 -60.27 18.42 -32.50
C PRO Q 52 -60.82 18.24 -33.90
N THR Q 53 -59.95 18.48 -34.88
CA THR Q 53 -60.28 18.26 -36.30
C THR Q 53 -60.67 16.80 -36.50
N GLY Q 54 -61.69 16.56 -37.33
CA GLY Q 54 -62.12 15.21 -37.69
C GLY Q 54 -63.09 14.47 -36.76
N TYR Q 55 -63.49 15.09 -35.65
CA TYR Q 55 -64.49 14.49 -34.74
C TYR Q 55 -65.82 15.22 -34.87
N PRO Q 56 -66.93 14.49 -35.13
CA PRO Q 56 -67.00 13.04 -35.36
C PRO Q 56 -66.56 12.60 -36.77
N ASP Q 57 -66.59 13.52 -37.73
CA ASP Q 57 -65.90 13.36 -39.02
C ASP Q 57 -65.37 14.74 -39.43
N VAL Q 58 -64.69 14.84 -40.58
CA VAL Q 58 -64.06 16.11 -40.98
C VAL Q 58 -65.08 17.24 -41.28
N PRO Q 59 -66.10 16.97 -42.13
CA PRO Q 59 -67.12 18.01 -42.36
C PRO Q 59 -67.90 18.45 -41.10
N ALA Q 60 -68.27 17.51 -40.24
CA ALA Q 60 -69.02 17.85 -39.01
C ALA Q 60 -68.19 18.71 -38.05
N SER Q 61 -66.89 18.42 -37.96
CA SER Q 61 -65.96 19.17 -37.10
C SER Q 61 -65.75 20.61 -37.57
N VAL Q 62 -65.71 20.81 -38.89
CA VAL Q 62 -65.63 22.14 -39.49
C VAL Q 62 -66.92 22.95 -39.23
N ALA Q 63 -68.07 22.29 -39.39
CA ALA Q 63 -69.38 22.88 -39.04
C ALA Q 63 -69.46 23.25 -37.54
N ALA Q 64 -68.89 22.39 -36.69
CA ALA Q 64 -68.83 22.66 -35.25
C ALA Q 64 -67.95 23.87 -34.92
N MET Q 65 -66.78 23.95 -35.55
CA MET Q 65 -65.86 25.07 -35.34
C MET Q 65 -66.42 26.41 -35.85
N THR Q 66 -67.13 26.35 -36.96
CA THR Q 66 -67.87 27.51 -37.46
C THR Q 66 -68.94 27.94 -36.45
N ALA Q 67 -69.65 26.99 -35.88
CA ALA Q 67 -70.67 27.27 -34.85
C ALA Q 67 -70.08 27.99 -33.63
N LEU Q 68 -68.85 27.64 -33.24
CA LEU Q 68 -68.14 28.31 -32.14
C LEU Q 68 -67.88 29.79 -32.45
N VAL Q 69 -67.48 30.09 -33.68
CA VAL Q 69 -67.29 31.48 -34.12
C VAL Q 69 -68.61 32.24 -34.01
N GLU Q 70 -69.67 31.64 -34.54
CA GLU Q 70 -71.03 32.23 -34.53
C GLU Q 70 -71.61 32.41 -33.12
N SER Q 71 -71.24 31.50 -32.20
CA SER Q 71 -71.75 31.52 -30.81
C SER Q 71 -70.91 32.34 -29.82
N GLY Q 72 -69.86 32.99 -30.30
CA GLY Q 72 -69.09 33.97 -29.51
C GLY Q 72 -67.75 33.51 -28.92
N CYS Q 73 -67.07 32.60 -29.60
CA CYS Q 73 -65.69 32.26 -29.25
C CYS Q 73 -64.77 33.30 -29.85
N ASP Q 74 -63.93 33.88 -29.00
CA ASP Q 74 -62.99 34.90 -29.44
C ASP Q 74 -61.81 34.27 -30.18
N ILE Q 75 -61.34 33.14 -29.65
CA ILE Q 75 -60.25 32.36 -30.26
C ILE Q 75 -60.62 30.88 -30.31
N ILE Q 76 -60.30 30.21 -31.42
CA ILE Q 76 -60.51 28.75 -31.57
C ILE Q 76 -59.15 28.03 -31.54
N GLU Q 77 -59.02 27.03 -30.66
CA GLU Q 77 -57.90 26.09 -30.71
C GLU Q 77 -58.29 24.91 -31.59
N VAL Q 78 -57.68 24.81 -32.75
CA VAL Q 78 -57.90 23.69 -33.66
C VAL Q 78 -56.91 22.61 -33.26
N GLY Q 79 -57.44 21.53 -32.68
CA GLY Q 79 -56.63 20.39 -32.27
C GLY Q 79 -56.22 19.49 -33.43
N VAL Q 80 -54.96 19.08 -33.45
CA VAL Q 80 -54.44 18.09 -34.41
C VAL Q 80 -54.44 16.73 -33.71
N PRO Q 81 -55.32 15.79 -34.12
CA PRO Q 81 -55.31 14.48 -33.50
C PRO Q 81 -53.97 13.75 -33.64
N TYR Q 82 -53.47 13.26 -32.51
CA TYR Q 82 -52.19 12.57 -32.42
C TYR Q 82 -52.41 11.15 -31.85
N SER Q 83 -51.66 10.19 -32.38
CA SER Q 83 -51.77 8.78 -32.00
C SER Q 83 -51.47 8.49 -30.52
N ASP Q 84 -50.60 9.27 -29.91
CA ASP Q 84 -50.17 9.05 -28.52
C ASP Q 84 -50.18 10.34 -27.72
N PRO Q 85 -51.40 10.88 -27.46
CA PRO Q 85 -51.55 12.19 -26.85
C PRO Q 85 -51.50 12.13 -25.32
N GLY Q 86 -50.30 12.30 -24.78
CA GLY Q 86 -50.05 12.09 -23.35
C GLY Q 86 -50.75 13.06 -22.41
N MET Q 87 -50.96 14.28 -22.88
CA MET Q 87 -51.53 15.35 -22.07
C MET Q 87 -53.06 15.50 -22.21
N ASP Q 88 -53.67 14.81 -23.16
CA ASP Q 88 -55.13 14.89 -23.37
C ASP Q 88 -55.88 14.04 -22.37
N GLY Q 89 -56.97 14.57 -21.80
CA GLY Q 89 -57.84 13.79 -20.91
C GLY Q 89 -58.68 12.76 -21.68
N PRO Q 90 -59.45 11.91 -20.97
CA PRO Q 90 -60.22 10.83 -21.60
C PRO Q 90 -61.21 11.29 -22.67
N THR Q 91 -61.97 12.35 -22.41
CA THR Q 91 -62.95 12.86 -23.37
C THR Q 91 -62.29 13.27 -24.68
N ILE Q 92 -61.18 14.01 -24.58
CA ILE Q 92 -60.44 14.45 -25.78
C ILE Q 92 -59.71 13.28 -26.45
N ALA Q 93 -59.17 12.38 -25.63
CA ALA Q 93 -58.44 11.21 -26.15
C ALA Q 93 -59.32 10.26 -26.98
N ARG Q 94 -60.52 9.96 -26.48
CA ARG Q 94 -61.48 9.11 -27.24
C ARG Q 94 -61.91 9.76 -28.54
N ALA Q 95 -62.07 11.08 -28.51
CA ALA Q 95 -62.48 11.85 -29.68
C ALA Q 95 -61.39 11.90 -30.75
N THR Q 96 -60.14 12.09 -30.32
CA THR Q 96 -59.00 12.09 -31.26
C THR Q 96 -58.75 10.69 -31.85
N GLU Q 97 -58.92 9.65 -31.03
CA GLU Q 97 -58.90 8.26 -31.54
C GLU Q 97 -59.95 8.06 -32.65
N ALA Q 98 -61.16 8.55 -32.40
CA ALA Q 98 -62.28 8.41 -33.35
C ALA Q 98 -61.99 9.15 -34.66
N ALA Q 99 -61.40 10.35 -34.53
CA ALA Q 99 -60.98 11.13 -35.69
C ALA Q 99 -59.95 10.40 -36.55
N LEU Q 100 -58.99 9.77 -35.89
CA LEU Q 100 -57.93 9.01 -36.57
C LEU Q 100 -58.45 7.74 -37.25
N ARG Q 101 -59.40 7.07 -36.61
CA ARG Q 101 -60.14 5.95 -37.26
C ARG Q 101 -60.87 6.44 -38.52
N GLY Q 102 -61.45 7.63 -38.45
CA GLY Q 102 -62.10 8.27 -39.61
C GLY Q 102 -61.18 8.70 -40.76
N GLY Q 103 -59.87 8.66 -40.51
CA GLY Q 103 -58.86 8.97 -41.54
C GLY Q 103 -58.40 10.41 -41.61
N VAL Q 104 -58.54 11.13 -40.50
CA VAL Q 104 -58.17 12.55 -40.43
C VAL Q 104 -56.68 12.77 -40.71
N ARG Q 105 -56.38 13.86 -41.42
CA ARG Q 105 -55.03 14.19 -41.84
C ARG Q 105 -54.63 15.55 -41.25
N VAL Q 106 -53.34 15.83 -41.25
CA VAL Q 106 -52.81 17.12 -40.76
C VAL Q 106 -53.30 18.28 -41.63
N ARG Q 107 -53.35 18.08 -42.94
CA ARG Q 107 -53.85 19.15 -43.81
C ARG Q 107 -55.35 19.45 -43.63
N ASP Q 108 -56.12 18.52 -43.07
CA ASP Q 108 -57.51 18.80 -42.67
C ASP Q 108 -57.57 19.89 -41.59
N THR Q 109 -56.57 19.92 -40.70
CA THR Q 109 -56.44 21.01 -39.71
C THR Q 109 -56.19 22.38 -40.37
N LEU Q 110 -55.36 22.41 -41.41
CA LEU Q 110 -55.15 23.64 -42.18
C LEU Q 110 -56.44 24.09 -42.89
N ALA Q 111 -57.18 23.13 -43.44
CA ALA Q 111 -58.49 23.43 -44.04
C ALA Q 111 -59.47 24.00 -43.00
N ALA Q 112 -59.47 23.42 -41.80
CA ALA Q 112 -60.32 23.91 -40.70
C ALA Q 112 -59.98 25.35 -40.33
N VAL Q 113 -58.69 25.67 -40.28
CA VAL Q 113 -58.23 27.05 -40.00
C VAL Q 113 -58.70 28.01 -41.09
N GLU Q 114 -58.64 27.59 -42.34
CA GLU Q 114 -59.16 28.38 -43.46
C GLU Q 114 -60.63 28.71 -43.30
N ALA Q 115 -61.43 27.66 -43.07
CA ALA Q 115 -62.88 27.79 -42.84
C ALA Q 115 -63.23 28.73 -41.66
N ILE Q 116 -62.47 28.59 -40.57
CA ILE Q 116 -62.59 29.49 -39.41
C ILE Q 116 -62.27 30.95 -39.80
N SER Q 117 -61.18 31.16 -40.55
CA SER Q 117 -60.78 32.51 -40.98
C SER Q 117 -61.81 33.16 -41.92
N ILE Q 118 -62.34 32.36 -42.85
CA ILE Q 118 -63.40 32.80 -43.77
C ILE Q 118 -64.69 33.21 -43.04
N ALA Q 119 -65.02 32.48 -41.97
CA ALA Q 119 -66.21 32.77 -41.14
C ALA Q 119 -66.07 33.98 -40.20
N GLY Q 120 -64.92 34.65 -40.22
CA GLY Q 120 -64.66 35.82 -39.37
C GLY Q 120 -64.03 35.49 -38.03
N GLY Q 121 -63.61 34.24 -37.87
CA GLY Q 121 -63.00 33.78 -36.62
C GLY Q 121 -61.49 33.92 -36.59
N ARG Q 122 -60.94 33.55 -35.45
CA ARG Q 122 -59.50 33.61 -35.19
C ARG Q 122 -59.02 32.27 -34.66
N ALA Q 123 -58.15 31.62 -35.41
CA ALA Q 123 -57.71 30.26 -35.10
C ALA Q 123 -56.22 30.19 -34.70
N VAL Q 124 -55.96 29.40 -33.66
CA VAL Q 124 -54.62 28.89 -33.40
C VAL Q 124 -54.69 27.37 -33.46
N VAL Q 125 -53.56 26.72 -33.72
CA VAL Q 125 -53.49 25.26 -33.76
C VAL Q 125 -52.82 24.74 -32.48
N MET Q 126 -53.41 23.71 -31.90
CA MET Q 126 -52.80 22.96 -30.80
C MET Q 126 -52.37 21.60 -31.32
N THR Q 127 -51.09 21.30 -31.19
CA THR Q 127 -50.54 20.06 -31.71
C THR Q 127 -49.35 19.59 -30.88
N TYR Q 128 -49.21 18.27 -30.84
CA TYR Q 128 -47.99 17.64 -30.36
C TYR Q 128 -46.93 17.85 -31.43
N TRP Q 129 -45.66 17.76 -31.06
CA TRP Q 129 -44.60 18.30 -31.93
C TRP Q 129 -44.27 17.44 -33.16
N ASN Q 130 -44.38 16.13 -33.04
CA ASN Q 130 -43.93 15.26 -34.14
C ASN Q 130 -44.66 15.45 -35.49
N PRO Q 131 -45.99 15.64 -35.46
CA PRO Q 131 -46.65 15.99 -36.71
C PRO Q 131 -46.08 17.25 -37.38
N VAL Q 132 -45.63 18.21 -36.57
CA VAL Q 132 -44.99 19.44 -37.09
C VAL Q 132 -43.60 19.13 -37.70
N LEU Q 133 -42.79 18.33 -36.99
CA LEU Q 133 -41.48 17.86 -37.51
C LEU Q 133 -41.61 17.13 -38.85
N ARG Q 134 -42.60 16.24 -38.92
CA ARG Q 134 -42.82 15.39 -40.11
C ARG Q 134 -43.24 16.24 -41.31
N TYR Q 135 -44.13 17.17 -41.08
CA TYR Q 135 -44.56 18.15 -42.09
C TYR Q 135 -43.38 19.06 -42.51
N GLY Q 136 -42.53 19.40 -41.55
CA GLY Q 136 -41.47 20.41 -41.73
C GLY Q 136 -41.88 21.65 -40.95
N VAL Q 137 -41.04 22.09 -40.03
CA VAL Q 137 -41.41 23.16 -39.11
C VAL Q 137 -41.63 24.48 -39.85
N ASP Q 138 -40.68 24.84 -40.70
CA ASP Q 138 -40.80 26.06 -41.53
C ASP Q 138 -42.02 25.98 -42.45
N ALA Q 139 -42.19 24.84 -43.12
CA ALA Q 139 -43.31 24.66 -44.06
C ALA Q 139 -44.67 24.70 -43.37
N PHE Q 140 -44.77 24.10 -42.19
CA PHE Q 140 -46.01 24.13 -41.44
C PHE Q 140 -46.35 25.55 -40.99
N ALA Q 141 -45.34 26.28 -40.53
CA ALA Q 141 -45.53 27.67 -40.10
C ALA Q 141 -45.98 28.53 -41.27
N ARG Q 142 -45.35 28.34 -42.43
CA ARG Q 142 -45.71 29.03 -43.68
C ARG Q 142 -47.18 28.78 -44.07
N ASP Q 143 -47.56 27.50 -44.10
CA ASP Q 143 -48.91 27.11 -44.52
C ASP Q 143 -49.99 27.48 -43.50
N LEU Q 144 -49.66 27.42 -42.22
CA LEU Q 144 -50.57 27.86 -41.16
C LEU Q 144 -50.86 29.34 -41.26
N ALA Q 145 -49.81 30.13 -41.46
CA ALA Q 145 -49.93 31.58 -41.68
C ALA Q 145 -50.73 31.91 -42.94
N ALA Q 146 -50.51 31.13 -44.00
CA ALA Q 146 -51.24 31.31 -45.28
C ALA Q 146 -52.75 31.08 -45.13
N ALA Q 147 -53.10 30.07 -44.34
CA ALA Q 147 -54.51 29.78 -44.00
C ALA Q 147 -55.20 30.83 -43.07
N GLY Q 148 -54.44 31.79 -42.57
CA GLY Q 148 -54.96 32.79 -41.63
C GLY Q 148 -54.76 32.41 -40.17
N GLY Q 149 -54.01 31.35 -39.92
CA GLY Q 149 -53.70 30.93 -38.56
C GLY Q 149 -52.86 31.97 -37.86
N LEU Q 150 -53.10 32.12 -36.56
CA LEU Q 150 -52.49 33.19 -35.75
C LEU Q 150 -51.38 32.71 -34.82
N GLY Q 151 -51.27 31.41 -34.61
CA GLY Q 151 -50.28 30.89 -33.69
C GLY Q 151 -50.41 29.41 -33.43
N LEU Q 152 -49.58 28.94 -32.53
CA LEU Q 152 -49.38 27.52 -32.27
C LEU Q 152 -49.24 27.26 -30.77
N ILE Q 153 -50.03 26.32 -30.27
CA ILE Q 153 -49.96 25.89 -28.87
C ILE Q 153 -49.23 24.56 -28.87
N THR Q 154 -48.17 24.46 -28.07
CA THR Q 154 -47.24 23.33 -28.11
C THR Q 154 -47.05 22.62 -26.76
N PRO Q 155 -47.96 21.68 -26.40
CA PRO Q 155 -47.93 21.07 -25.07
C PRO Q 155 -46.73 20.18 -24.75
N ASP Q 156 -46.10 19.57 -25.77
CA ASP Q 156 -44.89 18.76 -25.55
C ASP Q 156 -43.61 19.40 -26.12
N LEU Q 157 -43.66 20.69 -26.47
CA LEU Q 157 -42.46 21.44 -26.86
C LEU Q 157 -42.18 22.52 -25.83
N ILE Q 158 -41.06 22.38 -25.15
CA ILE Q 158 -40.58 23.38 -24.20
C ILE Q 158 -39.61 24.33 -24.95
N PRO Q 159 -39.39 25.55 -24.42
CA PRO Q 159 -38.50 26.48 -25.12
C PRO Q 159 -37.08 25.95 -25.33
N ASP Q 160 -36.60 25.13 -24.40
CA ASP Q 160 -35.29 24.42 -24.51
C ASP Q 160 -35.03 23.71 -25.86
N GLU Q 161 -36.09 23.18 -26.47
CA GLU Q 161 -36.01 22.48 -27.77
C GLU Q 161 -36.63 23.25 -28.94
N ALA Q 162 -36.96 24.52 -28.72
CA ALA Q 162 -37.80 25.30 -29.66
C ALA Q 162 -37.03 26.24 -30.63
N GLN Q 163 -35.77 25.95 -30.90
CA GLN Q 163 -34.92 26.83 -31.75
C GLN Q 163 -35.49 27.03 -33.16
N GLN Q 164 -35.83 25.92 -33.82
CA GLN Q 164 -36.42 25.97 -35.18
C GLN Q 164 -37.78 26.67 -35.18
N TRP Q 165 -38.57 26.39 -34.15
CA TRP Q 165 -39.91 26.96 -34.00
C TRP Q 165 -39.84 28.46 -33.75
N LEU Q 166 -38.93 28.90 -32.89
CA LEU Q 166 -38.72 30.33 -32.67
C LEU Q 166 -38.38 31.08 -33.96
N ALA Q 167 -37.51 30.48 -34.77
CA ALA Q 167 -37.12 31.07 -36.07
C ALA Q 167 -38.29 31.14 -37.06
N ALA Q 168 -39.04 30.04 -37.15
CA ALA Q 168 -40.23 29.96 -38.01
C ALA Q 168 -41.36 30.89 -37.55
N SER Q 169 -41.50 30.99 -36.23
CA SER Q 169 -42.49 31.87 -35.59
C SER Q 169 -42.25 33.34 -35.90
N GLU Q 170 -41.00 33.77 -35.81
CA GLU Q 170 -40.62 35.16 -36.15
C GLU Q 170 -40.77 35.46 -37.65
N GLU Q 171 -40.34 34.51 -38.48
CA GLU Q 171 -40.39 34.64 -39.94
C GLU Q 171 -41.82 34.72 -40.49
N HIS Q 172 -42.72 33.88 -39.98
CA HIS Q 172 -44.10 33.81 -40.49
C HIS Q 172 -45.15 34.51 -39.60
N ARG Q 173 -44.68 35.30 -38.63
CA ARG Q 173 -45.53 36.15 -37.80
C ARG Q 173 -46.63 35.36 -37.10
N LEU Q 174 -46.22 34.31 -36.39
CA LEU Q 174 -47.14 33.46 -35.64
C LEU Q 174 -46.84 33.55 -34.15
N ASP Q 175 -47.89 33.60 -33.35
CA ASP Q 175 -47.75 33.58 -31.90
C ASP Q 175 -47.31 32.19 -31.44
N ARG Q 176 -46.62 32.16 -30.31
CA ARG Q 176 -46.09 30.92 -29.76
C ARG Q 176 -46.52 30.80 -28.29
N ILE Q 177 -47.45 29.90 -28.07
CA ILE Q 177 -48.08 29.73 -26.79
C ILE Q 177 -47.52 28.48 -26.13
N PHE Q 178 -46.59 28.70 -25.20
CA PHE Q 178 -46.04 27.62 -24.37
C PHE Q 178 -46.88 27.48 -23.11
N LEU Q 179 -46.78 26.33 -22.47
CA LEU Q 179 -47.51 26.05 -21.23
C LEU Q 179 -46.63 26.28 -20.00
N VAL Q 180 -47.26 26.73 -18.93
CA VAL Q 180 -46.67 26.70 -17.59
C VAL Q 180 -47.55 25.86 -16.67
N ALA Q 181 -46.95 25.36 -15.60
CA ALA Q 181 -47.63 24.48 -14.64
C ALA Q 181 -47.41 24.98 -13.21
N PRO Q 182 -48.27 24.53 -12.26
CA PRO Q 182 -48.04 24.90 -10.85
C PRO Q 182 -46.68 24.46 -10.32
N SER Q 183 -46.17 23.34 -10.81
CA SER Q 183 -44.86 22.83 -10.41
C SER Q 183 -43.67 23.62 -11.00
N SER Q 184 -43.91 24.45 -12.01
CA SER Q 184 -42.83 25.21 -12.68
C SER Q 184 -41.98 25.99 -11.69
N THR Q 185 -40.66 25.83 -11.81
CA THR Q 185 -39.71 26.57 -10.95
C THR Q 185 -39.71 28.04 -11.37
N PRO Q 186 -39.26 28.93 -10.47
CA PRO Q 186 -39.16 30.35 -10.84
C PRO Q 186 -38.36 30.61 -12.12
N GLU Q 187 -37.26 29.90 -12.29
CA GLU Q 187 -36.40 30.09 -13.46
C GLU Q 187 -37.11 29.71 -14.75
N ARG Q 188 -37.70 28.52 -14.75
CA ARG Q 188 -38.37 27.96 -15.93
C ARG Q 188 -39.64 28.72 -16.28
N LEU Q 189 -40.37 29.17 -15.27
CA LEU Q 189 -41.55 30.02 -15.49
C LEU Q 189 -41.17 31.32 -16.19
N ALA Q 190 -40.12 31.98 -15.69
CA ALA Q 190 -39.62 33.23 -16.32
C ALA Q 190 -39.15 32.99 -17.76
N ALA Q 191 -38.39 31.93 -17.97
CA ALA Q 191 -37.93 31.57 -19.32
C ALA Q 191 -39.07 31.20 -20.30
N THR Q 192 -40.11 30.56 -19.78
CA THR Q 192 -41.26 30.15 -20.61
C THR Q 192 -42.14 31.33 -21.00
N VAL Q 193 -42.32 32.26 -20.08
CA VAL Q 193 -43.07 33.49 -20.34
C VAL Q 193 -42.34 34.38 -21.34
N GLU Q 194 -41.03 34.55 -21.11
CA GLU Q 194 -40.14 35.29 -22.03
C GLU Q 194 -40.19 34.75 -23.47
N ALA Q 195 -40.23 33.42 -23.61
CA ALA Q 195 -40.28 32.75 -24.91
C ALA Q 195 -41.66 32.79 -25.59
N SER Q 196 -42.71 33.05 -24.83
CA SER Q 196 -44.09 33.07 -25.36
C SER Q 196 -44.46 34.41 -26.00
N ARG Q 197 -45.26 34.34 -27.06
CA ARG Q 197 -45.91 35.50 -27.67
C ARG Q 197 -47.38 35.19 -27.81
N GLY Q 198 -48.24 36.19 -27.60
CA GLY Q 198 -49.69 36.03 -27.70
C GLY Q 198 -50.34 35.81 -26.34
N PHE Q 199 -50.24 34.58 -25.85
CA PHE Q 199 -50.59 34.28 -24.45
C PHE Q 199 -49.81 33.09 -23.88
N VAL Q 200 -49.79 32.99 -22.55
CA VAL Q 200 -49.21 31.83 -21.86
C VAL Q 200 -50.37 30.97 -21.37
N TYR Q 201 -50.30 29.68 -21.67
CA TYR Q 201 -51.33 28.71 -21.29
C TYR Q 201 -50.99 28.23 -19.88
N ALA Q 202 -51.76 28.69 -18.90
CA ALA Q 202 -51.63 28.21 -17.52
C ALA Q 202 -52.51 26.99 -17.30
N ALA Q 203 -51.91 25.81 -17.43
CA ALA Q 203 -52.64 24.55 -17.31
C ALA Q 203 -52.57 24.00 -15.89
N SER Q 204 -53.66 23.38 -15.44
CA SER Q 204 -53.67 22.73 -14.11
C SER Q 204 -54.32 21.36 -14.09
N SER Q 216 -59.64 24.75 -5.68
CA SER Q 216 -58.34 24.73 -5.44
C SER Q 216 -57.76 26.09 -5.90
N GLN Q 217 -56.79 26.57 -5.15
CA GLN Q 217 -56.19 27.90 -5.38
C GLN Q 217 -54.94 27.87 -6.26
N ALA Q 218 -54.68 26.75 -6.91
CA ALA Q 218 -53.48 26.60 -7.76
C ALA Q 218 -53.48 27.54 -8.96
N ALA Q 219 -54.63 27.62 -9.63
CA ALA Q 219 -54.77 28.43 -10.85
C ALA Q 219 -54.57 29.94 -10.65
N PRO Q 220 -55.28 30.57 -9.68
CA PRO Q 220 -54.98 31.99 -9.43
C PRO Q 220 -53.53 32.26 -8.97
N GLU Q 221 -52.98 31.36 -8.16
CA GLU Q 221 -51.58 31.45 -7.73
C GLU Q 221 -50.60 31.40 -8.89
N LEU Q 222 -50.87 30.51 -9.84
CA LEU Q 222 -50.02 30.36 -11.04
C LEU Q 222 -50.11 31.58 -11.95
N VAL Q 223 -51.32 32.07 -12.18
CA VAL Q 223 -51.53 33.31 -12.95
C VAL Q 223 -50.81 34.46 -12.24
N GLY Q 224 -50.97 34.54 -10.92
CA GLY Q 224 -50.28 35.55 -10.09
C GLY Q 224 -48.77 35.59 -10.25
N ARG Q 225 -48.16 34.41 -10.36
CA ARG Q 225 -46.72 34.29 -10.60
C ARG Q 225 -46.29 34.74 -12.00
N VAL Q 226 -47.14 34.53 -13.00
CA VAL Q 226 -46.87 35.00 -14.37
C VAL Q 226 -46.96 36.54 -14.45
N LYS Q 227 -47.97 37.09 -13.79
CA LYS Q 227 -48.17 38.57 -13.75
C LYS Q 227 -47.03 39.31 -13.06
N ALA Q 228 -46.35 38.65 -12.11
CA ALA Q 228 -45.23 39.27 -11.38
C ALA Q 228 -43.97 39.50 -12.24
N VAL Q 229 -43.85 38.78 -13.37
CA VAL Q 229 -42.68 38.92 -14.26
C VAL Q 229 -42.98 39.47 -15.67
N SER Q 230 -44.25 39.61 -16.03
CA SER Q 230 -44.63 39.98 -17.41
C SER Q 230 -46.09 40.39 -17.55
N ASP Q 231 -46.36 41.23 -18.54
CA ASP Q 231 -47.72 41.72 -18.84
C ASP Q 231 -48.43 40.92 -19.94
N ILE Q 232 -47.83 39.80 -20.37
CA ILE Q 232 -48.45 38.94 -21.39
C ILE Q 232 -49.77 38.37 -20.87
N PRO Q 233 -50.80 38.29 -21.75
CA PRO Q 233 -52.05 37.64 -21.33
C PRO Q 233 -51.87 36.18 -20.92
N VAL Q 234 -52.69 35.75 -19.96
CA VAL Q 234 -52.67 34.39 -19.43
C VAL Q 234 -54.04 33.75 -19.61
N GLY Q 235 -54.06 32.66 -20.36
CA GLY Q 235 -55.25 31.82 -20.52
C GLY Q 235 -55.19 30.70 -19.51
N VAL Q 236 -56.34 30.33 -18.96
CA VAL Q 236 -56.42 29.31 -17.91
C VAL Q 236 -57.33 28.16 -18.32
N GLY Q 237 -56.80 26.95 -18.19
CA GLY Q 237 -57.54 25.71 -18.44
C GLY Q 237 -57.68 24.93 -17.16
N LEU Q 238 -58.92 24.56 -16.83
CA LEU Q 238 -59.29 24.03 -15.51
C LEU Q 238 -60.42 22.99 -15.55
N GLY Q 239 -60.59 22.34 -16.70
CA GLY Q 239 -61.78 21.51 -16.95
C GLY Q 239 -63.10 22.24 -16.73
N VAL Q 240 -63.24 23.37 -17.42
CA VAL Q 240 -64.43 24.23 -17.29
C VAL Q 240 -65.62 23.60 -18.00
N ARG Q 241 -66.77 23.54 -17.33
CA ARG Q 241 -67.99 22.98 -17.93
C ARG Q 241 -69.26 23.83 -17.81
N SER Q 242 -69.16 24.98 -17.15
CA SER Q 242 -70.35 25.76 -16.81
C SER Q 242 -70.04 27.26 -16.78
N ARG Q 243 -71.11 28.04 -16.87
CA ARG Q 243 -71.03 29.49 -16.84
C ARG Q 243 -70.31 29.99 -15.59
N ALA Q 244 -70.72 29.45 -14.44
CA ALA Q 244 -70.16 29.84 -13.14
C ALA Q 244 -68.65 29.67 -13.06
N GLN Q 245 -68.14 28.55 -13.54
CA GLN Q 245 -66.69 28.29 -13.53
C GLN Q 245 -65.92 29.25 -14.42
N ALA Q 246 -66.46 29.53 -15.60
CA ALA Q 246 -65.87 30.50 -16.53
C ALA Q 246 -65.80 31.91 -15.93
N ALA Q 247 -66.80 32.25 -15.13
CA ALA Q 247 -66.87 33.57 -14.48
C ALA Q 247 -65.83 33.70 -13.36
N GLN Q 248 -65.67 32.64 -12.58
CA GLN Q 248 -64.63 32.58 -11.54
C GLN Q 248 -63.25 32.86 -12.11
N ILE Q 249 -62.94 32.16 -13.20
CA ILE Q 249 -61.64 32.27 -13.87
C ILE Q 249 -61.43 33.68 -14.47
N ALA Q 250 -62.49 34.26 -15.00
CA ALA Q 250 -62.42 35.59 -15.63
C ALA Q 250 -62.09 36.74 -14.65
N GLN Q 251 -62.24 36.51 -13.35
CA GLN Q 251 -61.85 37.50 -12.32
C GLN Q 251 -60.34 37.80 -12.36
N TYR Q 252 -59.53 36.76 -12.57
CA TYR Q 252 -58.05 36.87 -12.55
C TYR Q 252 -57.34 36.63 -13.88
N ALA Q 253 -57.97 35.87 -14.78
CA ALA Q 253 -57.35 35.48 -16.06
C ALA Q 253 -57.82 36.34 -17.23
N ASP Q 254 -56.95 36.49 -18.22
CA ASP Q 254 -57.25 37.25 -19.44
C ASP Q 254 -58.05 36.42 -20.44
N GLY Q 255 -57.88 35.09 -20.37
CA GLY Q 255 -58.62 34.16 -21.21
C GLY Q 255 -59.06 32.91 -20.45
N VAL Q 256 -60.21 32.39 -20.83
CA VAL Q 256 -60.77 31.16 -20.27
C VAL Q 256 -60.73 30.11 -21.38
N ILE Q 257 -60.01 29.03 -21.13
CA ILE Q 257 -59.83 27.95 -22.10
C ILE Q 257 -60.78 26.80 -21.78
N VAL Q 258 -61.56 26.38 -22.77
CA VAL Q 258 -62.53 25.29 -22.63
C VAL Q 258 -62.38 24.30 -23.77
N GLY Q 259 -62.33 23.01 -23.43
CA GLY Q 259 -62.05 21.95 -24.39
C GLY Q 259 -62.90 20.71 -24.17
N SER Q 260 -62.61 19.99 -23.10
CA SER Q 260 -63.35 18.76 -22.75
C SER Q 260 -64.87 18.93 -22.86
N ALA Q 261 -65.39 20.00 -22.25
CA ALA Q 261 -66.85 20.25 -22.22
C ALA Q 261 -67.45 20.55 -23.61
N LEU Q 262 -66.67 21.16 -24.49
CA LEU Q 262 -67.13 21.41 -25.87
C LEU Q 262 -67.26 20.12 -26.66
N VAL Q 263 -66.29 19.22 -26.46
CA VAL Q 263 -66.31 17.90 -27.11
C VAL Q 263 -67.53 17.10 -26.64
N THR Q 264 -67.70 17.01 -25.31
CA THR Q 264 -68.88 16.38 -24.69
C THR Q 264 -70.20 16.93 -25.25
N ALA Q 265 -70.25 18.26 -25.42
CA ALA Q 265 -71.44 18.94 -25.97
C ALA Q 265 -71.70 18.56 -27.43
N LEU Q 266 -70.65 18.54 -28.24
CA LEU Q 266 -70.74 18.17 -29.66
C LEU Q 266 -71.17 16.73 -29.89
N THR Q 267 -70.72 15.83 -29.02
CA THR Q 267 -71.11 14.40 -29.04
C THR Q 267 -72.64 14.24 -28.93
N GLU Q 268 -73.25 15.01 -28.03
CA GLU Q 268 -74.72 15.05 -27.92
C GLU Q 268 -75.35 15.66 -29.17
N GLY Q 269 -74.82 16.79 -29.61
CA GLY Q 269 -75.28 17.44 -30.83
C GLY Q 269 -74.78 18.86 -31.02
N LEU Q 270 -74.87 19.32 -32.25
CA LEU Q 270 -74.49 20.68 -32.62
C LEU Q 270 -75.33 21.77 -31.90
N PRO Q 271 -76.65 21.57 -31.72
CA PRO Q 271 -77.43 22.52 -30.92
C PRO Q 271 -76.97 22.65 -29.46
N ARG Q 272 -76.59 21.53 -28.85
CA ARG Q 272 -76.08 21.52 -27.48
C ARG Q 272 -74.76 22.30 -27.36
N LEU Q 273 -73.91 22.21 -28.38
CA LEU Q 273 -72.66 23.00 -28.42
C LEU Q 273 -72.92 24.51 -28.47
N ARG Q 274 -73.90 24.92 -29.27
N ARG Q 274 -73.89 24.92 -29.26
CA ARG Q 274 -74.27 26.33 -29.40
CA ARG Q 274 -74.26 26.33 -29.38
C ARG Q 274 -74.76 26.90 -28.08
C ARG Q 274 -74.74 26.89 -28.06
N ALA Q 275 -75.60 26.14 -27.39
CA ALA Q 275 -76.16 26.53 -26.09
C ALA Q 275 -75.06 26.67 -25.02
N LEU Q 276 -74.19 25.67 -24.93
CA LEU Q 276 -73.08 25.71 -23.97
C LEU Q 276 -72.12 26.87 -24.24
N THR Q 277 -71.72 27.03 -25.50
CA THR Q 277 -70.82 28.12 -25.89
C THR Q 277 -71.41 29.50 -25.53
N GLY Q 278 -72.71 29.64 -25.75
CA GLY Q 278 -73.44 30.86 -25.35
C GLY Q 278 -73.44 31.14 -23.86
N GLU Q 279 -73.56 30.09 -23.04
CA GLU Q 279 -73.48 30.21 -21.59
C GLU Q 279 -72.06 30.59 -21.12
N LEU Q 280 -71.06 30.02 -21.76
CA LEU Q 280 -69.67 30.34 -21.43
C LEU Q 280 -69.30 31.76 -21.87
N ALA Q 281 -69.83 32.18 -23.01
CA ALA Q 281 -69.67 33.57 -23.49
C ALA Q 281 -70.26 34.59 -22.51
N ALA Q 282 -71.37 34.23 -21.87
CA ALA Q 282 -71.96 35.06 -20.81
C ALA Q 282 -71.12 35.07 -19.54
N GLY Q 283 -70.51 33.93 -19.25
CA GLY Q 283 -69.65 33.77 -18.08
C GLY Q 283 -68.42 34.66 -18.07
N VAL Q 284 -67.72 34.73 -19.20
CA VAL Q 284 -66.50 35.55 -19.32
C VAL Q 284 -66.74 37.06 -19.16
N ARG Q 285 -67.97 37.51 -19.42
CA ARG Q 285 -68.37 38.91 -19.26
C ARG Q 285 -68.79 39.15 -17.83
N LEU Q 286 -68.32 40.18 -17.28
CA LEU Q 286 -68.71 40.49 -15.94
C LEU Q 286 -69.15 41.80 -15.58
N GLY Q 287 -69.40 42.74 -16.55
CA GLY Q 287 -70.04 44.08 -16.34
C GLY Q 287 -70.17 44.92 -17.61
N THR R 41 -17.66 9.89 -19.66
CA THR R 41 -18.13 10.94 -20.25
C THR R 41 -17.91 11.31 -21.73
N SER R 42 -16.95 10.69 -22.41
CA SER R 42 -16.78 10.91 -23.85
C SER R 42 -18.05 10.71 -24.70
N HIS R 43 -18.86 9.72 -24.34
CA HIS R 43 -20.05 9.39 -25.13
C HIS R 43 -21.35 10.01 -24.59
N ASP R 44 -21.25 10.81 -23.54
CA ASP R 44 -22.41 11.44 -22.90
C ASP R 44 -22.98 12.59 -23.74
N PRO R 45 -24.28 12.91 -23.55
CA PRO R 45 -24.87 14.05 -24.23
C PRO R 45 -24.57 15.35 -23.48
N ASP R 46 -25.00 16.46 -24.05
CA ASP R 46 -24.88 17.77 -23.38
C ASP R 46 -25.89 17.90 -22.22
N SER R 47 -25.86 19.02 -21.51
CA SER R 47 -26.74 19.25 -20.34
C SER R 47 -28.25 19.27 -20.67
N GLY R 48 -28.58 19.53 -21.94
CA GLY R 48 -29.96 19.42 -22.44
C GLY R 48 -30.41 18.02 -22.85
N GLY R 49 -29.48 17.07 -22.86
CA GLY R 49 -29.76 15.67 -23.21
C GLY R 49 -29.58 15.30 -24.66
N HIS R 50 -28.85 16.12 -25.42
CA HIS R 50 -28.67 15.91 -26.86
C HIS R 50 -27.38 15.14 -27.20
N PHE R 51 -27.51 14.15 -28.06
CA PHE R 51 -26.37 13.44 -28.65
C PHE R 51 -26.08 13.98 -30.04
N GLY R 52 -24.81 14.27 -30.30
CA GLY R 52 -24.36 14.60 -31.66
C GLY R 52 -24.53 16.04 -32.10
N GLY R 53 -24.66 16.91 -31.12
CA GLY R 53 -24.78 18.27 -31.45
C GLY R 53 -26.06 18.76 -30.99
N PRO R 54 -26.12 20.02 -31.08
CA PRO R 54 -27.05 20.80 -30.34
C PRO R 54 -28.43 20.47 -30.78
N SER R 55 -28.58 19.82 -31.93
CA SER R 55 -29.95 19.38 -32.36
C SER R 55 -30.20 18.10 -32.71
N GLY R 56 -29.41 17.39 -32.03
CA GLY R 56 -29.56 16.23 -32.30
C GLY R 56 -30.52 15.43 -31.53
N TRP R 57 -30.04 14.24 -31.38
CA TRP R 57 -30.83 13.16 -30.89
C TRP R 57 -31.02 13.32 -29.40
N GLY R 58 -32.18 12.92 -28.92
CA GLY R 58 -32.49 12.95 -27.49
C GLY R 58 -33.28 14.16 -27.11
N GLY R 59 -32.78 14.89 -26.11
CA GLY R 59 -33.44 16.08 -25.61
C GLY R 59 -34.64 15.78 -24.73
N ARG R 60 -35.55 16.74 -24.64
CA ARG R 60 -36.72 16.66 -23.77
C ARG R 60 -37.94 17.22 -24.47
N TYR R 61 -38.73 16.33 -25.05
CA TYR R 61 -39.98 16.68 -25.71
C TYR R 61 -41.11 16.29 -24.78
N VAL R 62 -41.26 17.13 -23.77
CA VAL R 62 -42.20 16.90 -22.67
C VAL R 62 -42.95 18.19 -22.40
N PRO R 63 -44.09 18.11 -21.70
CA PRO R 63 -44.77 19.32 -21.29
C PRO R 63 -44.11 20.02 -20.11
N GLU R 64 -44.30 21.32 -20.04
CA GLU R 64 -43.75 22.15 -18.96
C GLU R 64 -44.17 21.62 -17.56
N ALA R 65 -45.37 21.06 -17.48
CA ALA R 65 -45.88 20.42 -16.24
C ALA R 65 -44.98 19.32 -15.66
N LEU R 66 -44.19 18.66 -16.51
CA LEU R 66 -43.23 17.64 -16.07
C LEU R 66 -41.83 18.16 -15.76
N MET R 67 -41.52 19.39 -16.12
CA MET R 67 -40.12 19.85 -16.11
C MET R 67 -39.52 19.98 -14.71
N ALA R 68 -40.33 20.39 -13.74
CA ALA R 68 -39.87 20.50 -12.34
C ALA R 68 -39.33 19.16 -11.83
N VAL R 69 -40.12 18.10 -12.01
CA VAL R 69 -39.73 16.75 -11.56
C VAL R 69 -38.65 16.14 -12.44
N ILE R 70 -38.67 16.42 -13.74
CA ILE R 70 -37.55 16.00 -14.62
C ILE R 70 -36.23 16.66 -14.18
N GLU R 71 -36.25 17.96 -13.91
CA GLU R 71 -35.07 18.65 -13.39
C GLU R 71 -34.65 18.16 -12.01
N GLU R 72 -35.63 17.82 -11.17
CA GLU R 72 -35.36 17.24 -9.84
C GLU R 72 -34.61 15.89 -9.94
N VAL R 73 -35.10 15.01 -10.82
CA VAL R 73 -34.49 13.69 -11.06
C VAL R 73 -33.10 13.84 -11.65
N THR R 74 -32.95 14.79 -12.57
CA THR R 74 -31.66 15.04 -13.24
C THR R 74 -30.60 15.49 -12.23
N ALA R 75 -30.97 16.44 -11.38
CA ALA R 75 -30.09 16.96 -10.33
C ALA R 75 -29.70 15.88 -9.33
N ALA R 76 -30.68 15.07 -8.91
CA ALA R 76 -30.47 13.96 -7.98
C ALA R 76 -29.52 12.92 -8.54
N TYR R 77 -29.70 12.59 -9.82
CA TYR R 77 -28.83 11.63 -10.49
C TYR R 77 -27.39 12.15 -10.64
N GLN R 78 -27.23 13.41 -11.04
CA GLN R 78 -25.89 14.02 -11.16
C GLN R 78 -25.13 14.03 -9.83
N LYS R 79 -25.86 14.26 -8.75
CA LYS R 79 -25.30 14.21 -7.40
C LYS R 79 -24.88 12.77 -7.00
N GLU R 80 -25.80 11.82 -7.18
CA GLU R 80 -25.60 10.44 -6.71
C GLU R 80 -24.66 9.57 -7.55
N ARG R 81 -24.61 9.79 -8.85
CA ARG R 81 -23.70 9.02 -9.72
C ARG R 81 -22.20 9.17 -9.36
N VAL R 82 -21.84 10.25 -8.66
CA VAL R 82 -20.45 10.49 -8.19
C VAL R 82 -20.29 10.37 -6.67
N SER R 83 -21.31 9.85 -6.00
CA SER R 83 -21.27 9.58 -4.57
C SER R 83 -20.84 8.13 -4.37
N GLN R 84 -19.72 7.91 -3.68
CA GLN R 84 -19.27 6.53 -3.38
C GLN R 84 -20.23 5.73 -2.54
N ASP R 85 -20.87 6.39 -1.59
CA ASP R 85 -21.85 5.72 -0.74
C ASP R 85 -23.03 5.16 -1.56
N PHE R 86 -23.48 5.92 -2.55
CA PHE R 86 -24.52 5.45 -3.49
C PHE R 86 -24.05 4.26 -4.33
N LEU R 87 -22.88 4.40 -4.93
CA LEU R 87 -22.31 3.34 -5.77
C LEU R 87 -22.04 2.09 -4.94
N ASP R 88 -21.60 2.28 -3.69
CA ASP R 88 -21.43 1.16 -2.73
C ASP R 88 -22.74 0.45 -2.46
N ASP R 89 -23.78 1.22 -2.20
CA ASP R 89 -25.13 0.66 -1.98
C ASP R 89 -25.61 -0.16 -3.19
N LEU R 90 -25.44 0.40 -4.38
CA LEU R 90 -25.83 -0.28 -5.62
C LEU R 90 -25.02 -1.56 -5.83
N ASP R 91 -23.71 -1.46 -5.63
CA ASP R 91 -22.79 -2.62 -5.74
C ASP R 91 -23.15 -3.76 -4.79
N ARG R 92 -23.46 -3.40 -3.56
CA ARG R 92 -23.77 -4.38 -2.52
C ARG R 92 -25.03 -5.18 -2.87
N LEU R 93 -26.05 -4.47 -3.33
CA LEU R 93 -27.26 -5.10 -3.84
C LEU R 93 -26.99 -5.95 -5.10
N GLN R 94 -26.19 -5.42 -6.03
CA GLN R 94 -25.87 -6.18 -7.25
C GLN R 94 -25.24 -7.53 -6.92
N ALA R 95 -24.33 -7.53 -5.96
CA ALA R 95 -23.58 -8.75 -5.59
C ALA R 95 -24.44 -9.73 -4.78
N ASN R 96 -24.94 -9.26 -3.65
CA ASN R 96 -25.58 -10.13 -2.65
C ASN R 96 -27.06 -10.41 -2.89
N TYR R 97 -27.75 -9.47 -3.54
CA TYR R 97 -29.20 -9.59 -3.76
C TYR R 97 -29.49 -10.11 -5.18
N ALA R 98 -28.89 -9.47 -6.16
CA ALA R 98 -29.11 -9.80 -7.56
C ALA R 98 -28.20 -10.90 -8.11
N GLY R 99 -27.11 -11.20 -7.40
CA GLY R 99 -26.19 -12.28 -7.82
C GLY R 99 -25.20 -12.00 -8.94
N ARG R 100 -24.81 -10.74 -9.10
CA ARG R 100 -23.76 -10.37 -10.07
C ARG R 100 -22.37 -10.81 -9.56
N PRO R 101 -21.43 -11.08 -10.47
CA PRO R 101 -21.57 -11.00 -11.92
C PRO R 101 -22.34 -12.17 -12.55
N SER R 102 -22.95 -11.91 -13.69
CA SER R 102 -23.56 -12.97 -14.50
C SER R 102 -22.43 -13.62 -15.29
N PRO R 103 -22.53 -14.92 -15.55
CA PRO R 103 -21.44 -15.58 -16.27
C PRO R 103 -21.50 -15.39 -17.79
N LEU R 104 -20.39 -15.74 -18.44
CA LEU R 104 -20.29 -15.78 -19.89
C LEU R 104 -20.10 -17.26 -20.25
N TYR R 105 -21.02 -17.80 -21.05
CA TYR R 105 -21.04 -19.22 -21.39
C TYR R 105 -20.84 -19.45 -22.88
N GLU R 106 -19.82 -20.24 -23.24
CA GLU R 106 -19.59 -20.58 -24.65
C GLU R 106 -20.54 -21.69 -25.06
N ALA R 107 -21.50 -21.34 -25.92
CA ALA R 107 -22.53 -22.27 -26.40
C ALA R 107 -22.01 -23.07 -27.60
N THR R 108 -21.18 -24.05 -27.31
CA THR R 108 -20.44 -24.78 -28.34
C THR R 108 -21.33 -25.58 -29.28
N ARG R 109 -22.48 -26.03 -28.76
CA ARG R 109 -23.45 -26.80 -29.55
C ARG R 109 -24.30 -25.94 -30.50
N LEU R 110 -24.19 -24.62 -30.42
CA LEU R 110 -24.73 -23.74 -31.46
C LEU R 110 -23.80 -23.55 -32.67
N SER R 111 -22.52 -23.84 -32.49
CA SER R 111 -21.49 -23.44 -33.45
C SER R 111 -21.81 -23.84 -34.88
N GLN R 112 -22.23 -25.08 -35.08
CA GLN R 112 -22.51 -25.62 -36.42
C GLN R 112 -23.71 -24.93 -37.14
N HIS R 113 -24.59 -24.30 -36.35
CA HIS R 113 -25.66 -23.45 -36.90
C HIS R 113 -25.28 -21.99 -37.10
N ALA R 114 -24.05 -21.66 -36.72
CA ALA R 114 -23.53 -20.29 -36.82
C ALA R 114 -22.24 -20.22 -37.66
N GLY R 115 -22.17 -21.02 -38.73
CA GLY R 115 -20.99 -21.06 -39.61
C GLY R 115 -19.68 -21.48 -38.95
N SER R 116 -19.78 -22.27 -37.89
CA SER R 116 -18.65 -22.68 -37.03
C SER R 116 -18.03 -21.54 -36.24
N ALA R 117 -18.77 -20.44 -36.11
CA ALA R 117 -18.39 -19.35 -35.23
C ALA R 117 -18.63 -19.76 -33.78
N ARG R 118 -18.06 -19.00 -32.87
CA ARG R 118 -18.12 -19.30 -31.45
C ARG R 118 -19.05 -18.31 -30.77
N ILE R 119 -20.22 -18.79 -30.38
CA ILE R 119 -21.23 -17.94 -29.73
C ILE R 119 -21.03 -17.98 -28.23
N PHE R 120 -20.77 -16.82 -27.63
CA PHE R 120 -20.67 -16.69 -26.17
C PHE R 120 -21.88 -15.96 -25.64
N LEU R 121 -22.61 -16.58 -24.72
CA LEU R 121 -23.85 -16.02 -24.15
C LEU R 121 -23.55 -15.30 -22.86
N LYS R 122 -23.87 -14.01 -22.81
CA LYS R 122 -23.77 -13.23 -21.57
C LYS R 122 -25.06 -13.44 -20.81
N ARG R 123 -24.97 -14.11 -19.66
CA ARG R 123 -26.14 -14.74 -19.05
C ARG R 123 -26.93 -13.82 -18.11
N GLU R 124 -27.54 -12.79 -18.65
CA GLU R 124 -28.42 -11.93 -17.84
C GLU R 124 -29.71 -12.66 -17.42
N ASP R 125 -30.03 -13.75 -18.12
CA ASP R 125 -31.12 -14.67 -17.73
C ASP R 125 -31.01 -15.22 -16.30
N LEU R 126 -29.80 -15.26 -15.76
CA LEU R 126 -29.57 -15.76 -14.41
C LEU R 126 -29.69 -14.71 -13.29
N ASN R 127 -29.97 -13.45 -13.64
CA ASN R 127 -30.20 -12.40 -12.63
C ASN R 127 -31.47 -12.66 -11.85
N HIS R 128 -31.52 -12.11 -10.64
CA HIS R 128 -32.76 -12.04 -9.86
C HIS R 128 -33.85 -11.36 -10.69
N THR R 129 -35.02 -11.99 -10.72
CA THR R 129 -36.18 -11.61 -11.55
C THR R 129 -36.14 -12.13 -12.99
N GLY R 130 -34.98 -12.56 -13.43
CA GLY R 130 -34.83 -13.25 -14.72
C GLY R 130 -34.51 -12.39 -15.92
N SER R 131 -34.03 -11.18 -15.69
CA SER R 131 -33.60 -10.31 -16.79
C SER R 131 -32.64 -9.22 -16.36
N HIS R 132 -32.08 -8.56 -17.36
CA HIS R 132 -31.27 -7.36 -17.17
C HIS R 132 -32.01 -6.20 -16.51
N LYS R 133 -33.33 -6.21 -16.55
CA LYS R 133 -34.11 -5.06 -16.04
C LYS R 133 -33.76 -4.67 -14.61
N ILE R 134 -33.44 -5.67 -13.79
CA ILE R 134 -33.13 -5.44 -12.37
C ILE R 134 -31.93 -4.49 -12.13
N ASN R 135 -30.98 -4.47 -13.06
CA ASN R 135 -29.79 -3.59 -12.97
C ASN R 135 -30.19 -2.12 -12.86
N ASN R 136 -31.02 -1.70 -13.82
CA ASN R 136 -31.55 -0.35 -13.91
C ASN R 136 -32.48 -0.03 -12.74
N VAL R 137 -33.34 -0.98 -12.40
CA VAL R 137 -34.32 -0.79 -11.33
C VAL R 137 -33.68 -0.55 -9.97
N LEU R 138 -32.66 -1.34 -9.63
CA LEU R 138 -31.96 -1.16 -8.35
C LEU R 138 -31.37 0.25 -8.24
N GLY R 139 -30.75 0.71 -9.32
CA GLY R 139 -30.21 2.07 -9.38
C GLY R 139 -31.28 3.13 -9.18
N GLN R 140 -32.35 3.04 -9.97
CA GLN R 140 -33.42 4.04 -9.93
C GLN R 140 -34.24 4.00 -8.64
N ALA R 141 -34.42 2.82 -8.06
CA ALA R 141 -35.15 2.68 -6.81
C ALA R 141 -34.34 3.25 -5.66
N LEU R 142 -33.05 2.98 -5.64
CA LEU R 142 -32.16 3.60 -4.66
C LEU R 142 -32.22 5.12 -4.77
N LEU R 143 -32.23 5.62 -6.00
CA LEU R 143 -32.36 7.05 -6.26
C LEU R 143 -33.69 7.62 -5.77
N ALA R 144 -34.78 6.88 -5.96
CA ALA R 144 -36.09 7.32 -5.49
C ALA R 144 -36.12 7.52 -3.97
N ARG R 145 -35.54 6.56 -3.24
CA ARG R 145 -35.37 6.73 -1.79
C ARG R 145 -34.50 7.90 -1.39
N ARG R 146 -33.39 8.11 -2.09
CA ARG R 146 -32.52 9.25 -1.83
C ARG R 146 -33.26 10.58 -2.00
N MET R 147 -34.14 10.64 -2.99
CA MET R 147 -34.97 11.83 -3.26
C MET R 147 -36.17 12.04 -2.30
N GLY R 148 -36.47 11.06 -1.47
CA GLY R 148 -37.62 11.14 -0.54
C GLY R 148 -38.98 10.87 -1.16
N LYS R 149 -39.00 10.24 -2.32
CA LYS R 149 -40.25 9.84 -2.98
C LYS R 149 -40.82 8.60 -2.29
N THR R 150 -42.14 8.55 -2.19
CA THR R 150 -42.84 7.44 -1.51
C THR R 150 -43.62 6.52 -2.42
N ARG R 151 -43.72 6.89 -3.68
CA ARG R 151 -44.51 6.15 -4.64
C ARG R 151 -43.70 6.01 -5.91
N VAL R 152 -43.69 4.80 -6.45
CA VAL R 152 -42.99 4.51 -7.70
C VAL R 152 -44.00 4.01 -8.72
N ILE R 153 -43.91 4.51 -9.95
CA ILE R 153 -44.71 4.00 -11.06
C ILE R 153 -43.81 3.49 -12.17
N ALA R 154 -44.32 2.51 -12.92
CA ALA R 154 -43.59 1.97 -14.08
C ALA R 154 -44.51 1.42 -15.14
N GLU R 155 -44.02 1.47 -16.38
CA GLU R 155 -44.62 0.79 -17.52
C GLU R 155 -43.97 -0.59 -17.68
N THR R 156 -44.68 -1.52 -18.29
CA THR R 156 -44.07 -2.80 -18.68
C THR R 156 -44.80 -3.43 -19.86
N GLY R 157 -44.04 -4.10 -20.71
CA GLY R 157 -44.58 -4.85 -21.85
C GLY R 157 -44.47 -6.34 -21.60
N ALA R 158 -43.24 -6.82 -21.54
CA ALA R 158 -42.98 -8.23 -21.21
C ALA R 158 -43.29 -8.57 -19.75
N GLY R 159 -43.32 -7.55 -18.88
CA GLY R 159 -43.60 -7.77 -17.45
C GLY R 159 -42.34 -7.96 -16.60
N GLN R 160 -41.18 -7.94 -17.26
CA GLN R 160 -39.91 -8.16 -16.59
C GLN R 160 -39.47 -6.89 -15.86
N HIS R 161 -39.72 -5.74 -16.46
CA HIS R 161 -39.45 -4.45 -15.82
C HIS R 161 -40.43 -4.22 -14.67
N GLY R 162 -41.68 -4.57 -14.93
CA GLY R 162 -42.74 -4.46 -13.93
C GLY R 162 -42.44 -5.28 -12.71
N VAL R 163 -42.03 -6.52 -12.94
CA VAL R 163 -41.63 -7.44 -11.86
C VAL R 163 -40.39 -6.92 -11.14
N ALA R 164 -39.41 -6.44 -11.89
CA ALA R 164 -38.19 -5.88 -11.28
C ALA R 164 -38.50 -4.67 -10.40
N THR R 165 -39.32 -3.77 -10.90
CA THR R 165 -39.72 -2.58 -10.15
C THR R 165 -40.46 -2.95 -8.87
N ALA R 166 -41.42 -3.86 -8.98
CA ALA R 166 -42.20 -4.37 -7.82
C ALA R 166 -41.29 -4.98 -6.77
N THR R 167 -40.35 -5.78 -7.25
CA THR R 167 -39.30 -6.39 -6.43
C THR R 167 -38.51 -5.36 -5.62
N ALA R 168 -37.98 -4.35 -6.30
CA ALA R 168 -37.20 -3.29 -5.63
C ALA R 168 -38.02 -2.48 -4.64
N CYS R 169 -39.28 -2.23 -4.98
CA CYS R 169 -40.20 -1.48 -4.12
C CYS R 169 -40.60 -2.24 -2.87
N ALA R 170 -40.75 -3.56 -3.01
CA ALA R 170 -40.98 -4.43 -1.85
C ALA R 170 -39.76 -4.38 -0.94
N LEU R 171 -38.60 -4.56 -1.54
CA LEU R 171 -37.30 -4.50 -0.84
C LEU R 171 -37.07 -3.19 -0.08
N LEU R 172 -37.47 -2.07 -0.69
CA LEU R 172 -37.23 -0.74 -0.11
C LEU R 172 -38.44 -0.07 0.53
N GLY R 173 -39.56 -0.78 0.56
CA GLY R 173 -40.77 -0.31 1.25
C GLY R 173 -41.42 0.86 0.55
N LEU R 174 -41.46 0.84 -0.78
CA LEU R 174 -42.11 1.88 -1.59
C LEU R 174 -43.43 1.38 -2.17
N ASP R 175 -44.43 2.26 -2.22
CA ASP R 175 -45.69 1.95 -2.92
C ASP R 175 -45.43 1.90 -4.42
N CYS R 176 -46.06 0.93 -5.06
CA CYS R 176 -45.75 0.57 -6.43
C CYS R 176 -46.99 0.39 -7.28
N VAL R 177 -47.01 1.08 -8.43
CA VAL R 177 -48.10 0.96 -9.41
C VAL R 177 -47.48 0.70 -10.78
N ILE R 178 -47.88 -0.42 -11.40
CA ILE R 178 -47.37 -0.80 -12.72
C ILE R 178 -48.47 -0.69 -13.79
N TYR R 179 -48.16 -0.02 -14.89
CA TYR R 179 -49.05 0.12 -16.04
C TYR R 179 -48.62 -0.87 -17.11
N MET R 180 -49.59 -1.64 -17.61
CA MET R 180 -49.31 -2.73 -18.55
C MET R 180 -50.44 -2.81 -19.56
N GLY R 181 -50.09 -2.87 -20.84
CA GLY R 181 -51.09 -2.99 -21.90
C GLY R 181 -51.92 -4.25 -21.77
N GLY R 182 -53.21 -4.14 -22.03
CA GLY R 182 -54.17 -5.26 -21.88
C GLY R 182 -53.85 -6.52 -22.66
N ILE R 183 -53.29 -6.37 -23.86
CA ILE R 183 -52.85 -7.50 -24.67
C ILE R 183 -51.65 -8.18 -24.01
N ASP R 184 -50.76 -7.37 -23.43
CA ASP R 184 -49.59 -7.88 -22.70
C ASP R 184 -49.95 -8.61 -21.39
N THR R 185 -50.95 -8.11 -20.66
CA THR R 185 -51.41 -8.81 -19.43
C THR R 185 -51.86 -10.24 -19.74
N ALA R 186 -52.47 -10.42 -20.90
CA ALA R 186 -52.98 -11.73 -21.33
C ALA R 186 -51.85 -12.68 -21.79
N ARG R 187 -50.89 -12.17 -22.55
CA ARG R 187 -49.79 -13.03 -23.08
C ARG R 187 -48.53 -13.10 -22.17
N GLN R 188 -48.48 -12.28 -21.11
CA GLN R 188 -47.41 -12.39 -20.07
C GLN R 188 -48.00 -12.50 -18.66
N ALA R 189 -49.06 -13.30 -18.54
CA ALA R 189 -49.86 -13.41 -17.31
C ALA R 189 -49.08 -13.90 -16.08
N LEU R 190 -48.04 -14.70 -16.29
CA LEU R 190 -47.17 -15.14 -15.18
C LEU R 190 -46.58 -13.93 -14.46
N ASN R 191 -46.12 -12.96 -15.23
CA ASN R 191 -45.55 -11.75 -14.65
C ASN R 191 -46.58 -10.83 -13.99
N VAL R 192 -47.82 -10.82 -14.47
CA VAL R 192 -48.88 -10.07 -13.78
C VAL R 192 -49.05 -10.61 -12.37
N ALA R 193 -49.17 -11.93 -12.25
CA ALA R 193 -49.36 -12.60 -10.95
C ALA R 193 -48.19 -12.39 -9.98
N ARG R 194 -46.98 -12.41 -10.51
CA ARG R 194 -45.77 -12.12 -9.73
C ARG R 194 -45.78 -10.71 -9.14
N MET R 195 -46.06 -9.72 -10.00
CA MET R 195 -46.18 -8.32 -9.58
C MET R 195 -47.19 -8.15 -8.45
N ARG R 196 -48.31 -8.85 -8.55
CA ARG R 196 -49.37 -8.78 -7.55
C ARG R 196 -48.95 -9.40 -6.22
N LEU R 197 -48.26 -10.55 -6.27
CA LEU R 197 -47.70 -11.20 -5.07
C LEU R 197 -46.65 -10.34 -4.39
N LEU R 198 -45.87 -9.63 -5.19
CA LEU R 198 -44.88 -8.66 -4.68
C LEU R 198 -45.48 -7.37 -4.07
N GLY R 199 -46.79 -7.19 -4.18
CA GLY R 199 -47.49 -6.09 -3.52
C GLY R 199 -47.76 -4.89 -4.41
N ALA R 200 -47.50 -5.03 -5.71
CA ALA R 200 -47.76 -3.97 -6.66
C ALA R 200 -49.19 -3.98 -7.15
N GLU R 201 -49.73 -2.79 -7.34
CA GLU R 201 -50.94 -2.61 -8.09
C GLU R 201 -50.64 -2.67 -9.59
N VAL R 202 -51.38 -3.50 -10.33
CA VAL R 202 -51.22 -3.61 -11.78
C VAL R 202 -52.45 -3.06 -12.49
N VAL R 203 -52.23 -2.06 -13.34
CA VAL R 203 -53.30 -1.40 -14.10
C VAL R 203 -53.19 -1.79 -15.57
N ALA R 204 -54.24 -2.43 -16.07
CA ALA R 204 -54.30 -2.88 -17.46
C ALA R 204 -54.71 -1.69 -18.32
N VAL R 205 -53.90 -1.35 -19.32
CA VAL R 205 -54.18 -0.20 -20.19
C VAL R 205 -54.93 -0.66 -21.45
N GLN R 206 -56.12 -0.09 -21.66
CA GLN R 206 -56.97 -0.47 -22.83
C GLN R 206 -56.91 0.50 -24.02
N THR R 207 -56.14 1.57 -23.91
CA THR R 207 -56.03 2.58 -24.96
C THR R 207 -55.08 2.12 -26.09
N GLY R 208 -55.32 2.65 -27.29
CA GLY R 208 -54.44 2.43 -28.45
C GLY R 208 -54.25 0.96 -28.81
N SER R 209 -52.99 0.55 -28.95
CA SER R 209 -52.65 -0.86 -29.26
C SER R 209 -52.65 -1.83 -28.06
N LYS R 210 -52.87 -1.30 -26.85
CA LYS R 210 -52.89 -2.11 -25.60
C LYS R 210 -51.59 -2.88 -25.36
N THR R 211 -50.48 -2.25 -25.76
CA THR R 211 -49.13 -2.83 -25.64
C THR R 211 -48.22 -1.76 -25.02
N LEU R 212 -46.90 -1.95 -25.12
CA LEU R 212 -45.94 -1.16 -24.35
C LEU R 212 -46.07 0.36 -24.54
N LYS R 213 -46.23 0.82 -25.78
CA LYS R 213 -46.27 2.27 -26.03
C LYS R 213 -47.44 2.93 -25.29
N ASP R 214 -48.50 2.16 -25.13
CA ASP R 214 -49.74 2.65 -24.54
C ASP R 214 -49.64 2.62 -23.01
N ALA R 215 -48.96 1.61 -22.50
CA ALA R 215 -48.58 1.57 -21.08
C ALA R 215 -47.72 2.78 -20.70
N ILE R 216 -46.78 3.13 -21.57
CA ILE R 216 -45.92 4.29 -21.36
C ILE R 216 -46.74 5.58 -21.30
N ASN R 217 -47.67 5.74 -22.23
CA ASN R 217 -48.56 6.89 -22.24
C ASN R 217 -49.34 7.04 -20.92
N GLU R 218 -49.84 5.93 -20.40
CA GLU R 218 -50.61 6.00 -19.14
C GLU R 218 -49.73 6.34 -17.94
N ALA R 219 -48.56 5.72 -17.88
CA ALA R 219 -47.61 6.02 -16.80
C ALA R 219 -47.22 7.51 -16.81
N PHE R 220 -47.01 8.04 -18.00
CA PHE R 220 -46.72 9.47 -18.20
C PHE R 220 -47.84 10.33 -17.62
N ARG R 221 -49.09 9.95 -17.93
CA ARG R 221 -50.28 10.65 -17.43
C ARG R 221 -50.38 10.64 -15.91
N ASP R 222 -50.02 9.51 -15.31
CA ASP R 222 -49.94 9.38 -13.85
C ASP R 222 -48.90 10.34 -13.27
N TRP R 223 -47.71 10.35 -13.88
CA TRP R 223 -46.58 11.16 -13.39
C TRP R 223 -46.92 12.65 -13.42
N VAL R 224 -47.50 13.08 -14.54
CA VAL R 224 -47.94 14.47 -14.70
C VAL R 224 -48.81 14.87 -13.52
N ALA R 225 -49.78 14.03 -13.16
CA ALA R 225 -50.73 14.32 -12.06
C ALA R 225 -50.12 14.19 -10.66
N ASN R 226 -49.14 13.31 -10.49
CA ASN R 226 -48.60 12.95 -9.17
C ASN R 226 -47.11 13.21 -8.96
N ALA R 227 -46.57 14.17 -9.70
CA ALA R 227 -45.12 14.51 -9.66
C ALA R 227 -44.51 14.78 -8.27
N ASP R 228 -45.30 15.37 -7.38
CA ASP R 228 -44.82 15.74 -6.03
C ASP R 228 -44.22 14.58 -5.25
N ASN R 229 -44.95 13.47 -5.23
CA ASN R 229 -44.59 12.30 -4.40
C ASN R 229 -44.11 11.08 -5.19
N THR R 230 -44.27 11.12 -6.51
CA THR R 230 -44.08 9.93 -7.33
C THR R 230 -42.78 9.99 -8.16
N TYR R 231 -42.03 8.89 -8.10
CA TYR R 231 -40.89 8.65 -8.96
C TYR R 231 -41.33 7.76 -10.12
N TYR R 232 -40.92 8.11 -11.35
CA TYR R 232 -41.21 7.29 -12.53
C TYR R 232 -39.97 6.49 -12.87
N CYS R 233 -40.05 5.20 -12.59
CA CYS R 233 -38.97 4.25 -12.86
C CYS R 233 -39.07 3.73 -14.29
N PHE R 234 -38.44 4.45 -15.22
CA PHE R 234 -38.56 4.12 -16.64
C PHE R 234 -37.61 3.01 -17.01
N GLY R 235 -38.13 2.03 -17.73
CA GLY R 235 -37.47 0.73 -17.91
C GLY R 235 -36.64 0.50 -19.14
N THR R 236 -36.52 1.49 -20.01
CA THR R 236 -35.64 1.35 -21.18
C THR R 236 -34.83 2.62 -21.44
N ALA R 237 -33.89 2.51 -22.36
CA ALA R 237 -32.93 3.58 -22.65
C ALA R 237 -33.49 4.58 -23.66
N ALA R 238 -34.67 5.09 -23.35
CA ALA R 238 -35.36 6.07 -24.16
C ALA R 238 -35.92 7.12 -23.22
N GLY R 239 -36.86 7.93 -23.70
CA GLY R 239 -37.45 8.95 -22.86
C GLY R 239 -36.68 10.26 -22.89
N PRO R 240 -37.18 11.27 -22.17
CA PRO R 240 -36.48 12.53 -22.09
C PRO R 240 -35.27 12.37 -21.20
N HIS R 241 -34.27 13.19 -21.42
CA HIS R 241 -33.14 13.34 -20.51
C HIS R 241 -33.72 13.57 -19.11
N PRO R 242 -33.24 12.85 -18.09
CA PRO R 242 -31.99 12.08 -18.04
C PRO R 242 -32.08 10.57 -18.29
N PHE R 243 -33.24 10.07 -18.70
CA PHE R 243 -33.46 8.60 -18.71
C PHE R 243 -32.57 7.77 -19.64
N PRO R 244 -32.35 8.22 -20.90
CA PRO R 244 -31.48 7.44 -21.76
C PRO R 244 -30.08 7.26 -21.17
N THR R 245 -29.55 8.33 -20.59
CA THR R 245 -28.20 8.30 -20.00
C THR R 245 -28.15 7.52 -18.69
N MET R 246 -29.12 7.78 -17.81
CA MET R 246 -29.22 7.09 -16.53
C MET R 246 -29.46 5.59 -16.67
N VAL R 247 -30.39 5.20 -17.53
CA VAL R 247 -30.67 3.78 -17.76
C VAL R 247 -29.43 3.07 -18.32
N ARG R 248 -28.79 3.71 -19.30
CA ARG R 248 -27.54 3.20 -19.87
C ARG R 248 -26.43 3.08 -18.80
N ASP R 249 -26.25 4.11 -17.99
CA ASP R 249 -25.26 4.03 -16.90
C ASP R 249 -25.48 2.85 -15.95
N PHE R 250 -26.73 2.56 -15.61
CA PHE R 250 -27.00 1.42 -14.76
C PHE R 250 -26.88 0.07 -15.47
N GLN R 251 -26.98 0.06 -16.79
CA GLN R 251 -26.81 -1.18 -17.57
C GLN R 251 -25.37 -1.43 -18.07
N ARG R 252 -24.53 -0.40 -17.99
CA ARG R 252 -23.10 -0.47 -18.39
C ARG R 252 -22.35 -1.68 -17.83
N ILE R 253 -22.70 -2.05 -16.60
CA ILE R 253 -22.14 -3.21 -15.89
C ILE R 253 -22.12 -4.49 -16.75
N ILE R 254 -23.11 -4.66 -17.61
CA ILE R 254 -23.19 -5.87 -18.47
C ILE R 254 -21.94 -5.92 -19.37
N GLY R 255 -21.72 -4.84 -20.11
CA GLY R 255 -20.59 -4.74 -21.02
C GLY R 255 -19.23 -4.75 -20.34
N MET R 256 -19.14 -4.09 -19.18
N MET R 256 -19.10 -4.11 -19.18
CA MET R 256 -17.91 -4.03 -18.40
CA MET R 256 -17.82 -4.05 -18.48
C MET R 256 -17.45 -5.42 -17.95
C MET R 256 -17.42 -5.43 -17.93
N GLU R 257 -18.40 -6.21 -17.48
CA GLU R 257 -18.13 -7.61 -17.10
C GLU R 257 -17.79 -8.44 -18.34
N ALA R 258 -18.60 -8.30 -19.39
CA ALA R 258 -18.42 -9.10 -20.61
C ALA R 258 -17.05 -8.87 -21.25
N ARG R 259 -16.60 -7.63 -21.25
CA ARG R 259 -15.32 -7.29 -21.87
C ARG R 259 -14.16 -7.97 -21.16
N VAL R 260 -14.22 -8.03 -19.83
CA VAL R 260 -13.22 -8.74 -19.02
C VAL R 260 -13.33 -10.24 -19.24
N GLN R 261 -14.55 -10.76 -19.18
CA GLN R 261 -14.79 -12.20 -19.31
C GLN R 261 -14.35 -12.77 -20.65
N ILE R 262 -14.71 -12.10 -21.74
CA ILE R 262 -14.39 -12.62 -23.07
C ILE R 262 -12.88 -12.67 -23.31
N GLN R 263 -12.17 -11.65 -22.84
CA GLN R 263 -10.69 -11.62 -22.94
C GLN R 263 -10.06 -12.78 -22.15
N GLY R 264 -10.62 -13.06 -20.98
CA GLY R 264 -10.22 -14.22 -20.17
C GLY R 264 -10.49 -15.56 -20.84
N GLN R 265 -11.69 -15.76 -21.37
CA GLN R 265 -12.10 -17.07 -21.92
C GLN R 265 -11.65 -17.31 -23.35
N ALA R 266 -11.69 -16.28 -24.19
CA ALA R 266 -11.28 -16.44 -25.59
C ALA R 266 -9.86 -15.93 -25.88
N GLY R 267 -9.26 -15.19 -24.95
CA GLY R 267 -7.90 -14.67 -25.13
C GLY R 267 -7.78 -13.38 -25.91
N ARG R 268 -8.92 -12.79 -26.27
CA ARG R 268 -8.93 -11.58 -27.10
C ARG R 268 -10.31 -10.95 -27.09
N LEU R 269 -10.39 -9.74 -27.59
CA LEU R 269 -11.67 -9.05 -27.77
C LEU R 269 -12.50 -9.76 -28.85
N PRO R 270 -13.81 -9.64 -28.80
CA PRO R 270 -14.61 -10.37 -29.77
C PRO R 270 -14.59 -9.75 -31.15
N ASP R 271 -15.01 -10.52 -32.14
CA ASP R 271 -15.22 -10.00 -33.50
C ASP R 271 -16.53 -9.23 -33.56
N ALA R 272 -17.48 -9.64 -32.74
CA ALA R 272 -18.74 -8.93 -32.61
C ALA R 272 -19.41 -9.10 -31.25
N VAL R 273 -20.22 -8.10 -30.92
CA VAL R 273 -21.09 -8.14 -29.74
C VAL R 273 -22.49 -7.79 -30.24
N VAL R 274 -23.48 -8.61 -29.91
CA VAL R 274 -24.85 -8.41 -30.41
C VAL R 274 -25.91 -8.50 -29.32
N ALA R 275 -27.03 -7.83 -29.56
CA ALA R 275 -28.15 -7.82 -28.61
C ALA R 275 -29.44 -7.49 -29.34
N CYS R 276 -30.56 -7.82 -28.71
CA CYS R 276 -31.86 -7.38 -29.23
C CYS R 276 -32.12 -5.93 -28.80
N VAL R 277 -33.01 -5.28 -29.54
CA VAL R 277 -33.32 -3.87 -29.33
C VAL R 277 -34.82 -3.61 -29.28
N GLY R 278 -35.31 -3.36 -28.07
CA GLY R 278 -36.67 -2.88 -27.81
C GLY R 278 -36.55 -1.38 -27.83
N GLY R 279 -36.58 -0.77 -26.66
CA GLY R 279 -36.19 0.64 -26.51
C GLY R 279 -34.69 0.85 -26.51
N GLY R 280 -33.95 -0.18 -26.10
CA GLY R 280 -32.48 -0.24 -26.25
C GLY R 280 -31.58 -0.42 -25.03
N SER R 281 -32.14 -0.73 -23.86
CA SER R 281 -31.35 -0.77 -22.61
C SER R 281 -30.33 -1.92 -22.53
N ASN R 282 -30.75 -3.15 -22.83
CA ASN R 282 -29.81 -4.30 -22.75
C ASN R 282 -28.70 -4.18 -23.80
N ALA R 283 -29.06 -3.67 -24.97
CA ALA R 283 -28.10 -3.48 -26.06
C ALA R 283 -27.04 -2.43 -25.71
N ILE R 284 -27.51 -1.25 -25.33
CA ILE R 284 -26.60 -0.17 -24.95
C ILE R 284 -25.78 -0.58 -23.72
N GLY R 285 -26.36 -1.38 -22.84
CA GLY R 285 -25.65 -1.87 -21.65
C GLY R 285 -24.41 -2.69 -21.98
N ILE R 286 -24.57 -3.64 -22.90
CA ILE R 286 -23.47 -4.51 -23.30
C ILE R 286 -22.53 -3.85 -24.30
N PHE R 287 -23.06 -3.00 -25.19
CA PHE R 287 -22.26 -2.31 -26.22
C PHE R 287 -21.27 -1.29 -25.68
N HIS R 288 -21.63 -0.63 -24.57
CA HIS R 288 -20.97 0.63 -24.20
C HIS R 288 -19.49 0.49 -23.96
N ALA R 289 -19.12 -0.58 -23.28
CA ALA R 289 -17.72 -0.87 -22.97
C ALA R 289 -16.84 -1.20 -24.19
N PHE R 290 -17.46 -1.57 -25.32
CA PHE R 290 -16.73 -1.88 -26.56
C PHE R 290 -16.73 -0.74 -27.59
N LEU R 291 -17.35 0.39 -27.29
CA LEU R 291 -17.48 1.48 -28.28
C LEU R 291 -16.15 1.96 -28.84
N ASP R 292 -15.12 2.05 -27.99
CA ASP R 292 -13.78 2.50 -28.40
C ASP R 292 -12.82 1.37 -28.81
N ASP R 293 -13.34 0.16 -28.99
CA ASP R 293 -12.58 -0.95 -29.57
C ASP R 293 -12.94 -1.03 -31.06
N PRO R 294 -12.11 -0.45 -31.93
CA PRO R 294 -12.51 -0.27 -33.33
C PRO R 294 -12.71 -1.58 -34.13
N GLY R 295 -12.07 -2.65 -33.70
CA GLY R 295 -12.23 -3.97 -34.34
C GLY R 295 -13.46 -4.75 -33.94
N VAL R 296 -14.19 -4.28 -32.92
CA VAL R 296 -15.39 -4.98 -32.42
C VAL R 296 -16.65 -4.45 -33.09
N ARG R 297 -17.26 -5.30 -33.92
N ARG R 297 -17.26 -5.28 -33.93
CA ARG R 297 -18.51 -4.98 -34.59
CA ARG R 297 -18.51 -4.91 -34.58
C ARG R 297 -19.63 -5.02 -33.57
C ARG R 297 -19.64 -5.02 -33.59
N LEU R 298 -20.61 -4.13 -33.73
CA LEU R 298 -21.76 -4.07 -32.83
C LEU R 298 -23.01 -4.17 -33.67
N VAL R 299 -23.86 -5.14 -33.34
CA VAL R 299 -25.09 -5.35 -34.10
C VAL R 299 -26.29 -5.49 -33.17
N GLY R 300 -27.25 -4.59 -33.38
CA GLY R 300 -28.54 -4.63 -32.68
C GLY R 300 -29.58 -5.31 -33.57
N PHE R 301 -30.39 -6.17 -32.96
CA PHE R 301 -31.43 -6.88 -33.70
C PHE R 301 -32.82 -6.46 -33.24
N GLU R 302 -33.60 -5.96 -34.19
CA GLU R 302 -34.95 -5.45 -33.91
C GLU R 302 -36.03 -6.43 -34.41
N ALA R 303 -37.19 -6.37 -33.77
CA ALA R 303 -38.31 -7.28 -34.08
C ALA R 303 -38.98 -6.93 -35.39
N ALA R 304 -38.94 -7.87 -36.33
CA ALA R 304 -39.57 -7.69 -37.66
C ALA R 304 -40.95 -8.37 -37.78
N GLY R 305 -41.40 -9.04 -36.74
CA GLY R 305 -42.77 -9.58 -36.69
C GLY R 305 -43.08 -10.59 -37.81
N ASP R 306 -44.15 -10.31 -38.55
CA ASP R 306 -44.53 -11.11 -39.73
C ASP R 306 -43.63 -10.83 -40.93
N GLY R 307 -42.86 -9.75 -40.85
CA GLY R 307 -41.96 -9.31 -41.93
C GLY R 307 -42.07 -7.81 -42.12
N VAL R 308 -40.99 -7.18 -42.57
CA VAL R 308 -40.93 -5.71 -42.72
C VAL R 308 -41.84 -5.21 -43.86
N GLU R 309 -41.99 -6.03 -44.90
CA GLU R 309 -42.92 -5.80 -46.02
C GLU R 309 -44.44 -5.87 -45.66
N THR R 310 -44.79 -6.46 -44.51
CA THR R 310 -46.21 -6.71 -44.14
C THR R 310 -46.92 -5.58 -43.39
N GLY R 311 -46.17 -4.63 -42.86
CA GLY R 311 -46.74 -3.65 -41.93
C GLY R 311 -47.15 -4.21 -40.56
N ARG R 312 -46.64 -5.39 -40.22
CA ARG R 312 -46.83 -5.97 -38.88
C ARG R 312 -45.45 -6.30 -38.31
N HIS R 313 -44.80 -5.27 -37.76
CA HIS R 313 -43.42 -5.36 -37.29
C HIS R 313 -43.13 -4.26 -36.30
N ALA R 314 -41.94 -4.32 -35.71
CA ALA R 314 -41.42 -3.26 -34.85
C ALA R 314 -39.99 -2.85 -35.25
N ALA R 315 -39.73 -2.95 -36.55
CA ALA R 315 -38.41 -2.68 -37.13
C ALA R 315 -38.16 -1.19 -37.34
N THR R 316 -37.88 -0.51 -36.24
CA THR R 316 -37.79 0.96 -36.19
C THR R 316 -36.69 1.53 -37.08
N PHE R 317 -35.49 0.99 -37.01
CA PHE R 317 -34.39 1.46 -37.87
C PHE R 317 -34.53 1.07 -39.34
N THR R 318 -35.04 -0.12 -39.60
CA THR R 318 -35.25 -0.62 -40.98
C THR R 318 -36.33 0.17 -41.72
N ALA R 319 -37.45 0.43 -41.05
CA ALA R 319 -38.66 1.02 -41.69
C ALA R 319 -39.09 2.39 -41.16
N GLY R 320 -38.49 2.85 -40.06
CA GLY R 320 -38.89 4.11 -39.44
C GLY R 320 -38.10 5.31 -39.93
N SER R 321 -38.33 6.43 -39.28
CA SER R 321 -37.67 7.68 -39.63
C SER R 321 -37.59 8.61 -38.41
N PRO R 322 -36.75 9.67 -38.47
CA PRO R 322 -36.58 10.52 -37.29
C PRO R 322 -37.85 11.27 -36.91
N GLY R 323 -38.04 11.41 -35.60
CA GLY R 323 -39.18 12.16 -35.05
C GLY R 323 -39.16 12.25 -33.53
N ALA R 324 -40.04 13.08 -33.00
CA ALA R 324 -40.17 13.28 -31.55
C ALA R 324 -41.27 12.37 -30.98
N PHE R 325 -40.89 11.52 -30.04
CA PHE R 325 -41.80 10.53 -29.46
C PHE R 325 -41.33 10.12 -28.08
N HIS R 326 -42.29 10.02 -27.18
CA HIS R 326 -42.04 9.64 -25.79
C HIS R 326 -40.84 10.36 -25.19
N GLY R 327 -40.79 11.67 -25.39
CA GLY R 327 -39.80 12.52 -24.73
C GLY R 327 -38.51 12.79 -25.47
N SER R 328 -38.26 12.09 -26.57
CA SER R 328 -36.97 12.19 -27.28
C SER R 328 -37.11 12.35 -28.78
N PHE R 329 -36.09 12.94 -29.39
CA PHE R 329 -35.93 12.94 -30.85
C PHE R 329 -35.07 11.73 -31.21
N SER R 330 -35.68 10.79 -31.91
CA SER R 330 -35.05 9.51 -32.25
C SER R 330 -35.76 8.94 -33.46
N TYR R 331 -35.56 7.66 -33.75
CA TYR R 331 -36.33 7.00 -34.83
C TYR R 331 -37.65 6.46 -34.28
N LEU R 332 -38.70 6.56 -35.09
CA LEU R 332 -39.92 5.81 -34.81
C LEU R 332 -40.64 5.42 -36.07
N LEU R 333 -41.48 4.40 -35.95
CA LEU R 333 -42.40 4.02 -37.00
C LEU R 333 -43.52 5.05 -37.05
N GLN R 334 -43.65 5.73 -38.18
CA GLN R 334 -44.64 6.79 -38.33
C GLN R 334 -45.13 6.92 -39.78
N ASP R 335 -46.35 7.41 -39.94
CA ASP R 335 -46.94 7.60 -41.28
C ASP R 335 -46.56 8.97 -41.87
N GLU R 336 -47.13 9.29 -43.04
CA GLU R 336 -46.82 10.55 -43.74
C GLU R 336 -47.13 11.83 -42.92
N ASP R 337 -48.09 11.74 -42.01
CA ASP R 337 -48.49 12.89 -41.17
C ASP R 337 -47.75 12.97 -39.84
N GLY R 338 -46.99 11.94 -39.50
CA GLY R 338 -46.28 11.86 -38.22
C GLY R 338 -47.04 11.17 -37.10
N GLN R 339 -48.09 10.44 -37.45
CA GLN R 339 -48.82 9.64 -36.48
C GLN R 339 -48.02 8.37 -36.22
N THR R 340 -47.93 7.96 -34.96
CA THR R 340 -47.26 6.71 -34.62
C THR R 340 -47.99 5.54 -35.23
N ILE R 341 -47.23 4.65 -35.88
CA ILE R 341 -47.77 3.41 -36.41
C ILE R 341 -47.62 2.37 -35.31
N GLU R 342 -48.72 1.66 -35.05
CA GLU R 342 -48.72 0.61 -34.03
C GLU R 342 -47.80 -0.53 -34.44
N SER R 343 -46.94 -0.93 -33.53
CA SER R 343 -46.02 -2.03 -33.74
C SER R 343 -46.68 -3.38 -33.48
N HIS R 344 -46.11 -4.43 -34.06
CA HIS R 344 -46.48 -5.83 -33.74
C HIS R 344 -45.25 -6.73 -33.68
N SER R 345 -45.24 -7.60 -32.68
CA SER R 345 -44.25 -8.68 -32.56
C SER R 345 -44.81 -9.77 -31.67
N ILE R 346 -44.34 -11.00 -31.88
CA ILE R 346 -44.64 -12.11 -30.95
C ILE R 346 -44.01 -11.85 -29.58
N SER R 347 -42.93 -11.07 -29.57
CA SER R 347 -42.26 -10.66 -28.34
C SER R 347 -42.87 -9.38 -27.79
N ALA R 348 -43.41 -9.44 -26.57
CA ALA R 348 -44.01 -8.26 -25.93
C ALA R 348 -42.97 -7.18 -25.60
N GLY R 349 -41.75 -7.62 -25.29
CA GLY R 349 -40.66 -6.72 -24.95
C GLY R 349 -40.06 -5.94 -26.10
N LEU R 350 -40.16 -6.46 -27.32
CA LEU R 350 -39.70 -5.76 -28.52
C LEU R 350 -40.81 -5.07 -29.30
N ASP R 351 -42.05 -5.19 -28.82
CA ASP R 351 -43.22 -4.67 -29.52
C ASP R 351 -43.40 -3.17 -29.19
N TYR R 352 -42.55 -2.36 -29.80
CA TYR R 352 -42.46 -0.93 -29.49
C TYR R 352 -42.00 -0.20 -30.75
N PRO R 353 -42.76 0.81 -31.22
CA PRO R 353 -42.41 1.43 -32.49
C PRO R 353 -41.28 2.44 -32.43
N GLY R 354 -40.77 2.75 -31.24
CA GLY R 354 -39.66 3.68 -31.07
C GLY R 354 -38.34 3.01 -30.74
N VAL R 355 -37.33 3.83 -30.49
CA VAL R 355 -36.03 3.37 -30.02
C VAL R 355 -35.31 4.55 -29.36
N GLY R 356 -34.42 4.23 -28.44
CA GLY R 356 -33.65 5.24 -27.70
C GLY R 356 -32.74 6.10 -28.57
N PRO R 357 -32.52 7.36 -28.17
CA PRO R 357 -31.73 8.30 -28.97
C PRO R 357 -30.23 8.00 -29.08
N GLU R 358 -29.65 7.33 -28.09
CA GLU R 358 -28.24 6.97 -28.17
C GLU R 358 -28.03 5.98 -29.32
N HIS R 359 -28.97 5.06 -29.49
CA HIS R 359 -28.94 4.15 -30.63
C HIS R 359 -29.10 4.86 -31.96
N ALA R 360 -29.99 5.85 -32.01
CA ALA R 360 -30.12 6.68 -33.22
C ALA R 360 -28.78 7.36 -33.57
N TRP R 361 -28.11 7.89 -32.56
CA TRP R 361 -26.80 8.55 -32.74
C TRP R 361 -25.73 7.57 -33.19
N LEU R 362 -25.69 6.39 -32.56
CA LEU R 362 -24.72 5.37 -32.93
C LEU R 362 -24.96 4.79 -34.33
N LYS R 363 -26.23 4.70 -34.70
CA LYS R 363 -26.61 4.32 -36.08
C LYS R 363 -26.15 5.34 -37.10
N GLU R 364 -26.40 6.62 -36.82
CA GLU R 364 -25.98 7.71 -37.70
C GLU R 364 -24.46 7.79 -37.85
N ALA R 365 -23.75 7.55 -36.76
CA ALA R 365 -22.28 7.58 -36.72
C ALA R 365 -21.58 6.42 -37.47
N GLY R 366 -22.33 5.36 -37.73
CA GLY R 366 -21.79 4.15 -38.37
C GLY R 366 -21.13 3.18 -37.40
N ARG R 367 -21.38 3.34 -36.10
CA ARG R 367 -20.72 2.52 -35.08
C ARG R 367 -21.48 1.21 -34.81
N VAL R 368 -22.81 1.27 -34.88
CA VAL R 368 -23.65 0.09 -34.71
C VAL R 368 -24.49 -0.12 -35.96
N ASP R 369 -24.61 -1.37 -36.37
CA ASP R 369 -25.58 -1.77 -37.41
C ASP R 369 -26.81 -2.37 -36.74
N TYR R 370 -27.99 -2.03 -37.26
CA TYR R 370 -29.26 -2.51 -36.73
C TYR R 370 -29.99 -3.27 -37.83
N ARG R 371 -30.50 -4.45 -37.51
N ARG R 371 -30.50 -4.45 -37.48
CA ARG R 371 -31.00 -5.35 -38.53
CA ARG R 371 -30.97 -5.43 -38.48
C ARG R 371 -32.27 -6.06 -38.07
C ARG R 371 -32.31 -6.04 -38.05
N PRO R 372 -33.18 -6.37 -39.01
CA PRO R 372 -34.44 -7.04 -38.68
C PRO R 372 -34.32 -8.56 -38.44
N ILE R 373 -35.11 -9.07 -37.49
CA ILE R 373 -35.27 -10.50 -37.24
C ILE R 373 -36.77 -10.78 -37.04
N THR R 374 -37.31 -11.73 -37.80
CA THR R 374 -38.75 -12.04 -37.78
C THR R 374 -39.15 -12.94 -36.62
N ASP R 375 -40.46 -12.99 -36.36
CA ASP R 375 -41.02 -13.93 -35.39
C ASP R 375 -40.50 -15.36 -35.59
N SER R 376 -40.55 -15.83 -36.83
CA SER R 376 -40.17 -17.21 -37.17
C SER R 376 -38.70 -17.48 -36.90
N GLU R 377 -37.85 -16.59 -37.39
CA GLU R 377 -36.41 -16.66 -37.13
C GLU R 377 -36.12 -16.75 -35.63
N ALA R 378 -36.80 -15.91 -34.85
CA ALA R 378 -36.63 -15.87 -33.38
C ALA R 378 -37.10 -17.15 -32.71
N MET R 379 -38.23 -17.66 -33.13
CA MET R 379 -38.73 -18.92 -32.55
C MET R 379 -37.85 -20.12 -32.94
N ASP R 380 -37.35 -20.15 -34.17
CA ASP R 380 -36.39 -21.20 -34.55
C ASP R 380 -35.18 -21.21 -33.61
N ALA R 381 -34.69 -20.02 -33.30
CA ALA R 381 -33.55 -19.86 -32.39
C ALA R 381 -33.92 -20.20 -30.94
N PHE R 382 -35.11 -19.78 -30.52
CA PHE R 382 -35.63 -20.11 -29.20
C PHE R 382 -35.55 -21.62 -29.02
N GLY R 383 -36.14 -22.33 -29.97
CA GLY R 383 -36.16 -23.79 -29.97
C GLY R 383 -34.79 -24.42 -29.98
N LEU R 384 -33.90 -23.85 -30.81
CA LEU R 384 -32.56 -24.39 -30.96
C LEU R 384 -31.77 -24.30 -29.66
N LEU R 385 -31.92 -23.17 -28.98
CA LEU R 385 -31.22 -22.94 -27.72
C LEU R 385 -31.69 -23.89 -26.62
N CYS R 386 -33.01 -24.10 -26.54
CA CYS R 386 -33.59 -25.09 -25.63
C CYS R 386 -32.99 -26.48 -25.85
N ARG R 387 -32.97 -26.88 -27.11
CA ARG R 387 -32.61 -28.23 -27.54
C ARG R 387 -31.12 -28.54 -27.43
N MET R 388 -30.30 -27.55 -27.75
CA MET R 388 -28.85 -27.72 -27.84
C MET R 388 -28.12 -27.40 -26.54
N GLU R 389 -28.48 -26.30 -25.88
CA GLU R 389 -27.77 -25.86 -24.67
C GLU R 389 -28.55 -25.98 -23.38
N GLY R 390 -29.80 -26.41 -23.46
CA GLY R 390 -30.66 -26.47 -22.28
C GLY R 390 -30.95 -25.14 -21.62
N ILE R 391 -31.03 -24.08 -22.41
CA ILE R 391 -31.37 -22.75 -21.89
C ILE R 391 -32.65 -22.29 -22.57
N ILE R 392 -33.63 -21.94 -21.76
CA ILE R 392 -34.90 -21.42 -22.27
C ILE R 392 -34.82 -19.89 -22.22
N PRO R 393 -34.61 -19.26 -23.37
CA PRO R 393 -34.45 -17.83 -23.37
C PRO R 393 -35.77 -17.10 -23.38
N ALA R 394 -35.74 -15.84 -23.03
CA ALA R 394 -36.83 -14.94 -23.37
C ALA R 394 -36.95 -14.89 -24.90
N ILE R 395 -38.17 -14.73 -25.38
CA ILE R 395 -38.42 -14.56 -26.83
C ILE R 395 -37.74 -13.28 -27.35
N GLU R 396 -37.62 -12.27 -26.49
CA GLU R 396 -36.83 -11.07 -26.81
C GLU R 396 -35.40 -11.47 -27.17
N SER R 397 -34.76 -12.18 -26.25
CA SER R 397 -33.37 -12.61 -26.37
C SER R 397 -33.15 -13.57 -27.54
N ALA R 398 -34.16 -14.38 -27.85
CA ALA R 398 -34.08 -15.31 -28.99
C ALA R 398 -33.86 -14.57 -30.30
N HIS R 399 -34.32 -13.33 -30.41
CA HIS R 399 -34.01 -12.48 -31.58
C HIS R 399 -32.50 -12.23 -31.72
N ALA R 400 -31.84 -11.97 -30.61
CA ALA R 400 -30.41 -11.75 -30.60
C ALA R 400 -29.68 -13.03 -30.99
N VAL R 401 -30.16 -14.15 -30.46
CA VAL R 401 -29.56 -15.46 -30.74
C VAL R 401 -29.72 -15.78 -32.23
N ALA R 402 -30.90 -15.51 -32.75
CA ALA R 402 -31.17 -15.71 -34.19
C ALA R 402 -30.25 -14.87 -35.06
N GLY R 403 -30.08 -13.61 -34.67
CA GLY R 403 -29.16 -12.70 -35.37
C GLY R 403 -27.71 -13.15 -35.32
N ALA R 404 -27.30 -13.64 -34.16
CA ALA R 404 -25.94 -14.16 -33.97
C ALA R 404 -25.65 -15.35 -34.88
N LEU R 405 -26.63 -16.21 -35.08
CA LEU R 405 -26.48 -17.36 -35.98
C LEU R 405 -26.21 -16.92 -37.41
N LYS R 406 -26.96 -15.91 -37.87
CA LYS R 406 -26.75 -15.35 -39.23
C LYS R 406 -25.40 -14.63 -39.36
N LEU R 407 -25.06 -13.86 -38.33
CA LEU R 407 -23.79 -13.17 -38.28
C LEU R 407 -22.63 -14.17 -38.28
N GLY R 408 -22.80 -15.26 -37.55
CA GLY R 408 -21.82 -16.37 -37.54
C GLY R 408 -21.55 -16.91 -38.93
N VAL R 409 -22.60 -17.10 -39.72
CA VAL R 409 -22.46 -17.55 -41.12
C VAL R 409 -21.69 -16.53 -41.96
N GLU R 410 -21.96 -15.25 -41.73
CA GLU R 410 -21.29 -14.16 -42.42
C GLU R 410 -19.79 -14.08 -42.10
N LEU R 411 -19.47 -14.15 -40.81
CA LEU R 411 -18.08 -14.00 -40.32
C LEU R 411 -17.24 -15.28 -40.39
N GLY R 412 -17.88 -16.43 -40.20
CA GLY R 412 -17.25 -17.73 -40.44
C GLY R 412 -16.51 -18.34 -39.27
N ARG R 413 -15.74 -19.38 -39.60
CA ARG R 413 -15.12 -20.29 -38.62
C ARG R 413 -14.22 -19.59 -37.62
N GLY R 414 -14.48 -19.81 -36.35
CA GLY R 414 -13.64 -19.29 -35.27
C GLY R 414 -13.92 -17.85 -34.85
N ALA R 415 -14.85 -17.17 -35.51
CA ALA R 415 -15.21 -15.81 -35.13
C ALA R 415 -15.88 -15.83 -33.78
N VAL R 416 -15.53 -14.86 -32.95
CA VAL R 416 -15.99 -14.80 -31.58
C VAL R 416 -17.10 -13.77 -31.50
N ILE R 417 -18.30 -14.24 -31.17
CA ILE R 417 -19.49 -13.40 -31.09
C ILE R 417 -20.05 -13.48 -29.68
N VAL R 418 -20.11 -12.36 -29.00
CA VAL R 418 -20.75 -12.26 -27.68
C VAL R 418 -22.19 -11.83 -27.90
N VAL R 419 -23.11 -12.59 -27.30
CA VAL R 419 -24.55 -12.36 -27.39
C VAL R 419 -25.10 -12.06 -26.01
N ASN R 420 -25.83 -10.96 -25.90
CA ASN R 420 -26.51 -10.63 -24.65
C ASN R 420 -27.76 -11.46 -24.54
N LEU R 421 -27.75 -12.42 -23.63
CA LEU R 421 -28.94 -13.24 -23.37
C LEU R 421 -29.72 -12.54 -22.27
N SER R 422 -30.58 -11.63 -22.71
CA SER R 422 -31.15 -10.58 -21.85
C SER R 422 -32.05 -11.11 -20.75
N GLY R 423 -32.74 -12.21 -21.02
CA GLY R 423 -33.64 -12.80 -20.04
C GLY R 423 -34.01 -14.25 -20.30
N ARG R 424 -34.64 -14.85 -19.29
CA ARG R 424 -35.12 -16.23 -19.40
C ARG R 424 -36.56 -16.27 -19.87
N GLY R 425 -36.96 -17.46 -20.30
CA GLY R 425 -38.23 -17.67 -21.02
C GLY R 425 -39.43 -18.22 -20.26
N ASP R 426 -39.37 -18.24 -18.93
CA ASP R 426 -40.49 -18.74 -18.11
C ASP R 426 -41.85 -18.11 -18.44
N LYS R 427 -41.84 -16.79 -18.64
CA LYS R 427 -43.03 -16.03 -19.05
C LYS R 427 -43.57 -16.41 -20.43
N ASP R 428 -42.67 -16.91 -21.28
CA ASP R 428 -42.98 -17.27 -22.66
C ASP R 428 -43.23 -18.78 -22.88
N VAL R 429 -43.15 -19.59 -21.83
CA VAL R 429 -43.26 -21.05 -21.96
C VAL R 429 -44.57 -21.48 -22.62
N GLU R 430 -45.66 -20.85 -22.23
CA GLU R 430 -46.98 -21.16 -22.77
C GLU R 430 -47.04 -20.85 -24.28
N THR R 431 -46.64 -19.64 -24.64
CA THR R 431 -46.53 -19.22 -26.05
C THR R 431 -45.64 -20.16 -26.89
N ALA R 432 -44.49 -20.53 -26.33
CA ALA R 432 -43.52 -21.40 -27.03
C ALA R 432 -44.02 -22.85 -27.14
N ALA R 433 -44.59 -23.38 -26.06
CA ALA R 433 -45.19 -24.73 -26.09
C ALA R 433 -46.27 -24.84 -27.16
N LYS R 434 -47.08 -23.78 -27.26
CA LYS R 434 -48.11 -23.67 -28.30
C LYS R 434 -47.51 -23.57 -29.71
N TRP R 435 -46.52 -22.70 -29.88
CA TRP R 435 -45.76 -22.61 -31.14
C TRP R 435 -45.22 -23.96 -31.64
N PHE R 436 -44.65 -24.76 -30.75
CA PHE R 436 -44.01 -26.06 -31.11
C PHE R 436 -44.94 -27.29 -31.00
N GLY R 437 -46.29 -26.98 -30.69
CA GLY R 437 -47.29 -28.06 -30.62
C GLY R 437 -47.12 -28.99 -29.44
N LEU R 438 -46.83 -28.41 -28.28
CA LEU R 438 -46.55 -29.16 -27.05
C LEU R 438 -47.60 -28.82 -25.97
N LEU R 439 -48.85 -28.68 -26.43
CA LEU R 439 -50.01 -28.01 -25.74
C LEU R 439 -50.18 -26.51 -26.00
N GLU S 28 -30.28 -80.18 8.52
CA GLU S 28 -29.94 -81.22 7.64
C GLU S 28 -30.37 -80.96 6.23
N ALA S 29 -31.67 -80.79 6.05
CA ALA S 29 -32.19 -80.52 4.70
C ALA S 29 -33.28 -79.46 4.67
N SER S 30 -34.44 -79.23 1.54
CA SER S 30 -35.52 -78.27 1.50
C SER S 30 -36.96 -78.79 1.74
N ARG S 31 -37.83 -77.87 2.14
CA ARG S 31 -39.25 -78.15 2.39
C ARG S 31 -40.00 -78.55 1.12
N LEU S 32 -39.70 -77.89 0.00
CA LEU S 32 -40.35 -78.17 -1.29
C LEU S 32 -39.69 -79.30 -2.10
N GLY S 33 -38.56 -79.82 -1.63
CA GLY S 33 -37.84 -80.93 -2.27
C GLY S 33 -38.65 -82.19 -2.62
N PRO S 34 -39.43 -82.72 -1.65
CA PRO S 34 -40.32 -83.86 -1.91
C PRO S 34 -41.40 -83.63 -2.99
N VAL S 35 -41.86 -82.39 -3.13
CA VAL S 35 -42.85 -82.06 -4.18
C VAL S 35 -42.22 -82.16 -5.57
N PHE S 36 -41.03 -81.60 -5.74
CA PHE S 36 -40.30 -81.67 -7.00
C PHE S 36 -39.81 -83.08 -7.34
N ASP S 37 -39.41 -83.84 -6.32
CA ASP S 37 -39.04 -85.25 -6.50
C ASP S 37 -40.24 -86.12 -6.94
N SER S 38 -41.39 -85.87 -6.30
CA SER S 38 -42.65 -86.55 -6.67
C SER S 38 -43.09 -86.22 -8.11
N CYS S 39 -42.90 -84.98 -8.51
CA CYS S 39 -43.14 -84.55 -9.91
C CYS S 39 -42.14 -85.21 -10.87
N ARG S 40 -40.87 -85.13 -10.51
CA ARG S 40 -39.77 -85.73 -11.31
C ARG S 40 -39.87 -87.26 -11.42
N ALA S 41 -40.53 -87.90 -10.45
CA ALA S 41 -40.82 -89.35 -10.49
C ALA S 41 -42.02 -89.68 -11.39
N ASN S 42 -42.99 -88.77 -11.47
CA ASN S 42 -44.15 -88.89 -12.39
C ASN S 42 -43.94 -88.22 -13.75
N ASN S 43 -42.68 -87.96 -14.09
CA ASN S 43 -42.27 -87.37 -15.38
C ASN S 43 -43.06 -86.11 -15.77
N ARG S 44 -43.02 -85.13 -14.90
CA ARG S 44 -43.74 -83.86 -15.11
C ARG S 44 -43.13 -82.73 -14.31
N ALA S 45 -43.58 -81.53 -14.65
CA ALA S 45 -43.24 -80.32 -13.92
C ALA S 45 -44.31 -80.02 -12.87
N ALA S 46 -43.93 -79.30 -11.83
CA ALA S 46 -44.88 -78.83 -10.82
C ALA S 46 -45.62 -77.59 -11.34
N LEU S 47 -46.92 -77.54 -11.10
CA LEU S 47 -47.72 -76.34 -11.41
C LEU S 47 -47.74 -75.44 -10.18
N ILE S 48 -47.21 -74.23 -10.32
CA ILE S 48 -47.09 -73.29 -9.21
C ILE S 48 -48.05 -72.12 -9.47
N GLY S 49 -49.07 -71.99 -8.62
CA GLY S 49 -50.16 -71.03 -8.84
C GLY S 49 -50.14 -69.84 -7.90
N TYR S 50 -50.13 -68.64 -8.48
CA TYR S 50 -50.17 -67.38 -7.71
C TYR S 50 -51.58 -66.78 -7.67
N LEU S 51 -52.03 -66.45 -6.46
CA LEU S 51 -53.15 -65.55 -6.25
C LEU S 51 -52.83 -64.54 -5.15
N PRO S 52 -53.34 -63.31 -5.27
CA PRO S 52 -53.16 -62.33 -4.21
C PRO S 52 -54.28 -62.40 -3.17
N THR S 53 -53.88 -62.38 -1.90
CA THR S 53 -54.81 -62.36 -0.76
C THR S 53 -55.71 -61.12 -0.83
N GLY S 54 -56.99 -61.31 -0.55
CA GLY S 54 -57.96 -60.21 -0.51
C GLY S 54 -58.58 -59.74 -1.81
N TYR S 55 -58.29 -60.42 -2.92
CA TYR S 55 -58.97 -60.16 -4.19
C TYR S 55 -59.89 -61.32 -4.58
N PRO S 56 -61.18 -61.07 -4.88
CA PRO S 56 -61.84 -59.74 -4.81
C PRO S 56 -62.17 -59.25 -3.39
N ASP S 57 -62.28 -60.17 -2.44
CA ASP S 57 -62.28 -59.89 -1.00
C ASP S 57 -61.58 -61.07 -0.28
N VAL S 58 -61.43 -60.98 1.04
CA VAL S 58 -60.63 -61.99 1.78
C VAL S 58 -61.25 -63.39 1.75
N PRO S 59 -62.55 -63.54 2.07
CA PRO S 59 -63.21 -64.86 1.96
C PRO S 59 -63.22 -65.50 0.56
N ALA S 60 -63.45 -64.69 -0.48
CA ALA S 60 -63.46 -65.19 -1.86
C ALA S 60 -62.06 -65.65 -2.32
N SER S 61 -61.03 -64.90 -1.92
CA SER S 61 -59.63 -65.23 -2.25
C SER S 61 -59.15 -66.54 -1.63
N VAL S 62 -59.58 -66.78 -0.40
CA VAL S 62 -59.29 -68.05 0.31
C VAL S 62 -60.03 -69.23 -0.35
N ALA S 63 -61.29 -69.01 -0.72
CA ALA S 63 -62.07 -70.00 -1.48
C ALA S 63 -61.46 -70.29 -2.86
N ALA S 64 -60.89 -69.26 -3.48
CA ALA S 64 -60.16 -69.43 -4.74
C ALA S 64 -58.86 -70.23 -4.58
N MET S 65 -58.11 -69.93 -3.53
CA MET S 65 -56.87 -70.66 -3.22
C MET S 65 -57.10 -72.14 -2.87
N THR S 66 -58.21 -72.41 -2.19
CA THR S 66 -58.65 -73.79 -1.92
C THR S 66 -58.99 -74.49 -3.24
N ALA S 67 -59.70 -73.78 -4.11
CA ALA S 67 -60.04 -74.30 -5.45
C ALA S 67 -58.82 -74.71 -6.28
N LEU S 68 -57.73 -73.95 -6.15
CA LEU S 68 -56.44 -74.28 -6.81
C LEU S 68 -55.88 -75.61 -6.31
N VAL S 69 -55.94 -75.84 -5.01
CA VAL S 69 -55.50 -77.11 -4.41
C VAL S 69 -56.30 -78.27 -5.01
N GLU S 70 -57.62 -78.11 -5.04
CA GLU S 70 -58.55 -79.12 -5.59
C GLU S 70 -58.36 -79.34 -7.09
N SER S 71 -58.05 -78.26 -7.81
CA SER S 71 -57.88 -78.31 -9.28
C SER S 71 -56.48 -78.76 -9.74
N GLY S 72 -55.57 -79.01 -8.80
CA GLY S 72 -54.29 -79.68 -9.08
C GLY S 72 -53.04 -78.81 -9.14
N CYS S 73 -53.00 -77.78 -8.31
CA CYS S 73 -51.79 -76.96 -8.14
C CYS S 73 -50.90 -77.63 -7.10
N ASP S 74 -49.66 -77.89 -7.46
CA ASP S 74 -48.70 -78.55 -6.56
C ASP S 74 -48.22 -77.61 -5.46
N ILE S 75 -47.95 -76.36 -5.85
CA ILE S 75 -47.54 -75.29 -4.92
C ILE S 75 -48.39 -74.04 -5.15
N ILE S 76 -48.77 -73.36 -4.08
CA ILE S 76 -49.52 -72.09 -4.16
C ILE S 76 -48.64 -70.94 -3.68
N GLU S 77 -48.48 -69.91 -4.51
CA GLU S 77 -47.87 -68.64 -4.10
C GLU S 77 -48.95 -67.71 -3.58
N VAL S 78 -48.94 -67.49 -2.27
CA VAL S 78 -49.85 -66.54 -1.65
C VAL S 78 -49.25 -65.14 -1.67
N GLY S 79 -49.80 -64.29 -2.52
CA GLY S 79 -49.33 -62.90 -2.67
C GLY S 79 -49.76 -62.01 -1.52
N VAL S 80 -48.83 -61.20 -1.02
CA VAL S 80 -49.12 -60.17 -0.03
C VAL S 80 -49.26 -58.85 -0.78
N PRO S 81 -50.48 -58.28 -0.84
CA PRO S 81 -50.63 -57.00 -1.52
C PRO S 81 -49.76 -55.89 -0.93
N TYR S 82 -49.05 -55.19 -1.81
CA TYR S 82 -48.16 -54.10 -1.45
C TYR S 82 -48.57 -52.82 -2.20
N SER S 83 -48.46 -51.69 -1.51
CA SER S 83 -48.90 -50.38 -2.05
C SER S 83 -48.12 -49.92 -3.28
N ASP S 84 -46.85 -50.31 -3.39
CA ASP S 84 -45.97 -49.88 -4.50
C ASP S 84 -45.23 -51.05 -5.15
N PRO S 85 -45.97 -51.96 -5.80
CA PRO S 85 -45.44 -53.22 -6.28
C PRO S 85 -44.69 -53.08 -7.61
N GLY S 86 -43.40 -52.80 -7.51
CA GLY S 86 -42.60 -52.44 -8.66
C GLY S 86 -42.50 -53.49 -9.76
N MET S 87 -42.48 -54.75 -9.37
CA MET S 87 -42.32 -55.86 -10.31
C MET S 87 -43.62 -56.50 -10.81
N ASP S 88 -44.76 -56.16 -10.20
CA ASP S 88 -46.05 -56.74 -10.60
C ASP S 88 -46.57 -56.10 -11.91
N GLY S 89 -47.04 -56.93 -12.82
CA GLY S 89 -47.67 -56.45 -14.06
C GLY S 89 -49.05 -55.85 -13.79
N PRO S 90 -49.72 -55.32 -14.84
CA PRO S 90 -50.99 -54.60 -14.68
C PRO S 90 -52.15 -55.43 -14.08
N THR S 91 -52.31 -56.67 -14.51
CA THR S 91 -53.36 -57.54 -13.98
C THR S 91 -53.22 -57.76 -12.48
N ILE S 92 -52.01 -58.10 -12.05
CA ILE S 92 -51.73 -58.32 -10.61
C ILE S 92 -51.76 -56.99 -9.84
N ALA S 93 -51.22 -55.93 -10.42
CA ALA S 93 -51.18 -54.61 -9.78
C ALA S 93 -52.58 -54.09 -9.46
N ARG S 94 -53.49 -54.20 -10.42
CA ARG S 94 -54.88 -53.73 -10.22
C ARG S 94 -55.63 -54.56 -9.20
N ALA S 95 -55.35 -55.87 -9.18
CA ALA S 95 -55.96 -56.78 -8.21
C ALA S 95 -55.48 -56.50 -6.77
N THR S 96 -54.17 -56.27 -6.61
CA THR S 96 -53.60 -55.94 -5.30
C THR S 96 -54.08 -54.56 -4.83
N GLU S 97 -54.17 -53.59 -5.75
CA GLU S 97 -54.79 -52.27 -5.47
C GLU S 97 -56.21 -52.43 -4.92
N ALA S 98 -56.99 -53.28 -5.57
CA ALA S 98 -58.38 -53.56 -5.17
C ALA S 98 -58.46 -54.24 -3.79
N ALA S 99 -57.56 -55.20 -3.56
CA ALA S 99 -57.47 -55.86 -2.25
C ALA S 99 -57.17 -54.87 -1.13
N LEU S 100 -56.26 -53.94 -1.39
CA LEU S 100 -55.90 -52.90 -0.41
C LEU S 100 -57.06 -51.93 -0.12
N ARG S 101 -57.76 -51.47 -1.16
CA ARG S 101 -59.02 -50.70 -1.00
C ARG S 101 -60.02 -51.42 -0.12
N GLY S 102 -60.11 -52.74 -0.30
CA GLY S 102 -60.96 -53.59 0.53
C GLY S 102 -60.51 -53.82 1.97
N GLY S 103 -59.32 -53.33 2.34
CA GLY S 103 -58.85 -53.39 3.72
C GLY S 103 -58.02 -54.62 4.09
N VAL S 104 -57.43 -55.28 3.09
CA VAL S 104 -56.61 -56.48 3.30
C VAL S 104 -55.42 -56.17 4.21
N ARG S 105 -55.10 -57.13 5.05
CA ARG S 105 -54.04 -57.00 6.04
C ARG S 105 -53.05 -58.15 5.85
N VAL S 106 -51.82 -57.95 6.33
CA VAL S 106 -50.77 -58.98 6.25
C VAL S 106 -51.16 -60.28 6.95
N ARG S 107 -51.89 -60.18 8.05
CA ARG S 107 -52.42 -61.37 8.76
C ARG S 107 -53.39 -62.23 7.97
N ASP S 108 -54.14 -61.59 7.07
CA ASP S 108 -55.03 -62.31 6.16
C ASP S 108 -54.25 -63.31 5.29
N THR S 109 -53.02 -62.96 4.93
CA THR S 109 -52.11 -63.87 4.19
C THR S 109 -51.77 -65.12 5.02
N LEU S 110 -51.46 -64.93 6.29
CA LEU S 110 -51.15 -66.07 7.18
C LEU S 110 -52.39 -66.94 7.41
N ALA S 111 -53.57 -66.33 7.47
CA ALA S 111 -54.84 -67.09 7.49
C ALA S 111 -55.06 -67.88 6.20
N ALA S 112 -54.69 -67.29 5.07
CA ALA S 112 -54.77 -67.97 3.77
C ALA S 112 -53.85 -69.20 3.70
N VAL S 113 -52.63 -69.05 4.21
CA VAL S 113 -51.66 -70.15 4.26
C VAL S 113 -52.19 -71.30 5.10
N GLU S 114 -52.81 -70.97 6.23
CA GLU S 114 -53.41 -71.97 7.12
C GLU S 114 -54.54 -72.76 6.45
N ALA S 115 -55.44 -72.04 5.79
CA ALA S 115 -56.57 -72.65 5.05
C ALA S 115 -56.09 -73.56 3.91
N ILE S 116 -55.05 -73.12 3.20
CA ILE S 116 -54.40 -73.95 2.17
C ILE S 116 -53.82 -75.23 2.78
N SER S 117 -53.09 -75.08 3.89
CA SER S 117 -52.42 -76.23 4.54
C SER S 117 -53.39 -77.28 5.09
N ILE S 118 -54.51 -76.81 5.65
CA ILE S 118 -55.60 -77.68 6.15
C ILE S 118 -56.28 -78.44 5.00
N ALA S 119 -56.45 -77.77 3.87
CA ALA S 119 -57.02 -78.38 2.65
C ALA S 119 -56.10 -79.40 1.95
N GLY S 120 -54.85 -79.53 2.40
CA GLY S 120 -53.89 -80.48 1.84
C GLY S 120 -52.93 -79.90 0.79
N GLY S 121 -52.92 -78.58 0.68
CA GLY S 121 -52.07 -77.88 -0.27
C GLY S 121 -50.76 -77.47 0.35
N ARG S 122 -49.86 -77.00 -0.51
CA ARG S 122 -48.53 -76.57 -0.09
C ARG S 122 -48.33 -75.12 -0.48
N ALA S 123 -48.10 -74.26 0.50
CA ALA S 123 -48.09 -72.81 0.30
C ALA S 123 -46.72 -72.18 0.56
N VAL S 124 -46.33 -71.28 -0.34
CA VAL S 124 -45.28 -70.29 -0.07
C VAL S 124 -45.90 -68.89 -0.16
N VAL S 125 -45.25 -67.93 0.48
CA VAL S 125 -45.68 -66.53 0.43
C VAL S 125 -44.75 -65.72 -0.48
N MET S 126 -45.36 -64.93 -1.36
CA MET S 126 -44.62 -63.97 -2.19
C MET S 126 -44.94 -62.57 -1.69
N THR S 127 -43.91 -61.85 -1.32
CA THR S 127 -44.05 -60.53 -0.73
C THR S 127 -42.86 -59.64 -1.04
N TYR S 128 -43.15 -58.36 -1.19
CA TYR S 128 -42.11 -57.33 -1.16
C TYR S 128 -41.58 -57.28 0.28
N TRP S 129 -40.39 -56.72 0.44
CA TRP S 129 -39.68 -56.88 1.71
C TRP S 129 -40.18 -55.99 2.86
N ASN S 130 -40.66 -54.78 2.57
CA ASN S 130 -41.02 -53.87 3.68
C ASN S 130 -42.10 -54.39 4.62
N PRO S 131 -43.16 -55.02 4.07
CA PRO S 131 -44.14 -55.66 4.97
C PRO S 131 -43.54 -56.68 5.95
N VAL S 132 -42.49 -57.38 5.52
CA VAL S 132 -41.78 -58.32 6.37
C VAL S 132 -40.98 -57.59 7.47
N LEU S 133 -40.21 -56.56 7.08
CA LEU S 133 -39.47 -55.70 8.05
C LEU S 133 -40.37 -55.11 9.14
N ARG S 134 -41.53 -54.62 8.71
CA ARG S 134 -42.49 -53.98 9.60
C ARG S 134 -43.07 -54.95 10.64
N TYR S 135 -43.43 -56.14 10.15
CA TYR S 135 -43.91 -57.25 10.98
C TYR S 135 -42.82 -57.72 11.94
N GLY S 136 -41.59 -57.74 11.45
CA GLY S 136 -40.45 -58.34 12.14
C GLY S 136 -40.07 -59.60 11.37
N VAL S 137 -38.82 -59.67 10.92
CA VAL S 137 -38.36 -60.75 10.03
C VAL S 137 -38.43 -62.12 10.71
N ASP S 138 -37.90 -62.20 11.92
CA ASP S 138 -37.98 -63.42 12.73
C ASP S 138 -39.44 -63.79 13.06
N ALA S 139 -40.21 -62.81 13.49
CA ALA S 139 -41.62 -63.05 13.87
C ALA S 139 -42.45 -63.52 12.69
N PHE S 140 -42.23 -62.92 11.53
CA PHE S 140 -42.94 -63.33 10.32
C PHE S 140 -42.59 -64.76 9.89
N ALA S 141 -41.30 -65.10 10.00
CA ALA S 141 -40.82 -66.46 9.70
C ALA S 141 -41.46 -67.48 10.65
N ARG S 142 -41.44 -67.14 11.94
CA ARG S 142 -42.06 -67.94 13.00
C ARG S 142 -43.54 -68.21 12.71
N ASP S 143 -44.29 -67.14 12.46
CA ASP S 143 -45.73 -67.24 12.23
C ASP S 143 -46.10 -67.87 10.88
N LEU S 144 -45.27 -67.64 9.87
CA LEU S 144 -45.45 -68.30 8.56
C LEU S 144 -45.27 -69.81 8.71
N ALA S 145 -44.21 -70.21 9.41
CA ALA S 145 -43.96 -71.62 9.71
C ALA S 145 -45.07 -72.26 10.54
N ALA S 146 -45.62 -71.53 11.52
CA ALA S 146 -46.71 -72.05 12.37
C ALA S 146 -48.02 -72.26 11.60
N ALA S 147 -48.29 -71.39 10.62
CA ALA S 147 -49.42 -71.55 9.70
C ALA S 147 -49.27 -72.74 8.72
N GLY S 148 -48.10 -73.36 8.68
CA GLY S 148 -47.80 -74.45 7.73
C GLY S 148 -47.13 -73.98 6.43
N GLY S 149 -46.73 -72.72 6.40
CA GLY S 149 -46.03 -72.16 5.23
C GLY S 149 -44.68 -72.81 5.03
N LEU S 150 -44.30 -72.99 3.76
CA LEU S 150 -43.07 -73.71 3.39
C LEU S 150 -41.91 -72.82 2.96
N GLY S 151 -42.17 -71.55 2.70
CA GLY S 151 -41.12 -70.67 2.21
C GLY S 151 -41.59 -69.30 1.77
N LEU S 152 -40.63 -68.54 1.24
CA LEU S 152 -40.81 -67.14 0.94
C LEU S 152 -40.17 -66.81 -0.39
N ILE S 153 -40.95 -66.15 -1.26
CA ILE S 153 -40.44 -65.62 -2.53
C ILE S 153 -40.24 -64.12 -2.35
N THR S 154 -39.05 -63.62 -2.68
CA THR S 154 -38.65 -62.26 -2.34
C THR S 154 -38.17 -61.46 -3.56
N PRO S 155 -39.10 -60.85 -4.31
CA PRO S 155 -38.74 -60.19 -5.56
C PRO S 155 -37.85 -58.95 -5.42
N ASP S 156 -37.94 -58.22 -4.30
CA ASP S 156 -37.05 -57.05 -4.05
C ASP S 156 -36.01 -57.27 -2.94
N LEU S 157 -35.73 -58.53 -2.61
CA LEU S 157 -34.64 -58.86 -1.67
C LEU S 157 -33.61 -59.72 -2.38
N ILE S 158 -32.45 -59.14 -2.61
CA ILE S 158 -31.29 -59.88 -3.15
C ILE S 158 -30.53 -60.47 -1.97
N PRO S 159 -29.74 -61.54 -2.21
CA PRO S 159 -28.95 -62.13 -1.11
C PRO S 159 -28.05 -61.15 -0.36
N ASP S 160 -27.52 -60.17 -1.09
CA ASP S 160 -26.67 -59.08 -0.52
C ASP S 160 -27.28 -58.42 0.74
N GLU S 161 -28.60 -58.33 0.80
CA GLU S 161 -29.32 -57.71 1.93
C GLU S 161 -30.05 -58.71 2.82
N ALA S 162 -29.83 -60.00 2.59
CA ALA S 162 -30.68 -61.06 3.17
C ALA S 162 -30.12 -61.73 4.45
N GLN S 163 -29.26 -61.05 5.19
CA GLN S 163 -28.61 -61.64 6.38
C GLN S 163 -29.62 -62.08 7.45
N GLN S 164 -30.55 -61.17 7.81
CA GLN S 164 -31.62 -61.48 8.77
C GLN S 164 -32.54 -62.59 8.27
N TRP S 165 -32.86 -62.55 6.99
CA TRP S 165 -33.71 -63.57 6.37
C TRP S 165 -33.04 -64.94 6.32
N LEU S 166 -31.76 -64.98 5.95
CA LEU S 166 -31.00 -66.24 5.98
C LEU S 166 -31.05 -66.92 7.35
N ALA S 167 -30.83 -66.13 8.41
CA ALA S 167 -30.87 -66.63 9.80
C ALA S 167 -32.27 -67.11 10.20
N ALA S 168 -33.29 -66.32 9.87
CA ALA S 168 -34.71 -66.66 10.14
C ALA S 168 -35.16 -67.90 9.36
N SER S 169 -34.71 -67.99 8.11
CA SER S 169 -34.99 -69.12 7.22
C SER S 169 -34.43 -70.44 7.76
N GLU S 170 -33.17 -70.40 8.21
CA GLU S 170 -32.51 -71.58 8.78
C GLU S 170 -33.19 -72.03 10.07
N GLU S 171 -33.52 -71.07 10.93
CA GLU S 171 -34.12 -71.37 12.24
C GLU S 171 -35.55 -71.93 12.15
N HIS S 172 -36.38 -71.36 11.29
CA HIS S 172 -37.79 -71.76 11.17
C HIS S 172 -38.06 -72.71 10.00
N ARG S 173 -36.98 -73.23 9.39
CA ARG S 173 -37.05 -74.27 8.34
C ARG S 173 -37.94 -73.87 7.17
N LEU S 174 -37.64 -72.72 6.59
CA LEU S 174 -38.38 -72.19 5.44
C LEU S 174 -37.48 -72.11 4.23
N ASP S 175 -38.02 -72.48 3.08
CA ASP S 175 -37.32 -72.31 1.82
C ASP S 175 -37.22 -70.83 1.48
N ARG S 176 -36.16 -70.47 0.77
CA ARG S 176 -35.90 -69.10 0.36
C ARG S 176 -35.69 -69.07 -1.14
N ILE S 177 -36.71 -68.58 -1.82
CA ILE S 177 -36.76 -68.56 -3.26
C ILE S 177 -36.39 -67.15 -3.71
N PHE S 178 -35.16 -67.01 -4.20
CA PHE S 178 -34.71 -65.76 -4.82
C PHE S 178 -34.95 -65.81 -6.33
N LEU S 179 -34.95 -64.64 -6.95
CA LEU S 179 -35.14 -64.51 -8.41
C LEU S 179 -33.80 -64.32 -9.12
N VAL S 180 -33.68 -64.97 -10.29
CA VAL S 180 -32.63 -64.66 -11.26
C VAL S 180 -33.28 -64.11 -12.53
N ALA S 181 -32.47 -63.43 -13.33
CA ALA S 181 -32.95 -62.75 -14.55
C ALA S 181 -32.03 -63.04 -15.73
N PRO S 182 -32.51 -62.81 -16.97
CA PRO S 182 -31.64 -62.95 -18.15
C PRO S 182 -30.40 -62.06 -18.07
N SER S 183 -30.56 -60.87 -17.51
CA SER S 183 -29.46 -59.92 -17.34
C SER S 183 -28.43 -60.29 -16.25
N SER S 184 -28.77 -61.22 -15.37
CA SER S 184 -27.88 -61.63 -14.28
C SER S 184 -26.49 -62.00 -14.76
N THR S 185 -25.48 -61.40 -14.15
CA THR S 185 -24.07 -61.73 -14.47
C THR S 185 -23.77 -63.14 -13.98
N PRO S 186 -22.72 -63.80 -14.54
CA PRO S 186 -22.36 -65.14 -14.06
C PRO S 186 -22.11 -65.24 -12.56
N GLU S 187 -21.44 -64.25 -12.02
CA GLU S 187 -21.08 -64.22 -10.61
C GLU S 187 -22.30 -64.10 -9.70
N ARG S 188 -23.21 -63.19 -10.05
CA ARG S 188 -24.45 -62.96 -9.30
C ARG S 188 -25.46 -64.10 -9.44
N LEU S 189 -25.50 -64.72 -10.62
CA LEU S 189 -26.31 -65.92 -10.81
C LEU S 189 -25.85 -67.05 -9.89
N ALA S 190 -24.54 -67.29 -9.83
CA ALA S 190 -23.97 -68.30 -8.94
C ALA S 190 -24.30 -68.00 -7.47
N ALA S 191 -24.07 -66.77 -7.05
CA ALA S 191 -24.38 -66.33 -5.67
C ALA S 191 -25.85 -66.42 -5.28
N THR S 192 -26.74 -66.15 -6.23
CA THR S 192 -28.20 -66.20 -6.00
C THR S 192 -28.70 -67.66 -5.89
N VAL S 193 -28.17 -68.53 -6.74
CA VAL S 193 -28.52 -69.96 -6.73
C VAL S 193 -28.02 -70.63 -5.45
N GLU S 194 -26.78 -70.36 -5.08
CA GLU S 194 -26.18 -70.81 -3.81
C GLU S 194 -26.98 -70.38 -2.56
N ALA S 195 -27.53 -69.17 -2.58
CA ALA S 195 -28.33 -68.64 -1.46
C ALA S 195 -29.76 -69.16 -1.40
N SER S 196 -30.24 -69.76 -2.50
CA SER S 196 -31.62 -70.26 -2.58
C SER S 196 -31.75 -71.69 -2.03
N ARG S 197 -32.88 -71.94 -1.36
CA ARG S 197 -33.31 -73.30 -0.98
C ARG S 197 -34.73 -73.51 -1.51
N GLY S 198 -35.02 -74.72 -1.97
CA GLY S 198 -36.34 -75.06 -2.51
C GLY S 198 -36.37 -75.00 -4.03
N PHE S 199 -36.55 -73.79 -4.56
CA PHE S 199 -36.34 -73.54 -6.00
C PHE S 199 -35.87 -72.12 -6.27
N VAL S 200 -35.40 -71.89 -7.50
CA VAL S 200 -35.03 -70.57 -7.99
C VAL S 200 -36.09 -70.10 -8.99
N TYR S 201 -36.60 -68.89 -8.78
CA TYR S 201 -37.62 -68.29 -9.63
C TYR S 201 -36.88 -67.62 -10.78
N ALA S 202 -36.89 -68.26 -11.96
CA ALA S 202 -36.33 -67.67 -13.17
C ALA S 202 -37.40 -66.82 -13.86
N ALA S 203 -37.30 -65.51 -13.67
CA ALA S 203 -38.30 -64.57 -14.18
C ALA S 203 -37.87 -63.96 -15.49
N SER S 204 -38.83 -63.83 -16.41
CA SER S 204 -38.69 -62.99 -17.59
C SER S 204 -40.05 -62.48 -18.04
N SER S 216 -38.10 -65.07 -26.10
CA SER S 216 -37.89 -65.74 -27.22
C SER S 216 -37.17 -67.05 -26.84
N GLN S 217 -35.84 -67.06 -26.79
CA GLN S 217 -35.08 -68.19 -26.25
C GLN S 217 -34.42 -67.86 -24.87
N ALA S 218 -34.92 -66.81 -24.21
CA ALA S 218 -34.33 -66.30 -22.96
C ALA S 218 -34.57 -67.22 -21.77
N ALA S 219 -35.81 -67.70 -21.63
CA ALA S 219 -36.18 -68.60 -20.54
C ALA S 219 -35.40 -69.93 -20.51
N PRO S 220 -35.35 -70.70 -21.63
CA PRO S 220 -34.54 -71.93 -21.60
C PRO S 220 -33.03 -71.70 -21.40
N GLU S 221 -32.54 -70.58 -21.93
CA GLU S 221 -31.13 -70.19 -21.78
C GLU S 221 -30.79 -69.87 -20.32
N LEU S 222 -31.69 -69.16 -19.65
CA LEU S 222 -31.53 -68.83 -18.22
C LEU S 222 -31.62 -70.07 -17.33
N VAL S 223 -32.58 -70.94 -17.62
CA VAL S 223 -32.70 -72.23 -16.92
C VAL S 223 -31.42 -73.05 -17.13
N GLY S 224 -30.93 -73.08 -18.37
CA GLY S 224 -29.67 -73.76 -18.71
C GLY S 224 -28.47 -73.30 -17.90
N ARG S 225 -28.35 -71.99 -17.69
CA ARG S 225 -27.26 -71.42 -16.89
C ARG S 225 -27.33 -71.77 -15.40
N VAL S 226 -28.55 -71.92 -14.87
CA VAL S 226 -28.75 -72.37 -13.48
C VAL S 226 -28.37 -73.85 -13.34
N LYS S 227 -28.79 -74.67 -14.31
CA LYS S 227 -28.46 -76.13 -14.31
C LYS S 227 -26.94 -76.40 -14.40
N ALA S 228 -26.20 -75.49 -15.01
CA ALA S 228 -24.73 -75.63 -15.16
C ALA S 228 -23.96 -75.48 -13.84
N VAL S 229 -24.54 -74.84 -12.84
CA VAL S 229 -23.88 -74.65 -11.52
C VAL S 229 -24.60 -75.30 -10.32
N SER S 230 -25.77 -75.91 -10.53
CA SER S 230 -26.57 -76.42 -9.40
C SER S 230 -27.70 -77.36 -9.84
N ASP S 231 -28.06 -78.28 -8.95
CA ASP S 231 -29.15 -79.25 -9.18
C ASP S 231 -30.47 -78.81 -8.53
N ILE S 232 -30.51 -77.58 -8.02
CA ILE S 232 -31.75 -77.02 -7.42
C ILE S 232 -32.84 -76.87 -8.50
N PRO S 233 -34.11 -77.20 -8.15
CA PRO S 233 -35.20 -76.97 -9.08
C PRO S 233 -35.33 -75.51 -9.52
N VAL S 234 -35.79 -75.34 -10.75
CA VAL S 234 -35.98 -74.02 -11.36
C VAL S 234 -37.43 -73.87 -11.81
N GLY S 235 -38.09 -72.84 -11.28
CA GLY S 235 -39.43 -72.45 -11.71
C GLY S 235 -39.34 -71.34 -12.74
N VAL S 236 -40.23 -71.37 -13.74
CA VAL S 236 -40.20 -70.38 -14.83
C VAL S 236 -41.56 -69.67 -14.93
N GLY S 237 -41.49 -68.35 -14.86
CA GLY S 237 -42.66 -67.47 -15.01
C GLY S 237 -42.51 -66.63 -16.27
N LEU S 238 -43.47 -66.79 -17.18
CA LEU S 238 -43.36 -66.29 -18.57
C LEU S 238 -44.67 -65.69 -19.11
N GLY S 239 -45.55 -65.24 -18.21
CA GLY S 239 -46.91 -64.84 -18.60
C GLY S 239 -47.71 -65.97 -19.27
N VAL S 240 -47.72 -67.12 -18.61
CA VAL S 240 -48.36 -68.31 -19.16
C VAL S 240 -49.88 -68.14 -19.11
N ARG S 241 -50.54 -68.37 -20.24
CA ARG S 241 -52.01 -68.29 -20.34
C ARG S 241 -52.73 -69.59 -20.67
N SER S 242 -52.01 -70.56 -21.23
CA SER S 242 -52.63 -71.69 -21.90
C SER S 242 -51.91 -72.99 -21.63
N ARG S 243 -52.61 -74.08 -21.96
CA ARG S 243 -52.10 -75.44 -21.83
C ARG S 243 -50.82 -75.68 -22.64
N ALA S 244 -50.82 -75.24 -23.89
CA ALA S 244 -49.64 -75.35 -24.77
C ALA S 244 -48.40 -74.64 -24.24
N GLN S 245 -48.58 -73.44 -23.69
CA GLN S 245 -47.45 -72.68 -23.11
C GLN S 245 -46.84 -73.34 -21.89
N ALA S 246 -47.69 -73.87 -21.01
CA ALA S 246 -47.23 -74.62 -19.83
C ALA S 246 -46.46 -75.89 -20.22
N ALA S 247 -46.88 -76.53 -21.31
CA ALA S 247 -46.22 -77.76 -21.83
C ALA S 247 -44.83 -77.46 -22.37
N GLN S 248 -44.70 -76.38 -23.13
CA GLN S 248 -43.39 -75.93 -23.64
C GLN S 248 -42.39 -75.72 -22.51
N ILE S 249 -42.85 -75.05 -21.46
CA ILE S 249 -42.00 -74.73 -20.30
C ILE S 249 -41.62 -75.99 -19.53
N ALA S 250 -42.55 -76.94 -19.43
CA ALA S 250 -42.32 -78.21 -18.70
C ALA S 250 -41.22 -79.10 -19.30
N GLN S 251 -40.89 -78.87 -20.57
CA GLN S 251 -39.79 -79.59 -21.26
C GLN S 251 -38.41 -79.34 -20.67
N TYR S 252 -38.20 -78.15 -20.14
CA TYR S 252 -36.90 -77.75 -19.55
C TYR S 252 -36.93 -77.31 -18.06
N ALA S 253 -38.07 -76.78 -17.61
CA ALA S 253 -38.20 -76.29 -16.23
C ALA S 253 -38.81 -77.36 -15.31
N ASP S 254 -38.38 -77.33 -14.05
CA ASP S 254 -38.93 -78.23 -13.02
C ASP S 254 -40.31 -77.73 -12.54
N GLY S 255 -40.54 -76.43 -12.65
CA GLY S 255 -41.82 -75.82 -12.28
C GLY S 255 -42.30 -74.79 -13.29
N VAL S 256 -43.61 -74.73 -13.46
CA VAL S 256 -44.27 -73.72 -14.28
C VAL S 256 -45.03 -72.81 -13.34
N ILE S 257 -44.70 -71.52 -13.37
CA ILE S 257 -45.33 -70.51 -12.51
C ILE S 257 -46.37 -69.73 -13.31
N VAL S 258 -47.59 -69.69 -12.77
CA VAL S 258 -48.71 -68.96 -13.39
C VAL S 258 -49.36 -68.05 -12.36
N GLY S 259 -49.68 -66.84 -12.79
CA GLY S 259 -50.22 -65.80 -11.89
C GLY S 259 -51.22 -64.90 -12.58
N SER S 260 -50.73 -64.06 -13.47
CA SER S 260 -51.57 -63.14 -14.26
C SER S 260 -52.83 -63.82 -14.80
N ALA S 261 -52.65 -64.96 -15.44
CA ALA S 261 -53.77 -65.71 -16.04
C ALA S 261 -54.77 -66.23 -15.01
N LEU S 262 -54.28 -66.62 -13.83
CA LEU S 262 -55.16 -67.08 -12.75
C LEU S 262 -56.02 -65.94 -12.20
N VAL S 263 -55.43 -64.77 -12.06
CA VAL S 263 -56.17 -63.58 -11.61
C VAL S 263 -57.25 -63.20 -12.62
N THR S 264 -56.86 -63.11 -13.89
CA THR S 264 -57.81 -62.87 -14.99
C THR S 264 -58.97 -63.87 -14.95
N ALA S 265 -58.68 -65.14 -14.70
CA ALA S 265 -59.69 -66.20 -14.63
C ALA S 265 -60.68 -66.01 -13.46
N LEU S 266 -60.12 -65.71 -12.29
CA LEU S 266 -60.91 -65.44 -11.07
C LEU S 266 -61.84 -64.22 -11.21
N THR S 267 -61.37 -63.19 -11.91
CA THR S 267 -62.19 -61.99 -12.19
C THR S 267 -63.48 -62.31 -12.95
N GLU S 268 -63.39 -63.21 -13.92
CA GLU S 268 -64.59 -63.70 -14.65
C GLU S 268 -65.47 -64.57 -13.76
N GLY S 269 -64.83 -65.50 -13.04
CA GLY S 269 -65.53 -66.33 -12.07
C GLY S 269 -64.71 -67.45 -11.51
N LEU S 270 -65.16 -67.96 -10.36
CA LEU S 270 -64.53 -69.10 -9.70
C LEU S 270 -64.56 -70.40 -10.53
N PRO S 271 -65.66 -70.65 -11.30
CA PRO S 271 -65.65 -71.81 -12.20
C PRO S 271 -64.64 -71.69 -13.34
N ARG S 272 -64.46 -70.48 -13.87
CA ARG S 272 -63.46 -70.22 -14.90
C ARG S 272 -62.02 -70.47 -14.41
N LEU S 273 -61.77 -70.22 -13.13
CA LEU S 273 -60.47 -70.53 -12.52
C LEU S 273 -60.21 -72.03 -12.45
N ARG S 274 -61.22 -72.80 -12.03
CA ARG S 274 -61.14 -74.28 -11.94
C ARG S 274 -60.84 -74.93 -13.28
N ALA S 275 -61.51 -74.42 -14.32
CA ALA S 275 -61.32 -74.88 -15.70
C ALA S 275 -59.91 -74.60 -16.22
N LEU S 276 -59.45 -73.37 -16.04
CA LEU S 276 -58.11 -72.98 -16.47
C LEU S 276 -57.02 -73.76 -15.73
N THR S 277 -57.16 -73.85 -14.41
CA THR S 277 -56.17 -74.57 -13.58
C THR S 277 -56.07 -76.05 -13.98
N GLY S 278 -57.21 -76.67 -14.29
CA GLY S 278 -57.26 -78.04 -14.82
C GLY S 278 -56.58 -78.22 -16.18
N GLU S 279 -56.71 -77.21 -17.04
CA GLU S 279 -56.01 -77.17 -18.33
C GLU S 279 -54.49 -77.04 -18.18
N LEU S 280 -54.07 -76.21 -17.25
CA LEU S 280 -52.63 -76.05 -16.95
C LEU S 280 -52.04 -77.29 -16.26
N ALA S 281 -52.84 -77.95 -15.43
CA ALA S 281 -52.44 -79.22 -14.79
C ALA S 281 -52.13 -80.31 -15.83
N ALA S 282 -52.94 -80.37 -16.89
CA ALA S 282 -52.71 -81.28 -18.02
C ALA S 282 -51.46 -80.88 -18.83
N GLY S 283 -51.25 -79.57 -18.97
CA GLY S 283 -50.08 -79.03 -19.67
C GLY S 283 -48.73 -79.49 -19.13
N VAL S 284 -48.57 -79.41 -17.81
CA VAL S 284 -47.29 -79.79 -17.17
C VAL S 284 -46.95 -81.30 -17.23
N ARG S 285 -47.95 -82.15 -17.45
CA ARG S 285 -47.77 -83.64 -17.56
C ARG S 285 -47.29 -84.19 -18.88
N LEU S 286 -47.08 -83.42 -19.84
CA LEU S 286 -46.54 -83.96 -21.06
C LEU S 286 -45.16 -84.23 -21.11
N THR T 41 -14.71 -40.71 3.21
CA THR T 41 -14.69 -40.02 4.34
C THR T 41 -15.43 -40.49 5.57
N SER T 42 -15.27 -39.68 6.60
CA SER T 42 -15.86 -39.92 7.89
C SER T 42 -17.37 -40.19 7.83
N HIS T 43 -18.06 -39.51 6.93
CA HIS T 43 -19.53 -39.55 6.84
C HIS T 43 -20.08 -40.51 5.78
N ASP T 44 -19.21 -41.10 4.98
CA ASP T 44 -19.65 -42.04 3.92
C ASP T 44 -20.14 -43.39 4.48
N PRO T 45 -21.01 -44.09 3.73
CA PRO T 45 -21.44 -45.42 4.13
C PRO T 45 -20.41 -46.49 3.75
N ASP T 46 -20.64 -47.71 4.20
CA ASP T 46 -19.82 -48.86 3.75
C ASP T 46 -20.11 -49.19 2.27
N SER T 47 -19.40 -50.16 1.72
CA SER T 47 -19.55 -50.56 0.30
C SER T 47 -20.96 -51.08 -0.09
N GLY T 48 -21.70 -51.57 0.90
CA GLY T 48 -23.12 -51.94 0.73
C GLY T 48 -24.11 -50.79 0.78
N GLY T 49 -23.65 -49.61 1.20
CA GLY T 49 -24.50 -48.43 1.29
C GLY T 49 -25.12 -48.16 2.65
N HIS T 50 -24.56 -48.77 3.69
CA HIS T 50 -25.09 -48.63 5.04
C HIS T 50 -24.43 -47.52 5.84
N PHE T 51 -25.25 -46.66 6.44
CA PHE T 51 -24.80 -45.63 7.38
C PHE T 51 -24.97 -46.10 8.82
N GLY T 52 -23.96 -45.89 9.64
CA GLY T 52 -24.06 -46.09 11.09
C GLY T 52 -23.86 -47.52 11.52
N GLY T 53 -23.26 -48.31 10.63
CA GLY T 53 -22.93 -49.67 10.92
C GLY T 53 -24.08 -50.56 10.79
N PRO T 54 -24.31 -51.17 11.88
CA PRO T 54 -25.11 -52.26 11.85
C PRO T 54 -26.65 -51.95 11.97
N SER T 55 -26.99 -50.80 12.24
CA SER T 55 -28.42 -50.44 12.10
C SER T 55 -28.89 -50.48 10.84
N GLY T 56 -27.97 -50.07 10.02
CA GLY T 56 -28.23 -50.29 8.83
C GLY T 56 -29.04 -49.36 8.01
N TRP T 57 -28.93 -48.06 8.25
CA TRP T 57 -29.66 -47.11 7.41
C TRP T 57 -29.10 -47.17 6.00
N GLY T 58 -29.98 -47.14 5.02
CA GLY T 58 -29.60 -47.12 3.62
C GLY T 58 -29.65 -48.51 3.02
N GLY T 59 -28.56 -48.91 2.39
CA GLY T 59 -28.48 -50.21 1.74
C GLY T 59 -29.23 -50.23 0.43
N ARG T 60 -29.60 -51.43 0.01
CA ARG T 60 -30.24 -51.69 -1.28
C ARG T 60 -31.40 -52.68 -1.15
N TYR T 61 -32.61 -52.15 -1.09
CA TYR T 61 -33.82 -52.96 -1.04
C TYR T 61 -34.49 -52.89 -2.40
N VAL T 62 -33.93 -53.70 -3.28
CA VAL T 62 -34.26 -53.73 -4.70
C VAL T 62 -34.29 -55.17 -5.19
N PRO T 63 -34.97 -55.42 -6.32
CA PRO T 63 -34.95 -56.77 -6.88
C PRO T 63 -33.64 -57.09 -7.57
N GLU T 64 -33.29 -58.37 -7.59
CA GLU T 64 -32.08 -58.86 -8.27
C GLU T 64 -32.03 -58.39 -9.72
N ALA T 65 -33.20 -58.26 -10.35
CA ALA T 65 -33.31 -57.72 -11.72
C ALA T 65 -32.67 -56.33 -11.94
N LEU T 66 -32.60 -55.53 -10.88
CA LEU T 66 -31.95 -54.20 -10.91
C LEU T 66 -30.48 -54.18 -10.51
N MET T 67 -29.95 -55.26 -9.97
CA MET T 67 -28.62 -55.21 -9.34
C MET T 67 -27.46 -55.05 -10.32
N ALA T 68 -27.59 -55.61 -11.52
CA ALA T 68 -26.58 -55.42 -12.57
C ALA T 68 -26.36 -53.94 -12.90
N VAL T 69 -27.46 -53.20 -13.11
CA VAL T 69 -27.36 -51.76 -13.44
C VAL T 69 -27.01 -50.91 -12.22
N ILE T 70 -27.54 -51.26 -11.06
CA ILE T 70 -27.13 -50.59 -9.82
C ILE T 70 -25.63 -50.75 -9.56
N GLU T 71 -25.10 -51.95 -9.76
CA GLU T 71 -23.64 -52.18 -9.62
C GLU T 71 -22.83 -51.45 -10.71
N GLU T 72 -23.40 -51.38 -11.91
CA GLU T 72 -22.81 -50.64 -13.04
C GLU T 72 -22.68 -49.13 -12.74
N VAL T 73 -23.74 -48.53 -12.23
CA VAL T 73 -23.79 -47.10 -11.86
C VAL T 73 -22.84 -46.81 -10.69
N THR T 74 -22.83 -47.70 -9.71
CA THR T 74 -21.96 -47.56 -8.54
C THR T 74 -20.49 -47.54 -8.97
N ALA T 75 -20.11 -48.51 -9.78
CA ALA T 75 -18.73 -48.62 -10.31
C ALA T 75 -18.33 -47.40 -11.16
N ALA T 76 -19.25 -46.94 -11.99
CA ALA T 76 -19.01 -45.78 -12.86
C ALA T 76 -18.83 -44.49 -12.06
N TYR T 77 -19.65 -44.33 -11.03
CA TYR T 77 -19.53 -43.20 -10.12
C TYR T 77 -18.18 -43.19 -9.39
N GLN T 78 -17.78 -44.35 -8.85
CA GLN T 78 -16.50 -44.47 -8.12
C GLN T 78 -15.31 -44.14 -9.02
N LYS T 79 -15.38 -44.59 -10.27
CA LYS T 79 -14.37 -44.24 -11.27
C LYS T 79 -14.35 -42.74 -11.60
N GLU T 80 -15.52 -42.18 -11.91
CA GLU T 80 -15.61 -40.80 -12.43
C GLU T 80 -15.44 -39.70 -11.37
N ARG T 81 -15.85 -39.96 -10.13
CA ARG T 81 -15.67 -38.97 -9.05
C ARG T 81 -14.20 -38.58 -8.78
N VAL T 82 -13.24 -39.42 -9.19
CA VAL T 82 -11.79 -39.10 -9.05
C VAL T 82 -11.08 -38.83 -10.39
N SER T 83 -11.85 -38.70 -11.45
CA SER T 83 -11.33 -38.37 -12.78
C SER T 83 -11.34 -36.85 -12.96
N GLN T 84 -10.18 -36.27 -13.16
CA GLN T 84 -10.08 -34.83 -13.34
C GLN T 84 -10.90 -34.34 -14.55
N ASP T 85 -10.92 -35.09 -15.63
CA ASP T 85 -11.71 -34.75 -16.82
C ASP T 85 -13.19 -34.57 -16.48
N PHE T 86 -13.72 -35.50 -15.69
CA PHE T 86 -15.12 -35.45 -15.27
C PHE T 86 -15.40 -34.24 -14.38
N LEU T 87 -14.53 -34.04 -13.40
CA LEU T 87 -14.71 -32.92 -12.46
C LEU T 87 -14.56 -31.57 -13.17
N ASP T 88 -13.63 -31.49 -14.11
CA ASP T 88 -13.47 -30.30 -14.98
C ASP T 88 -14.74 -30.02 -15.79
N ASP T 89 -15.30 -31.06 -16.38
CA ASP T 89 -16.54 -30.94 -17.15
C ASP T 89 -17.68 -30.45 -16.27
N LEU T 90 -17.81 -31.05 -15.10
CA LEU T 90 -18.87 -30.67 -14.16
C LEU T 90 -18.71 -29.22 -13.71
N ASP T 91 -17.48 -28.87 -13.38
CA ASP T 91 -17.14 -27.52 -12.94
C ASP T 91 -17.44 -26.45 -13.99
N ARG T 92 -17.02 -26.73 -15.21
CA ARG T 92 -17.22 -25.83 -16.36
C ARG T 92 -18.72 -25.54 -16.56
N LEU T 93 -19.53 -26.59 -16.49
CA LEU T 93 -20.97 -26.44 -16.60
C LEU T 93 -21.59 -25.70 -15.42
N GLN T 94 -21.14 -26.01 -14.21
CA GLN T 94 -21.64 -25.30 -13.01
C GLN T 94 -21.43 -23.81 -13.10
N ALA T 95 -20.25 -23.40 -13.56
CA ALA T 95 -19.90 -21.98 -13.68
C ALA T 95 -20.61 -21.29 -14.84
N ASN T 96 -20.35 -21.75 -16.05
CA ASN T 96 -20.78 -21.05 -17.25
C ASN T 96 -22.23 -21.31 -17.66
N TYR T 97 -22.77 -22.46 -17.30
CA TYR T 97 -24.11 -22.87 -17.73
C TYR T 97 -25.16 -22.62 -16.62
N ALA T 98 -24.86 -23.13 -15.44
CA ALA T 98 -25.78 -23.07 -14.29
C ALA T 98 -25.68 -21.80 -13.47
N GLY T 99 -24.59 -21.07 -13.62
CA GLY T 99 -24.41 -19.79 -12.93
C GLY T 99 -23.90 -19.83 -11.49
N ARG T 100 -23.16 -20.87 -11.12
CA ARG T 100 -22.57 -20.94 -9.78
C ARG T 100 -21.34 -20.01 -9.64
N PRO T 101 -21.05 -19.54 -8.43
CA PRO T 101 -21.79 -19.79 -7.21
C PRO T 101 -23.09 -19.02 -7.12
N SER T 102 -24.01 -19.54 -6.33
CA SER T 102 -25.20 -18.81 -5.95
C SER T 102 -24.80 -17.88 -4.80
N PRO T 103 -25.42 -16.71 -4.72
CA PRO T 103 -25.05 -15.79 -3.66
C PRO T 103 -25.68 -16.14 -2.33
N LEU T 104 -25.15 -15.52 -1.29
CA LEU T 104 -25.69 -15.57 0.06
C LEU T 104 -26.17 -14.17 0.39
N TYR T 105 -27.45 -14.02 0.71
CA TYR T 105 -28.09 -12.70 0.89
C TYR T 105 -28.67 -12.51 2.29
N GLU T 106 -28.23 -11.47 2.99
CA GLU T 106 -28.78 -11.18 4.31
C GLU T 106 -30.13 -10.47 4.15
N ALA T 107 -31.19 -11.18 4.52
CA ALA T 107 -32.55 -10.66 4.44
C ALA T 107 -32.90 -9.82 5.67
N THR T 108 -32.42 -8.58 5.67
CA THR T 108 -32.51 -7.72 6.86
C THR T 108 -33.94 -7.30 7.23
N ARG T 109 -34.81 -7.22 6.23
CA ARG T 109 -36.24 -6.88 6.44
C ARG T 109 -37.05 -8.03 7.05
N LEU T 110 -36.51 -9.25 7.03
CA LEU T 110 -37.10 -10.37 7.79
C LEU T 110 -36.77 -10.36 9.25
N SER T 111 -35.72 -9.64 9.63
CA SER T 111 -35.15 -9.75 10.98
C SER T 111 -36.15 -9.51 12.11
N GLN T 112 -36.98 -8.48 11.96
CA GLN T 112 -37.98 -8.14 12.98
C GLN T 112 -39.06 -9.22 13.12
N HIS T 113 -39.25 -10.04 12.10
CA HIS T 113 -40.20 -11.18 12.15
C HIS T 113 -39.55 -12.48 12.65
N ALA T 114 -38.26 -12.40 13.00
CA ALA T 114 -37.48 -13.57 13.42
C ALA T 114 -36.71 -13.30 14.72
N GLY T 115 -37.35 -12.60 15.66
CA GLY T 115 -36.73 -12.25 16.94
C GLY T 115 -35.47 -11.39 16.86
N SER T 116 -35.37 -10.59 15.80
CA SER T 116 -34.17 -9.77 15.51
C SER T 116 -32.90 -10.59 15.19
N ALA T 117 -33.09 -11.86 14.87
CA ALA T 117 -32.00 -12.70 14.36
C ALA T 117 -31.66 -12.28 12.94
N ARG T 118 -30.55 -12.77 12.44
CA ARG T 118 -30.07 -12.42 11.11
C ARG T 118 -30.24 -13.61 10.17
N ILE T 119 -31.21 -13.50 9.27
CA ILE T 119 -31.51 -14.55 8.30
C ILE T 119 -30.68 -14.34 7.01
N PHE T 120 -29.83 -15.31 6.68
CA PHE T 120 -29.08 -15.30 5.44
C PHE T 120 -29.68 -16.32 4.50
N LEU T 121 -30.05 -15.89 3.30
CA LEU T 121 -30.66 -16.77 2.31
C LEU T 121 -29.62 -17.25 1.29
N LYS T 122 -29.40 -18.56 1.24
CA LYS T 122 -28.52 -19.16 0.24
C LYS T 122 -29.36 -19.33 -1.03
N ARG T 123 -29.03 -18.57 -2.06
CA ARG T 123 -29.96 -18.33 -3.17
C ARG T 123 -29.90 -19.35 -4.30
N GLU T 124 -30.25 -20.59 -3.99
CA GLU T 124 -30.32 -21.63 -5.02
C GLU T 124 -31.43 -21.32 -6.05
N ASP T 125 -32.40 -20.49 -5.65
CA ASP T 125 -33.45 -19.97 -6.57
C ASP T 125 -32.92 -19.27 -7.84
N LEU T 126 -31.70 -18.78 -7.79
CA LEU T 126 -31.08 -18.11 -8.94
C LEU T 126 -30.35 -19.04 -9.92
N ASN T 127 -30.24 -20.33 -9.60
CA ASN T 127 -29.61 -21.29 -10.52
C ASN T 127 -30.42 -21.42 -11.82
N HIS T 128 -29.74 -21.80 -12.88
CA HIS T 128 -30.42 -22.22 -14.11
C HIS T 128 -31.48 -23.28 -13.79
N THR T 129 -32.67 -23.06 -14.35
CA THR T 129 -33.89 -23.87 -14.10
C THR T 129 -34.64 -23.51 -12.83
N GLY T 130 -34.01 -22.77 -11.93
CA GLY T 130 -34.68 -22.19 -10.76
C GLY T 130 -34.67 -23.00 -9.49
N SER T 131 -33.76 -23.96 -9.37
CA SER T 131 -33.61 -24.71 -8.12
C SER T 131 -32.27 -25.40 -8.02
N HIS T 132 -32.04 -25.94 -6.84
CA HIS T 132 -30.89 -26.80 -6.57
C HIS T 132 -30.81 -28.07 -7.41
N LYS T 133 -31.93 -28.54 -7.95
CA LYS T 133 -31.98 -29.82 -8.68
C LYS T 133 -30.93 -29.92 -9.78
N ILE T 134 -30.63 -28.80 -10.42
CA ILE T 134 -29.67 -28.78 -11.51
C ILE T 134 -28.27 -29.28 -11.11
N ASN T 135 -27.89 -29.08 -9.84
CA ASN T 135 -26.55 -29.51 -9.36
C ASN T 135 -26.34 -31.02 -9.53
N ASN T 136 -27.28 -31.77 -8.97
CA ASN T 136 -27.31 -33.23 -9.06
C ASN T 136 -27.47 -33.72 -10.52
N VAL T 137 -28.34 -33.06 -11.27
CA VAL T 137 -28.64 -33.46 -12.65
C VAL T 137 -27.43 -33.38 -13.57
N LEU T 138 -26.67 -32.30 -13.48
CA LEU T 138 -25.47 -32.14 -14.33
C LEU T 138 -24.45 -33.25 -14.07
N GLY T 139 -24.28 -33.58 -12.79
CA GLY T 139 -23.41 -34.69 -12.39
C GLY T 139 -23.88 -36.01 -12.95
N GLN T 140 -25.14 -36.36 -12.70
CA GLN T 140 -25.68 -37.65 -13.14
C GLN T 140 -25.82 -37.76 -14.66
N ALA T 141 -26.14 -36.65 -15.32
CA ALA T 141 -26.30 -36.65 -16.78
C ALA T 141 -24.96 -36.83 -17.47
N LEU T 142 -23.93 -36.16 -16.96
CA LEU T 142 -22.54 -36.37 -17.44
C LEU T 142 -22.12 -37.84 -17.25
N LEU T 143 -22.51 -38.40 -16.10
CA LEU T 143 -22.22 -39.79 -15.78
C LEU T 143 -22.94 -40.74 -16.74
N ALA T 144 -24.18 -40.44 -17.09
CA ALA T 144 -24.96 -41.28 -18.02
C ALA T 144 -24.26 -41.40 -19.37
N ARG T 145 -23.78 -40.26 -19.84
CA ARG T 145 -23.02 -40.20 -21.08
C ARG T 145 -21.67 -40.93 -21.01
N ARG T 146 -20.97 -40.82 -19.89
CA ARG T 146 -19.72 -41.60 -19.66
C ARG T 146 -19.94 -43.12 -19.70
N MET T 147 -21.07 -43.56 -19.18
CA MET T 147 -21.46 -44.98 -19.17
C MET T 147 -21.96 -45.51 -20.52
N GLY T 148 -22.20 -44.63 -21.48
CA GLY T 148 -22.71 -45.01 -22.79
C GLY T 148 -24.21 -45.28 -22.85
N LYS T 149 -24.94 -44.83 -21.83
CA LYS T 149 -26.40 -44.94 -21.81
C LYS T 149 -27.00 -43.94 -22.82
N THR T 150 -28.06 -44.35 -23.50
CA THR T 150 -28.68 -43.54 -24.56
C THR T 150 -30.06 -42.97 -24.23
N ARG T 151 -30.50 -43.20 -23.00
CA ARG T 151 -31.83 -42.83 -22.57
C ARG T 151 -31.78 -42.50 -21.08
N VAL T 152 -32.43 -41.42 -20.69
CA VAL T 152 -32.49 -41.03 -19.29
C VAL T 152 -33.95 -40.97 -18.85
N ILE T 153 -34.23 -41.51 -17.67
CA ILE T 153 -35.55 -41.39 -17.06
C ILE T 153 -35.45 -40.69 -15.72
N ALA T 154 -36.53 -40.04 -15.34
CA ALA T 154 -36.62 -39.38 -14.05
C ALA T 154 -38.06 -39.25 -13.58
N GLU T 155 -38.20 -39.22 -12.26
CA GLU T 155 -39.43 -38.87 -11.57
C GLU T 155 -39.45 -37.37 -11.26
N THR T 156 -40.62 -36.76 -11.16
CA THR T 156 -40.70 -35.41 -10.62
C THR T 156 -42.01 -35.15 -9.91
N GLY T 157 -41.96 -34.33 -8.86
CA GLY T 157 -43.17 -33.92 -8.10
C GLY T 157 -43.48 -32.46 -8.36
N ALA T 158 -42.58 -31.59 -7.91
CA ALA T 158 -42.70 -30.16 -8.21
C ALA T 158 -42.44 -29.83 -9.67
N GLY T 159 -41.80 -30.73 -10.40
CA GLY T 159 -41.45 -30.48 -11.81
C GLY T 159 -40.08 -29.83 -12.03
N GLN T 160 -39.39 -29.53 -10.94
CA GLN T 160 -38.08 -28.87 -11.00
C GLN T 160 -36.99 -29.86 -11.38
N HIS T 161 -37.05 -31.06 -10.81
CA HIS T 161 -36.12 -32.12 -11.17
C HIS T 161 -36.36 -32.57 -12.61
N GLY T 162 -37.63 -32.66 -12.98
CA GLY T 162 -38.02 -32.99 -14.35
C GLY T 162 -37.46 -31.99 -15.36
N VAL T 163 -37.62 -30.71 -15.05
CA VAL T 163 -37.14 -29.62 -15.90
C VAL T 163 -35.61 -29.64 -15.99
N ALA T 164 -34.96 -29.82 -14.84
CA ALA T 164 -33.50 -29.92 -14.81
C ALA T 164 -33.00 -31.09 -15.63
N THR T 165 -33.61 -32.26 -15.45
CA THR T 165 -33.23 -33.46 -16.21
C THR T 165 -33.41 -33.26 -17.73
N ALA T 166 -34.55 -32.70 -18.12
CA ALA T 166 -34.82 -32.35 -19.52
C ALA T 166 -33.80 -31.36 -20.11
N THR T 167 -33.51 -30.33 -19.33
CA THR T 167 -32.45 -29.38 -19.62
C THR T 167 -31.12 -30.08 -19.94
N ALA T 168 -30.62 -30.89 -19.02
CA ALA T 168 -29.32 -31.59 -19.21
C ALA T 168 -29.35 -32.52 -20.42
N CYS T 169 -30.46 -33.22 -20.61
CA CYS T 169 -30.61 -34.12 -21.77
C CYS T 169 -30.67 -33.40 -23.11
N ALA T 170 -31.26 -32.21 -23.12
CA ALA T 170 -31.21 -31.34 -24.31
C ALA T 170 -29.76 -30.97 -24.61
N LEU T 171 -29.09 -30.50 -23.57
CA LEU T 171 -27.69 -30.10 -23.63
C LEU T 171 -26.75 -31.20 -24.12
N LEU T 172 -27.00 -32.42 -23.69
CA LEU T 172 -26.11 -33.56 -24.02
C LEU T 172 -26.64 -34.49 -25.11
N GLY T 173 -27.85 -34.24 -25.60
CA GLY T 173 -28.42 -35.04 -26.69
C GLY T 173 -28.85 -36.45 -26.30
N LEU T 174 -29.43 -36.56 -25.11
CA LEU T 174 -29.95 -37.84 -24.60
C LEU T 174 -31.48 -37.86 -24.71
N ASP T 175 -32.05 -39.01 -25.08
CA ASP T 175 -33.52 -39.18 -24.98
C ASP T 175 -33.94 -39.10 -23.52
N CYS T 176 -35.08 -38.46 -23.28
CA CYS T 176 -35.52 -38.15 -21.93
C CYS T 176 -37.01 -38.45 -21.72
N VAL T 177 -37.32 -39.16 -20.65
CA VAL T 177 -38.69 -39.47 -20.26
C VAL T 177 -38.87 -39.12 -18.78
N ILE T 178 -39.82 -38.25 -18.49
CA ILE T 178 -40.09 -37.84 -17.12
C ILE T 178 -41.44 -38.42 -16.68
N TYR T 179 -41.45 -39.07 -15.53
CA TYR T 179 -42.68 -39.58 -14.89
C TYR T 179 -43.15 -38.58 -13.84
N MET T 180 -44.42 -38.21 -13.91
CA MET T 180 -44.98 -37.18 -13.04
C MET T 180 -46.38 -37.59 -12.64
N GLY T 181 -46.68 -37.56 -11.34
CA GLY T 181 -48.02 -37.88 -10.83
C GLY T 181 -49.08 -36.94 -11.39
N GLY T 182 -50.26 -37.49 -11.71
CA GLY T 182 -51.36 -36.74 -12.35
C GLY T 182 -51.87 -35.52 -11.59
N ILE T 183 -51.84 -35.58 -10.27
CA ILE T 183 -52.20 -34.44 -9.40
C ILE T 183 -51.12 -33.35 -9.52
N ASP T 184 -49.86 -33.78 -9.60
CA ASP T 184 -48.73 -32.87 -9.79
C ASP T 184 -48.71 -32.20 -11.18
N THR T 185 -49.09 -32.93 -12.23
CA THR T 185 -49.13 -32.33 -13.58
C THR T 185 -50.10 -31.14 -13.62
N ALA T 186 -51.20 -31.25 -12.86
CA ALA T 186 -52.23 -30.21 -12.79
C ALA T 186 -51.77 -28.97 -11.99
N ARG T 187 -51.20 -29.20 -10.80
CA ARG T 187 -50.79 -28.08 -9.91
C ARG T 187 -49.38 -27.52 -10.17
N GLN T 188 -48.61 -28.19 -11.03
CA GLN T 188 -47.28 -27.67 -11.46
C GLN T 188 -47.17 -27.64 -13.00
N ALA T 189 -48.26 -27.21 -13.64
CA ALA T 189 -48.42 -27.24 -15.11
C ALA T 189 -47.40 -26.42 -15.92
N LEU T 190 -46.92 -25.34 -15.34
CA LEU T 190 -45.87 -24.55 -15.97
C LEU T 190 -44.66 -25.43 -16.27
N ASN T 191 -44.26 -26.24 -15.29
CA ASN T 191 -43.12 -27.14 -15.46
C ASN T 191 -43.35 -28.28 -16.47
N VAL T 192 -44.58 -28.75 -16.59
CA VAL T 192 -44.91 -29.74 -17.63
C VAL T 192 -44.63 -29.17 -19.01
N ALA T 193 -45.07 -27.94 -19.25
CA ALA T 193 -44.89 -27.28 -20.55
C ALA T 193 -43.42 -26.96 -20.86
N ARG T 194 -42.67 -26.58 -19.84
CA ARG T 194 -41.22 -26.40 -19.97
C ARG T 194 -40.52 -27.69 -20.38
N MET T 195 -40.83 -28.76 -19.68
CA MET T 195 -40.27 -30.09 -20.01
C MET T 195 -40.53 -30.47 -21.47
N ARG T 196 -41.75 -30.24 -21.93
CA ARG T 196 -42.14 -30.57 -23.29
C ARG T 196 -41.38 -29.69 -24.31
N LEU T 197 -41.24 -28.41 -24.00
CA LEU T 197 -40.45 -27.48 -24.85
C LEU T 197 -38.99 -27.87 -24.94
N LEU T 198 -38.47 -28.39 -23.84
CA LEU T 198 -37.10 -28.89 -23.77
C LEU T 198 -36.85 -30.23 -24.48
N GLY T 199 -37.91 -30.83 -25.02
CA GLY T 199 -37.79 -32.09 -25.80
C GLY T 199 -37.98 -33.37 -25.00
N ALA T 200 -38.36 -33.23 -23.74
CA ALA T 200 -38.61 -34.41 -22.90
C ALA T 200 -40.02 -34.91 -23.13
N GLU T 201 -40.18 -36.23 -23.09
CA GLU T 201 -41.51 -36.86 -22.98
C GLU T 201 -41.96 -36.86 -21.55
N VAL T 202 -43.22 -36.52 -21.35
CA VAL T 202 -43.77 -36.53 -20.00
C VAL T 202 -44.91 -37.55 -19.92
N VAL T 203 -44.82 -38.45 -18.95
CA VAL T 203 -45.83 -39.48 -18.69
C VAL T 203 -46.52 -39.19 -17.37
N ALA T 204 -47.83 -38.94 -17.45
CA ALA T 204 -48.65 -38.66 -16.27
C ALA T 204 -48.99 -39.99 -15.59
N VAL T 205 -48.62 -40.11 -14.31
CA VAL T 205 -48.85 -41.35 -13.55
C VAL T 205 -50.16 -41.24 -12.77
N GLN T 206 -51.07 -42.17 -13.04
CA GLN T 206 -52.43 -42.15 -12.43
C GLN T 206 -52.65 -43.13 -11.27
N THR T 207 -51.61 -43.88 -10.91
CA THR T 207 -51.70 -44.89 -9.84
C THR T 207 -51.48 -44.28 -8.46
N GLY T 208 -51.97 -44.99 -7.45
CA GLY T 208 -51.83 -44.61 -6.04
C GLY T 208 -52.31 -43.20 -5.72
N SER T 209 -51.46 -42.43 -5.06
CA SER T 209 -51.76 -41.03 -4.73
C SER T 209 -51.55 -40.01 -5.87
N LYS T 210 -51.04 -40.48 -7.01
CA LYS T 210 -50.79 -39.63 -8.19
C LYS T 210 -49.84 -38.46 -7.90
N THR T 211 -48.86 -38.73 -7.04
CA THR T 211 -47.89 -37.74 -6.62
C THR T 211 -46.52 -38.39 -6.67
N LEU T 212 -45.54 -37.77 -6.04
CA LEU T 212 -44.12 -38.12 -6.22
C LEU T 212 -43.80 -39.61 -5.97
N LYS T 213 -44.37 -40.20 -4.92
CA LYS T 213 -44.03 -41.61 -4.60
C LYS T 213 -44.48 -42.53 -5.73
N ASP T 214 -45.56 -42.15 -6.40
CA ASP T 214 -46.16 -42.97 -7.45
C ASP T 214 -45.41 -42.79 -8.76
N ALA T 215 -44.95 -41.57 -9.01
CA ALA T 215 -44.03 -41.32 -10.11
C ALA T 215 -42.75 -42.14 -9.97
N ILE T 216 -42.23 -42.22 -8.75
CA ILE T 216 -41.01 -43.02 -8.47
C ILE T 216 -41.23 -44.49 -8.76
N ASN T 217 -42.37 -45.02 -8.34
CA ASN T 217 -42.72 -46.40 -8.64
C ASN T 217 -42.72 -46.68 -10.15
N GLU T 218 -43.30 -45.77 -10.94
CA GLU T 218 -43.39 -45.99 -12.40
C GLU T 218 -42.05 -45.93 -13.08
N ALA T 219 -41.23 -44.97 -12.67
CA ALA T 219 -39.87 -44.83 -13.19
C ALA T 219 -39.01 -46.05 -12.86
N PHE T 220 -39.21 -46.58 -11.66
CA PHE T 220 -38.55 -47.82 -11.23
C PHE T 220 -38.89 -49.00 -12.15
N ARG T 221 -40.18 -49.13 -12.49
N ARG T 221 -40.18 -49.12 -12.50
CA ARG T 221 -40.64 -50.21 -13.39
CA ARG T 221 -40.66 -50.19 -13.37
C ARG T 221 -40.08 -50.06 -14.79
C ARG T 221 -40.13 -50.05 -14.80
N ASP T 222 -39.96 -48.82 -15.24
CA ASP T 222 -39.31 -48.52 -16.53
C ASP T 222 -37.85 -48.99 -16.50
N TRP T 223 -37.13 -48.64 -15.43
CA TRP T 223 -35.70 -48.97 -15.31
C TRP T 223 -35.48 -50.48 -15.29
N VAL T 224 -36.31 -51.18 -14.52
CA VAL T 224 -36.27 -52.65 -14.47
C VAL T 224 -36.35 -53.26 -15.87
N ALA T 225 -37.26 -52.75 -16.69
CA ALA T 225 -37.45 -53.23 -18.07
C ALA T 225 -36.35 -52.80 -19.06
N ASN T 226 -35.80 -51.60 -18.87
CA ASN T 226 -34.90 -50.98 -19.86
C ASN T 226 -33.50 -50.67 -19.34
N ALA T 227 -33.07 -51.43 -18.34
CA ALA T 227 -31.77 -51.25 -17.66
C ALA T 227 -30.55 -51.20 -18.58
N ASP T 228 -30.54 -52.03 -19.62
CA ASP T 228 -29.38 -52.11 -20.53
C ASP T 228 -28.99 -50.80 -21.23
N ASN T 229 -30.00 -50.01 -21.59
CA ASN T 229 -29.79 -48.74 -22.31
C ASN T 229 -30.13 -47.49 -21.49
N THR T 230 -30.82 -47.65 -20.36
CA THR T 230 -31.41 -46.52 -19.64
C THR T 230 -30.68 -46.21 -18.32
N TYR T 231 -30.41 -44.92 -18.13
CA TYR T 231 -29.93 -44.37 -16.86
C TYR T 231 -31.09 -43.74 -16.09
N TYR T 232 -31.22 -44.08 -14.80
CA TYR T 232 -32.24 -43.48 -13.93
C TYR T 232 -31.62 -42.30 -13.16
N CYS T 233 -31.99 -41.10 -13.58
CA CYS T 233 -31.54 -39.87 -12.94
C CYS T 233 -32.44 -39.55 -11.75
N PHE T 234 -32.10 -40.11 -10.60
CA PHE T 234 -32.91 -39.95 -9.40
C PHE T 234 -32.62 -38.61 -8.75
N GLY T 235 -33.68 -37.88 -8.41
CA GLY T 235 -33.60 -36.46 -8.03
C GLY T 235 -33.52 -36.09 -6.57
N THR T 236 -33.53 -37.06 -5.67
CA THR T 236 -33.38 -36.77 -4.24
C THR T 236 -32.43 -37.74 -3.53
N ALA T 237 -32.11 -37.43 -2.28
CA ALA T 237 -31.06 -38.15 -1.53
C ALA T 237 -31.63 -39.36 -0.81
N ALA T 238 -32.35 -40.17 -1.57
CA ALA T 238 -32.93 -41.42 -1.08
C ALA T 238 -32.60 -42.50 -2.11
N GLY T 239 -33.30 -43.63 -2.05
CA GLY T 239 -33.06 -44.71 -2.99
C GLY T 239 -32.00 -45.67 -2.51
N PRO T 240 -31.74 -46.73 -3.30
CA PRO T 240 -30.68 -47.65 -2.95
C PRO T 240 -29.33 -47.02 -3.21
N HIS T 241 -28.31 -47.50 -2.51
CA HIS T 241 -26.92 -47.19 -2.84
C HIS T 241 -26.75 -47.46 -4.36
N PRO T 242 -26.16 -46.51 -5.12
CA PRO T 242 -25.37 -45.38 -4.65
C PRO T 242 -26.08 -44.03 -4.55
N PHE T 243 -27.39 -43.96 -4.77
CA PHE T 243 -28.07 -42.68 -4.96
C PHE T 243 -28.00 -41.68 -3.79
N PRO T 244 -28.22 -42.14 -2.54
CA PRO T 244 -28.11 -41.18 -1.43
C PRO T 244 -26.74 -40.51 -1.34
N THR T 245 -25.69 -41.29 -1.50
CA THR T 245 -24.33 -40.75 -1.44
C THR T 245 -24.00 -39.87 -2.65
N MET T 246 -24.32 -40.38 -3.84
CA MET T 246 -24.05 -39.66 -5.09
C MET T 246 -24.82 -38.33 -5.18
N VAL T 247 -26.11 -38.35 -4.86
CA VAL T 247 -26.91 -37.12 -4.92
C VAL T 247 -26.36 -36.09 -3.93
N ARG T 248 -26.04 -36.55 -2.73
CA ARG T 248 -25.42 -35.68 -1.71
C ARG T 248 -24.06 -35.12 -2.18
N ASP T 249 -23.21 -35.96 -2.75
CA ASP T 249 -21.92 -35.49 -3.28
C ASP T 249 -22.08 -34.39 -4.34
N PHE T 250 -23.07 -34.51 -5.21
CA PHE T 250 -23.33 -33.45 -6.20
C PHE T 250 -23.98 -32.19 -5.60
N GLN T 251 -24.68 -32.31 -4.48
CA GLN T 251 -25.30 -31.16 -3.80
C GLN T 251 -24.44 -30.50 -2.72
N ARG T 252 -23.38 -31.18 -2.29
CA ARG T 252 -22.38 -30.67 -1.31
C ARG T 252 -21.85 -29.26 -1.61
N ILE T 253 -21.72 -28.95 -2.89
CA ILE T 253 -21.32 -27.62 -3.37
C ILE T 253 -22.09 -26.47 -2.69
N ILE T 254 -23.36 -26.69 -2.36
CA ILE T 254 -24.20 -25.65 -1.73
C ILE T 254 -23.61 -25.25 -0.38
N GLY T 255 -23.39 -26.25 0.47
CA GLY T 255 -22.84 -26.05 1.80
C GLY T 255 -21.42 -25.55 1.81
N MET T 256 -20.60 -26.03 0.88
CA MET T 256 -19.22 -25.58 0.78
C MET T 256 -19.15 -24.10 0.44
N GLU T 257 -19.97 -23.67 -0.50
CA GLU T 257 -20.08 -22.24 -0.83
C GLU T 257 -20.62 -21.47 0.38
N ALA T 258 -21.68 -21.97 0.98
CA ALA T 258 -22.32 -21.28 2.10
C ALA T 258 -21.37 -21.07 3.26
N ARG T 259 -20.58 -22.09 3.56
CA ARG T 259 -19.66 -22.03 4.70
C ARG T 259 -18.60 -20.95 4.54
N VAL T 260 -18.08 -20.83 3.32
CA VAL T 260 -17.12 -19.77 2.97
C VAL T 260 -17.80 -18.40 2.98
N GLN T 261 -18.97 -18.31 2.34
CA GLN T 261 -19.70 -17.04 2.21
C GLN T 261 -20.11 -16.43 3.54
N ILE T 262 -20.64 -17.25 4.45
CA ILE T 262 -21.09 -16.77 5.77
C ILE T 262 -19.92 -16.28 6.63
N GLN T 263 -18.79 -16.96 6.57
CA GLN T 263 -17.58 -16.51 7.28
C GLN T 263 -17.10 -15.16 6.73
N GLY T 264 -17.15 -15.02 5.40
CA GLY T 264 -16.81 -13.75 4.75
C GLY T 264 -17.73 -12.59 5.11
N GLN T 265 -19.04 -12.82 5.07
CA GLN T 265 -20.03 -11.76 5.31
C GLN T 265 -20.32 -11.47 6.77
N ALA T 266 -20.39 -12.51 7.59
CA ALA T 266 -20.73 -12.36 9.00
C ALA T 266 -19.53 -12.43 9.93
N GLY T 267 -18.38 -12.88 9.42
CA GLY T 267 -17.15 -12.98 10.22
C GLY T 267 -17.04 -14.22 11.11
N ARG T 268 -17.96 -15.16 10.95
CA ARG T 268 -17.97 -16.37 11.78
C ARG T 268 -18.93 -17.40 11.20
N LEU T 269 -18.85 -18.61 11.74
CA LEU T 269 -19.78 -19.67 11.38
C LEU T 269 -21.15 -19.36 11.94
N PRO T 270 -22.22 -19.85 11.29
CA PRO T 270 -23.55 -19.53 11.78
C PRO T 270 -23.91 -20.22 13.09
N ASP T 271 -24.96 -19.73 13.71
CA ASP T 271 -25.53 -20.36 14.90
C ASP T 271 -26.39 -21.53 14.46
N ALA T 272 -27.04 -21.39 13.30
CA ALA T 272 -27.80 -22.49 12.70
C ALA T 272 -27.80 -22.45 11.18
N VAL T 273 -27.94 -23.64 10.60
CA VAL T 273 -28.21 -23.80 9.17
C VAL T 273 -29.48 -24.63 9.00
N VAL T 274 -30.42 -24.13 8.20
CA VAL T 274 -31.73 -24.79 8.04
C VAL T 274 -32.16 -24.95 6.59
N ALA T 275 -33.00 -25.95 6.36
CA ALA T 275 -33.52 -26.28 5.03
C ALA T 275 -34.82 -27.06 5.13
N CYS T 276 -35.58 -27.05 4.05
CA CYS T 276 -36.75 -27.93 3.97
C CYS T 276 -36.29 -29.33 3.59
N VAL T 277 -37.12 -30.32 3.91
CA VAL T 277 -36.79 -31.73 3.68
C VAL T 277 -37.94 -32.49 3.01
N GLY T 278 -37.74 -32.79 1.74
CA GLY T 278 -38.60 -33.69 0.97
C GLY T 278 -38.02 -35.07 1.14
N GLY T 279 -37.31 -35.55 0.12
CA GLY T 279 -36.46 -36.74 0.23
C GLY T 279 -35.12 -36.44 0.88
N GLY T 280 -34.66 -35.19 0.74
CA GLY T 280 -33.52 -34.68 1.53
C GLY T 280 -32.30 -34.09 0.84
N SER T 281 -32.35 -33.87 -0.48
CA SER T 281 -31.15 -33.46 -1.25
C SER T 281 -30.64 -32.04 -0.96
N ASN T 282 -31.54 -31.05 -0.96
CA ASN T 282 -31.12 -29.65 -0.69
C ASN T 282 -30.62 -29.49 0.76
N ALA T 283 -31.28 -30.18 1.68
CA ALA T 283 -30.90 -30.14 3.10
C ALA T 283 -29.54 -30.77 3.33
N ILE T 284 -29.37 -31.99 2.85
CA ILE T 284 -28.08 -32.66 3.00
C ILE T 284 -26.99 -31.89 2.26
N GLY T 285 -27.33 -31.28 1.13
CA GLY T 285 -26.36 -30.47 0.35
C GLY T 285 -25.78 -29.30 1.14
N ILE T 286 -26.65 -28.53 1.78
CA ILE T 286 -26.22 -27.39 2.59
C ILE T 286 -25.66 -27.81 3.94
N PHE T 287 -26.17 -28.89 4.54
CA PHE T 287 -25.70 -29.35 5.87
C PHE T 287 -24.29 -29.93 5.88
N HIS T 288 -23.89 -30.58 4.79
CA HIS T 288 -22.77 -31.51 4.85
C HIS T 288 -21.46 -30.87 5.27
N ALA T 289 -21.22 -29.65 4.78
CA ALA T 289 -19.99 -28.91 5.09
C ALA T 289 -19.92 -28.41 6.54
N PHE T 290 -21.06 -28.40 7.24
CA PHE T 290 -21.13 -27.98 8.64
C PHE T 290 -21.18 -29.14 9.65
N LEU T 291 -21.18 -30.38 9.17
CA LEU T 291 -21.34 -31.54 10.09
C LEU T 291 -20.29 -31.57 11.21
N ASP T 292 -19.06 -31.24 10.89
CA ASP T 292 -17.97 -31.28 11.87
C ASP T 292 -17.71 -29.97 12.62
N ASP T 293 -18.60 -29.00 12.47
CA ASP T 293 -18.57 -27.74 13.24
C ASP T 293 -19.57 -27.88 14.39
N PRO T 294 -19.12 -28.22 15.60
CA PRO T 294 -20.04 -28.63 16.68
C PRO T 294 -21.01 -27.55 17.21
N GLY T 295 -20.66 -26.27 17.06
CA GLY T 295 -21.54 -25.16 17.46
C GLY T 295 -22.61 -24.75 16.45
N VAL T 296 -22.60 -25.36 15.27
CA VAL T 296 -23.60 -25.05 14.24
C VAL T 296 -24.80 -26.00 14.34
N ARG T 297 -25.94 -25.46 14.80
CA ARG T 297 -27.21 -26.22 14.86
C ARG T 297 -27.72 -26.46 13.44
N LEU T 298 -28.21 -27.67 13.21
CA LEU T 298 -28.74 -28.06 11.91
C LEU T 298 -30.20 -28.46 12.10
N VAL T 299 -31.08 -27.82 11.36
CA VAL T 299 -32.52 -28.08 11.48
C VAL T 299 -33.14 -28.28 10.11
N GLY T 300 -33.75 -29.45 9.94
CA GLY T 300 -34.54 -29.75 8.74
C GLY T 300 -36.02 -29.54 9.05
N PHE T 301 -36.72 -28.93 8.11
CA PHE T 301 -38.16 -28.69 8.27
C PHE T 301 -38.94 -29.50 7.25
N GLU T 302 -39.84 -30.34 7.77
CA GLU T 302 -40.66 -31.22 6.94
C GLU T 302 -42.10 -30.71 6.85
N ALA T 303 -42.79 -31.11 5.79
CA ALA T 303 -44.15 -30.62 5.51
C ALA T 303 -45.18 -31.29 6.40
N ALA T 304 -45.94 -30.48 7.13
CA ALA T 304 -46.99 -30.98 8.03
C ALA T 304 -48.42 -30.84 7.48
N GLY T 305 -48.54 -30.33 6.26
CA GLY T 305 -49.85 -30.22 5.58
C GLY T 305 -50.92 -29.48 6.38
N ASP T 306 -52.05 -30.15 6.61
CA ASP T 306 -53.14 -29.59 7.44
C ASP T 306 -52.83 -29.65 8.95
N GLY T 307 -51.75 -30.34 9.31
CA GLY T 307 -51.33 -30.49 10.71
C GLY T 307 -51.03 -31.96 10.96
N VAL T 308 -50.09 -32.24 11.87
CA VAL T 308 -49.63 -33.63 12.10
C VAL T 308 -50.71 -34.51 12.73
N GLU T 309 -51.59 -33.90 13.51
CA GLU T 309 -52.76 -34.59 14.10
C GLU T 309 -53.87 -35.01 13.09
N THR T 310 -53.84 -34.48 11.87
CA THR T 310 -54.93 -34.67 10.90
C THR T 310 -54.84 -35.88 9.98
N GLY T 311 -53.68 -36.51 9.90
CA GLY T 311 -53.45 -37.57 8.90
C GLY T 311 -53.37 -37.08 7.46
N ARG T 312 -53.06 -35.78 7.30
CA ARG T 312 -52.87 -35.15 5.99
C ARG T 312 -51.61 -34.29 6.07
N HIS T 313 -50.48 -35.00 6.02
CA HIS T 313 -49.15 -34.42 6.19
C HIS T 313 -48.10 -35.26 5.49
N ALA T 314 -46.88 -34.76 5.49
CA ALA T 314 -45.71 -35.49 5.00
C ALA T 314 -44.57 -35.44 6.05
N ALA T 315 -44.96 -35.38 7.32
CA ALA T 315 -44.05 -35.24 8.47
C ALA T 315 -43.43 -36.56 8.89
N THR T 316 -42.47 -37.01 8.10
CA THR T 316 -41.90 -38.36 8.19
C THR T 316 -41.18 -38.63 9.51
N PHE T 317 -40.32 -37.72 9.93
CA PHE T 317 -39.63 -37.87 11.21
C PHE T 317 -40.54 -37.67 12.42
N THR T 318 -41.49 -36.74 12.32
CA THR T 318 -42.41 -36.46 13.43
C THR T 318 -43.39 -37.62 13.70
N ALA T 319 -43.91 -38.21 12.64
CA ALA T 319 -44.99 -39.22 12.73
C ALA T 319 -44.65 -40.61 12.16
N GLY T 320 -43.56 -40.73 11.42
CA GLY T 320 -43.20 -42.01 10.80
C GLY T 320 -42.35 -42.90 11.68
N SER T 321 -41.87 -43.99 11.09
CA SER T 321 -41.03 -44.96 11.80
C SER T 321 -40.13 -45.72 10.81
N PRO T 322 -39.08 -46.41 11.33
CA PRO T 322 -38.15 -47.13 10.45
C PRO T 322 -38.80 -48.18 9.55
N GLY T 323 -38.32 -48.26 8.32
CA GLY T 323 -38.78 -49.26 7.37
C GLY T 323 -38.02 -49.22 6.04
N ALA T 324 -38.25 -50.24 5.22
CA ALA T 324 -37.67 -50.35 3.88
C ALA T 324 -38.65 -49.85 2.83
N PHE T 325 -38.26 -48.83 2.10
CA PHE T 325 -39.12 -48.20 1.10
C PHE T 325 -38.26 -47.51 0.05
N HIS T 326 -38.66 -47.67 -1.21
CA HIS T 326 -37.96 -47.10 -2.34
C HIS T 326 -36.45 -47.34 -2.29
N GLY T 327 -36.07 -48.56 -1.99
CA GLY T 327 -34.66 -48.97 -2.07
C GLY T 327 -33.79 -48.81 -0.83
N SER T 328 -34.30 -48.15 0.22
CA SER T 328 -33.49 -47.89 1.42
C SER T 328 -34.23 -48.24 2.70
N PHE T 329 -33.44 -48.49 3.75
CA PHE T 329 -33.94 -48.57 5.12
C PHE T 329 -33.79 -47.17 5.71
N SER T 330 -34.91 -46.53 5.95
CA SER T 330 -34.94 -45.16 6.47
C SER T 330 -36.25 -44.96 7.23
N TYR T 331 -36.66 -43.72 7.47
CA TYR T 331 -37.99 -43.47 8.04
C TYR T 331 -39.03 -43.36 6.94
N LEU T 332 -40.23 -43.84 7.22
CA LEU T 332 -41.40 -43.55 6.40
C LEU T 332 -42.70 -43.55 7.18
N LEU T 333 -43.68 -42.86 6.62
CA LEU T 333 -45.05 -42.89 7.12
C LEU T 333 -45.67 -44.23 6.70
N GLN T 334 -46.03 -45.02 7.69
CA GLN T 334 -46.57 -46.37 7.46
C GLN T 334 -47.54 -46.75 8.57
N ASP T 335 -48.47 -47.64 8.22
CA ASP T 335 -49.48 -48.12 9.17
C ASP T 335 -48.95 -49.34 9.95
N GLU T 336 -49.80 -49.93 10.78
CA GLU T 336 -49.40 -51.02 11.68
C GLU T 336 -48.83 -52.28 10.96
N ASP T 337 -49.26 -52.52 9.72
CA ASP T 337 -48.78 -53.66 8.92
C ASP T 337 -47.58 -53.33 8.02
N GLY T 338 -47.23 -52.05 7.95
CA GLY T 338 -46.13 -51.61 7.09
C GLY T 338 -46.52 -51.18 5.69
N GLN T 339 -47.80 -50.89 5.50
CA GLN T 339 -48.27 -50.31 4.24
C GLN T 339 -47.94 -48.83 4.26
N THR T 340 -47.36 -48.32 3.16
CA THR T 340 -47.06 -46.90 3.02
C THR T 340 -48.32 -46.05 3.15
N ILE T 341 -48.26 -45.02 3.99
CA ILE T 341 -49.37 -44.08 4.13
C ILE T 341 -49.14 -42.97 3.14
N GLU T 342 -50.18 -42.61 2.41
CA GLU T 342 -50.10 -41.52 1.44
C GLU T 342 -49.92 -40.18 2.16
N SER T 343 -48.94 -39.41 1.66
CA SER T 343 -48.64 -38.08 2.17
C SER T 343 -49.53 -37.03 1.52
N HIS T 344 -49.64 -35.90 2.19
CA HIS T 344 -50.34 -34.72 1.66
C HIS T 344 -49.62 -33.43 2.08
N SER T 345 -49.48 -32.53 1.11
CA SER T 345 -48.93 -31.19 1.35
C SER T 345 -49.40 -30.27 0.24
N ILE T 346 -49.49 -28.98 0.53
CA ILE T 346 -49.71 -27.97 -0.51
C ILE T 346 -48.49 -27.90 -1.46
N SER T 347 -47.34 -28.27 -0.92
CA SER T 347 -46.09 -28.31 -1.67
C SER T 347 -45.91 -29.66 -2.33
N ALA T 348 -45.85 -29.67 -3.67
CA ALA T 348 -45.65 -30.92 -4.42
C ALA T 348 -44.28 -31.55 -4.18
N GLY T 349 -43.29 -30.70 -3.95
CA GLY T 349 -41.93 -31.15 -3.67
C GLY T 349 -41.66 -31.84 -2.34
N LEU T 350 -42.43 -31.46 -1.32
CA LEU T 350 -42.33 -32.09 0.02
C LEU T 350 -43.38 -33.19 0.28
N ASP T 351 -44.25 -33.41 -0.69
CA ASP T 351 -45.36 -34.36 -0.59
C ASP T 351 -44.84 -35.76 -0.88
N TYR T 352 -44.10 -36.29 0.10
CA TYR T 352 -43.44 -37.58 -0.04
C TYR T 352 -43.37 -38.20 1.34
N PRO T 353 -43.89 -39.44 1.51
CA PRO T 353 -43.93 -40.04 2.86
C PRO T 353 -42.60 -40.63 3.37
N GLY T 354 -41.58 -40.66 2.50
CA GLY T 354 -40.26 -41.14 2.89
C GLY T 354 -39.27 -40.04 3.17
N VAL T 355 -38.06 -40.46 3.50
CA VAL T 355 -36.92 -39.56 3.64
C VAL T 355 -35.63 -40.36 3.45
N GLY T 356 -34.59 -39.68 2.99
CA GLY T 356 -33.29 -40.29 2.73
C GLY T 356 -32.59 -40.85 3.96
N PRO T 357 -31.84 -41.95 3.79
CA PRO T 357 -31.22 -42.67 4.91
C PRO T 357 -30.12 -41.92 5.65
N GLU T 358 -29.39 -41.02 4.99
CA GLU T 358 -28.37 -40.22 5.67
C GLU T 358 -29.01 -39.31 6.74
N HIS T 359 -30.20 -38.80 6.44
CA HIS T 359 -31.00 -38.02 7.40
C HIS T 359 -31.45 -38.86 8.59
N ALA T 360 -31.90 -40.07 8.32
CA ALA T 360 -32.25 -40.99 9.41
C ALA T 360 -31.06 -41.18 10.35
N TRP T 361 -29.89 -41.36 9.77
CA TRP T 361 -28.65 -41.56 10.53
C TRP T 361 -28.33 -40.32 11.35
N LEU T 362 -28.46 -39.15 10.74
CA LEU T 362 -28.14 -37.89 11.42
C LEU T 362 -29.14 -37.57 12.53
N LYS T 363 -30.40 -37.96 12.32
CA LYS T 363 -31.42 -37.86 13.37
C LYS T 363 -31.11 -38.78 14.54
N GLU T 364 -30.75 -40.02 14.24
CA GLU T 364 -30.38 -40.99 15.27
C GLU T 364 -29.19 -40.52 16.11
N ALA T 365 -28.18 -39.98 15.43
CA ALA T 365 -26.95 -39.48 16.08
C ALA T 365 -27.16 -38.20 16.93
N GLY T 366 -28.26 -37.49 16.71
CA GLY T 366 -28.54 -36.23 17.41
C GLY T 366 -27.87 -35.02 16.79
N ARG T 367 -27.38 -35.14 15.56
CA ARG T 367 -26.64 -34.08 14.88
C ARG T 367 -27.61 -33.09 14.21
N VAL T 368 -28.68 -33.61 13.64
CA VAL T 368 -29.73 -32.78 13.05
C VAL T 368 -31.04 -32.98 13.80
N ASP T 369 -31.78 -31.88 13.99
CA ASP T 369 -33.16 -31.93 14.51
C ASP T 369 -34.12 -31.67 13.35
N TYR T 370 -35.23 -32.42 13.32
CA TYR T 370 -36.22 -32.32 12.24
C TYR T 370 -37.56 -31.89 12.83
N ARG T 371 -38.16 -30.85 12.27
CA ARG T 371 -39.35 -30.23 12.86
C ARG T 371 -40.43 -30.04 11.79
N PRO T 372 -41.72 -30.10 12.19
CA PRO T 372 -42.82 -29.91 11.26
C PRO T 372 -43.21 -28.45 11.01
N ILE T 373 -43.57 -28.17 9.76
CA ILE T 373 -44.10 -26.87 9.35
C ILE T 373 -45.35 -27.09 8.50
N THR T 374 -46.45 -26.43 8.89
CA THR T 374 -47.76 -26.63 8.24
C THR T 374 -47.88 -25.81 6.96
N ASP T 375 -48.87 -26.18 6.15
CA ASP T 375 -49.25 -25.41 4.95
C ASP T 375 -49.43 -23.92 5.27
N SER T 376 -50.14 -23.61 6.34
CA SER T 376 -50.44 -22.22 6.71
C SER T 376 -49.20 -21.43 7.10
N GLU T 377 -48.38 -22.03 7.93
CA GLU T 377 -47.08 -21.44 8.32
C GLU T 377 -46.22 -21.16 7.08
N ALA T 378 -46.13 -22.14 6.19
CA ALA T 378 -45.34 -22.00 4.97
C ALA T 378 -45.85 -20.88 4.08
N MET T 379 -47.17 -20.79 3.89
CA MET T 379 -47.74 -19.73 3.06
C MET T 379 -47.61 -18.34 3.70
N ASP T 380 -47.74 -18.24 5.01
CA ASP T 380 -47.48 -16.96 5.70
C ASP T 380 -46.07 -16.46 5.39
N ALA T 381 -45.10 -17.36 5.47
CA ALA T 381 -43.69 -17.07 5.16
C ALA T 381 -43.47 -16.74 3.69
N PHE T 382 -44.15 -17.46 2.80
CA PHE T 382 -44.15 -17.17 1.36
C PHE T 382 -44.50 -15.71 1.10
N GLY T 383 -45.64 -15.31 1.64
CA GLY T 383 -46.13 -13.95 1.50
C GLY T 383 -45.17 -12.94 2.09
N LEU T 384 -44.59 -13.28 3.23
CA LEU T 384 -43.72 -12.36 3.95
C LEU T 384 -42.45 -12.10 3.17
N LEU T 385 -41.90 -13.16 2.59
CA LEU T 385 -40.67 -13.04 1.78
C LEU T 385 -40.91 -12.21 0.52
N CYS T 386 -42.08 -12.39 -0.10
CA CYS T 386 -42.52 -11.56 -1.23
C CYS T 386 -42.53 -10.07 -0.89
N ARG T 387 -43.16 -9.75 0.25
CA ARG T 387 -43.38 -8.35 0.65
C ARG T 387 -42.17 -7.64 1.23
N MET T 388 -41.32 -8.38 1.92
CA MET T 388 -40.18 -7.82 2.64
C MET T 388 -38.91 -7.78 1.80
N GLU T 389 -38.62 -8.87 1.09
CA GLU T 389 -37.36 -8.98 0.33
C GLU T 389 -37.52 -9.00 -1.18
N GLY T 390 -38.75 -8.97 -1.68
CA GLY T 390 -38.99 -9.04 -3.12
C GLY T 390 -38.56 -10.36 -3.75
N ILE T 391 -38.62 -11.43 -2.98
CA ILE T 391 -38.24 -12.75 -3.48
C ILE T 391 -39.46 -13.67 -3.40
N ILE T 392 -39.82 -14.25 -4.53
CA ILE T 392 -40.92 -15.20 -4.61
C ILE T 392 -40.33 -16.60 -4.50
N PRO T 393 -40.47 -17.23 -3.33
CA PRO T 393 -39.83 -18.51 -3.16
C PRO T 393 -40.68 -19.64 -3.70
N ALA T 394 -40.07 -20.81 -3.86
CA ALA T 394 -40.82 -22.04 -3.99
C ALA T 394 -41.58 -22.29 -2.68
N ILE T 395 -42.76 -22.89 -2.79
CA ILE T 395 -43.53 -23.25 -1.60
C ILE T 395 -42.74 -24.25 -0.75
N GLU T 396 -41.92 -25.05 -1.41
CA GLU T 396 -41.00 -25.95 -0.71
C GLU T 396 -40.10 -25.12 0.21
N SER T 397 -39.39 -24.19 -0.38
CA SER T 397 -38.44 -23.32 0.34
C SER T 397 -39.11 -22.47 1.40
N ALA T 398 -40.35 -22.07 1.15
CA ALA T 398 -41.13 -21.28 2.13
C ALA T 398 -41.27 -21.98 3.49
N HIS T 399 -41.27 -23.31 3.50
CA HIS T 399 -41.27 -24.10 4.74
C HIS T 399 -40.01 -23.86 5.57
N ALA T 400 -38.88 -23.78 4.87
CA ALA T 400 -37.59 -23.49 5.53
C ALA T 400 -37.56 -22.06 6.09
N VAL T 401 -38.09 -21.11 5.32
CA VAL T 401 -38.14 -19.73 5.77
C VAL T 401 -39.03 -19.62 7.02
N ALA T 402 -40.17 -20.30 6.98
CA ALA T 402 -41.12 -20.30 8.11
C ALA T 402 -40.47 -20.85 9.38
N GLY T 403 -39.74 -21.95 9.21
CA GLY T 403 -38.99 -22.57 10.31
C GLY T 403 -37.90 -21.68 10.86
N ALA T 404 -37.20 -21.00 9.95
CA ALA T 404 -36.16 -20.02 10.30
C ALA T 404 -36.69 -18.86 11.15
N LEU T 405 -37.87 -18.38 10.81
CA LEU T 405 -38.52 -17.32 11.58
C LEU T 405 -38.76 -17.75 13.03
N LYS T 406 -39.24 -18.98 13.21
CA LYS T 406 -39.48 -19.53 14.55
C LYS T 406 -38.18 -19.78 15.30
N LEU T 407 -37.17 -20.26 14.59
CA LEU T 407 -35.85 -20.51 15.18
C LEU T 407 -35.18 -19.19 15.59
N GLY T 408 -35.41 -18.15 14.80
CA GLY T 408 -34.94 -16.81 15.15
C GLY T 408 -35.49 -16.31 16.48
N VAL T 409 -36.77 -16.55 16.73
CA VAL T 409 -37.40 -16.19 17.99
C VAL T 409 -36.81 -16.97 19.17
N GLU T 410 -36.47 -18.23 18.95
CA GLU T 410 -35.80 -19.05 19.97
C GLU T 410 -34.38 -18.58 20.29
N LEU T 411 -33.58 -18.37 19.25
CA LEU T 411 -32.16 -18.04 19.39
C LEU T 411 -31.92 -16.57 19.77
N GLY T 412 -32.79 -15.69 19.28
CA GLY T 412 -32.78 -14.28 19.69
C GLY T 412 -31.90 -13.35 18.86
N ARG T 413 -31.75 -12.15 19.41
CA ARG T 413 -31.12 -11.05 18.69
C ARG T 413 -29.67 -11.34 18.30
N GLY T 414 -29.36 -11.05 17.04
CA GLY T 414 -27.99 -11.22 16.52
C GLY T 414 -27.57 -12.64 16.14
N ALA T 415 -28.45 -13.62 16.36
CA ALA T 415 -28.16 -15.00 15.97
C ALA T 415 -28.13 -15.07 14.45
N VAL T 416 -27.17 -15.82 13.92
CA VAL T 416 -26.95 -15.92 12.48
C VAL T 416 -27.51 -17.26 12.01
N ILE T 417 -28.52 -17.18 11.15
CA ILE T 417 -29.21 -18.35 10.62
C ILE T 417 -29.09 -18.37 9.09
N VAL T 418 -28.45 -19.41 8.55
CA VAL T 418 -28.39 -19.61 7.11
C VAL T 418 -29.55 -20.52 6.71
N VAL T 419 -30.36 -20.05 5.76
CA VAL T 419 -31.51 -20.76 5.22
C VAL T 419 -31.24 -21.10 3.77
N ASN T 420 -31.35 -22.37 3.41
CA ASN T 420 -31.27 -22.77 2.01
C ASN T 420 -32.56 -22.40 1.29
N LEU T 421 -32.48 -21.42 0.40
CA LEU T 421 -33.62 -21.02 -0.41
C LEU T 421 -33.59 -21.84 -1.70
N SER T 422 -34.20 -23.02 -1.63
CA SER T 422 -33.95 -24.11 -2.58
C SER T 422 -34.43 -23.83 -4.00
N GLY T 423 -35.51 -23.07 -4.11
CA GLY T 423 -36.06 -22.72 -5.42
C GLY T 423 -36.91 -21.47 -5.44
N ARG T 424 -37.21 -21.03 -6.66
CA ARG T 424 -38.09 -19.88 -6.92
C ARG T 424 -39.52 -20.33 -7.19
N GLY T 425 -40.44 -19.38 -7.12
CA GLY T 425 -41.88 -19.65 -7.07
C GLY T 425 -42.72 -19.51 -8.32
N ASP T 426 -42.08 -19.28 -9.46
CA ASP T 426 -42.76 -19.25 -10.77
C ASP T 426 -43.89 -20.29 -10.91
N LYS T 427 -43.53 -21.54 -10.60
CA LYS T 427 -44.43 -22.70 -10.69
C LYS T 427 -45.62 -22.66 -9.71
N ASP T 428 -45.45 -21.91 -8.62
CA ASP T 428 -46.43 -21.79 -7.54
C ASP T 428 -47.23 -20.48 -7.50
N VAL T 429 -47.00 -19.60 -8.48
CA VAL T 429 -47.65 -18.28 -8.50
C VAL T 429 -49.19 -18.37 -8.51
N GLU T 430 -49.73 -19.28 -9.32
CA GLU T 430 -51.19 -19.50 -9.37
C GLU T 430 -51.75 -19.95 -8.03
N THR T 431 -51.13 -20.97 -7.45
CA THR T 431 -51.51 -21.48 -6.12
C THR T 431 -51.50 -20.37 -5.07
N ALA T 432 -50.41 -19.62 -5.04
CA ALA T 432 -50.22 -18.55 -4.05
C ALA T 432 -51.16 -17.36 -4.28
N ALA T 433 -51.35 -16.97 -5.53
CA ALA T 433 -52.32 -15.91 -5.86
C ALA T 433 -53.74 -16.29 -5.43
N LYS T 434 -54.09 -17.56 -5.63
CA LYS T 434 -55.37 -18.12 -5.18
C LYS T 434 -55.45 -18.12 -3.65
N TRP T 435 -54.40 -18.59 -2.98
CA TRP T 435 -54.31 -18.55 -1.52
C TRP T 435 -54.55 -17.16 -0.92
N PHE T 436 -53.92 -16.14 -1.50
CA PHE T 436 -54.02 -14.74 -1.02
C PHE T 436 -55.14 -13.89 -1.66
N GLY T 437 -55.99 -14.52 -2.47
CA GLY T 437 -57.16 -13.86 -3.05
C GLY T 437 -56.83 -12.80 -4.07
N LEU T 438 -55.84 -13.08 -4.90
CA LEU T 438 -55.32 -12.12 -5.88
C LEU T 438 -55.69 -12.48 -7.31
N LEU T 439 -57.01 -12.52 -7.55
CA LEU T 439 -57.62 -12.65 -8.91
C LEU T 439 -58.97 -11.96 -9.10
N GLU U 28 50.88 24.31 38.55
CA GLU U 28 50.49 23.76 37.29
C GLU U 28 49.30 22.82 37.45
N ALA U 29 49.15 21.91 36.52
CA ALA U 29 48.01 21.03 36.50
C ALA U 29 48.26 19.73 37.27
N SER U 30 47.18 19.07 37.67
CA SER U 30 47.25 17.78 38.37
C SER U 30 47.69 16.68 37.40
N ARG U 31 48.30 15.64 37.95
CA ARG U 31 48.78 14.49 37.17
C ARG U 31 47.65 13.76 36.43
N LEU U 32 46.49 13.64 37.10
CA LEU U 32 45.29 12.97 36.53
C LEU U 32 44.39 13.88 35.69
N GLY U 33 44.70 15.18 35.67
CA GLY U 33 43.96 16.17 34.85
C GLY U 33 43.73 15.79 33.39
N PRO U 34 44.79 15.43 32.65
CA PRO U 34 44.64 15.00 31.25
C PRO U 34 43.70 13.81 31.01
N VAL U 35 43.63 12.87 31.96
CA VAL U 35 42.73 11.71 31.83
C VAL U 35 41.27 12.14 31.86
N PHE U 36 40.93 12.98 32.84
CA PHE U 36 39.56 13.49 32.99
C PHE U 36 39.15 14.44 31.87
N ASP U 37 40.08 15.27 31.42
CA ASP U 37 39.84 16.14 30.25
C ASP U 37 39.56 15.31 29.00
N SER U 38 40.36 14.27 28.81
CA SER U 38 40.20 13.33 27.69
C SER U 38 38.87 12.57 27.74
N CYS U 39 38.48 12.13 28.92
CA CYS U 39 37.17 11.48 29.13
C CYS U 39 36.02 12.44 28.87
N ARG U 40 36.12 13.64 29.45
CA ARG U 40 35.10 14.68 29.30
C ARG U 40 34.94 15.15 27.83
N ALA U 41 36.01 15.05 27.04
CA ALA U 41 35.97 15.33 25.59
C ALA U 41 35.27 14.23 24.78
N ASN U 42 35.37 12.99 25.25
CA ASN U 42 34.66 11.84 24.66
C ASN U 42 33.31 11.51 25.35
N ASN U 43 32.76 12.47 26.07
CA ASN U 43 31.43 12.39 26.67
C ASN U 43 31.21 11.15 27.56
N ARG U 44 32.20 10.89 28.41
CA ARG U 44 32.17 9.75 29.31
C ARG U 44 32.85 10.04 30.64
N ALA U 45 32.65 9.13 31.57
CA ALA U 45 33.36 9.15 32.85
C ALA U 45 34.58 8.26 32.76
N ALA U 46 35.55 8.53 33.62
CA ALA U 46 36.70 7.65 33.77
C ALA U 46 36.29 6.41 34.56
N LEU U 47 36.73 5.24 34.11
CA LEU U 47 36.57 4.00 34.89
C LEU U 47 37.79 3.84 35.79
N ILE U 48 37.54 3.82 37.10
CA ILE U 48 38.59 3.73 38.11
C ILE U 48 38.48 2.36 38.80
N GLY U 49 39.47 1.50 38.57
CA GLY U 49 39.44 0.10 39.02
C GLY U 49 40.38 -0.19 40.18
N TYR U 50 39.85 -0.77 41.25
CA TYR U 50 40.64 -1.16 42.42
C TYR U 50 40.93 -2.66 42.45
N LEU U 51 42.20 -3.00 42.65
CA LEU U 51 42.60 -4.35 43.06
C LEU U 51 43.66 -4.28 44.15
N PRO U 52 43.63 -5.23 45.11
CA PRO U 52 44.65 -5.26 46.14
C PRO U 52 45.85 -6.07 45.69
N THR U 53 47.04 -5.52 45.91
CA THR U 53 48.30 -6.22 45.63
C THR U 53 48.34 -7.53 46.42
N GLY U 54 48.84 -8.58 45.78
CA GLY U 54 49.04 -9.89 46.44
C GLY U 54 47.86 -10.85 46.52
N TYR U 55 46.71 -10.47 45.98
CA TYR U 55 45.55 -11.37 45.92
C TYR U 55 45.32 -11.85 44.47
N PRO U 56 45.23 -13.18 44.25
CA PRO U 56 45.41 -14.26 45.23
C PRO U 56 46.87 -14.56 45.61
N ASP U 57 47.81 -14.18 44.76
CA ASP U 57 49.24 -14.08 45.11
C ASP U 57 49.83 -12.87 44.36
N VAL U 58 51.11 -12.58 44.55
CA VAL U 58 51.72 -11.37 43.97
C VAL U 58 51.75 -11.40 42.43
N PRO U 59 52.27 -12.49 41.81
CA PRO U 59 52.24 -12.55 40.33
C PRO U 59 50.84 -12.51 39.71
N ALA U 60 49.88 -13.22 40.30
CA ALA U 60 48.51 -13.25 39.76
C ALA U 60 47.83 -11.87 39.83
N SER U 61 48.09 -11.14 40.91
CA SER U 61 47.55 -9.78 41.10
C SER U 61 48.09 -8.76 40.09
N VAL U 62 49.38 -8.90 39.76
CA VAL U 62 50.03 -8.07 38.74
C VAL U 62 49.45 -8.38 37.34
N ALA U 63 49.26 -9.66 37.05
CA ALA U 63 48.59 -10.11 35.81
C ALA U 63 47.15 -9.58 35.73
N ALA U 64 46.46 -9.56 36.87
CA ALA U 64 45.09 -9.03 36.96
C ALA U 64 45.05 -7.52 36.70
N MET U 65 45.97 -6.79 37.30
CA MET U 65 46.05 -5.33 37.11
C MET U 65 46.43 -4.93 35.69
N THR U 66 47.31 -5.72 35.06
CA THR U 66 47.62 -5.56 33.64
C THR U 66 46.38 -5.80 32.78
N ALA U 67 45.60 -6.83 33.12
CA ALA U 67 44.34 -7.12 32.43
C ALA U 67 43.35 -5.94 32.47
N LEU U 68 43.30 -5.24 33.59
CA LEU U 68 42.45 -4.04 33.75
C LEU U 68 42.86 -2.94 32.77
N VAL U 69 44.16 -2.72 32.62
CA VAL U 69 44.69 -1.74 31.65
C VAL U 69 44.25 -2.12 30.24
N GLU U 70 44.45 -3.39 29.90
CA GLU U 70 44.08 -3.94 28.58
C GLU U 70 42.57 -3.92 28.30
N SER U 71 41.77 -4.08 29.36
CA SER U 71 40.30 -4.12 29.25
C SER U 71 39.59 -2.75 29.34
N GLY U 72 40.36 -1.67 29.49
CA GLY U 72 39.84 -0.30 29.40
C GLY U 72 39.62 0.46 30.70
N CYS U 73 40.43 0.17 31.72
CA CYS U 73 40.47 0.98 32.94
C CYS U 73 41.32 2.21 32.66
N ASP U 74 40.76 3.38 32.93
CA ASP U 74 41.47 4.64 32.72
C ASP U 74 42.48 4.88 33.84
N ILE U 75 42.08 4.56 35.07
CA ILE U 75 42.94 4.66 36.25
C ILE U 75 42.83 3.38 37.09
N ILE U 76 43.95 2.91 37.63
CA ILE U 76 44.00 1.75 38.54
C ILE U 76 44.33 2.22 39.96
N GLU U 77 43.50 1.83 40.92
CA GLU U 77 43.82 1.99 42.35
C GLU U 77 44.52 0.71 42.81
N VAL U 78 45.81 0.83 43.10
CA VAL U 78 46.58 -0.28 43.63
C VAL U 78 46.43 -0.25 45.16
N GLY U 79 45.70 -1.22 45.69
CA GLY U 79 45.48 -1.34 47.13
C GLY U 79 46.67 -1.92 47.86
N VAL U 80 47.03 -1.31 48.99
CA VAL U 80 48.07 -1.82 49.89
C VAL U 80 47.36 -2.57 51.02
N PRO U 81 47.49 -3.92 51.06
CA PRO U 81 46.85 -4.67 52.14
C PRO U 81 47.34 -4.22 53.53
N TYR U 82 46.37 -3.97 54.40
CA TYR U 82 46.62 -3.53 55.77
C TYR U 82 45.97 -4.51 56.76
N SER U 83 46.66 -4.73 57.88
CA SER U 83 46.23 -5.69 58.91
C SER U 83 44.87 -5.36 59.56
N ASP U 84 44.54 -4.07 59.65
CA ASP U 84 43.31 -3.61 60.33
C ASP U 84 42.56 -2.58 59.50
N PRO U 85 42.01 -3.01 58.34
CA PRO U 85 41.42 -2.09 57.38
C PRO U 85 39.97 -1.75 57.71
N GLY U 86 39.80 -0.67 58.46
CA GLY U 86 38.48 -0.32 59.01
C GLY U 86 37.41 0.06 58.00
N MET U 87 37.84 0.63 56.88
CA MET U 87 36.92 1.12 55.84
C MET U 87 36.64 0.12 54.69
N ASP U 88 37.38 -0.99 54.64
CA ASP U 88 37.18 -2.01 53.60
C ASP U 88 35.98 -2.91 53.91
N GLY U 89 35.16 -3.19 52.90
CA GLY U 89 34.04 -4.13 53.05
C GLY U 89 34.51 -5.59 53.12
N PRO U 90 33.59 -6.53 53.36
CA PRO U 90 33.96 -7.96 53.54
C PRO U 90 34.74 -8.58 52.38
N THR U 91 34.30 -8.34 51.15
CA THR U 91 34.98 -8.89 49.97
C THR U 91 36.44 -8.43 49.89
N ILE U 92 36.66 -7.14 50.09
CA ILE U 92 38.03 -6.58 50.05
C ILE U 92 38.84 -7.01 51.28
N ALA U 93 38.18 -7.07 52.44
CA ALA U 93 38.84 -7.46 53.71
C ALA U 93 39.37 -8.89 53.68
N ARG U 94 38.55 -9.83 53.20
CA ARG U 94 38.98 -11.25 53.07
C ARG U 94 40.14 -11.40 52.09
N ALA U 95 40.10 -10.62 51.01
CA ALA U 95 41.14 -10.63 49.98
C ALA U 95 42.48 -10.06 50.48
N THR U 96 42.41 -8.97 51.24
CA THR U 96 43.62 -8.37 51.84
C THR U 96 44.21 -9.27 52.94
N GLU U 97 43.36 -9.93 53.73
CA GLU U 97 43.80 -10.98 54.67
C GLU U 97 44.56 -12.11 53.97
N ALA U 98 44.02 -12.57 52.84
CA ALA U 98 44.64 -13.65 52.06
C ALA U 98 45.98 -13.22 51.48
N ALA U 99 46.06 -11.97 51.01
CA ALA U 99 47.32 -11.40 50.52
C ALA U 99 48.40 -11.35 51.60
N LEU U 100 48.00 -10.95 52.81
CA LEU U 100 48.93 -10.88 53.94
C LEU U 100 49.41 -12.25 54.42
N ARG U 101 48.52 -13.24 54.40
CA ARG U 101 48.91 -14.65 54.63
C ARG U 101 49.92 -15.14 53.58
N GLY U 102 49.73 -14.72 52.34
CA GLY U 102 50.69 -14.99 51.26
C GLY U 102 52.05 -14.32 51.38
N GLY U 103 52.18 -13.35 52.28
CA GLY U 103 53.45 -12.67 52.56
C GLY U 103 53.69 -11.38 51.79
N VAL U 104 52.61 -10.73 51.35
CA VAL U 104 52.68 -9.50 50.55
C VAL U 104 53.37 -8.37 51.33
N ARG U 105 54.17 -7.58 50.60
CA ARG U 105 54.95 -6.50 51.18
C ARG U 105 54.55 -5.18 50.53
N VAL U 106 54.90 -4.06 51.18
CA VAL U 106 54.60 -2.73 50.64
C VAL U 106 55.33 -2.47 49.33
N ARG U 107 56.58 -2.94 49.23
CA ARG U 107 57.31 -2.75 47.95
C ARG U 107 56.74 -3.57 46.79
N ASP U 108 55.95 -4.62 47.07
CA ASP U 108 55.20 -5.31 46.01
C ASP U 108 54.18 -4.38 45.35
N THR U 109 53.59 -3.46 46.12
CA THR U 109 52.72 -2.41 45.57
C THR U 109 53.45 -1.47 44.61
N LEU U 110 54.69 -1.10 44.96
CA LEU U 110 55.52 -0.28 44.08
C LEU U 110 55.87 -1.03 42.79
N ALA U 111 56.17 -2.33 42.90
CA ALA U 111 56.40 -3.18 41.72
C ALA U 111 55.14 -3.27 40.84
N ALA U 112 53.96 -3.38 41.47
CA ALA U 112 52.69 -3.39 40.74
C ALA U 112 52.47 -2.11 39.94
N VAL U 113 52.79 -0.98 40.57
CA VAL U 113 52.68 0.34 39.90
C VAL U 113 53.63 0.42 38.70
N GLU U 114 54.83 -0.10 38.85
CA GLU U 114 55.80 -0.16 37.74
C GLU U 114 55.25 -0.96 36.56
N ALA U 115 54.78 -2.17 36.85
CA ALA U 115 54.17 -3.05 35.84
C ALA U 115 52.98 -2.39 35.12
N ILE U 116 52.14 -1.71 35.90
CA ILE U 116 51.02 -0.93 35.34
C ILE U 116 51.50 0.19 34.41
N SER U 117 52.53 0.93 34.85
CA SER U 117 53.11 2.03 34.05
C SER U 117 53.75 1.53 32.74
N ILE U 118 54.46 0.41 32.83
CA ILE U 118 55.08 -0.24 31.65
C ILE U 118 54.02 -0.71 30.63
N ALA U 119 52.90 -1.19 31.12
CA ALA U 119 51.77 -1.65 30.27
C ALA U 119 50.94 -0.53 29.62
N GLY U 120 51.30 0.73 29.88
CA GLY U 120 50.59 1.89 29.31
C GLY U 120 49.46 2.41 30.20
N GLY U 121 49.38 1.90 31.42
CA GLY U 121 48.33 2.28 32.35
C GLY U 121 48.72 3.43 33.26
N ARG U 122 47.76 3.83 34.08
CA ARG U 122 47.91 4.93 35.02
C ARG U 122 47.49 4.48 36.41
N ALA U 123 48.44 4.51 37.34
CA ALA U 123 48.23 3.97 38.68
C ALA U 123 48.25 5.05 39.76
N VAL U 124 47.30 4.93 40.70
CA VAL U 124 47.38 5.59 42.01
C VAL U 124 47.39 4.49 43.06
N VAL U 125 47.91 4.80 44.23
CA VAL U 125 47.93 3.85 45.35
C VAL U 125 46.87 4.24 46.38
N MET U 126 46.12 3.26 46.85
CA MET U 126 45.20 3.43 47.99
C MET U 126 45.77 2.69 49.18
N THR U 127 46.00 3.43 50.26
CA THR U 127 46.62 2.88 51.45
C THR U 127 46.12 3.57 52.72
N TYR U 128 46.07 2.79 53.78
CA TYR U 128 45.93 3.32 55.13
C TYR U 128 47.26 3.98 55.48
N TRP U 129 47.25 4.89 56.44
CA TRP U 129 48.39 5.80 56.62
C TRP U 129 49.64 5.18 57.26
N ASN U 130 49.46 4.24 58.18
CA ASN U 130 50.61 3.73 58.94
C ASN U 130 51.70 3.05 58.10
N PRO U 131 51.33 2.24 57.09
CA PRO U 131 52.37 1.74 56.18
C PRO U 131 53.19 2.84 55.53
N VAL U 132 52.57 3.98 55.24
CA VAL U 132 53.28 5.15 54.68
C VAL U 132 54.23 5.77 55.72
N LEU U 133 53.75 5.97 56.95
CA LEU U 133 54.59 6.46 58.06
C LEU U 133 55.82 5.58 58.31
N ARG U 134 55.60 4.27 58.30
CA ARG U 134 56.65 3.28 58.58
C ARG U 134 57.73 3.29 57.51
N TYR U 135 57.29 3.35 56.25
CA TYR U 135 58.18 3.49 55.09
C TYR U 135 58.92 4.84 55.13
N GLY U 136 58.24 5.87 55.58
CA GLY U 136 58.73 7.25 55.52
C GLY U 136 57.92 7.97 54.46
N VAL U 137 57.28 9.07 54.84
CA VAL U 137 56.32 9.76 53.95
C VAL U 137 57.01 10.32 52.71
N ASP U 138 58.11 11.04 52.93
CA ASP U 138 58.90 11.60 51.81
C ASP U 138 59.45 10.49 50.91
N ALA U 139 60.01 9.46 51.53
CA ALA U 139 60.60 8.33 50.79
C ALA U 139 59.56 7.56 49.97
N PHE U 140 58.39 7.33 50.56
CA PHE U 140 57.32 6.62 49.83
C PHE U 140 56.82 7.45 48.64
N ALA U 141 56.67 8.75 48.83
CA ALA U 141 56.28 9.68 47.76
C ALA U 141 57.30 9.68 46.64
N ARG U 142 58.58 9.73 47.01
CA ARG U 142 59.71 9.67 46.06
C ARG U 142 59.66 8.39 45.23
N ASP U 143 59.55 7.25 45.90
CA ASP U 143 59.59 5.94 45.24
C ASP U 143 58.32 5.66 44.42
N LEU U 144 57.17 6.14 44.90
CA LEU U 144 55.92 6.02 44.15
C LEU U 144 55.99 6.80 42.85
N ALA U 145 56.49 8.03 42.92
CA ALA U 145 56.70 8.87 41.75
C ALA U 145 57.70 8.25 40.78
N ALA U 146 58.76 7.64 41.32
CA ALA U 146 59.80 6.97 40.49
C ALA U 146 59.24 5.80 39.70
N ALA U 147 58.35 5.03 40.33
CA ALA U 147 57.63 3.93 39.67
C ALA U 147 56.59 4.35 38.61
N GLY U 148 56.35 5.65 38.49
CA GLY U 148 55.33 6.18 37.56
C GLY U 148 53.97 6.38 38.20
N GLY U 149 53.90 6.25 39.52
CA GLY U 149 52.66 6.47 40.25
C GLY U 149 52.24 7.92 40.17
N LEU U 150 50.92 8.14 40.10
CA LEU U 150 50.36 9.47 39.85
C LEU U 150 49.76 10.14 41.09
N GLY U 151 49.55 9.38 42.14
CA GLY U 151 48.92 9.92 43.33
C GLY U 151 48.58 8.88 44.38
N LEU U 152 47.92 9.36 45.42
CA LEU U 152 47.69 8.60 46.63
C LEU U 152 46.28 8.86 47.16
N ILE U 153 45.55 7.77 47.42
CA ILE U 153 44.20 7.84 48.01
C ILE U 153 44.34 7.45 49.46
N THR U 154 43.86 8.30 50.37
CA THR U 154 44.13 8.18 51.81
C THR U 154 42.86 8.13 52.66
N PRO U 155 42.26 6.94 52.81
CA PRO U 155 40.97 6.84 53.51
C PRO U 155 40.97 7.15 55.01
N ASP U 156 42.10 6.95 55.69
CA ASP U 156 42.20 7.32 57.13
C ASP U 156 43.13 8.52 57.41
N LEU U 157 43.47 9.27 56.37
CA LEU U 157 44.20 10.55 56.54
C LEU U 157 43.31 11.69 56.08
N ILE U 158 42.97 12.55 57.05
CA ILE U 158 42.20 13.78 56.78
C ILE U 158 43.21 14.92 56.60
N PRO U 159 42.82 16.02 55.93
CA PRO U 159 43.75 17.13 55.71
C PRO U 159 44.33 17.72 56.99
N ASP U 160 43.54 17.71 58.06
CA ASP U 160 43.97 18.12 59.43
C ASP U 160 45.33 17.53 59.88
N GLU U 161 45.61 16.29 59.49
CA GLU U 161 46.85 15.57 59.85
C GLU U 161 47.84 15.41 58.68
N ALA U 162 47.58 16.08 57.57
CA ALA U 162 48.27 15.81 56.29
C ALA U 162 49.44 16.78 55.94
N GLN U 163 50.04 17.41 56.95
CA GLN U 163 51.11 18.41 56.72
C GLN U 163 52.31 17.83 55.96
N GLN U 164 52.83 16.70 56.44
CA GLN U 164 53.97 16.01 55.81
C GLN U 164 53.62 15.53 54.39
N TRP U 165 52.40 15.01 54.25
CA TRP U 165 51.92 14.49 52.97
C TRP U 165 51.74 15.61 51.96
N LEU U 166 51.18 16.73 52.39
CA LEU U 166 51.07 17.90 51.49
C LEU U 166 52.42 18.36 50.96
N ALA U 167 53.43 18.39 51.83
CA ALA U 167 54.79 18.78 51.43
C ALA U 167 55.43 17.77 50.46
N ALA U 168 55.27 16.49 50.76
CA ALA U 168 55.78 15.41 49.90
C ALA U 168 55.05 15.35 48.56
N SER U 169 53.75 15.61 48.60
CA SER U 169 52.90 15.64 47.41
C SER U 169 53.30 16.74 46.43
N GLU U 170 53.57 17.93 46.95
CA GLU U 170 54.03 19.07 46.12
C GLU U 170 55.44 18.81 45.56
N GLU U 171 56.32 18.30 46.40
CA GLU U 171 57.73 18.03 46.04
C GLU U 171 57.86 16.97 44.94
N HIS U 172 57.11 15.87 45.06
CA HIS U 172 57.21 14.74 44.12
C HIS U 172 56.09 14.68 43.06
N ARG U 173 55.33 15.76 42.95
CA ARG U 173 54.30 15.92 41.89
C ARG U 173 53.31 14.75 41.87
N LEU U 174 52.72 14.49 43.03
CA LEU U 174 51.72 13.44 43.18
C LEU U 174 50.37 14.04 43.55
N ASP U 175 49.31 13.51 42.96
CA ASP U 175 47.95 13.91 43.29
C ASP U 175 47.59 13.39 44.68
N ARG U 176 46.69 14.10 45.35
CA ARG U 176 46.26 13.75 46.71
C ARG U 176 44.75 13.70 46.76
N ILE U 177 44.25 12.47 46.83
CA ILE U 177 42.83 12.21 46.74
C ILE U 177 42.33 11.91 48.15
N PHE U 178 41.68 12.92 48.74
CA PHE U 178 41.00 12.77 50.02
C PHE U 178 39.55 12.35 49.78
N LEU U 179 38.93 11.78 50.80
CA LEU U 179 37.53 11.35 50.75
C LEU U 179 36.60 12.39 51.36
N VAL U 180 35.42 12.50 50.78
CA VAL U 180 34.28 13.20 51.41
C VAL U 180 33.12 12.21 51.58
N ALA U 181 32.25 12.52 52.54
CA ALA U 181 31.12 11.65 52.89
C ALA U 181 29.82 12.46 52.90
N PRO U 182 28.65 11.78 52.82
CA PRO U 182 27.38 12.49 52.93
C PRO U 182 27.22 13.28 54.23
N SER U 183 27.80 12.77 55.31
CA SER U 183 27.77 13.43 56.62
C SER U 183 28.69 14.66 56.74
N SER U 184 29.62 14.83 55.79
CA SER U 184 30.59 15.95 55.83
C SER U 184 29.89 17.30 55.98
N THR U 185 30.35 18.10 56.95
CA THR U 185 29.80 19.44 57.17
C THR U 185 30.24 20.34 56.01
N PRO U 186 29.52 21.46 55.78
CA PRO U 186 29.96 22.42 54.75
C PRO U 186 31.42 22.89 54.88
N GLU U 187 31.87 23.14 56.10
CA GLU U 187 33.24 23.61 56.34
C GLU U 187 34.27 22.57 55.94
N ARG U 188 34.06 21.36 56.44
CA ARG U 188 34.99 20.24 56.20
C ARG U 188 35.00 19.78 54.75
N LEU U 189 33.84 19.80 54.11
CA LEU U 189 33.77 19.49 52.68
C LEU U 189 34.59 20.49 51.86
N ALA U 190 34.41 21.78 52.14
CA ALA U 190 35.19 22.83 51.44
C ALA U 190 36.69 22.68 51.68
N ALA U 191 37.07 22.46 52.94
CA ALA U 191 38.49 22.24 53.30
C ALA U 191 39.11 20.97 52.66
N THR U 192 38.31 19.92 52.53
CA THR U 192 38.77 18.65 51.94
C THR U 192 38.94 18.74 50.42
N VAL U 193 38.03 19.44 49.77
CA VAL U 193 38.11 19.70 48.33
C VAL U 193 39.30 20.60 47.98
N GLU U 194 39.45 21.68 48.74
CA GLU U 194 40.59 22.60 48.64
C GLU U 194 41.95 21.88 48.79
N ALA U 195 42.03 20.93 49.71
CA ALA U 195 43.26 20.16 49.95
C ALA U 195 43.54 19.08 48.90
N SER U 196 42.52 18.68 48.15
CA SER U 196 42.66 17.60 47.14
C SER U 196 43.21 18.11 45.82
N ARG U 197 44.00 17.25 45.16
CA ARG U 197 44.45 17.45 43.78
C ARG U 197 44.17 16.17 43.01
N GLY U 198 43.78 16.29 41.75
CA GLY U 198 43.47 15.14 40.89
C GLY U 198 41.99 14.83 40.87
N PHE U 199 41.50 14.18 41.92
CA PHE U 199 40.05 14.05 42.13
C PHE U 199 39.68 13.92 43.62
N VAL U 200 38.41 14.16 43.93
CA VAL U 200 37.86 13.92 45.27
C VAL U 200 37.05 12.63 45.22
N TYR U 201 37.30 11.74 46.18
CA TYR U 201 36.63 10.45 46.28
C TYR U 201 35.35 10.66 47.09
N ALA U 202 34.21 10.66 46.40
CA ALA U 202 32.92 10.74 47.07
C ALA U 202 32.42 9.34 47.41
N ALA U 203 32.67 8.93 48.66
CA ALA U 203 32.32 7.59 49.13
C ALA U 203 30.97 7.58 49.83
N SER U 204 30.21 6.49 49.65
CA SER U 204 28.92 6.34 50.33
C SER U 204 28.71 4.96 50.93
N SER U 216 19.23 5.36 46.28
CA SER U 216 19.34 6.33 47.17
C SER U 216 19.98 7.53 46.48
N GLN U 217 19.55 8.72 46.90
CA GLN U 217 19.98 9.99 46.28
C GLN U 217 21.17 10.65 46.98
N ALA U 218 21.83 9.94 47.88
CA ALA U 218 22.98 10.49 48.64
C ALA U 218 24.16 10.86 47.74
N ALA U 219 24.49 9.96 46.82
CA ALA U 219 25.65 10.14 45.92
C ALA U 219 25.56 11.35 44.96
N PRO U 220 24.44 11.50 44.20
CA PRO U 220 24.33 12.72 43.39
C PRO U 220 24.29 14.02 44.21
N GLU U 221 23.63 13.98 45.37
CA GLU U 221 23.60 15.12 46.30
C GLU U 221 25.00 15.52 46.79
N LEU U 222 25.80 14.52 47.12
CA LEU U 222 27.18 14.76 47.59
C LEU U 222 28.08 15.31 46.48
N VAL U 223 27.98 14.74 45.29
CA VAL U 223 28.68 15.26 44.11
C VAL U 223 28.24 16.70 43.83
N GLY U 224 26.93 16.94 43.90
CA GLY U 224 26.35 18.28 43.74
C GLY U 224 26.94 19.33 44.69
N ARG U 225 27.16 18.94 45.93
CA ARG U 225 27.79 19.83 46.94
C ARG U 225 29.26 20.13 46.65
N VAL U 226 29.98 19.17 46.09
CA VAL U 226 31.39 19.37 45.69
C VAL U 226 31.48 20.31 44.48
N LYS U 227 30.59 20.13 43.52
CA LYS U 227 30.54 20.99 42.31
C LYS U 227 30.21 22.46 42.62
N ALA U 228 29.47 22.69 43.71
CA ALA U 228 29.09 24.06 44.12
C ALA U 228 30.27 24.91 44.64
N VAL U 229 31.36 24.26 45.06
CA VAL U 229 32.56 24.99 45.58
C VAL U 229 33.84 24.83 44.75
N SER U 230 33.84 23.96 43.75
CA SER U 230 35.07 23.64 43.01
C SER U 230 34.81 22.86 41.72
N ASP U 231 35.72 23.02 40.75
CA ASP U 231 35.65 22.32 39.46
C ASP U 231 36.50 21.04 39.40
N ILE U 232 37.04 20.61 40.54
CA ILE U 232 37.82 19.36 40.62
C ILE U 232 36.94 18.16 40.25
N PRO U 233 37.49 17.19 39.48
CA PRO U 233 36.74 15.97 39.21
C PRO U 233 36.35 15.20 40.48
N VAL U 234 35.20 14.54 40.42
CA VAL U 234 34.66 13.77 41.52
C VAL U 234 34.44 12.32 41.06
N GLY U 235 35.12 11.39 41.73
CA GLY U 235 34.92 9.97 41.54
C GLY U 235 33.94 9.47 42.57
N VAL U 236 33.08 8.53 42.18
CA VAL U 236 32.01 8.03 43.04
C VAL U 236 32.11 6.51 43.21
N GLY U 237 32.10 6.10 44.47
CA GLY U 237 32.10 4.68 44.84
C GLY U 237 30.80 4.34 45.54
N LEU U 238 30.15 3.29 45.06
CA LEU U 238 28.76 2.97 45.43
C LEU U 238 28.47 1.46 45.46
N GLY U 239 29.51 0.65 45.63
CA GLY U 239 29.40 -0.81 45.43
C GLY U 239 28.85 -1.18 44.05
N VAL U 240 29.50 -0.68 43.00
CA VAL U 240 29.07 -0.90 41.62
C VAL U 240 29.41 -2.32 41.17
N ARG U 241 28.45 -3.02 40.58
CA ARG U 241 28.65 -4.41 40.10
C ARG U 241 28.20 -4.71 38.66
N SER U 242 27.65 -3.71 37.98
CA SER U 242 27.02 -3.94 36.68
C SER U 242 27.12 -2.70 35.79
N ARG U 243 26.94 -2.94 34.50
CA ARG U 243 26.99 -1.88 33.48
C ARG U 243 25.99 -0.77 33.78
N ALA U 244 24.76 -1.17 34.11
CA ALA U 244 23.68 -0.23 34.39
C ALA U 244 24.00 0.73 35.52
N GLN U 245 24.57 0.22 36.61
CA GLN U 245 24.96 1.07 37.77
C GLN U 245 26.06 2.08 37.42
N ALA U 246 27.05 1.62 36.67
CA ALA U 246 28.14 2.49 36.20
C ALA U 246 27.63 3.63 35.30
N ALA U 247 26.59 3.33 34.51
CA ALA U 247 25.98 4.31 33.60
C ALA U 247 25.18 5.37 34.36
N GLN U 248 24.45 4.94 35.38
CA GLN U 248 23.72 5.86 36.28
C GLN U 248 24.66 6.88 36.89
N ILE U 249 25.79 6.40 37.43
CA ILE U 249 26.79 7.24 38.10
C ILE U 249 27.48 8.20 37.10
N ALA U 250 27.72 7.73 35.88
CA ALA U 250 28.36 8.55 34.85
C ALA U 250 27.56 9.78 34.37
N GLN U 251 26.25 9.81 34.66
CA GLN U 251 25.40 10.98 34.36
C GLN U 251 25.86 12.23 35.11
N TYR U 252 26.25 12.05 36.38
CA TYR U 252 26.63 13.17 37.28
C TYR U 252 28.11 13.21 37.71
N ALA U 253 28.77 12.06 37.70
CA ALA U 253 30.16 11.94 38.19
C ALA U 253 31.19 11.93 37.06
N ASP U 254 32.38 12.43 37.35
CA ASP U 254 33.50 12.47 36.40
C ASP U 254 34.23 11.14 36.33
N GLY U 255 34.15 10.37 37.41
CA GLY U 255 34.73 9.02 37.49
C GLY U 255 33.83 8.04 38.22
N VAL U 256 33.87 6.79 37.79
CA VAL U 256 33.15 5.69 38.43
C VAL U 256 34.20 4.77 39.05
N ILE U 257 34.12 4.60 40.36
CA ILE U 257 35.08 3.78 41.12
C ILE U 257 34.45 2.41 41.38
N VAL U 258 35.19 1.36 41.02
CA VAL U 258 34.76 -0.03 41.22
C VAL U 258 35.88 -0.84 41.87
N GLY U 259 35.51 -1.60 42.90
CA GLY U 259 36.49 -2.35 43.71
C GLY U 259 36.00 -3.73 44.09
N SER U 260 35.01 -3.78 44.97
CA SER U 260 34.45 -5.05 45.45
C SER U 260 34.13 -6.02 44.32
N ALA U 261 33.45 -5.54 43.29
CA ALA U 261 33.03 -6.39 42.16
C ALA U 261 34.20 -6.92 41.31
N LEU U 262 35.29 -6.15 41.23
CA LEU U 262 36.50 -6.60 40.52
C LEU U 262 37.19 -7.74 41.28
N VAL U 263 37.23 -7.63 42.60
CA VAL U 263 37.82 -8.68 43.44
C VAL U 263 37.00 -9.97 43.34
N THR U 264 35.68 -9.85 43.48
CA THR U 264 34.75 -10.98 43.26
C THR U 264 34.94 -11.65 41.89
N ALA U 265 35.11 -10.83 40.85
CA ALA U 265 35.34 -11.32 39.49
C ALA U 265 36.65 -12.10 39.36
N LEU U 266 37.72 -11.55 39.93
CA LEU U 266 39.06 -12.17 39.91
C LEU U 266 39.12 -13.52 40.66
N THR U 267 38.38 -13.60 41.76
CA THR U 267 38.25 -14.85 42.55
C THR U 267 37.72 -16.01 41.70
N GLU U 268 36.71 -15.72 40.86
CA GLU U 268 36.20 -16.70 39.88
C GLU U 268 37.26 -17.01 38.81
N GLY U 269 37.86 -15.96 38.25
CA GLY U 269 38.93 -16.12 37.28
C GLY U 269 39.28 -14.85 36.53
N LEU U 270 40.46 -14.87 35.93
CA LEU U 270 40.96 -13.76 35.12
C LEU U 270 40.08 -13.46 33.89
N PRO U 271 39.53 -14.50 33.20
CA PRO U 271 38.57 -14.21 32.11
C PRO U 271 37.29 -13.48 32.56
N ARG U 272 36.78 -13.84 33.73
CA ARG U 272 35.59 -13.19 34.30
C ARG U 272 35.86 -11.70 34.60
N LEU U 273 37.07 -11.39 35.07
CA LEU U 273 37.49 -9.99 35.31
C LEU U 273 37.51 -9.16 34.02
N ARG U 274 38.02 -9.75 32.93
N ARG U 274 38.01 -9.74 32.93
CA ARG U 274 38.09 -9.09 31.62
CA ARG U 274 38.08 -9.07 31.62
C ARG U 274 36.71 -8.76 31.08
C ARG U 274 36.70 -8.75 31.09
N ALA U 275 35.80 -9.71 31.24
CA ALA U 275 34.42 -9.55 30.82
C ALA U 275 33.71 -8.43 31.59
N LEU U 276 33.80 -8.49 32.91
CA LEU U 276 33.18 -7.47 33.77
C LEU U 276 33.73 -6.07 33.50
N THR U 277 35.06 -5.95 33.42
CA THR U 277 35.71 -4.66 33.15
C THR U 277 35.24 -4.08 31.81
N GLY U 278 35.10 -4.94 30.81
CA GLY U 278 34.56 -4.55 29.50
C GLY U 278 33.13 -4.02 29.53
N GLU U 279 32.29 -4.63 30.36
CA GLU U 279 30.90 -4.18 30.57
C GLU U 279 30.84 -2.83 31.29
N LEU U 280 31.73 -2.64 32.28
CA LEU U 280 31.80 -1.37 33.01
C LEU U 280 32.37 -0.25 32.13
N ALA U 281 33.34 -0.58 31.29
CA ALA U 281 33.89 0.35 30.29
C ALA U 281 32.82 0.84 29.31
N ALA U 282 31.89 -0.04 28.94
CA ALA U 282 30.73 0.34 28.11
C ALA U 282 29.73 1.21 28.87
N GLY U 283 29.58 0.94 30.17
CA GLY U 283 28.68 1.70 31.04
C GLY U 283 29.04 3.17 31.19
N VAL U 284 30.33 3.45 31.41
CA VAL U 284 30.80 4.85 31.60
C VAL U 284 30.63 5.74 30.35
N ARG U 285 30.55 5.11 29.17
CA ARG U 285 30.33 5.81 27.90
C ARG U 285 28.85 5.99 27.67
N LEU U 286 28.47 7.14 27.31
CA LEU U 286 27.09 7.37 27.04
C LEU U 286 26.68 8.04 25.88
N GLY U 287 27.56 8.29 24.87
CA GLY U 287 27.23 8.78 23.50
C GLY U 287 28.43 8.97 22.58
N THR V 41 44.56 22.17 82.30
CA THR V 41 45.01 22.40 81.11
C THR V 41 46.49 22.46 80.69
N SER V 42 47.41 22.56 81.64
CA SER V 42 48.84 22.50 81.34
C SER V 42 49.27 21.26 80.52
N HIS V 43 48.66 20.10 80.81
CA HIS V 43 49.05 18.85 80.17
C HIS V 43 48.18 18.47 78.96
N ASP V 44 47.22 19.31 78.63
CA ASP V 44 46.28 19.06 77.53
C ASP V 44 46.94 19.21 76.15
N PRO V 45 46.38 18.55 75.12
CA PRO V 45 46.87 18.73 73.75
C PRO V 45 46.28 19.98 73.11
N ASP V 46 46.72 20.30 71.90
CA ASP V 46 46.15 21.41 71.13
C ASP V 46 44.74 21.05 70.61
N SER V 47 44.10 21.98 69.91
CA SER V 47 42.73 21.79 69.39
C SER V 47 42.60 20.66 68.34
N GLY V 48 43.72 20.29 67.71
CA GLY V 48 43.80 19.12 66.82
C GLY V 48 44.03 17.79 67.50
N GLY V 49 44.29 17.82 68.81
CA GLY V 49 44.50 16.60 69.61
C GLY V 49 45.94 16.15 69.75
N HIS V 50 46.88 17.03 69.45
CA HIS V 50 48.31 16.68 69.47
C HIS V 50 49.01 16.99 70.79
N PHE V 51 49.77 16.04 71.30
CA PHE V 51 50.65 16.24 72.46
C PHE V 51 52.08 16.48 72.00
N GLY V 52 52.71 17.51 72.53
CA GLY V 52 54.15 17.74 72.34
C GLY V 52 54.54 18.46 71.09
N GLY V 53 53.60 19.17 70.53
CA GLY V 53 53.89 19.91 69.38
C GLY V 53 53.07 19.44 68.26
N PRO V 54 53.18 20.23 67.28
CA PRO V 54 52.22 20.26 66.22
C PRO V 54 52.22 18.96 65.51
N SER V 55 53.26 18.17 65.73
CA SER V 55 53.26 16.81 65.11
C SER V 55 53.51 15.67 65.82
N GLY V 56 53.07 15.92 66.96
CA GLY V 56 53.26 14.98 67.67
C GLY V 56 52.22 13.95 67.79
N TRP V 57 52.18 13.53 69.02
CA TRP V 57 51.46 12.37 69.41
C TRP V 57 49.99 12.70 69.43
N GLY V 58 49.18 11.72 69.08
CA GLY V 58 47.73 11.86 69.11
C GLY V 58 47.15 12.20 67.77
N GLY V 59 46.36 13.26 67.73
CA GLY V 59 45.71 13.70 66.50
C GLY V 59 44.50 12.85 66.14
N ARG V 60 44.18 12.86 64.85
CA ARG V 60 42.99 12.19 64.30
C ARG V 60 43.32 11.53 62.97
N TYR V 61 43.63 10.24 63.03
CA TYR V 61 43.91 9.44 61.84
C TYR V 61 42.68 8.61 61.58
N VAL V 62 41.68 9.29 61.04
CA VAL V 62 40.34 8.75 60.81
C VAL V 62 39.89 9.12 59.41
N PRO V 63 38.88 8.43 58.87
CA PRO V 63 38.31 8.85 57.60
C PRO V 63 37.41 10.06 57.72
N GLU V 64 37.30 10.79 56.63
CA GLU V 64 36.44 11.99 56.56
C GLU V 64 35.00 11.67 56.93
N ALA V 65 34.54 10.46 56.60
CA ALA V 65 33.18 9.98 56.98
C ALA V 65 32.88 10.01 58.49
N LEU V 66 33.90 9.93 59.33
CA LEU V 66 33.73 10.04 60.79
C LEU V 66 33.89 11.45 61.36
N MET V 67 34.35 12.40 60.57
CA MET V 67 34.75 13.70 61.12
C MET V 67 33.60 14.56 61.66
N ALA V 68 32.44 14.47 61.01
CA ALA V 68 31.25 15.20 61.49
C ALA V 68 30.88 14.79 62.91
N VAL V 69 30.80 13.49 63.17
CA VAL V 69 30.46 12.99 64.50
C VAL V 69 31.61 13.14 65.49
N ILE V 70 32.85 13.00 65.04
CA ILE V 70 33.99 13.31 65.92
C ILE V 70 33.98 14.78 66.36
N GLU V 71 33.74 15.69 65.42
CA GLU V 71 33.62 17.12 65.74
C GLU V 71 32.41 17.41 66.64
N GLU V 72 31.31 16.68 66.42
CA GLU V 72 30.11 16.80 67.25
C GLU V 72 30.40 16.41 68.71
N VAL V 73 31.07 15.28 68.90
CA VAL V 73 31.45 14.78 70.23
C VAL V 73 32.44 15.72 70.91
N THR V 74 33.40 16.24 70.14
CA THR V 74 34.40 17.17 70.66
C THR V 74 33.76 18.45 71.19
N ALA V 75 32.87 19.03 70.39
CA ALA V 75 32.13 20.24 70.76
C ALA V 75 31.25 20.03 72.01
N ALA V 76 30.56 18.90 72.04
CA ALA V 76 29.70 18.53 73.17
C ALA V 76 30.50 18.39 74.45
N TYR V 77 31.65 17.74 74.35
CA TYR V 77 32.53 17.56 75.51
C TYR V 77 33.11 18.89 76.01
N GLN V 78 33.58 19.74 75.09
CA GLN V 78 34.11 21.07 75.47
C GLN V 78 33.06 21.92 76.20
N LYS V 79 31.81 21.82 75.76
CA LYS V 79 30.69 22.49 76.41
C LYS V 79 30.39 21.92 77.82
N GLU V 80 30.28 20.60 77.90
CA GLU V 80 29.85 19.94 79.14
C GLU V 80 30.91 19.81 80.24
N ARG V 81 32.18 19.70 79.87
CA ARG V 81 33.27 19.64 80.87
C ARG V 81 33.38 20.88 81.78
N VAL V 82 32.84 22.03 81.34
CA VAL V 82 32.79 23.28 82.15
C VAL V 82 31.38 23.68 82.62
N SER V 83 30.42 22.77 82.47
CA SER V 83 29.06 22.95 82.96
C SER V 83 28.95 22.34 84.35
N GLN V 84 28.63 23.14 85.36
CA GLN V 84 28.46 22.62 86.72
C GLN V 84 27.36 21.61 86.86
N ASP V 85 26.27 21.81 86.13
CA ASP V 85 25.16 20.87 86.14
C ASP V 85 25.57 19.46 85.66
N PHE V 86 26.42 19.40 84.63
CA PHE V 86 26.99 18.13 84.15
C PHE V 86 27.91 17.47 85.17
N LEU V 87 28.82 18.26 85.71
CA LEU V 87 29.76 17.76 86.72
C LEU V 87 29.02 17.33 87.99
N ASP V 88 27.97 18.05 88.35
CA ASP V 88 27.08 17.67 89.48
C ASP V 88 26.41 16.32 89.21
N ASP V 89 25.86 16.14 88.01
CA ASP V 89 25.25 14.86 87.60
C ASP V 89 26.24 13.71 87.68
N LEU V 90 27.45 13.92 87.15
CA LEU V 90 28.49 12.90 87.19
C LEU V 90 28.90 12.58 88.64
N ASP V 91 29.10 13.61 89.45
CA ASP V 91 29.46 13.47 90.87
C ASP V 91 28.43 12.67 91.66
N ARG V 92 27.16 12.98 91.42
CA ARG V 92 26.05 12.36 92.13
C ARG V 92 26.00 10.86 91.86
N LEU V 93 26.15 10.49 90.59
CA LEU V 93 26.28 9.09 90.20
C LEU V 93 27.53 8.42 90.76
N GLN V 94 28.66 9.13 90.74
CA GLN V 94 29.91 8.58 91.29
C GLN V 94 29.76 8.20 92.75
N ALA V 95 29.11 9.07 93.52
CA ALA V 95 28.94 8.87 94.97
C ALA V 95 27.90 7.81 95.30
N ASN V 96 26.68 8.02 94.82
CA ASN V 96 25.52 7.23 95.23
C ASN V 96 25.30 5.94 94.44
N TYR V 97 25.73 5.91 93.19
CA TYR V 97 25.52 4.76 92.32
C TYR V 97 26.76 3.87 92.26
N ALA V 98 27.91 4.49 91.99
CA ALA V 98 29.19 3.79 91.85
C ALA V 98 29.95 3.59 93.16
N GLY V 99 29.59 4.31 94.20
CA GLY V 99 30.23 4.14 95.51
C GLY V 99 31.60 4.76 95.73
N ARG V 100 31.90 5.85 95.02
CA ARG V 100 33.14 6.61 95.25
C ARG V 100 33.05 7.41 96.56
N PRO V 101 34.19 7.70 97.21
CA PRO V 101 35.54 7.30 96.80
C PRO V 101 35.87 5.85 97.07
N SER V 102 36.80 5.31 96.27
CA SER V 102 37.36 3.99 96.53
C SER V 102 38.45 4.17 97.59
N PRO V 103 38.64 3.18 98.46
CA PRO V 103 39.63 3.35 99.52
C PRO V 103 41.06 3.08 99.06
N LEU V 104 41.99 3.46 99.92
CA LEU V 104 43.40 3.16 99.76
C LEU V 104 43.80 2.24 100.92
N TYR V 105 44.27 1.04 100.57
CA TYR V 105 44.55 0.00 101.57
C TYR V 105 46.04 -0.34 101.60
N GLU V 106 46.65 -0.25 102.78
CA GLU V 106 48.05 -0.64 102.90
C GLU V 106 48.15 -2.16 103.07
N ALA V 107 48.69 -2.81 102.04
CA ALA V 107 48.83 -4.26 101.97
C ALA V 107 50.12 -4.72 102.68
N THR V 108 50.06 -4.69 104.02
CA THR V 108 51.25 -4.90 104.85
C THR V 108 51.87 -6.29 104.70
N ARG V 109 51.02 -7.28 104.39
CA ARG V 109 51.46 -8.67 104.21
C ARG V 109 52.15 -8.92 102.86
N LEU V 110 52.13 -7.94 101.96
CA LEU V 110 52.98 -7.98 100.76
C LEU V 110 54.40 -7.48 100.98
N SER V 111 54.60 -6.74 102.06
CA SER V 111 55.84 -5.96 102.24
C SER V 111 57.12 -6.79 102.09
N GLN V 112 57.15 -7.96 102.70
CA GLN V 112 58.34 -8.83 102.68
C GLN V 112 58.67 -9.38 101.27
N HIS V 113 57.67 -9.41 100.38
CA HIS V 113 57.90 -9.74 98.97
C HIS V 113 58.23 -8.55 98.08
N ALA V 114 58.24 -7.36 98.69
CA ALA V 114 58.53 -6.10 97.99
C ALA V 114 59.71 -5.34 98.61
N GLY V 115 60.73 -6.06 99.06
CA GLY V 115 61.92 -5.47 99.67
C GLY V 115 61.67 -4.66 100.94
N SER V 116 60.60 -5.02 101.66
CA SER V 116 60.11 -4.29 102.84
C SER V 116 59.57 -2.89 102.53
N ALA V 117 59.26 -2.65 101.25
CA ALA V 117 58.56 -1.45 100.86
C ALA V 117 57.10 -1.56 101.28
N ARG V 118 56.41 -0.43 101.23
CA ARG V 118 55.02 -0.35 101.68
C ARG V 118 54.12 -0.19 100.47
N ILE V 119 53.39 -1.24 100.15
CA ILE V 119 52.49 -1.24 98.99
C ILE V 119 51.10 -0.78 99.42
N PHE V 120 50.63 0.31 98.83
CA PHE V 120 49.28 0.83 99.06
C PHE V 120 48.43 0.56 97.82
N LEU V 121 47.31 -0.15 98.00
CA LEU V 121 46.44 -0.51 96.88
C LEU V 121 45.29 0.48 96.76
N LYS V 122 45.18 1.13 95.61
CA LYS V 122 44.05 2.00 95.31
C LYS V 122 42.93 1.12 94.77
N ARG V 123 41.85 1.00 95.53
CA ARG V 123 40.91 -0.11 95.37
C ARG V 123 39.79 0.16 94.36
N GLU V 124 40.16 0.30 93.09
CA GLU V 124 39.15 0.45 92.04
C GLU V 124 38.35 -0.86 91.83
N ASP V 125 38.90 -1.98 92.30
CA ASP V 125 38.18 -3.27 92.35
C ASP V 125 36.84 -3.21 93.08
N LEU V 126 36.67 -2.26 94.00
CA LEU V 126 35.43 -2.11 94.77
C LEU V 126 34.36 -1.23 94.10
N ASN V 127 34.63 -0.67 92.92
CA ASN V 127 33.63 0.10 92.19
C ASN V 127 32.50 -0.80 91.70
N HIS V 128 31.34 -0.18 91.47
CA HIS V 128 30.24 -0.83 90.77
C HIS V 128 30.74 -1.34 89.41
N THR V 129 30.39 -2.60 89.13
CA THR V 129 30.84 -3.37 87.95
C THR V 129 32.21 -4.03 88.11
N GLY V 130 32.98 -3.59 89.10
CA GLY V 130 34.23 -4.24 89.47
C GLY V 130 35.50 -3.72 88.83
N SER V 131 35.46 -2.51 88.27
CA SER V 131 36.65 -1.89 87.70
C SER V 131 36.55 -0.39 87.60
N HIS V 132 37.69 0.21 87.27
CA HIS V 132 37.77 1.63 86.93
C HIS V 132 36.95 2.03 85.69
N LYS V 133 36.60 1.07 84.83
CA LYS V 133 35.90 1.41 83.57
C LYS V 133 34.64 2.25 83.76
N ILE V 134 33.94 2.01 84.87
CA ILE V 134 32.68 2.72 85.16
C ILE V 134 32.83 4.25 85.25
N ASN V 135 34.01 4.72 85.68
CA ASN V 135 34.28 6.16 85.80
C ASN V 135 34.10 6.89 84.47
N ASN V 136 34.78 6.35 83.46
CA ASN V 136 34.72 6.85 82.09
C ASN V 136 33.34 6.67 81.47
N VAL V 137 32.75 5.51 81.69
CA VAL V 137 31.44 5.20 81.11
C VAL V 137 30.33 6.12 81.59
N LEU V 138 30.29 6.41 82.89
CA LEU V 138 29.28 7.33 83.43
C LEU V 138 29.38 8.71 82.78
N GLY V 139 30.59 9.20 82.64
CA GLY V 139 30.83 10.48 81.96
C GLY V 139 30.35 10.47 80.51
N GLN V 140 30.79 9.48 79.75
CA GLN V 140 30.47 9.39 78.32
C GLN V 140 28.99 9.07 78.04
N ALA V 141 28.37 8.31 78.93
CA ALA V 141 26.95 7.98 78.79
C ALA V 141 26.09 9.19 79.10
N LEU V 142 26.46 9.93 80.14
CA LEU V 142 25.81 11.22 80.42
C LEU V 142 25.93 12.17 79.23
N LEU V 143 27.11 12.19 78.63
CA LEU V 143 27.35 13.01 77.43
C LEU V 143 26.51 12.54 76.24
N ALA V 144 26.34 11.24 76.06
CA ALA V 144 25.52 10.71 74.97
C ALA V 144 24.06 11.18 75.07
N ARG V 145 23.51 11.13 76.29
CA ARG V 145 22.18 11.70 76.55
C ARG V 145 22.08 13.19 76.30
N ARG V 146 23.08 13.94 76.73
CA ARG V 146 23.12 15.39 76.48
C ARG V 146 23.09 15.72 74.98
N MET V 147 23.78 14.90 74.19
CA MET V 147 23.81 15.03 72.72
C MET V 147 22.57 14.55 71.97
N GLY V 148 21.66 13.88 72.67
CA GLY V 148 20.44 13.35 72.04
C GLY V 148 20.62 12.05 71.27
N LYS V 149 21.71 11.34 71.52
CA LYS V 149 21.95 10.05 70.90
C LYS V 149 21.10 8.98 71.57
N THR V 150 20.59 8.04 70.78
CA THR V 150 19.70 6.97 71.27
C THR V 150 20.32 5.58 71.28
N ARG V 151 21.53 5.45 70.72
CA ARG V 151 22.20 4.17 70.58
C ARG V 151 23.64 4.36 70.99
N VAL V 152 24.14 3.45 71.82
CA VAL V 152 25.53 3.46 72.25
C VAL V 152 26.20 2.17 71.80
N ILE V 153 27.41 2.28 71.26
CA ILE V 153 28.23 1.12 70.92
C ILE V 153 29.55 1.15 71.69
N ALA V 154 30.09 -0.04 71.96
CA ALA V 154 31.39 -0.16 72.61
C ALA V 154 32.11 -1.44 72.23
N GLU V 155 33.44 -1.35 72.28
CA GLU V 155 34.34 -2.51 72.21
C GLU V 155 34.65 -3.00 73.62
N THR V 156 35.00 -4.28 73.76
CA THR V 156 35.53 -4.78 75.02
C THR V 156 36.42 -5.98 74.82
N GLY V 157 37.44 -6.09 75.66
CA GLY V 157 38.36 -7.24 75.66
C GLY V 157 38.13 -8.11 76.89
N ALA V 158 38.41 -7.54 78.05
CA ALA V 158 38.14 -8.20 79.33
C ALA V 158 36.65 -8.31 79.65
N GLY V 159 35.83 -7.46 79.02
CA GLY V 159 34.39 -7.45 79.27
C GLY V 159 33.95 -6.51 80.37
N GLN V 160 34.91 -5.83 80.98
CA GLN V 160 34.63 -4.89 82.07
C GLN V 160 34.10 -3.56 81.55
N HIS V 161 34.63 -3.12 80.41
CA HIS V 161 34.12 -1.92 79.74
C HIS V 161 32.75 -2.19 79.14
N GLY V 162 32.60 -3.37 78.56
CA GLY V 162 31.34 -3.82 77.97
C GLY V 162 30.24 -3.87 79.00
N VAL V 163 30.56 -4.45 80.15
CA VAL V 163 29.63 -4.51 81.28
C VAL V 163 29.32 -3.12 81.83
N ALA V 164 30.34 -2.29 81.97
CA ALA V 164 30.14 -0.92 82.45
C ALA V 164 29.23 -0.13 81.50
N THR V 165 29.48 -0.23 80.21
CA THR V 165 28.67 0.45 79.20
C THR V 165 27.21 -0.02 79.23
N ALA V 166 27.03 -1.33 79.27
CA ALA V 166 25.69 -1.94 79.37
C ALA V 166 24.94 -1.45 80.59
N THR V 167 25.65 -1.43 81.71
CA THR V 167 25.16 -0.91 82.97
C THR V 167 24.64 0.53 82.85
N ALA V 168 25.46 1.42 82.32
CA ALA V 168 25.07 2.83 82.15
C ALA V 168 23.90 3.01 81.21
N CYS V 169 23.87 2.22 80.14
CA CYS V 169 22.80 2.28 79.16
C CYS V 169 21.47 1.78 79.70
N ALA V 170 21.52 0.76 80.56
CA ALA V 170 20.32 0.29 81.27
C ALA V 170 19.82 1.40 82.17
N LEU V 171 20.74 1.97 82.94
CA LEU V 171 20.45 3.09 83.85
C LEU V 171 19.83 4.30 83.15
N LEU V 172 20.31 4.61 81.95
CA LEU V 172 19.86 5.81 81.22
C LEU V 172 18.90 5.54 80.06
N GLY V 173 18.52 4.29 79.87
CA GLY V 173 17.52 3.92 78.86
C GLY V 173 18.00 4.07 77.42
N LEU V 174 19.26 3.73 77.19
CA LEU V 174 19.88 3.77 75.86
C LEU V 174 20.03 2.36 75.28
N ASP V 175 19.82 2.21 73.97
CA ASP V 175 20.11 0.95 73.29
C ASP V 175 21.60 0.75 73.24
N CYS V 176 22.02 -0.49 73.43
CA CYS V 176 23.42 -0.83 73.66
C CYS V 176 23.86 -2.03 72.82
N VAL V 177 24.97 -1.85 72.10
CA VAL V 177 25.58 -2.92 71.31
C VAL V 177 27.07 -3.00 71.66
N ILE V 178 27.52 -4.16 72.12
CA ILE V 178 28.92 -4.37 72.50
C ILE V 178 29.60 -5.32 71.52
N TYR V 179 30.77 -4.91 71.02
CA TYR V 179 31.59 -5.74 70.15
C TYR V 179 32.73 -6.35 70.97
N MET V 180 32.90 -7.66 70.84
CA MET V 180 33.86 -8.41 71.65
C MET V 180 34.49 -9.50 70.80
N GLY V 181 35.81 -9.58 70.83
CA GLY V 181 36.53 -10.63 70.09
C GLY V 181 36.11 -12.03 70.53
N GLY V 182 35.99 -12.94 69.56
CA GLY V 182 35.55 -14.32 69.81
C GLY V 182 36.36 -15.12 70.83
N ILE V 183 37.67 -14.88 70.85
CA ILE V 183 38.56 -15.52 71.84
C ILE V 183 38.27 -14.96 73.24
N ASP V 184 37.99 -13.67 73.31
CA ASP V 184 37.64 -13.00 74.57
C ASP V 184 36.26 -13.43 75.11
N THR V 185 35.27 -13.64 74.23
CA THR V 185 33.94 -14.14 74.67
C THR V 185 34.07 -15.49 75.41
N ALA V 186 35.00 -16.33 74.94
CA ALA V 186 35.23 -17.65 75.51
C ALA V 186 35.97 -17.59 76.86
N ARG V 187 37.00 -16.75 76.96
CA ARG V 187 37.80 -16.66 78.20
C ARG V 187 37.28 -15.62 79.22
N GLN V 188 36.32 -14.77 78.84
CA GLN V 188 35.66 -13.85 79.78
C GLN V 188 34.13 -14.00 79.74
N ALA V 189 33.68 -15.25 79.67
CA ALA V 189 32.26 -15.61 79.49
C ALA V 189 31.31 -15.09 80.58
N LEU V 190 31.80 -14.93 81.80
CA LEU V 190 30.99 -14.36 82.89
C LEU V 190 30.52 -12.96 82.51
N ASN V 191 31.42 -12.17 81.93
CA ASN V 191 31.06 -10.82 81.50
C ASN V 191 30.13 -10.78 80.27
N VAL V 192 30.21 -11.77 79.39
CA VAL V 192 29.26 -11.87 78.26
C VAL V 192 27.84 -12.02 78.79
N ALA V 193 27.67 -12.94 79.73
CA ALA V 193 26.36 -13.22 80.35
C ALA V 193 25.79 -12.02 81.11
N ARG V 194 26.66 -11.30 81.83
CA ARG V 194 26.27 -10.08 82.52
C ARG V 194 25.74 -9.00 81.57
N MET V 195 26.50 -8.75 80.50
CA MET V 195 26.09 -7.81 79.45
C MET V 195 24.72 -8.15 78.88
N ARG V 196 24.47 -9.42 78.65
CA ARG V 196 23.20 -9.89 78.09
C ARG V 196 22.05 -9.70 79.07
N LEU V 197 22.28 -9.99 80.36
CA LEU V 197 21.29 -9.74 81.42
C LEU V 197 20.95 -8.25 81.57
N LEU V 198 21.97 -7.41 81.40
CA LEU V 198 21.79 -5.96 81.41
C LEU V 198 21.07 -5.38 80.19
N GLY V 199 20.78 -6.23 79.20
CA GLY V 199 19.97 -5.83 78.03
C GLY V 199 20.76 -5.43 76.80
N ALA V 200 22.07 -5.63 76.84
CA ALA V 200 22.94 -5.33 75.71
C ALA V 200 22.97 -6.48 74.70
N GLU V 201 23.03 -6.11 73.43
CA GLU V 201 23.39 -7.02 72.40
C GLU V 201 24.91 -7.20 72.37
N VAL V 202 25.37 -8.45 72.37
CA VAL V 202 26.81 -8.75 72.29
C VAL V 202 27.12 -9.40 70.96
N VAL V 203 28.05 -8.80 70.21
CA VAL V 203 28.47 -9.29 68.90
C VAL V 203 29.91 -9.81 69.00
N ALA V 204 30.05 -11.11 68.72
CA ALA V 204 31.35 -11.78 68.76
C ALA V 204 32.07 -11.49 67.44
N VAL V 205 33.27 -10.91 67.53
CA VAL V 205 34.05 -10.55 66.34
C VAL V 205 35.02 -11.68 65.97
N GLN V 206 34.89 -12.20 64.75
CA GLN V 206 35.73 -13.33 64.27
C GLN V 206 36.91 -12.93 63.36
N THR V 207 37.05 -11.64 63.09
CA THR V 207 38.14 -11.14 62.22
C THR V 207 39.47 -11.04 62.96
N GLY V 208 40.57 -11.13 62.21
CA GLY V 208 41.92 -10.93 62.72
C GLY V 208 42.29 -11.85 63.87
N SER V 209 42.78 -11.27 64.97
CA SER V 209 43.15 -12.05 66.18
C SER V 209 41.99 -12.40 67.12
N LYS V 210 40.78 -11.93 66.80
CA LYS V 210 39.57 -12.18 67.61
C LYS V 210 39.71 -11.71 69.06
N THR V 211 40.42 -10.60 69.24
CA THR V 211 40.68 -10.01 70.55
C THR V 211 40.37 -8.51 70.47
N LEU V 212 40.86 -7.73 71.42
CA LEU V 212 40.44 -6.33 71.59
C LEU V 212 40.62 -5.45 70.35
N LYS V 213 41.77 -5.55 69.68
CA LYS V 213 42.03 -4.68 68.52
C LYS V 213 40.99 -4.90 67.41
N ASP V 214 40.49 -6.12 67.33
CA ASP V 214 39.56 -6.53 66.27
C ASP V 214 38.14 -6.13 66.63
N ALA V 215 37.82 -6.20 67.92
CA ALA V 215 36.59 -5.63 68.45
C ALA V 215 36.51 -4.13 68.16
N ILE V 216 37.63 -3.43 68.36
CA ILE V 216 37.71 -1.98 68.08
C ILE V 216 37.44 -1.68 66.60
N ASN V 217 38.06 -2.46 65.71
CA ASN V 217 37.83 -2.34 64.27
C ASN V 217 36.35 -2.48 63.90
N GLU V 218 35.65 -3.45 64.50
CA GLU V 218 34.23 -3.66 64.19
C GLU V 218 33.35 -2.54 64.72
N ALA V 219 33.62 -2.09 65.94
CA ALA V 219 32.89 -0.97 66.52
C ALA V 219 33.05 0.31 65.68
N PHE V 220 34.26 0.54 65.20
CA PHE V 220 34.57 1.64 64.28
C PHE V 220 33.70 1.54 63.02
N ARG V 221 33.61 0.34 62.44
CA ARG V 221 32.79 0.09 61.23
C ARG V 221 31.30 0.35 61.45
N ASP V 222 30.82 0.00 62.63
CA ASP V 222 29.45 0.30 63.06
C ASP V 222 29.24 1.82 63.11
N TRP V 223 30.16 2.51 63.76
CA TRP V 223 30.04 3.97 63.96
C TRP V 223 30.02 4.73 62.65
N VAL V 224 30.90 4.34 61.73
CA VAL V 224 30.96 4.92 60.38
C VAL V 224 29.59 4.84 59.71
N ALA V 225 28.95 3.68 59.79
CA ALA V 225 27.63 3.45 59.18
C ALA V 225 26.47 4.13 59.92
N ASN V 226 26.58 4.27 61.24
CA ASN V 226 25.46 4.73 62.10
C ASN V 226 25.71 6.02 62.90
N ALA V 227 26.61 6.86 62.40
CA ALA V 227 27.00 8.12 63.08
C ALA V 227 25.85 9.05 63.51
N ASP V 228 24.78 9.10 62.73
CA ASP V 228 23.65 10.01 63.00
C ASP V 228 23.04 9.83 64.38
N ASN V 229 22.79 8.58 64.76
CA ASN V 229 22.08 8.26 66.00
C ASN V 229 22.95 7.61 67.07
N THR V 230 24.17 7.22 66.71
CA THR V 230 24.98 6.36 67.57
C THR V 230 26.15 7.13 68.20
N TYR V 231 26.30 6.95 69.51
CA TYR V 231 27.46 7.41 70.28
C TYR V 231 28.42 6.22 70.47
N TYR V 232 29.70 6.44 70.22
CA TYR V 232 30.73 5.41 70.44
C TYR V 232 31.41 5.65 71.77
N CYS V 233 31.08 4.81 72.75
CA CYS V 233 31.64 4.90 74.09
C CYS V 233 32.95 4.14 74.13
N PHE V 234 34.04 4.84 73.84
CA PHE V 234 35.36 4.22 73.76
C PHE V 234 35.97 4.08 75.15
N GLY V 235 36.49 2.87 75.42
CA GLY V 235 36.83 2.44 76.77
C GLY V 235 38.24 2.59 77.25
N THR V 236 39.13 3.13 76.42
CA THR V 236 40.50 3.37 76.88
C THR V 236 41.02 4.74 76.41
N ALA V 237 42.18 5.12 76.93
CA ALA V 237 42.76 6.45 76.69
C ALA V 237 43.57 6.48 75.40
N ALA V 238 42.94 6.05 74.32
CA ALA V 238 43.54 6.03 73.00
C ALA V 238 42.49 6.54 72.03
N GLY V 239 42.68 6.28 70.74
CA GLY V 239 41.72 6.74 69.74
C GLY V 239 42.02 8.16 69.27
N PRO V 240 41.20 8.65 68.32
CA PRO V 240 41.36 10.00 67.85
C PRO V 240 40.86 10.97 68.90
N HIS V 241 41.41 12.17 68.89
CA HIS V 241 40.88 13.29 69.67
C HIS V 241 39.38 13.36 69.38
N PRO V 242 38.52 13.45 70.40
CA PRO V 242 38.82 13.83 71.78
C PRO V 242 39.02 12.70 72.81
N PHE V 243 39.05 11.45 72.37
CA PHE V 243 38.96 10.32 73.31
C PHE V 243 40.08 10.19 74.33
N PRO V 244 41.35 10.34 73.91
CA PRO V 244 42.42 10.25 74.91
C PRO V 244 42.27 11.25 76.05
N THR V 245 41.90 12.48 75.70
CA THR V 245 41.74 13.54 76.69
C THR V 245 40.48 13.37 77.53
N MET V 246 39.36 13.06 76.88
CA MET V 246 38.09 12.83 77.55
C MET V 246 38.14 11.64 78.51
N VAL V 247 38.67 10.52 78.04
CA VAL V 247 38.75 9.33 78.89
C VAL V 247 39.64 9.61 80.10
N ARG V 248 40.77 10.24 79.85
CA ARG V 248 41.67 10.64 80.93
C ARG V 248 41.00 11.60 81.93
N ASP V 249 40.29 12.60 81.42
CA ASP V 249 39.54 13.53 82.30
C ASP V 249 38.54 12.80 83.22
N PHE V 250 37.84 11.80 82.69
CA PHE V 250 36.91 11.05 83.54
C PHE V 250 37.60 10.07 84.49
N GLN V 251 38.84 9.67 84.20
CA GLN V 251 39.61 8.79 85.10
C GLN V 251 40.51 9.53 86.10
N ARG V 252 40.71 10.83 85.89
CA ARG V 252 41.50 11.70 86.78
C ARG V 252 41.17 11.56 88.27
N ILE V 253 39.88 11.37 88.54
CA ILE V 253 39.34 11.16 89.89
C ILE V 253 40.14 10.12 90.71
N ILE V 254 40.67 9.09 90.05
CA ILE V 254 41.43 8.04 90.75
C ILE V 254 42.65 8.67 91.43
N GLY V 255 43.44 9.38 90.63
CA GLY V 255 44.65 10.03 91.12
C GLY V 255 44.42 11.15 92.11
N MET V 256 43.36 11.92 91.89
N MET V 256 43.36 11.95 91.91
CA MET V 256 42.97 13.03 92.77
CA MET V 256 43.07 13.05 92.83
C MET V 256 42.68 12.51 94.19
C MET V 256 42.67 12.53 94.22
N GLU V 257 41.91 11.44 94.25
CA GLU V 257 41.59 10.77 95.53
C GLU V 257 42.84 10.17 96.14
N ALA V 258 43.60 9.45 95.34
CA ALA V 258 44.80 8.76 95.82
C ALA V 258 45.83 9.73 96.41
N ARG V 259 45.99 10.88 95.78
CA ARG V 259 46.97 11.87 96.23
C ARG V 259 46.63 12.43 97.62
N VAL V 260 45.35 12.65 97.86
CA VAL V 260 44.85 13.07 99.17
C VAL V 260 44.99 11.94 100.19
N GLN V 261 44.55 10.75 99.80
CA GLN V 261 44.55 9.58 100.70
C GLN V 261 45.95 9.19 101.17
N ILE V 262 46.91 9.13 100.25
CA ILE V 262 48.27 8.70 100.60
C ILE V 262 48.95 9.70 101.55
N GLN V 263 48.73 10.99 101.33
CA GLN V 263 49.25 12.02 102.24
C GLN V 263 48.66 11.87 103.64
N GLY V 264 47.37 11.57 103.71
CA GLY V 264 46.69 11.28 104.98
C GLY V 264 47.22 10.04 105.70
N GLN V 265 47.36 8.93 104.98
CA GLN V 265 47.73 7.64 105.59
C GLN V 265 49.24 7.46 105.81
N ALA V 266 50.05 7.92 104.87
CA ALA V 266 51.51 7.79 104.98
C ALA V 266 52.21 9.04 105.48
N GLY V 267 51.52 10.19 105.47
CA GLY V 267 52.11 11.47 105.92
C GLY V 267 52.93 12.23 104.89
N ARG V 268 52.95 11.75 103.65
CA ARG V 268 53.75 12.34 102.58
C ARG V 268 53.35 11.78 101.22
N LEU V 269 53.83 12.41 100.17
CA LEU V 269 53.64 11.91 98.82
C LEU V 269 54.42 10.60 98.63
N PRO V 270 53.98 9.74 97.71
CA PRO V 270 54.65 8.46 97.58
C PRO V 270 56.00 8.58 96.87
N ASP V 271 56.79 7.52 96.99
CA ASP V 271 58.04 7.39 96.22
C ASP V 271 57.74 6.97 94.80
N ALA V 272 56.67 6.20 94.64
CA ALA V 272 56.18 5.82 93.33
C ALA V 272 54.68 5.56 93.27
N VAL V 273 54.14 5.73 92.07
CA VAL V 273 52.78 5.37 91.74
C VAL V 273 52.84 4.50 90.50
N VAL V 274 52.21 3.33 90.53
CA VAL V 274 52.28 2.36 89.42
C VAL V 274 50.92 1.80 89.00
N ALA V 275 50.84 1.40 87.74
CA ALA V 275 49.61 0.84 87.19
C ALA V 275 49.93 -0.04 85.99
N CYS V 276 48.99 -0.91 85.63
CA CYS V 276 49.12 -1.66 84.38
C CYS V 276 48.66 -0.79 83.21
N VAL V 277 49.11 -1.15 82.01
CA VAL V 277 48.86 -0.37 80.80
C VAL V 277 48.38 -1.26 79.64
N GLY V 278 47.07 -1.15 79.37
CA GLY V 278 46.44 -1.73 78.18
C GLY V 278 46.52 -0.65 77.13
N GLY V 279 45.39 0.02 76.87
CA GLY V 279 45.41 1.26 76.09
C GLY V 279 45.84 2.47 76.92
N GLY V 280 45.66 2.39 78.24
CA GLY V 280 46.23 3.36 79.19
C GLY V 280 45.34 4.18 80.10
N SER V 281 44.05 3.85 80.20
CA SER V 281 43.09 4.67 80.97
C SER V 281 43.28 4.64 82.50
N ASN V 282 43.42 3.46 83.09
CA ASN V 282 43.59 3.38 84.56
C ASN V 282 44.92 4.00 85.00
N ALA V 283 45.96 3.81 84.17
CA ALA V 283 47.29 4.37 84.46
C ALA V 283 47.29 5.90 84.40
N ILE V 284 46.81 6.44 83.29
CA ILE V 284 46.74 7.89 83.14
C ILE V 284 45.81 8.49 84.20
N GLY V 285 44.77 7.75 84.58
CA GLY V 285 43.84 8.20 85.61
C GLY V 285 44.48 8.45 86.96
N ILE V 286 45.30 7.49 87.39
CA ILE V 286 45.99 7.60 88.68
C ILE V 286 47.25 8.48 88.62
N PHE V 287 47.95 8.46 87.48
CA PHE V 287 49.20 9.25 87.29
C PHE V 287 48.99 10.76 87.25
N HIS V 288 47.84 11.19 86.73
CA HIS V 288 47.71 12.58 86.27
C HIS V 288 47.92 13.59 87.39
N ALA V 289 47.35 13.29 88.54
CA ALA V 289 47.46 14.16 89.71
C ALA V 289 48.87 14.27 90.30
N PHE V 290 49.75 13.34 89.96
CA PHE V 290 51.15 13.36 90.45
C PHE V 290 52.16 13.87 89.42
N LEU V 291 51.71 14.26 88.22
CA LEU V 291 52.65 14.67 87.15
C LEU V 291 53.59 15.81 87.54
N ASP V 292 53.08 16.79 88.29
CA ASP V 292 53.87 17.95 88.73
C ASP V 292 54.52 17.78 90.12
N ASP V 293 54.51 16.56 90.65
CA ASP V 293 55.27 16.21 91.86
C ASP V 293 56.59 15.57 91.42
N PRO V 294 57.69 16.34 91.37
CA PRO V 294 58.91 15.84 90.73
C PRO V 294 59.58 14.65 91.43
N GLY V 295 59.32 14.49 92.73
CA GLY V 295 59.85 13.35 93.50
C GLY V 295 59.09 12.04 93.36
N VAL V 296 57.92 12.07 92.73
CA VAL V 296 57.07 10.89 92.57
C VAL V 296 57.37 10.19 91.25
N ARG V 297 57.95 8.99 91.34
N ARG V 297 57.96 9.01 91.32
CA ARG V 297 58.22 8.15 90.17
CA ARG V 297 58.21 8.20 90.13
C ARG V 297 56.91 7.56 89.67
C ARG V 297 56.92 7.55 89.66
N LEU V 298 56.79 7.43 88.35
CA LEU V 298 55.60 6.87 87.73
C LEU V 298 56.03 5.72 86.85
N VAL V 299 55.45 4.55 87.09
CA VAL V 299 55.80 3.36 86.33
C VAL V 299 54.57 2.64 85.82
N GLY V 300 54.50 2.49 84.50
CA GLY V 300 53.46 1.73 83.83
C GLY V 300 53.97 0.34 83.51
N PHE V 301 53.14 -0.66 83.73
CA PHE V 301 53.53 -2.05 83.47
C PHE V 301 52.69 -2.66 82.35
N GLU V 302 53.38 -3.10 81.30
CA GLU V 302 52.72 -3.65 80.12
C GLU V 302 52.85 -5.17 80.06
N ALA V 303 51.90 -5.82 79.39
CA ALA V 303 51.84 -7.28 79.30
C ALA V 303 52.91 -7.83 78.37
N ALA V 304 53.80 -8.66 78.92
CA ALA V 304 54.87 -9.29 78.14
C ALA V 304 54.59 -10.74 77.74
N GLY V 305 53.44 -11.26 78.14
CA GLY V 305 52.97 -12.59 77.67
C GLY V 305 53.93 -13.73 78.01
N ASP V 306 54.32 -14.49 76.98
CA ASP V 306 55.31 -15.56 77.13
C ASP V 306 56.74 -15.02 77.29
N GLY V 307 56.91 -13.73 77.00
CA GLY V 307 58.21 -13.06 77.06
C GLY V 307 58.40 -12.19 75.84
N VAL V 308 59.17 -11.10 75.98
CA VAL V 308 59.36 -10.13 74.88
C VAL V 308 60.20 -10.70 73.72
N GLU V 309 61.11 -11.60 74.05
CA GLU V 309 61.91 -12.37 73.08
C GLU V 309 61.12 -13.41 72.22
N THR V 310 59.92 -13.78 72.65
CA THR V 310 59.14 -14.86 71.99
C THR V 310 58.23 -14.45 70.83
N GLY V 311 57.96 -13.15 70.69
CA GLY V 311 56.93 -12.69 69.76
C GLY V 311 55.50 -13.02 70.16
N ARG V 312 55.28 -13.37 71.43
CA ARG V 312 53.93 -13.57 71.99
C ARG V 312 53.78 -12.70 73.23
N HIS V 313 53.48 -11.42 72.96
CA HIS V 313 53.44 -10.39 73.99
C HIS V 313 52.61 -9.21 73.53
N ALA V 314 52.39 -8.27 74.45
CA ALA V 314 51.74 -6.99 74.15
C ALA V 314 52.57 -5.79 74.68
N ALA V 315 53.88 -5.98 74.71
CA ALA V 315 54.83 -4.99 75.25
C ALA V 315 55.14 -3.89 74.26
N THR V 316 54.19 -2.98 74.12
CA THR V 316 54.20 -1.94 73.10
C THR V 316 55.39 -0.98 73.21
N PHE V 317 55.67 -0.47 74.40
CA PHE V 317 56.81 0.43 74.60
C PHE V 317 58.17 -0.29 74.55
N THR V 318 58.24 -1.51 75.05
CA THR V 318 59.47 -2.31 75.03
C THR V 318 59.89 -2.73 73.61
N ALA V 319 58.92 -3.20 72.83
CA ALA V 319 59.19 -3.81 71.50
C ALA V 319 58.59 -3.07 70.29
N GLY V 320 57.73 -2.09 70.53
CA GLY V 320 57.04 -1.38 69.45
C GLY V 320 57.77 -0.15 68.98
N SER V 321 57.11 0.60 68.11
CA SER V 321 57.67 1.82 67.54
C SER V 321 56.55 2.78 67.11
N PRO V 322 56.88 4.07 66.86
CA PRO V 322 55.83 5.03 66.53
C PRO V 322 55.09 4.73 65.22
N GLY V 323 53.79 4.99 65.23
CA GLY V 323 52.96 4.83 64.05
C GLY V 323 51.52 5.27 64.28
N ALA V 324 50.76 5.30 63.18
CA ALA V 324 49.34 5.67 63.21
C ALA V 324 48.46 4.42 63.29
N PHE V 325 47.65 4.34 64.34
CA PHE V 325 46.82 3.17 64.60
C PHE V 325 45.62 3.55 65.46
N HIS V 326 44.47 3.02 65.08
CA HIS V 326 43.20 3.28 65.77
C HIS V 326 42.97 4.75 66.11
N GLY V 327 43.23 5.61 65.12
CA GLY V 327 42.92 7.03 65.25
C GLY V 327 44.02 7.95 65.75
N SER V 328 45.13 7.40 66.24
CA SER V 328 46.18 8.22 66.84
C SER V 328 47.58 7.86 66.36
N PHE V 329 48.48 8.83 66.46
CA PHE V 329 49.91 8.60 66.31
C PHE V 329 50.47 8.32 67.70
N SER V 330 50.95 7.10 67.88
CA SER V 330 51.43 6.63 69.18
C SER V 330 52.37 5.45 68.93
N TYR V 331 52.68 4.68 69.96
CA TYR V 331 53.45 3.45 69.77
C TYR V 331 52.54 2.29 69.42
N LEU V 332 53.01 1.42 68.54
CA LEU V 332 52.37 0.11 68.36
C LEU V 332 53.35 -0.97 67.96
N LEU V 333 52.94 -2.20 68.21
CA LEU V 333 53.67 -3.36 67.71
C LEU V 333 53.41 -3.47 66.22
N GLN V 334 54.46 -3.36 65.42
CA GLN V 334 54.34 -3.40 63.97
C GLN V 334 55.59 -3.99 63.29
N ASP V 335 55.40 -4.58 62.12
CA ASP V 335 56.51 -5.19 61.36
C ASP V 335 57.22 -4.16 60.47
N GLU V 336 58.17 -4.62 59.66
CA GLU V 336 58.96 -3.72 58.80
C GLU V 336 58.13 -2.90 57.79
N ASP V 337 56.97 -3.43 57.40
CA ASP V 337 56.06 -2.75 56.44
C ASP V 337 55.01 -1.86 57.09
N GLY V 338 54.89 -1.92 58.41
CA GLY V 338 53.88 -1.16 59.15
C GLY V 338 52.57 -1.90 59.38
N GLN V 339 52.58 -3.22 59.20
CA GLN V 339 51.41 -4.05 59.50
C GLN V 339 51.38 -4.27 61.00
N THR V 340 50.19 -4.20 61.58
CA THR V 340 50.02 -4.45 63.01
C THR V 340 50.37 -5.90 63.31
N ILE V 341 51.20 -6.09 64.34
CA ILE V 341 51.52 -7.43 64.83
C ILE V 341 50.49 -7.77 65.89
N GLU V 342 49.90 -8.95 65.77
CA GLU V 342 48.90 -9.40 66.73
C GLU V 342 49.55 -9.60 68.09
N SER V 343 48.91 -9.05 69.11
CA SER V 343 49.36 -9.18 70.50
C SER V 343 48.88 -10.49 71.12
N HIS V 344 49.59 -10.91 72.17
CA HIS V 344 49.14 -12.02 73.03
C HIS V 344 49.43 -11.76 74.50
N SER V 345 48.46 -12.09 75.35
CA SER V 345 48.62 -12.07 76.81
C SER V 345 47.57 -12.99 77.42
N ILE V 346 47.88 -13.53 78.60
CA ILE V 346 46.89 -14.25 79.40
C ILE V 346 45.75 -13.31 79.84
N SER V 347 46.08 -12.02 79.97
CA SER V 347 45.12 -10.98 80.31
C SER V 347 44.43 -10.42 79.07
N ALA V 348 43.12 -10.57 78.99
CA ALA V 348 42.33 -10.06 77.85
C ALA V 348 42.35 -8.53 77.77
N GLY V 349 42.41 -7.89 78.93
CA GLY V 349 42.44 -6.43 79.02
C GLY V 349 43.74 -5.74 78.61
N LEU V 350 44.85 -6.46 78.71
CA LEU V 350 46.17 -5.93 78.27
C LEU V 350 46.60 -6.46 76.89
N ASP V 351 45.77 -7.30 76.27
CA ASP V 351 46.10 -7.95 75.01
C ASP V 351 45.76 -7.01 73.85
N TYR V 352 46.62 -6.01 73.68
CA TYR V 352 46.39 -4.93 72.72
C TYR V 352 47.75 -4.42 72.26
N PRO V 353 48.00 -4.38 70.93
CA PRO V 353 49.32 -4.02 70.45
C PRO V 353 49.63 -2.53 70.42
N GLY V 354 48.63 -1.70 70.75
CA GLY V 354 48.81 -0.24 70.80
C GLY V 354 48.87 0.32 72.20
N VAL V 355 48.94 1.65 72.28
CA VAL V 355 48.89 2.37 73.54
C VAL V 355 48.48 3.81 73.24
N GLY V 356 47.87 4.47 74.22
CA GLY V 356 47.41 5.85 74.09
C GLY V 356 48.53 6.87 73.90
N PRO V 357 48.25 7.95 73.15
CA PRO V 357 49.26 8.94 72.80
C PRO V 357 49.80 9.77 73.96
N GLU V 358 48.99 9.97 75.02
CA GLU V 358 49.49 10.72 76.18
C GLU V 358 50.63 9.96 76.84
N HIS V 359 50.50 8.64 76.89
CA HIS V 359 51.57 7.76 77.39
C HIS V 359 52.82 7.83 76.51
N ALA V 360 52.63 7.84 75.19
CA ALA V 360 53.77 8.02 74.27
C ALA V 360 54.50 9.33 74.56
N TRP V 361 53.75 10.39 74.78
CA TRP V 361 54.31 11.71 75.09
C TRP V 361 55.04 11.72 76.43
N LEU V 362 54.42 11.12 77.45
CA LEU V 362 55.04 11.04 78.78
C LEU V 362 56.29 10.16 78.78
N LYS V 363 56.28 9.10 77.99
CA LYS V 363 57.47 8.25 77.77
C LYS V 363 58.62 9.04 77.14
N GLU V 364 58.30 9.75 76.06
CA GLU V 364 59.28 10.56 75.35
C GLU V 364 59.88 11.67 76.24
N ALA V 365 59.03 12.26 77.08
CA ALA V 365 59.44 13.34 78.01
C ALA V 365 60.33 12.89 79.17
N GLY V 366 60.34 11.58 79.44
CA GLY V 366 61.08 11.02 80.57
C GLY V 366 60.33 11.07 81.90
N ARG V 367 59.02 11.30 81.85
CA ARG V 367 58.22 11.46 83.08
C ARG V 367 57.72 10.11 83.62
N VAL V 368 57.38 9.21 82.72
CA VAL V 368 56.94 7.86 83.09
C VAL V 368 57.88 6.83 82.48
N ASP V 369 58.22 5.82 83.26
CA ASP V 369 58.90 4.62 82.75
C ASP V 369 57.89 3.50 82.52
N TYR V 370 58.05 2.78 81.42
CA TYR V 370 57.16 1.68 81.06
C TYR V 370 57.99 0.40 80.98
N ARG V 371 57.50 -0.67 81.58
N ARG V 371 57.48 -0.67 81.60
CA ARG V 371 58.31 -1.87 81.75
CA ARG V 371 58.25 -1.89 81.84
C ARG V 371 57.48 -3.15 81.57
C ARG V 371 57.44 -3.15 81.52
N PRO V 372 58.10 -4.22 81.03
CA PRO V 372 57.39 -5.47 80.79
C PRO V 372 57.17 -6.33 82.04
N ILE V 373 56.02 -7.00 82.07
CA ILE V 373 55.69 -8.01 83.08
C ILE V 373 55.04 -9.21 82.36
N THR V 374 55.58 -10.40 82.58
CA THR V 374 55.13 -11.62 81.90
C THR V 374 53.89 -12.24 82.53
N ASP V 375 53.26 -13.14 81.78
CA ASP V 375 52.13 -13.94 82.29
C ASP V 375 52.44 -14.58 83.64
N SER V 376 53.61 -15.20 83.74
CA SER V 376 54.02 -15.93 84.94
C SER V 376 54.19 -15.01 86.14
N GLU V 377 54.92 -13.92 85.94
CA GLU V 377 55.10 -12.89 86.96
C GLU V 377 53.75 -12.38 87.49
N ALA V 378 52.83 -12.12 86.55
CA ALA V 378 51.49 -11.64 86.90
C ALA V 378 50.68 -12.65 87.69
N MET V 379 50.72 -13.91 87.27
CA MET V 379 50.01 -14.96 87.99
C MET V 379 50.60 -15.25 89.37
N ASP V 380 51.93 -15.18 89.50
CA ASP V 380 52.56 -15.29 90.83
C ASP V 380 52.02 -14.21 91.77
N ALA V 381 51.89 -13.00 91.26
CA ALA V 381 51.35 -11.87 92.03
C ALA V 381 49.85 -12.02 92.32
N PHE V 382 49.10 -12.47 91.31
CA PHE V 382 47.67 -12.77 91.47
C PHE V 382 47.50 -13.66 92.69
N GLY V 383 48.20 -14.78 92.67
CA GLY V 383 48.16 -15.76 93.74
C GLY V 383 48.59 -15.21 95.09
N LEU V 384 49.64 -14.39 95.08
CA LEU V 384 50.18 -13.84 96.31
C LEU V 384 49.18 -12.92 96.97
N LEU V 385 48.50 -12.13 96.16
CA LEU V 385 47.51 -11.19 96.68
C LEU V 385 46.29 -11.90 97.28
N CYS V 386 45.83 -12.95 96.60
CA CYS V 386 44.75 -13.80 97.14
C CYS V 386 45.13 -14.34 98.51
N ARG V 387 46.31 -14.90 98.59
CA ARG V 387 46.79 -15.64 99.76
C ARG V 387 47.11 -14.76 100.96
N MET V 388 47.70 -13.61 100.69
CA MET V 388 48.21 -12.71 101.73
C MET V 388 47.20 -11.68 102.20
N GLU V 389 46.48 -11.05 101.28
CA GLU V 389 45.54 -9.96 101.62
C GLU V 389 44.06 -10.28 101.42
N GLY V 390 43.76 -11.46 100.94
CA GLY V 390 42.37 -11.84 100.65
C GLY V 390 41.69 -11.01 99.59
N ILE V 391 42.45 -10.55 98.61
CA ILE V 391 41.89 -9.79 97.49
C ILE V 391 42.17 -10.55 96.20
N ILE V 392 41.12 -10.83 95.45
CA ILE V 392 41.24 -11.49 94.16
C ILE V 392 41.26 -10.41 93.08
N PRO V 393 42.43 -10.11 92.52
CA PRO V 393 42.51 -9.03 91.57
C PRO V 393 42.16 -9.50 90.18
N ALA V 394 41.86 -8.55 89.32
CA ALA V 394 41.89 -8.81 87.89
C ALA V 394 43.32 -9.20 87.48
N ILE V 395 43.41 -10.09 86.50
CA ILE V 395 44.72 -10.50 85.95
C ILE V 395 45.44 -9.29 85.35
N GLU V 396 44.68 -8.33 84.84
CA GLU V 396 45.23 -7.06 84.37
C GLU V 396 46.00 -6.41 85.54
N SER V 397 45.29 -6.21 86.64
CA SER V 397 45.82 -5.54 87.83
C SER V 397 46.97 -6.28 88.48
N ALA V 398 46.95 -7.60 88.39
CA ALA V 398 48.05 -8.42 88.92
C ALA V 398 49.39 -8.09 88.28
N HIS V 399 49.38 -7.61 87.03
CA HIS V 399 50.61 -7.11 86.39
C HIS V 399 51.19 -5.92 87.15
N ALA V 400 50.32 -5.01 87.57
CA ALA V 400 50.74 -3.84 88.32
C ALA V 400 51.29 -4.26 89.69
N VAL V 401 50.63 -5.23 90.31
CA VAL V 401 51.05 -5.74 91.61
C VAL V 401 52.42 -6.41 91.48
N ALA V 402 52.58 -7.20 90.43
CA ALA V 402 53.85 -7.86 90.14
C ALA V 402 54.98 -6.84 89.95
N GLY V 403 54.69 -5.79 89.19
CA GLY V 403 55.64 -4.70 88.97
C GLY V 403 56.02 -3.96 90.24
N ALA V 404 55.03 -3.72 91.08
CA ALA V 404 55.24 -3.06 92.37
C ALA V 404 56.17 -3.86 93.28
N LEU V 405 56.04 -5.18 93.27
CA LEU V 405 56.92 -6.05 94.06
C LEU V 405 58.37 -5.89 93.63
N LYS V 406 58.62 -5.87 92.33
CA LYS V 406 59.98 -5.67 91.79
C LYS V 406 60.51 -4.27 92.10
N LEU V 407 59.65 -3.27 91.93
CA LEU V 407 59.99 -1.89 92.25
C LEU V 407 60.31 -1.74 93.74
N GLY V 408 59.54 -2.42 94.57
CA GLY V 408 59.79 -2.46 96.02
C GLY V 408 61.20 -2.95 96.34
N VAL V 409 61.65 -4.00 95.66
CA VAL V 409 63.01 -4.53 95.85
C VAL V 409 64.07 -3.51 95.43
N GLU V 410 63.80 -2.79 94.34
CA GLU V 410 64.69 -1.76 93.83
C GLU V 410 64.81 -0.56 94.79
N LEU V 411 63.68 -0.07 95.29
CA LEU V 411 63.63 1.13 96.16
C LEU V 411 63.90 0.87 97.63
N GLY V 412 63.51 -0.31 98.10
CA GLY V 412 63.92 -0.78 99.43
C GLY V 412 63.01 -0.39 100.57
N ARG V 413 63.52 -0.61 101.78
CA ARG V 413 62.75 -0.54 103.04
C ARG V 413 62.07 0.79 103.29
N GLY V 414 60.76 0.75 103.52
CA GLY V 414 59.99 1.95 103.85
C GLY V 414 59.54 2.82 102.69
N ALA V 415 59.92 2.45 101.46
CA ALA V 415 59.49 3.19 100.28
C ALA V 415 57.98 3.01 100.11
N VAL V 416 57.32 4.10 99.75
CA VAL V 416 55.87 4.13 99.66
C VAL V 416 55.49 4.04 98.18
N ILE V 417 54.82 2.96 97.83
CA ILE V 417 54.40 2.68 96.46
C ILE V 417 52.88 2.57 96.43
N VAL V 418 52.24 3.45 95.67
CA VAL V 418 50.81 3.35 95.43
C VAL V 418 50.60 2.56 94.14
N VAL V 419 49.74 1.54 94.23
CA VAL V 419 49.41 0.66 93.11
C VAL V 419 47.93 0.79 92.78
N ASN V 420 47.63 1.04 91.51
CA ASN V 420 46.24 1.06 91.05
C ASN V 420 45.75 -0.35 90.89
N LEU V 421 44.86 -0.77 91.78
CA LEU V 421 44.26 -2.08 91.68
C LEU V 421 42.98 -1.92 90.85
N SER V 422 43.17 -2.03 89.54
CA SER V 422 42.21 -1.53 88.56
C SER V 422 40.87 -2.27 88.57
N GLY V 423 40.91 -3.55 88.89
CA GLY V 423 39.69 -4.35 88.94
C GLY V 423 39.79 -5.63 89.76
N ARG V 424 38.63 -6.24 89.97
CA ARG V 424 38.55 -7.52 90.66
C ARG V 424 38.57 -8.70 89.69
N GLY V 425 38.84 -9.87 90.23
CA GLY V 425 39.14 -11.06 89.43
C GLY V 425 38.06 -12.09 89.22
N ASP V 426 36.80 -11.76 89.51
CA ASP V 426 35.69 -12.70 89.32
C ASP V 426 35.61 -13.31 87.93
N LYS V 427 35.82 -12.49 86.92
CA LYS V 427 35.88 -12.93 85.51
C LYS V 427 37.04 -13.88 85.21
N ASP V 428 38.10 -13.78 86.00
CA ASP V 428 39.34 -14.55 85.84
C ASP V 428 39.45 -15.76 86.76
N VAL V 429 38.44 -16.01 87.58
CA VAL V 429 38.51 -17.10 88.59
C VAL V 429 38.72 -18.47 87.96
N GLU V 430 38.03 -18.74 86.85
CA GLU V 430 38.16 -20.01 86.14
C GLU V 430 39.59 -20.21 85.60
N THR V 431 40.08 -19.20 84.89
CA THR V 431 41.48 -19.17 84.40
C THR V 431 42.51 -19.37 85.52
N ALA V 432 42.32 -18.67 86.62
CA ALA V 432 43.24 -18.73 87.75
C ALA V 432 43.19 -20.05 88.50
N ALA V 433 41.98 -20.55 88.73
CA ALA V 433 41.79 -21.88 89.36
C ALA V 433 42.50 -22.98 88.55
N LYS V 434 42.37 -22.88 87.24
CA LYS V 434 43.05 -23.77 86.29
C LYS V 434 44.58 -23.61 86.37
N TRP V 435 45.05 -22.38 86.31
CA TRP V 435 46.48 -22.07 86.50
C TRP V 435 47.09 -22.70 87.77
N PHE V 436 46.37 -22.62 88.89
CA PHE V 436 46.89 -23.11 90.19
C PHE V 436 46.48 -24.54 90.55
N GLY V 437 45.86 -25.25 89.62
CA GLY V 437 45.49 -26.65 89.79
C GLY V 437 44.38 -26.88 90.82
N LEU V 438 43.38 -26.00 90.79
CA LEU V 438 42.28 -26.03 91.76
C LEU V 438 40.97 -26.29 91.02
N LEU V 439 41.04 -27.21 90.06
CA LEU V 439 40.05 -27.46 88.96
C LEU V 439 40.31 -26.67 87.66
N GLU W 28 12.46 -39.35 146.46
CA GLU W 28 13.45 -40.05 147.23
C GLU W 28 14.67 -40.48 146.48
N ALA W 29 14.49 -41.35 145.49
CA ALA W 29 15.61 -41.82 144.69
C ALA W 29 15.24 -41.91 143.23
N SER W 30 16.26 -41.98 142.37
CA SER W 30 16.08 -42.04 140.91
C SER W 30 15.47 -43.37 140.46
N ARG W 31 14.83 -43.35 139.30
CA ARG W 31 14.21 -44.53 138.69
C ARG W 31 15.23 -45.60 138.31
N LEU W 32 16.37 -45.18 137.79
CA LEU W 32 17.45 -46.11 137.37
C LEU W 32 18.41 -46.53 138.49
N GLY W 33 18.29 -45.89 139.66
CA GLY W 33 19.12 -46.20 140.85
C GLY W 33 19.24 -47.67 141.27
N PRO W 34 18.10 -48.40 141.36
CA PRO W 34 18.13 -49.84 141.65
C PRO W 34 18.85 -50.71 140.62
N VAL W 35 18.85 -50.29 139.36
CA VAL W 35 19.60 -51.03 138.30
C VAL W 35 21.10 -50.94 138.52
N PHE W 36 21.58 -49.71 138.76
CA PHE W 36 23.00 -49.48 139.04
C PHE W 36 23.48 -50.08 140.37
N ASP W 37 22.61 -50.06 141.38
CA ASP W 37 22.91 -50.70 142.67
C ASP W 37 23.01 -52.24 142.51
N SER W 38 22.08 -52.81 141.74
CA SER W 38 22.10 -54.25 141.42
C SER W 38 23.35 -54.66 140.63
N CYS W 39 23.77 -53.80 139.72
CA CYS W 39 25.04 -54.01 138.99
C CYS W 39 26.24 -53.88 139.93
N ARG W 40 26.26 -52.81 140.71
CA ARG W 40 27.33 -52.54 141.70
C ARG W 40 27.44 -53.62 142.79
N ALA W 41 26.33 -54.30 143.07
CA ALA W 41 26.30 -55.46 143.99
C ALA W 41 26.85 -56.75 143.36
N ASN W 42 26.64 -56.90 142.05
CA ASN W 42 27.21 -58.03 141.27
C ASN W 42 28.57 -57.73 140.63
N ASN W 43 29.24 -56.69 141.13
CA ASN W 43 30.57 -56.28 140.69
C ASN W 43 30.72 -56.15 139.17
N ARG W 44 29.88 -55.31 138.59
CA ARG W 44 29.87 -55.08 137.15
C ARG W 44 29.27 -53.74 136.78
N ALA W 45 29.45 -53.38 135.52
CA ALA W 45 28.82 -52.21 134.94
C ALA W 45 27.52 -52.61 134.25
N ALA W 46 26.62 -51.64 134.11
CA ALA W 46 25.38 -51.83 133.36
C ALA W 46 25.65 -51.71 131.86
N LEU W 47 25.07 -52.60 131.06
CA LEU W 47 25.12 -52.49 129.61
C LEU W 47 23.92 -51.68 129.12
N ILE W 48 24.20 -50.54 128.49
CA ILE W 48 23.16 -49.61 128.02
C ILE W 48 23.14 -49.63 126.49
N GLY W 49 22.04 -50.13 125.94
CA GLY W 49 21.93 -50.37 124.49
C GLY W 49 21.03 -49.39 123.77
N TYR W 50 21.56 -48.75 122.74
CA TYR W 50 20.79 -47.83 121.88
C TYR W 50 20.36 -48.48 120.57
N LEU W 51 19.07 -48.36 120.27
CA LEU W 51 18.55 -48.59 118.91
C LEU W 51 17.58 -47.49 118.53
N PRO W 52 17.55 -47.10 117.25
CA PRO W 52 16.56 -46.13 116.80
C PRO W 52 15.25 -46.78 116.36
N THR W 53 14.15 -46.20 116.81
CA THR W 53 12.79 -46.65 116.44
C THR W 53 12.60 -46.55 114.93
N GLY W 54 11.97 -47.57 114.36
CA GLY W 54 11.64 -47.59 112.93
C GLY W 54 12.72 -48.03 111.95
N TYR W 55 13.88 -48.46 112.45
CA TYR W 55 14.92 -49.05 111.59
C TYR W 55 15.04 -50.56 111.86
N PRO W 56 14.97 -51.41 110.82
CA PRO W 56 14.72 -51.04 109.40
C PRO W 56 13.26 -50.69 109.09
N ASP W 57 12.33 -51.15 109.92
CA ASP W 57 10.94 -50.66 109.95
C ASP W 57 10.46 -50.74 111.41
N VAL W 58 9.23 -50.31 111.69
CA VAL W 58 8.75 -50.22 113.07
C VAL W 58 8.63 -51.59 113.78
N PRO W 59 7.96 -52.58 113.16
CA PRO W 59 7.89 -53.92 113.77
C PRO W 59 9.25 -54.61 114.00
N ALA W 60 10.16 -54.49 113.04
CA ALA W 60 11.49 -55.10 113.16
C ALA W 60 12.32 -54.46 114.29
N SER W 61 12.22 -53.13 114.40
CA SER W 61 12.93 -52.37 115.45
C SER W 61 12.47 -52.73 116.87
N VAL W 62 11.16 -52.97 117.01
CA VAL W 62 10.59 -53.40 118.29
C VAL W 62 11.04 -54.82 118.63
N ALA W 63 11.04 -55.69 117.63
CA ALA W 63 11.57 -57.07 117.78
C ALA W 63 13.06 -57.08 118.13
N ALA W 64 13.81 -56.12 117.58
CA ALA W 64 15.23 -55.95 117.91
C ALA W 64 15.42 -55.46 119.35
N MET W 65 14.62 -54.50 119.77
CA MET W 65 14.68 -53.97 121.15
C MET W 65 14.29 -55.02 122.21
N THR W 66 13.33 -55.88 121.86
CA THR W 66 12.98 -57.02 122.70
C THR W 66 14.16 -58.00 122.79
N ALA W 67 14.81 -58.26 121.66
CA ALA W 67 16.00 -59.13 121.60
C ALA W 67 17.14 -58.64 122.52
N LEU W 68 17.30 -57.33 122.62
CA LEU W 68 18.28 -56.72 123.53
C LEU W 68 17.98 -57.04 125.00
N VAL W 69 16.71 -56.95 125.38
CA VAL W 69 16.28 -57.32 126.73
C VAL W 69 16.65 -58.78 127.02
N GLU W 70 16.31 -59.66 126.08
CA GLU W 70 16.59 -61.10 126.19
C GLU W 70 18.09 -61.41 126.20
N SER W 71 18.86 -60.65 125.43
CA SER W 71 20.32 -60.84 125.31
C SER W 71 21.16 -60.19 126.42
N GLY W 72 20.50 -59.47 127.34
CA GLY W 72 21.14 -59.02 128.59
C GLY W 72 21.52 -57.55 128.68
N CYS W 73 20.72 -56.69 128.05
CA CYS W 73 20.88 -55.23 128.19
C CYS W 73 20.12 -54.79 129.44
N ASP W 74 20.82 -54.10 130.33
CA ASP W 74 20.22 -53.64 131.58
C ASP W 74 19.29 -52.44 131.35
N ILE W 75 19.72 -51.52 130.48
CA ILE W 75 18.93 -50.35 130.10
C ILE W 75 18.92 -50.24 128.57
N ILE W 76 17.76 -49.88 128.00
CA ILE W 76 17.61 -49.63 126.56
C ILE W 76 17.38 -48.13 126.28
N GLU W 77 18.23 -47.55 125.43
CA GLU W 77 18.00 -46.19 124.91
C GLU W 77 17.19 -46.29 123.63
N VAL W 78 15.93 -45.86 123.70
CA VAL W 78 15.06 -45.82 122.53
C VAL W 78 15.24 -44.47 121.83
N GLY W 79 15.88 -44.51 120.68
CA GLY W 79 16.15 -43.32 119.87
C GLY W 79 14.91 -42.83 119.12
N VAL W 80 14.68 -41.53 119.16
CA VAL W 80 13.63 -40.88 118.37
C VAL W 80 14.29 -40.30 117.14
N PRO W 81 14.01 -40.86 115.95
CA PRO W 81 14.62 -40.30 114.74
C PRO W 81 14.26 -38.83 114.52
N TYR W 82 15.30 -38.03 114.25
CA TYR W 82 15.18 -36.59 114.02
C TYR W 82 15.77 -36.24 112.64
N SER W 83 15.13 -35.30 111.97
CA SER W 83 15.51 -34.91 110.60
C SER W 83 16.90 -34.27 110.48
N ASP W 84 17.36 -33.59 111.54
CA ASP W 84 18.65 -32.91 111.55
C ASP W 84 19.49 -33.24 112.80
N PRO W 85 19.95 -34.50 112.90
CA PRO W 85 20.57 -35.01 114.13
C PRO W 85 22.05 -34.64 114.22
N GLY W 86 22.31 -33.49 114.81
CA GLY W 86 23.63 -32.89 114.81
C GLY W 86 24.73 -33.70 115.47
N MET W 87 24.37 -34.43 116.53
CA MET W 87 25.33 -35.19 117.32
C MET W 87 25.45 -36.66 116.93
N ASP W 88 24.55 -37.17 116.08
CA ASP W 88 24.59 -38.58 115.66
C ASP W 88 25.69 -38.83 114.63
N GLY W 89 26.47 -39.91 114.82
CA GLY W 89 27.47 -40.33 113.83
C GLY W 89 26.82 -40.91 112.56
N PRO W 90 27.65 -41.29 111.56
CA PRO W 90 27.14 -41.73 110.25
C PRO W 90 26.25 -42.98 110.27
N THR W 91 26.63 -43.99 111.06
CA THR W 91 25.84 -45.22 111.18
C THR W 91 24.43 -44.94 111.72
N ILE W 92 24.34 -44.18 112.80
CA ILE W 92 23.05 -43.82 113.41
C ILE W 92 22.29 -42.84 112.51
N ALA W 93 22.99 -41.88 111.92
CA ALA W 93 22.36 -40.87 111.05
C ALA W 93 21.67 -41.51 109.86
N ARG W 94 22.34 -42.45 109.20
CA ARG W 94 21.76 -43.14 108.03
C ARG W 94 20.58 -44.02 108.40
N ALA W 95 20.67 -44.63 109.57
CA ALA W 95 19.57 -45.46 110.09
C ALA W 95 18.33 -44.63 110.42
N THR W 96 18.54 -43.48 111.07
CA THR W 96 17.41 -42.59 111.41
C THR W 96 16.82 -41.96 110.14
N GLU W 97 17.66 -41.61 109.17
CA GLU W 97 17.19 -41.18 107.84
C GLU W 97 16.28 -42.23 107.20
N ALA W 98 16.71 -43.49 107.26
CA ALA W 98 15.94 -44.60 106.69
C ALA W 98 14.61 -44.83 107.42
N ALA W 99 14.64 -44.71 108.74
CA ALA W 99 13.41 -44.79 109.55
C ALA W 99 12.41 -43.71 109.18
N LEU W 100 12.90 -42.49 108.96
CA LEU W 100 12.05 -41.37 108.56
C LEU W 100 11.44 -41.56 107.17
N ARG W 101 12.25 -41.98 106.19
CA ARG W 101 11.74 -42.39 104.86
C ARG W 101 10.61 -43.43 104.98
N GLY W 102 10.77 -44.37 105.89
CA GLY W 102 9.76 -45.39 106.18
C GLY W 102 8.51 -44.90 106.89
N GLY W 103 8.48 -43.64 107.31
CA GLY W 103 7.29 -43.03 107.91
C GLY W 103 7.19 -43.09 109.43
N VAL W 104 8.32 -43.29 110.11
CA VAL W 104 8.34 -43.40 111.57
C VAL W 104 7.79 -42.13 112.22
N ARG W 105 7.08 -42.33 113.32
CA ARG W 105 6.42 -41.27 114.06
C ARG W 105 6.89 -41.31 115.50
N VAL W 106 6.75 -40.19 116.19
CA VAL W 106 7.13 -40.07 117.61
C VAL W 106 6.35 -41.07 118.49
N ARG W 107 5.08 -41.30 118.16
CA ARG W 107 4.29 -42.31 118.88
C ARG W 107 4.78 -43.72 118.83
N ASP W 108 5.44 -44.06 117.71
CA ASP W 108 6.08 -45.37 117.55
C ASP W 108 7.14 -45.60 118.64
N THR W 109 7.82 -44.53 119.05
CA THR W 109 8.78 -44.59 120.17
C THR W 109 8.10 -44.97 121.50
N LEU W 110 6.96 -44.36 121.78
CA LEU W 110 6.20 -44.68 122.99
C LEU W 110 5.66 -46.11 122.96
N ALA W 111 5.25 -46.58 121.78
CA ALA W 111 4.90 -48.00 121.59
C ALA W 111 6.09 -48.94 121.83
N ALA W 112 7.27 -48.52 121.39
CA ALA W 112 8.51 -49.28 121.63
C ALA W 112 8.84 -49.39 123.12
N VAL W 113 8.67 -48.28 123.85
CA VAL W 113 8.91 -48.25 125.29
C VAL W 113 7.97 -49.21 126.02
N GLU W 114 6.71 -49.24 125.60
CA GLU W 114 5.70 -50.13 126.16
C GLU W 114 6.05 -51.62 125.95
N ALA W 115 6.43 -51.96 124.71
CA ALA W 115 6.84 -53.34 124.37
C ALA W 115 8.08 -53.79 125.16
N ILE W 116 9.03 -52.89 125.32
CA ILE W 116 10.21 -53.14 126.17
C ILE W 116 9.79 -53.40 127.62
N SER W 117 8.94 -52.55 128.17
CA SER W 117 8.51 -52.64 129.58
C SER W 117 7.72 -53.91 129.89
N ILE W 118 6.87 -54.33 128.94
CA ILE W 118 6.11 -55.60 129.05
C ILE W 118 7.03 -56.82 128.99
N ALA W 119 8.07 -56.74 128.16
CA ALA W 119 9.09 -57.81 128.07
C ALA W 119 10.03 -57.92 129.29
N GLY W 120 9.93 -56.98 130.23
CA GLY W 120 10.75 -56.99 131.46
C GLY W 120 12.01 -56.14 131.38
N GLY W 121 12.10 -55.30 130.36
CA GLY W 121 13.25 -54.41 130.17
C GLY W 121 13.00 -53.04 130.77
N ARG W 122 14.07 -52.25 130.80
CA ARG W 122 14.02 -50.91 131.36
C ARG W 122 14.44 -49.93 130.28
N ALA W 123 13.55 -49.01 129.94
CA ALA W 123 13.74 -48.11 128.80
C ALA W 123 13.86 -46.63 129.17
N VAL W 124 14.82 -45.95 128.57
CA VAL W 124 14.84 -44.50 128.51
C VAL W 124 14.74 -44.09 127.04
N VAL W 125 14.30 -42.86 126.81
CA VAL W 125 14.20 -42.29 125.46
C VAL W 125 15.32 -41.29 125.24
N MET W 126 16.00 -41.41 124.09
CA MET W 126 16.98 -40.41 123.65
C MET W 126 16.39 -39.66 122.47
N THR W 127 16.30 -38.34 122.62
CA THR W 127 15.69 -37.50 121.62
C THR W 127 16.30 -36.11 121.61
N TYR W 128 16.35 -35.53 120.41
CA TYR W 128 16.61 -34.10 120.26
C TYR W 128 15.38 -33.37 120.80
N TRP W 129 15.54 -32.09 121.13
CA TRP W 129 14.51 -31.42 121.91
C TRP W 129 13.27 -30.97 121.14
N ASN W 130 13.39 -30.62 119.86
CA ASN W 130 12.23 -30.08 119.15
C ASN W 130 11.02 -31.05 119.06
N PRO W 131 11.26 -32.35 118.79
CA PRO W 131 10.15 -33.29 118.86
C PRO W 131 9.38 -33.28 120.19
N VAL W 132 10.10 -33.05 121.29
CA VAL W 132 9.48 -32.94 122.61
C VAL W 132 8.63 -31.64 122.75
N LEU W 133 9.19 -30.50 122.33
CA LEU W 133 8.46 -29.22 122.30
C LEU W 133 7.14 -29.30 121.51
N ARG W 134 7.24 -29.93 120.35
CA ARG W 134 6.12 -30.04 119.42
C ARG W 134 4.98 -30.87 120.01
N TYR W 135 5.36 -32.00 120.60
CA TYR W 135 4.44 -32.90 121.32
C TYR W 135 3.81 -32.20 122.53
N GLY W 136 4.63 -31.38 123.19
CA GLY W 136 4.29 -30.80 124.50
C GLY W 136 5.16 -31.46 125.56
N VAL W 137 5.95 -30.67 126.28
CA VAL W 137 6.93 -31.21 127.22
C VAL W 137 6.25 -32.00 128.36
N ASP W 138 5.24 -31.40 128.98
CA ASP W 138 4.46 -32.08 130.02
C ASP W 138 3.76 -33.33 129.48
N ALA W 139 3.11 -33.19 128.32
CA ALA W 139 2.37 -34.30 127.72
C ALA W 139 3.28 -35.47 127.35
N PHE W 140 4.46 -35.15 126.82
CA PHE W 140 5.42 -36.19 126.48
C PHE W 140 5.93 -36.92 127.73
N ALA W 141 6.18 -36.16 128.78
CA ALA W 141 6.61 -36.74 130.07
C ALA W 141 5.54 -37.67 130.63
N ARG W 142 4.31 -37.17 130.63
CA ARG W 142 3.13 -37.93 131.07
C ARG W 142 2.99 -39.26 130.31
N ASP W 143 3.02 -39.18 128.99
CA ASP W 143 2.84 -40.37 128.15
C ASP W 143 4.05 -41.31 128.16
N LEU W 144 5.25 -40.76 128.30
CA LEU W 144 6.46 -41.58 128.46
C LEU W 144 6.38 -42.40 129.74
N ALA W 145 6.00 -41.73 130.83
CA ALA W 145 5.81 -42.38 132.13
C ALA W 145 4.71 -43.44 132.09
N ALA W 146 3.62 -43.17 131.38
CA ALA W 146 2.51 -44.14 131.27
C ALA W 146 2.89 -45.39 130.49
N ALA W 147 3.75 -45.24 129.48
CA ALA W 147 4.32 -46.37 128.75
C ALA W 147 5.33 -47.22 129.57
N GLY W 148 5.70 -46.75 130.76
CA GLY W 148 6.70 -47.42 131.60
C GLY W 148 8.12 -46.89 131.39
N GLY W 149 8.26 -45.79 130.66
CA GLY W 149 9.56 -45.15 130.45
C GLY W 149 10.13 -44.60 131.75
N LEU W 150 11.45 -44.68 131.88
CA LEU W 150 12.15 -44.32 133.13
C LEU W 150 12.88 -42.98 133.08
N GLY W 151 13.05 -42.42 131.90
CA GLY W 151 13.79 -41.18 131.76
C GLY W 151 14.09 -40.75 130.34
N LEU W 152 14.84 -39.66 130.25
CA LEU W 152 15.06 -38.96 129.00
C LEU W 152 16.51 -38.55 128.88
N ILE W 153 17.13 -38.87 127.75
CA ILE W 153 18.48 -38.42 127.41
C ILE W 153 18.32 -37.28 126.41
N THR W 154 18.96 -36.15 126.69
CA THR W 154 18.73 -34.90 125.95
C THR W 154 20.04 -34.27 125.40
N PRO W 155 20.49 -34.74 124.23
CA PRO W 155 21.80 -34.31 123.72
C PRO W 155 21.90 -32.82 123.32
N ASP W 156 20.79 -32.19 122.92
CA ASP W 156 20.79 -30.75 122.60
C ASP W 156 20.02 -29.88 123.61
N LEU W 157 19.77 -30.41 124.81
CA LEU W 157 19.18 -29.63 125.90
C LEU W 157 20.15 -29.56 127.06
N ILE W 158 20.68 -28.37 127.28
CA ILE W 158 21.52 -28.08 128.45
C ILE W 158 20.61 -27.66 129.60
N PRO W 159 21.06 -27.79 130.86
CA PRO W 159 20.23 -27.38 132.00
C PRO W 159 19.74 -25.93 131.93
N ASP W 160 20.58 -25.06 131.35
CA ASP W 160 20.25 -23.62 131.13
C ASP W 160 18.87 -23.38 130.49
N GLU W 161 18.43 -24.30 129.64
CA GLU W 161 17.16 -24.20 128.93
C GLU W 161 16.10 -25.21 129.42
N ALA W 162 16.40 -25.91 130.51
CA ALA W 162 15.62 -27.11 130.91
C ALA W 162 14.55 -26.87 131.98
N GLN W 163 14.06 -25.63 132.12
CA GLN W 163 13.10 -25.28 133.21
C GLN W 163 11.80 -26.09 133.12
N GLN W 164 11.21 -26.13 131.93
CA GLN W 164 9.99 -26.93 131.69
C GLN W 164 10.23 -28.41 131.90
N TRP W 165 11.37 -28.88 131.43
CA TRP W 165 11.75 -30.29 131.57
C TRP W 165 11.99 -30.68 133.04
N LEU W 166 12.70 -29.83 133.77
CA LEU W 166 12.90 -30.06 135.22
C LEU W 166 11.56 -30.25 135.95
N ALA W 167 10.61 -29.37 135.68
CA ALA W 167 9.27 -29.44 136.29
C ALA W 167 8.50 -30.71 135.89
N ALA W 168 8.53 -31.02 134.59
CA ALA W 168 7.88 -32.24 134.04
C ALA W 168 8.53 -33.53 134.56
N SER W 169 9.85 -33.50 134.68
CA SER W 169 10.64 -34.61 135.22
C SER W 169 10.29 -34.91 136.69
N GLU W 170 10.20 -33.86 137.51
CA GLU W 170 9.84 -34.01 138.94
C GLU W 170 8.42 -34.54 139.10
N GLU W 171 7.49 -34.00 138.32
CA GLU W 171 6.08 -34.38 138.41
C GLU W 171 5.78 -35.81 137.95
N HIS W 172 6.38 -36.23 136.84
CA HIS W 172 6.10 -37.57 136.28
C HIS W 172 7.15 -38.62 136.63
N ARG W 173 8.05 -38.28 137.56
CA ARG W 173 9.05 -39.20 138.15
C ARG W 173 9.92 -39.86 137.07
N LEU W 174 10.55 -39.01 136.26
CA LEU W 174 11.45 -39.46 135.19
C LEU W 174 12.87 -38.98 135.46
N ASP W 175 13.82 -39.86 135.19
CA ASP W 175 15.24 -39.49 135.26
C ASP W 175 15.57 -38.53 134.11
N ARG W 176 16.53 -37.66 134.37
CA ARG W 176 16.97 -36.67 133.39
C ARG W 176 18.47 -36.82 133.23
N ILE W 177 18.84 -37.41 132.09
CA ILE W 177 20.22 -37.72 131.78
C ILE W 177 20.73 -36.63 130.84
N PHE W 178 21.54 -35.73 131.39
CA PHE W 178 22.25 -34.72 130.59
C PHE W 178 23.63 -35.25 130.21
N LEU W 179 24.22 -34.63 129.18
CA LEU W 179 25.56 -35.01 128.72
C LEU W 179 26.62 -34.05 129.28
N VAL W 180 27.78 -34.61 129.63
CA VAL W 180 29.01 -33.83 129.84
C VAL W 180 30.06 -34.20 128.80
N ALA W 181 31.03 -33.32 128.60
CA ALA W 181 32.06 -33.49 127.58
C ALA W 181 33.45 -33.23 128.14
N PRO W 182 34.51 -33.71 127.44
CA PRO W 182 35.87 -33.38 127.87
C PRO W 182 36.13 -31.89 127.96
N SER W 183 35.54 -31.14 127.04
CA SER W 183 35.68 -29.67 127.00
C SER W 183 34.95 -28.93 128.14
N SER W 184 34.01 -29.60 128.80
CA SER W 184 33.19 -28.97 129.86
C SER W 184 34.04 -28.27 130.91
N THR W 185 33.72 -27.00 131.18
CA THR W 185 34.42 -26.23 132.22
C THR W 185 34.05 -26.83 133.59
N PRO W 186 34.88 -26.57 134.63
CA PRO W 186 34.53 -27.05 135.97
C PRO W 186 33.15 -26.62 136.46
N GLU W 187 32.81 -25.37 136.21
CA GLU W 187 31.54 -24.81 136.67
C GLU W 187 30.33 -25.47 136.00
N ARG W 188 30.40 -25.61 134.68
CA ARG W 188 29.33 -26.24 133.89
C ARG W 188 29.20 -27.74 134.13
N LEU W 189 30.34 -28.40 134.36
CA LEU W 189 30.32 -29.81 134.75
C LEU W 189 29.56 -30.00 136.07
N ALA W 190 29.89 -29.18 137.06
CA ALA W 190 29.19 -29.21 138.36
C ALA W 190 27.68 -28.96 138.20
N ALA W 191 27.33 -27.91 137.47
CA ALA W 191 25.92 -27.58 137.19
C ALA W 191 25.15 -28.67 136.44
N THR W 192 25.81 -29.34 135.50
CA THR W 192 25.18 -30.42 134.71
C THR W 192 24.96 -31.68 135.53
N VAL W 193 25.94 -32.02 136.36
CA VAL W 193 25.84 -33.19 137.25
C VAL W 193 24.75 -32.99 138.31
N GLU W 194 24.74 -31.82 138.94
CA GLU W 194 23.69 -31.39 139.89
C GLU W 194 22.25 -31.48 139.29
N ALA W 195 22.12 -31.10 138.03
CA ALA W 195 20.80 -31.13 137.33
C ALA W 195 20.35 -32.53 136.88
N SER W 196 21.29 -33.47 136.83
CA SER W 196 21.01 -34.84 136.37
C SER W 196 20.45 -35.74 137.49
N ARG W 197 19.50 -36.60 137.11
CA ARG W 197 19.03 -37.71 137.97
C ARG W 197 19.15 -38.99 137.16
N GLY W 198 19.54 -40.09 137.83
CA GLY W 198 19.70 -41.40 137.18
C GLY W 198 21.15 -41.68 136.84
N PHE W 199 21.60 -41.15 135.71
CA PHE W 199 23.02 -41.13 135.37
C PHE W 199 23.41 -39.92 134.52
N VAL W 200 24.71 -39.70 134.42
CA VAL W 200 25.27 -38.67 133.53
C VAL W 200 25.93 -39.37 132.34
N TYR W 201 25.58 -38.94 131.14
CA TYR W 201 26.11 -39.49 129.90
C TYR W 201 27.41 -38.75 129.63
N ALA W 202 28.54 -39.40 129.88
CA ALA W 202 29.86 -38.86 129.55
C ALA W 202 30.23 -39.26 128.12
N ALA W 203 30.05 -38.31 127.20
CA ALA W 203 30.25 -38.55 125.77
C ALA W 203 31.64 -38.11 125.32
N SER W 204 32.25 -38.92 124.46
CA SER W 204 33.42 -38.51 123.68
C SER W 204 33.49 -39.27 122.37
N SER W 216 41.76 -41.15 124.07
CA SER W 216 42.91 -41.65 124.52
C SER W 216 42.74 -41.86 126.05
N GLN W 217 43.07 -40.89 126.88
CA GLN W 217 42.77 -40.94 128.32
C GLN W 217 41.64 -39.97 128.72
N ALA W 218 40.86 -39.54 127.72
CA ALA W 218 39.82 -38.50 127.92
C ALA W 218 38.61 -39.02 128.71
N ALA W 219 38.15 -40.22 128.36
CA ALA W 219 37.00 -40.85 129.02
C ALA W 219 37.20 -41.10 130.52
N PRO W 220 38.28 -41.79 130.93
CA PRO W 220 38.50 -41.96 132.39
C PRO W 220 38.73 -40.65 133.15
N GLU W 221 39.36 -39.69 132.50
CA GLU W 221 39.59 -38.37 133.08
C GLU W 221 38.29 -37.60 133.32
N LEU W 222 37.38 -37.69 132.35
CA LEU W 222 36.05 -37.06 132.44
C LEU W 222 35.18 -37.73 133.50
N VAL W 223 35.19 -39.07 133.54
CA VAL W 223 34.51 -39.83 134.59
C VAL W 223 35.08 -39.45 135.97
N GLY W 224 36.41 -39.36 136.06
CA GLY W 224 37.10 -38.93 137.28
C GLY W 224 36.64 -37.58 137.82
N ARG W 225 36.45 -36.61 136.92
CA ARG W 225 35.98 -35.27 137.29
C ARG W 225 34.52 -35.23 137.79
N VAL W 226 33.68 -36.13 137.27
CA VAL W 226 32.30 -36.29 137.75
C VAL W 226 32.27 -36.93 139.15
N LYS W 227 33.09 -37.96 139.35
CA LYS W 227 33.21 -38.63 140.67
C LYS W 227 33.71 -37.71 141.78
N ALA W 228 34.50 -36.70 141.43
CA ALA W 228 35.04 -35.72 142.40
C ALA W 228 33.99 -34.77 143.01
N VAL W 229 32.86 -34.60 142.34
CA VAL W 229 31.77 -33.73 142.84
C VAL W 229 30.43 -34.42 143.13
N SER W 230 30.31 -35.72 142.83
CA SER W 230 29.02 -36.41 142.95
C SER W 230 29.15 -37.93 142.90
N ASP W 231 28.20 -38.61 143.55
CA ASP W 231 28.12 -40.09 143.58
C ASP W 231 27.13 -40.66 142.57
N ILE W 232 26.61 -39.81 141.69
CA ILE W 232 25.69 -40.24 140.61
C ILE W 232 26.41 -41.17 139.64
N PRO W 233 25.73 -42.25 139.17
CA PRO W 233 26.34 -43.10 138.14
C PRO W 233 26.71 -42.37 136.86
N VAL W 234 27.78 -42.85 136.23
CA VAL W 234 28.29 -42.27 134.99
C VAL W 234 28.31 -43.35 133.90
N GLY W 235 27.62 -43.07 132.80
CA GLY W 235 27.67 -43.92 131.60
C GLY W 235 28.68 -43.35 130.63
N VAL W 236 29.38 -44.23 129.91
CA VAL W 236 30.42 -43.81 128.97
C VAL W 236 30.13 -44.37 127.58
N GLY W 237 30.07 -43.47 126.61
CA GLY W 237 29.89 -43.80 125.19
C GLY W 237 31.13 -43.41 124.40
N LEU W 238 31.75 -44.41 123.77
CA LEU W 238 33.10 -44.29 123.20
C LEU W 238 33.25 -45.00 121.83
N GLY W 239 32.15 -45.18 121.12
CA GLY W 239 32.14 -46.01 119.90
C GLY W 239 32.57 -47.45 120.16
N VAL W 240 31.96 -48.07 121.16
CA VAL W 240 32.31 -49.43 121.59
C VAL W 240 31.84 -50.46 120.56
N ARG W 241 32.76 -51.31 120.12
CA ARG W 241 32.45 -52.36 119.14
C ARG W 241 32.57 -53.78 119.65
N SER W 242 33.32 -53.98 120.73
CA SER W 242 33.80 -55.31 121.11
C SER W 242 33.76 -55.55 122.60
N ARG W 243 33.91 -56.82 122.94
CA ARG W 243 33.95 -57.28 124.32
C ARG W 243 35.06 -56.62 125.13
N ALA W 244 36.27 -56.62 124.56
CA ALA W 244 37.44 -56.01 125.21
C ALA W 244 37.24 -54.53 125.54
N GLN W 245 36.66 -53.79 124.59
CA GLN W 245 36.42 -52.35 124.79
C GLN W 245 35.42 -52.07 125.90
N ALA W 246 34.36 -52.87 125.95
CA ALA W 246 33.36 -52.78 127.02
C ALA W 246 33.95 -53.08 128.40
N ALA W 247 34.91 -54.01 128.43
CA ALA W 247 35.58 -54.41 129.68
C ALA W 247 36.47 -53.29 130.22
N GLN W 248 37.23 -52.66 129.33
CA GLN W 248 38.06 -51.51 129.69
C GLN W 248 37.26 -50.40 130.34
N ILE W 249 36.12 -50.10 129.73
CA ILE W 249 35.24 -49.03 130.21
C ILE W 249 34.63 -49.40 131.57
N ALA W 250 34.28 -50.67 131.74
CA ALA W 250 33.66 -51.15 132.98
C ALA W 250 34.55 -51.03 134.24
N GLN W 251 35.86 -50.90 134.02
CA GLN W 251 36.82 -50.70 135.13
C GLN W 251 36.63 -49.39 135.89
N TYR W 252 36.17 -48.36 135.19
CA TYR W 252 35.95 -47.02 135.79
C TYR W 252 34.51 -46.46 135.72
N ALA W 253 33.76 -46.86 134.70
CA ALA W 253 32.38 -46.38 134.49
C ALA W 253 31.33 -47.30 135.10
N ASP W 254 30.24 -46.71 135.58
CA ASP W 254 29.12 -47.48 136.12
C ASP W 254 28.28 -48.08 135.00
N GLY W 255 28.31 -47.46 133.83
CA GLY W 255 27.60 -47.94 132.65
C GLY W 255 28.40 -47.84 131.37
N VAL W 256 28.21 -48.82 130.49
CA VAL W 256 28.81 -48.83 129.16
C VAL W 256 27.68 -48.62 128.16
N ILE W 257 27.79 -47.56 127.37
CA ILE W 257 26.77 -47.22 126.37
C ILE W 257 27.24 -47.67 124.98
N VAL W 258 26.39 -48.43 124.31
CA VAL W 258 26.67 -48.93 122.96
C VAL W 258 25.49 -48.62 122.05
N GLY W 259 25.81 -48.16 120.83
CA GLY W 259 24.79 -47.72 119.87
C GLY W 259 25.16 -48.02 118.43
N SER W 260 26.14 -47.29 117.92
CA SER W 260 26.66 -47.51 116.56
C SER W 260 26.83 -49.00 116.21
N ALA W 261 27.52 -49.72 117.09
CA ALA W 261 27.80 -51.14 116.87
C ALA W 261 26.54 -52.01 116.85
N LEU W 262 25.56 -51.66 117.66
CA LEU W 262 24.28 -52.38 117.69
C LEU W 262 23.50 -52.19 116.39
N VAL W 263 23.52 -50.97 115.86
CA VAL W 263 22.86 -50.67 114.58
C VAL W 263 23.54 -51.44 113.44
N THR W 264 24.86 -51.35 113.37
CA THR W 264 25.66 -52.13 112.40
C THR W 264 25.30 -53.62 112.46
N ALA W 265 25.16 -54.15 113.67
CA ALA W 265 24.83 -55.57 113.88
C ALA W 265 23.43 -55.92 113.34
N LEU W 266 22.46 -55.09 113.67
CA LEU W 266 21.07 -55.26 113.20
C LEU W 266 20.92 -55.20 111.68
N THR W 267 21.73 -54.35 111.04
CA THR W 267 21.75 -54.24 109.57
C THR W 267 22.13 -55.57 108.90
N GLU W 268 23.12 -56.27 109.46
CA GLU W 268 23.48 -57.59 108.96
C GLU W 268 22.38 -58.62 109.26
N GLY W 269 21.88 -58.61 110.49
CA GLY W 269 20.77 -59.47 110.88
C GLY W 269 20.45 -59.46 112.36
N LEU W 270 19.24 -59.88 112.68
CA LEU W 270 18.78 -60.00 114.07
C LEU W 270 19.61 -61.02 114.90
N PRO W 271 20.03 -62.16 114.29
CA PRO W 271 20.92 -63.07 115.02
C PRO W 271 22.29 -62.47 115.34
N ARG W 272 22.83 -61.70 114.41
CA ARG W 272 24.09 -60.99 114.62
C ARG W 272 24.02 -59.98 115.79
N LEU W 273 22.85 -59.38 116.00
CA LEU W 273 22.62 -58.48 117.13
C LEU W 273 22.65 -59.22 118.47
N ARG W 274 21.96 -60.37 118.53
CA ARG W 274 21.95 -61.20 119.73
C ARG W 274 23.38 -61.57 120.14
N ALA W 275 24.13 -62.09 119.17
CA ALA W 275 25.51 -62.55 119.39
C ALA W 275 26.39 -61.43 119.94
N LEU W 276 26.31 -60.26 119.30
CA LEU W 276 27.09 -59.10 119.74
C LEU W 276 26.68 -58.62 121.14
N THR W 277 25.38 -58.53 121.38
CA THR W 277 24.87 -58.09 122.68
C THR W 277 25.31 -59.03 123.81
N GLY W 278 25.30 -60.33 123.53
CA GLY W 278 25.82 -61.34 124.47
C GLY W 278 27.31 -61.22 124.76
N GLU W 279 28.09 -60.87 123.74
CA GLU W 279 29.52 -60.60 123.90
C GLU W 279 29.77 -59.37 124.79
N LEU W 280 28.99 -58.32 124.56
CA LEU W 280 29.10 -57.09 125.36
C LEU W 280 28.62 -57.31 126.80
N ALA W 281 27.62 -58.15 126.97
CA ALA W 281 27.13 -58.53 128.31
C ALA W 281 28.23 -59.19 129.14
N ALA W 282 29.02 -60.04 128.49
CA ALA W 282 30.19 -60.67 129.13
C ALA W 282 31.30 -59.67 129.45
N GLY W 283 31.47 -58.71 128.54
CA GLY W 283 32.46 -57.65 128.72
C GLY W 283 32.29 -56.83 129.99
N VAL W 284 31.08 -56.39 130.27
CA VAL W 284 30.82 -55.54 131.46
C VAL W 284 30.98 -56.25 132.82
N ARG W 285 30.95 -57.59 132.82
CA ARG W 285 31.13 -58.41 134.06
C ARG W 285 32.54 -58.70 134.54
N LEU W 286 33.50 -58.25 133.89
CA LEU W 286 34.83 -58.45 134.42
C LEU W 286 35.30 -57.60 135.48
N THR X 41 21.99 -2.64 126.01
CA THR X 41 20.94 -1.90 125.70
C THR X 41 19.54 -2.45 125.79
N SER X 42 18.62 -1.55 125.46
CA SER X 42 17.20 -1.82 125.50
C SER X 42 16.81 -3.10 124.74
N HIS X 43 17.49 -3.37 123.62
CA HIS X 43 17.14 -4.48 122.73
C HIS X 43 17.96 -5.75 122.93
N ASP X 44 18.97 -5.71 123.79
CA ASP X 44 19.83 -6.89 124.04
C ASP X 44 19.13 -7.98 124.86
N PRO X 45 19.56 -9.24 124.72
CA PRO X 45 19.00 -10.31 125.52
C PRO X 45 19.64 -10.36 126.90
N ASP X 46 19.12 -11.23 127.76
CA ASP X 46 19.75 -11.48 129.06
C ASP X 46 21.07 -12.27 128.88
N SER X 47 21.77 -12.52 129.97
CA SER X 47 23.07 -13.23 129.93
C SER X 47 23.01 -14.67 129.39
N GLY X 48 21.84 -15.29 129.46
CA GLY X 48 21.56 -16.60 128.83
C GLY X 48 21.23 -16.56 127.34
N GLY X 49 21.02 -15.36 126.81
CA GLY X 49 20.74 -15.17 125.38
C GLY X 49 19.27 -15.12 125.01
N HIS X 50 18.43 -14.85 126.01
CA HIS X 50 16.98 -14.82 125.80
C HIS X 50 16.45 -13.42 125.50
N PHE X 51 15.66 -13.32 124.44
CA PHE X 51 14.92 -12.09 124.11
C PHE X 51 13.48 -12.18 124.61
N GLY X 52 13.00 -11.10 125.22
CA GLY X 52 11.58 -10.96 125.56
C GLY X 52 11.18 -11.66 126.84
N GLY X 53 12.17 -11.96 127.67
CA GLY X 53 11.97 -12.55 128.96
C GLY X 53 11.73 -13.97 128.86
N PRO X 54 10.59 -14.28 129.36
CA PRO X 54 10.33 -15.55 129.69
C PRO X 54 9.78 -16.42 128.54
N SER X 55 9.47 -15.86 127.51
CA SER X 55 9.19 -16.68 126.33
C SER X 55 10.27 -17.36 125.80
N GLY X 56 11.34 -16.64 125.92
CA GLY X 56 12.38 -17.24 125.72
C GLY X 56 12.95 -17.42 124.37
N TRP X 57 12.80 -16.43 123.49
CA TRP X 57 13.41 -16.54 122.17
C TRP X 57 14.92 -16.52 122.33
N GLY X 58 15.59 -17.38 121.58
CA GLY X 58 17.05 -17.44 121.58
C GLY X 58 17.58 -18.53 122.48
N GLY X 59 18.48 -18.15 123.38
CA GLY X 59 19.08 -19.10 124.31
C GLY X 59 20.11 -19.97 123.64
N ARG X 60 20.37 -21.12 124.24
CA ARG X 60 21.42 -22.04 123.80
C ARG X 60 20.91 -23.47 123.85
N TYR X 61 20.53 -24.00 122.70
CA TYR X 61 20.10 -25.38 122.57
C TYR X 61 21.20 -26.17 121.86
N VAL X 62 22.20 -26.50 122.67
CA VAL X 62 23.45 -27.10 122.22
C VAL X 62 23.85 -28.17 123.20
N PRO X 63 24.73 -29.09 122.80
CA PRO X 63 25.23 -30.09 123.73
C PRO X 63 26.27 -29.52 124.69
N GLU X 64 26.35 -30.10 125.87
CA GLU X 64 27.33 -29.69 126.89
C GLU X 64 28.76 -29.70 126.31
N ALA X 65 29.02 -30.62 125.38
CA ALA X 65 30.31 -30.68 124.65
C ALA X 65 30.74 -29.37 123.97
N LEU X 66 29.77 -28.54 123.59
CA LEU X 66 30.04 -27.22 123.00
C LEU X 66 30.10 -26.05 123.98
N MET X 67 29.72 -26.26 125.22
CA MET X 67 29.50 -25.12 126.12
C MET X 67 30.78 -24.40 126.55
N ALA X 68 31.86 -25.16 126.70
CA ALA X 68 33.16 -24.55 127.02
C ALA X 68 33.58 -23.50 125.97
N VAL X 69 33.49 -23.87 124.69
CA VAL X 69 33.87 -22.95 123.61
C VAL X 69 32.84 -21.85 123.39
N ILE X 70 31.56 -22.18 123.52
CA ILE X 70 30.52 -21.15 123.48
C ILE X 70 30.72 -20.10 124.59
N GLU X 71 31.01 -20.54 125.80
CA GLU X 71 31.31 -19.62 126.91
C GLU X 71 32.61 -18.82 126.68
N GLU X 72 33.59 -19.48 126.05
CA GLU X 72 34.87 -18.84 125.67
C GLU X 72 34.66 -17.69 124.67
N VAL X 73 33.87 -17.95 123.63
CA VAL X 73 33.55 -16.96 122.59
C VAL X 73 32.73 -15.81 123.16
N THR X 74 31.75 -16.14 124.01
CA THR X 74 30.90 -15.14 124.65
C THR X 74 31.73 -14.17 125.49
N ALA X 75 32.60 -14.73 126.34
CA ALA X 75 33.50 -13.92 127.18
C ALA X 75 34.45 -13.04 126.36
N ALA X 76 35.00 -13.61 125.29
CA ALA X 76 35.94 -12.89 124.41
C ALA X 76 35.26 -11.74 123.69
N TYR X 77 34.05 -11.98 123.23
CA TYR X 77 33.25 -10.93 122.60
C TYR X 77 32.94 -9.78 123.57
N GLN X 78 32.51 -10.11 124.78
CA GLN X 78 32.19 -9.09 125.81
C GLN X 78 33.41 -8.23 126.16
N LYS X 79 34.57 -8.88 126.24
CA LYS X 79 35.83 -8.16 126.45
C LYS X 79 36.19 -7.25 125.26
N GLU X 80 36.16 -7.80 124.05
CA GLU X 80 36.67 -7.08 122.86
C GLU X 80 35.75 -6.00 122.32
N ARG X 81 34.44 -6.17 122.45
CA ARG X 81 33.47 -5.13 122.01
C ARG X 81 33.67 -3.75 122.67
N VAL X 82 34.31 -3.70 123.84
CA VAL X 82 34.61 -2.43 124.54
C VAL X 82 36.11 -2.06 124.56
N SER X 83 36.90 -2.79 123.78
CA SER X 83 38.33 -2.53 123.65
C SER X 83 38.53 -1.59 122.46
N GLN X 84 39.10 -0.42 122.72
CA GLN X 84 39.34 0.55 121.65
C GLN X 84 40.29 0.03 120.55
N ASP X 85 41.29 -0.76 120.92
CA ASP X 85 42.19 -1.39 119.96
C ASP X 85 41.44 -2.28 118.95
N PHE X 86 40.49 -3.06 119.46
CA PHE X 86 39.69 -3.96 118.61
C PHE X 86 38.79 -3.15 117.68
N LEU X 87 38.12 -2.16 118.23
CA LEU X 87 37.20 -1.32 117.44
C LEU X 87 37.96 -0.50 116.39
N ASP X 88 39.13 0.00 116.76
CA ASP X 88 40.04 0.67 115.82
C ASP X 88 40.44 -0.25 114.66
N ASP X 89 40.82 -1.48 114.99
CA ASP X 89 41.20 -2.48 113.98
C ASP X 89 40.04 -2.78 113.04
N LEU X 90 38.85 -2.97 113.62
CA LEU X 90 37.66 -3.25 112.83
C LEU X 90 37.30 -2.09 111.92
N ASP X 91 37.38 -0.90 112.48
CA ASP X 91 37.09 0.33 111.73
C ASP X 91 38.04 0.54 110.55
N ARG X 92 39.32 0.38 110.82
CA ARG X 92 40.38 0.56 109.82
C ARG X 92 40.14 -0.37 108.62
N LEU X 93 39.82 -1.63 108.91
CA LEU X 93 39.51 -2.62 107.87
C LEU X 93 38.21 -2.29 107.13
N GLN X 94 37.17 -1.87 107.85
CA GLN X 94 35.91 -1.48 107.21
C GLN X 94 36.09 -0.37 106.19
N ALA X 95 36.90 0.61 106.55
CA ALA X 95 37.16 1.77 105.69
C ALA X 95 38.08 1.41 104.52
N ASN X 96 39.30 1.02 104.83
CA ASN X 96 40.34 0.88 103.81
C ASN X 96 40.31 -0.43 103.03
N TYR X 97 39.75 -1.49 103.62
CA TYR X 97 39.76 -2.82 103.00
C TYR X 97 38.42 -3.14 102.36
N ALA X 98 37.35 -2.99 103.13
CA ALA X 98 35.99 -3.32 102.70
C ALA X 98 35.27 -2.23 101.93
N GLY X 99 35.75 -1.00 102.05
CA GLY X 99 35.17 0.15 101.31
C GLY X 99 33.97 0.84 101.90
N ARG X 100 33.80 0.77 103.22
CA ARG X 100 32.69 1.47 103.87
C ARG X 100 32.93 2.98 103.95
N PRO X 101 31.87 3.80 104.01
CA PRO X 101 30.46 3.40 103.94
C PRO X 101 30.01 2.99 102.55
N SER X 102 28.97 2.17 102.50
CA SER X 102 28.30 1.87 101.25
C SER X 102 27.36 3.04 100.99
N PRO X 103 27.12 3.37 99.72
CA PRO X 103 26.24 4.48 99.44
C PRO X 103 24.77 4.11 99.52
N LEU X 104 23.94 5.17 99.58
CA LEU X 104 22.50 5.06 99.50
C LEU X 104 22.08 5.72 98.20
N TYR X 105 21.42 4.96 97.33
CA TYR X 105 21.11 5.41 95.96
C TYR X 105 19.59 5.46 95.69
N GLU X 106 19.08 6.62 95.30
CA GLU X 106 17.65 6.74 94.96
C GLU X 106 17.42 6.20 93.55
N ALA X 107 16.75 5.05 93.48
CA ALA X 107 16.45 4.38 92.21
C ALA X 107 15.20 4.97 91.55
N THR X 108 15.37 6.13 90.93
CA THR X 108 14.24 6.91 90.41
C THR X 108 13.48 6.24 89.26
N ARG X 109 14.18 5.41 88.48
CA ARG X 109 13.56 4.67 87.37
C ARG X 109 12.73 3.47 87.82
N LEU X 110 12.86 3.07 89.09
CA LEU X 110 11.94 2.10 89.70
C LEU X 110 10.61 2.72 90.14
N SER X 111 10.58 4.02 90.34
CA SER X 111 9.47 4.69 91.01
C SER X 111 8.11 4.39 90.38
N GLN X 112 8.04 4.44 89.06
CA GLN X 112 6.78 4.18 88.33
C GLN X 112 6.29 2.72 88.48
N HIS X 113 7.19 1.80 88.82
CA HIS X 113 6.82 0.41 89.11
C HIS X 113 6.50 0.14 90.58
N ALA X 114 6.54 1.20 91.39
CA ALA X 114 6.34 1.12 92.84
C ALA X 114 5.35 2.15 93.34
N GLY X 115 4.27 2.37 92.58
CA GLY X 115 3.24 3.36 92.92
C GLY X 115 3.71 4.80 93.05
N SER X 116 4.77 5.15 92.32
CA SER X 116 5.43 6.47 92.41
C SER X 116 6.08 6.77 93.76
N ALA X 117 6.29 5.72 94.56
CA ALA X 117 7.07 5.84 95.79
C ALA X 117 8.55 6.00 95.43
N ARG X 118 9.34 6.37 96.43
CA ARG X 118 10.77 6.63 96.25
C ARG X 118 11.56 5.51 96.89
N ILE X 119 12.14 4.67 96.04
CA ILE X 119 12.96 3.53 96.48
C ILE X 119 14.44 3.94 96.61
N PHE X 120 14.96 3.85 97.83
CA PHE X 120 16.37 4.11 98.08
C PHE X 120 17.08 2.79 98.34
N LEU X 121 18.12 2.51 97.57
CA LEU X 121 18.87 1.26 97.68
C LEU X 121 20.12 1.46 98.53
N LYS X 122 20.20 0.74 99.64
CA LYS X 122 21.40 0.74 100.47
C LYS X 122 22.35 -0.26 99.86
N ARG X 123 23.47 0.21 99.33
CA ARG X 123 24.26 -0.56 98.36
C ARG X 123 25.34 -1.45 99.00
N GLU X 124 24.90 -2.45 99.76
CA GLU X 124 25.83 -3.43 100.32
C GLU X 124 26.49 -4.29 99.22
N ASP X 125 25.87 -4.34 98.04
CA ASP X 125 26.45 -4.97 96.83
C ASP X 125 27.83 -4.44 96.43
N LEU X 126 28.15 -3.22 96.83
CA LEU X 126 29.46 -2.62 96.51
C LEU X 126 30.57 -2.93 97.52
N ASN X 127 30.27 -3.63 98.61
CA ASN X 127 31.31 -4.02 99.58
C ASN X 127 32.29 -4.99 98.95
N HIS X 128 33.50 -5.01 99.48
CA HIS X 128 34.47 -6.07 99.16
C HIS X 128 33.84 -7.45 99.35
N THR X 129 34.01 -8.30 98.33
CA THR X 129 33.40 -9.64 98.23
C THR X 129 31.96 -9.64 97.71
N GLY X 130 31.31 -8.48 97.70
CA GLY X 130 30.03 -8.32 97.03
C GLY X 130 28.78 -8.56 97.86
N SER X 131 28.92 -8.48 99.17
CA SER X 131 27.76 -8.55 100.06
C SER X 131 28.01 -8.00 101.44
N HIS X 132 26.94 -7.90 102.21
CA HIS X 132 27.00 -7.58 103.63
C HIS X 132 27.77 -8.55 104.50
N LYS X 133 27.96 -9.79 104.05
CA LYS X 133 28.60 -10.82 104.86
C LYS X 133 29.95 -10.39 105.43
N ILE X 134 30.69 -9.63 104.64
CA ILE X 134 32.03 -9.18 105.05
C ILE X 134 32.04 -8.41 106.38
N ASN X 135 30.96 -7.70 106.70
CA ASN X 135 30.87 -6.88 107.94
C ASN X 135 31.06 -7.76 109.19
N ASN X 136 30.23 -8.79 109.25
CA ASN X 136 30.25 -9.79 110.31
C ASN X 136 31.57 -10.57 110.34
N VAL X 137 32.06 -10.94 109.16
CA VAL X 137 33.27 -11.74 109.06
C VAL X 137 34.50 -11.04 109.61
N LEU X 138 34.67 -9.76 109.29
CA LEU X 138 35.85 -9.01 109.76
C LEU X 138 35.87 -8.93 111.28
N GLY X 139 34.70 -8.72 111.87
CA GLY X 139 34.53 -8.74 113.32
C GLY X 139 34.89 -10.07 113.94
N GLN X 140 34.26 -11.13 113.46
CA GLN X 140 34.49 -12.46 114.01
C GLN X 140 35.90 -12.99 113.76
N ALA X 141 36.46 -12.67 112.60
CA ALA X 141 37.82 -13.13 112.25
C ALA X 141 38.86 -12.45 113.12
N LEU X 142 38.70 -11.15 113.33
CA LEU X 142 39.55 -10.42 114.28
C LEU X 142 39.45 -11.03 115.68
N LEU X 143 38.22 -11.38 116.06
CA LEU X 143 37.97 -12.01 117.36
C LEU X 143 38.65 -13.37 117.47
N ALA X 144 38.62 -14.14 116.39
CA ALA X 144 39.26 -15.47 116.39
C ALA X 144 40.75 -15.37 116.69
N ARG X 145 41.38 -14.40 116.05
CA ARG X 145 42.79 -14.11 116.27
C ARG X 145 43.08 -13.63 117.68
N ARG X 146 42.22 -12.78 118.22
CA ARG X 146 42.35 -12.32 119.63
C ARG X 146 42.29 -13.47 120.63
N MET X 147 41.44 -14.46 120.35
CA MET X 147 41.29 -15.66 121.19
C MET X 147 42.41 -16.70 121.04
N GLY X 148 43.28 -16.51 120.06
CA GLY X 148 44.38 -17.45 119.81
C GLY X 148 43.98 -18.72 119.07
N LYS X 149 42.81 -18.71 118.45
CA LYS X 149 42.37 -19.83 117.61
C LYS X 149 43.17 -19.85 116.31
N THR X 150 43.46 -21.05 115.82
CA THR X 150 44.32 -21.22 114.62
C THR X 150 43.63 -21.77 113.39
N ARG X 151 42.32 -21.92 113.49
CA ARG X 151 41.53 -22.55 112.45
C ARG X 151 40.14 -21.94 112.48
N VAL X 152 39.62 -21.61 111.31
CA VAL X 152 38.28 -21.05 111.23
C VAL X 152 37.43 -21.95 110.33
N ILE X 153 36.22 -22.22 110.77
CA ILE X 153 35.25 -22.95 109.95
C ILE X 153 34.00 -22.13 109.73
N ALA X 154 33.35 -22.38 108.60
CA ALA X 154 32.10 -21.71 108.27
C ALA X 154 31.23 -22.54 107.36
N GLU X 155 29.92 -22.28 107.46
CA GLU X 155 28.92 -22.77 106.54
C GLU X 155 28.66 -21.73 105.47
N THR X 156 28.23 -22.15 104.29
CA THR X 156 27.73 -21.19 103.30
C THR X 156 26.66 -21.83 102.39
N GLY X 157 25.71 -21.01 101.98
CA GLY X 157 24.65 -21.42 101.03
C GLY X 157 24.84 -20.75 99.68
N ALA X 158 24.72 -19.43 99.66
CA ALA X 158 25.00 -18.65 98.45
C ALA X 158 26.49 -18.59 98.12
N GLY X 159 27.35 -18.90 99.08
CA GLY X 159 28.80 -18.82 98.88
C GLY X 159 29.42 -17.47 99.21
N GLN X 160 28.60 -16.51 99.60
CA GLN X 160 29.06 -15.15 99.91
C GLN X 160 29.71 -15.09 101.28
N HIS X 161 29.12 -15.80 102.25
CA HIS X 161 29.71 -15.92 103.59
C HIS X 161 30.99 -16.74 103.53
N GLY X 162 30.97 -17.79 102.74
CA GLY X 162 32.16 -18.60 102.50
C GLY X 162 33.32 -17.79 101.93
N VAL X 163 33.02 -17.00 100.90
CA VAL X 163 34.02 -16.14 100.24
C VAL X 163 34.53 -15.08 101.20
N ALA X 164 33.63 -14.45 101.94
CA ALA X 164 34.03 -13.46 102.93
C ALA X 164 34.92 -14.06 104.01
N THR X 165 34.52 -15.20 104.55
CA THR X 165 35.33 -15.89 105.57
C THR X 165 36.74 -16.24 105.03
N ALA X 166 36.79 -16.81 103.83
CA ALA X 166 38.06 -17.13 103.15
C ALA X 166 38.94 -15.89 102.96
N THR X 167 38.31 -14.82 102.49
CA THR X 167 38.93 -13.51 102.39
C THR X 167 39.60 -13.07 103.70
N ALA X 168 38.84 -13.04 104.79
CA ALA X 168 39.40 -12.61 106.09
C ALA X 168 40.51 -13.53 106.59
N CYS X 169 40.35 -14.82 106.37
CA CYS X 169 41.37 -15.80 106.76
C CYS X 169 42.67 -15.69 105.95
N ALA X 170 42.55 -15.34 104.68
CA ALA X 170 43.74 -15.03 103.85
C ALA X 170 44.46 -13.81 104.42
N LEU X 171 43.67 -12.77 104.66
CA LEU X 171 44.14 -11.51 105.22
C LEU X 171 44.86 -11.66 106.58
N LEU X 172 44.34 -12.55 107.43
CA LEU X 172 44.87 -12.73 108.78
C LEU X 172 45.74 -13.97 108.97
N GLY X 173 45.86 -14.79 107.94
CA GLY X 173 46.71 -15.98 107.98
C GLY X 173 46.16 -17.09 108.85
N LEU X 174 44.85 -17.32 108.78
CA LEU X 174 44.19 -18.41 109.52
C LEU X 174 43.85 -19.55 108.55
N ASP X 175 44.00 -20.81 108.99
CA ASP X 175 43.47 -21.94 108.21
C ASP X 175 41.95 -21.84 108.13
N CYS X 176 41.41 -22.19 106.97
CA CYS X 176 39.99 -21.99 106.67
C CYS X 176 39.36 -23.20 105.99
N VAL X 177 38.21 -23.64 106.53
CA VAL X 177 37.44 -24.74 105.98
C VAL X 177 35.96 -24.31 105.87
N ILE X 178 35.45 -24.34 104.66
CA ILE X 178 34.06 -23.93 104.39
C ILE X 178 33.23 -25.16 104.06
N TYR X 179 32.10 -25.31 104.75
CA TYR X 179 31.12 -26.37 104.47
C TYR X 179 30.00 -25.80 103.61
N MET X 180 29.71 -26.49 102.51
CA MET X 180 28.74 -26.03 101.53
C MET X 180 27.93 -27.21 101.01
N GLY X 181 26.62 -27.08 101.02
CA GLY X 181 25.73 -28.13 100.52
C GLY X 181 25.99 -28.42 99.04
N GLY X 182 25.92 -29.69 98.67
CA GLY X 182 26.23 -30.14 97.30
C GLY X 182 25.40 -29.53 96.18
N ILE X 183 24.14 -29.24 96.47
CA ILE X 183 23.24 -28.56 95.52
C ILE X 183 23.70 -27.12 95.35
N ASP X 184 24.14 -26.51 96.46
CA ASP X 184 24.66 -25.14 96.44
C ASP X 184 26.02 -25.03 95.71
N THR X 185 26.88 -26.02 95.84
CA THR X 185 28.18 -25.99 95.12
C THR X 185 27.97 -25.92 93.62
N ALA X 186 26.94 -26.60 93.14
CA ALA X 186 26.58 -26.64 91.71
C ALA X 186 25.98 -25.33 91.19
N ARG X 187 25.01 -24.77 91.92
CA ARG X 187 24.32 -23.52 91.50
C ARG X 187 25.00 -22.21 91.92
N GLN X 188 26.04 -22.28 92.75
CA GLN X 188 26.84 -21.10 93.12
C GLN X 188 28.34 -21.36 92.88
N ALA X 189 28.64 -22.03 91.77
CA ALA X 189 30.00 -22.53 91.46
C ALA X 189 31.09 -21.47 91.34
N LEU X 190 30.71 -20.26 90.93
CA LEU X 190 31.64 -19.15 90.88
C LEU X 190 32.26 -18.91 92.27
N ASN X 191 31.41 -18.94 93.29
CA ASN X 191 31.90 -18.73 94.67
C ASN X 191 32.74 -19.90 95.22
N VAL X 192 32.50 -21.12 94.77
CA VAL X 192 33.36 -22.24 95.15
C VAL X 192 34.79 -21.97 94.67
N ALA X 193 34.92 -21.56 93.41
CA ALA X 193 36.23 -21.33 92.80
C ALA X 193 36.97 -20.13 93.43
N ARG X 194 36.23 -19.09 93.78
CA ARG X 194 36.79 -17.96 94.53
C ARG X 194 37.34 -18.40 95.89
N MET X 195 36.55 -19.16 96.62
CA MET X 195 36.99 -19.69 97.92
C MET X 195 38.29 -20.48 97.81
N ARG X 196 38.39 -21.30 96.77
CA ARG X 196 39.57 -22.15 96.54
C ARG X 196 40.80 -21.28 96.18
N LEU X 197 40.59 -20.27 95.34
CA LEU X 197 41.66 -19.31 95.00
C LEU X 197 42.16 -18.53 96.21
N LEU X 198 41.24 -18.21 97.12
CA LEU X 198 41.56 -17.53 98.39
C LEU X 198 42.25 -18.41 99.44
N GLY X 199 42.46 -19.68 99.13
CA GLY X 199 43.20 -20.60 100.01
C GLY X 199 42.34 -21.37 100.99
N ALA X 200 41.03 -21.26 100.86
CA ALA X 200 40.12 -22.00 101.73
C ALA X 200 39.91 -23.40 101.19
N GLU X 201 39.78 -24.36 102.10
CA GLU X 201 39.29 -25.70 101.76
C GLU X 201 37.80 -25.68 101.73
N VAL X 202 37.22 -26.32 100.72
CA VAL X 202 35.78 -26.42 100.60
C VAL X 202 35.34 -27.88 100.66
N VAL X 203 34.41 -28.17 101.58
CA VAL X 203 33.84 -29.50 101.76
C VAL X 203 32.39 -29.50 101.33
N ALA X 204 32.09 -30.28 100.29
CA ALA X 204 30.73 -30.40 99.78
C ALA X 204 29.93 -31.35 100.67
N VAL X 205 28.81 -30.86 101.22
CA VAL X 205 27.99 -31.64 102.14
C VAL X 205 26.87 -32.33 101.37
N GLN X 206 26.80 -33.66 101.46
CA GLN X 206 25.83 -34.46 100.70
C GLN X 206 24.63 -34.99 101.50
N THR X 207 24.58 -34.66 102.79
CA THR X 207 23.50 -35.12 103.67
C THR X 207 22.26 -34.23 103.59
N GLY X 208 21.13 -34.81 103.99
CA GLY X 208 19.83 -34.11 104.04
C GLY X 208 19.44 -33.47 102.72
N SER X 209 19.07 -32.20 102.77
CA SER X 209 18.71 -31.42 101.58
C SER X 209 19.89 -30.86 100.76
N LYS X 210 21.12 -31.08 101.23
CA LYS X 210 22.36 -30.63 100.54
C LYS X 210 22.37 -29.13 100.29
N THR X 211 21.83 -28.40 101.26
CA THR X 211 21.74 -26.93 101.20
C THR X 211 22.18 -26.38 102.56
N LEU X 212 21.88 -25.11 102.81
CA LEU X 212 22.45 -24.38 103.94
C LEU X 212 22.27 -25.06 105.31
N LYS X 213 21.09 -25.61 105.58
CA LYS X 213 20.85 -26.20 106.91
C LYS X 213 21.77 -27.40 107.15
N ASP X 214 22.09 -28.10 106.06
CA ASP X 214 22.89 -29.32 106.12
C ASP X 214 24.37 -28.96 106.26
N ALA X 215 24.78 -27.90 105.58
CA ALA X 215 26.12 -27.34 105.76
C ALA X 215 26.33 -26.91 107.22
N ILE X 216 25.30 -26.30 107.81
CA ILE X 216 25.37 -25.87 109.22
C ILE X 216 25.55 -27.05 110.14
N ASN X 217 24.80 -28.11 109.90
CA ASN X 217 24.93 -29.35 110.67
C ASN X 217 26.37 -29.91 110.63
N GLU X 218 26.97 -29.93 109.45
CA GLU X 218 28.34 -30.46 109.31
C GLU X 218 29.38 -29.61 110.01
N ALA X 219 29.26 -28.30 109.85
CA ALA X 219 30.17 -27.37 110.51
C ALA X 219 30.06 -27.47 112.03
N PHE X 220 28.84 -27.65 112.51
CA PHE X 220 28.60 -27.89 113.94
C PHE X 220 29.35 -29.12 114.45
N ARG X 221 29.27 -30.21 113.70
N ARG X 221 29.27 -30.21 113.69
CA ARG X 221 29.96 -31.45 114.08
CA ARG X 221 29.94 -31.46 114.05
C ARG X 221 31.48 -31.26 114.10
C ARG X 221 31.47 -31.31 114.07
N ASP X 222 31.99 -30.52 113.13
CA ASP X 222 33.42 -30.16 113.10
C ASP X 222 33.81 -29.41 114.38
N TRP X 223 33.01 -28.42 114.75
CA TRP X 223 33.29 -27.58 115.93
C TRP X 223 33.29 -28.40 117.21
N VAL X 224 32.30 -29.27 117.33
CA VAL X 224 32.22 -30.18 118.48
C VAL X 224 33.54 -30.95 118.65
N ALA X 225 34.07 -31.47 117.55
CA ALA X 225 35.32 -32.27 117.58
C ALA X 225 36.58 -31.43 117.78
N ASN X 226 36.60 -30.21 117.25
CA ASN X 226 37.82 -29.40 117.17
C ASN X 226 37.75 -28.06 117.91
N ALA X 227 36.90 -28.01 118.93
CA ALA X 227 36.63 -26.79 119.72
C ALA X 227 37.87 -26.10 120.29
N ASP X 228 38.85 -26.89 120.74
CA ASP X 228 40.05 -26.31 121.39
C ASP X 228 40.87 -25.36 120.51
N ASN X 229 40.94 -25.66 119.22
CA ASN X 229 41.73 -24.85 118.27
C ASN X 229 40.89 -24.08 117.24
N THR X 230 39.61 -24.41 117.12
CA THR X 230 38.77 -23.92 116.01
C THR X 230 37.72 -22.90 116.45
N TYR X 231 37.65 -21.81 115.68
CA TYR X 231 36.62 -20.81 115.79
C TYR X 231 35.55 -21.08 114.72
N TYR X 232 34.27 -21.07 115.12
CA TYR X 232 33.15 -21.18 114.16
C TYR X 232 32.64 -19.77 113.81
N CYS X 233 32.95 -19.36 112.58
CA CYS X 233 32.52 -18.07 112.03
C CYS X 233 31.13 -18.21 111.42
N PHE X 234 30.11 -18.06 112.26
CA PHE X 234 28.72 -18.26 111.84
C PHE X 234 28.21 -17.03 111.12
N GLY X 235 27.61 -17.24 109.95
CA GLY X 235 27.32 -16.17 109.00
C GLY X 235 25.96 -15.51 109.00
N THR X 236 25.08 -15.93 109.90
CA THR X 236 23.76 -15.27 110.02
C THR X 236 23.34 -15.05 111.46
N ALA X 237 22.25 -14.32 111.63
CA ALA X 237 21.82 -13.87 112.96
C ALA X 237 20.92 -14.89 113.65
N ALA X 238 21.39 -16.13 113.69
CA ALA X 238 20.73 -17.24 114.35
C ALA X 238 21.77 -17.95 115.22
N GLY X 239 21.47 -19.17 115.64
CA GLY X 239 22.40 -19.93 116.46
C GLY X 239 22.24 -19.67 117.95
N PRO X 240 23.03 -20.37 118.77
CA PRO X 240 22.99 -20.13 120.19
C PRO X 240 23.66 -18.82 120.52
N HIS X 241 23.28 -18.23 121.64
CA HIS X 241 24.01 -17.10 122.22
C HIS X 241 25.50 -17.50 122.28
N PRO X 242 26.42 -16.65 121.79
CA PRO X 242 26.25 -15.23 121.52
C PRO X 242 25.99 -14.82 120.05
N PHE X 243 25.81 -15.78 119.14
CA PHE X 243 25.83 -15.48 117.71
C PHE X 243 24.76 -14.51 117.21
N PRO X 244 23.49 -14.68 117.62
CA PRO X 244 22.50 -13.70 117.15
C PRO X 244 22.84 -12.26 117.52
N THR X 245 23.27 -12.04 118.75
CA THR X 245 23.62 -10.70 119.21
C THR X 245 24.90 -10.19 118.55
N MET X 246 25.92 -11.03 118.52
CA MET X 246 27.21 -10.67 117.94
C MET X 246 27.10 -10.38 116.44
N VAL X 247 26.43 -11.24 115.68
CA VAL X 247 26.27 -11.03 114.23
C VAL X 247 25.53 -9.72 113.96
N ARG X 248 24.47 -9.49 114.72
CA ARG X 248 23.71 -8.24 114.62
C ARG X 248 24.57 -7.00 114.97
N ASP X 249 25.34 -7.09 116.04
CA ASP X 249 26.24 -5.98 116.40
C ASP X 249 27.23 -5.63 115.30
N PHE X 250 27.76 -6.63 114.61
CA PHE X 250 28.67 -6.37 113.49
C PHE X 250 27.93 -5.88 112.23
N GLN X 251 26.66 -6.21 112.07
CA GLN X 251 25.86 -5.72 110.92
C GLN X 251 25.11 -4.39 111.15
N ARG X 252 25.00 -3.98 112.41
CA ARG X 252 24.38 -2.70 112.80
C ARG X 252 24.84 -1.48 112.00
N ILE X 253 26.11 -1.50 111.64
CA ILE X 253 26.73 -0.45 110.82
C ILE X 253 25.88 -0.10 109.58
N ILE X 254 25.18 -1.08 109.00
CA ILE X 254 24.37 -0.84 107.80
C ILE X 254 23.27 0.18 108.10
N GLY X 255 22.50 -0.12 109.14
CA GLY X 255 21.38 0.72 109.56
C GLY X 255 21.81 2.07 110.07
N MET X 256 22.92 2.12 110.79
CA MET X 256 23.43 3.38 111.29
C MET X 256 23.83 4.31 110.16
N GLU X 257 24.49 3.78 109.14
CA GLU X 257 24.81 4.55 107.95
C GLU X 257 23.54 4.96 107.23
N ALA X 258 22.62 4.02 107.05
CA ALA X 258 21.39 4.29 106.31
C ALA X 258 20.54 5.39 106.94
N ARG X 259 20.47 5.36 108.26
CA ARG X 259 19.65 6.33 109.00
C ARG X 259 20.16 7.76 108.81
N VAL X 260 21.47 7.93 108.84
CA VAL X 260 22.11 9.22 108.59
C VAL X 260 21.95 9.63 107.12
N GLN X 261 22.21 8.69 106.21
CA GLN X 261 22.16 8.95 104.76
C GLN X 261 20.79 9.36 104.27
N ILE X 262 19.76 8.67 104.71
CA ILE X 262 18.38 8.98 104.28
C ILE X 262 17.91 10.37 104.78
N GLN X 263 18.27 10.72 106.01
CA GLN X 263 17.96 12.06 106.55
C GLN X 263 18.67 13.13 105.74
N GLY X 264 19.92 12.88 105.37
CA GLY X 264 20.68 13.78 104.52
C GLY X 264 20.09 13.96 103.12
N GLN X 265 19.73 12.86 102.48
CA GLN X 265 19.27 12.90 101.07
C GLN X 265 17.79 13.23 100.92
N ALA X 266 16.96 12.69 101.81
CA ALA X 266 15.50 12.89 101.72
C ALA X 266 14.97 13.92 102.69
N GLY X 267 15.78 14.34 103.66
CA GLY X 267 15.38 15.35 104.64
C GLY X 267 14.53 14.85 105.81
N ARG X 268 14.38 13.53 105.92
CA ARG X 268 13.55 12.93 106.96
C ARG X 268 13.79 11.43 107.04
N LEU X 269 13.28 10.82 108.11
CA LEU X 269 13.32 9.37 108.27
C LEU X 269 12.38 8.73 107.25
N PRO X 270 12.67 7.49 106.85
CA PRO X 270 11.83 6.85 105.85
C PRO X 270 10.45 6.45 106.36
N ASP X 271 9.57 6.18 105.44
CA ASP X 271 8.24 5.64 105.76
C ASP X 271 8.37 4.16 106.04
N ALA X 272 9.29 3.50 105.32
CA ALA X 272 9.62 2.10 105.58
C ALA X 272 11.06 1.76 105.30
N VAL X 273 11.55 0.74 106.01
CA VAL X 273 12.83 0.10 105.73
C VAL X 273 12.60 -1.40 105.52
N VAL X 274 13.09 -1.95 104.41
CA VAL X 274 12.85 -3.35 104.06
C VAL X 274 14.11 -4.11 103.69
N ALA X 275 14.05 -5.42 103.86
CA ALA X 275 15.16 -6.33 103.55
C ALA X 275 14.67 -7.75 103.34
N CYS X 276 15.48 -8.57 102.67
CA CYS X 276 15.19 -10.00 102.59
C CYS X 276 15.67 -10.67 103.87
N VAL X 277 15.07 -11.83 104.17
CA VAL X 277 15.35 -12.57 105.40
C VAL X 277 15.61 -14.04 105.13
N GLY X 278 16.88 -14.42 105.27
CA GLY X 278 17.34 -15.81 105.27
C GLY X 278 17.30 -16.26 106.71
N GLY X 279 18.47 -16.28 107.35
CA GLY X 279 18.57 -16.42 108.81
C GLY X 279 18.35 -15.09 109.54
N GLY X 280 18.66 -13.99 108.86
CA GLY X 280 18.26 -12.64 109.33
C GLY X 280 19.31 -11.56 109.54
N SER X 281 20.55 -11.77 109.11
CA SER X 281 21.64 -10.83 109.43
C SER X 281 21.56 -9.47 108.71
N ASN X 282 21.33 -9.47 107.39
CA ASN X 282 21.23 -8.19 106.64
C ASN X 282 20.01 -7.36 107.09
N ALA X 283 18.91 -8.07 107.35
CA ALA X 283 17.67 -7.44 107.80
C ALA X 283 17.83 -6.80 109.17
N ILE X 284 18.30 -7.59 110.12
CA ILE X 284 18.52 -7.06 111.47
C ILE X 284 19.57 -5.96 111.44
N GLY X 285 20.56 -6.07 110.56
CA GLY X 285 21.60 -5.04 110.43
C GLY X 285 21.05 -3.67 110.04
N ILE X 286 20.22 -3.65 109.02
CA ILE X 286 19.61 -2.40 108.56
C ILE X 286 18.47 -1.94 109.49
N PHE X 287 17.71 -2.87 110.08
CA PHE X 287 16.56 -2.50 110.94
C PHE X 287 16.95 -1.87 112.26
N HIS X 288 18.09 -2.27 112.82
CA HIS X 288 18.33 -2.05 114.25
C HIS X 288 18.34 -0.59 114.67
N ALA X 289 18.90 0.25 113.82
CA ALA X 289 18.97 1.70 114.07
C ALA X 289 17.63 2.44 113.98
N PHE X 290 16.63 1.79 113.36
CA PHE X 290 15.29 2.35 113.24
C PHE X 290 14.29 1.80 114.26
N LEU X 291 14.71 0.87 115.13
CA LEU X 291 13.75 0.22 116.06
C LEU X 291 12.98 1.21 116.93
N ASP X 292 13.66 2.25 117.40
CA ASP X 292 13.03 3.24 118.29
C ASP X 292 12.44 4.48 117.57
N ASP X 293 12.35 4.43 116.25
CA ASP X 293 11.65 5.45 115.46
C ASP X 293 10.24 4.93 115.13
N PRO X 294 9.22 5.36 115.89
CA PRO X 294 7.91 4.68 115.81
C PRO X 294 7.15 4.79 114.46
N GLY X 295 7.44 5.83 113.68
CA GLY X 295 6.83 6.01 112.35
C GLY X 295 7.48 5.26 111.20
N VAL X 296 8.59 4.58 111.46
CA VAL X 296 9.29 3.81 110.43
C VAL X 296 8.81 2.35 110.41
N ARG X 297 8.05 1.98 109.37
CA ARG X 297 7.62 0.61 109.17
C ARG X 297 8.84 -0.25 108.83
N LEU X 298 8.86 -1.46 109.36
CA LEU X 298 9.93 -2.41 109.08
C LEU X 298 9.32 -3.67 108.50
N VAL X 299 9.78 -4.06 107.31
CA VAL X 299 9.23 -5.23 106.64
C VAL X 299 10.36 -6.15 106.17
N GLY X 300 10.31 -7.39 106.62
CA GLY X 300 11.22 -8.43 106.16
C GLY X 300 10.51 -9.29 105.13
N PHE X 301 11.20 -9.62 104.06
CA PHE X 301 10.62 -10.45 103.00
C PHE X 301 11.34 -11.80 102.94
N GLU X 302 10.57 -12.86 103.12
CA GLU X 302 11.10 -14.24 103.13
C GLU X 302 10.78 -14.96 101.82
N ALA X 303 11.58 -15.98 101.50
CA ALA X 303 11.46 -16.70 100.23
C ALA X 303 10.29 -17.67 100.23
N ALA X 304 9.40 -17.51 99.27
CA ALA X 304 8.22 -18.37 99.13
C ALA X 304 8.33 -19.43 98.03
N GLY X 305 9.47 -19.47 97.35
CA GLY X 305 9.73 -20.51 96.34
C GLY X 305 8.66 -20.61 95.25
N ASP X 306 8.10 -21.80 95.08
CA ASP X 306 7.00 -22.03 94.11
C ASP X 306 5.67 -21.49 94.61
N GLY X 307 5.61 -21.07 95.87
CA GLY X 307 4.38 -20.54 96.50
C GLY X 307 4.19 -21.22 97.85
N VAL X 308 3.60 -20.50 98.80
CA VAL X 308 3.46 -21.01 100.19
C VAL X 308 2.52 -22.23 100.28
N GLU X 309 1.54 -22.27 99.40
CA GLU X 309 0.61 -23.42 99.27
C GLU X 309 1.23 -24.73 98.72
N THR X 310 2.43 -24.65 98.14
CA THR X 310 3.03 -25.80 97.43
C THR X 310 3.92 -26.75 98.24
N GLY X 311 4.30 -26.35 99.45
CA GLY X 311 5.29 -27.11 100.22
C GLY X 311 6.71 -27.08 99.64
N ARG X 312 6.99 -26.05 98.84
CA ARG X 312 8.30 -25.82 98.25
C ARG X 312 8.61 -24.32 98.42
N HIS X 313 8.99 -23.99 99.65
CA HIS X 313 9.24 -22.61 100.06
C HIS X 313 10.19 -22.57 101.24
N ALA X 314 10.56 -21.35 101.63
CA ALA X 314 11.33 -21.11 102.84
C ALA X 314 10.69 -20.01 103.70
N ALA X 315 9.36 -19.94 103.62
CA ALA X 315 8.54 -18.94 104.29
C ALA X 315 8.27 -19.26 105.77
N THR X 316 9.31 -19.04 106.57
CA THR X 316 9.34 -19.48 107.96
C THR X 316 8.28 -18.81 108.86
N PHE X 317 8.16 -17.50 108.78
CA PHE X 317 7.13 -16.80 109.55
C PHE X 317 5.71 -17.02 109.03
N THR X 318 5.56 -17.13 107.71
CA THR X 318 4.24 -17.35 107.11
C THR X 318 3.66 -18.73 107.42
N ALA X 319 4.50 -19.75 107.36
CA ALA X 319 4.07 -21.17 107.45
C ALA X 319 4.67 -21.98 108.61
N GLY X 320 5.69 -21.45 109.28
CA GLY X 320 6.35 -22.15 110.37
C GLY X 320 5.74 -21.92 111.73
N SER X 321 6.40 -22.41 112.76
CA SER X 321 5.94 -22.27 114.14
C SER X 321 7.13 -22.35 115.11
N PRO X 322 6.93 -21.93 116.38
CA PRO X 322 8.03 -21.93 117.36
C PRO X 322 8.66 -23.30 117.60
N GLY X 323 9.97 -23.31 117.73
CA GLY X 323 10.72 -24.53 118.04
C GLY X 323 12.21 -24.29 118.25
N ALA X 324 12.88 -25.32 118.76
CA ALA X 324 14.33 -25.29 118.97
C ALA X 324 15.06 -25.93 117.79
N PHE X 325 15.90 -25.15 117.15
CA PHE X 325 16.63 -25.59 115.96
C PHE X 325 17.92 -24.78 115.80
N HIS X 326 18.99 -25.48 115.46
CA HIS X 326 20.30 -24.88 115.28
C HIS X 326 20.69 -23.92 116.41
N GLY X 327 20.47 -24.37 117.64
CA GLY X 327 20.95 -23.64 118.82
C GLY X 327 20.03 -22.62 119.45
N SER X 328 18.90 -22.31 118.82
CA SER X 328 17.99 -21.27 119.33
C SER X 328 16.55 -21.72 119.37
N PHE X 329 15.76 -21.06 120.23
CA PHE X 329 14.31 -21.13 120.20
C PHE X 329 13.81 -19.96 119.35
N SER X 330 13.27 -20.30 118.18
CA SER X 330 12.82 -19.31 117.21
C SER X 330 11.72 -19.94 116.37
N TYR X 331 11.41 -19.37 115.21
CA TYR X 331 10.48 -20.03 114.27
C TYR X 331 11.24 -20.97 113.34
N LEU X 332 10.60 -22.09 113.01
CA LEU X 332 11.06 -22.93 111.90
C LEU X 332 9.94 -23.70 111.23
N LEU X 333 10.19 -24.08 109.99
CA LEU X 333 9.31 -24.95 109.25
C LEU X 333 9.48 -26.35 109.82
N GLN X 334 8.41 -26.91 110.35
CA GLN X 334 8.43 -28.22 110.98
C GLN X 334 7.07 -28.92 110.85
N ASP X 335 7.11 -30.25 110.87
CA ASP X 335 5.90 -31.06 110.77
C ASP X 335 5.28 -31.30 112.16
N GLU X 336 4.21 -32.09 112.20
CA GLU X 336 3.43 -32.30 113.44
C GLU X 336 4.24 -32.89 114.62
N ASP X 337 5.30 -33.64 114.31
CA ASP X 337 6.18 -34.21 115.35
C ASP X 337 7.39 -33.35 115.69
N GLY X 338 7.60 -32.28 114.94
CA GLY X 338 8.75 -31.41 115.16
C GLY X 338 10.00 -31.75 114.35
N GLN X 339 9.81 -32.53 113.29
CA GLN X 339 10.89 -32.79 112.34
C GLN X 339 11.03 -31.58 111.43
N THR X 340 12.25 -31.10 111.24
CA THR X 340 12.50 -29.99 110.32
C THR X 340 12.02 -30.33 108.91
N ILE X 341 11.28 -29.41 108.31
CA ILE X 341 10.86 -29.55 106.92
C ILE X 341 11.92 -28.89 106.06
N GLU X 342 12.31 -29.58 104.99
CA GLU X 342 13.30 -29.05 104.05
C GLU X 342 12.72 -27.87 103.27
N SER X 343 13.50 -26.80 103.22
CA SER X 343 13.12 -25.60 102.50
C SER X 343 13.50 -25.72 101.03
N HIS X 344 12.87 -24.89 100.21
CA HIS X 344 13.20 -24.75 98.79
C HIS X 344 13.06 -23.29 98.34
N SER X 345 14.05 -22.83 97.58
CA SER X 345 14.01 -21.53 96.94
C SER X 345 14.97 -21.51 95.77
N ILE X 346 14.69 -20.67 94.78
CA ILE X 346 15.65 -20.43 93.69
C ILE X 346 16.91 -19.74 94.25
N SER X 347 16.73 -19.01 95.35
CA SER X 347 17.82 -18.33 96.03
C SER X 347 18.47 -19.23 97.07
N ALA X 348 19.75 -19.51 96.89
CA ALA X 348 20.51 -20.36 97.82
C ALA X 348 20.64 -19.72 99.21
N GLY X 349 20.73 -18.40 99.23
CA GLY X 349 20.87 -17.65 100.47
C GLY X 349 19.65 -17.60 101.38
N LEU X 350 18.47 -17.66 100.78
CA LEU X 350 17.21 -17.66 101.55
C LEU X 350 16.62 -19.07 101.76
N ASP X 351 17.29 -20.08 101.22
CA ASP X 351 16.83 -21.47 101.27
C ASP X 351 17.21 -22.09 102.62
N TYR X 352 16.49 -21.67 103.64
CA TYR X 352 16.78 -22.06 105.02
C TYR X 352 15.45 -22.09 105.77
N PRO X 353 15.10 -23.22 106.41
CA PRO X 353 13.79 -23.32 107.07
C PRO X 353 13.69 -22.63 108.42
N GLY X 354 14.80 -22.12 108.94
CA GLY X 354 14.81 -21.39 110.21
C GLY X 354 14.84 -19.87 110.05
N VAL X 355 14.87 -19.20 111.19
CA VAL X 355 15.11 -17.77 111.24
C VAL X 355 15.64 -17.41 112.62
N GLY X 356 16.41 -16.32 112.69
CA GLY X 356 17.02 -15.86 113.93
C GLY X 356 16.04 -15.43 115.00
N PRO X 357 16.39 -15.63 116.28
CA PRO X 357 15.48 -15.37 117.41
C PRO X 357 15.11 -13.91 117.67
N GLU X 358 15.97 -12.97 117.32
CA GLU X 358 15.65 -11.55 117.48
C GLU X 358 14.47 -11.18 116.57
N HIS X 359 14.44 -11.77 115.37
CA HIS X 359 13.31 -11.60 114.45
C HIS X 359 12.02 -12.20 114.99
N ALA X 360 12.10 -13.37 115.60
CA ALA X 360 10.94 -13.97 116.25
C ALA X 360 10.37 -13.03 117.33
N TRP X 361 11.27 -12.41 118.08
CA TRP X 361 10.89 -11.46 119.13
C TRP X 361 10.24 -10.20 118.54
N LEU X 362 10.82 -9.68 117.46
CA LEU X 362 10.29 -8.47 116.82
C LEU X 362 8.95 -8.73 116.14
N LYS X 363 8.76 -9.93 115.61
CA LYS X 363 7.47 -10.35 115.07
C LYS X 363 6.42 -10.44 116.17
N GLU X 364 6.78 -11.07 117.28
CA GLU X 364 5.87 -11.20 118.43
C GLU X 364 5.45 -9.83 118.96
N ALA X 365 6.41 -8.92 119.06
CA ALA X 365 6.14 -7.55 119.56
C ALA X 365 5.33 -6.66 118.61
N GLY X 366 5.23 -7.05 117.35
CA GLY X 366 4.51 -6.26 116.33
C GLY X 366 5.34 -5.14 115.74
N ARG X 367 6.64 -5.17 115.94
CA ARG X 367 7.54 -4.10 115.47
C ARG X 367 7.90 -4.30 113.99
N VAL X 368 8.12 -5.55 113.61
CA VAL X 368 8.40 -5.91 112.22
C VAL X 368 7.29 -6.80 111.67
N ASP X 369 6.93 -6.58 110.41
CA ASP X 369 6.03 -7.48 109.67
C ASP X 369 6.86 -8.28 108.68
N TYR X 370 6.54 -9.57 108.54
CA TYR X 370 7.28 -10.49 107.65
C TYR X 370 6.34 -11.04 106.59
N ARG X 371 6.73 -10.94 105.32
CA ARG X 371 5.85 -11.25 104.20
C ARG X 371 6.55 -12.15 103.18
N PRO X 372 5.79 -13.01 102.50
CA PRO X 372 6.38 -13.91 101.51
C PRO X 372 6.54 -13.29 100.13
N ILE X 373 7.63 -13.66 99.47
CA ILE X 373 7.90 -13.29 98.07
C ILE X 373 8.33 -14.56 97.30
N THR X 374 7.67 -14.82 96.18
CA THR X 374 7.90 -16.03 95.39
C THR X 374 9.11 -15.91 94.47
N ASP X 375 9.59 -17.05 94.01
CA ASP X 375 10.64 -17.11 92.97
C ASP X 375 10.34 -16.19 91.80
N SER X 376 9.11 -16.26 91.29
CA SER X 376 8.70 -15.47 90.10
C SER X 376 8.74 -13.97 90.36
N GLU X 377 8.16 -13.56 91.48
CA GLU X 377 8.19 -12.15 91.91
C GLU X 377 9.62 -11.65 92.02
N ALA X 378 10.48 -12.45 92.65
CA ALA X 378 11.88 -12.09 92.85
C ALA X 378 12.60 -11.92 91.53
N MET X 379 12.41 -12.86 90.61
CA MET X 379 13.06 -12.79 89.30
C MET X 379 12.53 -11.63 88.45
N ASP X 380 11.23 -11.34 88.50
CA ASP X 380 10.69 -10.16 87.81
C ASP X 380 11.43 -8.89 88.26
N ALA X 381 11.61 -8.76 89.57
CA ALA X 381 12.32 -7.63 90.18
C ALA X 381 13.81 -7.62 89.82
N PHE X 382 14.41 -8.80 89.79
CA PHE X 382 15.80 -8.95 89.32
C PHE X 382 15.97 -8.31 87.96
N GLY X 383 15.14 -8.74 87.02
CA GLY X 383 15.17 -8.26 85.65
C GLY X 383 14.91 -6.76 85.58
N LEU X 384 13.99 -6.29 86.41
CA LEU X 384 13.60 -4.88 86.39
C LEU X 384 14.73 -3.98 86.87
N LEU X 385 15.43 -4.41 87.92
CA LEU X 385 16.55 -3.66 88.46
C LEU X 385 17.71 -3.59 87.46
N CYS X 386 17.95 -4.69 86.76
CA CYS X 386 18.93 -4.73 85.67
C CYS X 386 18.64 -3.69 84.59
N ARG X 387 17.39 -3.65 84.14
CA ARG X 387 16.97 -2.82 83.00
C ARG X 387 16.80 -1.34 83.32
N MET X 388 16.37 -1.04 84.55
CA MET X 388 16.02 0.31 84.96
C MET X 388 17.19 1.06 85.58
N GLU X 389 17.93 0.40 86.46
CA GLU X 389 19.01 1.05 87.20
C GLU X 389 20.41 0.56 86.86
N GLY X 390 20.52 -0.43 85.97
CA GLY X 390 21.83 -1.02 85.64
C GLY X 390 22.53 -1.71 86.81
N ILE X 391 21.76 -2.27 87.73
CA ILE X 391 22.31 -2.97 88.88
C ILE X 391 21.84 -4.41 88.82
N ILE X 392 22.80 -5.33 88.85
CA ILE X 392 22.51 -6.77 88.85
C ILE X 392 22.55 -7.24 90.30
N PRO X 393 21.37 -7.49 90.88
CA PRO X 393 21.36 -7.80 92.29
C PRO X 393 21.59 -9.27 92.52
N ALA X 394 21.90 -9.63 93.75
CA ALA X 394 21.78 -11.01 94.19
C ALA X 394 20.30 -11.40 94.14
N ILE X 395 20.04 -12.66 93.83
CA ILE X 395 18.65 -13.16 93.81
C ILE X 395 18.04 -13.04 95.21
N GLU X 396 18.88 -13.12 96.23
CA GLU X 396 18.45 -12.89 97.62
C GLU X 396 17.86 -11.49 97.71
N SER X 397 18.66 -10.50 97.36
CA SER X 397 18.29 -9.09 97.41
C SER X 397 17.08 -8.76 96.52
N ALA X 398 16.96 -9.45 95.40
CA ALA X 398 15.83 -9.27 94.48
C ALA X 398 14.47 -9.48 95.15
N HIS X 399 14.43 -10.35 96.16
CA HIS X 399 13.23 -10.57 96.97
C HIS X 399 12.82 -9.29 97.72
N ALA X 400 13.81 -8.59 98.25
CA ALA X 400 13.58 -7.34 98.95
C ALA X 400 13.09 -6.25 97.99
N VAL X 401 13.69 -6.20 96.81
CA VAL X 401 13.28 -5.22 95.79
C VAL X 401 11.83 -5.51 95.36
N ALA X 402 11.51 -6.77 95.15
CA ALA X 402 10.15 -7.17 94.76
C ALA X 402 9.11 -6.75 95.79
N GLY X 403 9.46 -6.99 97.05
CA GLY X 403 8.61 -6.59 98.18
C GLY X 403 8.44 -5.09 98.28
N ALA X 404 9.52 -4.36 98.05
CA ALA X 404 9.52 -2.89 98.04
C ALA X 404 8.60 -2.32 96.97
N LEU X 405 8.58 -2.94 95.80
CA LEU X 405 7.68 -2.54 94.71
C LEU X 405 6.22 -2.65 95.12
N LYS X 406 5.88 -3.74 95.80
CA LYS X 406 4.50 -3.95 96.30
C LYS X 406 4.14 -2.98 97.43
N LEU X 407 5.12 -2.76 98.32
CA LEU X 407 4.94 -1.82 99.43
C LEU X 407 4.78 -0.38 98.93
N GLY X 408 5.50 -0.04 97.86
CA GLY X 408 5.35 1.25 97.20
C GLY X 408 3.93 1.49 96.70
N VAL X 409 3.31 0.46 96.13
CA VAL X 409 1.92 0.55 95.66
C VAL X 409 0.95 0.74 96.83
N GLU X 410 1.23 0.12 97.97
CA GLU X 410 0.42 0.31 99.18
C GLU X 410 0.54 1.72 99.77
N LEU X 411 1.77 2.19 99.92
CA LEU X 411 2.07 3.46 100.60
C LEU X 411 1.83 4.69 99.71
N GLY X 412 2.07 4.52 98.40
CA GLY X 412 1.72 5.53 97.41
C GLY X 412 2.79 6.58 97.12
N ARG X 413 2.35 7.59 96.38
CA ARG X 413 3.24 8.59 95.82
C ARG X 413 4.03 9.33 96.89
N GLY X 414 5.34 9.45 96.66
CA GLY X 414 6.22 10.20 97.56
C GLY X 414 6.67 9.49 98.82
N ALA X 415 6.17 8.27 99.07
CA ALA X 415 6.60 7.49 100.22
C ALA X 415 8.05 7.08 100.04
N VAL X 416 8.80 7.17 101.13
CA VAL X 416 10.24 6.92 101.10
C VAL X 416 10.51 5.54 101.68
N ILE X 417 11.03 4.66 100.83
CA ILE X 417 11.31 3.26 101.20
C ILE X 417 12.80 2.95 101.03
N VAL X 418 13.47 2.63 102.13
CA VAL X 418 14.87 2.20 102.07
C VAL X 418 14.90 0.68 101.97
N VAL X 419 15.56 0.18 100.93
CA VAL X 419 15.71 -1.25 100.65
C VAL X 419 17.18 -1.62 100.85
N ASN X 420 17.46 -2.63 101.68
CA ASN X 420 18.80 -3.17 101.80
C ASN X 420 19.14 -4.03 100.57
N LEU X 421 20.03 -3.54 99.72
CA LEU X 421 20.48 -4.29 98.57
C LEU X 421 21.69 -5.09 99.02
N SER X 422 21.41 -6.29 99.52
CA SER X 422 22.36 -7.06 100.33
C SER X 422 23.57 -7.58 99.58
N GLY X 423 23.40 -7.90 98.31
CA GLY X 423 24.50 -8.39 97.47
C GLY X 423 24.31 -8.20 95.98
N ARG X 424 25.40 -8.39 95.25
CA ARG X 424 25.41 -8.34 93.78
C ARG X 424 25.22 -9.72 93.18
N GLY X 425 24.92 -9.74 91.89
CA GLY X 425 24.45 -10.94 91.20
C GLY X 425 25.41 -11.76 90.36
N ASP X 426 26.70 -11.43 90.39
CA ASP X 426 27.75 -12.21 89.71
C ASP X 426 27.52 -13.74 89.77
N LYS X 427 27.29 -14.21 90.99
CA LYS X 427 27.08 -15.63 91.28
C LYS X 427 25.82 -16.23 90.66
N ASP X 428 24.85 -15.36 90.39
CA ASP X 428 23.52 -15.74 89.88
C ASP X 428 23.29 -15.47 88.39
N VAL X 429 24.32 -14.96 87.70
CA VAL X 429 24.20 -14.56 86.28
C VAL X 429 23.76 -15.71 85.38
N GLU X 430 24.33 -16.90 85.59
CA GLU X 430 23.94 -18.10 84.83
C GLU X 430 22.47 -18.48 85.05
N THR X 431 22.06 -18.55 86.31
CA THR X 431 20.67 -18.85 86.68
C THR X 431 19.70 -17.87 86.03
N ALA X 432 20.01 -16.59 86.15
CA ALA X 432 19.16 -15.52 85.63
C ALA X 432 19.12 -15.49 84.10
N ALA X 433 20.28 -15.68 83.46
CA ALA X 433 20.35 -15.76 81.99
C ALA X 433 19.53 -16.93 81.46
N LYS X 434 19.58 -18.04 82.18
CA LYS X 434 18.75 -19.20 81.88
C LYS X 434 17.26 -18.90 82.08
N TRP X 435 16.92 -18.29 83.20
CA TRP X 435 15.54 -17.85 83.49
C TRP X 435 14.93 -16.97 82.38
N PHE X 436 15.70 -15.98 81.91
CA PHE X 436 15.25 -15.02 80.87
C PHE X 436 15.54 -15.45 79.41
N GLY X 437 16.06 -16.65 79.21
CA GLY X 437 16.29 -17.21 77.87
C GLY X 437 17.40 -16.52 77.09
N LEU X 438 18.48 -16.20 77.80
CA LEU X 438 19.60 -15.43 77.23
C LEU X 438 20.85 -16.27 77.02
N LEU X 439 20.68 -17.30 76.18
CA LEU X 439 21.79 -18.16 75.66
C LEU X 439 21.55 -18.74 74.28
OP1 P1T Y . 35.54 0.12 -19.16
P P1T Y . 36.73 1.02 -19.25
OP2 P1T Y . 36.41 2.49 -19.09
OP3 P1T Y . 37.87 0.57 -18.40
OP4 P1T Y . 37.24 0.91 -20.75
C5A P1T Y . 37.72 -0.32 -21.29
C5 P1T Y . 36.74 -0.90 -22.29
C6 P1T Y . 36.16 -2.15 -22.09
N1 P1T Y . 35.30 -2.70 -22.96
C2 P1T Y . 34.92 -2.11 -24.12
C2A P1T Y . 33.94 -2.82 -25.02
C3 P1T Y . 35.46 -0.78 -24.46
O3A P1T Y . 35.10 -0.14 -25.61
C4 P1T Y . 36.40 -0.15 -23.53
C4A P1T Y . 37.04 1.19 -23.74
N P1T Y . 36.49 1.94 -24.85
CA P1T Y . 36.93 3.13 -25.18
CB P1T Y . 38.00 3.71 -24.63
C P1T Y . 36.12 3.84 -26.16
O P1T Y . 35.35 3.19 -26.90
OXT P1T Y . 36.19 5.08 -26.23
OP1 P1T Z . 12.32 -11.96 -41.88
P P1T Z . 12.42 -12.52 -43.27
OP2 P1T Z . 11.34 -12.01 -44.17
OP3 P1T Z . 12.60 -14.02 -43.33
OP4 P1T Z . 13.79 -11.95 -43.87
C5A P1T Z . 13.98 -10.56 -44.11
C5 P1T Z . 14.99 -9.99 -43.14
C6 P1T Z . 14.63 -8.97 -42.26
N1 P1T Z . 15.51 -8.43 -41.40
C2 P1T Z . 16.80 -8.81 -41.29
C2A P1T Z . 17.68 -8.13 -40.28
C3 P1T Z . 17.31 -9.87 -42.17
O3A P1T Z . 18.61 -10.27 -42.09
C4 P1T Z . 16.38 -10.49 -43.13
C4A P1T Z . 16.76 -11.58 -44.11
N P1T Z . 18.07 -12.15 -43.90
CA P1T Z . 18.56 -13.11 -44.67
CB P1T Z . 17.97 -13.56 -45.78
C P1T Z . 19.80 -13.70 -44.22
O P1T Z . 20.12 -14.83 -44.62
OXT P1T Z . 20.52 -13.06 -43.43
OP1 P1T AA . -103.07 30.02 -25.05
P P1T AA . -103.61 29.21 -26.20
OP2 P1T AA . -103.17 29.71 -27.55
OP3 P1T AA . -105.09 28.94 -26.14
OP4 P1T AA . -102.95 27.76 -26.05
C5A P1T AA . -101.54 27.56 -26.17
C5 P1T AA . -100.92 27.22 -24.84
C6 P1T AA . -99.92 28.01 -24.29
N1 P1T AA . -99.34 27.74 -23.11
C2 P1T AA . -99.66 26.67 -22.35
C2A P1T AA . -98.95 26.45 -21.05
C3 P1T AA . -100.72 25.73 -22.81
O3A P1T AA . -101.10 24.64 -22.09
C4 P1T AA . -101.37 26.03 -24.09
C4A P1T AA . -102.44 25.16 -24.69
N P1T AA . -102.97 24.15 -23.81
CA P1T AA . -103.94 23.31 -24.18
CB P1T AA . -104.42 23.22 -25.42
C P1T AA . -104.49 22.50 -23.11
O P1T AA . -105.64 22.03 -23.22
OXT P1T AA . -103.80 22.31 -22.08
OP1 P1T BA . -89.96 22.50 5.94
P P1T BA . -89.05 21.42 6.45
OP2 P1T BA . -87.58 21.78 6.41
OP3 P1T BA . -89.48 20.85 7.78
OP4 P1T BA . -89.20 20.22 5.40
C5A P1T BA . -90.45 19.55 5.24
C5 P1T BA . -91.05 19.88 3.90
C6 P1T BA . -92.31 20.48 3.81
N1 P1T BA . -92.88 20.77 2.63
C2 P1T BA . -92.31 20.52 1.43
C2A P1T BA . -93.04 20.90 0.17
C3 P1T BA . -90.98 19.87 1.37
O3A P1T BA . -90.35 19.59 0.20
C4 P1T BA . -90.33 19.54 2.65
C4A P1T BA . -88.99 18.88 2.76
N P1T BA . -88.27 18.79 1.52
CA P1T BA . -87.06 18.23 1.43
CB P1T BA . -86.47 17.59 2.43
C P1T BA . -86.39 18.38 0.15
O P1T BA . -87.08 18.62 -0.86
OXT P1T BA . -85.15 18.27 0.10
OP1 P1T CA . -0.49 -20.18 34.31
P P1T CA . -0.78 -19.87 35.75
OP2 P1T CA . -0.34 -18.50 36.22
OP3 P1T CA . -2.19 -20.22 36.13
OP4 P1T CA . 0.12 -20.90 36.59
C5A P1T CA . -0.07 -22.31 36.51
C5 P1T CA . 1.08 -22.99 35.78
C6 P1T CA . 0.86 -23.72 34.61
N1 P1T CA . 1.85 -24.32 33.95
C2 P1T CA . 3.15 -24.29 34.33
C2A P1T CA . 4.19 -25.01 33.51
C3 P1T CA . 3.54 -23.57 35.56
O3A P1T CA . 4.83 -23.51 35.98
C4 P1T CA . 2.46 -22.89 36.30
C4A P1T CA . 2.70 -22.10 37.57
N P1T CA . 4.08 -21.88 37.90
CA P1T CA . 4.46 -21.19 38.97
CB P1T CA . 3.63 -20.79 39.93
C P1T CA . 5.88 -20.88 39.04
O P1T CA . 6.67 -21.56 38.36
OXT P1T CA . 6.27 -19.93 39.76
OP1 P1T DA . 26.24 -33.12 17.60
P P1T DA . 27.17 -34.28 17.86
OP2 P1T DA . 28.60 -33.92 17.53
OP3 P1T DA . 26.71 -35.60 17.30
OP4 P1T DA . 27.13 -34.50 19.45
C5A P1T DA . 27.63 -33.55 20.40
C5 P1T DA . 26.49 -32.93 21.17
C6 P1T DA . 26.26 -31.57 21.13
N1 P1T DA . 25.26 -30.99 21.83
C2 P1T DA . 24.39 -31.67 22.60
C2A P1T DA . 23.29 -30.93 23.32
C3 P1T DA . 24.51 -33.15 22.73
O3A P1T DA . 23.68 -33.89 23.50
C4 P1T DA . 25.60 -33.80 21.99
C4A P1T DA . 25.87 -35.28 22.04
N P1T DA . 24.84 -36.07 22.65
CA P1T DA . 24.92 -37.39 22.76
CB P1T DA . 25.99 -38.11 22.43
C P1T DA . 23.72 -38.04 23.25
O P1T DA . 23.59 -39.27 23.07
OXT P1T DA . 22.86 -37.35 23.83
OP1 P1T EA . 42.94 51.81 -59.27
P P1T EA . 43.49 51.94 -60.67
OP2 P1T EA . 44.71 52.81 -60.77
OP3 P1T EA . 42.46 52.25 -61.72
OP4 P1T EA . 43.99 50.46 -61.03
C5A P1T EA . 44.52 50.13 -62.32
C5 P1T EA . 46.01 49.92 -62.27
C6 P1T EA . 46.88 50.70 -63.01
N1 P1T EA . 48.22 50.51 -62.99
C2 P1T EA . 48.84 49.57 -62.25
C2A P1T EA . 50.34 49.46 -62.30
C3 P1T EA . 48.04 48.66 -61.41
O3A P1T EA . 48.62 47.70 -60.65
C4 P1T EA . 46.57 48.84 -61.42
C4A P1T EA . 45.63 47.98 -60.62
N P1T EA . 46.25 47.10 -59.65
CA P1T EA . 45.54 46.29 -58.87
CB P1T EA . 44.23 46.10 -58.98
C P1T EA . 46.32 45.64 -57.81
O P1T EA . 45.73 45.28 -56.77
OXT P1T EA . 47.54 45.46 -57.98
OP1 P1T FA . 78.67 47.77 -57.72
P P1T FA . 79.57 46.66 -58.20
OP2 P1T FA . 80.16 46.88 -59.57
OP3 P1T FA . 80.58 46.27 -57.15
OP4 P1T FA . 78.65 45.37 -58.42
C5A P1T FA . 77.97 44.70 -57.34
C5 P1T FA . 76.47 44.90 -57.44
C6 P1T FA . 75.77 45.52 -56.41
N1 P1T FA . 74.44 45.71 -56.47
C2 P1T FA . 73.67 45.32 -57.51
C2A P1T FA . 72.20 45.59 -57.47
C3 P1T FA . 74.29 44.64 -58.67
O3A P1T FA . 73.57 44.23 -59.74
C4 P1T FA . 75.74 44.43 -58.63
C4A P1T FA . 76.51 43.75 -59.73
N P1T FA . 75.77 43.49 -60.93
CA P1T FA . 76.32 42.89 -61.99
CB P1T FA . 77.53 42.37 -62.01
C P1T FA . 75.49 42.84 -63.18
O P1T FA . 74.27 43.10 -63.07
OXT P1T FA . 76.03 42.54 -64.26
OP1 P1T GA . -33.43 -3.98 -23.45
P P1T GA . -34.56 -3.17 -24.02
OP2 P1T GA . -34.37 -2.85 -25.48
OP3 P1T GA . -34.93 -1.97 -23.18
OP4 P1T GA . -35.87 -4.10 -23.98
C5A P1T GA . -35.99 -5.33 -24.72
C5 P1T GA . -36.00 -6.54 -23.81
C6 P1T GA . -35.02 -7.53 -23.90
N1 P1T GA . -35.01 -8.61 -23.11
C2 P1T GA . -35.93 -8.85 -22.15
C2A P1T GA . -35.83 -10.09 -21.31
C3 P1T GA . -37.04 -7.89 -21.94
O3A P1T GA . -38.00 -8.06 -20.99
C4 P1T GA . -37.07 -6.69 -22.80
C4A P1T GA . -38.13 -5.63 -22.71
N P1T GA . -39.00 -5.75 -21.57
CA P1T GA . -40.00 -4.90 -21.33
CB P1T GA . -40.37 -3.94 -22.18
C P1T GA . -40.65 -5.04 -20.03
O P1T GA . -40.47 -6.10 -19.38
OXT P1T GA . -41.35 -4.12 -19.57
OP1 P1T HA . -34.80 -33.52 -2.41
P P1T HA . -35.23 -32.32 -1.61
OP2 P1T HA . -34.38 -31.09 -1.77
OP3 P1T HA . -35.56 -32.62 -0.18
OP4 P1T HA . -36.63 -31.94 -2.28
C5A P1T HA . -37.43 -30.89 -1.75
C5 P1T HA . -37.45 -29.68 -2.67
C6 P1T HA . -37.02 -28.44 -2.23
N1 P1T HA . -37.04 -27.36 -3.01
C2 P1T HA . -37.46 -27.36 -4.29
C2A P1T HA . -37.43 -26.09 -5.09
C3 P1T HA . -37.97 -28.61 -4.90
O3A P1T HA . -38.40 -28.67 -6.18
C4 P1T HA . -37.95 -29.81 -4.06
C4A P1T HA . -38.43 -31.17 -4.52
N P1T HA . -38.72 -31.25 -5.94
CA P1T HA . -39.15 -32.37 -6.51
CB P1T HA . -39.49 -33.46 -5.84
C P1T HA . -39.21 -32.34 -7.96
O P1T HA . -39.20 -33.41 -8.60
OXT P1T HA . -39.26 -31.23 -8.53
OP1 P1T IA . 43.23 0.81 81.94
P P1T IA . 43.45 0.45 80.48
OP2 P1T IA . 44.90 0.49 80.11
OP3 P1T IA . 42.56 1.19 79.51
OP4 P1T IA . 43.00 -1.08 80.31
C5A P1T IA . 43.64 -2.15 81.02
C5 P1T IA . 42.72 -2.74 82.08
C6 P1T IA . 43.08 -2.73 83.43
N1 P1T IA . 42.30 -3.26 84.39
C2 P1T IA . 41.11 -3.86 84.14
C2A P1T IA . 40.32 -4.40 85.30
C3 P1T IA . 40.60 -3.95 82.76
O3A P1T IA . 39.41 -4.53 82.45
C4 P1T IA . 41.45 -3.37 81.69
C4A P1T IA . 41.07 -3.39 80.23
N P1T IA . 39.72 -3.82 79.95
CA P1T IA . 39.24 -3.89 78.72
CB P1T IA . 39.95 -3.71 77.62
C P1T IA . 37.80 -4.15 78.64
O P1T IA . 37.23 -4.66 79.62
OXT P1T IA . 37.19 -3.86 77.59
OP1 P1T JA . 21.79 -13.77 106.98
P P1T JA . 20.92 -13.12 105.94
OP2 P1T JA . 21.38 -11.75 105.53
OP3 P1T JA . 19.46 -13.18 106.27
OP4 P1T JA . 21.10 -14.02 104.63
C5A P1T JA . 20.36 -13.79 103.44
C5 P1T JA . 21.26 -13.24 102.35
C6 P1T JA . 21.00 -12.01 101.76
N1 P1T JA . 21.78 -11.50 100.79
C2 P1T JA . 22.88 -12.11 100.30
C2A P1T JA . 23.68 -11.44 99.22
C3 P1T JA . 23.27 -13.43 100.84
O3A P1T JA . 24.37 -14.08 100.38
C4 P1T JA . 22.44 -14.01 101.91
C4A P1T JA . 22.71 -15.35 102.55
N P1T JA . 23.99 -15.95 102.22
CA P1T JA . 24.37 -17.13 102.69
CB P1T JA . 23.60 -17.94 103.42
C P1T JA . 25.75 -17.52 102.41
O P1T JA . 26.31 -18.36 103.14
OXT P1T JA . 26.34 -16.98 101.44
#